data_6GG3
#
_entry.id   6GG3
#
_cell.length_a   160.722
_cell.length_b   199.364
_cell.length_c   243.234
_cell.angle_alpha   90.00
_cell.angle_beta   90.00
_cell.angle_gamma   90.00
#
_symmetry.space_group_name_H-M   'P 21 21 21'
#
loop_
_entity.id
_entity.type
_entity.pdbx_description
1 polymer 'Pyruvate kinase PKM'
2 non-polymer 'PHOSPHATE ION'
3 non-polymer ALANINE
#
_entity_poly.entity_id   1
_entity_poly.type   'polypeptide(L)'
_entity_poly.pdbx_seq_one_letter_code
;MGSSHHHHHHSSGLVPRGSHMSKPHSEAGTAFIQTQQLHAAMADTFLEHMCRLDIDSPPITARNTGIICTIGPASRSVET
LKEMIKSGMNVARLNFSHGTHEYHAETIKNVRTATESFASDPILYRPVAVALDTKGPEIRTGLIKGSGTAEVELKKGATL
KITLDNAYMEKCDENILWLDYKNICKVVEVGSKIYVDDGLISLQVKQKGADFLVTEVENGGSLGSKKGVNLPGAAVDLPA
VSEKDIQDLKFGVEQDVDMVFASFIRKASDVHEVRKVLGEKGKNIKIISKIENHEGVRRFDEILEASDGIMVARGDLGIE
IPAEKVFLAQKMMIGRCNRAGKPVICATQMLESMIKKPRPTRAEGSDVANAVLDGADCIMLSGETAKGDYPLEAVRMQHL
IAREAEAAIYHLQLFEELRRLAPITSDPTEATAVGAVEASFKCCSGAIIVLTKSGRSAHQVARYRPRAPIIAVTRNPQTA
RQAHLYRGIFPVLCKDPVQEAWAEDVDLRVNFAMNVGKARGFFKKGDVVIVLTGWRPGSGFTNTMRVVPVP
;
_entity_poly.pdbx_strand_id   A,B,C,D,E,F,G,H,I,J,K,L
#
loop_
_chem_comp.id
_chem_comp.type
_chem_comp.name
_chem_comp.formula
PO4 non-polymer 'PHOSPHATE ION' 'O4 P -3'
#
# COMPACT_ATOMS: atom_id res chain seq x y z
N ILE A 33 -43.03 -23.91 56.82
CA ILE A 33 -42.33 -23.20 57.93
C ILE A 33 -40.90 -23.74 58.09
N GLN A 34 -39.98 -23.27 57.24
CA GLN A 34 -38.56 -23.65 57.31
C GLN A 34 -37.78 -22.60 58.13
N THR A 35 -37.81 -22.73 59.48
CA THR A 35 -37.11 -21.75 60.36
C THR A 35 -35.62 -22.01 60.28
N GLN A 36 -34.84 -20.93 60.33
CA GLN A 36 -33.43 -20.97 59.88
C GLN A 36 -32.39 -21.04 60.99
N GLN A 37 -32.40 -20.08 61.93
CA GLN A 37 -31.31 -19.93 62.90
C GLN A 37 -29.98 -19.67 62.18
N LEU A 38 -30.00 -18.59 61.40
CA LEU A 38 -28.80 -17.92 60.86
C LEU A 38 -27.81 -17.51 61.96
N HIS A 39 -26.68 -16.94 61.53
CA HIS A 39 -25.66 -16.33 62.40
C HIS A 39 -24.64 -17.33 63.02
N ALA A 40 -24.76 -18.62 62.69
CA ALA A 40 -23.76 -19.61 63.04
C ALA A 40 -22.54 -19.40 62.13
N ALA A 41 -21.39 -19.05 62.72
CA ALA A 41 -20.18 -18.71 61.96
C ALA A 41 -19.67 -19.89 61.16
N MET A 42 -19.55 -19.71 59.85
CA MET A 42 -19.26 -20.82 58.93
C MET A 42 -17.84 -21.34 59.08
N ALA A 43 -17.66 -22.65 58.89
CA ALA A 43 -16.39 -23.31 59.19
C ALA A 43 -15.22 -22.83 58.33
N ASP A 44 -14.02 -23.07 58.85
CA ASP A 44 -12.76 -22.60 58.23
C ASP A 44 -12.45 -23.34 56.93
N THR A 45 -12.54 -24.66 56.97
CA THR A 45 -12.20 -25.53 55.86
C THR A 45 -13.31 -26.54 55.62
N PHE A 46 -13.43 -27.01 54.38
CA PHE A 46 -14.46 -28.00 54.04
C PHE A 46 -14.37 -29.31 54.85
N LEU A 47 -13.14 -29.74 55.15
CA LEU A 47 -12.92 -30.90 56.02
C LEU A 47 -13.49 -30.68 57.41
N GLU A 48 -13.18 -29.53 57.97
CA GLU A 48 -13.65 -29.15 59.30
C GLU A 48 -15.17 -29.11 59.34
N HIS A 49 -15.76 -28.65 58.24
CA HIS A 49 -17.22 -28.54 58.11
C HIS A 49 -17.94 -29.88 58.12
N MET A 50 -17.34 -30.88 57.46
CA MET A 50 -17.83 -32.26 57.50
C MET A 50 -17.74 -32.82 58.91
N CYS A 51 -16.62 -32.53 59.58
CA CYS A 51 -16.40 -33.01 60.94
C CYS A 51 -17.39 -32.46 61.97
N ARG A 52 -17.99 -31.30 61.69
CA ARG A 52 -18.99 -30.71 62.58
C ARG A 52 -20.44 -31.18 62.37
N LEU A 53 -20.68 -32.05 61.39
CA LEU A 53 -22.02 -32.57 61.16
C LEU A 53 -22.46 -33.43 62.34
N ASP A 54 -23.48 -32.95 63.06
CA ASP A 54 -24.13 -33.71 64.12
C ASP A 54 -25.50 -34.14 63.59
N ILE A 55 -25.72 -35.44 63.50
CA ILE A 55 -27.00 -35.96 63.03
C ILE A 55 -28.14 -35.71 64.02
N ASP A 56 -27.81 -35.59 65.32
CA ASP A 56 -28.80 -35.38 66.39
C ASP A 56 -29.45 -34.00 66.43
N SER A 57 -28.78 -32.97 65.94
CA SER A 57 -29.36 -31.61 65.91
C SER A 57 -30.19 -31.38 64.64
N PRO A 58 -31.20 -30.49 64.72
CA PRO A 58 -32.09 -30.27 63.58
C PRO A 58 -31.46 -29.34 62.55
N PRO A 59 -31.97 -29.35 61.30
CA PRO A 59 -31.28 -28.60 60.23
C PRO A 59 -31.51 -27.11 60.40
N ILE A 60 -30.48 -26.34 60.12
CA ILE A 60 -30.44 -24.90 60.45
C ILE A 60 -30.42 -24.08 59.17
N THR A 61 -31.30 -24.43 58.24
CA THR A 61 -31.22 -23.87 56.90
C THR A 61 -32.46 -24.25 56.12
N ALA A 62 -32.96 -23.32 55.32
CA ALA A 62 -34.10 -23.57 54.45
C ALA A 62 -33.71 -24.60 53.39
N ARG A 63 -34.63 -25.50 53.07
CA ARG A 63 -34.45 -26.41 51.95
C ARG A 63 -34.47 -25.62 50.64
N ASN A 64 -33.31 -25.47 50.02
CA ASN A 64 -33.14 -24.62 48.83
C ASN A 64 -33.31 -25.36 47.50
N THR A 65 -33.19 -26.69 47.51
CA THR A 65 -33.28 -27.50 46.30
C THR A 65 -34.73 -27.81 45.91
N GLY A 66 -35.20 -27.26 44.79
CA GLY A 66 -36.58 -27.47 44.31
C GLY A 66 -37.01 -28.93 44.17
N ILE A 67 -38.33 -29.17 44.20
CA ILE A 67 -38.90 -30.52 44.15
C ILE A 67 -39.95 -30.61 43.05
N ILE A 68 -39.65 -31.39 42.02
CA ILE A 68 -40.55 -31.64 40.89
C ILE A 68 -41.20 -33.02 41.08
N CYS A 69 -42.52 -33.04 41.20
CA CYS A 69 -43.28 -34.30 41.30
C CYS A 69 -44.02 -34.56 40.01
N THR A 70 -43.95 -35.80 39.55
CA THR A 70 -44.69 -36.24 38.37
C THR A 70 -46.10 -36.58 38.82
N ILE A 71 -47.07 -35.95 38.16
CA ILE A 71 -48.49 -36.18 38.46
C ILE A 71 -48.99 -37.28 37.54
N GLY A 72 -49.81 -38.16 38.11
CA GLY A 72 -50.40 -39.29 37.40
C GLY A 72 -51.61 -39.83 38.16
N PRO A 73 -52.02 -41.09 37.86
CA PRO A 73 -53.16 -41.75 38.50
C PRO A 73 -53.34 -41.55 40.02
N ALA A 74 -52.27 -41.73 40.80
CA ALA A 74 -52.36 -41.70 42.27
C ALA A 74 -52.41 -40.29 42.89
N SER A 75 -52.04 -39.28 42.12
CA SER A 75 -51.91 -37.89 42.62
C SER A 75 -52.67 -36.85 41.78
N ARG A 76 -53.56 -37.30 40.91
CA ARG A 76 -54.20 -36.45 39.90
C ARG A 76 -55.26 -35.53 40.53
N SER A 77 -55.88 -35.99 41.62
CA SER A 77 -57.05 -35.33 42.17
C SER A 77 -56.70 -34.01 42.84
N VAL A 78 -57.69 -33.12 42.90
CA VAL A 78 -57.50 -31.79 43.50
C VAL A 78 -57.16 -31.90 44.99
N GLU A 79 -57.70 -32.91 45.68
CA GLU A 79 -57.46 -33.06 47.11
C GLU A 79 -56.05 -33.60 47.45
N THR A 80 -55.55 -34.52 46.63
CA THR A 80 -54.17 -35.03 46.79
C THR A 80 -53.15 -33.92 46.57
N LEU A 81 -53.33 -33.16 45.47
CA LEU A 81 -52.41 -32.09 45.10
C LEU A 81 -52.30 -31.02 46.17
N LYS A 82 -53.42 -30.64 46.77
CA LYS A 82 -53.39 -29.66 47.87
C LYS A 82 -52.42 -30.06 48.98
N GLU A 83 -52.45 -31.32 49.37
CA GLU A 83 -51.53 -31.82 50.41
C GLU A 83 -50.08 -31.92 49.93
N MET A 84 -49.88 -32.24 48.65
CA MET A 84 -48.53 -32.27 48.05
C MET A 84 -47.88 -30.90 47.96
N ILE A 85 -48.66 -29.87 47.59
CA ILE A 85 -48.17 -28.49 47.57
C ILE A 85 -47.80 -28.04 48.98
N LYS A 86 -48.65 -28.40 49.95
CA LYS A 86 -48.38 -28.16 51.36
C LYS A 86 -47.10 -28.81 51.86
N SER A 87 -46.85 -30.03 51.40
CA SER A 87 -45.64 -30.77 51.81
C SER A 87 -44.40 -30.49 50.97
N GLY A 88 -44.49 -29.54 50.05
CA GLY A 88 -43.32 -28.96 49.39
C GLY A 88 -43.14 -29.22 47.91
N MET A 89 -44.21 -29.54 47.18
CA MET A 89 -44.14 -29.61 45.72
C MET A 89 -43.96 -28.19 45.17
N ASN A 90 -43.20 -28.11 44.09
CA ASN A 90 -42.89 -26.86 43.41
C ASN A 90 -43.26 -26.90 41.93
N VAL A 91 -42.92 -27.99 41.26
CA VAL A 91 -43.25 -28.19 39.86
C VAL A 91 -44.06 -29.48 39.69
N ALA A 92 -45.09 -29.42 38.84
CA ALA A 92 -45.89 -30.58 38.49
C ALA A 92 -45.50 -31.01 37.08
N ARG A 93 -44.89 -32.19 36.96
CA ARG A 93 -44.55 -32.77 35.66
C ARG A 93 -45.71 -33.60 35.13
N LEU A 94 -45.93 -33.52 33.81
CA LEU A 94 -46.88 -34.38 33.10
C LEU A 94 -46.10 -35.17 32.07
N ASN A 95 -46.30 -36.49 32.07
CA ASN A 95 -45.54 -37.38 31.17
C ASN A 95 -46.36 -37.67 29.91
N PHE A 96 -45.96 -37.06 28.79
CA PHE A 96 -46.69 -37.22 27.50
C PHE A 96 -46.30 -38.46 26.68
N SER A 97 -45.48 -39.34 27.25
CA SER A 97 -45.30 -40.70 26.71
C SER A 97 -46.61 -41.48 26.77
N HIS A 98 -47.43 -41.21 27.79
CA HIS A 98 -48.73 -41.85 27.99
C HIS A 98 -49.84 -40.82 28.17
N GLY A 99 -51.07 -41.21 27.87
CA GLY A 99 -52.26 -40.36 28.07
C GLY A 99 -52.60 -39.51 26.85
N THR A 100 -53.85 -39.03 26.80
CA THR A 100 -54.35 -38.19 25.71
C THR A 100 -54.31 -36.71 26.06
N HIS A 101 -54.58 -35.84 25.08
CA HIS A 101 -54.60 -34.39 25.31
C HIS A 101 -55.75 -33.94 26.20
N GLU A 102 -56.89 -34.63 26.09
CA GLU A 102 -58.04 -34.37 26.94
C GLU A 102 -57.75 -34.76 28.39
N TYR A 103 -57.04 -35.89 28.56
CA TYR A 103 -56.69 -36.42 29.89
C TYR A 103 -55.78 -35.44 30.62
N HIS A 104 -54.70 -35.03 29.95
CA HIS A 104 -53.72 -34.11 30.56
C HIS A 104 -54.23 -32.67 30.75
N ALA A 105 -55.20 -32.25 29.94
CA ALA A 105 -55.83 -30.95 30.12
C ALA A 105 -56.51 -30.83 31.49
N GLU A 106 -57.09 -31.93 31.94
CA GLU A 106 -57.76 -32.00 33.24
C GLU A 106 -56.77 -32.21 34.39
N THR A 107 -55.67 -32.91 34.13
CA THR A 107 -54.57 -33.02 35.10
C THR A 107 -54.04 -31.62 35.44
N ILE A 108 -53.87 -30.79 34.40
CA ILE A 108 -53.44 -29.38 34.55
C ILE A 108 -54.49 -28.56 35.30
N LYS A 109 -55.75 -28.69 34.91
CA LYS A 109 -56.84 -27.96 35.57
C LYS A 109 -56.90 -28.24 37.08
N ASN A 110 -56.64 -29.48 37.46
CA ASN A 110 -56.60 -29.87 38.88
C ASN A 110 -55.42 -29.27 39.63
N VAL A 111 -54.24 -29.23 38.99
CA VAL A 111 -53.07 -28.59 39.57
C VAL A 111 -53.43 -27.13 39.85
N ARG A 112 -53.94 -26.44 38.83
CA ARG A 112 -54.27 -25.01 38.97
C ARG A 112 -55.36 -24.71 39.99
N THR A 113 -56.32 -25.61 40.15
CA THR A 113 -57.36 -25.47 41.18
C THR A 113 -56.76 -25.61 42.58
N ALA A 114 -55.94 -26.64 42.76
CA ALA A 114 -55.27 -26.89 44.04
C ALA A 114 -54.33 -25.75 44.43
N THR A 115 -53.53 -25.31 43.47
CA THR A 115 -52.58 -24.19 43.65
C THR A 115 -53.29 -22.92 44.11
N GLU A 116 -54.34 -22.57 43.36
CA GLU A 116 -55.15 -21.36 43.63
C GLU A 116 -56.00 -21.43 44.91
N SER A 117 -56.19 -22.62 45.48
CA SER A 117 -56.89 -22.75 46.78
C SER A 117 -56.27 -21.92 47.90
N PHE A 118 -54.94 -21.74 47.85
CA PHE A 118 -54.20 -20.95 48.86
C PHE A 118 -54.09 -19.45 48.52
N ALA A 119 -54.63 -19.03 47.37
CA ALA A 119 -54.44 -17.67 46.87
C ALA A 119 -55.09 -16.57 47.70
N SER A 120 -56.09 -16.91 48.51
CA SER A 120 -56.79 -15.92 49.35
C SER A 120 -55.96 -15.28 50.48
N ASP A 121 -54.78 -15.84 50.75
CA ASP A 121 -53.76 -15.21 51.61
C ASP A 121 -52.42 -15.16 50.85
N PRO A 122 -52.05 -13.97 50.29
CA PRO A 122 -50.85 -13.92 49.41
C PRO A 122 -49.51 -14.28 50.09
N ILE A 123 -49.46 -14.21 51.42
CA ILE A 123 -48.30 -14.65 52.21
C ILE A 123 -48.09 -16.16 52.14
N LEU A 124 -49.19 -16.93 52.24
CA LEU A 124 -49.12 -18.41 52.16
C LEU A 124 -49.20 -18.98 50.74
N TYR A 125 -49.38 -18.12 49.74
CA TYR A 125 -49.49 -18.57 48.34
C TYR A 125 -48.13 -18.96 47.82
N ARG A 126 -47.89 -20.26 47.74
CA ARG A 126 -46.74 -20.80 47.01
C ARG A 126 -47.20 -20.99 45.57
N PRO A 127 -46.48 -20.39 44.59
CA PRO A 127 -46.74 -20.78 43.20
C PRO A 127 -46.23 -22.19 42.88
N VAL A 128 -46.79 -22.74 41.81
CA VAL A 128 -46.52 -24.11 41.37
C VAL A 128 -46.47 -24.13 39.84
N ALA A 129 -45.38 -24.66 39.31
CA ALA A 129 -45.15 -24.70 37.87
C ALA A 129 -45.73 -25.95 37.22
N VAL A 130 -45.92 -25.87 35.91
CA VAL A 130 -46.39 -27.00 35.11
C VAL A 130 -45.30 -27.32 34.09
N ALA A 131 -44.87 -28.59 34.08
CA ALA A 131 -43.85 -29.07 33.15
C ALA A 131 -44.45 -30.09 32.21
N LEU A 132 -44.08 -30.00 30.93
CA LEU A 132 -44.56 -30.90 29.90
C LEU A 132 -43.37 -31.71 29.39
N ASP A 133 -43.33 -33.00 29.76
CA ASP A 133 -42.24 -33.89 29.37
C ASP A 133 -42.63 -34.61 28.09
N THR A 134 -41.88 -34.37 27.00
CA THR A 134 -42.19 -34.99 25.72
C THR A 134 -41.98 -36.51 25.74
N LYS A 135 -42.64 -37.18 24.79
CA LYS A 135 -42.45 -38.62 24.54
C LYS A 135 -41.04 -38.82 23.99
N GLY A 136 -40.76 -38.09 22.91
CA GLY A 136 -39.45 -38.01 22.30
C GLY A 136 -39.37 -38.93 21.13
N PRO A 137 -38.17 -39.10 20.56
CA PRO A 137 -37.90 -40.17 19.63
C PRO A 137 -37.52 -41.45 20.37
N GLU A 138 -38.03 -42.58 19.87
CA GLU A 138 -37.80 -43.88 20.47
C GLU A 138 -37.74 -44.94 19.42
N ILE A 139 -37.30 -46.12 19.85
CA ILE A 139 -37.26 -47.30 19.03
C ILE A 139 -38.09 -48.31 19.81
N ARG A 140 -39.29 -48.60 19.29
CA ARG A 140 -40.20 -49.58 19.89
C ARG A 140 -40.31 -50.85 19.04
N THR A 141 -40.43 -52.00 19.71
CA THR A 141 -40.59 -53.30 19.04
C THR A 141 -42.05 -53.53 18.65
N GLY A 142 -42.29 -54.64 17.96
CA GLY A 142 -43.62 -55.02 17.54
C GLY A 142 -44.43 -55.73 18.59
N LEU A 143 -45.63 -56.12 18.18
CA LEU A 143 -46.59 -56.81 19.03
C LEU A 143 -46.26 -58.31 18.97
N ILE A 144 -46.05 -58.92 20.13
CA ILE A 144 -45.68 -60.35 20.22
C ILE A 144 -46.85 -61.20 19.77
N LYS A 145 -46.53 -62.25 19.01
CA LYS A 145 -47.50 -63.13 18.34
C LYS A 145 -48.91 -63.19 18.81
N GLY A 146 -49.50 -64.20 19.50
CA GLY A 146 -50.87 -64.21 19.87
C GLY A 146 -51.26 -63.28 21.01
N SER A 147 -51.13 -61.96 20.75
CA SER A 147 -51.82 -60.84 21.47
C SER A 147 -50.89 -59.86 22.21
N GLY A 148 -50.92 -58.59 21.86
CA GLY A 148 -50.57 -57.44 22.73
C GLY A 148 -50.01 -57.57 24.15
N THR A 149 -50.63 -58.48 24.93
CA THR A 149 -50.02 -58.99 26.23
C THR A 149 -49.80 -60.53 26.04
N ALA A 150 -48.60 -60.86 25.75
CA ALA A 150 -48.06 -62.24 25.83
C ALA A 150 -46.56 -62.14 25.53
N GLU A 151 -45.79 -62.79 26.40
CA GLU A 151 -44.32 -62.68 26.38
C GLU A 151 -43.68 -63.89 25.65
N VAL A 152 -42.36 -63.86 25.53
CA VAL A 152 -41.56 -65.00 25.02
C VAL A 152 -40.18 -65.02 25.65
N GLU A 153 -39.67 -66.23 25.92
CA GLU A 153 -38.35 -66.37 26.53
C GLU A 153 -37.24 -66.32 25.49
N LEU A 154 -36.44 -65.25 25.54
CA LEU A 154 -35.17 -65.19 24.84
C LEU A 154 -34.16 -65.75 25.82
N LYS A 155 -33.48 -66.82 25.42
CA LYS A 155 -32.50 -67.46 26.31
C LYS A 155 -31.09 -67.19 25.88
N LYS A 156 -30.17 -67.31 26.84
CA LYS A 156 -28.78 -66.83 26.69
C LYS A 156 -28.00 -67.61 25.63
N GLY A 157 -27.74 -66.98 24.49
CA GLY A 157 -26.99 -67.61 23.40
C GLY A 157 -27.80 -67.90 22.16
N ALA A 158 -29.14 -67.87 22.26
CA ALA A 158 -30.04 -68.08 21.11
C ALA A 158 -29.92 -66.94 20.08
N THR A 159 -30.10 -67.28 18.80
CA THR A 159 -30.12 -66.30 17.72
C THR A 159 -31.50 -65.64 17.62
N LEU A 160 -31.49 -64.33 17.44
CA LEU A 160 -32.70 -63.53 17.28
C LEU A 160 -32.50 -62.60 16.07
N LYS A 161 -33.42 -62.67 15.12
CA LYS A 161 -33.39 -61.86 13.92
C LYS A 161 -34.18 -60.59 14.17
N ILE A 162 -33.58 -59.44 13.85
CA ILE A 162 -34.28 -58.15 13.90
C ILE A 162 -34.62 -57.77 12.45
N THR A 163 -35.84 -57.29 12.24
CA THR A 163 -36.34 -57.00 10.89
C THR A 163 -37.04 -55.66 10.81
N LEU A 164 -36.92 -55.01 9.65
CA LEU A 164 -37.62 -53.76 9.36
C LEU A 164 -38.84 -53.96 8.45
N ASP A 165 -39.08 -55.20 8.03
CA ASP A 165 -40.22 -55.56 7.19
C ASP A 165 -41.51 -55.50 8.01
N ASN A 166 -42.45 -54.64 7.58
CA ASN A 166 -43.70 -54.43 8.32
C ASN A 166 -44.66 -55.63 8.37
N ALA A 167 -44.44 -56.64 7.54
CA ALA A 167 -45.20 -57.89 7.61
C ALA A 167 -45.09 -58.59 8.97
N TYR A 168 -43.93 -58.46 9.62
CA TYR A 168 -43.71 -59.08 10.94
C TYR A 168 -44.11 -58.21 12.14
N MET A 169 -44.66 -57.02 11.92
CA MET A 169 -44.85 -56.04 13.00
C MET A 169 -45.87 -56.44 14.07
N GLU A 170 -46.71 -57.44 13.79
CA GLU A 170 -47.57 -58.03 14.82
C GLU A 170 -47.35 -59.54 14.91
N LYS A 171 -46.12 -59.98 14.59
CA LYS A 171 -45.77 -61.39 14.55
C LYS A 171 -44.36 -61.63 15.12
N CYS A 172 -44.05 -60.92 16.22
CA CYS A 172 -42.77 -61.07 16.91
C CYS A 172 -42.81 -62.33 17.79
N ASP A 173 -41.66 -62.99 17.92
CA ASP A 173 -41.55 -64.20 18.74
C ASP A 173 -40.09 -64.44 19.18
N GLU A 174 -39.73 -65.66 19.58
CA GLU A 174 -38.36 -66.01 19.95
C GLU A 174 -37.32 -65.82 18.82
N ASN A 175 -37.76 -65.97 17.57
CA ASN A 175 -36.88 -66.01 16.40
C ASN A 175 -36.76 -64.67 15.71
N ILE A 176 -37.91 -64.05 15.40
CA ILE A 176 -37.94 -62.75 14.70
C ILE A 176 -38.54 -61.65 15.58
N LEU A 177 -38.00 -60.44 15.42
CA LEU A 177 -38.40 -59.25 16.17
C LEU A 177 -38.47 -58.07 15.21
N TRP A 178 -39.62 -57.39 15.17
CA TRP A 178 -39.75 -56.13 14.45
C TRP A 178 -39.34 -54.94 15.33
N LEU A 179 -38.96 -53.84 14.67
CA LEU A 179 -38.89 -52.53 15.31
C LEU A 179 -39.01 -51.42 14.27
N ASP A 180 -39.45 -50.25 14.74
CA ASP A 180 -39.90 -49.16 13.84
C ASP A 180 -38.79 -48.31 13.23
N TYR A 181 -37.64 -48.20 13.90
CA TYR A 181 -36.55 -47.34 13.45
C TYR A 181 -35.89 -47.87 12.16
N LYS A 182 -36.22 -47.25 11.04
CA LYS A 182 -35.93 -47.81 9.70
C LYS A 182 -34.45 -47.75 9.30
N ASN A 183 -33.67 -46.86 9.91
CA ASN A 183 -32.24 -46.74 9.62
C ASN A 183 -31.36 -47.47 10.62
N ILE A 184 -31.92 -48.44 11.35
CA ILE A 184 -31.16 -49.18 12.38
C ILE A 184 -29.94 -49.90 11.80
N CYS A 185 -30.05 -50.38 10.55
CA CYS A 185 -28.95 -51.04 9.86
C CYS A 185 -27.76 -50.12 9.58
N LYS A 186 -28.04 -48.82 9.40
CA LYS A 186 -27.02 -47.84 9.05
C LYS A 186 -26.16 -47.35 10.23
N VAL A 187 -26.79 -47.16 11.40
CA VAL A 187 -26.07 -46.67 12.60
C VAL A 187 -25.40 -47.77 13.44
N VAL A 188 -25.68 -49.03 13.14
CA VAL A 188 -25.13 -50.17 13.88
C VAL A 188 -24.10 -50.87 12.99
N GLU A 189 -23.02 -51.36 13.59
CA GLU A 189 -22.05 -52.22 12.91
C GLU A 189 -22.10 -53.62 13.52
N VAL A 190 -21.32 -54.54 12.97
CA VAL A 190 -21.16 -55.88 13.55
C VAL A 190 -20.49 -55.74 14.94
N GLY A 191 -21.06 -56.41 15.93
CA GLY A 191 -20.52 -56.39 17.30
C GLY A 191 -21.13 -55.37 18.26
N SER A 192 -21.96 -54.44 17.74
CA SER A 192 -22.67 -53.46 18.58
C SER A 192 -23.73 -54.13 19.43
N LYS A 193 -24.07 -53.49 20.54
CA LYS A 193 -25.11 -54.00 21.44
C LYS A 193 -26.46 -53.32 21.14
N ILE A 194 -27.53 -54.02 21.50
CA ILE A 194 -28.90 -53.50 21.40
C ILE A 194 -29.65 -53.88 22.67
N TYR A 195 -29.90 -52.90 23.54
CA TYR A 195 -30.59 -53.13 24.80
C TYR A 195 -32.09 -52.96 24.58
N VAL A 196 -32.88 -53.95 25.06
CA VAL A 196 -34.31 -54.02 24.80
C VAL A 196 -35.08 -54.12 26.12
N ASP A 197 -36.17 -53.36 26.23
CA ASP A 197 -37.00 -53.24 27.44
C ASP A 197 -36.20 -52.59 28.59
N ASP A 198 -35.67 -51.41 28.31
CA ASP A 198 -34.87 -50.65 29.25
C ASP A 198 -33.74 -51.48 29.86
N GLY A 199 -33.00 -52.15 28.98
CA GLY A 199 -31.86 -52.95 29.39
C GLY A 199 -32.11 -54.22 30.20
N LEU A 200 -33.32 -54.77 30.12
CA LEU A 200 -33.58 -56.12 30.66
C LEU A 200 -32.90 -57.18 29.78
N ILE A 201 -33.04 -57.02 28.46
CA ILE A 201 -32.44 -57.94 27.48
C ILE A 201 -31.37 -57.18 26.70
N SER A 202 -30.25 -57.85 26.41
CA SER A 202 -29.19 -57.26 25.57
C SER A 202 -28.76 -58.24 24.48
N LEU A 203 -28.56 -57.71 23.27
CA LEU A 203 -28.27 -58.50 22.06
C LEU A 203 -27.00 -57.96 21.40
N GLN A 204 -26.13 -58.86 20.94
CA GLN A 204 -24.94 -58.49 20.17
C GLN A 204 -25.15 -58.84 18.70
N VAL A 205 -24.90 -57.87 17.82
CA VAL A 205 -25.07 -58.05 16.36
C VAL A 205 -23.95 -58.95 15.80
N LYS A 206 -24.33 -60.01 15.10
CA LYS A 206 -23.38 -60.88 14.40
C LYS A 206 -23.24 -60.46 12.95
N GLN A 207 -24.37 -60.33 12.25
CA GLN A 207 -24.38 -60.03 10.82
C GLN A 207 -25.30 -58.85 10.51
N LYS A 208 -24.76 -57.87 9.79
CA LYS A 208 -25.59 -56.81 9.18
C LYS A 208 -26.35 -57.36 7.99
N GLY A 209 -27.20 -56.53 7.40
CA GLY A 209 -27.97 -56.93 6.23
C GLY A 209 -28.56 -55.73 5.50
N ALA A 210 -29.40 -56.03 4.51
CA ALA A 210 -30.10 -55.02 3.73
C ALA A 210 -31.11 -54.31 4.61
N ASP A 211 -32.06 -55.08 5.14
CA ASP A 211 -33.11 -54.58 6.03
C ASP A 211 -33.32 -55.52 7.22
N PHE A 212 -32.21 -56.04 7.75
CA PHE A 212 -32.25 -56.96 8.89
C PHE A 212 -30.91 -57.07 9.62
N LEU A 213 -30.98 -57.60 10.83
CA LEU A 213 -29.81 -57.94 11.63
C LEU A 213 -29.98 -59.34 12.21
N VAL A 214 -28.85 -60.03 12.40
CA VAL A 214 -28.83 -61.30 13.11
C VAL A 214 -28.04 -61.06 14.39
N THR A 215 -28.71 -61.26 15.53
CA THR A 215 -28.11 -61.00 16.83
C THR A 215 -27.99 -62.27 17.68
N GLU A 216 -27.15 -62.21 18.70
CA GLU A 216 -27.05 -63.27 19.70
C GLU A 216 -27.45 -62.73 21.04
N VAL A 217 -28.38 -63.42 21.71
CA VAL A 217 -28.87 -63.02 23.02
C VAL A 217 -27.74 -63.20 24.05
N GLU A 218 -27.54 -62.18 24.89
CA GLU A 218 -26.54 -62.21 25.96
C GLU A 218 -27.19 -62.26 27.33
N ASN A 219 -28.05 -61.28 27.62
CA ASN A 219 -28.90 -61.32 28.80
C ASN A 219 -30.29 -61.81 28.41
N GLY A 220 -30.72 -62.94 28.97
CA GLY A 220 -32.05 -63.48 28.72
C GLY A 220 -33.13 -62.66 29.42
N GLY A 221 -34.38 -63.00 29.14
CA GLY A 221 -35.51 -62.31 29.78
C GLY A 221 -36.82 -62.57 29.09
N SER A 222 -37.89 -62.04 29.68
CA SER A 222 -39.22 -62.08 29.08
C SER A 222 -39.45 -60.86 28.20
N LEU A 223 -39.31 -61.04 26.88
CA LEU A 223 -39.58 -59.99 25.89
C LEU A 223 -41.07 -59.84 25.68
N GLY A 224 -41.57 -58.60 25.72
CA GLY A 224 -43.00 -58.31 25.52
C GLY A 224 -43.25 -57.50 24.26
N SER A 225 -44.44 -56.89 24.23
CA SER A 225 -44.89 -56.09 23.08
C SER A 225 -44.53 -54.64 23.27
N LYS A 226 -44.16 -53.96 22.18
CA LYS A 226 -43.82 -52.53 22.16
C LYS A 226 -42.87 -52.13 23.31
N LYS A 227 -41.63 -52.59 23.25
CA LYS A 227 -40.63 -52.28 24.28
C LYS A 227 -39.57 -51.30 23.79
N GLY A 228 -39.01 -50.53 24.72
CA GLY A 228 -37.99 -49.52 24.41
C GLY A 228 -36.65 -50.15 24.06
N VAL A 229 -36.15 -49.81 22.88
CA VAL A 229 -34.84 -50.27 22.42
C VAL A 229 -33.84 -49.11 22.46
N ASN A 230 -32.61 -49.42 22.90
CA ASN A 230 -31.52 -48.45 22.97
C ASN A 230 -30.33 -48.98 22.18
N LEU A 231 -29.50 -48.06 21.67
CA LEU A 231 -28.38 -48.40 20.79
C LEU A 231 -27.09 -47.77 21.32
N PRO A 232 -26.52 -48.32 22.42
CA PRO A 232 -25.29 -47.84 23.04
C PRO A 232 -24.25 -47.21 22.12
N GLY A 233 -23.97 -45.92 22.34
CA GLY A 233 -22.96 -45.19 21.56
C GLY A 233 -23.14 -45.24 20.04
N ALA A 234 -24.38 -45.00 19.59
CA ALA A 234 -24.68 -44.93 18.16
C ALA A 234 -25.20 -43.54 17.84
N ALA A 235 -24.82 -43.02 16.67
CA ALA A 235 -25.38 -41.74 16.21
C ALA A 235 -26.82 -41.98 15.75
N VAL A 236 -27.75 -42.04 16.71
CA VAL A 236 -29.16 -42.34 16.43
C VAL A 236 -29.77 -41.11 15.77
N ASP A 237 -30.07 -41.21 14.48
CA ASP A 237 -30.47 -40.07 13.64
C ASP A 237 -32.00 -39.97 13.42
N LEU A 238 -32.77 -40.24 14.47
CA LEU A 238 -34.21 -40.01 14.45
C LEU A 238 -34.52 -38.52 14.45
N PRO A 239 -35.76 -38.15 14.14
CA PRO A 239 -36.13 -36.74 14.27
C PRO A 239 -36.14 -36.29 15.73
N ALA A 240 -35.60 -35.08 15.98
CA ALA A 240 -35.54 -34.50 17.32
C ALA A 240 -36.93 -34.36 17.93
N VAL A 241 -37.86 -33.87 17.13
CA VAL A 241 -39.24 -33.74 17.52
C VAL A 241 -40.06 -34.67 16.63
N SER A 242 -40.57 -35.76 17.19
CA SER A 242 -41.46 -36.67 16.46
C SER A 242 -42.79 -35.93 16.13
N GLU A 243 -43.54 -36.43 15.16
CA GLU A 243 -44.78 -35.78 14.75
C GLU A 243 -45.84 -35.74 15.87
N LYS A 244 -45.82 -36.75 16.74
CA LYS A 244 -46.63 -36.76 17.97
C LYS A 244 -46.28 -35.58 18.87
N ASP A 245 -44.98 -35.36 19.05
CA ASP A 245 -44.48 -34.28 19.90
C ASP A 245 -44.78 -32.89 19.36
N ILE A 246 -44.82 -32.73 18.04
CA ILE A 246 -45.14 -31.42 17.44
C ILE A 246 -46.55 -30.99 17.84
N GLN A 247 -47.45 -31.96 18.02
CA GLN A 247 -48.78 -31.68 18.56
C GLN A 247 -48.77 -31.48 20.08
N ASP A 248 -47.99 -32.28 20.80
CA ASP A 248 -47.84 -32.14 22.26
C ASP A 248 -47.27 -30.78 22.69
N LEU A 249 -46.30 -30.28 21.92
CA LEU A 249 -45.69 -28.97 22.21
C LEU A 249 -46.61 -27.80 21.89
N LYS A 250 -47.46 -27.93 20.88
CA LYS A 250 -48.49 -26.90 20.60
C LYS A 250 -49.56 -26.91 21.68
N PHE A 251 -49.92 -28.10 22.17
CA PHE A 251 -50.84 -28.25 23.31
C PHE A 251 -50.29 -27.60 24.58
N GLY A 252 -48.98 -27.71 24.78
CA GLY A 252 -48.30 -27.05 25.89
C GLY A 252 -48.40 -25.54 25.81
N VAL A 253 -48.09 -25.01 24.63
CA VAL A 253 -48.19 -23.55 24.37
C VAL A 253 -49.62 -23.09 24.57
N GLU A 254 -50.57 -23.87 24.03
CA GLU A 254 -52.00 -23.60 24.15
C GLU A 254 -52.50 -23.64 25.61
N GLN A 255 -51.96 -24.56 26.42
CA GLN A 255 -52.32 -24.66 27.85
C GLN A 255 -51.50 -23.72 28.78
N ASP A 256 -50.59 -22.92 28.20
CA ASP A 256 -49.65 -22.08 28.95
C ASP A 256 -48.89 -22.85 30.03
N VAL A 257 -48.12 -23.83 29.60
CA VAL A 257 -47.13 -24.45 30.46
C VAL A 257 -45.99 -23.46 30.67
N ASP A 258 -45.21 -23.74 31.71
CA ASP A 258 -44.10 -22.89 32.14
C ASP A 258 -42.76 -23.40 31.66
N MET A 259 -42.63 -24.72 31.50
CA MET A 259 -41.41 -25.32 30.98
C MET A 259 -41.68 -26.63 30.23
N VAL A 260 -40.71 -27.02 29.41
CA VAL A 260 -40.78 -28.22 28.59
C VAL A 260 -39.53 -29.05 28.85
N PHE A 261 -39.72 -30.31 29.27
CA PHE A 261 -38.60 -31.25 29.40
C PHE A 261 -38.45 -32.04 28.10
N ALA A 262 -37.60 -31.54 27.20
CA ALA A 262 -37.40 -32.17 25.88
C ALA A 262 -36.58 -33.44 26.00
N SER A 263 -37.12 -34.56 25.49
CA SER A 263 -36.50 -35.88 25.69
C SER A 263 -35.45 -36.22 24.63
N PHE A 264 -34.55 -37.14 25.02
CA PHE A 264 -33.53 -37.74 24.15
C PHE A 264 -32.79 -36.72 23.26
N ILE A 265 -32.22 -35.70 23.91
CA ILE A 265 -31.46 -34.66 23.21
C ILE A 265 -30.04 -35.18 22.96
N ARG A 266 -29.66 -35.09 21.69
CA ARG A 266 -28.36 -35.56 21.21
C ARG A 266 -27.40 -34.44 20.83
N LYS A 267 -27.93 -33.28 20.46
CA LYS A 267 -27.11 -32.24 19.83
C LYS A 267 -27.82 -30.89 19.82
N ALA A 268 -27.07 -29.84 19.51
CA ALA A 268 -27.58 -28.47 19.58
C ALA A 268 -28.83 -28.29 18.73
N SER A 269 -28.80 -28.78 17.50
CA SER A 269 -29.92 -28.62 16.57
C SER A 269 -31.22 -29.29 17.02
N ASP A 270 -31.13 -30.32 17.87
CA ASP A 270 -32.33 -30.92 18.49
C ASP A 270 -33.06 -29.91 19.35
N VAL A 271 -32.30 -29.17 20.15
CA VAL A 271 -32.88 -28.14 21.04
C VAL A 271 -33.43 -27.00 20.20
N HIS A 272 -32.69 -26.59 19.18
CA HIS A 272 -33.15 -25.52 18.28
C HIS A 272 -34.49 -25.82 17.61
N GLU A 273 -34.75 -27.08 17.27
CA GLU A 273 -36.03 -27.48 16.68
C GLU A 273 -37.17 -27.58 17.69
N VAL A 274 -36.84 -27.88 18.95
CA VAL A 274 -37.83 -27.81 20.04
C VAL A 274 -38.24 -26.35 20.26
N ARG A 275 -37.25 -25.45 20.21
CA ARG A 275 -37.49 -23.99 20.28
C ARG A 275 -38.38 -23.51 19.15
N LYS A 276 -38.00 -23.91 17.94
CA LYS A 276 -38.66 -23.50 16.71
C LYS A 276 -40.13 -23.93 16.65
N VAL A 277 -40.46 -25.10 17.20
CA VAL A 277 -41.84 -25.58 17.26
C VAL A 277 -42.66 -24.76 18.24
N LEU A 278 -42.09 -24.44 19.40
CA LEU A 278 -42.78 -23.58 20.39
C LEU A 278 -42.98 -22.17 19.81
N GLY A 279 -41.98 -21.68 19.10
CA GLY A 279 -42.11 -20.48 18.26
C GLY A 279 -42.27 -19.19 19.04
N GLU A 280 -42.75 -18.17 18.33
CA GLU A 280 -43.04 -16.85 18.91
C GLU A 280 -44.08 -16.93 20.03
N LYS A 281 -45.09 -17.76 19.83
CA LYS A 281 -46.22 -17.88 20.76
C LYS A 281 -45.81 -18.36 22.15
N GLY A 282 -44.83 -19.25 22.21
CA GLY A 282 -44.33 -19.78 23.48
C GLY A 282 -42.83 -19.62 23.62
N LYS A 283 -42.32 -18.44 23.29
CA LYS A 283 -40.89 -18.16 23.38
C LYS A 283 -40.40 -18.10 24.82
N ASN A 284 -41.30 -17.72 25.74
CA ASN A 284 -40.97 -17.63 27.16
C ASN A 284 -40.94 -18.98 27.88
N ILE A 285 -41.44 -20.03 27.24
CA ILE A 285 -41.44 -21.37 27.84
C ILE A 285 -40.01 -21.91 27.87
N LYS A 286 -39.54 -22.28 29.06
CA LYS A 286 -38.18 -22.74 29.27
C LYS A 286 -38.00 -24.17 28.76
N ILE A 287 -36.90 -24.42 28.05
CA ILE A 287 -36.57 -25.74 27.49
C ILE A 287 -35.47 -26.40 28.30
N ILE A 288 -35.83 -27.44 29.05
CA ILE A 288 -34.87 -28.24 29.77
C ILE A 288 -34.53 -29.44 28.91
N SER A 289 -33.28 -29.54 28.46
CA SER A 289 -32.85 -30.67 27.65
C SER A 289 -32.49 -31.86 28.53
N LYS A 290 -33.04 -33.03 28.20
CA LYS A 290 -32.75 -34.27 28.92
C LYS A 290 -31.59 -35.00 28.27
N ILE A 291 -30.57 -35.29 29.04
CA ILE A 291 -29.42 -36.04 28.54
C ILE A 291 -29.67 -37.50 28.88
N GLU A 292 -30.09 -38.28 27.88
CA GLU A 292 -30.51 -39.66 28.08
C GLU A 292 -29.56 -40.72 27.48
N ASN A 293 -28.58 -40.32 26.67
CA ASN A 293 -27.74 -41.27 25.92
C ASN A 293 -26.29 -40.83 25.86
N HIS A 294 -25.43 -41.67 25.30
CA HIS A 294 -23.99 -41.39 25.23
C HIS A 294 -23.67 -40.14 24.44
N GLU A 295 -24.37 -39.95 23.32
CA GLU A 295 -24.11 -38.80 22.41
C GLU A 295 -24.39 -37.47 23.09
N GLY A 296 -25.42 -37.43 23.93
CA GLY A 296 -25.76 -36.22 24.70
C GLY A 296 -24.63 -35.76 25.60
N VAL A 297 -24.00 -36.71 26.30
CA VAL A 297 -22.91 -36.41 27.21
C VAL A 297 -21.67 -35.94 26.45
N ARG A 298 -21.41 -36.54 25.29
CA ARG A 298 -20.27 -36.14 24.48
C ARG A 298 -20.43 -34.71 23.98
N ARG A 299 -21.65 -34.34 23.56
CA ARG A 299 -21.93 -33.01 23.05
C ARG A 299 -22.56 -32.08 24.08
N PHE A 300 -22.27 -32.30 25.37
CA PHE A 300 -22.96 -31.56 26.43
C PHE A 300 -22.79 -30.06 26.29
N ASP A 301 -21.60 -29.63 25.93
CA ASP A 301 -21.29 -28.21 25.86
C ASP A 301 -22.18 -27.45 24.89
N GLU A 302 -22.35 -27.98 23.67
CA GLU A 302 -23.20 -27.32 22.67
C GLU A 302 -24.70 -27.37 23.03
N ILE A 303 -25.12 -28.41 23.76
CA ILE A 303 -26.51 -28.55 24.21
C ILE A 303 -26.79 -27.55 25.32
N LEU A 304 -25.91 -27.51 26.32
CA LEU A 304 -26.04 -26.59 27.44
C LEU A 304 -26.17 -25.14 26.98
N GLU A 305 -25.41 -24.77 25.96
CA GLU A 305 -25.45 -23.42 25.40
C GLU A 305 -26.82 -23.11 24.78
N ALA A 306 -27.37 -24.07 24.05
CA ALA A 306 -28.67 -23.88 23.39
C ALA A 306 -29.88 -24.09 24.30
N SER A 307 -29.70 -24.78 25.43
CA SER A 307 -30.80 -25.11 26.34
C SER A 307 -30.94 -24.08 27.44
N ASP A 308 -32.16 -23.95 27.98
CA ASP A 308 -32.39 -23.09 29.14
C ASP A 308 -31.92 -23.77 30.41
N GLY A 309 -32.15 -25.08 30.51
CA GLY A 309 -31.62 -25.90 31.61
C GLY A 309 -31.28 -27.31 31.14
N ILE A 310 -30.95 -28.17 32.10
CA ILE A 310 -30.56 -29.56 31.84
C ILE A 310 -31.25 -30.51 32.82
N MET A 311 -31.50 -31.73 32.38
CA MET A 311 -31.98 -32.82 33.24
C MET A 311 -31.12 -34.05 33.03
N VAL A 312 -30.40 -34.45 34.07
CA VAL A 312 -29.61 -35.67 34.05
C VAL A 312 -30.52 -36.84 34.37
N ALA A 313 -30.95 -37.55 33.33
CA ALA A 313 -31.73 -38.78 33.47
C ALA A 313 -30.77 -39.95 33.71
N ARG A 314 -30.68 -40.40 34.95
CA ARG A 314 -29.59 -41.27 35.38
C ARG A 314 -29.85 -42.71 35.01
N GLY A 315 -31.08 -43.16 35.22
CA GLY A 315 -31.49 -44.52 34.84
C GLY A 315 -31.30 -44.77 33.35
N ASP A 316 -31.69 -43.80 32.52
CA ASP A 316 -31.56 -43.93 31.07
C ASP A 316 -30.11 -43.90 30.61
N LEU A 317 -29.25 -43.17 31.32
CA LEU A 317 -27.80 -43.23 31.08
C LEU A 317 -27.23 -44.57 31.49
N GLY A 318 -27.68 -45.09 32.64
CA GLY A 318 -27.23 -46.39 33.16
C GLY A 318 -27.38 -47.57 32.21
N ILE A 319 -28.34 -47.46 31.29
CA ILE A 319 -28.48 -48.41 30.18
C ILE A 319 -27.35 -48.21 29.16
N GLU A 320 -27.20 -46.97 28.71
CA GLU A 320 -26.45 -46.64 27.50
C GLU A 320 -24.93 -46.42 27.70
N ILE A 321 -24.52 -46.12 28.93
CA ILE A 321 -23.08 -46.02 29.27
C ILE A 321 -22.79 -46.88 30.51
N PRO A 322 -21.51 -47.27 30.71
CA PRO A 322 -21.18 -48.17 31.83
C PRO A 322 -21.55 -47.62 33.21
N ALA A 323 -21.87 -48.50 34.15
CA ALA A 323 -22.32 -48.11 35.49
C ALA A 323 -21.23 -47.43 36.34
N GLU A 324 -19.97 -47.81 36.14
CA GLU A 324 -18.85 -47.17 36.83
C GLU A 324 -18.46 -45.79 36.28
N LYS A 325 -19.16 -45.31 35.25
CA LYS A 325 -18.91 -44.00 34.68
C LYS A 325 -20.10 -43.06 34.71
N VAL A 326 -21.23 -43.46 35.30
CA VAL A 326 -22.40 -42.59 35.26
C VAL A 326 -22.24 -41.46 36.25
N PHE A 327 -21.78 -41.78 37.46
CA PHE A 327 -21.55 -40.73 38.49
C PHE A 327 -20.59 -39.66 38.00
N LEU A 328 -19.57 -40.04 37.21
CA LEU A 328 -18.69 -39.07 36.57
C LEU A 328 -19.43 -38.13 35.61
N ALA A 329 -20.37 -38.68 34.85
CA ALA A 329 -21.20 -37.85 33.95
C ALA A 329 -22.09 -36.90 34.72
N GLN A 330 -22.79 -37.42 35.72
CA GLN A 330 -23.65 -36.61 36.59
C GLN A 330 -22.87 -35.45 37.19
N LYS A 331 -21.72 -35.74 37.79
CA LYS A 331 -20.89 -34.69 38.41
C LYS A 331 -20.42 -33.65 37.43
N MET A 332 -19.98 -34.10 36.26
CA MET A 332 -19.54 -33.18 35.21
C MET A 332 -20.68 -32.27 34.75
N MET A 333 -21.84 -32.85 34.46
CA MET A 333 -22.95 -32.06 33.94
C MET A 333 -23.48 -31.10 35.00
N ILE A 334 -23.63 -31.58 36.23
CA ILE A 334 -24.05 -30.71 37.33
C ILE A 334 -22.99 -29.62 37.54
N GLY A 335 -21.72 -29.98 37.46
CA GLY A 335 -20.65 -29.00 37.53
C GLY A 335 -20.79 -27.89 36.50
N ARG A 336 -20.89 -28.26 35.22
CA ARG A 336 -20.90 -27.28 34.13
C ARG A 336 -22.11 -26.37 34.16
N CYS A 337 -23.27 -26.93 34.52
CA CYS A 337 -24.48 -26.12 34.69
C CYS A 337 -24.35 -25.09 35.80
N ASN A 338 -23.68 -25.45 36.90
CA ASN A 338 -23.43 -24.50 37.99
C ASN A 338 -22.55 -23.36 37.51
N ARG A 339 -21.49 -23.70 36.79
CA ARG A 339 -20.59 -22.70 36.22
C ARG A 339 -21.36 -21.79 35.27
N ALA A 340 -22.00 -22.37 34.29
CA ALA A 340 -22.79 -21.59 33.32
C ALA A 340 -24.03 -20.89 33.90
N GLY A 341 -24.43 -21.24 35.11
CA GLY A 341 -25.53 -20.56 35.79
C GLY A 341 -26.90 -20.92 35.29
N LYS A 342 -27.04 -22.15 34.79
CA LYS A 342 -28.31 -22.68 34.30
C LYS A 342 -28.78 -23.79 35.22
N PRO A 343 -30.11 -23.99 35.31
CA PRO A 343 -30.59 -25.07 36.16
C PRO A 343 -30.14 -26.43 35.67
N VAL A 344 -29.93 -27.32 36.61
CA VAL A 344 -29.73 -28.73 36.33
C VAL A 344 -30.67 -29.52 37.25
N ILE A 345 -31.25 -30.59 36.73
CA ILE A 345 -32.23 -31.38 37.46
C ILE A 345 -31.75 -32.84 37.52
N CYS A 346 -31.81 -33.45 38.70
CA CYS A 346 -31.48 -34.86 38.85
C CYS A 346 -32.74 -35.71 38.90
N ALA A 347 -32.94 -36.52 37.85
CA ALA A 347 -34.15 -37.29 37.65
C ALA A 347 -33.88 -38.79 37.68
N THR A 348 -34.97 -39.56 37.90
CA THR A 348 -34.98 -41.02 37.80
C THR A 348 -34.23 -41.74 38.95
N GLN A 349 -34.76 -42.89 39.36
CA GLN A 349 -34.15 -43.73 40.40
C GLN A 349 -33.94 -43.03 41.75
N MET A 350 -34.80 -42.06 42.07
CA MET A 350 -34.60 -41.29 43.29
C MET A 350 -35.08 -42.08 44.51
N LEU A 351 -36.38 -42.31 44.60
CA LEU A 351 -37.00 -42.95 45.75
C LEU A 351 -37.94 -44.07 45.31
N GLU A 352 -37.45 -44.95 44.43
CA GLU A 352 -38.30 -45.95 43.75
C GLU A 352 -39.00 -46.95 44.69
N SER A 353 -38.38 -47.27 45.82
CA SER A 353 -39.00 -48.16 46.81
C SER A 353 -40.31 -47.61 47.38
N MET A 354 -40.48 -46.28 47.36
CA MET A 354 -41.70 -45.63 47.86
C MET A 354 -42.94 -45.72 46.95
N ILE A 355 -42.81 -46.37 45.80
CA ILE A 355 -43.97 -46.82 45.04
C ILE A 355 -44.76 -47.82 45.90
N LYS A 356 -44.04 -48.75 46.54
CA LYS A 356 -44.65 -49.84 47.32
C LYS A 356 -44.66 -49.63 48.85
N LYS A 357 -43.70 -48.86 49.39
CA LYS A 357 -43.45 -48.79 50.84
C LYS A 357 -43.49 -47.35 51.37
N PRO A 358 -43.77 -47.16 52.69
CA PRO A 358 -44.01 -45.81 53.23
C PRO A 358 -42.75 -44.99 53.55
N ARG A 359 -41.58 -45.64 53.51
CA ARG A 359 -40.30 -45.01 53.77
C ARG A 359 -39.29 -45.43 52.68
N PRO A 360 -38.18 -44.70 52.53
CA PRO A 360 -37.17 -45.09 51.57
C PRO A 360 -36.06 -45.91 52.23
N THR A 361 -35.22 -46.54 51.41
CA THR A 361 -34.05 -47.28 51.89
C THR A 361 -32.95 -46.29 52.28
N ARG A 362 -31.96 -46.78 53.03
CA ARG A 362 -30.79 -45.98 53.40
C ARG A 362 -30.07 -45.46 52.15
N ALA A 363 -29.86 -46.35 51.18
CA ALA A 363 -29.14 -46.01 49.95
C ALA A 363 -29.86 -45.02 49.07
N GLU A 364 -31.19 -44.97 49.12
CA GLU A 364 -31.96 -44.00 48.33
C GLU A 364 -31.80 -42.60 48.90
N GLY A 365 -31.85 -42.48 50.23
CA GLY A 365 -31.62 -41.21 50.92
C GLY A 365 -30.22 -40.66 50.67
N SER A 366 -29.24 -41.56 50.66
CA SER A 366 -27.86 -41.21 50.36
C SER A 366 -27.67 -40.77 48.89
N ASP A 367 -28.40 -41.41 47.98
CA ASP A 367 -28.35 -41.08 46.54
C ASP A 367 -28.94 -39.72 46.25
N VAL A 368 -30.04 -39.38 46.93
CA VAL A 368 -30.67 -38.08 46.79
C VAL A 368 -29.75 -37.01 47.36
N ALA A 369 -29.26 -37.23 48.58
CA ALA A 369 -28.36 -36.30 49.25
C ALA A 369 -27.18 -35.96 48.37
N ASN A 370 -26.48 -37.00 47.91
CA ASN A 370 -25.29 -36.81 47.07
C ASN A 370 -25.57 -36.09 45.75
N ALA A 371 -26.80 -36.13 45.25
CA ALA A 371 -27.20 -35.31 44.10
C ALA A 371 -27.46 -33.84 44.47
N VAL A 372 -27.98 -33.60 45.66
CA VAL A 372 -28.14 -32.24 46.19
C VAL A 372 -26.76 -31.61 46.44
N LEU A 373 -25.86 -32.41 47.01
CA LEU A 373 -24.50 -31.97 47.31
C LEU A 373 -23.62 -31.85 46.07
N ASP A 374 -23.85 -32.67 45.05
CA ASP A 374 -23.16 -32.51 43.75
C ASP A 374 -23.42 -31.14 43.14
N GLY A 375 -24.58 -30.55 43.46
CA GLY A 375 -24.92 -29.18 43.07
C GLY A 375 -26.22 -29.01 42.31
N ALA A 376 -27.08 -30.01 42.30
CA ALA A 376 -28.32 -29.94 41.56
C ALA A 376 -29.23 -28.87 42.12
N ASP A 377 -30.04 -28.30 41.23
CA ASP A 377 -31.03 -27.31 41.63
C ASP A 377 -32.34 -27.99 42.01
N CYS A 378 -32.78 -28.93 41.19
CA CYS A 378 -34.03 -29.65 41.43
C CYS A 378 -33.86 -31.17 41.45
N ILE A 379 -34.75 -31.83 42.17
CA ILE A 379 -34.83 -33.29 42.24
C ILE A 379 -36.21 -33.70 41.72
N MET A 380 -36.26 -34.70 40.84
CA MET A 380 -37.52 -35.10 40.20
C MET A 380 -37.95 -36.53 40.55
N LEU A 381 -39.11 -36.63 41.19
CA LEU A 381 -39.68 -37.91 41.59
C LEU A 381 -40.50 -38.45 40.42
N SER A 382 -40.14 -39.63 39.92
CA SER A 382 -40.77 -40.24 38.73
C SER A 382 -42.04 -41.06 39.07
N GLY A 383 -41.90 -42.34 39.43
CA GLY A 383 -43.03 -43.20 39.79
C GLY A 383 -43.64 -42.84 41.12
N GLU A 384 -42.86 -43.03 42.19
CA GLU A 384 -43.12 -42.53 43.56
C GLU A 384 -44.44 -41.75 43.80
N THR A 385 -44.60 -40.65 43.04
CA THR A 385 -45.78 -39.76 43.15
C THR A 385 -46.85 -39.93 42.06
N ALA A 386 -46.47 -40.42 40.88
CA ALA A 386 -47.41 -40.58 39.75
C ALA A 386 -48.41 -41.73 39.96
N LYS A 387 -47.87 -42.91 40.25
CA LYS A 387 -48.69 -44.13 40.38
C LYS A 387 -48.25 -44.96 41.59
N GLY A 388 -47.96 -44.29 42.70
CA GLY A 388 -47.46 -44.91 43.90
C GLY A 388 -48.57 -45.16 44.90
N ASP A 389 -48.33 -46.09 45.82
CA ASP A 389 -49.21 -46.30 46.97
C ASP A 389 -49.01 -45.18 48.01
N TYR A 390 -47.84 -44.56 48.00
CA TYR A 390 -47.52 -43.48 48.94
C TYR A 390 -46.99 -42.26 48.19
N PRO A 391 -47.90 -41.47 47.56
CA PRO A 391 -47.46 -40.27 46.84
C PRO A 391 -47.19 -39.09 47.77
N LEU A 392 -47.95 -38.96 48.86
CA LEU A 392 -47.78 -37.83 49.77
C LEU A 392 -46.56 -37.97 50.67
N GLU A 393 -46.21 -39.19 51.06
CA GLU A 393 -45.04 -39.42 51.93
C GLU A 393 -43.77 -39.28 51.11
N ALA A 394 -43.84 -39.66 49.83
CA ALA A 394 -42.73 -39.48 48.89
C ALA A 394 -42.26 -38.04 48.79
N VAL A 395 -43.19 -37.10 48.79
CA VAL A 395 -42.83 -35.67 48.78
C VAL A 395 -42.22 -35.26 50.11
N ARG A 396 -42.76 -35.76 51.22
CA ARG A 396 -42.26 -35.42 52.55
C ARG A 396 -40.87 -35.96 52.84
N MET A 397 -40.53 -37.14 52.32
CA MET A 397 -39.17 -37.70 52.47
C MET A 397 -38.19 -36.93 51.62
N GLN A 398 -38.56 -36.64 50.38
CA GLN A 398 -37.76 -35.81 49.49
C GLN A 398 -37.42 -34.50 50.17
N HIS A 399 -38.44 -33.83 50.70
CA HIS A 399 -38.24 -32.60 51.46
C HIS A 399 -37.31 -32.78 52.66
N LEU A 400 -37.51 -33.84 53.44
CA LEU A 400 -36.66 -34.10 54.60
C LEU A 400 -35.21 -34.34 54.23
N ILE A 401 -34.97 -35.15 53.20
CA ILE A 401 -33.61 -35.46 52.76
C ILE A 401 -32.92 -34.20 52.23
N ALA A 402 -33.60 -33.48 51.34
CA ALA A 402 -33.06 -32.24 50.76
C ALA A 402 -32.70 -31.16 51.78
N ARG A 403 -33.41 -31.13 52.90
CA ARG A 403 -33.17 -30.16 53.97
C ARG A 403 -32.01 -30.61 54.86
N GLU A 404 -31.93 -31.90 55.14
CA GLU A 404 -30.79 -32.44 55.92
C GLU A 404 -29.50 -32.33 55.14
N ALA A 405 -29.57 -32.66 53.86
CA ALA A 405 -28.42 -32.53 52.94
C ALA A 405 -27.91 -31.10 52.86
N GLU A 406 -28.82 -30.14 52.91
CA GLU A 406 -28.47 -28.71 52.91
C GLU A 406 -27.43 -28.31 53.95
N ALA A 407 -27.49 -28.95 55.11
CA ALA A 407 -26.52 -28.72 56.19
C ALA A 407 -25.10 -29.16 55.85
N ALA A 408 -24.96 -30.15 54.98
CA ALA A 408 -23.67 -30.66 54.52
C ALA A 408 -23.05 -29.86 53.39
N ILE A 409 -23.76 -28.87 52.84
CA ILE A 409 -23.22 -28.05 51.76
C ILE A 409 -22.34 -26.99 52.39
N TYR A 410 -21.14 -26.83 51.82
CA TYR A 410 -20.19 -25.79 52.22
C TYR A 410 -20.31 -24.66 51.20
N HIS A 411 -21.37 -23.88 51.36
CA HIS A 411 -21.73 -22.76 50.47
C HIS A 411 -20.60 -21.80 50.19
N LEU A 412 -19.70 -21.64 51.16
CA LEU A 412 -18.64 -20.66 51.07
C LEU A 412 -17.70 -20.86 49.88
N GLN A 413 -17.19 -22.08 49.69
CA GLN A 413 -16.27 -22.33 48.57
C GLN A 413 -16.99 -22.34 47.21
N LEU A 414 -18.20 -22.88 47.16
CA LEU A 414 -19.05 -22.77 45.95
C LEU A 414 -19.02 -21.36 45.40
N PHE A 415 -19.16 -20.38 46.30
CA PHE A 415 -19.18 -18.97 45.95
C PHE A 415 -17.80 -18.43 45.56
N GLU A 416 -16.80 -18.66 46.40
CA GLU A 416 -15.45 -18.13 46.14
C GLU A 416 -14.87 -18.63 44.82
N GLU A 417 -15.19 -19.88 44.47
CA GLU A 417 -14.77 -20.45 43.19
C GLU A 417 -15.57 -19.86 42.04
N LEU A 418 -16.89 -19.78 42.21
CA LEU A 418 -17.76 -19.19 41.18
C LEU A 418 -17.47 -17.72 40.91
N ARG A 419 -16.97 -17.01 41.92
CA ARG A 419 -16.59 -15.62 41.75
C ARG A 419 -15.28 -15.50 40.99
N ARG A 420 -14.32 -16.37 41.31
CA ARG A 420 -13.03 -16.37 40.61
C ARG A 420 -13.19 -16.75 39.14
N LEU A 421 -13.90 -17.85 38.88
CA LEU A 421 -14.08 -18.34 37.51
C LEU A 421 -14.93 -17.44 36.61
N ALA A 422 -15.72 -16.53 37.19
CA ALA A 422 -16.56 -15.64 36.38
C ALA A 422 -15.71 -14.59 35.66
N PRO A 423 -16.13 -14.19 34.43
CA PRO A 423 -15.32 -13.27 33.63
C PRO A 423 -15.51 -11.83 34.08
N ILE A 424 -14.41 -11.08 34.19
CA ILE A 424 -14.46 -9.67 34.63
C ILE A 424 -15.23 -8.78 33.63
N THR A 425 -16.40 -8.29 34.05
CA THR A 425 -17.16 -7.27 33.30
C THR A 425 -17.60 -6.15 34.24
N SER A 426 -17.89 -4.99 33.65
CA SER A 426 -18.40 -3.82 34.36
C SER A 426 -19.92 -3.68 34.18
N ASP A 427 -20.62 -4.82 34.06
CA ASP A 427 -22.07 -4.80 34.03
C ASP A 427 -22.58 -4.35 35.40
N PRO A 428 -23.47 -3.33 35.43
CA PRO A 428 -24.05 -2.93 36.71
C PRO A 428 -24.76 -4.04 37.49
N THR A 429 -25.59 -4.84 36.82
CA THR A 429 -26.43 -5.83 37.51
C THR A 429 -25.62 -6.96 38.14
N GLU A 430 -24.66 -7.49 37.39
CA GLU A 430 -23.85 -8.63 37.85
C GLU A 430 -22.90 -8.24 38.98
N ALA A 431 -22.38 -7.01 38.94
CA ALA A 431 -21.50 -6.51 40.00
C ALA A 431 -22.24 -6.25 41.30
N THR A 432 -23.47 -5.75 41.16
CA THR A 432 -24.38 -5.58 42.29
C THR A 432 -24.78 -6.93 42.87
N ALA A 433 -25.14 -7.86 41.98
CA ALA A 433 -25.58 -9.20 42.37
C ALA A 433 -24.54 -9.96 43.18
N VAL A 434 -23.27 -9.87 42.79
CA VAL A 434 -22.20 -10.51 43.54
C VAL A 434 -22.09 -9.88 44.92
N GLY A 435 -22.03 -8.54 44.96
CA GLY A 435 -21.96 -7.79 46.22
C GLY A 435 -23.09 -8.10 47.19
N ALA A 436 -24.27 -8.43 46.65
CA ALA A 436 -25.40 -8.86 47.47
C ALA A 436 -25.11 -10.19 48.17
N VAL A 437 -24.57 -11.15 47.41
CA VAL A 437 -24.19 -12.45 47.96
C VAL A 437 -23.07 -12.26 48.98
N GLU A 438 -22.00 -11.58 48.55
CA GLU A 438 -20.89 -11.18 49.42
C GLU A 438 -21.38 -10.71 50.79
N ALA A 439 -22.30 -9.75 50.77
CA ALA A 439 -22.88 -9.16 51.97
C ALA A 439 -23.76 -10.13 52.75
N SER A 440 -24.42 -11.04 52.04
CA SER A 440 -25.23 -12.08 52.68
C SER A 440 -24.42 -12.97 53.61
N PHE A 441 -23.14 -13.17 53.31
CA PHE A 441 -22.23 -13.89 54.20
C PHE A 441 -21.72 -13.04 55.36
N LYS A 442 -21.29 -11.81 55.06
CA LYS A 442 -20.69 -10.92 56.08
C LYS A 442 -21.69 -10.38 57.10
N CYS A 443 -22.95 -10.15 56.68
CA CYS A 443 -24.03 -9.75 57.60
C CYS A 443 -24.77 -10.91 58.26
N CYS A 444 -24.44 -12.15 57.87
CA CYS A 444 -25.19 -13.35 58.26
C CYS A 444 -26.68 -13.15 57.98
N SER A 445 -26.98 -12.79 56.74
CA SER A 445 -28.33 -12.37 56.38
C SER A 445 -29.29 -13.54 56.35
N GLY A 446 -30.52 -13.27 56.76
CA GLY A 446 -31.59 -14.25 56.71
C GLY A 446 -32.10 -14.48 55.30
N ALA A 447 -31.98 -13.48 54.44
CA ALA A 447 -32.44 -13.57 53.06
C ALA A 447 -31.82 -12.52 52.16
N ILE A 448 -32.05 -12.70 50.86
CA ILE A 448 -31.78 -11.67 49.86
C ILE A 448 -33.09 -11.44 49.13
N ILE A 449 -33.72 -10.29 49.38
CA ILE A 449 -34.99 -9.94 48.74
C ILE A 449 -34.69 -9.29 47.40
N VAL A 450 -35.25 -9.83 46.32
CA VAL A 450 -34.97 -9.33 44.96
C VAL A 450 -36.26 -9.00 44.21
N LEU A 451 -36.43 -7.74 43.83
CA LEU A 451 -37.58 -7.34 43.03
C LEU A 451 -37.26 -7.54 41.56
N THR A 452 -38.18 -8.16 40.83
CA THR A 452 -37.89 -8.61 39.46
C THR A 452 -39.16 -8.89 38.63
N LYS A 453 -39.16 -8.43 37.38
CA LYS A 453 -40.24 -8.69 36.41
C LYS A 453 -39.96 -10.02 35.70
N SER A 454 -38.85 -10.09 34.96
CA SER A 454 -38.50 -11.28 34.18
C SER A 454 -37.99 -12.47 35.01
N GLY A 455 -37.50 -12.21 36.22
CA GLY A 455 -36.81 -13.20 37.03
C GLY A 455 -35.29 -13.15 36.96
N ARG A 456 -34.75 -12.51 35.92
CA ARG A 456 -33.32 -12.51 35.63
C ARG A 456 -32.46 -12.01 36.81
N SER A 457 -32.87 -10.91 37.44
CA SER A 457 -32.12 -10.36 38.58
C SER A 457 -31.96 -11.36 39.70
N ALA A 458 -33.03 -12.11 39.98
CA ALA A 458 -33.01 -13.19 40.98
C ALA A 458 -32.14 -14.36 40.54
N HIS A 459 -32.19 -14.69 39.24
CA HIS A 459 -31.36 -15.77 38.68
C HIS A 459 -29.86 -15.44 38.81
N GLN A 460 -29.49 -14.19 38.51
CA GLN A 460 -28.08 -13.74 38.60
C GLN A 460 -27.53 -13.79 40.01
N VAL A 461 -28.40 -13.64 41.01
CA VAL A 461 -28.01 -13.79 42.41
C VAL A 461 -27.84 -15.27 42.73
N ALA A 462 -28.83 -16.08 42.34
CA ALA A 462 -28.79 -17.52 42.60
C ALA A 462 -27.61 -18.22 41.94
N ARG A 463 -27.17 -17.69 40.79
CA ARG A 463 -25.99 -18.20 40.09
C ARG A 463 -24.76 -18.33 40.98
N TYR A 464 -24.59 -17.37 41.90
CA TYR A 464 -23.45 -17.36 42.82
C TYR A 464 -23.66 -18.14 44.13
N ARG A 465 -24.74 -18.93 44.23
CA ARG A 465 -24.91 -19.92 45.30
C ARG A 465 -24.75 -19.38 46.74
N PRO A 466 -25.60 -18.42 47.14
CA PRO A 466 -25.56 -17.96 48.53
C PRO A 466 -26.06 -19.02 49.51
N ARG A 467 -25.84 -18.77 50.80
CA ARG A 467 -26.36 -19.62 51.85
C ARG A 467 -27.80 -19.24 52.11
N ALA A 468 -28.02 -17.92 52.21
CA ALA A 468 -29.35 -17.41 52.49
C ALA A 468 -30.34 -17.69 51.36
N PRO A 469 -31.63 -17.85 51.69
CA PRO A 469 -32.66 -17.91 50.67
C PRO A 469 -32.85 -16.59 49.93
N ILE A 470 -33.24 -16.69 48.67
CA ILE A 470 -33.50 -15.54 47.84
C ILE A 470 -35.00 -15.41 47.71
N ILE A 471 -35.61 -14.46 48.43
CA ILE A 471 -37.04 -14.19 48.25
C ILE A 471 -37.22 -13.30 47.02
N ALA A 472 -37.69 -13.89 45.92
CA ALA A 472 -37.87 -13.17 44.66
C ALA A 472 -39.30 -12.66 44.53
N VAL A 473 -39.47 -11.35 44.59
CA VAL A 473 -40.78 -10.70 44.53
C VAL A 473 -41.08 -10.30 43.11
N THR A 474 -42.30 -10.58 42.65
CA THR A 474 -42.71 -10.26 41.29
C THR A 474 -44.22 -10.11 41.15
N ARG A 475 -44.62 -9.37 40.11
CA ARG A 475 -46.02 -9.29 39.70
C ARG A 475 -46.37 -10.22 38.54
N ASN A 476 -45.37 -10.66 37.77
CA ASN A 476 -45.57 -11.57 36.65
C ASN A 476 -45.73 -13.00 37.17
N PRO A 477 -46.91 -13.61 37.02
CA PRO A 477 -47.13 -14.93 37.62
C PRO A 477 -46.31 -16.05 36.99
N GLN A 478 -45.94 -15.93 35.71
CA GLN A 478 -45.14 -16.96 35.05
C GLN A 478 -43.72 -16.99 35.60
N THR A 479 -43.13 -15.82 35.84
CA THR A 479 -41.76 -15.74 36.34
C THR A 479 -41.68 -16.30 37.76
N ALA A 480 -42.75 -16.12 38.53
CA ALA A 480 -42.89 -16.74 39.84
C ALA A 480 -42.83 -18.26 39.77
N ARG A 481 -43.49 -18.84 38.77
CA ARG A 481 -43.46 -20.28 38.57
C ARG A 481 -42.11 -20.75 38.02
N GLN A 482 -41.61 -20.08 36.99
CA GLN A 482 -40.34 -20.47 36.36
C GLN A 482 -39.12 -20.36 37.28
N ALA A 483 -39.22 -19.54 38.32
CA ALA A 483 -38.14 -19.38 39.32
C ALA A 483 -37.78 -20.66 40.09
N HIS A 484 -38.71 -21.60 40.25
CA HIS A 484 -38.44 -22.84 41.04
C HIS A 484 -37.31 -23.72 40.49
N LEU A 485 -37.10 -23.64 39.17
CA LEU A 485 -35.96 -24.26 38.49
C LEU A 485 -34.60 -23.91 39.12
N TYR A 486 -34.46 -22.66 39.57
CA TYR A 486 -33.23 -22.20 40.21
C TYR A 486 -33.20 -22.52 41.70
N ARG A 487 -32.00 -22.84 42.15
CA ARG A 487 -31.76 -23.28 43.50
C ARG A 487 -31.82 -22.09 44.42
N GLY A 488 -32.50 -22.25 45.56
CA GLY A 488 -32.50 -21.22 46.60
C GLY A 488 -33.34 -19.99 46.33
N ILE A 489 -34.05 -19.94 45.20
CA ILE A 489 -35.04 -18.92 44.97
C ILE A 489 -36.35 -19.38 45.59
N PHE A 490 -36.91 -18.52 46.44
CA PHE A 490 -38.26 -18.68 46.94
C PHE A 490 -39.14 -17.61 46.29
N PRO A 491 -39.86 -17.97 45.21
CA PRO A 491 -40.65 -16.98 44.51
C PRO A 491 -41.90 -16.66 45.30
N VAL A 492 -42.41 -15.46 45.11
CA VAL A 492 -43.58 -15.01 45.84
C VAL A 492 -44.31 -13.95 45.01
N LEU A 493 -45.62 -14.17 44.81
CA LEU A 493 -46.40 -13.38 43.87
C LEU A 493 -47.14 -12.25 44.58
N CYS A 494 -46.74 -11.02 44.23
CA CYS A 494 -47.36 -9.79 44.72
C CYS A 494 -48.47 -9.40 43.76
N LYS A 495 -49.71 -9.43 44.26
CA LYS A 495 -50.90 -9.08 43.49
C LYS A 495 -51.38 -7.66 43.76
N ASP A 496 -50.67 -6.91 44.63
CA ASP A 496 -50.99 -5.50 44.87
C ASP A 496 -50.86 -4.66 43.60
N PRO A 497 -51.66 -3.59 43.47
CA PRO A 497 -51.55 -2.74 42.29
C PRO A 497 -50.33 -1.85 42.39
N VAL A 498 -49.84 -1.39 41.23
CA VAL A 498 -48.61 -0.59 41.18
C VAL A 498 -48.87 0.79 41.76
N GLN A 499 -48.14 1.14 42.82
CA GLN A 499 -48.32 2.45 43.48
C GLN A 499 -47.70 3.52 42.59
N GLU A 500 -48.26 4.74 42.64
CA GLU A 500 -47.83 5.81 41.74
C GLU A 500 -46.43 6.28 42.07
N ALA A 501 -46.21 6.61 43.34
CA ALA A 501 -44.88 6.96 43.84
C ALA A 501 -44.01 5.70 43.80
N TRP A 502 -43.06 5.69 42.88
CA TRP A 502 -42.18 4.53 42.67
C TRP A 502 -41.53 4.03 43.96
N ALA A 503 -41.03 4.95 44.79
CA ALA A 503 -40.36 4.58 46.04
C ALA A 503 -41.25 3.82 47.03
N GLU A 504 -42.55 4.16 47.04
CA GLU A 504 -43.53 3.45 47.88
C GLU A 504 -43.88 2.06 47.34
N ASP A 505 -43.89 1.93 46.01
CA ASP A 505 -44.12 0.65 45.34
C ASP A 505 -43.02 -0.37 45.64
N VAL A 506 -41.79 0.14 45.77
CA VAL A 506 -40.66 -0.68 46.22
C VAL A 506 -40.87 -1.05 47.69
N ASP A 507 -41.01 -0.04 48.54
CA ASP A 507 -41.24 -0.26 49.99
C ASP A 507 -42.37 -1.25 50.29
N LEU A 508 -43.44 -1.19 49.48
CA LEU A 508 -44.55 -2.15 49.57
C LEU A 508 -44.08 -3.58 49.34
N ARG A 509 -43.48 -3.81 48.17
CA ARG A 509 -43.01 -5.14 47.77
C ARG A 509 -41.90 -5.69 48.67
N VAL A 510 -41.02 -4.81 49.14
CA VAL A 510 -39.97 -5.22 50.09
C VAL A 510 -40.64 -5.65 51.38
N ASN A 511 -41.54 -4.82 51.90
CA ASN A 511 -42.23 -5.12 53.16
C ASN A 511 -43.19 -6.33 53.02
N PHE A 512 -43.65 -6.60 51.80
CA PHE A 512 -44.38 -7.84 51.50
C PHE A 512 -43.50 -9.07 51.75
N ALA A 513 -42.29 -9.05 51.19
CA ALA A 513 -41.33 -10.14 51.36
C ALA A 513 -40.87 -10.30 52.79
N MET A 514 -40.77 -9.20 53.52
CA MET A 514 -40.40 -9.22 54.93
C MET A 514 -41.40 -10.06 55.71
N ASN A 515 -42.68 -9.84 55.42
CA ASN A 515 -43.75 -10.56 56.11
C ASN A 515 -43.78 -12.04 55.72
N VAL A 516 -43.50 -12.33 54.44
CA VAL A 516 -43.40 -13.72 53.95
C VAL A 516 -42.28 -14.41 54.71
N GLY A 517 -41.10 -13.80 54.68
CA GLY A 517 -39.91 -14.33 55.35
C GLY A 517 -40.05 -14.54 56.84
N LYS A 518 -40.77 -13.64 57.51
CA LYS A 518 -41.09 -13.83 58.93
C LYS A 518 -42.04 -15.00 59.15
N ALA A 519 -43.05 -15.13 58.28
CA ALA A 519 -44.01 -16.22 58.36
C ALA A 519 -43.36 -17.58 58.07
N ARG A 520 -42.55 -17.66 57.01
CA ARG A 520 -41.77 -18.87 56.71
C ARG A 520 -40.82 -19.24 57.85
N GLY A 521 -40.27 -18.23 58.52
CA GLY A 521 -39.30 -18.43 59.59
C GLY A 521 -37.87 -18.20 59.15
N PHE A 522 -37.66 -17.79 57.90
CA PHE A 522 -36.33 -17.47 57.38
C PHE A 522 -35.57 -16.48 58.28
N PHE A 523 -36.28 -15.47 58.79
CA PHE A 523 -35.70 -14.50 59.71
C PHE A 523 -36.74 -13.93 60.64
N LYS A 524 -36.31 -13.09 61.58
CA LYS A 524 -37.20 -12.49 62.55
C LYS A 524 -36.87 -11.02 62.79
N LYS A 525 -37.75 -10.37 63.55
CA LYS A 525 -37.55 -9.00 64.03
C LYS A 525 -36.12 -8.76 64.47
N GLY A 526 -35.45 -7.79 63.86
CA GLY A 526 -34.09 -7.39 64.25
C GLY A 526 -32.92 -8.05 63.54
N ASP A 527 -33.16 -9.07 62.72
CA ASP A 527 -32.11 -9.63 61.84
C ASP A 527 -31.85 -8.68 60.68
N VAL A 528 -30.87 -9.01 59.84
CA VAL A 528 -30.51 -8.20 58.67
C VAL A 528 -30.79 -8.96 57.39
N VAL A 529 -31.28 -8.25 56.37
CA VAL A 529 -31.47 -8.82 55.03
C VAL A 529 -30.98 -7.87 53.94
N ILE A 530 -30.59 -8.44 52.81
CA ILE A 530 -30.11 -7.68 51.67
C ILE A 530 -31.28 -7.49 50.71
N VAL A 531 -31.36 -6.33 50.06
CA VAL A 531 -32.49 -5.99 49.20
C VAL A 531 -32.02 -5.40 47.86
N LEU A 532 -32.30 -6.09 46.76
CA LEU A 532 -32.00 -5.60 45.40
C LEU A 532 -33.23 -4.99 44.71
N THR A 533 -33.07 -3.76 44.23
CA THR A 533 -34.16 -3.01 43.56
C THR A 533 -33.60 -2.26 42.33
N GLY A 534 -34.48 -1.55 41.63
CA GLY A 534 -34.07 -0.58 40.61
C GLY A 534 -33.90 0.78 41.27
N TRP A 535 -33.55 1.80 40.50
CA TRP A 535 -33.51 3.19 41.02
C TRP A 535 -34.51 4.09 40.29
N ARG A 536 -34.47 4.10 38.96
CA ARG A 536 -35.51 4.77 38.18
C ARG A 536 -36.47 3.66 37.75
N PRO A 537 -37.78 3.97 37.72
CA PRO A 537 -38.66 3.11 36.96
C PRO A 537 -38.45 3.49 35.49
N GLY A 538 -37.67 2.69 34.78
CA GLY A 538 -37.20 3.05 33.44
C GLY A 538 -35.75 2.64 33.21
N SER A 539 -34.93 2.69 34.27
CA SER A 539 -33.57 2.16 34.24
C SER A 539 -33.61 0.66 33.97
N GLY A 540 -32.82 0.20 33.00
CA GLY A 540 -32.81 -1.20 32.60
C GLY A 540 -32.36 -2.16 33.68
N PHE A 541 -31.48 -1.70 34.57
CA PHE A 541 -30.74 -2.57 35.49
C PHE A 541 -31.36 -2.64 36.91
N THR A 542 -31.25 -3.83 37.53
CA THR A 542 -31.45 -4.00 38.98
C THR A 542 -30.12 -3.73 39.67
N ASN A 543 -29.88 -2.45 39.95
CA ASN A 543 -28.57 -1.95 40.31
C ASN A 543 -28.44 -1.43 41.75
N THR A 544 -29.52 -1.46 42.53
CA THR A 544 -29.53 -0.81 43.85
C THR A 544 -29.63 -1.78 45.02
N MET A 545 -28.50 -2.01 45.69
CA MET A 545 -28.39 -2.91 46.84
C MET A 545 -28.44 -2.13 48.13
N ARG A 546 -29.18 -2.63 49.10
CA ARG A 546 -29.18 -2.04 50.43
C ARG A 546 -29.32 -3.07 51.53
N VAL A 547 -28.64 -2.81 52.64
CA VAL A 547 -28.64 -3.68 53.79
C VAL A 547 -29.66 -3.14 54.76
N VAL A 548 -30.70 -3.94 55.00
CA VAL A 548 -31.86 -3.52 55.76
C VAL A 548 -32.03 -4.40 56.99
N PRO A 549 -32.22 -3.77 58.17
CA PRO A 549 -32.63 -4.55 59.33
C PRO A 549 -34.14 -4.79 59.28
N VAL A 550 -34.55 -5.96 59.74
CA VAL A 550 -35.94 -6.41 59.62
C VAL A 550 -36.80 -5.65 60.63
N PRO A 551 -37.88 -5.02 60.15
CA PRO A 551 -38.79 -4.32 61.08
C PRO A 551 -39.61 -5.32 61.92
N ALA B 28 1.16 -61.50 34.33
CA ALA B 28 0.91 -60.26 35.12
C ALA B 28 -0.16 -60.48 36.22
N GLY B 29 -0.91 -59.44 36.59
CA GLY B 29 -2.31 -59.61 37.07
C GLY B 29 -3.17 -58.67 36.24
N THR B 30 -4.46 -58.54 36.57
CA THR B 30 -5.36 -57.59 35.87
C THR B 30 -5.18 -56.19 36.50
N ALA B 31 -5.29 -56.15 37.82
CA ALA B 31 -5.20 -54.92 38.61
C ALA B 31 -3.78 -54.47 38.96
N PHE B 32 -2.76 -55.24 38.61
CA PHE B 32 -1.39 -54.94 38.98
C PHE B 32 -0.80 -53.76 38.22
N ILE B 33 -1.02 -53.73 36.92
CA ILE B 33 -0.41 -52.71 36.04
C ILE B 33 -1.29 -51.44 35.97
N GLN B 34 -1.19 -50.59 37.00
CA GLN B 34 -1.90 -49.31 37.05
C GLN B 34 -0.99 -48.18 36.52
N THR B 35 -0.92 -48.01 35.20
CA THR B 35 -0.07 -46.96 34.59
C THR B 35 -0.71 -45.60 34.81
N GLN B 36 0.14 -44.60 35.04
CA GLN B 36 -0.32 -43.35 35.67
C GLN B 36 -0.52 -42.16 34.73
N GLN B 37 0.52 -41.78 34.00
CA GLN B 37 0.51 -40.53 33.21
C GLN B 37 0.31 -39.32 34.14
N LEU B 38 1.24 -39.23 35.09
CA LEU B 38 1.51 -38.01 35.87
C LEU B 38 1.80 -36.77 35.00
N HIS B 39 2.00 -35.64 35.65
CA HIS B 39 2.41 -34.37 35.04
C HIS B 39 1.28 -33.53 34.42
N ALA B 40 0.03 -33.99 34.53
CA ALA B 40 -1.13 -33.17 34.21
C ALA B 40 -1.32 -32.14 35.33
N ALA B 41 -1.19 -30.85 34.99
CA ALA B 41 -1.26 -29.76 35.98
C ALA B 41 -2.64 -29.69 36.61
N MET B 42 -2.70 -29.81 37.94
CA MET B 42 -3.97 -29.95 38.67
C MET B 42 -4.78 -28.65 38.63
N ALA B 43 -6.11 -28.79 38.59
CA ALA B 43 -7.01 -27.67 38.34
C ALA B 43 -6.97 -26.59 39.43
N ASP B 44 -7.41 -25.39 39.06
CA ASP B 44 -7.39 -24.20 39.90
C ASP B 44 -8.36 -24.31 41.08
N THR B 45 -9.60 -24.68 40.78
CA THR B 45 -10.69 -24.76 41.76
C THR B 45 -11.41 -26.09 41.64
N PHE B 46 -12.02 -26.53 42.74
CA PHE B 46 -12.74 -27.80 42.76
C PHE B 46 -13.89 -27.87 41.74
N LEU B 47 -14.58 -26.75 41.52
CA LEU B 47 -15.61 -26.64 40.50
C LEU B 47 -15.05 -26.89 39.11
N GLU B 48 -13.95 -26.23 38.82
CA GLU B 48 -13.29 -26.37 37.52
C GLU B 48 -12.84 -27.81 37.29
N HIS B 49 -12.41 -28.47 38.37
CA HIS B 49 -11.96 -29.86 38.32
C HIS B 49 -13.07 -30.85 37.96
N MET B 50 -14.26 -30.62 38.50
CA MET B 50 -15.45 -31.41 38.15
C MET B 50 -15.81 -31.18 36.69
N CYS B 51 -15.72 -29.94 36.24
CA CYS B 51 -16.05 -29.60 34.86
C CYS B 51 -15.12 -30.22 33.82
N ARG B 52 -13.90 -30.59 34.21
CA ARG B 52 -12.95 -31.25 33.32
C ARG B 52 -13.07 -32.78 33.24
N LEU B 53 -13.98 -33.39 34.00
CA LEU B 53 -14.16 -34.83 33.95
C LEU B 53 -14.72 -35.23 32.58
N ASP B 54 -13.91 -35.97 31.83
CA ASP B 54 -14.32 -36.60 30.58
C ASP B 54 -14.46 -38.10 30.84
N ILE B 55 -15.68 -38.62 30.69
CA ILE B 55 -15.91 -40.05 30.90
C ILE B 55 -15.26 -40.93 29.83
N ASP B 56 -15.06 -40.36 28.63
CA ASP B 56 -14.47 -41.09 27.50
C ASP B 56 -12.97 -41.39 27.60
N SER B 57 -12.22 -40.60 28.35
CA SER B 57 -10.76 -40.85 28.51
C SER B 57 -10.51 -41.81 29.70
N PRO B 58 -9.40 -42.56 29.64
CA PRO B 58 -9.12 -43.58 30.66
C PRO B 58 -8.52 -42.93 31.91
N PRO B 59 -8.56 -43.63 33.06
CA PRO B 59 -8.15 -42.99 34.32
C PRO B 59 -6.64 -42.84 34.39
N ILE B 60 -6.20 -41.71 34.93
CA ILE B 60 -4.79 -41.29 34.85
C ILE B 60 -4.18 -41.30 36.24
N THR B 61 -4.42 -42.37 36.97
CA THR B 61 -4.07 -42.41 38.38
C THR B 61 -4.22 -43.82 38.92
N ALA B 62 -3.30 -44.20 39.80
CA ALA B 62 -3.36 -45.51 40.46
C ALA B 62 -4.58 -45.56 41.37
N ARG B 63 -5.24 -46.70 41.41
CA ARG B 63 -6.32 -46.94 42.36
C ARG B 63 -5.72 -47.00 43.77
N ASN B 64 -5.97 -45.96 44.57
CA ASN B 64 -5.36 -45.80 45.89
C ASN B 64 -6.22 -46.36 47.03
N THR B 65 -7.51 -46.57 46.81
CA THR B 65 -8.42 -47.06 47.85
C THR B 65 -8.38 -48.59 47.97
N GLY B 66 -7.89 -49.10 49.10
CA GLY B 66 -7.78 -50.56 49.35
C GLY B 66 -9.08 -51.34 49.18
N ILE B 67 -8.96 -52.64 48.92
CA ILE B 67 -10.10 -53.54 48.66
C ILE B 67 -10.07 -54.75 49.58
N ILE B 68 -11.04 -54.82 50.49
CA ILE B 68 -11.19 -55.93 51.42
C ILE B 68 -12.31 -56.85 50.92
N CYS B 69 -11.97 -58.10 50.61
CA CYS B 69 -12.94 -59.10 50.20
C CYS B 69 -13.18 -60.10 51.32
N THR B 70 -14.45 -60.40 51.57
CA THR B 70 -14.84 -61.41 52.54
C THR B 70 -14.73 -62.76 51.85
N ILE B 71 -13.96 -63.67 52.47
CA ILE B 71 -13.78 -65.02 51.96
C ILE B 71 -14.82 -65.93 52.59
N GLY B 72 -15.38 -66.81 51.78
CA GLY B 72 -16.40 -67.77 52.20
C GLY B 72 -16.50 -68.91 51.20
N PRO B 73 -17.63 -69.66 51.23
CA PRO B 73 -17.89 -70.79 50.33
C PRO B 73 -17.45 -70.65 48.86
N ALA B 74 -17.79 -69.53 48.21
CA ALA B 74 -17.54 -69.36 46.77
C ALA B 74 -16.09 -68.98 46.40
N SER B 75 -15.32 -68.51 47.37
CA SER B 75 -13.97 -67.98 47.15
C SER B 75 -12.88 -68.60 48.04
N ARG B 76 -13.20 -69.72 48.69
CA ARG B 76 -12.35 -70.29 49.74
C ARG B 76 -11.11 -70.97 49.15
N SER B 77 -11.23 -71.49 47.93
CA SER B 77 -10.21 -72.35 47.33
C SER B 77 -8.96 -71.60 46.96
N VAL B 78 -7.84 -72.31 46.93
CA VAL B 78 -6.54 -71.72 46.60
C VAL B 78 -6.53 -71.16 45.16
N GLU B 79 -7.26 -71.79 44.26
CA GLU B 79 -7.28 -71.35 42.85
C GLU B 79 -8.12 -70.08 42.64
N THR B 80 -9.25 -69.96 43.34
CA THR B 80 -10.08 -68.74 43.28
C THR B 80 -9.30 -67.53 43.83
N LEU B 81 -8.68 -67.72 45.00
CA LEU B 81 -7.94 -66.65 45.67
C LEU B 81 -6.81 -66.10 44.83
N LYS B 82 -6.07 -66.97 44.15
CA LYS B 82 -5.00 -66.52 43.25
C LYS B 82 -5.49 -65.50 42.23
N GLU B 83 -6.64 -65.76 41.63
CA GLU B 83 -7.22 -64.82 40.66
C GLU B 83 -7.75 -63.55 41.30
N MET B 84 -8.28 -63.65 42.52
CA MET B 84 -8.74 -62.47 43.28
C MET B 84 -7.61 -61.53 43.69
N ILE B 85 -6.48 -62.10 44.12
CA ILE B 85 -5.28 -61.31 44.45
C ILE B 85 -4.76 -60.61 43.19
N LYS B 86 -4.75 -61.34 42.08
CA LYS B 86 -4.40 -60.78 40.77
C LYS B 86 -5.30 -59.63 40.35
N SER B 87 -6.60 -59.75 40.62
CA SER B 87 -7.57 -58.71 40.25
C SER B 87 -7.73 -57.59 41.28
N GLY B 88 -6.92 -57.62 42.35
CA GLY B 88 -6.76 -56.48 43.24
C GLY B 88 -7.25 -56.62 44.67
N MET B 89 -7.37 -57.84 45.17
CA MET B 89 -7.65 -58.05 46.59
C MET B 89 -6.42 -57.64 47.40
N ASN B 90 -6.69 -57.07 48.57
CA ASN B 90 -5.66 -56.60 49.48
C ASN B 90 -5.80 -57.21 50.87
N VAL B 91 -7.03 -57.26 51.38
CA VAL B 91 -7.32 -57.88 52.68
C VAL B 91 -8.36 -58.99 52.50
N ALA B 92 -8.15 -60.10 53.20
CA ALA B 92 -9.09 -61.20 53.23
C ALA B 92 -9.79 -61.18 54.59
N ARG B 93 -11.10 -60.90 54.59
CA ARG B 93 -11.91 -60.96 55.80
C ARG B 93 -12.48 -62.35 56.01
N LEU B 94 -12.52 -62.76 57.28
CA LEU B 94 -13.18 -64.01 57.69
C LEU B 94 -14.28 -63.64 58.67
N ASN B 95 -15.49 -64.14 58.42
CA ASN B 95 -16.66 -63.79 59.23
C ASN B 95 -16.90 -64.85 60.30
N PHE B 96 -16.57 -64.53 61.57
CA PHE B 96 -16.70 -65.49 62.69
C PHE B 96 -18.10 -65.57 63.33
N SER B 97 -19.08 -64.89 62.73
CA SER B 97 -20.50 -65.13 63.04
C SER B 97 -20.90 -66.56 62.67
N HIS B 98 -20.27 -67.10 61.61
CA HIS B 98 -20.53 -68.45 61.12
C HIS B 98 -19.23 -69.24 60.98
N GLY B 99 -19.32 -70.57 61.06
CA GLY B 99 -18.18 -71.47 60.86
C GLY B 99 -17.43 -71.80 62.14
N THR B 100 -16.66 -72.89 62.11
CA THR B 100 -15.86 -73.36 63.25
C THR B 100 -14.40 -72.89 63.16
N HIS B 101 -13.64 -73.12 64.23
CA HIS B 101 -12.22 -72.75 64.26
C HIS B 101 -11.37 -73.59 63.31
N GLU B 102 -11.73 -74.86 63.15
CA GLU B 102 -11.08 -75.76 62.20
C GLU B 102 -11.33 -75.31 60.77
N TYR B 103 -12.56 -74.87 60.50
CA TYR B 103 -12.99 -74.43 59.17
C TYR B 103 -12.20 -73.20 58.74
N HIS B 104 -12.17 -72.18 59.61
CA HIS B 104 -11.47 -70.92 59.32
C HIS B 104 -9.94 -71.04 59.31
N ALA B 105 -9.40 -72.01 60.04
CA ALA B 105 -7.95 -72.27 60.01
C ALA B 105 -7.49 -72.64 58.60
N GLU B 106 -8.33 -73.40 57.88
CA GLU B 106 -8.05 -73.82 56.52
C GLU B 106 -8.35 -72.70 55.50
N THR B 107 -9.35 -71.88 55.77
CA THR B 107 -9.61 -70.68 54.95
C THR B 107 -8.36 -69.77 54.95
N ILE B 108 -7.75 -69.59 56.13
CA ILE B 108 -6.50 -68.84 56.28
C ILE B 108 -5.34 -69.50 55.55
N LYS B 109 -5.18 -70.81 55.73
CA LYS B 109 -4.11 -71.57 55.07
C LYS B 109 -4.16 -71.42 53.55
N ASN B 110 -5.37 -71.40 52.99
CA ASN B 110 -5.57 -71.21 51.55
C ASN B 110 -5.20 -69.80 51.08
N VAL B 111 -5.55 -68.79 51.87
CA VAL B 111 -5.17 -67.41 51.57
C VAL B 111 -3.64 -67.36 51.51
N ARG B 112 -2.98 -67.86 52.55
CA ARG B 112 -1.52 -67.81 52.62
C ARG B 112 -0.80 -68.61 51.53
N THR B 113 -1.39 -69.71 51.08
CA THR B 113 -0.84 -70.49 49.96
C THR B 113 -0.94 -69.69 48.66
N ALA B 114 -2.11 -69.12 48.41
CA ALA B 114 -2.36 -68.32 47.20
C ALA B 114 -1.47 -67.08 47.16
N THR B 115 -1.38 -66.37 48.29
CA THR B 115 -0.54 -65.18 48.43
C THR B 115 0.92 -65.47 48.10
N GLU B 116 1.43 -66.52 48.75
CA GLU B 116 2.83 -66.95 48.58
C GLU B 116 3.15 -67.56 47.21
N SER B 117 2.15 -67.93 46.41
CA SER B 117 2.38 -68.40 45.04
C SER B 117 3.16 -67.41 44.17
N PHE B 118 2.98 -66.11 44.43
CA PHE B 118 3.67 -65.05 43.68
C PHE B 118 5.05 -64.65 44.29
N ALA B 119 5.43 -65.26 45.40
CA ALA B 119 6.62 -64.85 46.16
C ALA B 119 7.95 -65.06 45.45
N SER B 120 8.00 -65.95 44.45
CA SER B 120 9.25 -66.24 43.72
C SER B 120 9.79 -65.09 42.85
N ASP B 121 8.98 -64.04 42.65
CA ASP B 121 9.44 -62.77 42.06
C ASP B 121 9.03 -61.62 43.00
N PRO B 122 9.99 -61.08 43.80
CA PRO B 122 9.60 -60.07 44.82
C PRO B 122 9.00 -58.76 44.29
N ILE B 123 9.24 -58.46 43.01
CA ILE B 123 8.61 -57.31 42.31
C ILE B 123 7.09 -57.50 42.14
N LEU B 124 6.66 -58.71 41.77
CA LEU B 124 5.24 -59.01 41.58
C LEU B 124 4.52 -59.48 42.85
N TYR B 125 5.24 -59.62 43.96
CA TYR B 125 4.65 -60.08 45.22
C TYR B 125 3.86 -58.96 45.85
N ARG B 126 2.53 -59.06 45.73
CA ARG B 126 1.62 -58.24 46.50
C ARG B 126 1.38 -58.96 47.82
N PRO B 127 1.62 -58.29 48.97
CA PRO B 127 1.14 -58.87 50.23
C PRO B 127 -0.38 -58.78 50.36
N VAL B 128 -0.91 -59.63 51.23
CA VAL B 128 -2.34 -59.77 51.47
C VAL B 128 -2.58 -59.98 52.96
N ALA B 129 -3.45 -59.16 53.54
CA ALA B 129 -3.74 -59.19 54.96
C ALA B 129 -4.86 -60.17 55.29
N VAL B 130 -4.92 -60.57 56.56
CA VAL B 130 -5.97 -61.44 57.09
C VAL B 130 -6.72 -60.67 58.17
N ALA B 131 -8.04 -60.57 58.03
CA ALA B 131 -8.89 -59.86 58.99
C ALA B 131 -9.83 -60.85 59.65
N LEU B 132 -10.02 -60.68 60.95
CA LEU B 132 -10.90 -61.52 61.73
C LEU B 132 -12.06 -60.67 62.24
N ASP B 133 -13.24 -60.89 61.67
CA ASP B 133 -14.44 -60.13 62.05
C ASP B 133 -15.19 -60.89 63.12
N THR B 134 -15.31 -60.31 64.31
CA THR B 134 -15.99 -60.97 65.42
C THR B 134 -17.51 -61.14 65.16
N LYS B 135 -18.09 -62.10 65.88
CA LYS B 135 -19.54 -62.30 65.91
C LYS B 135 -20.19 -61.11 66.59
N GLY B 136 -19.70 -60.84 67.80
CA GLY B 136 -20.06 -59.67 68.58
C GLY B 136 -21.12 -60.03 69.58
N PRO B 137 -21.71 -59.01 70.21
CA PRO B 137 -23.01 -59.16 70.86
C PRO B 137 -24.14 -58.98 69.86
N GLU B 138 -25.16 -59.82 69.98
CA GLU B 138 -26.31 -59.86 69.07
C GLU B 138 -27.55 -60.25 69.80
N ILE B 139 -28.67 -60.04 69.12
CA ILE B 139 -29.97 -60.45 69.60
C ILE B 139 -30.50 -61.35 68.49
N ARG B 140 -30.53 -62.65 68.76
CA ARG B 140 -31.06 -63.65 67.81
C ARG B 140 -32.40 -64.23 68.27
N THR B 141 -33.29 -64.49 67.30
CA THR B 141 -34.60 -65.09 67.59
C THR B 141 -34.49 -66.60 67.73
N GLY B 142 -35.61 -67.24 68.05
CA GLY B 142 -35.68 -68.68 68.20
C GLY B 142 -35.87 -69.42 66.89
N LEU B 143 -35.96 -70.75 67.03
CA LEU B 143 -36.15 -71.68 65.92
C LEU B 143 -37.66 -71.74 65.62
N ILE B 144 -38.03 -71.48 64.36
CA ILE B 144 -39.45 -71.44 63.96
C ILE B 144 -40.04 -72.84 64.03
N LYS B 145 -41.27 -72.92 64.52
CA LYS B 145 -42.00 -74.17 64.76
C LYS B 145 -41.57 -75.44 64.08
N GLY B 146 -42.19 -76.07 63.04
CA GLY B 146 -41.75 -77.35 62.59
C GLY B 146 -40.47 -77.42 61.82
N SER B 147 -39.35 -76.92 62.38
CA SER B 147 -37.92 -77.29 62.06
C SER B 147 -37.07 -76.16 61.50
N GLY B 148 -36.02 -75.75 62.19
CA GLY B 148 -34.90 -74.96 61.70
C GLY B 148 -34.90 -74.14 60.43
N THR B 149 -35.61 -74.53 59.38
CA THR B 149 -35.64 -73.85 58.07
C THR B 149 -37.01 -73.26 57.63
N ALA B 150 -38.13 -73.66 58.27
CA ALA B 150 -39.45 -73.27 57.91
C ALA B 150 -39.67 -71.82 58.33
N GLU B 151 -40.27 -71.05 57.43
CA GLU B 151 -40.58 -69.63 57.65
C GLU B 151 -42.05 -69.44 58.08
N VAL B 152 -42.44 -68.19 58.35
CA VAL B 152 -43.84 -67.83 58.64
C VAL B 152 -44.14 -66.40 58.20
N GLU B 153 -45.36 -66.17 57.69
CA GLU B 153 -45.74 -64.83 57.23
C GLU B 153 -46.25 -63.97 58.38
N LEU B 154 -45.48 -62.94 58.71
CA LEU B 154 -45.96 -61.82 59.55
C LEU B 154 -46.57 -60.83 58.59
N LYS B 155 -47.86 -60.54 58.73
CA LYS B 155 -48.54 -59.59 57.87
C LYS B 155 -48.76 -58.25 58.55
N LYS B 156 -48.94 -57.23 57.72
CA LYS B 156 -48.94 -55.81 58.15
C LYS B 156 -50.13 -55.48 59.05
N GLY B 157 -49.87 -55.28 60.33
CA GLY B 157 -50.90 -54.95 61.30
C GLY B 157 -51.22 -56.03 62.32
N ALA B 158 -50.77 -57.27 62.07
CA ALA B 158 -50.96 -58.38 63.02
C ALA B 158 -50.19 -58.17 64.32
N THR B 159 -50.74 -58.66 65.43
CA THR B 159 -50.06 -58.61 66.73
C THR B 159 -49.08 -59.78 66.84
N LEU B 160 -47.90 -59.47 67.37
CA LEU B 160 -46.84 -60.44 67.58
C LEU B 160 -46.29 -60.26 68.99
N LYS B 161 -46.29 -61.34 69.76
CA LYS B 161 -45.80 -61.33 71.14
C LYS B 161 -44.33 -61.71 71.13
N ILE B 162 -43.51 -60.91 71.82
CA ILE B 162 -42.10 -61.25 72.02
C ILE B 162 -41.95 -61.75 73.44
N THR B 163 -41.19 -62.82 73.63
CA THR B 163 -41.07 -63.48 74.94
C THR B 163 -39.63 -63.83 75.28
N LEU B 164 -39.30 -63.78 76.57
CA LEU B 164 -38.00 -64.20 77.09
C LEU B 164 -38.04 -65.58 77.76
N ASP B 165 -39.22 -66.19 77.81
CA ASP B 165 -39.42 -67.52 78.37
C ASP B 165 -38.82 -68.58 77.45
N ASN B 166 -37.86 -69.34 77.95
CA ASN B 166 -37.13 -70.34 77.15
C ASN B 166 -37.97 -71.53 76.67
N ALA B 167 -39.16 -71.73 77.23
CA ALA B 167 -40.10 -72.74 76.73
C ALA B 167 -40.48 -72.54 75.26
N TYR B 168 -40.55 -71.28 74.82
CA TYR B 168 -40.90 -70.98 73.43
C TYR B 168 -39.71 -70.91 72.45
N MET B 169 -38.49 -71.19 72.92
CA MET B 169 -37.28 -70.93 72.10
C MET B 169 -37.12 -71.80 70.85
N GLU B 170 -37.88 -72.90 70.76
CA GLU B 170 -37.97 -73.67 69.50
C GLU B 170 -39.42 -73.81 69.04
N LYS B 171 -40.25 -72.82 69.39
CA LYS B 171 -41.68 -72.82 69.11
C LYS B 171 -42.15 -71.42 68.66
N CYS B 172 -41.33 -70.76 67.84
CA CYS B 172 -41.68 -69.45 67.29
C CYS B 172 -42.65 -69.62 66.11
N ASP B 173 -43.55 -68.66 65.95
CA ASP B 173 -44.55 -68.71 64.86
C ASP B 173 -45.08 -67.29 64.56
N GLU B 174 -46.24 -67.19 63.91
CA GLU B 174 -46.89 -65.90 63.62
C GLU B 174 -47.27 -65.09 64.88
N ASN B 175 -47.56 -65.80 65.99
CA ASN B 175 -48.11 -65.19 67.20
C ASN B 175 -47.04 -64.88 68.25
N ILE B 176 -46.20 -65.87 68.55
CA ILE B 176 -45.13 -65.71 69.54
C ILE B 176 -43.74 -65.83 68.94
N LEU B 177 -42.80 -65.03 69.48
CA LEU B 177 -41.41 -64.98 69.04
C LEU B 177 -40.50 -64.94 70.25
N TRP B 178 -39.56 -65.88 70.32
CA TRP B 178 -38.50 -65.84 71.33
C TRP B 178 -37.31 -64.99 70.85
N LEU B 179 -36.53 -64.48 71.82
CA LEU B 179 -35.19 -63.98 71.57
C LEU B 179 -34.34 -64.02 72.84
N ASP B 180 -33.02 -64.07 72.65
CA ASP B 180 -32.08 -64.40 73.74
C ASP B 180 -31.74 -63.26 74.70
N TYR B 181 -31.80 -62.01 74.22
CA TYR B 181 -31.39 -60.85 75.02
C TYR B 181 -32.35 -60.59 76.19
N LYS B 182 -31.94 -60.98 77.39
CA LYS B 182 -32.84 -61.07 78.56
C LYS B 182 -33.28 -59.73 79.14
N ASN B 183 -32.51 -58.67 78.89
CA ASN B 183 -32.86 -57.32 79.37
C ASN B 183 -33.58 -56.47 78.32
N ILE B 184 -34.17 -57.10 77.31
CA ILE B 184 -34.85 -56.36 76.22
C ILE B 184 -36.01 -55.50 76.75
N CYS B 185 -36.68 -55.96 77.82
CA CYS B 185 -37.76 -55.20 78.44
C CYS B 185 -37.29 -53.90 79.09
N LYS B 186 -36.05 -53.88 79.56
CA LYS B 186 -35.49 -52.73 80.27
C LYS B 186 -35.02 -51.59 79.37
N VAL B 187 -34.42 -51.91 78.23
CA VAL B 187 -33.93 -50.87 77.29
C VAL B 187 -34.97 -50.36 76.29
N VAL B 188 -36.13 -50.98 76.21
CA VAL B 188 -37.20 -50.62 75.27
C VAL B 188 -38.35 -50.00 76.05
N GLU B 189 -38.99 -48.98 75.47
CA GLU B 189 -40.23 -48.40 76.04
C GLU B 189 -41.39 -48.68 75.08
N VAL B 190 -42.59 -48.26 75.46
CA VAL B 190 -43.76 -48.32 74.57
C VAL B 190 -43.52 -47.39 73.37
N GLY B 191 -43.77 -47.90 72.16
CA GLY B 191 -43.63 -47.11 70.92
C GLY B 191 -42.29 -47.27 70.20
N SER B 192 -41.30 -47.92 70.83
CA SER B 192 -40.00 -48.19 70.20
C SER B 192 -40.16 -49.21 69.08
N LYS B 193 -39.22 -49.16 68.12
CA LYS B 193 -39.19 -50.12 67.03
C LYS B 193 -38.26 -51.29 67.32
N ILE B 194 -38.53 -52.41 66.67
CA ILE B 194 -37.68 -53.61 66.73
C ILE B 194 -37.54 -54.17 65.32
N TYR B 195 -36.36 -54.00 64.72
CA TYR B 195 -36.08 -54.47 63.37
C TYR B 195 -35.55 -55.90 63.44
N VAL B 196 -36.13 -56.80 62.63
CA VAL B 196 -35.83 -58.23 62.67
C VAL B 196 -35.42 -58.73 61.28
N ASP B 197 -34.37 -59.56 61.26
CA ASP B 197 -33.78 -60.10 60.02
C ASP B 197 -33.16 -58.98 59.18
N ASP B 198 -32.25 -58.25 59.82
CA ASP B 198 -31.54 -57.13 59.18
C ASP B 198 -32.51 -56.15 58.54
N GLY B 199 -33.51 -55.76 59.31
CA GLY B 199 -34.50 -54.76 58.88
C GLY B 199 -35.45 -55.15 57.75
N LEU B 200 -35.66 -56.45 57.52
CA LEU B 200 -36.72 -56.90 56.61
C LEU B 200 -38.09 -56.69 57.26
N ILE B 201 -38.20 -57.05 58.54
CA ILE B 201 -39.44 -56.90 59.31
C ILE B 201 -39.23 -55.85 60.39
N SER B 202 -40.23 -55.00 60.63
CA SER B 202 -40.17 -54.01 61.70
C SER B 202 -41.45 -54.05 62.55
N LEU B 203 -41.28 -53.96 63.87
CA LEU B 203 -42.36 -54.10 64.84
C LEU B 203 -42.38 -52.88 65.78
N GLN B 204 -43.57 -52.37 66.09
CA GLN B 204 -43.73 -51.28 67.07
C GLN B 204 -44.31 -51.85 68.36
N VAL B 205 -43.67 -51.55 69.50
CA VAL B 205 -44.12 -52.02 70.81
C VAL B 205 -45.37 -51.28 71.25
N LYS B 206 -46.42 -52.03 71.61
CA LYS B 206 -47.65 -51.47 72.18
C LYS B 206 -47.60 -51.51 73.71
N GLN B 207 -47.31 -52.68 74.26
CA GLN B 207 -47.33 -52.89 75.71
C GLN B 207 -46.04 -53.54 76.20
N LYS B 208 -45.44 -52.92 77.22
CA LYS B 208 -44.33 -53.54 77.95
C LYS B 208 -44.87 -54.62 78.88
N GLY B 209 -43.96 -55.34 79.54
CA GLY B 209 -44.35 -56.39 80.46
C GLY B 209 -43.24 -56.81 81.39
N ALA B 210 -43.50 -57.86 82.15
CA ALA B 210 -42.53 -58.42 83.08
C ALA B 210 -41.38 -59.05 82.30
N ASP B 211 -41.72 -60.05 81.48
CA ASP B 211 -40.76 -60.73 80.62
C ASP B 211 -41.33 -60.94 79.21
N PHE B 212 -42.01 -59.91 78.71
CA PHE B 212 -42.63 -59.96 77.37
C PHE B 212 -42.93 -58.58 76.80
N LEU B 213 -43.17 -58.55 75.50
CA LEU B 213 -43.64 -57.37 74.79
C LEU B 213 -44.80 -57.77 73.85
N VAL B 214 -45.73 -56.85 73.63
CA VAL B 214 -46.76 -57.01 72.63
C VAL B 214 -46.51 -55.96 71.57
N THR B 215 -46.25 -56.42 70.34
CA THR B 215 -45.91 -55.55 69.23
C THR B 215 -46.94 -55.59 68.11
N GLU B 216 -46.89 -54.59 67.23
CA GLU B 216 -47.69 -54.57 66.01
C GLU B 216 -46.75 -54.59 64.82
N VAL B 217 -46.98 -55.51 63.90
CA VAL B 217 -46.19 -55.63 62.68
C VAL B 217 -46.46 -54.41 61.79
N GLU B 218 -45.39 -53.81 61.27
CA GLU B 218 -45.48 -52.66 60.36
C GLU B 218 -45.03 -53.03 58.96
N ASN B 219 -43.81 -53.55 58.83
CA ASN B 219 -43.33 -54.15 57.58
C ASN B 219 -43.46 -55.66 57.67
N GLY B 220 -44.26 -56.25 56.78
CA GLY B 220 -44.41 -57.70 56.73
C GLY B 220 -43.18 -58.38 56.13
N GLY B 221 -43.20 -59.71 56.13
CA GLY B 221 -42.10 -60.48 55.55
C GLY B 221 -42.11 -61.93 55.98
N SER B 222 -41.17 -62.70 55.41
CA SER B 222 -40.94 -64.08 55.81
C SER B 222 -39.92 -64.14 56.96
N LEU B 223 -40.42 -64.32 58.17
CA LEU B 223 -39.59 -64.50 59.37
C LEU B 223 -39.05 -65.92 59.42
N GLY B 224 -37.75 -66.07 59.65
CA GLY B 224 -37.12 -67.39 59.76
C GLY B 224 -36.56 -67.68 61.14
N SER B 225 -35.66 -68.67 61.19
CA SER B 225 -35.05 -69.11 62.45
C SER B 225 -33.75 -68.37 62.71
N LYS B 226 -33.48 -68.07 63.99
CA LYS B 226 -32.25 -67.38 64.41
C LYS B 226 -31.88 -66.17 63.54
N LYS B 227 -32.68 -65.11 63.63
CA LYS B 227 -32.46 -63.88 62.85
C LYS B 227 -31.96 -62.71 63.70
N GLY B 228 -31.22 -61.81 63.08
CA GLY B 228 -30.65 -60.65 63.77
C GLY B 228 -31.70 -59.62 64.10
N VAL B 229 -31.80 -59.28 65.39
CA VAL B 229 -32.71 -58.25 65.87
C VAL B 229 -31.93 -57.00 66.27
N ASN B 230 -32.47 -55.83 65.93
CA ASN B 230 -31.88 -54.53 66.28
C ASN B 230 -32.90 -53.70 67.04
N LEU B 231 -32.42 -52.79 67.87
CA LEU B 231 -33.25 -52.01 68.77
C LEU B 231 -33.01 -50.53 68.67
N PRO B 232 -33.58 -49.90 67.62
CA PRO B 232 -33.39 -48.45 67.34
C PRO B 232 -33.19 -47.55 68.51
N GLY B 233 -32.01 -46.93 68.61
CA GLY B 233 -31.67 -45.97 69.69
C GLY B 233 -31.90 -46.49 71.09
N ALA B 234 -31.40 -47.69 71.37
CA ALA B 234 -31.47 -48.27 72.72
C ALA B 234 -30.06 -48.50 73.23
N ALA B 235 -29.85 -48.22 74.51
CA ALA B 235 -28.57 -48.48 75.18
C ALA B 235 -28.47 -49.99 75.39
N VAL B 236 -28.00 -50.68 74.31
CA VAL B 236 -27.94 -52.16 74.35
C VAL B 236 -26.78 -52.56 75.25
N ASP B 237 -27.09 -53.15 76.41
CA ASP B 237 -26.10 -53.38 77.47
C ASP B 237 -25.53 -54.80 77.55
N LEU B 238 -25.32 -55.40 76.39
CA LEU B 238 -24.68 -56.73 76.31
C LEU B 238 -23.20 -56.62 76.60
N PRO B 239 -22.54 -57.75 76.84
CA PRO B 239 -21.06 -57.72 76.98
C PRO B 239 -20.37 -57.32 75.67
N ALA B 240 -19.35 -56.48 75.76
CA ALA B 240 -18.57 -56.03 74.61
C ALA B 240 -17.96 -57.20 73.86
N VAL B 241 -17.35 -58.11 74.62
CA VAL B 241 -16.78 -59.32 74.08
C VAL B 241 -17.56 -60.48 74.65
N SER B 242 -18.37 -61.14 73.82
CA SER B 242 -19.08 -62.36 74.25
C SER B 242 -18.07 -63.48 74.51
N GLU B 243 -18.47 -64.49 75.28
CA GLU B 243 -17.54 -65.58 75.63
C GLU B 243 -17.07 -66.39 74.41
N LYS B 244 -17.93 -66.46 73.38
CA LYS B 244 -17.55 -67.03 72.07
C LYS B 244 -16.41 -66.24 71.44
N ASP B 245 -16.53 -64.92 71.48
CA ASP B 245 -15.51 -64.02 70.91
C ASP B 245 -14.18 -64.04 71.65
N ILE B 246 -14.20 -64.29 72.96
CA ILE B 246 -12.94 -64.38 73.73
C ILE B 246 -12.11 -65.57 73.22
N GLN B 247 -12.76 -66.62 72.75
CA GLN B 247 -12.07 -67.74 72.09
C GLN B 247 -11.67 -67.41 70.64
N ASP B 248 -12.56 -66.72 69.91
CA ASP B 248 -12.26 -66.29 68.53
C ASP B 248 -11.06 -65.35 68.43
N LEU B 249 -10.93 -64.43 69.40
CA LEU B 249 -9.81 -63.48 69.44
C LEU B 249 -8.48 -64.14 69.81
N LYS B 250 -8.52 -65.17 70.67
CA LYS B 250 -7.31 -65.94 70.98
C LYS B 250 -6.88 -66.79 69.79
N PHE B 251 -7.86 -67.32 69.05
CA PHE B 251 -7.61 -68.04 67.79
C PHE B 251 -6.96 -67.15 66.74
N GLY B 252 -7.39 -65.89 66.69
CA GLY B 252 -6.79 -64.88 65.82
C GLY B 252 -5.32 -64.63 66.15
N VAL B 253 -5.05 -64.42 67.43
CA VAL B 253 -3.67 -64.21 67.92
C VAL B 253 -2.82 -65.45 67.62
N GLU B 254 -3.39 -66.61 67.87
CA GLU B 254 -2.74 -67.91 67.62
C GLU B 254 -2.45 -68.14 66.12
N GLN B 255 -3.36 -67.71 65.24
CA GLN B 255 -3.17 -67.81 63.78
C GLN B 255 -2.37 -66.65 63.15
N ASP B 256 -1.91 -65.69 63.98
CA ASP B 256 -1.25 -64.46 63.52
C ASP B 256 -2.04 -63.73 62.43
N VAL B 257 -3.25 -63.30 62.79
CA VAL B 257 -3.98 -62.35 61.97
C VAL B 257 -3.30 -60.98 62.08
N ASP B 258 -3.63 -60.13 61.13
CA ASP B 258 -3.05 -58.79 61.00
C ASP B 258 -3.98 -57.71 61.57
N MET B 259 -5.29 -57.94 61.51
CA MET B 259 -6.26 -57.00 62.07
C MET B 259 -7.53 -57.71 62.54
N VAL B 260 -8.27 -57.03 63.40
CA VAL B 260 -9.52 -57.53 63.97
C VAL B 260 -10.60 -56.48 63.76
N PHE B 261 -11.70 -56.88 63.10
CA PHE B 261 -12.87 -56.00 62.95
C PHE B 261 -13.85 -56.28 64.10
N ALA B 262 -13.72 -55.52 65.19
CA ALA B 262 -14.56 -55.70 66.39
C ALA B 262 -15.98 -55.20 66.15
N SER B 263 -16.97 -56.06 66.37
CA SER B 263 -18.36 -55.76 66.02
C SER B 263 -19.12 -55.01 67.12
N PHE B 264 -20.17 -54.31 66.71
CA PHE B 264 -21.15 -53.62 67.57
C PHE B 264 -20.49 -52.85 68.73
N ILE B 265 -19.58 -51.95 68.36
CA ILE B 265 -18.89 -51.10 69.34
C ILE B 265 -19.80 -49.93 69.69
N ARG B 266 -19.99 -49.75 71.00
CA ARG B 266 -20.85 -48.72 71.55
C ARG B 266 -20.10 -47.61 72.28
N LYS B 267 -18.90 -47.91 72.77
CA LYS B 267 -18.20 -47.00 73.68
C LYS B 267 -16.74 -47.38 73.85
N ALA B 268 -15.97 -46.46 74.44
CA ALA B 268 -14.52 -46.61 74.55
C ALA B 268 -14.12 -47.93 75.21
N SER B 269 -14.78 -48.23 76.33
CA SER B 269 -14.46 -49.43 77.12
C SER B 269 -14.70 -50.76 76.37
N ASP B 270 -15.59 -50.75 75.37
CA ASP B 270 -15.78 -51.93 74.51
C ASP B 270 -14.49 -52.23 73.74
N VAL B 271 -13.87 -51.19 73.19
CA VAL B 271 -12.63 -51.35 72.44
C VAL B 271 -11.49 -51.75 73.37
N HIS B 272 -11.43 -51.13 74.55
CA HIS B 272 -10.42 -51.45 75.55
C HIS B 272 -10.43 -52.93 75.97
N GLU B 273 -11.61 -53.54 76.03
CA GLU B 273 -11.72 -54.97 76.37
C GLU B 273 -11.37 -55.89 75.22
N VAL B 274 -11.57 -55.43 73.98
CA VAL B 274 -11.10 -56.17 72.80
C VAL B 274 -9.56 -56.15 72.78
N ARG B 275 -8.97 -55.00 73.13
CA ARG B 275 -7.51 -54.86 73.26
C ARG B 275 -6.96 -55.79 74.34
N LYS B 276 -7.61 -55.74 75.50
CA LYS B 276 -7.20 -56.48 76.69
C LYS B 276 -7.20 -58.00 76.46
N VAL B 277 -8.17 -58.49 75.69
CA VAL B 277 -8.23 -59.92 75.36
C VAL B 277 -7.09 -60.34 74.43
N LEU B 278 -6.79 -59.51 73.43
CA LEU B 278 -5.67 -59.77 72.53
C LEU B 278 -4.35 -59.72 73.29
N GLY B 279 -4.23 -58.76 74.22
CA GLY B 279 -3.17 -58.74 75.21
C GLY B 279 -1.78 -58.47 74.67
N GLU B 280 -0.77 -58.81 75.48
CA GLU B 280 0.64 -58.67 75.11
C GLU B 280 1.00 -59.47 73.86
N LYS B 281 0.44 -60.68 73.75
CA LYS B 281 0.78 -61.62 72.66
C LYS B 281 0.38 -61.09 71.29
N GLY B 282 -0.74 -60.36 71.22
CA GLY B 282 -1.20 -59.79 69.96
C GLY B 282 -1.44 -58.29 70.06
N LYS B 283 -0.48 -57.58 70.66
CA LYS B 283 -0.57 -56.13 70.82
C LYS B 283 -0.46 -55.40 69.48
N ASN B 284 0.26 -56.01 68.53
CA ASN B 284 0.47 -55.44 67.20
C ASN B 284 -0.74 -55.59 66.26
N ILE B 285 -1.71 -56.44 66.63
CA ILE B 285 -2.89 -56.64 65.82
C ILE B 285 -3.79 -55.41 65.89
N LYS B 286 -4.10 -54.84 64.72
CA LYS B 286 -4.87 -53.61 64.63
C LYS B 286 -6.36 -53.87 64.89
N ILE B 287 -6.98 -53.01 65.70
CA ILE B 287 -8.40 -53.11 66.05
C ILE B 287 -9.22 -52.06 65.30
N ILE B 288 -10.01 -52.53 64.34
CA ILE B 288 -10.94 -51.67 63.62
C ILE B 288 -12.29 -51.79 64.31
N SER B 289 -12.77 -50.69 64.89
CA SER B 289 -14.07 -50.69 65.54
C SER B 289 -15.19 -50.47 64.52
N LYS B 290 -16.21 -51.33 64.56
CA LYS B 290 -17.35 -51.23 63.67
C LYS B 290 -18.45 -50.41 64.34
N ILE B 291 -18.90 -49.35 63.67
CA ILE B 291 -19.98 -48.53 64.18
C ILE B 291 -21.26 -49.04 63.54
N GLU B 292 -22.03 -49.80 64.32
CA GLU B 292 -23.23 -50.50 63.81
C GLU B 292 -24.57 -49.92 64.33
N ASN B 293 -24.54 -49.05 65.33
CA ASN B 293 -25.78 -48.60 66.00
C ASN B 293 -25.73 -47.12 66.35
N HIS B 294 -26.84 -46.59 66.84
CA HIS B 294 -26.96 -45.17 67.15
C HIS B 294 -25.98 -44.72 68.22
N GLU B 295 -25.78 -45.55 69.24
CA GLU B 295 -24.89 -45.21 70.38
C GLU B 295 -23.44 -45.03 69.93
N GLY B 296 -23.00 -45.85 68.97
CA GLY B 296 -21.66 -45.75 68.40
C GLY B 296 -21.38 -44.41 67.76
N VAL B 297 -22.35 -43.90 67.00
CA VAL B 297 -22.22 -42.63 66.31
C VAL B 297 -22.20 -41.47 67.31
N ARG B 298 -23.01 -41.57 68.37
CA ARG B 298 -23.03 -40.53 69.39
C ARG B 298 -21.69 -40.44 70.12
N ARG B 299 -21.09 -41.60 70.41
CA ARG B 299 -19.81 -41.66 71.12
C ARG B 299 -18.62 -41.85 70.19
N PHE B 300 -18.72 -41.40 68.95
CA PHE B 300 -17.69 -41.69 67.94
C PHE B 300 -16.31 -41.21 68.37
N ASP B 301 -16.27 -40.03 68.98
CA ASP B 301 -15.00 -39.41 69.34
C ASP B 301 -14.18 -40.26 70.30
N GLU B 302 -14.82 -40.77 71.36
CA GLU B 302 -14.11 -41.61 72.35
C GLU B 302 -13.71 -42.98 71.77
N ILE B 303 -14.49 -43.50 70.82
CA ILE B 303 -14.20 -44.77 70.16
C ILE B 303 -13.02 -44.61 69.22
N LEU B 304 -13.07 -43.59 68.38
CA LEU B 304 -11.99 -43.27 67.42
C LEU B 304 -10.64 -43.14 68.12
N GLU B 305 -10.63 -42.52 69.29
CA GLU B 305 -9.41 -42.34 70.07
C GLU B 305 -8.84 -43.69 70.53
N ALA B 306 -9.71 -44.58 71.00
CA ALA B 306 -9.28 -45.89 71.49
C ALA B 306 -9.04 -46.94 70.39
N SER B 307 -9.60 -46.72 69.20
CA SER B 307 -9.49 -47.69 68.10
C SER B 307 -8.30 -47.37 67.20
N ASP B 308 -7.79 -48.39 66.51
CA ASP B 308 -6.75 -48.20 65.51
C ASP B 308 -7.35 -47.68 64.21
N GLY B 309 -8.52 -48.21 63.85
CA GLY B 309 -9.28 -47.69 62.70
C GLY B 309 -10.78 -47.77 62.95
N ILE B 310 -11.56 -47.50 61.90
CA ILE B 310 -13.02 -47.50 61.97
C ILE B 310 -13.61 -48.21 60.75
N MET B 311 -14.78 -48.81 60.93
CA MET B 311 -15.57 -49.37 59.84
C MET B 311 -17.01 -48.89 59.94
N VAL B 312 -17.43 -48.10 58.96
CA VAL B 312 -18.80 -47.62 58.88
C VAL B 312 -19.65 -48.73 58.22
N ALA B 313 -20.36 -49.48 59.04
CA ALA B 313 -21.32 -50.50 58.59
C ALA B 313 -22.65 -49.80 58.28
N ARG B 314 -22.92 -49.60 56.99
CA ARG B 314 -23.97 -48.69 56.57
C ARG B 314 -25.34 -49.33 56.63
N GLY B 315 -25.43 -50.58 56.17
CA GLY B 315 -26.68 -51.33 56.25
C GLY B 315 -27.19 -51.47 57.66
N ASP B 316 -26.28 -51.77 58.59
CA ASP B 316 -26.64 -51.93 60.00
C ASP B 316 -27.06 -50.61 60.64
N LEU B 317 -26.47 -49.50 60.21
CA LEU B 317 -26.92 -48.17 60.63
C LEU B 317 -28.29 -47.85 60.06
N GLY B 318 -28.50 -48.19 58.79
CA GLY B 318 -29.78 -47.96 58.09
C GLY B 318 -31.00 -48.53 58.77
N ILE B 319 -30.81 -49.57 59.57
CA ILE B 319 -31.84 -50.11 60.46
C ILE B 319 -32.09 -49.16 61.63
N GLU B 320 -31.00 -48.84 62.32
CA GLU B 320 -31.04 -48.26 63.67
C GLU B 320 -31.17 -46.73 63.73
N ILE B 321 -30.82 -46.03 62.64
CA ILE B 321 -31.02 -44.58 62.51
C ILE B 321 -31.78 -44.30 61.20
N PRO B 322 -32.46 -43.12 61.12
CA PRO B 322 -33.25 -42.82 59.92
C PRO B 322 -32.46 -42.79 58.62
N ALA B 323 -33.10 -43.12 57.51
CA ALA B 323 -32.44 -43.20 56.20
C ALA B 323 -31.94 -41.84 55.66
N GLU B 324 -32.65 -40.77 55.99
CA GLU B 324 -32.23 -39.41 55.60
C GLU B 324 -31.07 -38.85 56.44
N LYS B 325 -30.58 -39.61 57.41
CA LYS B 325 -29.46 -39.18 58.24
C LYS B 325 -28.26 -40.11 58.20
N VAL B 326 -28.28 -41.17 57.38
CA VAL B 326 -27.16 -42.11 57.42
C VAL B 326 -25.97 -41.51 56.68
N PHE B 327 -26.22 -40.92 55.51
CA PHE B 327 -25.14 -40.28 54.74
C PHE B 327 -24.42 -39.21 55.55
N LEU B 328 -25.15 -38.47 56.38
CA LEU B 328 -24.53 -37.51 57.31
C LEU B 328 -23.59 -38.19 58.30
N ALA B 329 -23.97 -39.34 58.82
CA ALA B 329 -23.11 -40.11 59.72
C ALA B 329 -21.86 -40.61 59.02
N GLN B 330 -22.03 -41.21 57.85
CA GLN B 330 -20.92 -41.70 57.03
C GLN B 330 -19.92 -40.58 56.76
N LYS B 331 -20.41 -39.44 56.30
CA LYS B 331 -19.54 -38.29 55.98
C LYS B 331 -18.80 -37.79 57.19
N MET B 332 -19.49 -37.67 58.31
CA MET B 332 -18.88 -37.23 59.56
C MET B 332 -17.79 -38.18 60.01
N MET B 333 -18.09 -39.47 60.05
CA MET B 333 -17.11 -40.44 60.52
C MET B 333 -15.91 -40.54 59.59
N ILE B 334 -16.15 -40.57 58.29
CA ILE B 334 -15.07 -40.57 57.32
C ILE B 334 -14.27 -39.28 57.45
N GLY B 335 -14.95 -38.16 57.64
CA GLY B 335 -14.29 -36.89 57.89
C GLY B 335 -13.33 -36.95 59.07
N ARG B 336 -13.84 -37.36 60.23
CA ARG B 336 -13.05 -37.32 61.47
C ARG B 336 -11.85 -38.26 61.43
N CYS B 337 -12.03 -39.43 60.82
CA CYS B 337 -10.93 -40.36 60.63
C CYS B 337 -9.82 -39.80 59.75
N ASN B 338 -10.19 -39.06 58.70
CA ASN B 338 -9.20 -38.40 57.84
C ASN B 338 -8.42 -37.37 58.64
N ARG B 339 -9.12 -36.57 59.43
CA ARG B 339 -8.46 -35.58 60.29
C ARG B 339 -7.52 -36.26 61.27
N ALA B 340 -8.04 -37.20 62.02
CA ALA B 340 -7.22 -37.94 63.01
C ALA B 340 -6.15 -38.84 62.39
N GLY B 341 -6.20 -39.11 61.08
CA GLY B 341 -5.17 -39.87 60.40
C GLY B 341 -5.24 -41.36 60.66
N LYS B 342 -6.45 -41.86 60.92
CA LYS B 342 -6.71 -43.28 61.12
C LYS B 342 -7.51 -43.83 59.96
N PRO B 343 -7.34 -45.13 59.64
CA PRO B 343 -8.12 -45.69 58.54
C PRO B 343 -9.60 -45.69 58.84
N VAL B 344 -10.39 -45.53 57.80
CA VAL B 344 -11.82 -45.72 57.85
C VAL B 344 -12.21 -46.64 56.68
N ILE B 345 -13.16 -47.53 56.93
CA ILE B 345 -13.57 -48.52 55.94
C ILE B 345 -15.07 -48.40 55.69
N CYS B 346 -15.48 -48.38 54.43
CA CYS B 346 -16.91 -48.38 54.08
C CYS B 346 -17.37 -49.77 53.71
N ALA B 347 -18.24 -50.33 54.55
CA ALA B 347 -18.69 -51.71 54.46
C ALA B 347 -20.19 -51.81 54.19
N THR B 348 -20.61 -52.98 53.71
CA THR B 348 -22.02 -53.37 53.54
C THR B 348 -22.73 -52.62 52.40
N GLN B 349 -23.63 -53.34 51.72
CA GLN B 349 -24.46 -52.77 50.66
C GLN B 349 -23.67 -52.14 49.49
N MET B 350 -22.48 -52.67 49.23
CA MET B 350 -21.63 -52.11 48.20
C MET B 350 -22.11 -52.53 46.82
N LEU B 351 -21.99 -53.83 46.52
CA LEU B 351 -22.28 -54.37 45.20
C LEU B 351 -23.18 -55.61 45.33
N GLU B 352 -24.26 -55.51 46.10
CA GLU B 352 -25.08 -56.66 46.47
C GLU B 352 -25.74 -57.41 45.29
N SER B 353 -26.05 -56.69 44.21
CA SER B 353 -26.62 -57.32 43.02
C SER B 353 -25.66 -58.34 42.37
N MET B 354 -24.36 -58.20 42.60
CA MET B 354 -23.34 -59.12 42.07
C MET B 354 -23.24 -60.49 42.77
N ILE B 355 -24.05 -60.71 43.80
CA ILE B 355 -24.28 -62.06 44.32
C ILE B 355 -24.92 -62.91 43.20
N LYS B 356 -25.90 -62.32 42.50
CA LYS B 356 -26.68 -63.03 41.47
C LYS B 356 -26.27 -62.72 40.01
N LYS B 357 -25.70 -61.53 39.75
CA LYS B 357 -25.51 -61.03 38.38
C LYS B 357 -24.05 -60.64 38.10
N PRO B 358 -23.61 -60.62 36.83
CA PRO B 358 -22.19 -60.45 36.49
C PRO B 358 -21.69 -59.00 36.50
N ARG B 359 -22.62 -58.04 36.58
CA ARG B 359 -22.31 -56.61 36.61
C ARG B 359 -23.13 -55.95 37.73
N PRO B 360 -22.74 -54.73 38.14
CA PRO B 360 -23.51 -54.02 39.15
C PRO B 360 -24.50 -53.05 38.51
N THR B 361 -25.42 -52.54 39.32
CA THR B 361 -26.36 -51.50 38.88
C THR B 361 -25.66 -50.16 38.82
N ARG B 362 -26.28 -49.20 38.13
CA ARG B 362 -25.79 -47.82 38.06
C ARG B 362 -25.64 -47.23 39.46
N ALA B 363 -26.67 -47.41 40.29
CA ALA B 363 -26.71 -46.85 41.64
C ALA B 363 -25.67 -47.45 42.59
N GLU B 364 -25.28 -48.71 42.36
CA GLU B 364 -24.26 -49.34 43.19
C GLU B 364 -22.88 -48.76 42.90
N GLY B 365 -22.59 -48.56 41.62
CA GLY B 365 -21.34 -47.92 41.19
C GLY B 365 -21.21 -46.49 41.71
N SER B 366 -22.33 -45.76 41.70
CA SER B 366 -22.39 -44.41 42.24
C SER B 366 -22.22 -44.39 43.77
N ASP B 367 -22.76 -45.39 44.46
CA ASP B 367 -22.65 -45.51 45.92
C ASP B 367 -21.23 -45.82 46.36
N VAL B 368 -20.53 -46.66 45.60
CA VAL B 368 -19.12 -46.98 45.88
C VAL B 368 -18.27 -45.75 45.64
N ALA B 369 -18.46 -45.12 44.47
CA ALA B 369 -17.71 -43.93 44.10
C ALA B 369 -17.81 -42.86 45.18
N ASN B 370 -19.05 -42.52 45.55
CA ASN B 370 -19.28 -41.49 46.55
C ASN B 370 -18.70 -41.82 47.93
N ALA B 371 -18.49 -43.09 48.24
CA ALA B 371 -17.75 -43.48 49.46
C ALA B 371 -16.23 -43.32 49.32
N VAL B 372 -15.70 -43.55 48.11
CA VAL B 372 -14.28 -43.28 47.83
C VAL B 372 -14.02 -41.78 47.89
N LEU B 373 -14.94 -41.00 47.31
CA LEU B 373 -14.84 -39.55 47.28
C LEU B 373 -15.10 -38.90 48.63
N ASP B 374 -15.98 -39.49 49.45
CA ASP B 374 -16.18 -39.02 50.83
C ASP B 374 -14.87 -39.05 51.63
N GLY B 375 -13.98 -39.96 51.28
CA GLY B 375 -12.62 -40.03 51.85
C GLY B 375 -12.21 -41.37 52.46
N ALA B 376 -12.96 -42.43 52.17
CA ALA B 376 -12.67 -43.73 52.74
C ALA B 376 -11.33 -44.24 52.25
N ASP B 377 -10.68 -45.05 53.09
CA ASP B 377 -9.43 -45.69 52.76
C ASP B 377 -9.67 -47.02 52.08
N CYS B 378 -10.58 -47.82 52.66
CA CYS B 378 -10.90 -49.15 52.13
C CYS B 378 -12.40 -49.34 51.87
N ILE B 379 -12.71 -50.22 50.93
CA ILE B 379 -14.07 -50.62 50.60
C ILE B 379 -14.18 -52.13 50.85
N MET B 380 -15.24 -52.57 51.52
CA MET B 380 -15.38 -53.99 51.90
C MET B 380 -16.58 -54.68 51.26
N LEU B 381 -16.28 -55.69 50.46
CA LEU B 381 -17.31 -56.47 49.78
C LEU B 381 -17.77 -57.59 50.71
N SER B 382 -19.06 -57.60 51.05
CA SER B 382 -19.63 -58.56 52.03
C SER B 382 -20.04 -59.91 51.38
N GLY B 383 -21.26 -60.01 50.84
CA GLY B 383 -21.75 -61.23 50.20
C GLY B 383 -21.06 -61.49 48.87
N GLU B 384 -21.31 -60.61 47.90
CA GLU B 384 -20.58 -60.50 46.61
C GLU B 384 -19.46 -61.52 46.34
N THR B 385 -18.46 -61.56 47.24
CA THR B 385 -17.29 -62.46 47.13
C THR B 385 -17.32 -63.72 48.02
N ALA B 386 -18.03 -63.66 49.14
CA ALA B 386 -18.10 -64.81 50.08
C ALA B 386 -18.90 -65.99 49.55
N LYS B 387 -20.14 -65.72 49.13
CA LYS B 387 -21.07 -66.76 48.69
C LYS B 387 -21.82 -66.32 47.42
N GLY B 388 -21.10 -65.71 46.50
CA GLY B 388 -21.69 -65.16 45.28
C GLY B 388 -21.50 -66.10 44.11
N ASP B 389 -22.33 -65.92 43.09
CA ASP B 389 -22.15 -66.62 41.82
C ASP B 389 -20.99 -65.99 41.03
N TYR B 390 -20.69 -64.72 41.29
CA TYR B 390 -19.63 -64.00 40.62
C TYR B 390 -18.68 -63.33 41.63
N PRO B 391 -17.79 -64.11 42.25
CA PRO B 391 -16.85 -63.55 43.21
C PRO B 391 -15.67 -62.85 42.55
N LEU B 392 -15.20 -63.36 41.41
CA LEU B 392 -14.04 -62.78 40.74
C LEU B 392 -14.37 -61.48 40.00
N GLU B 393 -15.57 -61.37 39.45
CA GLU B 393 -15.97 -60.15 38.73
C GLU B 393 -16.29 -59.05 39.72
N ALA B 394 -16.80 -59.43 40.89
CA ALA B 394 -17.05 -58.49 41.99
C ALA B 394 -15.81 -57.71 42.40
N VAL B 395 -14.66 -58.38 42.43
CA VAL B 395 -13.40 -57.71 42.74
C VAL B 395 -12.98 -56.79 41.59
N ARG B 396 -13.17 -57.24 40.35
CA ARG B 396 -12.80 -56.45 39.18
C ARG B 396 -13.64 -55.19 38.99
N MET B 397 -14.93 -55.24 39.34
CA MET B 397 -15.78 -54.04 39.28
C MET B 397 -15.44 -53.06 40.38
N GLN B 398 -15.22 -53.57 41.58
CA GLN B 398 -14.76 -52.76 42.70
C GLN B 398 -13.50 -52.01 42.30
N HIS B 399 -12.53 -52.73 41.77
CA HIS B 399 -11.29 -52.12 41.26
C HIS B 399 -11.56 -51.07 40.20
N LEU B 400 -12.41 -51.39 39.23
CA LEU B 400 -12.73 -50.43 38.16
C LEU B 400 -13.39 -49.15 38.67
N ILE B 401 -14.36 -49.30 39.56
CA ILE B 401 -15.08 -48.16 40.12
C ILE B 401 -14.13 -47.29 40.95
N ALA B 402 -13.38 -47.91 41.85
CA ALA B 402 -12.41 -47.20 42.71
C ALA B 402 -11.33 -46.42 41.94
N ARG B 403 -10.97 -46.90 40.76
CA ARG B 403 -9.97 -46.25 39.91
C ARG B 403 -10.58 -45.10 39.11
N GLU B 404 -11.80 -45.28 38.63
CA GLU B 404 -12.52 -44.20 37.93
C GLU B 404 -12.85 -43.07 38.89
N ALA B 405 -13.32 -43.42 40.08
CA ALA B 405 -13.61 -42.47 41.15
C ALA B 405 -12.39 -41.65 41.54
N GLU B 406 -11.23 -42.28 41.52
CA GLU B 406 -9.95 -41.60 41.83
C GLU B 406 -9.71 -40.34 41.01
N ALA B 407 -10.16 -40.34 39.76
CA ALA B 407 -10.05 -39.18 38.87
C ALA B 407 -10.89 -37.97 39.32
N ALA B 408 -11.99 -38.24 40.02
CA ALA B 408 -12.87 -37.20 40.56
C ALA B 408 -12.40 -36.60 41.88
N ILE B 409 -11.35 -37.15 42.49
CA ILE B 409 -10.86 -36.63 43.75
C ILE B 409 -9.98 -35.43 43.44
N TYR B 410 -10.21 -34.34 44.18
CA TYR B 410 -9.40 -33.12 44.12
C TYR B 410 -8.43 -33.15 45.28
N HIS B 411 -7.38 -33.95 45.11
CA HIS B 411 -6.35 -34.20 46.13
C HIS B 411 -5.77 -32.94 46.74
N LEU B 412 -5.71 -31.88 45.93
CA LEU B 412 -5.06 -30.65 46.33
C LEU B 412 -5.66 -30.01 47.58
N GLN B 413 -6.99 -29.83 47.63
CA GLN B 413 -7.62 -29.20 48.80
C GLN B 413 -7.62 -30.13 50.03
N LEU B 414 -7.82 -31.44 49.82
CA LEU B 414 -7.65 -32.43 50.91
C LEU B 414 -6.37 -32.15 51.69
N PHE B 415 -5.29 -31.89 50.95
CA PHE B 415 -3.97 -31.63 51.52
C PHE B 415 -3.87 -30.26 52.19
N GLU B 416 -4.25 -29.21 51.47
CA GLU B 416 -4.14 -27.84 51.99
C GLU B 416 -4.93 -27.65 53.26
N GLU B 417 -6.09 -28.30 53.36
CA GLU B 417 -6.90 -28.26 54.58
C GLU B 417 -6.28 -29.09 55.69
N LEU B 418 -5.84 -30.30 55.36
CA LEU B 418 -5.16 -31.18 56.34
C LEU B 418 -3.87 -30.59 56.89
N ARG B 419 -3.20 -29.75 56.09
CA ARG B 419 -1.98 -29.09 56.54
C ARG B 419 -2.32 -27.94 57.47
N ARG B 420 -3.36 -27.18 57.15
CA ARG B 420 -3.80 -26.07 58.00
C ARG B 420 -4.30 -26.57 59.36
N LEU B 421 -5.19 -27.55 59.33
CA LEU B 421 -5.79 -28.09 60.57
C LEU B 421 -4.81 -28.85 61.47
N ALA B 422 -3.66 -29.28 60.97
CA ALA B 422 -2.67 -29.99 61.78
C ALA B 422 -1.99 -29.05 62.77
N PRO B 423 -1.65 -29.55 63.97
CA PRO B 423 -1.07 -28.71 65.02
C PRO B 423 0.41 -28.43 64.78
N ILE B 424 0.83 -27.17 64.93
CA ILE B 424 2.24 -26.79 64.69
C ILE B 424 3.18 -27.45 65.72
N THR B 425 4.02 -28.38 65.25
CA THR B 425 5.10 -28.98 66.07
C THR B 425 6.41 -28.99 65.27
N SER B 426 7.52 -29.09 66.01
CA SER B 426 8.86 -29.19 65.44
C SER B 426 9.35 -30.65 65.45
N ASP B 427 8.43 -31.60 65.29
CA ASP B 427 8.82 -33.00 65.15
C ASP B 427 9.55 -33.15 63.81
N PRO B 428 10.76 -33.76 63.83
CA PRO B 428 11.45 -34.00 62.57
C PRO B 428 10.67 -34.82 61.54
N THR B 429 10.05 -35.92 61.95
CA THR B 429 9.40 -36.84 61.01
C THR B 429 8.19 -36.23 60.31
N GLU B 430 7.33 -35.57 61.09
CA GLU B 430 6.09 -35.00 60.55
C GLU B 430 6.35 -33.80 59.64
N ALA B 431 7.38 -33.01 59.95
CA ALA B 431 7.77 -31.86 59.11
C ALA B 431 8.38 -32.30 57.79
N THR B 432 9.16 -33.37 57.83
CA THR B 432 9.71 -34.01 56.64
C THR B 432 8.59 -34.64 55.81
N ALA B 433 7.68 -35.34 56.48
CA ALA B 433 6.57 -36.01 55.82
C ALA B 433 5.67 -35.06 55.03
N VAL B 434 5.38 -33.90 55.59
CA VAL B 434 4.59 -32.89 54.90
C VAL B 434 5.35 -32.40 53.67
N GLY B 435 6.61 -32.02 53.86
CA GLY B 435 7.47 -31.57 52.77
C GLY B 435 7.60 -32.56 51.61
N ALA B 436 7.52 -33.86 51.93
CA ALA B 436 7.49 -34.90 50.92
C ALA B 436 6.24 -34.82 50.05
N VAL B 437 5.09 -34.65 50.69
CA VAL B 437 3.83 -34.51 49.98
C VAL B 437 3.83 -33.22 49.17
N GLU B 438 4.16 -32.12 49.84
CA GLU B 438 4.37 -30.81 49.21
C GLU B 438 5.12 -30.93 47.88
N ALA B 439 6.28 -31.59 47.95
CA ALA B 439 7.15 -31.80 46.79
C ALA B 439 6.55 -32.73 45.76
N SER B 440 5.76 -33.71 46.21
CA SER B 440 5.07 -34.63 45.30
C SER B 440 4.12 -33.90 44.34
N PHE B 441 3.56 -32.77 44.78
CA PHE B 441 2.74 -31.93 43.90
C PHE B 441 3.59 -31.02 42.98
N LYS B 442 4.62 -30.38 43.54
CA LYS B 442 5.45 -29.43 42.77
C LYS B 442 6.37 -30.08 41.76
N CYS B 443 6.86 -31.29 42.03
CA CYS B 443 7.64 -32.08 41.06
C CYS B 443 6.81 -32.96 40.12
N CYS B 444 5.50 -33.00 40.34
CA CYS B 444 4.59 -33.93 39.64
C CYS B 444 5.13 -35.36 39.76
N SER B 445 5.39 -35.77 40.99
CA SER B 445 6.09 -37.02 41.23
C SER B 445 5.22 -38.22 40.94
N GLY B 446 5.86 -39.26 40.42
CA GLY B 446 5.17 -40.52 40.16
C GLY B 446 4.89 -41.31 41.42
N ALA B 447 5.70 -41.10 42.46
CA ALA B 447 5.54 -41.80 43.72
C ALA B 447 6.28 -41.11 44.86
N ILE B 448 6.01 -41.58 46.08
CA ILE B 448 6.79 -41.25 47.25
C ILE B 448 7.26 -42.58 47.84
N ILE B 449 8.55 -42.87 47.71
CA ILE B 449 9.14 -44.10 48.23
C ILE B 449 9.51 -43.89 49.68
N VAL B 450 9.01 -44.73 50.58
CA VAL B 450 9.25 -44.57 52.02
C VAL B 450 9.79 -45.86 52.64
N LEU B 451 10.99 -45.79 53.21
CA LEU B 451 11.57 -46.94 53.89
C LEU B 451 11.11 -46.93 55.33
N THR B 452 10.66 -48.09 55.83
CA THR B 452 9.99 -48.15 57.12
C THR B 452 9.92 -49.58 57.73
N LYS B 453 10.20 -49.68 59.03
CA LYS B 453 10.08 -50.94 59.78
C LYS B 453 8.65 -51.11 60.28
N SER B 454 8.20 -50.19 61.13
CA SER B 454 6.87 -50.26 61.75
C SER B 454 5.71 -49.93 60.80
N GLY B 455 6.01 -49.19 59.74
CA GLY B 455 4.98 -48.63 58.86
C GLY B 455 4.62 -47.17 59.14
N ARG B 456 4.96 -46.68 60.33
CA ARG B 456 4.53 -45.36 60.80
C ARG B 456 4.95 -44.22 59.85
N SER B 457 6.19 -44.24 59.37
CA SER B 457 6.68 -43.20 58.45
C SER B 457 5.81 -43.09 57.20
N ALA B 458 5.42 -44.24 56.66
CA ALA B 458 4.50 -44.30 55.51
C ALA B 458 3.10 -43.83 55.87
N HIS B 459 2.64 -44.18 57.06
CA HIS B 459 1.31 -43.74 57.53
C HIS B 459 1.26 -42.20 57.67
N GLN B 460 2.32 -41.61 58.22
CA GLN B 460 2.38 -40.14 58.40
C GLN B 460 2.38 -39.38 57.08
N VAL B 461 2.88 -40.00 56.01
CA VAL B 461 2.82 -39.43 54.68
C VAL B 461 1.39 -39.56 54.15
N ALA B 462 0.83 -40.76 54.25
CA ALA B 462 -0.53 -41.03 53.76
C ALA B 462 -1.59 -40.18 54.44
N ARG B 463 -1.35 -39.83 55.71
CA ARG B 463 -2.23 -38.96 56.48
C ARG B 463 -2.56 -37.66 55.74
N TYR B 464 -1.58 -37.11 55.03
CA TYR B 464 -1.73 -35.85 54.29
C TYR B 464 -2.27 -36.02 52.84
N ARG B 465 -2.73 -37.22 52.48
CA ARG B 465 -3.49 -37.45 51.24
C ARG B 465 -2.83 -36.92 49.95
N PRO B 466 -1.64 -37.43 49.60
CA PRO B 466 -1.03 -37.03 48.33
C PRO B 466 -1.77 -37.59 47.13
N ARG B 467 -1.43 -37.09 45.94
CA ARG B 467 -1.96 -37.62 44.70
C ARG B 467 -1.18 -38.85 44.32
N ALA B 468 0.14 -38.76 44.41
CA ALA B 468 1.02 -39.85 44.06
C ALA B 468 0.87 -41.05 44.99
N PRO B 469 1.09 -42.26 44.46
CA PRO B 469 1.16 -43.44 45.31
C PRO B 469 2.38 -43.44 46.23
N ILE B 470 2.23 -44.05 47.39
CA ILE B 470 3.28 -44.16 48.37
C ILE B 470 3.78 -45.60 48.31
N ILE B 471 4.95 -45.83 47.69
CA ILE B 471 5.56 -47.15 47.71
C ILE B 471 6.30 -47.34 49.04
N ALA B 472 5.71 -48.11 49.96
CA ALA B 472 6.28 -48.31 51.29
C ALA B 472 7.12 -49.58 51.31
N VAL B 473 8.44 -49.42 51.45
CA VAL B 473 9.39 -50.54 51.44
C VAL B 473 9.67 -50.98 52.87
N THR B 474 9.65 -52.28 53.10
CA THR B 474 9.87 -52.83 54.43
C THR B 474 10.39 -54.26 54.39
N ARG B 475 11.07 -54.65 55.47
CA ARG B 475 11.48 -56.02 55.70
C ARG B 475 10.52 -56.79 56.64
N ASN B 476 9.73 -56.07 57.44
CA ASN B 476 8.76 -56.67 58.37
C ASN B 476 7.51 -57.08 57.58
N PRO B 477 7.22 -58.39 57.48
CA PRO B 477 6.09 -58.80 56.64
C PRO B 477 4.72 -58.40 57.17
N GLN B 478 4.58 -58.24 58.49
CA GLN B 478 3.29 -57.83 59.06
C GLN B 478 2.96 -56.38 58.70
N THR B 479 3.96 -55.51 58.75
CA THR B 479 3.73 -54.09 58.45
C THR B 479 3.37 -53.90 56.98
N ALA B 480 3.93 -54.74 56.12
CA ALA B 480 3.55 -54.80 54.71
C ALA B 480 2.07 -55.13 54.54
N ARG B 481 1.56 -56.07 55.32
CA ARG B 481 0.13 -56.42 55.28
C ARG B 481 -0.74 -55.34 55.91
N GLN B 482 -0.37 -54.88 57.10
CA GLN B 482 -1.16 -53.87 57.81
C GLN B 482 -1.25 -52.51 57.09
N ALA B 483 -0.30 -52.23 56.20
CA ALA B 483 -0.31 -51.00 55.40
C ALA B 483 -1.51 -50.82 54.49
N HIS B 484 -2.16 -51.90 54.03
CA HIS B 484 -3.30 -51.81 53.09
C HIS B 484 -4.49 -51.03 53.63
N LEU B 485 -4.65 -51.05 54.96
CA LEU B 485 -5.63 -50.21 55.67
C LEU B 485 -5.56 -48.73 55.30
N TYR B 486 -4.35 -48.22 55.09
CA TYR B 486 -4.15 -46.82 54.71
C TYR B 486 -4.27 -46.60 53.21
N ARG B 487 -4.83 -45.45 52.87
CA ARG B 487 -5.14 -45.10 51.51
C ARG B 487 -3.86 -44.72 50.81
N GLY B 488 -3.70 -45.20 49.58
CA GLY B 488 -2.58 -44.78 48.74
C GLY B 488 -1.21 -45.34 49.09
N ILE B 489 -1.13 -46.19 50.12
CA ILE B 489 0.09 -46.94 50.38
C ILE B 489 0.07 -48.19 49.53
N PHE B 490 1.15 -48.38 48.78
CA PHE B 490 1.42 -49.63 48.08
C PHE B 490 2.59 -50.32 48.78
N PRO B 491 2.29 -51.28 49.66
CA PRO B 491 3.35 -51.91 50.41
C PRO B 491 4.08 -52.90 49.54
N VAL B 492 5.34 -53.13 49.86
CA VAL B 492 6.17 -54.01 49.07
C VAL B 492 7.27 -54.60 49.96
N LEU B 493 7.37 -55.93 49.95
CA LEU B 493 8.22 -56.66 50.89
C LEU B 493 9.57 -56.97 50.30
N CYS B 494 10.60 -56.36 50.91
CA CYS B 494 12.01 -56.57 50.56
C CYS B 494 12.55 -57.71 51.41
N LYS B 495 12.90 -58.81 50.75
CA LYS B 495 13.45 -60.00 51.41
C LYS B 495 14.98 -60.07 51.33
N ASP B 496 15.61 -59.08 50.70
CA ASP B 496 17.08 -59.00 50.65
C ASP B 496 17.67 -58.87 52.04
N PRO B 497 18.90 -59.39 52.23
CA PRO B 497 19.54 -59.30 53.53
C PRO B 497 20.09 -57.90 53.75
N VAL B 498 20.26 -57.53 55.01
CA VAL B 498 20.68 -56.17 55.36
C VAL B 498 22.15 -55.99 54.99
N GLN B 499 22.44 -55.03 54.11
CA GLN B 499 23.81 -54.77 53.67
C GLN B 499 24.58 -54.08 54.79
N GLU B 500 25.89 -54.32 54.85
CA GLU B 500 26.71 -53.80 55.96
C GLU B 500 26.84 -52.30 55.90
N ALA B 501 27.23 -51.80 54.74
CA ALA B 501 27.28 -50.35 54.50
C ALA B 501 25.85 -49.83 54.47
N TRP B 502 25.47 -49.07 55.49
CA TRP B 502 24.11 -48.56 55.63
C TRP B 502 23.62 -47.82 54.38
N ALA B 503 24.48 -47.00 53.78
CA ALA B 503 24.10 -46.22 52.58
C ALA B 503 23.74 -47.09 51.38
N GLU B 504 24.39 -48.24 51.25
CA GLU B 504 24.08 -49.20 50.18
C GLU B 504 22.77 -49.96 50.43
N ASP B 505 22.48 -50.24 51.71
CA ASP B 505 21.22 -50.87 52.14
C ASP B 505 20.01 -50.01 51.81
N VAL B 506 20.19 -48.69 51.92
CA VAL B 506 19.18 -47.72 51.50
C VAL B 506 19.05 -47.76 49.97
N ASP B 507 20.17 -47.52 49.28
CA ASP B 507 20.21 -47.55 47.81
C ASP B 507 19.60 -48.82 47.20
N LEU B 508 19.82 -49.96 47.86
CA LEU B 508 19.21 -51.23 47.47
C LEU B 508 17.68 -51.16 47.53
N ARG B 509 17.16 -50.85 48.70
CA ARG B 509 15.71 -50.77 48.93
C ARG B 509 15.03 -49.69 48.10
N VAL B 510 15.69 -48.56 47.92
CA VAL B 510 15.16 -47.50 47.05
C VAL B 510 15.09 -48.03 45.62
N ASN B 511 16.18 -48.61 45.15
CA ASN B 511 16.23 -49.13 43.77
C ASN B 511 15.31 -50.36 43.57
N PHE B 512 15.01 -51.06 44.67
CA PHE B 512 13.97 -52.11 44.66
C PHE B 512 12.60 -51.51 44.33
N ALA B 513 12.23 -50.45 45.04
CA ALA B 513 10.96 -49.76 44.82
C ALA B 513 10.87 -49.11 43.44
N MET B 514 12.00 -48.63 42.93
CA MET B 514 12.06 -48.06 41.59
C MET B 514 11.62 -49.07 40.56
N ASN B 515 12.13 -50.29 40.71
CA ASN B 515 11.81 -51.38 39.79
C ASN B 515 10.35 -51.83 39.92
N VAL B 516 9.82 -51.84 41.15
CA VAL B 516 8.41 -52.16 41.40
C VAL B 516 7.56 -51.12 40.69
N GLY B 517 7.83 -49.86 40.97
CA GLY B 517 7.11 -48.73 40.39
C GLY B 517 7.12 -48.67 38.88
N LYS B 518 8.27 -49.03 38.28
CA LYS B 518 8.36 -49.13 36.82
C LYS B 518 7.51 -50.29 36.28
N ALA B 519 7.55 -51.43 36.97
CA ALA B 519 6.74 -52.59 36.59
C ALA B 519 5.24 -52.35 36.72
N ARG B 520 4.83 -51.76 37.85
CA ARG B 520 3.42 -51.36 38.06
C ARG B 520 2.97 -50.34 37.00
N GLY B 521 3.88 -49.47 36.58
CA GLY B 521 3.58 -48.41 35.63
C GLY B 521 3.37 -47.06 36.29
N PHE B 522 3.54 -46.97 37.60
CA PHE B 522 3.44 -45.71 38.33
C PHE B 522 4.30 -44.60 37.72
N PHE B 523 5.51 -44.95 37.30
CA PHE B 523 6.41 -44.02 36.65
C PHE B 523 7.36 -44.73 35.70
N LYS B 524 8.16 -43.95 34.99
CA LYS B 524 9.10 -44.49 34.01
C LYS B 524 10.46 -43.80 34.10
N LYS B 525 11.41 -44.37 33.36
CA LYS B 525 12.74 -43.79 33.16
C LYS B 525 12.67 -42.28 32.95
N GLY B 526 13.35 -41.53 33.79
CA GLY B 526 13.43 -40.06 33.65
C GLY B 526 12.41 -39.20 34.39
N ASP B 527 11.37 -39.81 34.97
CA ASP B 527 10.45 -39.09 35.87
C ASP B 527 11.13 -38.80 37.20
N VAL B 528 10.45 -38.08 38.07
CA VAL B 528 10.97 -37.72 39.40
C VAL B 528 10.13 -38.39 40.49
N VAL B 529 10.79 -38.85 41.55
CA VAL B 529 10.11 -39.41 42.74
C VAL B 529 10.75 -38.89 44.02
N ILE B 530 9.95 -38.84 45.08
CA ILE B 530 10.40 -38.41 46.39
C ILE B 530 10.77 -39.65 47.20
N VAL B 531 11.81 -39.55 48.02
CA VAL B 531 12.33 -40.70 48.77
C VAL B 531 12.59 -40.33 50.23
N LEU B 532 11.87 -40.96 51.16
CA LEU B 532 12.08 -40.79 52.61
C LEU B 532 12.89 -41.93 53.22
N THR B 533 13.98 -41.57 53.93
CA THR B 533 14.89 -42.53 54.55
C THR B 533 15.31 -42.04 55.95
N GLY B 534 16.13 -42.83 56.63
CA GLY B 534 16.84 -42.37 57.84
C GLY B 534 18.16 -41.77 57.45
N TRP B 535 18.96 -41.32 58.42
CA TRP B 535 20.34 -40.85 58.13
C TRP B 535 21.37 -41.71 58.88
N ARG B 536 21.20 -41.90 60.18
CA ARG B 536 21.99 -42.87 60.92
C ARG B 536 21.15 -44.13 61.03
N PRO B 537 21.78 -45.30 60.94
CA PRO B 537 21.10 -46.49 61.44
C PRO B 537 21.22 -46.43 62.95
N GLY B 538 20.15 -46.00 63.62
CA GLY B 538 20.21 -45.68 65.05
C GLY B 538 19.41 -44.44 65.39
N SER B 539 19.36 -43.48 64.47
CA SER B 539 18.49 -42.29 64.59
C SER B 539 17.03 -42.76 64.61
N GLY B 540 16.26 -42.27 65.57
CA GLY B 540 14.86 -42.67 65.74
C GLY B 540 13.96 -42.29 64.58
N PHE B 541 14.29 -41.18 63.90
CA PHE B 541 13.38 -40.54 62.95
C PHE B 541 13.65 -40.91 61.47
N THR B 542 12.57 -40.98 60.69
CA THR B 542 12.64 -40.96 59.21
C THR B 542 12.64 -39.51 58.76
N ASN B 543 13.83 -38.93 58.73
CA ASN B 543 14.02 -37.48 58.64
C ASN B 543 14.67 -37.00 57.34
N THR B 544 15.03 -37.91 56.43
CA THR B 544 15.81 -37.54 55.25
C THR B 544 15.05 -37.67 53.93
N MET B 545 14.63 -36.53 53.40
CA MET B 545 13.89 -36.45 52.14
C MET B 545 14.80 -36.08 51.00
N ARG B 546 14.65 -36.74 49.87
CA ARG B 546 15.40 -36.38 48.66
C ARG B 546 14.58 -36.57 47.41
N VAL B 547 14.81 -35.68 46.45
CA VAL B 547 14.13 -35.68 45.17
C VAL B 547 15.05 -36.38 44.19
N VAL B 548 14.58 -37.51 43.69
CA VAL B 548 15.39 -38.41 42.89
C VAL B 548 14.76 -38.57 41.51
N PRO B 549 15.57 -38.42 40.44
CA PRO B 549 15.10 -38.81 39.13
C PRO B 549 15.25 -40.32 38.96
N VAL B 550 14.29 -40.92 38.24
CA VAL B 550 14.21 -42.37 38.10
C VAL B 550 15.29 -42.85 37.14
N PRO B 551 16.11 -43.84 37.59
CA PRO B 551 17.13 -44.38 36.70
C PRO B 551 16.52 -45.26 35.60
N ALA C 28 35.69 -11.30 70.86
CA ALA C 28 34.55 -11.36 69.89
C ALA C 28 34.74 -10.38 68.71
N GLY C 29 33.63 -9.96 68.09
CA GLY C 29 33.54 -8.67 67.38
C GLY C 29 32.30 -7.96 67.94
N THR C 30 31.95 -6.80 67.36
CA THR C 30 30.72 -6.08 67.78
C THR C 30 29.51 -6.68 67.05
N ALA C 31 29.64 -6.79 65.73
CA ALA C 31 28.59 -7.31 64.85
C ALA C 31 28.49 -8.84 64.74
N PHE C 32 29.41 -9.56 65.35
CA PHE C 32 29.51 -11.02 65.20
C PHE C 32 28.37 -11.78 65.88
N ILE C 33 28.09 -11.40 67.12
CA ILE C 33 27.11 -12.13 67.97
C ILE C 33 25.69 -11.59 67.73
N GLN C 34 25.05 -12.04 66.64
CA GLN C 34 23.67 -11.67 66.31
C GLN C 34 22.70 -12.74 66.85
N THR C 35 22.34 -12.66 68.14
CA THR C 35 21.43 -13.65 68.75
C THR C 35 20.01 -13.41 68.27
N GLN C 36 19.27 -14.49 68.07
CA GLN C 36 18.06 -14.45 67.25
C GLN C 36 16.74 -14.44 68.01
N GLN C 37 16.50 -15.43 68.87
CA GLN C 37 15.20 -15.62 69.50
C GLN C 37 14.11 -15.86 68.43
N LEU C 38 14.36 -16.90 67.65
CA LEU C 38 13.37 -17.57 66.79
C LEU C 38 12.11 -18.02 67.57
N HIS C 39 11.15 -18.57 66.82
CA HIS C 39 9.94 -19.22 67.36
C HIS C 39 8.78 -18.26 67.69
N ALA C 40 8.97 -16.95 67.46
CA ALA C 40 7.87 -15.98 67.52
C ALA C 40 7.00 -16.18 66.27
N ALA C 41 5.74 -16.56 66.47
CA ALA C 41 4.84 -16.91 65.37
C ALA C 41 4.55 -15.71 64.48
N MET C 42 4.86 -15.85 63.20
CA MET C 42 4.83 -14.72 62.25
C MET C 42 3.42 -14.23 61.97
N ALA C 43 3.27 -12.92 61.77
CA ALA C 43 1.96 -12.28 61.75
C ALA C 43 1.09 -12.72 60.59
N ASP C 44 -0.22 -12.52 60.76
CA ASP C 44 -1.25 -12.95 59.79
C ASP C 44 -1.19 -12.15 58.49
N THR C 45 -1.14 -10.83 58.62
CA THR C 45 -1.17 -9.89 57.50
C THR C 45 -0.07 -8.87 57.62
N PHE C 46 0.40 -8.34 56.49
CA PHE C 46 1.47 -7.33 56.51
C PHE C 46 1.13 -6.08 57.31
N LEU C 47 -0.13 -5.65 57.29
CA LEU C 47 -0.61 -4.54 58.12
C LEU C 47 -0.46 -4.84 59.60
N GLU C 48 -0.89 -6.01 59.99
CA GLU C 48 -0.80 -6.44 61.38
C GLU C 48 0.66 -6.50 61.84
N HIS C 49 1.54 -6.90 60.93
CA HIS C 49 2.97 -6.98 61.21
C HIS C 49 3.63 -5.64 61.48
N MET C 50 3.22 -4.61 60.72
CA MET C 50 3.66 -3.23 60.98
C MET C 50 3.17 -2.75 62.32
N CYS C 51 1.91 -3.08 62.64
CA CYS C 51 1.30 -2.67 63.90
C CYS C 51 1.98 -3.27 65.14
N ARG C 52 2.67 -4.40 64.98
CA ARG C 52 3.39 -5.04 66.09
C ARG C 52 4.82 -4.54 66.31
N LEU C 53 5.31 -3.63 65.48
CA LEU C 53 6.66 -3.09 65.67
C LEU C 53 6.73 -2.28 66.96
N ASP C 54 7.51 -2.78 67.91
CA ASP C 54 7.78 -2.10 69.17
C ASP C 54 9.21 -1.60 69.12
N ILE C 55 9.38 -0.28 69.20
CA ILE C 55 10.71 0.32 69.20
C ILE C 55 11.51 0.00 70.46
N ASP C 56 10.82 -0.26 71.57
CA ASP C 56 11.46 -0.54 72.87
C ASP C 56 12.15 -1.90 72.98
N SER C 57 11.71 -2.91 72.21
CA SER C 57 12.35 -4.23 72.24
C SER C 57 13.53 -4.30 71.27
N PRO C 58 14.53 -5.18 71.55
CA PRO C 58 15.67 -5.33 70.67
C PRO C 58 15.31 -6.20 69.45
N PRO C 59 16.14 -6.13 68.38
CA PRO C 59 15.79 -6.85 67.15
C PRO C 59 16.00 -8.35 67.33
N ILE C 60 15.09 -9.13 66.75
CA ILE C 60 14.98 -10.57 67.03
C ILE C 60 15.34 -11.36 65.78
N THR C 61 16.44 -10.98 65.14
CA THR C 61 16.76 -11.49 63.83
C THR C 61 18.17 -11.08 63.45
N ALA C 62 18.89 -12.00 62.79
CA ALA C 62 20.22 -11.69 62.29
C ALA C 62 20.14 -10.64 61.18
N ARG C 63 21.09 -9.73 61.16
CA ARG C 63 21.24 -8.79 60.06
C ARG C 63 21.64 -9.55 58.80
N ASN C 64 20.71 -9.67 57.86
CA ASN C 64 20.88 -10.50 56.66
C ASN C 64 21.42 -9.72 55.46
N THR C 65 21.28 -8.39 55.47
CA THR C 65 21.72 -7.56 54.34
C THR C 65 23.21 -7.23 54.41
N GLY C 66 23.99 -7.73 53.45
CA GLY C 66 25.44 -7.51 53.39
C GLY C 66 25.87 -6.03 53.39
N ILE C 67 27.11 -5.79 53.82
CA ILE C 67 27.66 -4.43 53.96
C ILE C 67 28.98 -4.30 53.20
N ILE C 68 28.96 -3.50 52.14
CA ILE C 68 30.14 -3.22 51.33
C ILE C 68 30.69 -1.84 51.71
N CYS C 69 31.93 -1.82 52.22
CA CYS C 69 32.61 -0.56 52.55
C CYS C 69 33.69 -0.26 51.52
N THR C 70 33.73 1.00 51.08
CA THR C 70 34.76 1.46 50.18
C THR C 70 35.99 1.81 51.01
N ILE C 71 37.12 1.20 50.65
CA ILE C 71 38.38 1.43 51.33
C ILE C 71 39.12 2.56 50.62
N GLY C 72 39.71 3.44 51.42
CA GLY C 72 40.48 4.58 50.93
C GLY C 72 41.41 5.12 52.01
N PRO C 73 41.87 6.38 51.87
CA PRO C 73 42.77 7.03 52.82
C PRO C 73 42.52 6.80 54.33
N ALA C 74 41.26 6.94 54.78
CA ALA C 74 40.93 6.88 56.21
C ALA C 74 40.82 5.46 56.80
N SER C 75 40.70 4.46 55.93
CA SER C 75 40.45 3.06 56.33
C SER C 75 41.44 2.04 55.73
N ARG C 76 42.53 2.53 55.16
CA ARG C 76 43.45 1.71 54.36
C ARG C 76 44.29 0.78 55.24
N SER C 77 44.57 1.21 56.47
CA SER C 77 45.55 0.54 57.33
C SER C 77 45.05 -0.80 57.83
N VAL C 78 45.99 -1.69 58.15
CA VAL C 78 45.66 -3.02 58.64
C VAL C 78 44.90 -2.96 59.98
N GLU C 79 45.21 -1.96 60.80
CA GLU C 79 44.58 -1.84 62.11
C GLU C 79 43.13 -1.33 62.05
N THR C 80 42.87 -0.39 61.15
CA THR C 80 41.50 0.11 60.92
C THR C 80 40.59 -1.01 60.39
N LEU C 81 41.09 -1.73 59.38
CA LEU C 81 40.33 -2.80 58.73
C LEU C 81 39.93 -3.90 59.70
N LYS C 82 40.83 -4.29 60.60
CA LYS C 82 40.51 -5.28 61.63
C LYS C 82 39.26 -4.92 62.41
N GLU C 83 39.16 -3.67 62.83
CA GLU C 83 37.98 -3.20 63.57
C GLU C 83 36.73 -3.11 62.69
N MET C 84 36.89 -2.76 61.41
CA MET C 84 35.76 -2.72 60.47
C MET C 84 35.19 -4.10 60.16
N ILE C 85 36.04 -5.11 60.01
CA ILE C 85 35.61 -6.50 59.82
C ILE C 85 34.86 -6.98 61.07
N LYS C 86 35.40 -6.63 62.23
CA LYS C 86 34.74 -6.93 63.52
C LYS C 86 33.37 -6.29 63.64
N SER C 87 33.23 -5.05 63.15
CA SER C 87 31.95 -4.34 63.22
C SER C 87 31.00 -4.61 62.06
N GLY C 88 31.36 -5.53 61.18
CA GLY C 88 30.44 -6.10 60.20
C GLY C 88 30.68 -5.80 58.73
N MET C 89 31.91 -5.46 58.35
CA MET C 89 32.25 -5.35 56.93
C MET C 89 32.26 -6.75 56.31
N ASN C 90 31.83 -6.80 55.07
CA ASN C 90 31.74 -8.05 54.30
C ASN C 90 32.51 -7.97 53.00
N VAL C 91 32.37 -6.86 52.27
CA VAL C 91 33.08 -6.62 51.03
C VAL C 91 33.89 -5.33 51.12
N ALA C 92 35.11 -5.36 50.60
CA ALA C 92 35.96 -4.18 50.52
C ALA C 92 35.98 -3.72 49.07
N ARG C 93 35.41 -2.55 48.79
CA ARG C 93 35.45 -1.93 47.47
C ARG C 93 36.71 -1.08 47.30
N LEU C 94 37.29 -1.12 46.11
CA LEU C 94 38.39 -0.25 45.72
C LEU C 94 37.93 0.56 44.52
N ASN C 95 38.09 1.89 44.59
CA ASN C 95 37.61 2.78 43.54
C ASN C 95 38.74 3.12 42.57
N PHE C 96 38.69 2.53 41.36
CA PHE C 96 39.74 2.72 40.34
C PHE C 96 39.58 3.99 39.46
N SER C 97 38.61 4.83 39.79
CA SER C 97 38.55 6.20 39.26
C SER C 97 39.79 7.00 39.72
N HIS C 98 40.30 6.69 40.91
CA HIS C 98 41.46 7.36 41.50
C HIS C 98 42.52 6.34 41.94
N GLY C 99 43.77 6.76 42.01
CA GLY C 99 44.87 5.94 42.55
C GLY C 99 45.57 5.11 41.48
N THR C 100 46.80 4.66 41.80
CA THR C 100 47.61 3.82 40.88
C THR C 100 47.48 2.34 41.17
N HIS C 101 48.02 1.51 40.28
CA HIS C 101 48.01 0.05 40.47
C HIS C 101 48.87 -0.42 41.64
N GLU C 102 49.98 0.27 41.87
CA GLU C 102 50.84 0.01 43.01
C GLU C 102 50.15 0.35 44.32
N TYR C 103 49.41 1.47 44.30
CA TYR C 103 48.68 1.96 45.49
C TYR C 103 47.61 0.96 45.91
N HIS C 104 46.77 0.56 44.96
CA HIS C 104 45.68 -0.38 45.23
C HIS C 104 46.13 -1.82 45.53
N ALA C 105 47.30 -2.21 45.02
CA ALA C 105 47.88 -3.52 45.34
C ALA C 105 48.14 -3.67 46.85
N GLU C 106 48.56 -2.57 47.47
CA GLU C 106 48.82 -2.53 48.91
C GLU C 106 47.54 -2.37 49.73
N THR C 107 46.55 -1.65 49.19
CA THR C 107 45.22 -1.59 49.81
C THR C 107 44.63 -3.01 49.94
N ILE C 108 44.77 -3.81 48.88
CA ILE C 108 44.36 -5.22 48.88
C ILE C 108 45.15 -6.06 49.87
N LYS C 109 46.47 -5.91 49.86
CA LYS C 109 47.35 -6.65 50.78
C LYS C 109 46.96 -6.41 52.25
N ASN C 110 46.58 -5.17 52.57
CA ASN C 110 46.14 -4.82 53.93
C ASN C 110 44.79 -5.46 54.30
N VAL C 111 43.87 -5.48 53.35
CA VAL C 111 42.58 -6.16 53.56
C VAL C 111 42.85 -7.62 53.90
N ARG C 112 43.65 -8.27 53.05
CA ARG C 112 43.95 -9.70 53.23
C ARG C 112 44.71 -10.03 54.53
N THR C 113 45.57 -9.12 54.98
CA THR C 113 46.28 -9.28 56.25
C THR C 113 45.29 -9.19 57.42
N ALA C 114 44.44 -8.18 57.39
CA ALA C 114 43.42 -7.96 58.43
C ALA C 114 42.43 -9.11 58.50
N THR C 115 41.94 -9.55 57.34
CA THR C 115 41.00 -10.66 57.22
C THR C 115 41.56 -11.94 57.83
N GLU C 116 42.78 -12.27 57.42
CA GLU C 116 43.49 -13.47 57.88
C GLU C 116 43.94 -13.43 59.34
N SER C 117 43.94 -12.26 59.98
CA SER C 117 44.26 -12.16 61.41
C SER C 117 43.33 -13.02 62.29
N PHE C 118 42.08 -13.21 61.87
CA PHE C 118 41.10 -14.02 62.60
C PHE C 118 41.11 -15.51 62.22
N ALA C 119 41.96 -15.91 61.27
CA ALA C 119 41.95 -17.26 60.71
C ALA C 119 42.33 -18.38 61.68
N SER C 120 43.04 -18.04 62.76
CA SER C 120 43.48 -19.03 63.76
C SER C 120 42.35 -19.71 64.56
N ASP C 121 41.13 -19.17 64.49
CA ASP C 121 39.92 -19.84 64.99
C ASP C 121 38.87 -19.89 63.86
N PRO C 122 38.70 -21.05 63.20
CA PRO C 122 37.80 -21.11 62.02
C PRO C 122 36.31 -20.78 62.27
N ILE C 123 35.89 -20.87 63.53
CA ILE C 123 34.54 -20.47 63.97
C ILE C 123 34.33 -18.94 63.86
N LEU C 124 35.34 -18.17 64.28
CA LEU C 124 35.28 -16.70 64.23
C LEU C 124 35.78 -16.10 62.91
N TYR C 125 36.25 -16.93 61.98
CA TYR C 125 36.75 -16.44 60.70
C TYR C 125 35.59 -16.06 59.81
N ARG C 126 35.37 -14.75 59.69
CA ARG C 126 34.49 -14.19 58.69
C ARG C 126 35.33 -13.98 57.45
N PRO C 127 34.92 -14.54 56.28
CA PRO C 127 35.56 -14.12 55.03
C PRO C 127 35.15 -12.70 54.63
N VAL C 128 36.00 -12.12 53.77
CA VAL C 128 35.84 -10.74 53.32
C VAL C 128 36.23 -10.67 51.84
N ALA C 129 35.32 -10.13 51.03
CA ALA C 129 35.52 -10.07 49.59
C ALA C 129 36.23 -8.79 49.17
N VAL C 130 36.80 -8.83 47.97
CA VAL C 130 37.46 -7.69 47.36
C VAL C 130 36.73 -7.33 46.07
N ALA C 131 36.31 -6.06 45.96
CA ALA C 131 35.57 -5.59 44.79
C ALA C 131 36.40 -4.53 44.07
N LEU C 132 36.39 -4.59 42.75
CA LEU C 132 37.13 -3.65 41.91
C LEU C 132 36.12 -2.84 41.10
N ASP C 133 35.96 -1.57 41.46
CA ASP C 133 35.01 -0.68 40.80
C ASP C 133 35.75 0.08 39.68
N THR C 134 35.33 -0.14 38.43
CA THR C 134 35.97 0.53 37.29
C THR C 134 35.74 2.04 37.27
N LYS C 135 36.61 2.75 36.56
CA LYS C 135 36.47 4.18 36.30
C LYS C 135 35.27 4.37 35.34
N GLY C 136 35.34 3.66 34.23
CA GLY C 136 34.27 3.62 33.25
C GLY C 136 34.53 4.59 32.11
N PRO C 137 33.58 4.76 31.21
CA PRO C 137 33.62 5.82 30.23
C PRO C 137 33.04 7.10 30.76
N GLU C 138 33.66 8.24 30.41
CA GLU C 138 33.18 9.55 30.88
C GLU C 138 33.26 10.65 29.87
N ILE C 139 32.64 11.77 30.15
CA ILE C 139 32.74 12.96 29.33
C ILE C 139 33.25 14.03 30.30
N ARG C 140 34.53 14.41 30.14
CA ARG C 140 35.14 15.47 30.95
C ARG C 140 35.38 16.76 30.16
N THR C 141 35.21 17.91 30.82
CA THR C 141 35.46 19.22 30.22
C THR C 141 36.95 19.57 30.25
N GLY C 142 37.28 20.72 29.66
CA GLY C 142 38.64 21.20 29.63
C GLY C 142 39.05 21.97 30.87
N LEU C 143 40.29 22.45 30.83
CA LEU C 143 40.91 23.22 31.90
C LEU C 143 40.49 24.68 31.72
N ILE C 144 39.91 25.27 32.76
CA ILE C 144 39.39 26.66 32.72
C ILE C 144 40.57 27.62 32.61
N LYS C 145 40.40 28.65 31.78
CA LYS C 145 41.50 29.50 31.30
C LYS C 145 42.71 29.72 32.27
N GLY C 146 43.92 29.51 31.75
CA GLY C 146 45.00 28.92 32.59
C GLY C 146 44.76 27.41 32.83
N ALA C 150 40.28 29.51 39.42
CA ALA C 150 39.93 28.24 38.77
C ALA C 150 38.55 28.25 38.04
N GLU C 151 37.54 28.87 38.65
CA GLU C 151 36.16 28.73 38.24
C GLU C 151 35.67 29.91 37.37
N VAL C 152 34.44 29.80 36.86
CA VAL C 152 33.78 30.90 36.12
C VAL C 152 32.26 30.83 36.27
N GLU C 153 31.60 31.98 36.35
CA GLU C 153 30.15 32.03 36.54
C GLU C 153 29.41 31.90 35.19
N LEU C 154 28.72 30.80 35.03
CA LEU C 154 27.70 30.64 33.99
C LEU C 154 26.40 31.12 34.62
N LYS C 155 25.79 32.16 34.04
CA LYS C 155 24.55 32.70 34.59
C LYS C 155 23.34 32.29 33.76
N LYS C 156 22.19 32.32 34.41
CA LYS C 156 20.93 31.75 33.88
C LYS C 156 20.43 32.48 32.64
N GLY C 157 20.55 31.85 31.48
CA GLY C 157 20.11 32.42 30.21
C GLY C 157 21.22 32.79 29.24
N ALA C 158 22.46 32.86 29.73
CA ALA C 158 23.62 33.17 28.88
C ALA C 158 23.92 32.05 27.88
N THR C 159 24.43 32.41 26.71
CA THR C 159 24.83 31.44 25.68
C THR C 159 26.24 30.90 26.00
N LEU C 160 26.38 29.58 25.84
CA LEU C 160 27.62 28.88 26.06
C LEU C 160 27.88 27.95 24.88
N LYS C 161 29.03 28.10 24.24
CA LYS C 161 29.41 27.29 23.10
C LYS C 161 30.18 26.09 23.58
N ILE C 162 29.79 24.90 23.11
CA ILE C 162 30.54 23.67 23.38
C ILE C 162 31.32 23.34 22.11
N THR C 163 32.58 22.94 22.27
CA THR C 163 33.47 22.70 21.12
C THR C 163 34.26 21.41 21.28
N LEU C 164 34.54 20.76 20.15
CA LEU C 164 35.39 19.56 20.09
C LEU C 164 36.79 19.85 19.56
N ASP C 165 37.06 21.12 19.24
CA ASP C 165 38.36 21.57 18.75
C ASP C 165 39.36 21.60 19.92
N ASN C 166 40.44 20.83 19.80
CA ASN C 166 41.44 20.70 20.88
C ASN C 166 42.24 21.97 21.18
N ALA C 167 42.20 22.97 20.30
CA ALA C 167 42.82 24.27 20.58
C ALA C 167 42.25 24.94 21.83
N TYR C 168 40.97 24.73 22.12
CA TYR C 168 40.32 25.32 23.30
C TYR C 168 40.41 24.47 24.58
N MET C 169 41.09 23.32 24.54
CA MET C 169 41.04 22.36 25.65
C MET C 169 41.68 22.84 26.97
N GLU C 170 42.48 23.90 26.92
CA GLU C 170 42.95 24.56 28.14
C GLU C 170 42.59 26.05 28.14
N LYS C 171 41.48 26.38 27.47
CA LYS C 171 41.04 27.77 27.30
C LYS C 171 39.51 27.87 27.44
N CYS C 172 38.96 27.13 28.40
CA CYS C 172 37.53 27.17 28.70
C CYS C 172 37.21 28.42 29.54
N ASP C 173 36.02 28.99 29.33
CA ASP C 173 35.59 30.19 30.05
C ASP C 173 34.05 30.30 30.06
N GLU C 174 33.51 31.48 30.32
CA GLU C 174 32.05 31.74 30.27
C GLU C 174 31.43 31.48 28.90
N ASN C 175 32.19 31.69 27.82
CA ASN C 175 31.69 31.67 26.44
C ASN C 175 31.88 30.32 25.76
N ILE C 176 33.10 29.79 25.81
CA ILE C 176 33.43 28.51 25.18
C ILE C 176 33.84 27.44 26.19
N LEU C 177 33.46 26.19 25.90
CA LEU C 177 33.71 25.04 26.75
C LEU C 177 34.16 23.86 25.87
N TRP C 178 35.31 23.28 26.18
CA TRP C 178 35.75 22.04 25.54
C TRP C 178 35.20 20.81 26.29
N LEU C 179 35.10 19.70 25.56
CA LEU C 179 34.96 18.37 26.17
C LEU C 179 35.46 17.28 25.22
N ASP C 180 35.83 16.14 25.81
CA ASP C 180 36.60 15.11 25.09
C ASP C 180 35.78 14.19 24.19
N TYR C 181 34.51 13.98 24.50
CA TYR C 181 33.65 13.04 23.76
C TYR C 181 33.35 13.54 22.33
N LYS C 182 34.05 12.95 21.36
CA LYS C 182 34.09 13.49 19.98
C LYS C 182 32.82 13.32 19.17
N ASN C 183 31.96 12.37 19.55
CA ASN C 183 30.69 12.15 18.84
C ASN C 183 29.50 12.83 19.53
N ILE C 184 29.76 13.82 20.39
CA ILE C 184 28.69 14.49 21.13
C ILE C 184 27.64 15.14 20.21
N CYS C 185 28.08 15.63 19.04
CA CYS C 185 27.18 16.21 18.04
C CYS C 185 26.18 15.20 17.44
N LYS C 186 26.59 13.94 17.37
CA LYS C 186 25.80 12.88 16.74
C LYS C 186 24.69 12.32 17.63
N VAL C 187 24.95 12.17 18.93
CA VAL C 187 23.95 11.62 19.88
C VAL C 187 22.98 12.66 20.47
N VAL C 188 23.24 13.95 20.23
CA VAL C 188 22.42 15.03 20.77
C VAL C 188 21.65 15.64 19.60
N GLU C 189 20.40 16.04 19.87
CA GLU C 189 19.59 16.83 18.93
C GLU C 189 19.36 18.21 19.52
N VAL C 190 18.70 19.08 18.75
CA VAL C 190 18.28 20.39 19.24
C VAL C 190 17.26 20.20 20.38
N GLY C 191 17.46 20.91 21.50
CA GLY C 191 16.57 20.81 22.65
C GLY C 191 16.96 19.83 23.75
N SER C 192 17.96 18.98 23.51
CA SER C 192 18.47 18.04 24.53
C SER C 192 19.19 18.78 25.64
N LYS C 193 19.25 18.17 26.81
CA LYS C 193 19.95 18.73 27.96
C LYS C 193 21.37 18.18 28.08
N ILE C 194 22.24 18.95 28.72
CA ILE C 194 23.60 18.54 29.05
C ILE C 194 23.93 18.98 30.47
N TYR C 195 23.99 18.02 31.40
CA TYR C 195 24.29 18.30 32.80
C TYR C 195 25.80 18.25 33.03
N VAL C 196 26.33 19.28 33.68
CA VAL C 196 27.77 19.47 33.87
C VAL C 196 28.10 19.63 35.35
N ASP C 197 29.18 18.96 35.78
CA ASP C 197 29.64 18.94 37.19
C ASP C 197 28.62 18.23 38.07
N ASP C 198 28.29 16.98 37.69
CA ASP C 198 27.34 16.16 38.41
C ASP C 198 26.02 16.89 38.63
N GLY C 199 25.49 17.46 37.56
CA GLY C 199 24.21 18.15 37.59
C GLY C 199 24.10 19.45 38.38
N LEU C 200 25.22 20.13 38.63
CA LEU C 200 25.18 21.48 39.20
C LEU C 200 24.71 22.48 38.14
N ILE C 201 25.25 22.35 36.93
CA ILE C 201 24.89 23.20 35.79
C ILE C 201 24.14 22.37 34.75
N SER C 202 23.11 22.94 34.14
CA SER C 202 22.38 22.28 33.05
C SER C 202 22.22 23.22 31.86
N LEU C 203 22.42 22.69 30.66
CA LEU C 203 22.41 23.46 29.41
C LEU C 203 21.45 22.84 28.41
N GLN C 204 20.68 23.68 27.71
CA GLN C 204 19.78 23.22 26.65
C GLN C 204 20.38 23.60 25.29
N VAL C 205 20.47 22.63 24.38
CA VAL C 205 21.04 22.85 23.04
C VAL C 205 20.06 23.65 22.17
N LYS C 206 20.56 24.74 21.59
CA LYS C 206 19.79 25.55 20.62
C LYS C 206 20.12 25.12 19.20
N GLN C 207 21.41 25.09 18.87
CA GLN C 207 21.86 24.80 17.50
C GLN C 207 22.91 23.70 17.49
N LYS C 208 22.70 22.69 16.66
CA LYS C 208 23.73 21.70 16.33
C LYS C 208 24.78 22.31 15.42
N GLY C 209 25.83 21.56 15.13
CA GLY C 209 26.87 22.02 14.22
C GLY C 209 27.76 20.90 13.72
N ALA C 210 28.82 21.29 13.03
CA ALA C 210 29.80 20.34 12.49
C ALA C 210 30.56 19.69 13.63
N ASP C 211 31.25 20.52 14.40
CA ASP C 211 32.02 20.07 15.57
C ASP C 211 31.79 21.02 16.76
N PHE C 212 30.54 21.45 16.93
CA PHE C 212 30.17 22.37 18.01
C PHE C 212 28.67 22.35 18.33
N LEU C 213 28.34 22.90 19.50
CA LEU C 213 26.96 23.13 19.91
C LEU C 213 26.84 24.53 20.48
N VAL C 214 25.66 25.13 20.33
CA VAL C 214 25.34 26.40 20.98
C VAL C 214 24.23 26.09 21.97
N THR C 215 24.51 26.32 23.25
CA THR C 215 23.58 26.02 24.33
C THR C 215 23.12 27.26 25.07
N GLU C 216 22.02 27.13 25.82
CA GLU C 216 21.55 28.18 26.73
C GLU C 216 21.61 27.64 28.14
N VAL C 217 22.24 28.39 29.03
CA VAL C 217 22.37 28.01 30.43
C VAL C 217 20.98 28.09 31.09
N GLU C 218 20.62 27.05 31.85
CA GLU C 218 19.35 26.99 32.57
C GLU C 218 19.56 27.08 34.08
N ASN C 219 20.38 26.17 34.62
CA ASN C 219 20.85 26.27 36.00
C ASN C 219 22.25 26.86 36.02
N GLY C 220 22.41 28.02 36.66
CA GLY C 220 23.71 28.65 36.79
C GLY C 220 24.59 27.94 37.80
N GLY C 221 25.84 28.36 37.91
CA GLY C 221 26.77 27.76 38.87
C GLY C 221 28.23 28.09 38.57
N SER C 222 29.09 27.60 39.44
CA SER C 222 30.53 27.76 39.28
C SER C 222 31.09 26.57 38.50
N LEU C 223 31.37 26.78 37.22
CA LEU C 223 32.00 25.76 36.34
C LEU C 223 33.49 25.72 36.61
N GLY C 224 34.04 24.52 36.81
CA GLY C 224 35.49 24.35 37.02
C GLY C 224 36.17 23.57 35.92
N SER C 225 37.36 23.06 36.23
CA SER C 225 38.19 22.31 35.30
C SER C 225 37.92 20.82 35.39
N LYS C 226 37.93 20.15 34.23
CA LYS C 226 37.72 18.68 34.14
C LYS C 226 36.53 18.19 34.97
N LYS C 227 35.32 18.54 34.55
CA LYS C 227 34.09 18.16 35.26
C LYS C 227 33.30 17.09 34.48
N GLY C 228 32.54 16.29 35.22
CA GLY C 228 31.73 15.23 34.66
C GLY C 228 30.51 15.79 33.91
N VAL C 229 30.39 15.40 32.64
CA VAL C 229 29.25 15.77 31.82
C VAL C 229 28.36 14.55 31.58
N ASN C 230 27.04 14.76 31.64
CA ASN C 230 26.04 13.70 31.41
C ASN C 230 25.09 14.14 30.32
N LEU C 231 24.48 13.19 29.62
CA LEU C 231 23.64 13.48 28.45
C LEU C 231 22.26 12.81 28.59
N PRO C 232 21.38 13.35 29.46
CA PRO C 232 20.05 12.78 29.76
C PRO C 232 19.34 12.13 28.55
N GLY C 233 19.06 10.84 28.67
CA GLY C 233 18.36 10.04 27.67
C GLY C 233 18.94 10.12 26.27
N ALA C 234 20.26 9.96 26.16
CA ALA C 234 20.96 9.95 24.88
C ALA C 234 21.67 8.62 24.73
N ALA C 235 21.69 8.06 23.52
CA ALA C 235 22.42 6.83 23.28
C ALA C 235 23.92 7.14 23.24
N VAL C 236 24.53 7.25 24.41
CA VAL C 236 25.94 7.60 24.54
C VAL C 236 26.76 6.40 24.09
N ASP C 237 27.43 6.52 22.95
CA ASP C 237 28.11 5.41 22.28
C ASP C 237 29.65 5.39 22.54
N LEU C 238 30.06 5.69 23.76
CA LEU C 238 31.44 5.54 24.19
C LEU C 238 31.80 4.05 24.29
N PRO C 239 33.09 3.72 24.37
CA PRO C 239 33.43 2.31 24.59
C PRO C 239 33.03 1.85 26.00
N ALA C 240 32.47 0.64 26.08
CA ALA C 240 32.03 0.05 27.34
C ALA C 240 33.16 -0.05 28.35
N VAL C 241 34.30 -0.52 27.87
CA VAL C 241 35.52 -0.64 28.63
C VAL C 241 36.53 0.31 27.99
N SER C 242 36.84 1.41 28.68
CA SER C 242 37.90 2.33 28.24
C SER C 242 39.26 1.62 28.30
N GLU C 243 40.25 2.14 27.58
CA GLU C 243 41.59 1.52 27.54
C GLU C 243 42.27 1.48 28.92
N LYS C 244 41.99 2.47 29.76
CA LYS C 244 42.41 2.47 31.16
C LYS C 244 41.84 1.27 31.92
N ASP C 245 40.54 1.04 31.71
CA ASP C 245 39.82 -0.06 32.38
C ASP C 245 40.29 -1.44 31.92
N ILE C 246 40.72 -1.58 30.66
CA ILE C 246 41.22 -2.87 30.17
C ILE C 246 42.47 -3.29 30.94
N GLN C 247 43.26 -2.31 31.40
CA GLN C 247 44.40 -2.58 32.29
C GLN C 247 43.95 -2.80 33.73
N ASP C 248 42.97 -2.03 34.20
CA ASP C 248 42.42 -2.20 35.56
C ASP C 248 41.79 -3.58 35.78
N LEU C 249 41.08 -4.08 34.77
CA LEU C 249 40.44 -5.41 34.84
C LEU C 249 41.44 -6.56 34.79
N LYS C 250 42.54 -6.40 34.06
CA LYS C 250 43.61 -7.40 34.06
C LYS C 250 44.35 -7.41 35.39
N PHE C 251 44.52 -6.23 36.00
CA PHE C 251 45.08 -6.10 37.35
C PHE C 251 44.21 -6.78 38.40
N GLY C 252 42.89 -6.69 38.22
CA GLY C 252 41.93 -7.38 39.08
C GLY C 252 42.08 -8.89 39.00
N VAL C 253 42.13 -9.41 37.78
CA VAL C 253 42.32 -10.85 37.52
C VAL C 253 43.65 -11.31 38.11
N GLU C 254 44.69 -10.50 37.89
CA GLU C 254 46.03 -10.75 38.39
C GLU C 254 46.10 -10.75 39.94
N GLN C 255 45.34 -9.86 40.58
CA GLN C 255 45.27 -9.79 42.05
C GLN C 255 44.24 -10.75 42.68
N ASP C 256 43.56 -11.55 41.86
CA ASP C 256 42.44 -12.42 42.29
C ASP C 256 41.40 -11.69 43.12
N VAL C 257 40.76 -10.70 42.50
CA VAL C 257 39.56 -10.12 43.08
C VAL C 257 38.42 -11.12 42.94
N ASP C 258 37.37 -10.87 43.72
CA ASP C 258 36.20 -11.74 43.79
C ASP C 258 35.04 -11.22 42.95
N MET C 259 34.94 -9.90 42.79
CA MET C 259 33.92 -9.29 41.96
C MET C 259 34.37 -7.97 41.34
N VAL C 260 33.67 -7.58 40.28
CA VAL C 260 33.95 -6.35 39.54
C VAL C 260 32.66 -5.54 39.45
N PHE C 261 32.68 -4.30 39.92
CA PHE C 261 31.56 -3.37 39.75
C PHE C 261 31.78 -2.56 38.47
N ALA C 262 31.23 -3.04 37.35
CA ALA C 262 31.42 -2.39 36.04
C ALA C 262 30.57 -1.14 35.93
N SER C 263 31.21 -0.01 35.61
CA SER C 263 30.53 1.29 35.64
C SER C 263 29.81 1.64 34.33
N PHE C 264 28.83 2.53 34.45
CA PHE C 264 28.10 3.13 33.32
C PHE C 264 27.65 2.11 32.26
N ILE C 265 26.95 1.08 32.70
CA ILE C 265 26.44 0.04 31.81
C ILE C 265 25.14 0.53 31.16
N ARG C 266 25.12 0.46 29.84
CA ARG C 266 24.01 0.92 29.01
C ARG C 266 23.23 -0.22 28.36
N LYS C 267 23.86 -1.36 28.14
CA LYS C 267 23.27 -2.41 27.29
C LYS C 267 23.98 -3.74 27.46
N ALA C 268 23.38 -4.80 26.94
CA ALA C 268 23.88 -6.16 27.13
C ALA C 268 25.33 -6.30 26.68
N SER C 269 25.62 -5.79 25.50
CA SER C 269 26.97 -5.91 24.93
C SER C 269 28.08 -5.22 25.74
N ASP C 270 27.73 -4.23 26.54
CA ASP C 270 28.69 -3.62 27.48
C ASP C 270 29.16 -4.63 28.51
N VAL C 271 28.23 -5.39 29.05
CA VAL C 271 28.53 -6.43 30.05
C VAL C 271 29.34 -7.54 29.40
N HIS C 272 28.93 -7.95 28.21
CA HIS C 272 29.64 -8.99 27.45
C HIS C 272 31.11 -8.66 27.21
N GLU C 273 31.43 -7.39 26.97
CA GLU C 273 32.82 -6.95 26.78
C GLU C 273 33.61 -6.85 28.07
N VAL C 274 32.94 -6.60 29.18
CA VAL C 274 33.57 -6.66 30.51
C VAL C 274 33.93 -8.11 30.82
N ARG C 275 33.03 -9.05 30.48
CA ARG C 275 33.26 -10.49 30.61
C ARG C 275 34.45 -10.93 29.76
N LYS C 276 34.42 -10.51 28.50
CA LYS C 276 35.41 -10.90 27.51
C LYS C 276 36.83 -10.44 27.88
N VAL C 277 36.96 -9.28 28.50
CA VAL C 277 38.26 -8.77 28.97
C VAL C 277 38.79 -9.61 30.13
N LEU C 278 37.91 -9.96 31.07
CA LEU C 278 38.29 -10.82 32.19
C LEU C 278 38.69 -12.22 31.70
N GLY C 279 37.95 -12.71 30.70
CA GLY C 279 38.33 -13.89 29.92
C GLY C 279 38.28 -15.20 30.67
N GLU C 280 38.97 -16.21 30.13
CA GLU C 280 39.09 -17.53 30.74
C GLU C 280 39.74 -17.47 32.13
N LYS C 281 40.77 -16.62 32.26
CA LYS C 281 41.56 -16.53 33.48
C LYS C 281 40.75 -16.05 34.69
N GLY C 282 39.79 -15.17 34.46
CA GLY C 282 38.92 -14.68 35.53
C GLY C 282 37.46 -14.84 35.21
N LYS C 283 37.08 -16.02 34.73
CA LYS C 283 35.69 -16.31 34.38
C LYS C 283 34.80 -16.40 35.63
N ASN C 284 35.39 -16.80 36.75
CA ASN C 284 34.68 -16.93 38.01
C ASN C 284 34.44 -15.59 38.73
N ILE C 285 35.08 -14.51 38.29
CA ILE C 285 34.90 -13.20 38.89
C ILE C 285 33.52 -12.66 38.53
N LYS C 286 32.73 -12.32 39.55
CA LYS C 286 31.35 -11.88 39.37
C LYS C 286 31.30 -10.44 38.85
N ILE C 287 30.44 -10.20 37.86
CA ILE C 287 30.26 -8.87 37.26
C ILE C 287 28.96 -8.24 37.73
N ILE C 288 29.08 -7.21 38.57
CA ILE C 288 27.93 -6.43 39.00
C ILE C 288 27.84 -5.23 38.08
N SER C 289 26.76 -5.15 37.29
CA SER C 289 26.57 -4.01 36.41
C SER C 289 25.95 -2.83 37.17
N LYS C 290 26.54 -1.65 37.02
CA LYS C 290 26.05 -0.43 37.66
C LYS C 290 25.11 0.29 36.70
N ILE C 291 23.89 0.56 37.15
CA ILE C 291 22.93 1.29 36.36
C ILE C 291 23.04 2.76 36.78
N GLU C 292 23.73 3.55 35.94
CA GLU C 292 24.04 4.94 36.27
C GLU C 292 23.26 5.97 35.43
N ASN C 293 22.56 5.56 34.37
CA ASN C 293 21.94 6.49 33.42
C ASN C 293 20.59 6.04 32.95
N HIS C 294 19.89 6.88 32.20
CA HIS C 294 18.52 6.57 31.75
C HIS C 294 18.49 5.35 30.83
N GLU C 295 19.48 5.21 29.96
CA GLU C 295 19.52 4.08 29.00
C GLU C 295 19.63 2.72 29.70
N GLY C 296 20.38 2.68 30.80
CA GLY C 296 20.50 1.47 31.62
C GLY C 296 19.17 0.97 32.16
N VAL C 297 18.36 1.89 32.66
CA VAL C 297 17.05 1.57 33.23
C VAL C 297 16.09 1.10 32.13
N ARG C 298 16.16 1.71 30.95
CA ARG C 298 15.31 1.30 29.84
C ARG C 298 15.64 -0.12 29.39
N ARG C 299 16.92 -0.45 29.34
CA ARG C 299 17.37 -1.77 28.91
C ARG C 299 17.69 -2.70 30.07
N PHE C 300 17.05 -2.51 31.21
CA PHE C 300 17.42 -3.24 32.43
C PHE C 300 17.34 -4.74 32.25
N ASP C 301 16.31 -5.19 31.55
CA ASP C 301 16.05 -6.62 31.40
C ASP C 301 17.19 -7.34 30.71
N GLU C 302 17.69 -6.80 29.60
CA GLU C 302 18.80 -7.43 28.86
C GLU C 302 20.14 -7.36 29.63
N ILE C 303 20.30 -6.32 30.46
CA ILE C 303 21.51 -6.18 31.28
C ILE C 303 21.49 -7.19 32.42
N LEU C 304 20.36 -7.25 33.12
CA LEU C 304 20.18 -8.19 34.23
C LEU C 304 20.46 -9.63 33.81
N GLU C 305 20.04 -10.00 32.61
CA GLU C 305 20.25 -11.33 32.07
C GLU C 305 21.75 -11.61 31.86
N ALA C 306 22.47 -10.63 31.33
CA ALA C 306 23.91 -10.79 31.06
C ALA C 306 24.81 -10.58 32.29
N SER C 307 24.29 -9.91 33.32
CA SER C 307 25.09 -9.58 34.51
C SER C 307 24.92 -10.62 35.59
N ASP C 308 25.92 -10.72 36.45
CA ASP C 308 25.83 -11.60 37.63
C ASP C 308 25.01 -10.94 38.71
N GLY C 309 25.18 -9.63 38.90
CA GLY C 309 24.34 -8.83 39.79
C GLY C 309 24.12 -7.43 39.26
N ILE C 310 23.52 -6.58 40.10
CA ILE C 310 23.19 -5.19 39.76
C ILE C 310 23.57 -4.27 40.92
N MET C 311 23.91 -3.02 40.58
CA MET C 311 24.11 -1.96 41.56
C MET C 311 23.32 -0.73 41.14
N VAL C 312 22.33 -0.37 41.94
CA VAL C 312 21.56 0.84 41.71
C VAL C 312 22.32 2.03 42.29
N ALA C 313 23.01 2.77 41.43
CA ALA C 313 23.73 4.00 41.84
C ALA C 313 22.71 5.14 41.79
N ARG C 314 22.26 5.56 42.97
CA ARG C 314 21.08 6.41 43.08
C ARG C 314 21.41 7.87 42.79
N GLY C 315 22.53 8.34 43.34
CA GLY C 315 23.00 9.67 43.07
C GLY C 315 23.20 9.98 41.59
N ASP C 316 23.81 9.02 40.90
CA ASP C 316 24.12 9.14 39.47
C ASP C 316 22.83 9.11 38.62
N LEU C 317 21.82 8.35 39.06
CA LEU C 317 20.51 8.40 38.42
C LEU C 317 19.80 9.71 38.67
N GLY C 318 19.91 10.22 39.90
CA GLY C 318 19.34 11.52 40.29
C GLY C 318 19.70 12.70 39.42
N ILE C 319 20.86 12.61 38.78
CA ILE C 319 21.28 13.57 37.74
C ILE C 319 20.46 13.37 36.47
N GLU C 320 20.48 12.12 35.99
CA GLU C 320 20.08 11.79 34.61
C GLU C 320 18.58 11.55 34.38
N ILE C 321 17.84 11.23 35.46
CA ILE C 321 16.37 11.13 35.41
C ILE C 321 15.77 11.99 36.54
N PRO C 322 14.49 12.38 36.42
CA PRO C 322 13.88 13.29 37.42
C PRO C 322 13.89 12.73 38.85
N ALA C 323 13.97 13.61 39.84
CA ALA C 323 14.05 13.21 41.26
C ALA C 323 12.78 12.53 41.80
N GLU C 324 11.62 12.91 41.27
CA GLU C 324 10.35 12.28 41.66
C GLU C 324 10.12 10.90 41.01
N LYS C 325 11.06 10.43 40.19
CA LYS C 325 10.96 9.12 39.55
C LYS C 325 12.11 8.18 39.88
N VAL C 326 13.03 8.57 40.76
CA VAL C 326 14.19 7.71 41.02
C VAL C 326 13.78 6.54 41.90
N PHE C 327 13.01 6.81 42.94
CA PHE C 327 12.52 5.75 43.83
C PHE C 327 11.74 4.68 43.07
N LEU C 328 10.98 5.08 42.04
CA LEU C 328 10.32 4.12 41.16
C LEU C 328 11.31 3.22 40.42
N ALA C 329 12.43 3.78 39.95
CA ALA C 329 13.47 3.01 39.29
C ALA C 329 14.13 2.02 40.26
N GLN C 330 14.52 2.53 41.44
CA GLN C 330 15.11 1.70 42.49
C GLN C 330 14.22 0.51 42.82
N LYS C 331 12.94 0.78 43.08
CA LYS C 331 11.99 -0.29 43.43
C LYS C 331 11.83 -1.31 42.32
N MET C 332 11.72 -0.84 41.08
CA MET C 332 11.61 -1.73 39.93
C MET C 332 12.84 -2.62 39.80
N MET C 333 14.02 -2.02 39.85
CA MET C 333 15.25 -2.80 39.65
C MET C 333 15.48 -3.77 40.80
N ILE C 334 15.26 -3.32 42.03
CA ILE C 334 15.36 -4.21 43.19
C ILE C 334 14.32 -5.31 43.08
N GLY C 335 13.11 -4.96 42.65
CA GLY C 335 12.08 -5.95 42.39
C GLY C 335 12.52 -7.02 41.42
N ARG C 336 12.97 -6.63 40.24
CA ARG C 336 13.31 -7.60 39.18
C ARG C 336 14.47 -8.49 39.53
N CYS C 337 15.47 -7.93 40.21
CA CYS C 337 16.60 -8.72 40.71
C CYS C 337 16.16 -9.78 41.72
N ASN C 338 15.21 -9.45 42.59
CA ASN C 338 14.67 -10.42 43.55
C ASN C 338 13.97 -11.56 42.81
N ARG C 339 13.15 -11.20 41.82
CA ARG C 339 12.47 -12.21 41.01
C ARG C 339 13.48 -13.09 40.30
N ALA C 340 14.39 -12.49 39.55
CA ALA C 340 15.42 -13.24 38.83
C ALA C 340 16.46 -13.95 39.73
N GLY C 341 16.49 -13.62 41.02
CA GLY C 341 17.36 -14.31 41.97
C GLY C 341 18.81 -13.93 41.89
N LYS C 342 19.06 -12.69 41.46
CA LYS C 342 20.42 -12.13 41.37
C LYS C 342 20.59 -11.04 42.41
N PRO C 343 21.83 -10.83 42.88
CA PRO C 343 22.04 -9.76 43.83
C PRO C 343 21.74 -8.39 43.26
N VAL C 344 21.27 -7.52 44.13
CA VAL C 344 21.13 -6.11 43.82
C VAL C 344 21.76 -5.34 44.99
N ILE C 345 22.45 -4.25 44.67
CA ILE C 345 23.17 -3.47 45.66
C ILE C 345 22.68 -2.03 45.61
N CYS C 346 22.38 -1.44 46.77
CA CYS C 346 21.99 -0.03 46.84
C CYS C 346 23.17 0.82 47.27
N ALA C 347 23.63 1.67 46.35
CA ALA C 347 24.86 2.44 46.50
C ALA C 347 24.57 3.94 46.47
N THR C 348 25.55 4.71 46.98
CA THR C 348 25.57 6.18 46.93
C THR C 348 24.55 6.83 47.85
N GLN C 349 24.94 7.97 48.44
CA GLN C 349 24.03 8.80 49.27
C GLN C 349 23.44 8.07 50.48
N MET C 350 24.17 7.10 51.03
CA MET C 350 23.64 6.30 52.12
C MET C 350 23.73 7.09 53.45
N LEU C 351 24.96 7.32 53.90
CA LEU C 351 25.20 7.93 55.21
C LEU C 351 26.22 9.08 55.08
N GLU C 352 25.99 9.98 54.12
CA GLU C 352 26.98 10.99 53.73
C GLU C 352 27.37 11.97 54.85
N SER C 353 26.45 12.27 55.77
CA SER C 353 26.76 13.14 56.91
C SER C 353 27.85 12.58 57.82
N MET C 354 28.03 11.25 57.81
CA MET C 354 29.08 10.60 58.63
C MET C 354 30.52 10.73 58.11
N ILE C 355 30.72 11.41 56.97
CA ILE C 355 32.03 11.90 56.59
C ILE C 355 32.54 12.88 57.65
N LYS C 356 31.65 13.78 58.09
CA LYS C 356 31.99 14.85 59.04
C LYS C 356 31.58 14.61 60.50
N LYS C 357 30.51 13.81 60.73
CA LYS C 357 29.87 13.70 62.05
C LYS C 357 29.78 12.25 62.54
N PRO C 358 29.68 12.03 63.87
CA PRO C 358 29.78 10.67 64.44
C PRO C 358 28.50 9.83 64.36
N ARG C 359 27.38 10.47 64.02
CA ARG C 359 26.08 9.81 63.88
C ARG C 359 25.42 10.26 62.57
N PRO C 360 24.40 9.52 62.11
CA PRO C 360 23.70 9.92 60.90
C PRO C 360 22.44 10.72 61.24
N THR C 361 21.86 11.36 60.22
CA THR C 361 20.58 12.08 60.37
C THR C 361 19.44 11.07 60.40
N ARG C 362 18.27 11.53 60.86
CA ARG C 362 17.06 10.70 60.88
C ARG C 362 16.73 10.21 59.46
N ALA C 363 16.78 11.13 58.50
CA ALA C 363 16.43 10.83 57.11
C ALA C 363 17.40 9.86 56.43
N GLU C 364 18.66 9.83 56.84
CA GLU C 364 19.63 8.88 56.28
C GLU C 364 19.34 7.46 56.75
N GLY C 365 19.02 7.32 58.04
CA GLY C 365 18.62 6.02 58.60
C GLY C 365 17.37 5.47 57.96
N SER C 366 16.41 6.36 57.70
CA SER C 366 15.17 6.00 57.01
C SER C 366 15.41 5.61 55.55
N ASP C 367 16.36 6.28 54.89
CA ASP C 367 16.73 5.99 53.48
C ASP C 367 17.39 4.64 53.34
N VAL C 368 18.26 4.30 54.30
CA VAL C 368 18.92 2.99 54.32
C VAL C 368 17.90 1.89 54.57
N ALA C 369 17.08 2.09 55.61
CA ALA C 369 16.04 1.13 55.99
C ALA C 369 15.16 0.81 54.80
N ASN C 370 14.61 1.85 54.18
CA ASN C 370 13.70 1.67 53.04
C ASN C 370 14.36 1.00 51.84
N ALA C 371 15.68 1.06 51.71
CA ALA C 371 16.40 0.27 50.69
C ALA C 371 16.56 -1.21 51.09
N VAL C 372 16.73 -1.48 52.39
CA VAL C 372 16.74 -2.85 52.90
C VAL C 372 15.36 -3.49 52.73
N LEU C 373 14.33 -2.72 53.04
CA LEU C 373 12.94 -3.16 52.93
C LEU C 373 12.45 -3.27 51.49
N ASP C 374 12.96 -2.41 50.60
CA ASP C 374 12.66 -2.54 49.15
C ASP C 374 13.10 -3.90 48.61
N GLY C 375 14.13 -4.48 49.23
CA GLY C 375 14.59 -5.84 48.92
C GLY C 375 16.05 -6.00 48.56
N ALA C 376 16.87 -4.97 48.81
CA ALA C 376 18.27 -5.02 48.44
C ALA C 376 18.99 -6.10 49.22
N ASP C 377 20.03 -6.65 48.61
CA ASP C 377 20.88 -7.64 49.23
C ASP C 377 22.02 -6.97 49.99
N CYS C 378 22.67 -6.00 49.34
CA CYS C 378 23.79 -5.27 49.95
C CYS C 378 23.59 -3.76 49.94
N ILE C 379 24.24 -3.10 50.90
CA ILE C 379 24.26 -1.65 51.02
C ILE C 379 25.72 -1.21 50.93
N MET C 380 26.01 -0.17 50.13
CA MET C 380 27.40 0.23 49.88
C MET C 380 27.69 1.66 50.37
N LEU C 381 28.62 1.75 51.31
CA LEU C 381 29.03 3.03 51.87
C LEU C 381 30.15 3.60 50.99
N SER C 382 29.92 4.79 50.44
CA SER C 382 30.86 5.42 49.49
C SER C 382 31.97 6.25 50.19
N GLY C 383 31.72 7.52 50.52
CA GLY C 383 32.68 8.38 51.20
C GLY C 383 32.89 7.99 52.65
N GLU C 384 31.83 8.16 53.45
CA GLU C 384 31.70 7.63 54.83
C GLU C 384 32.90 6.84 55.41
N THR C 385 33.29 5.76 54.72
CA THR C 385 34.40 4.88 55.13
C THR C 385 35.74 5.09 54.40
N ALA C 386 35.70 5.60 53.17
CA ALA C 386 36.92 5.80 52.36
C ALA C 386 37.79 6.94 52.87
N LYS C 387 37.19 8.12 53.03
CA LYS C 387 37.91 9.34 53.40
C LYS C 387 37.14 10.13 54.46
N GLY C 388 36.56 9.42 55.43
CA GLY C 388 35.74 10.03 56.45
C GLY C 388 36.51 10.26 57.72
N ASP C 389 36.00 11.17 58.56
CA ASP C 389 36.52 11.36 59.91
C ASP C 389 36.06 10.21 60.83
N TYR C 390 34.94 9.57 60.48
CA TYR C 390 34.39 8.47 61.26
C TYR C 390 34.10 7.25 60.37
N PRO C 391 35.16 6.50 60.00
CA PRO C 391 34.97 5.31 59.18
C PRO C 391 34.45 4.11 59.96
N LEU C 392 34.88 3.96 61.21
CA LEU C 392 34.49 2.81 62.01
C LEU C 392 33.06 2.91 62.53
N GLU C 393 32.60 4.12 62.84
CA GLU C 393 31.23 4.30 63.34
C GLU C 393 30.24 4.19 62.19
N ALA C 394 30.67 4.59 60.99
CA ALA C 394 29.87 4.43 59.78
C ALA C 394 29.46 2.99 59.50
N VAL C 395 30.37 2.05 59.76
CA VAL C 395 30.06 0.63 59.62
C VAL C 395 29.10 0.17 60.72
N ARG C 396 29.30 0.65 61.94
CA ARG C 396 28.44 0.28 63.07
C ARG C 396 27.02 0.79 62.96
N MET C 397 26.82 1.98 62.39
CA MET C 397 25.46 2.53 62.17
C MET C 397 24.77 1.77 61.05
N GLN C 398 25.50 1.51 59.97
CA GLN C 398 24.98 0.71 58.86
C GLN C 398 24.49 -0.63 59.39
N HIS C 399 25.32 -1.30 60.18
CA HIS C 399 24.94 -2.56 60.82
C HIS C 399 23.70 -2.41 61.71
N LEU C 400 23.67 -1.36 62.53
CA LEU C 400 22.52 -1.14 63.42
C LEU C 400 21.22 -0.90 62.66
N ILE C 401 21.28 -0.06 61.62
CA ILE C 401 20.09 0.25 60.83
C ILE C 401 19.60 -1.00 60.10
N ALA C 402 20.51 -1.70 59.41
CA ALA C 402 20.16 -2.93 58.67
C ALA C 402 19.55 -4.04 59.52
N ARG C 403 19.92 -4.10 60.80
CA ARG C 403 19.39 -5.09 61.73
C ARG C 403 18.03 -4.68 62.28
N GLU C 404 17.85 -3.39 62.55
CA GLU C 404 16.54 -2.88 62.99
C GLU C 404 15.52 -2.98 61.87
N ALA C 405 15.95 -2.61 60.67
CA ALA C 405 15.10 -2.72 59.47
C ALA C 405 14.66 -4.15 59.22
N GLU C 406 15.53 -5.11 59.49
CA GLU C 406 15.22 -6.54 59.35
C GLU C 406 13.92 -6.96 60.05
N ALA C 407 13.64 -6.36 61.19
CA ALA C 407 12.42 -6.63 61.97
C ALA C 407 11.14 -6.19 61.24
N ALA C 408 11.25 -5.17 60.39
CA ALA C 408 10.12 -4.65 59.61
C ALA C 408 9.85 -5.44 58.32
N ILE C 409 10.71 -6.39 57.97
CA ILE C 409 10.50 -7.17 56.77
C ILE C 409 9.51 -8.27 57.09
N TYR C 410 8.51 -8.42 56.20
CA TYR C 410 7.50 -9.47 56.27
C TYR C 410 7.91 -10.56 55.30
N HIS C 411 8.90 -11.35 55.74
CA HIS C 411 9.51 -12.43 54.94
C HIS C 411 8.51 -13.37 54.33
N LEU C 412 7.38 -13.57 55.01
CA LEU C 412 6.39 -14.55 54.60
C LEU C 412 5.84 -14.32 53.19
N GLN C 413 5.38 -13.09 52.90
CA GLN C 413 4.82 -12.83 51.56
C GLN C 413 5.89 -12.77 50.47
N LEU C 414 7.07 -12.23 50.78
CA LEU C 414 8.23 -12.31 49.84
C LEU C 414 8.35 -13.72 49.27
N PHE C 415 8.24 -14.70 50.15
CA PHE C 415 8.37 -16.12 49.80
C PHE C 415 7.16 -16.65 49.03
N GLU C 416 5.96 -16.44 49.55
CA GLU C 416 4.75 -16.96 48.91
C GLU C 416 4.55 -16.42 47.50
N GLU C 417 4.95 -15.17 47.28
CA GLU C 417 4.90 -14.57 45.95
C GLU C 417 6.00 -15.14 45.04
N LEU C 418 7.22 -15.21 45.58
CA LEU C 418 8.35 -15.79 44.83
C LEU C 418 8.16 -17.25 44.46
N ARG C 419 7.40 -17.98 45.27
CA ARG C 419 7.08 -19.38 44.98
C ARG C 419 6.04 -19.48 43.88
N ARG C 420 5.03 -18.62 43.93
CA ARG C 420 3.99 -18.61 42.90
C ARG C 420 4.54 -18.20 41.54
N LEU C 421 5.29 -17.10 41.50
CA LEU C 421 5.85 -16.58 40.25
C LEU C 421 6.94 -17.46 39.62
N ALA C 422 7.54 -18.38 40.36
CA ALA C 422 8.57 -19.26 39.82
C ALA C 422 7.97 -20.29 38.86
N PRO C 423 8.72 -20.66 37.81
CA PRO C 423 8.19 -21.56 36.79
C PRO C 423 8.25 -23.02 37.24
N ILE C 424 7.16 -23.77 37.01
CA ILE C 424 7.10 -25.20 37.39
C ILE C 424 8.15 -26.04 36.62
N THR C 425 9.14 -26.56 37.36
CA THR C 425 10.11 -27.54 36.81
C THR C 425 10.28 -28.70 37.80
N SER C 426 10.75 -29.83 37.26
CA SER C 426 11.05 -31.03 38.04
C SER C 426 12.55 -31.15 38.35
N ASP C 427 13.24 -30.01 38.47
CA ASP C 427 14.65 -30.02 38.84
C ASP C 427 14.75 -30.50 40.29
N PRO C 428 15.60 -31.50 40.56
CA PRO C 428 15.80 -31.93 41.94
C PRO C 428 16.24 -30.83 42.91
N THR C 429 17.23 -30.02 42.52
CA THR C 429 17.83 -29.04 43.44
C THR C 429 16.87 -27.93 43.84
N GLU C 430 16.14 -27.39 42.85
CA GLU C 430 15.24 -26.26 43.09
C GLU C 430 14.00 -26.67 43.89
N ALA C 431 13.53 -27.91 43.69
CA ALA C 431 12.39 -28.43 44.44
C ALA C 431 12.74 -28.72 45.90
N THR C 432 13.95 -29.21 46.10
CA THR C 432 14.51 -29.41 47.44
C THR C 432 14.72 -28.07 48.13
N ALA C 433 15.31 -27.11 47.39
CA ALA C 433 15.61 -25.79 47.93
C ALA C 433 14.37 -25.05 48.44
N VAL C 434 13.27 -25.13 47.69
CA VAL C 434 12.02 -24.52 48.12
C VAL C 434 11.53 -25.18 49.40
N GLY C 435 11.48 -26.52 49.40
CA GLY C 435 11.06 -27.30 50.56
C GLY C 435 11.87 -27.01 51.83
N ALA C 436 13.14 -26.67 51.65
CA ALA C 436 13.99 -26.25 52.76
C ALA C 436 13.50 -24.94 53.38
N VAL C 437 13.19 -23.97 52.53
CA VAL C 437 12.66 -22.68 52.98
C VAL C 437 11.30 -22.89 53.64
N GLU C 438 10.41 -23.56 52.91
CA GLU C 438 9.09 -23.99 53.42
C GLU C 438 9.18 -24.49 54.86
N ALA C 439 10.08 -25.45 55.08
CA ALA C 439 10.29 -26.07 56.38
C ALA C 439 10.91 -25.12 57.39
N SER C 440 11.74 -24.19 56.92
CA SER C 440 12.34 -23.17 57.79
C SER C 440 11.28 -22.30 58.48
N PHE C 441 10.14 -22.10 57.83
CA PHE C 441 9.01 -21.39 58.45
C PHE C 441 8.20 -22.29 59.39
N LYS C 442 7.88 -23.50 58.95
CA LYS C 442 7.03 -24.42 59.74
C LYS C 442 7.71 -24.99 60.99
N CYS C 443 9.02 -25.22 60.93
CA CYS C 443 9.80 -25.65 62.11
C CYS C 443 10.32 -24.51 62.98
N CYS C 444 10.10 -23.26 62.54
CA CYS C 444 10.71 -22.07 63.16
C CYS C 444 12.21 -22.27 63.31
N SER C 445 12.86 -22.59 62.20
CA SER C 445 14.26 -22.99 62.21
C SER C 445 15.16 -21.81 62.50
N GLY C 446 16.24 -22.09 63.22
CA GLY C 446 17.25 -21.08 63.50
C GLY C 446 18.13 -20.80 62.31
N ALA C 447 18.28 -21.78 61.42
CA ALA C 447 19.11 -21.64 60.23
C ALA C 447 18.79 -22.69 59.17
N ILE C 448 19.37 -22.48 58.00
CA ILE C 448 19.40 -23.48 56.93
C ILE C 448 20.88 -23.69 56.59
N ILE C 449 21.42 -24.84 56.99
CA ILE C 449 22.82 -25.18 56.73
C ILE C 449 22.93 -25.79 55.34
N VAL C 450 23.76 -25.22 54.47
CA VAL C 450 23.88 -25.68 53.09
C VAL C 450 25.34 -25.99 52.72
N LEU C 451 25.63 -27.24 52.37
CA LEU C 451 26.96 -27.61 51.93
C LEU C 451 27.07 -27.37 50.44
N THR C 452 28.16 -26.74 50.01
CA THR C 452 28.28 -26.26 48.63
C THR C 452 29.73 -25.94 48.20
N LYS C 453 30.10 -26.36 46.99
CA LYS C 453 31.39 -26.04 46.38
C LYS C 453 31.32 -24.70 45.66
N SER C 454 30.47 -24.62 44.64
CA SER C 454 30.35 -23.40 43.81
C SER C 454 29.60 -22.24 44.51
N GLY C 455 28.78 -22.56 45.51
CA GLY C 455 27.87 -21.61 46.12
C GLY C 455 26.43 -21.67 45.61
N ARG C 456 26.23 -22.29 44.44
CA ARG C 456 24.93 -22.27 43.76
C ARG C 456 23.78 -22.81 44.63
N SER C 457 24.00 -23.93 45.32
CA SER C 457 22.97 -24.52 46.19
C SER C 457 22.47 -23.54 47.25
N ALA C 458 23.41 -22.79 47.84
CA ALA C 458 23.09 -21.74 48.81
C ALA C 458 22.38 -20.56 48.17
N HIS C 459 22.78 -20.20 46.95
CA HIS C 459 22.15 -19.10 46.21
C HIS C 459 20.67 -19.45 45.89
N GLN C 460 20.41 -20.69 45.47
CA GLN C 460 19.06 -21.15 45.15
C GLN C 460 18.11 -21.13 46.34
N VAL C 461 18.66 -21.31 47.54
CA VAL C 461 17.89 -21.19 48.78
C VAL C 461 17.63 -19.73 49.06
N ALA C 462 18.66 -18.90 48.99
CA ALA C 462 18.55 -17.46 49.26
C ALA C 462 17.60 -16.76 48.31
N ARG C 463 17.51 -17.25 47.08
CA ARG C 463 16.57 -16.74 46.08
C ARG C 463 15.14 -16.64 46.60
N TYR C 464 14.72 -17.61 47.41
CA TYR C 464 13.37 -17.66 47.96
C TYR C 464 13.20 -16.90 49.30
N ARG C 465 14.19 -16.11 49.70
CA ARG C 465 14.05 -15.14 50.81
C ARG C 465 13.49 -15.72 52.12
N PRO C 466 14.19 -16.68 52.74
CA PRO C 466 13.77 -17.17 54.05
C PRO C 466 13.96 -16.14 55.16
N ARG C 467 13.38 -16.41 56.31
CA ARG C 467 13.58 -15.59 57.50
C ARG C 467 14.89 -15.99 58.13
N ALA C 468 15.08 -17.30 58.27
CA ALA C 468 16.28 -17.83 58.90
C ALA C 468 17.55 -17.52 58.09
N PRO C 469 18.69 -17.37 58.79
CA PRO C 469 19.97 -17.27 58.10
C PRO C 469 20.36 -18.58 57.42
N ILE C 470 21.09 -18.44 56.32
CA ILE C 470 21.60 -19.56 55.56
C ILE C 470 23.07 -19.69 55.88
N ILE C 471 23.46 -20.65 56.70
CA ILE C 471 24.88 -20.91 56.95
C ILE C 471 25.42 -21.76 55.80
N ALA C 472 26.18 -21.14 54.89
CA ALA C 472 26.70 -21.82 53.71
C ALA C 472 28.12 -22.32 53.98
N VAL C 473 28.28 -23.65 54.05
CA VAL C 473 29.56 -24.27 54.36
C VAL C 473 30.27 -24.65 53.08
N THR C 474 31.56 -24.34 53.00
CA THR C 474 32.34 -24.62 51.80
C THR C 474 33.84 -24.77 52.11
N ARG C 475 34.53 -25.47 51.21
CA ARG C 475 35.99 -25.54 51.23
C ARG C 475 36.65 -24.58 50.22
N ASN C 476 35.91 -24.12 49.22
CA ASN C 476 36.40 -23.17 48.22
C ASN C 476 36.39 -21.76 48.82
N PRO C 477 37.58 -21.14 49.01
CA PRO C 477 37.60 -19.84 49.68
C PRO C 477 36.98 -18.70 48.88
N GLN C 478 37.00 -18.79 47.55
CA GLN C 478 36.40 -17.73 46.72
C GLN C 478 34.88 -17.72 46.84
N THR C 479 34.27 -18.90 46.86
CA THR C 479 32.81 -18.99 46.95
C THR C 479 32.32 -18.49 48.31
N ALA C 480 33.12 -18.68 49.34
CA ALA C 480 32.87 -18.10 50.66
C ALA C 480 32.82 -16.58 50.60
N ARG C 481 33.74 -15.97 49.86
CA ARG C 481 33.75 -14.51 49.69
C ARG C 481 32.61 -14.04 48.80
N GLN C 482 32.43 -14.68 47.64
CA GLN C 482 31.39 -14.28 46.69
C GLN C 482 29.95 -14.42 47.22
N ALA C 483 29.76 -15.27 48.22
CA ALA C 483 28.46 -15.46 48.87
C ALA C 483 27.87 -14.22 49.53
N HIS C 484 28.69 -13.27 49.98
CA HIS C 484 28.20 -12.05 50.69
C HIS C 484 27.27 -11.18 49.86
N LEU C 485 27.45 -11.22 48.53
CA LEU C 485 26.53 -10.60 47.57
C LEU C 485 25.06 -10.97 47.77
N TYR C 486 24.81 -12.23 48.14
CA TYR C 486 23.45 -12.71 48.37
C TYR C 486 22.99 -12.42 49.80
N ARG C 487 21.72 -12.13 49.90
CA ARG C 487 21.09 -11.71 51.14
C ARG C 487 20.90 -12.93 52.00
N GLY C 488 21.22 -12.79 53.29
CA GLY C 488 20.94 -13.84 54.25
C GLY C 488 21.83 -15.07 54.21
N ILE C 489 22.83 -15.09 53.32
CA ILE C 489 23.86 -16.11 53.36
C ILE C 489 24.93 -15.65 54.33
N PHE C 490 25.24 -16.53 55.28
CA PHE C 490 26.38 -16.39 56.15
C PHE C 490 27.42 -17.43 55.75
N PRO C 491 28.42 -17.03 54.94
CA PRO C 491 29.39 -18.00 54.47
C PRO C 491 30.37 -18.33 55.57
N VAL C 492 30.91 -19.53 55.50
CA VAL C 492 31.83 -19.99 56.52
C VAL C 492 32.78 -21.03 55.92
N LEU C 493 34.08 -20.80 56.11
CA LEU C 493 35.11 -21.56 55.41
C LEU C 493 35.63 -22.70 56.27
N CYS C 494 35.37 -23.91 55.79
CA CYS C 494 35.83 -25.16 56.41
C CYS C 494 37.18 -25.52 55.81
N LYS C 495 38.21 -25.49 56.65
CA LYS C 495 39.58 -25.82 56.23
C LYS C 495 39.98 -27.27 56.57
N ASP C 496 39.08 -28.03 57.17
CA ASP C 496 39.31 -29.45 57.49
C ASP C 496 39.55 -30.27 56.22
N PRO C 497 40.36 -31.34 56.31
CA PRO C 497 40.60 -32.17 55.15
C PRO C 497 39.41 -33.08 54.88
N VAL C 498 39.28 -33.52 53.64
CA VAL C 498 38.13 -34.30 53.21
C VAL C 498 38.21 -35.71 53.82
N GLN C 499 37.21 -36.08 54.61
CA GLN C 499 37.19 -37.39 55.26
C GLN C 499 36.88 -38.46 54.23
N GLU C 500 37.41 -39.68 54.44
CA GLU C 500 37.27 -40.76 53.50
C GLU C 500 35.84 -41.24 53.36
N ALA C 501 35.21 -41.54 54.50
CA ALA C 501 33.82 -41.91 54.55
C ALA C 501 33.00 -40.66 54.25
N TRP C 502 32.36 -40.63 53.08
CA TRP C 502 31.59 -39.47 52.65
C TRP C 502 30.57 -38.98 53.70
N ALA C 503 29.87 -39.92 54.33
CA ALA C 503 28.85 -39.58 55.35
C ALA C 503 29.42 -38.85 56.56
N GLU C 504 30.65 -39.17 56.95
CA GLU C 504 31.35 -38.49 58.05
C GLU C 504 31.83 -37.10 57.65
N ASP C 505 32.23 -36.93 56.39
CA ASP C 505 32.64 -35.63 55.82
C ASP C 505 31.48 -34.64 55.82
N VAL C 506 30.27 -35.14 55.58
CA VAL C 506 29.05 -34.35 55.71
C VAL C 506 28.83 -34.00 57.18
N ASP C 507 28.73 -35.02 58.03
CA ASP C 507 28.54 -34.84 59.48
C ASP C 507 29.54 -33.86 60.11
N LEU C 508 30.78 -33.89 59.64
CA LEU C 508 31.82 -32.93 60.06
C LEU C 508 31.43 -31.49 59.73
N ARG C 509 31.18 -31.25 58.45
CA ARG C 509 30.83 -29.91 57.95
C ARG C 509 29.51 -29.39 58.52
N VAL C 510 28.53 -30.27 58.69
CA VAL C 510 27.26 -29.89 59.32
C VAL C 510 27.53 -29.50 60.76
N ASN C 511 28.26 -30.33 61.49
CA ASN C 511 28.57 -30.06 62.90
C ASN C 511 29.50 -28.85 63.07
N PHE C 512 30.29 -28.54 62.04
CA PHE C 512 31.06 -27.30 61.99
C PHE C 512 30.12 -26.08 62.00
N ALA C 513 29.14 -26.09 61.11
CA ALA C 513 28.15 -25.00 61.03
C ALA C 513 27.29 -24.88 62.29
N MET C 514 27.01 -26.01 62.93
CA MET C 514 26.26 -26.03 64.17
C MET C 514 26.98 -25.21 65.23
N ASN C 515 28.29 -25.40 65.32
CA ASN C 515 29.11 -24.70 66.28
C ASN C 515 29.24 -23.21 65.95
N VAL C 516 29.33 -22.89 64.67
CA VAL C 516 29.36 -21.49 64.21
C VAL C 516 28.06 -20.82 64.63
N GLY C 517 26.94 -21.44 64.25
CA GLY C 517 25.61 -20.94 64.56
C GLY C 517 25.32 -20.75 66.04
N LYS C 518 25.83 -21.67 66.86
CA LYS C 518 25.73 -21.52 68.32
C LYS C 518 26.56 -20.36 68.82
N ALA C 519 27.78 -20.20 68.28
CA ALA C 519 28.65 -19.09 68.67
C ALA C 519 28.11 -17.74 68.23
N ARG C 520 27.63 -17.64 66.99
CA ARG C 520 26.96 -16.42 66.51
C ARG C 520 25.72 -16.09 67.34
N GLY C 521 25.01 -17.12 67.79
CA GLY C 521 23.78 -16.95 68.55
C GLY C 521 22.53 -17.17 67.72
N PHE C 522 22.69 -17.55 66.46
CA PHE C 522 21.56 -17.88 65.58
C PHE C 522 20.60 -18.89 66.20
N PHE C 523 21.14 -19.90 66.87
CA PHE C 523 20.34 -20.90 67.57
C PHE C 523 21.09 -21.49 68.73
N LYS C 524 20.42 -22.36 69.48
CA LYS C 524 21.00 -22.99 70.66
C LYS C 524 20.64 -24.46 70.75
N LYS C 525 21.29 -25.13 71.71
CA LYS C 525 21.00 -26.52 72.08
C LYS C 525 19.49 -26.78 72.09
N GLY C 526 19.04 -27.75 71.29
CA GLY C 526 17.63 -28.16 71.28
C GLY C 526 16.70 -27.50 70.27
N ASP C 527 17.15 -26.44 69.60
CA ASP C 527 16.38 -25.86 68.47
C ASP C 527 16.47 -26.78 67.26
N VAL C 528 15.75 -26.43 66.18
CA VAL C 528 15.74 -27.20 64.95
C VAL C 528 16.37 -26.41 63.81
N VAL C 529 17.12 -27.08 62.94
CA VAL C 529 17.69 -26.47 61.72
C VAL C 529 17.52 -27.38 60.52
N ILE C 530 17.46 -26.79 59.34
CA ILE C 530 17.34 -27.51 58.08
C ILE C 530 18.73 -27.68 57.50
N VAL C 531 19.00 -28.83 56.87
CA VAL C 531 20.34 -29.15 56.36
C VAL C 531 20.27 -29.70 54.94
N LEU C 532 20.85 -28.97 53.97
CA LEU C 532 20.95 -29.44 52.58
C LEU C 532 22.31 -30.02 52.24
N THR C 533 22.32 -31.24 51.71
CA THR C 533 23.55 -31.97 51.36
C THR C 533 23.38 -32.69 50.01
N GLY C 534 24.43 -33.38 49.57
CA GLY C 534 24.34 -34.33 48.46
C GLY C 534 24.00 -35.71 49.01
N TRP C 535 23.89 -36.72 48.14
CA TRP C 535 23.73 -38.11 48.61
C TRP C 535 24.90 -38.99 48.17
N ARG C 536 25.24 -38.96 46.88
CA ARG C 536 26.47 -39.58 46.42
C ARG C 536 27.51 -38.48 46.31
N PRO C 537 28.77 -38.76 46.65
CA PRO C 537 29.81 -37.88 46.20
C PRO C 537 30.04 -38.22 44.73
N GLY C 538 29.48 -37.40 43.83
CA GLY C 538 29.41 -37.74 42.41
C GLY C 538 28.08 -37.36 41.78
N SER C 539 27.00 -37.43 42.55
CA SER C 539 25.69 -36.91 42.15
C SER C 539 25.79 -35.40 41.93
N GLY C 540 25.31 -34.93 40.79
CA GLY C 540 25.39 -33.52 40.44
C GLY C 540 24.65 -32.58 41.36
N PHE C 541 23.56 -33.07 41.96
CA PHE C 541 22.58 -32.22 42.65
C PHE C 541 22.76 -32.18 44.19
N THR C 542 22.48 -31.02 44.78
CA THR C 542 22.25 -30.88 46.22
C THR C 542 20.78 -31.17 46.50
N ASN C 543 20.49 -32.46 46.67
CA ASN C 543 19.12 -32.98 46.64
C ASN C 543 18.60 -33.53 47.96
N THR C 544 19.42 -33.52 49.02
CA THR C 544 19.06 -34.20 50.28
C THR C 544 18.81 -33.24 51.44
N MET C 545 17.53 -33.04 51.75
CA MET C 545 17.10 -32.16 52.85
C MET C 545 16.78 -32.98 54.08
N ARG C 546 17.21 -32.50 55.24
CA ARG C 546 16.84 -33.14 56.49
C ARG C 546 16.66 -32.13 57.61
N VAL C 547 15.69 -32.43 58.49
CA VAL C 547 15.36 -31.58 59.61
C VAL C 547 16.07 -32.14 60.81
N VAL C 548 17.00 -31.35 61.36
CA VAL C 548 17.92 -31.79 62.39
C VAL C 548 17.73 -30.95 63.65
N PRO C 549 17.59 -31.61 64.82
CA PRO C 549 17.66 -30.86 66.05
C PRO C 549 19.12 -30.61 66.43
N VAL C 550 19.37 -29.45 67.02
CA VAL C 550 20.71 -28.99 67.34
C VAL C 550 21.27 -29.77 68.52
N PRO C 551 22.45 -30.38 68.36
CA PRO C 551 23.06 -31.09 69.48
C PRO C 551 23.58 -30.12 70.55
N HIS D 25 -8.50 24.37 29.19
CA HIS D 25 -7.21 25.15 29.23
C HIS D 25 -6.95 25.60 30.68
N GLU D 27 -7.80 26.51 31.18
CA GLU D 27 -7.73 27.00 32.57
C GLU D 27 -8.27 25.95 33.56
N ALA D 28 -7.95 26.18 34.84
CA ALA D 28 -8.64 25.61 35.99
C ALA D 28 -7.62 25.90 37.07
N GLY D 29 -6.93 24.88 37.58
CA GLY D 29 -5.74 25.00 38.39
C GLY D 29 -4.66 24.10 37.77
N THR D 30 -3.51 23.95 38.44
CA THR D 30 -2.46 23.03 37.97
C THR D 30 -2.77 21.61 38.45
N ALA D 31 -3.04 21.49 39.75
CA ALA D 31 -3.32 20.22 40.41
C ALA D 31 -4.77 19.73 40.31
N PHE D 32 -5.66 20.53 39.73
CA PHE D 32 -7.08 20.20 39.66
C PHE D 32 -7.39 19.04 38.70
N ILE D 33 -6.80 19.07 37.52
CA ILE D 33 -7.14 18.11 36.45
C ILE D 33 -6.28 16.83 36.57
N GLN D 34 -6.66 15.94 37.49
CA GLN D 34 -5.98 14.65 37.68
C GLN D 34 -6.68 13.55 36.87
N THR D 35 -6.39 13.45 35.57
CA THR D 35 -7.04 12.44 34.71
C THR D 35 -6.49 11.06 35.03
N GLN D 36 -7.36 10.05 34.99
CA GLN D 36 -7.08 8.77 35.65
C GLN D 36 -6.61 7.63 34.77
N GLN D 37 -7.40 7.28 33.75
CA GLN D 37 -7.14 6.08 32.93
C GLN D 37 -7.20 4.82 33.82
N LEU D 38 -8.36 4.68 34.46
CA LEU D 38 -8.82 3.43 35.09
C LEU D 38 -8.83 2.24 34.11
N HIS D 39 -9.20 1.08 34.64
CA HIS D 39 -9.44 -0.16 33.88
C HIS D 39 -8.17 -0.98 33.55
N ALA D 40 -7.00 -0.53 34.01
CA ALA D 40 -5.78 -1.34 33.99
C ALA D 40 -5.92 -2.42 35.07
N ALA D 41 -5.92 -3.70 34.65
CA ALA D 41 -6.10 -4.83 35.56
C ALA D 41 -4.95 -4.92 36.56
N MET D 42 -5.29 -4.88 37.84
CA MET D 42 -4.29 -4.77 38.92
C MET D 42 -3.47 -6.06 39.07
N ALA D 43 -2.20 -5.91 39.43
CA ALA D 43 -1.25 -7.02 39.41
C ALA D 43 -1.59 -8.15 40.39
N ASP D 44 -1.06 -9.33 40.10
CA ASP D 44 -1.33 -10.56 40.85
C ASP D 44 -0.74 -10.52 42.26
N THR D 45 0.54 -10.15 42.35
CA THR D 45 1.30 -10.13 43.60
C THR D 45 2.02 -8.81 43.76
N PHE D 46 2.28 -8.42 45.01
CA PHE D 46 2.98 -7.16 45.29
C PHE D 46 4.37 -7.05 44.64
N LEU D 47 5.09 -8.18 44.58
CA LEU D 47 6.38 -8.25 43.89
C LEU D 47 6.23 -7.93 42.41
N GLU D 48 5.26 -8.57 41.79
CA GLU D 48 4.99 -8.37 40.37
C GLU D 48 4.63 -6.92 40.09
N HIS D 49 3.91 -6.31 41.02
CA HIS D 49 3.49 -4.91 40.91
C HIS D 49 4.64 -3.92 40.92
N MET D 50 5.63 -4.17 41.77
CA MET D 50 6.88 -3.38 41.80
C MET D 50 7.63 -3.55 40.50
N CYS D 51 7.68 -4.77 39.99
CA CYS D 51 8.39 -5.07 38.74
C CYS D 51 7.79 -4.37 37.51
N ARG D 52 6.51 -4.02 37.56
CA ARG D 52 5.85 -3.31 36.46
C ARG D 52 5.98 -1.78 36.49
N LEU D 53 6.64 -1.22 37.50
CA LEU D 53 6.81 0.22 37.56
C LEU D 53 7.72 0.70 36.42
N ASP D 54 7.13 1.47 35.51
CA ASP D 54 7.85 2.08 34.41
C ASP D 54 7.91 3.59 34.71
N ILE D 55 9.13 4.11 34.86
CA ILE D 55 9.31 5.53 35.13
C ILE D 55 8.92 6.41 33.93
N ASP D 56 9.01 5.87 32.72
CA ASP D 56 8.71 6.60 31.48
C ASP D 56 7.23 6.91 31.23
N SER D 57 6.31 6.11 31.77
CA SER D 57 4.88 6.36 31.61
C SER D 57 4.35 7.31 32.69
N PRO D 58 3.27 8.07 32.38
CA PRO D 58 2.73 9.04 33.33
C PRO D 58 1.85 8.36 34.37
N PRO D 59 1.58 9.03 35.51
CA PRO D 59 0.82 8.37 36.58
C PRO D 59 -0.65 8.23 36.20
N ILE D 60 -1.22 7.09 36.56
CA ILE D 60 -2.55 6.68 36.07
C ILE D 60 -3.53 6.66 37.22
N THR D 61 -3.51 7.71 38.03
CA THR D 61 -4.23 7.68 39.31
C THR D 61 -4.25 9.06 39.90
N ALA D 62 -5.38 9.42 40.51
CA ALA D 62 -5.51 10.69 41.21
C ALA D 62 -4.59 10.70 42.43
N ARG D 63 -3.97 11.84 42.69
CA ARG D 63 -3.23 12.04 43.92
C ARG D 63 -4.19 12.03 45.11
N ASN D 64 -4.16 10.96 45.90
CA ASN D 64 -5.11 10.74 46.99
C ASN D 64 -4.63 11.25 48.35
N THR D 65 -3.32 11.45 48.51
CA THR D 65 -2.75 11.89 49.80
C THR D 65 -2.83 13.41 49.98
N GLY D 66 -3.63 13.87 50.94
CA GLY D 66 -3.81 15.31 51.22
C GLY D 66 -2.52 16.09 51.47
N ILE D 67 -2.58 17.41 51.24
CA ILE D 67 -1.41 18.30 51.37
C ILE D 67 -1.71 19.47 52.30
N ILE D 68 -1.05 19.49 53.44
CA ILE D 68 -1.18 20.55 54.44
C ILE D 68 0.03 21.48 54.33
N CYS D 69 -0.22 22.75 54.00
CA CYS D 69 0.82 23.77 53.94
C CYS D 69 0.72 24.70 55.12
N THR D 70 1.87 24.98 55.75
CA THR D 70 1.95 25.93 56.83
C THR D 70 2.03 27.32 56.22
N ILE D 71 1.12 28.20 56.64
CA ILE D 71 1.07 29.57 56.17
C ILE D 71 1.89 30.44 57.11
N GLY D 72 2.65 31.36 56.53
CA GLY D 72 3.50 32.28 57.27
C GLY D 72 3.86 33.49 56.40
N PRO D 73 4.94 34.22 56.78
CA PRO D 73 5.42 35.41 56.05
C PRO D 73 5.41 35.33 54.51
N ALA D 74 5.93 34.26 53.93
CA ALA D 74 6.10 34.15 52.47
C ALA D 74 4.83 33.79 51.69
N SER D 75 3.81 33.28 52.37
CA SER D 75 2.58 32.77 51.76
C SER D 75 1.28 33.35 52.33
N ARG D 76 1.40 34.44 53.11
CA ARG D 76 0.27 34.96 53.89
C ARG D 76 -0.76 35.67 53.02
N SER D 77 -0.30 36.25 51.92
CA SER D 77 -1.11 37.14 51.10
C SER D 77 -2.21 36.41 50.36
N VAL D 78 -3.27 37.14 50.04
CA VAL D 78 -4.42 36.57 49.32
C VAL D 78 -4.02 36.09 47.92
N GLU D 79 -3.06 36.76 47.28
CA GLU D 79 -2.65 36.40 45.94
C GLU D 79 -1.77 35.14 45.89
N THR D 80 -0.89 34.97 46.87
CA THR D 80 -0.07 33.75 46.98
C THR D 80 -0.96 32.52 47.23
N LEU D 81 -1.88 32.64 48.18
CA LEU D 81 -2.77 31.55 48.56
C LEU D 81 -3.62 31.05 47.41
N LYS D 82 -4.15 31.97 46.59
CA LYS D 82 -4.91 31.58 45.40
C LYS D 82 -4.15 30.60 44.52
N GLU D 83 -2.87 30.89 44.28
CA GLU D 83 -2.03 30.00 43.46
C GLU D 83 -1.70 28.68 44.16
N MET D 84 -1.54 28.72 45.49
CA MET D 84 -1.30 27.50 46.28
C MET D 84 -2.49 26.55 46.30
N ILE D 85 -3.70 27.09 46.43
CA ILE D 85 -4.94 26.30 46.37
C ILE D 85 -5.07 25.67 44.98
N LYS D 86 -4.77 26.45 43.95
CA LYS D 86 -4.76 25.96 42.57
C LYS D 86 -3.75 24.83 42.35
N SER D 87 -2.59 24.92 42.98
CA SER D 87 -1.54 23.90 42.85
C SER D 87 -1.67 22.73 43.83
N GLY D 88 -2.74 22.70 44.61
CA GLY D 88 -3.14 21.52 45.38
C GLY D 88 -3.06 21.59 46.88
N MET D 89 -3.10 22.78 47.47
CA MET D 89 -3.23 22.91 48.92
C MET D 89 -4.63 22.47 49.34
N ASN D 90 -4.70 21.84 50.50
CA ASN D 90 -5.94 21.34 51.07
C ASN D 90 -6.20 21.88 52.46
N VAL D 91 -5.17 21.90 53.30
CA VAL D 91 -5.27 22.45 54.65
C VAL D 91 -4.22 23.56 54.84
N ALA D 92 -4.64 24.63 55.51
CA ALA D 92 -3.75 25.73 55.87
C ALA D 92 -3.46 25.62 57.36
N ARG D 93 -2.21 25.33 57.71
CA ARG D 93 -1.77 25.33 59.10
C ARG D 93 -1.30 26.71 59.55
N LEU D 94 -1.63 27.06 60.79
CA LEU D 94 -1.12 28.28 61.43
C LEU D 94 -0.34 27.86 62.66
N ASN D 95 0.88 28.37 62.79
CA ASN D 95 1.76 27.98 63.89
C ASN D 95 1.68 28.99 65.03
N PHE D 96 1.02 28.60 66.13
CA PHE D 96 0.80 29.51 67.29
C PHE D 96 1.97 29.54 68.30
N SER D 97 3.09 28.88 67.98
CA SER D 97 4.35 29.11 68.68
C SER D 97 4.82 30.56 68.51
N HIS D 98 4.52 31.14 67.35
CA HIS D 98 4.90 32.52 67.03
C HIS D 98 3.68 33.32 66.56
N GLY D 99 3.73 34.65 66.74
CA GLY D 99 2.67 35.55 66.29
C GLY D 99 1.58 35.79 67.31
N THR D 100 0.84 36.89 67.12
CA THR D 100 -0.26 37.30 68.02
C THR D 100 -1.63 36.84 67.48
N HIS D 101 -2.66 37.03 68.30
CA HIS D 101 -4.03 36.69 67.90
C HIS D 101 -4.58 37.58 66.79
N GLU D 102 -4.18 38.84 66.79
CA GLU D 102 -4.55 39.78 65.73
C GLU D 102 -3.88 39.40 64.42
N TYR D 103 -2.63 38.97 64.50
CA TYR D 103 -1.82 38.60 63.33
C TYR D 103 -2.45 37.40 62.63
N HIS D 104 -2.72 36.34 63.40
CA HIS D 104 -3.30 35.11 62.85
C HIS D 104 -4.77 35.23 62.42
N ALA D 105 -5.51 36.17 63.01
CA ALA D 105 -6.88 36.44 62.57
C ALA D 105 -6.93 36.89 61.12
N GLU D 106 -5.92 37.67 60.71
CA GLU D 106 -5.81 38.16 59.34
C GLU D 106 -5.23 37.10 58.39
N THR D 107 -4.33 36.24 58.90
CA THR D 107 -3.85 35.09 58.13
C THR D 107 -5.03 34.20 57.73
N ILE D 108 -5.95 33.97 58.67
CA ILE D 108 -7.19 33.20 58.42
C ILE D 108 -8.10 33.92 57.43
N LYS D 109 -8.31 35.22 57.63
CA LYS D 109 -9.16 36.02 56.73
C LYS D 109 -8.68 35.95 55.27
N ASN D 110 -7.35 35.94 55.09
CA ASN D 110 -6.76 35.82 53.75
C ASN D 110 -6.96 34.44 53.13
N VAL D 111 -6.85 33.39 53.93
CA VAL D 111 -7.12 32.04 53.47
C VAL D 111 -8.57 31.99 52.96
N ARG D 112 -9.49 32.45 53.80
CA ARG D 112 -10.91 32.40 53.45
C ARG D 112 -11.31 33.26 52.25
N THR D 113 -10.62 34.38 52.04
CA THR D 113 -10.83 35.22 50.86
C THR D 113 -10.36 34.49 49.60
N ALA D 114 -9.16 33.92 49.66
CA ALA D 114 -8.58 33.18 48.54
C ALA D 114 -9.41 31.96 48.17
N THR D 115 -9.80 31.19 49.20
CA THR D 115 -10.63 29.99 49.03
C THR D 115 -11.94 30.32 48.32
N GLU D 116 -12.64 31.33 48.84
CA GLU D 116 -13.93 31.79 48.31
C GLU D 116 -13.86 32.46 46.93
N SER D 117 -12.66 32.86 46.48
CA SER D 117 -12.50 33.41 45.12
C SER D 117 -13.00 32.47 44.01
N PHE D 118 -12.89 31.15 44.25
CA PHE D 118 -13.33 30.13 43.30
C PHE D 118 -14.81 29.71 43.45
N ALA D 119 -15.50 30.26 44.44
CA ALA D 119 -16.86 29.83 44.80
C ALA D 119 -17.93 30.09 43.74
N SER D 120 -17.69 31.02 42.82
CA SER D 120 -18.66 31.36 41.78
C SER D 120 -18.92 30.26 40.73
N ASP D 121 -18.09 29.21 40.72
CA ASP D 121 -18.34 27.98 39.96
C ASP D 121 -18.22 26.78 40.91
N PRO D 122 -19.36 26.21 41.38
CA PRO D 122 -19.27 25.14 42.41
C PRO D 122 -18.53 23.85 42.00
N ILE D 123 -18.38 23.63 40.71
CA ILE D 123 -17.58 22.52 40.16
C ILE D 123 -16.07 22.69 40.44
N LEU D 124 -15.57 23.91 40.27
CA LEU D 124 -14.14 24.21 40.53
C LEU D 124 -13.84 24.60 41.98
N TYR D 125 -14.85 24.70 42.83
CA TYR D 125 -14.64 25.09 44.22
C TYR D 125 -14.07 23.94 45.00
N ARG D 126 -12.76 24.03 45.28
CA ARG D 126 -12.10 23.16 46.23
C ARG D 126 -12.24 23.82 47.59
N PRO D 127 -12.79 23.10 48.59
CA PRO D 127 -12.69 23.60 49.97
C PRO D 127 -11.27 23.50 50.52
N VAL D 128 -11.02 24.31 51.55
CA VAL D 128 -9.71 24.43 52.18
C VAL D 128 -9.90 24.56 53.69
N ALA D 129 -9.23 23.71 54.45
CA ALA D 129 -9.36 23.68 55.90
C ALA D 129 -8.39 24.62 56.59
N VAL D 130 -8.69 24.94 57.84
CA VAL D 130 -7.83 25.77 58.67
C VAL D 130 -7.42 24.94 59.89
N ALA D 131 -6.11 24.84 60.12
CA ALA D 131 -5.57 24.09 61.25
C ALA D 131 -4.85 25.04 62.19
N LEU D 132 -5.04 24.81 63.49
CA LEU D 132 -4.44 25.61 64.53
C LEU D 132 -3.46 24.74 65.31
N ASP D 133 -2.17 24.98 65.12
CA ASP D 133 -1.12 24.20 65.78
C ASP D 133 -0.71 24.90 67.06
N THR D 134 -0.92 24.25 68.21
CA THR D 134 -0.58 24.85 69.50
C THR D 134 0.92 25.03 69.69
N LYS D 135 1.28 25.94 70.59
CA LYS D 135 2.66 26.15 71.03
C LYS D 135 3.10 24.92 71.83
N GLY D 136 2.31 24.60 72.85
CA GLY D 136 2.77 23.76 73.93
C GLY D 136 3.91 24.14 74.92
N PRO D 137 4.50 23.12 75.48
CA PRO D 137 5.72 23.28 76.25
C PRO D 137 6.95 23.18 75.31
N GLU D 138 7.96 23.98 75.66
CA GLU D 138 9.37 23.69 75.26
C GLU D 138 10.36 24.02 76.37
N ILE D 139 11.62 23.68 76.17
CA ILE D 139 12.67 23.98 77.08
C ILE D 139 13.70 24.77 76.25
N ARG D 140 13.77 26.09 76.49
CA ARG D 140 14.73 26.97 75.83
C ARG D 140 15.85 27.45 76.75
N THR D 141 17.07 27.57 76.21
CA THR D 141 18.23 28.06 76.97
C THR D 141 18.23 29.59 77.03
N GLY D 142 19.22 30.13 77.75
CA GLY D 142 19.37 31.57 77.89
C GLY D 142 20.14 32.22 76.75
N LEU D 143 20.31 33.53 76.89
CA LEU D 143 21.02 34.37 75.94
C LEU D 143 22.52 34.28 76.25
N ILE D 144 23.32 33.91 75.25
CA ILE D 144 24.77 33.72 75.43
C ILE D 144 25.44 35.07 75.69
N LYS D 145 26.43 35.07 76.60
CA LYS D 145 27.44 36.12 76.90
C LYS D 145 26.96 37.54 76.85
N THR D 159 33.19 20.05 81.35
CA THR D 159 32.06 20.14 82.27
C THR D 159 31.25 21.40 81.99
N LEU D 160 29.93 21.25 82.02
CA LEU D 160 28.99 22.33 81.80
C LEU D 160 27.92 22.28 82.88
N LYS D 161 27.73 23.40 83.57
CA LYS D 161 26.76 23.51 84.64
C LYS D 161 25.45 24.01 84.07
N ILE D 162 24.35 23.34 84.38
CA ILE D 162 23.02 23.81 84.01
C ILE D 162 22.38 24.40 85.27
N THR D 163 21.73 25.56 85.13
CA THR D 163 21.18 26.30 86.28
C THR D 163 19.76 26.79 86.02
N LEU D 164 18.97 26.84 87.08
CA LEU D 164 17.61 27.40 87.05
C LEU D 164 17.53 28.80 87.67
N ASP D 165 18.66 29.31 88.16
CA ASP D 165 18.76 30.66 88.73
C ASP D 165 18.69 31.71 87.62
N ASN D 166 17.68 32.58 87.71
CA ASN D 166 17.42 33.59 86.67
C ASN D 166 18.49 34.68 86.53
N ALA D 167 19.40 34.79 87.50
CA ALA D 167 20.55 35.69 87.39
C ALA D 167 21.45 35.38 86.19
N TYR D 168 21.55 34.10 85.83
CA TYR D 168 22.37 33.68 84.69
C TYR D 168 21.66 33.67 83.33
N MET D 169 20.38 34.08 83.28
CA MET D 169 19.57 33.88 82.07
C MET D 169 20.01 34.71 80.84
N GLU D 170 20.85 35.72 81.03
CA GLU D 170 21.51 36.40 79.91
C GLU D 170 23.03 36.38 80.06
N LYS D 171 23.54 35.33 80.71
CA LYS D 171 24.96 35.20 81.02
C LYS D 171 25.43 33.75 80.82
N CYS D 172 24.93 33.11 79.76
CA CYS D 172 25.33 31.75 79.40
C CYS D 172 26.68 31.76 78.69
N ASP D 173 27.49 30.73 78.91
CA ASP D 173 28.82 30.62 78.31
C ASP D 173 29.29 29.15 78.25
N GLU D 174 30.60 28.92 78.12
CA GLU D 174 31.16 27.55 78.12
C GLU D 174 30.92 26.79 79.44
N ASN D 175 30.83 27.51 80.55
CA ASN D 175 30.80 26.93 81.90
C ASN D 175 29.39 26.77 82.43
N ILE D 176 28.60 27.84 82.38
CA ILE D 176 27.21 27.83 82.88
C ILE D 176 26.19 28.06 81.77
N LEU D 177 25.04 27.39 81.91
CA LEU D 177 23.94 27.44 80.95
C LEU D 177 22.62 27.54 81.71
N TRP D 178 21.82 28.56 81.40
CA TRP D 178 20.46 28.67 81.91
C TRP D 178 19.45 27.90 81.03
N LEU D 179 18.33 27.52 81.62
CA LEU D 179 17.14 27.11 80.87
C LEU D 179 15.87 27.29 81.73
N ASP D 180 14.74 27.45 81.05
CA ASP D 180 13.50 27.91 81.69
C ASP D 180 12.70 26.85 82.45
N TYR D 181 12.81 25.58 82.06
CA TYR D 181 11.99 24.49 82.66
C TYR D 181 12.42 24.21 84.11
N LYS D 182 11.62 24.71 85.06
CA LYS D 182 12.02 24.77 86.47
C LYS D 182 12.09 23.45 87.21
N ASN D 183 11.37 22.43 86.71
CA ASN D 183 11.38 21.09 87.33
C ASN D 183 12.34 20.12 86.62
N ILE D 184 13.33 20.65 85.90
CA ILE D 184 14.28 19.79 85.16
C ILE D 184 15.07 18.86 86.11
N CYS D 185 15.33 19.32 87.34
CA CYS D 185 16.01 18.50 88.35
C CYS D 185 15.20 17.28 88.79
N LYS D 186 13.88 17.40 88.74
CA LYS D 186 12.97 16.34 89.23
C LYS D 186 12.77 15.19 88.22
N VAL D 187 12.69 15.50 86.93
CA VAL D 187 12.49 14.48 85.88
C VAL D 187 13.77 13.81 85.36
N VAL D 188 14.94 14.33 85.75
CA VAL D 188 16.22 13.82 85.30
C VAL D 188 16.89 13.11 86.49
N GLU D 189 17.59 12.02 86.22
CA GLU D 189 18.44 11.34 87.21
C GLU D 189 19.90 11.46 86.77
N VAL D 190 20.81 10.96 87.59
CA VAL D 190 22.24 10.89 87.22
C VAL D 190 22.39 9.93 86.03
N GLY D 191 23.13 10.36 85.00
CA GLY D 191 23.36 9.55 83.81
C GLY D 191 22.43 9.78 82.63
N SER D 192 21.36 10.55 82.83
CA SER D 192 20.42 10.90 81.74
C SER D 192 21.08 11.85 80.74
N LYS D 193 20.58 11.84 79.52
CA LYS D 193 21.08 12.73 78.46
C LYS D 193 20.22 14.00 78.36
N ILE D 194 20.82 15.06 77.83
CA ILE D 194 20.13 16.31 77.54
C ILE D 194 20.61 16.82 76.18
N TYR D 195 19.74 16.73 75.17
CA TYR D 195 20.09 17.16 73.82
C TYR D 195 19.72 18.63 73.64
N VAL D 196 20.66 19.42 73.12
CA VAL D 196 20.52 20.87 73.03
C VAL D 196 20.74 21.34 71.60
N ASP D 197 19.88 22.25 71.14
CA ASP D 197 19.88 22.78 69.75
C ASP D 197 19.52 21.68 68.76
N ASP D 198 18.36 21.06 69.00
CA ASP D 198 17.83 19.97 68.17
C ASP D 198 18.88 18.89 67.95
N GLY D 199 19.47 18.43 69.06
CA GLY D 199 20.43 17.35 69.05
C GLY D 199 21.79 17.60 68.37
N LEU D 200 22.20 18.86 68.24
CA LEU D 200 23.57 19.18 67.82
C LEU D 200 24.55 18.87 68.95
N ILE D 201 24.19 19.28 70.16
CA ILE D 201 25.00 19.05 71.36
C ILE D 201 24.27 18.07 72.27
N SER D 202 25.00 17.14 72.91
CA SER D 202 24.41 16.22 73.90
C SER D 202 25.26 16.20 75.16
N LEU D 203 24.58 16.19 76.31
CA LEU D 203 25.22 16.29 77.63
C LEU D 203 24.76 15.14 78.52
N GLN D 204 25.67 14.53 79.27
CA GLN D 204 25.34 13.48 80.24
C GLN D 204 25.43 14.06 81.65
N VAL D 205 24.39 13.87 82.45
CA VAL D 205 24.34 14.38 83.83
C VAL D 205 25.26 13.55 84.74
N LYS D 206 26.15 14.23 85.45
CA LYS D 206 27.01 13.59 86.46
C LYS D 206 26.39 13.72 87.84
N GLN D 207 26.04 14.94 88.24
CA GLN D 207 25.52 15.22 89.58
C GLN D 207 24.22 16.00 89.52
N LYS D 208 23.21 15.50 90.24
CA LYS D 208 21.98 16.27 90.49
C LYS D 208 22.25 17.35 91.51
N GLY D 209 21.25 18.19 91.77
CA GLY D 209 21.36 19.25 92.76
C GLY D 209 20.02 19.82 93.18
N ALA D 210 20.09 20.89 93.96
CA ALA D 210 18.89 21.58 94.44
C ALA D 210 18.20 22.26 93.26
N ASP D 211 18.92 23.18 92.61
CA ASP D 211 18.43 23.90 91.44
C ASP D 211 19.51 23.97 90.35
N PHE D 212 20.23 22.87 90.17
CA PHE D 212 21.31 22.79 89.18
C PHE D 212 21.67 21.36 88.80
N LEU D 213 22.39 21.23 87.69
CA LEU D 213 22.97 19.97 87.24
C LEU D 213 24.42 20.21 86.82
N VAL D 214 25.26 19.19 86.99
CA VAL D 214 26.62 19.20 86.46
C VAL D 214 26.66 18.13 85.39
N THR D 215 26.95 18.54 84.16
CA THR D 215 26.96 17.64 83.01
C THR D 215 28.35 17.52 82.38
N GLU D 216 28.52 16.48 81.57
CA GLU D 216 29.73 16.31 80.75
C GLU D 216 29.33 16.35 79.29
N VAL D 217 30.00 17.20 78.52
CA VAL D 217 29.74 17.32 77.09
C VAL D 217 30.20 16.03 76.38
N GLU D 218 29.34 15.51 75.51
CA GLU D 218 29.65 14.30 74.73
C GLU D 218 29.82 14.63 73.25
N ASN D 219 28.80 15.26 72.65
CA ASN D 219 28.92 15.83 71.30
C ASN D 219 29.17 17.32 71.41
N GLY D 220 30.31 17.78 70.90
CA GLY D 220 30.64 19.19 70.88
C GLY D 220 29.83 19.97 69.87
N GLY D 221 29.98 21.29 69.88
CA GLY D 221 29.29 22.14 68.91
C GLY D 221 29.30 23.60 69.29
N SER D 222 28.77 24.43 68.40
CA SER D 222 28.56 25.85 68.67
C SER D 222 27.17 26.07 69.30
N LEU D 223 27.17 26.26 70.62
CA LEU D 223 25.95 26.57 71.38
C LEU D 223 25.58 28.04 71.20
N GLY D 224 24.31 28.32 70.89
CA GLY D 224 23.83 29.69 70.72
C GLY D 224 22.82 30.10 71.78
N SER D 225 22.08 31.16 71.47
CA SER D 225 21.08 31.75 72.36
C SER D 225 19.70 31.14 72.10
N LYS D 226 18.93 30.93 73.17
CA LYS D 226 17.57 30.39 73.09
C LYS D 226 17.44 29.18 72.17
N LYS D 227 18.01 28.06 72.58
CA LYS D 227 17.97 26.81 71.78
C LYS D 227 17.06 25.76 72.39
N GLY D 228 16.52 24.89 71.54
CA GLY D 228 15.60 23.84 71.97
C GLY D 228 16.33 22.72 72.71
N VAL D 229 15.88 22.45 73.93
CA VAL D 229 16.42 21.36 74.74
C VAL D 229 15.40 20.21 74.82
N ASN D 230 15.91 18.97 74.73
CA ASN D 230 15.09 17.77 74.83
C ASN D 230 15.64 16.87 75.93
N LEU D 231 14.78 16.03 76.49
CA LEU D 231 15.12 15.20 77.63
C LEU D 231 14.76 13.73 77.34
N PRO D 232 15.59 13.05 76.51
CA PRO D 232 15.35 11.66 76.08
C PRO D 232 14.75 10.72 77.14
N GLY D 233 13.55 10.20 76.83
CA GLY D 233 12.87 9.25 77.71
C GLY D 233 12.67 9.72 79.15
N ALA D 234 12.19 10.96 79.30
CA ALA D 234 11.87 11.50 80.61
C ALA D 234 10.38 11.78 80.71
N ALA D 235 9.81 11.50 81.87
CA ALA D 235 8.40 11.83 82.14
C ALA D 235 8.29 13.35 82.32
N VAL D 236 8.23 14.06 81.19
CA VAL D 236 8.22 15.53 81.20
C VAL D 236 6.85 15.98 81.72
N ASP D 237 6.88 16.61 82.91
CA ASP D 237 5.66 16.92 83.67
C ASP D 237 5.09 18.32 83.50
N LEU D 238 5.18 18.85 82.27
CA LEU D 238 4.62 20.19 82.01
C LEU D 238 3.12 20.06 81.92
N PRO D 239 2.39 21.20 81.99
CA PRO D 239 0.94 21.12 81.73
C PRO D 239 0.65 20.75 80.28
N ALA D 240 -0.35 19.90 80.07
CA ALA D 240 -0.77 19.48 78.71
C ALA D 240 -1.18 20.68 77.88
N VAL D 241 -1.99 21.54 78.48
CA VAL D 241 -2.39 22.80 77.87
C VAL D 241 -1.81 23.92 78.73
N SER D 242 -0.80 24.61 78.21
CA SER D 242 -0.24 25.79 78.89
C SER D 242 -1.29 26.90 78.91
N GLU D 243 -1.14 27.88 79.81
CA GLU D 243 -2.13 28.97 79.93
C GLU D 243 -2.23 29.83 78.65
N LYS D 244 -1.11 29.94 77.93
CA LYS D 244 -1.11 30.57 76.59
C LYS D 244 -2.00 29.82 75.62
N ASP D 245 -1.90 28.49 75.62
CA ASP D 245 -2.68 27.62 74.75
C ASP D 245 -4.18 27.62 75.06
N ILE D 246 -4.55 27.80 76.34
CA ILE D 246 -5.97 27.85 76.71
C ILE D 246 -6.64 29.05 76.04
N GLN D 247 -5.89 30.14 75.83
CA GLN D 247 -6.37 31.29 75.06
C GLN D 247 -6.34 31.03 73.56
N ASP D 248 -5.27 30.38 73.07
CA ASP D 248 -5.14 30.04 71.64
C ASP D 248 -6.27 29.09 71.17
N LEU D 249 -6.64 28.12 72.00
CA LEU D 249 -7.73 27.19 71.67
C LEU D 249 -9.12 27.83 71.68
N LYS D 250 -9.33 28.81 72.57
CA LYS D 250 -10.59 29.57 72.56
C LYS D 250 -10.67 30.48 71.34
N PHE D 251 -9.53 31.04 70.94
CA PHE D 251 -9.42 31.83 69.69
C PHE D 251 -9.74 30.99 68.46
N GLY D 252 -9.29 29.74 68.48
CA GLY D 252 -9.61 28.79 67.42
C GLY D 252 -11.10 28.52 67.31
N VAL D 253 -11.73 28.23 68.45
CA VAL D 253 -13.18 28.01 68.51
C VAL D 253 -13.92 29.26 68.04
N GLU D 254 -13.47 30.42 68.51
CA GLU D 254 -14.03 31.71 68.14
C GLU D 254 -13.89 32.02 66.63
N GLN D 255 -12.76 31.63 66.03
CA GLN D 255 -12.52 31.82 64.59
C GLN D 255 -13.09 30.69 63.70
N ASP D 256 -13.76 29.70 64.31
CA ASP D 256 -14.24 28.49 63.62
C ASP D 256 -13.16 27.81 62.77
N VAL D 257 -12.11 27.36 63.44
CA VAL D 257 -11.16 26.45 62.82
C VAL D 257 -11.83 25.09 62.67
N ASP D 258 -11.21 24.28 61.81
CA ASP D 258 -11.72 22.95 61.46
C ASP D 258 -10.99 21.84 62.21
N MET D 259 -9.72 22.06 62.53
CA MET D 259 -8.94 21.10 63.30
C MET D 259 -7.87 21.78 64.15
N VAL D 260 -7.39 21.06 65.15
CA VAL D 260 -6.36 21.51 66.08
C VAL D 260 -5.25 20.49 66.13
N PHE D 261 -4.02 20.91 65.83
CA PHE D 261 -2.84 20.05 65.99
C PHE D 261 -2.24 20.26 67.38
N ALA D 262 -2.66 19.44 68.36
CA ALA D 262 -2.20 19.57 69.74
C ALA D 262 -0.77 19.07 69.90
N SER D 263 0.11 19.92 70.44
CA SER D 263 1.54 19.62 70.48
C SER D 263 1.96 18.83 71.73
N PHE D 264 3.11 18.14 71.59
CA PHE D 264 3.78 17.44 72.68
C PHE D 264 2.84 16.58 73.54
N ILE D 265 2.09 15.70 72.88
CA ILE D 265 1.16 14.81 73.57
C ILE D 265 1.92 13.61 74.12
N ARG D 266 1.74 13.38 75.41
CA ARG D 266 2.43 12.31 76.14
C ARG D 266 1.50 11.17 76.55
N LYS D 267 0.21 11.44 76.70
CA LYS D 267 -0.70 10.48 77.33
C LYS D 267 -2.16 10.85 77.08
N ALA D 268 -3.06 9.91 77.38
CA ALA D 268 -4.48 10.06 77.08
C ALA D 268 -5.06 11.33 77.68
N SER D 269 -4.77 11.58 78.95
CA SER D 269 -5.31 12.73 79.67
C SER D 269 -4.89 14.09 79.09
N ASP D 270 -3.75 14.15 78.38
CA ASP D 270 -3.35 15.36 77.68
C ASP D 270 -4.37 15.71 76.59
N VAL D 271 -4.79 14.70 75.82
CA VAL D 271 -5.76 14.90 74.76
C VAL D 271 -7.12 15.25 75.35
N HIS D 272 -7.51 14.57 76.43
CA HIS D 272 -8.78 14.84 77.11
C HIS D 272 -8.91 16.30 77.58
N GLU D 273 -7.80 16.89 78.02
CA GLU D 273 -7.81 18.31 78.46
C GLU D 273 -7.82 19.29 77.29
N VAL D 274 -7.27 18.89 76.14
CA VAL D 274 -7.40 19.69 74.91
C VAL D 274 -8.87 19.68 74.46
N ARG D 275 -9.52 18.51 74.56
CA ARG D 275 -10.95 18.36 74.26
C ARG D 275 -11.79 19.25 75.17
N LYS D 276 -11.51 19.13 76.47
CA LYS D 276 -12.26 19.81 77.52
C LYS D 276 -12.20 21.34 77.39
N VAL D 277 -11.06 21.87 76.95
CA VAL D 277 -10.91 23.32 76.73
C VAL D 277 -11.75 23.77 75.53
N LEU D 278 -11.74 23.00 74.45
CA LEU D 278 -12.55 23.31 73.26
C LEU D 278 -14.05 23.23 73.62
N GLY D 279 -14.41 22.23 74.42
CA GLY D 279 -15.72 22.16 75.06
C GLY D 279 -16.90 21.92 74.13
N GLU D 280 -18.10 22.23 74.62
CA GLU D 280 -19.34 22.11 73.85
C GLU D 280 -19.32 22.99 72.59
N LYS D 281 -18.78 24.20 72.72
CA LYS D 281 -18.79 25.18 71.63
C LYS D 281 -18.00 24.73 70.40
N GLY D 282 -16.91 23.99 70.62
CA GLY D 282 -16.09 23.48 69.53
C GLY D 282 -15.88 21.98 69.63
N LYS D 283 -16.95 21.25 69.88
CA LYS D 283 -16.88 19.79 70.01
C LYS D 283 -16.60 19.12 68.65
N ASN D 284 -17.04 19.78 67.58
CA ASN D 284 -16.82 19.26 66.22
C ASN D 284 -15.43 19.49 65.67
N ILE D 285 -14.61 20.30 66.34
CA ILE D 285 -13.24 20.56 65.91
C ILE D 285 -12.39 19.33 66.17
N LYS D 286 -11.74 18.82 65.12
CA LYS D 286 -10.96 17.59 65.19
C LYS D 286 -9.62 17.83 65.88
N ILE D 287 -9.24 16.93 66.79
CA ILE D 287 -7.98 17.02 67.54
C ILE D 287 -6.97 16.00 67.00
N ILE D 288 -5.95 16.51 66.33
CA ILE D 288 -4.85 15.69 65.86
C ILE D 288 -3.74 15.76 66.91
N SER D 289 -3.44 14.64 67.55
CA SER D 289 -2.38 14.60 68.54
C SER D 289 -1.01 14.43 67.87
N LYS D 290 -0.05 15.29 68.24
CA LYS D 290 1.30 15.22 67.71
C LYS D 290 2.17 14.38 68.62
N ILE D 291 2.80 13.35 68.07
CA ILE D 291 3.70 12.50 68.81
C ILE D 291 5.11 13.04 68.61
N GLU D 292 5.61 13.76 69.61
CA GLU D 292 6.90 14.47 69.51
C GLU D 292 8.03 13.88 70.35
N ASN D 293 7.74 12.95 71.26
CA ASN D 293 8.75 12.46 72.23
C ASN D 293 8.62 10.96 72.47
N HIS D 294 9.56 10.41 73.24
CA HIS D 294 9.60 8.96 73.46
C HIS D 294 8.34 8.46 74.20
N GLU D 295 7.86 9.23 75.17
CA GLU D 295 6.69 8.83 75.97
C GLU D 295 5.41 8.69 75.13
N GLY D 296 5.27 9.57 74.14
CA GLY D 296 4.14 9.51 73.19
C GLY D 296 4.06 8.19 72.44
N VAL D 297 5.22 7.74 71.96
CA VAL D 297 5.31 6.49 71.19
C VAL D 297 5.02 5.29 72.09
N ARG D 298 5.49 5.32 73.34
CA ARG D 298 5.22 4.23 74.28
C ARG D 298 3.74 4.12 74.58
N ARG D 299 3.07 5.26 74.75
CA ARG D 299 1.63 5.28 75.06
C ARG D 299 0.76 5.52 73.84
N PHE D 300 1.22 5.14 72.66
CA PHE D 300 0.52 5.48 71.42
C PHE D 300 -0.92 4.98 71.41
N ASP D 301 -1.13 3.77 71.91
CA ASP D 301 -2.44 3.14 71.87
C ASP D 301 -3.51 3.94 72.59
N GLU D 302 -3.20 4.39 73.82
CA GLU D 302 -4.17 5.18 74.59
C GLU D 302 -4.42 6.58 74.01
N ILE D 303 -3.40 7.14 73.35
CA ILE D 303 -3.51 8.45 72.70
C ILE D 303 -4.37 8.35 71.45
N LEU D 304 -4.07 7.35 70.61
CA LEU D 304 -4.82 7.10 69.38
C LEU D 304 -6.31 6.95 69.64
N GLU D 305 -6.65 6.26 70.73
CA GLU D 305 -8.04 6.05 71.12
C GLU D 305 -8.73 7.37 71.47
N ALA D 306 -8.04 8.23 72.20
CA ALA D 306 -8.61 9.51 72.62
C ALA D 306 -8.54 10.62 71.56
N SER D 307 -7.66 10.46 70.56
CA SER D 307 -7.46 11.48 69.54
C SER D 307 -8.33 11.22 68.31
N ASP D 308 -8.65 12.28 67.57
CA ASP D 308 -9.35 12.14 66.29
C ASP D 308 -8.40 11.69 65.20
N GLY D 309 -7.18 12.22 65.21
CA GLY D 309 -6.11 11.77 64.31
C GLY D 309 -4.75 11.84 64.98
N ILE D 310 -3.70 11.61 64.18
CA ILE D 310 -2.31 11.61 64.66
C ILE D 310 -1.42 12.38 63.69
N MET D 311 -0.35 12.97 64.23
CA MET D 311 0.71 13.58 63.42
C MET D 311 2.06 13.08 63.91
N VAL D 312 2.75 12.35 63.04
CA VAL D 312 4.10 11.87 63.34
C VAL D 312 5.07 12.99 63.01
N ALA D 313 5.53 13.71 64.04
CA ALA D 313 6.57 14.73 63.89
C ALA D 313 7.94 14.06 63.95
N ARG D 314 8.56 13.92 62.79
CA ARG D 314 9.71 13.02 62.64
C ARG D 314 10.99 13.67 63.13
N GLY D 315 11.19 14.92 62.78
CA GLY D 315 12.35 15.69 63.25
C GLY D 315 12.42 15.76 64.77
N ASP D 316 11.28 16.00 65.40
CA ASP D 316 11.20 16.09 66.86
C ASP D 316 11.44 14.74 67.54
N LEU D 317 11.03 13.66 66.90
CA LEU D 317 11.36 12.31 67.37
C LEU D 317 12.85 12.01 67.20
N GLY D 318 13.41 12.43 66.06
CA GLY D 318 14.83 12.26 65.75
C GLY D 318 15.81 12.79 66.80
N ILE D 319 15.36 13.78 67.55
CA ILE D 319 16.08 14.27 68.73
C ILE D 319 16.00 13.25 69.87
N GLU D 320 14.76 12.88 70.20
CA GLU D 320 14.44 12.20 71.46
C GLU D 320 14.58 10.68 71.47
N ILE D 321 14.56 10.05 70.28
CA ILE D 321 14.83 8.61 70.12
C ILE D 321 15.92 8.41 69.06
N PRO D 322 16.62 7.26 69.08
CA PRO D 322 17.74 7.05 68.13
C PRO D 322 17.32 7.11 66.66
N ALA D 323 18.23 7.53 65.80
CA ALA D 323 17.96 7.70 64.36
C ALA D 323 17.67 6.39 63.60
N GLU D 324 18.28 5.29 64.04
CA GLU D 324 18.02 3.97 63.45
C GLU D 324 16.70 3.33 63.90
N LYS D 325 15.93 4.01 64.76
CA LYS D 325 14.64 3.51 65.22
C LYS D 325 13.47 4.44 64.91
N VAL D 326 13.70 5.54 64.20
CA VAL D 326 12.59 6.48 63.98
C VAL D 326 11.65 5.93 62.92
N PHE D 327 12.21 5.41 61.83
CA PHE D 327 11.40 4.82 60.75
C PHE D 327 10.51 3.69 61.27
N LEU D 328 11.01 2.91 62.23
CA LEU D 328 10.17 1.89 62.89
C LEU D 328 8.97 2.50 63.63
N ALA D 329 9.18 3.63 64.30
CA ALA D 329 8.09 4.34 64.97
C ALA D 329 7.06 4.87 63.99
N GLN D 330 7.55 5.54 62.94
CA GLN D 330 6.70 6.07 61.87
C GLN D 330 5.83 4.96 61.27
N LYS D 331 6.45 3.85 60.91
CA LYS D 331 5.72 2.72 60.30
C LYS D 331 4.68 2.14 61.23
N MET D 332 5.04 1.97 62.50
CA MET D 332 4.11 1.47 63.49
C MET D 332 2.91 2.40 63.66
N MET D 333 3.18 3.68 63.84
CA MET D 333 2.09 4.63 64.08
C MET D 333 1.20 4.79 62.85
N ILE D 334 1.81 4.88 61.67
CA ILE D 334 1.04 4.93 60.43
C ILE D 334 0.24 3.64 60.28
N GLY D 335 0.87 2.51 60.59
CA GLY D 335 0.17 1.23 60.59
C GLY D 335 -1.07 1.23 61.45
N ARG D 336 -0.93 1.57 62.72
CA ARG D 336 -2.03 1.48 63.69
C ARG D 336 -3.18 2.42 63.35
N CYS D 337 -2.85 3.62 62.88
CA CYS D 337 -3.86 4.57 62.43
C CYS D 337 -4.67 4.06 61.24
N ASN D 338 -4.01 3.36 60.31
CA ASN D 338 -4.70 2.75 59.17
C ASN D 338 -5.68 1.69 59.66
N ARG D 339 -5.22 0.84 60.57
CA ARG D 339 -6.07 -0.19 61.15
C ARG D 339 -7.26 0.44 61.86
N ALA D 340 -6.99 1.35 62.79
CA ALA D 340 -8.06 2.03 63.53
C ALA D 340 -8.93 2.97 62.68
N GLY D 341 -8.50 3.31 61.46
CA GLY D 341 -9.31 4.10 60.54
C GLY D 341 -9.33 5.58 60.87
N LYS D 342 -8.25 6.06 61.49
CA LYS D 342 -8.09 7.48 61.83
C LYS D 342 -6.98 8.08 60.97
N PRO D 343 -7.08 9.39 60.68
CA PRO D 343 -6.03 10.01 59.89
C PRO D 343 -4.69 9.98 60.61
N VAL D 344 -3.63 9.87 59.81
CA VAL D 344 -2.28 10.05 60.28
C VAL D 344 -1.59 11.02 59.32
N ILE D 345 -0.76 11.89 59.87
CA ILE D 345 -0.10 12.94 59.09
C ILE D 345 1.41 12.81 59.26
N CYS D 346 2.16 12.86 58.16
CA CYS D 346 3.63 12.86 58.23
C CYS D 346 4.16 14.27 58.07
N ALA D 347 4.77 14.78 59.15
CA ALA D 347 5.20 16.16 59.26
C ALA D 347 6.72 16.25 59.42
N THR D 348 7.24 17.44 59.14
CA THR D 348 8.66 17.83 59.39
C THR D 348 9.65 17.14 58.46
N GLN D 349 10.70 17.88 58.08
CA GLN D 349 11.81 17.35 57.28
C GLN D 349 11.39 16.80 55.91
N MET D 350 10.32 17.35 55.34
CA MET D 350 9.79 16.81 54.09
C MET D 350 10.63 17.32 52.92
N LEU D 351 10.58 18.62 52.66
CA LEU D 351 11.23 19.23 51.51
C LEU D 351 12.04 20.46 51.92
N GLU D 352 12.87 20.31 52.95
CA GLU D 352 13.55 21.45 53.61
C GLU D 352 14.50 22.24 52.69
N SER D 353 15.11 21.57 51.71
CA SER D 353 15.97 22.26 50.74
C SER D 353 15.23 23.31 49.92
N MET D 354 13.91 23.17 49.77
CA MET D 354 13.08 24.12 49.02
C MET D 354 12.77 25.45 49.73
N ILE D 355 13.26 25.62 50.97
CA ILE D 355 13.32 26.94 51.59
C ILE D 355 14.25 27.83 50.75
N LYS D 356 15.38 27.28 50.33
CA LYS D 356 16.41 28.04 49.59
C LYS D 356 16.43 27.81 48.06
N LYS D 357 15.97 26.64 47.58
CA LYS D 357 16.19 26.20 46.18
C LYS D 357 14.85 25.84 45.50
N PRO D 358 14.80 25.91 44.15
CA PRO D 358 13.52 25.76 43.42
C PRO D 358 13.06 24.30 43.21
N ARG D 359 13.94 23.35 43.49
CA ARG D 359 13.65 21.91 43.36
C ARG D 359 14.12 21.18 44.62
N PRO D 360 13.64 19.96 44.85
CA PRO D 360 14.10 19.18 45.98
C PRO D 360 15.24 18.23 45.61
N THR D 361 15.90 17.67 46.62
CA THR D 361 16.94 16.67 46.40
C THR D 361 16.29 15.32 46.08
N ARG D 362 17.08 14.40 45.54
CA ARG D 362 16.62 13.03 45.27
C ARG D 362 16.11 12.37 46.55
N ALA D 363 16.87 12.49 47.63
CA ALA D 363 16.54 11.86 48.90
C ALA D 363 15.28 12.43 49.57
N GLU D 364 14.96 13.70 49.32
CA GLU D 364 13.74 14.29 49.85
C GLU D 364 12.50 13.74 49.17
N GLY D 365 12.57 13.60 47.85
CA GLY D 365 11.50 12.99 47.06
C GLY D 365 11.23 11.54 47.46
N SER D 366 12.32 10.81 47.71
CA SER D 366 12.24 9.44 48.19
C SER D 366 11.65 9.34 49.61
N ASP D 367 11.98 10.31 50.47
CA ASP D 367 11.48 10.36 51.85
C ASP D 367 9.97 10.65 51.89
N VAL D 368 9.51 11.53 51.02
CA VAL D 368 8.08 11.85 50.90
C VAL D 368 7.34 10.64 50.37
N ALA D 369 7.84 10.06 49.28
CA ALA D 369 7.24 8.89 48.65
C ALA D 369 7.04 7.78 49.66
N ASN D 370 8.13 7.42 50.34
CA ASN D 370 8.09 6.33 51.32
C ASN D 370 7.13 6.60 52.50
N ALA D 371 6.83 7.86 52.81
CA ALA D 371 5.79 8.19 53.78
C ALA D 371 4.37 8.05 53.22
N VAL D 372 4.20 8.34 51.93
CA VAL D 372 2.92 8.10 51.24
C VAL D 372 2.65 6.60 51.15
N LEU D 373 3.70 5.85 50.82
CA LEU D 373 3.63 4.40 50.69
C LEU D 373 3.52 3.68 52.03
N ASP D 374 4.12 4.22 53.08
CA ASP D 374 3.93 3.69 54.45
C ASP D 374 2.45 3.69 54.86
N GLY D 375 1.69 4.62 54.30
CA GLY D 375 0.23 4.66 54.47
C GLY D 375 -0.35 5.97 55.01
N ALA D 376 0.45 7.05 54.99
CA ALA D 376 0.00 8.31 55.53
C ALA D 376 -1.16 8.85 54.71
N ASP D 377 -2.02 9.61 55.37
CA ASP D 377 -3.14 10.27 54.71
C ASP D 377 -2.73 11.65 54.21
N CYS D 378 -2.04 12.42 55.06
CA CYS D 378 -1.58 13.76 54.71
C CYS D 378 -0.08 13.95 54.89
N ILE D 379 0.47 14.87 54.11
CA ILE D 379 1.87 15.28 54.19
C ILE D 379 1.89 16.77 54.53
N MET D 380 2.71 17.17 55.50
CA MET D 380 2.72 18.56 55.97
C MET D 380 4.06 19.27 55.73
N LEU D 381 4.00 20.33 54.93
CA LEU D 381 5.16 21.12 54.61
C LEU D 381 5.32 22.21 55.69
N SER D 382 6.47 22.19 56.38
CA SER D 382 6.73 23.09 57.53
C SER D 382 7.29 24.46 57.09
N GLY D 383 8.62 24.58 56.91
CA GLY D 383 9.25 25.83 56.49
C GLY D 383 8.96 26.16 55.05
N GLU D 384 9.47 25.33 54.13
CA GLU D 384 9.13 25.29 52.70
C GLU D 384 8.12 26.33 52.19
N THR D 385 6.91 26.34 52.76
CA THR D 385 5.81 27.24 52.39
C THR D 385 5.58 28.45 53.29
N ALA D 386 5.96 28.33 54.58
CA ALA D 386 5.74 29.43 55.55
C ALA D 386 6.66 30.63 55.32
N LYS D 387 7.95 30.38 55.24
CA LYS D 387 8.98 31.41 55.15
C LYS D 387 10.06 31.04 54.12
N GLY D 388 9.62 30.48 52.99
CA GLY D 388 10.54 29.99 51.98
C GLY D 388 10.68 30.99 50.86
N ASP D 389 11.76 30.87 50.10
CA ASP D 389 11.93 31.63 48.85
C ASP D 389 11.06 31.04 47.75
N TYR D 390 10.71 29.77 47.85
CA TYR D 390 9.88 29.09 46.85
C TYR D 390 8.70 28.38 47.53
N PRO D 391 7.65 29.13 47.92
CA PRO D 391 6.48 28.51 48.54
C PRO D 391 5.55 27.86 47.55
N LEU D 392 5.42 28.43 46.35
CA LEU D 392 4.50 27.90 45.35
C LEU D 392 5.03 26.64 44.66
N GLU D 393 6.33 26.55 44.47
CA GLU D 393 6.94 25.37 43.83
C GLU D 393 6.98 24.21 44.81
N ALA D 394 7.13 24.53 46.10
CA ALA D 394 7.08 23.53 47.16
C ALA D 394 5.77 22.74 47.16
N VAL D 395 4.65 23.40 46.91
CA VAL D 395 3.36 22.73 46.81
C VAL D 395 3.29 21.88 45.54
N ARG D 396 3.82 22.40 44.44
CA ARG D 396 3.79 21.66 43.17
C ARG D 396 4.66 20.41 43.16
N MET D 397 5.80 20.43 43.86
CA MET D 397 6.66 19.24 43.98
C MET D 397 6.02 18.21 44.88
N GLN D 398 5.47 18.66 46.00
CA GLN D 398 4.73 17.78 46.90
C GLN D 398 3.63 17.06 46.14
N HIS D 399 2.84 17.81 45.38
CA HIS D 399 1.80 17.23 44.53
C HIS D 399 2.37 16.23 43.52
N LEU D 400 3.46 16.60 42.85
CA LEU D 400 4.07 15.70 41.86
C LEU D 400 4.58 14.39 42.47
N ILE D 401 5.25 14.50 43.61
CA ILE D 401 5.80 13.32 44.28
C ILE D 401 4.66 12.41 44.77
N ALA D 402 3.68 13.00 45.46
CA ALA D 402 2.52 12.24 45.98
C ALA D 402 1.70 11.51 44.90
N ARG D 403 1.69 12.05 43.69
CA ARG D 403 0.96 11.45 42.57
C ARG D 403 1.78 10.33 41.92
N GLU D 404 3.09 10.52 41.81
CA GLU D 404 3.98 9.48 41.28
C GLU D 404 4.05 8.30 42.24
N ALA D 405 4.16 8.60 43.53
CA ALA D 405 4.16 7.59 44.59
C ALA D 405 2.89 6.76 44.59
N GLU D 406 1.76 7.39 44.29
CA GLU D 406 0.46 6.71 44.19
C GLU D 406 0.48 5.47 43.28
N ALA D 407 1.25 5.54 42.21
CA ALA D 407 1.40 4.41 41.27
C ALA D 407 2.10 3.18 41.88
N ALA D 408 2.96 3.42 42.88
CA ALA D 408 3.66 2.35 43.58
C ALA D 408 2.86 1.69 44.71
N ILE D 409 1.67 2.21 45.02
CA ILE D 409 0.84 1.65 46.07
C ILE D 409 0.10 0.46 45.47
N TYR D 410 0.12 -0.66 46.20
CA TYR D 410 -0.62 -1.86 45.86
C TYR D 410 -1.88 -1.88 46.72
N HIS D 411 -2.85 -1.06 46.29
CA HIS D 411 -4.14 -0.86 46.98
C HIS D 411 -4.85 -2.15 47.34
N LEU D 412 -4.67 -3.18 46.50
CA LEU D 412 -5.39 -4.42 46.65
C LEU D 412 -5.17 -5.11 47.99
N GLN D 413 -3.92 -5.30 48.41
CA GLN D 413 -3.63 -5.97 49.68
C GLN D 413 -3.98 -5.10 50.89
N LEU D 414 -3.75 -3.79 50.81
CA LEU D 414 -4.23 -2.84 51.85
C LEU D 414 -5.67 -3.15 52.23
N PHE D 415 -6.50 -3.37 51.20
CA PHE D 415 -7.92 -3.66 51.36
C PHE D 415 -8.20 -5.05 51.91
N GLU D 416 -7.63 -6.08 51.28
CA GLU D 416 -7.86 -7.46 51.70
C GLU D 416 -7.45 -7.73 53.13
N GLU D 417 -6.37 -7.07 53.58
CA GLU D 417 -5.93 -7.17 54.96
C GLU D 417 -6.86 -6.39 55.90
N LEU D 418 -7.21 -5.17 55.51
CA LEU D 418 -8.13 -4.34 56.30
C LEU D 418 -9.51 -4.95 56.44
N ARG D 419 -9.93 -5.74 55.45
CA ARG D 419 -11.20 -6.43 55.50
C ARG D 419 -11.14 -7.62 56.44
N ARG D 420 -10.05 -8.37 56.39
CA ARG D 420 -9.86 -9.52 57.28
C ARG D 420 -9.76 -9.09 58.74
N LEU D 421 -8.91 -8.11 59.02
CA LEU D 421 -8.70 -7.65 60.38
C LEU D 421 -9.89 -6.92 61.03
N ALA D 422 -10.86 -6.46 60.23
CA ALA D 422 -12.04 -5.77 60.76
C ALA D 422 -12.97 -6.76 61.48
N PRO D 423 -13.64 -6.31 62.56
CA PRO D 423 -14.49 -7.19 63.35
C PRO D 423 -15.84 -7.44 62.68
N ILE D 424 -16.29 -8.70 62.64
CA ILE D 424 -17.57 -9.05 61.99
C ILE D 424 -18.77 -8.42 62.73
N THR D 425 -19.44 -7.46 62.08
CA THR D 425 -20.70 -6.89 62.59
C THR D 425 -21.75 -6.83 61.48
N SER D 426 -23.01 -6.75 61.90
CA SER D 426 -24.16 -6.62 61.00
C SER D 426 -24.64 -5.16 60.93
N ASP D 427 -23.72 -4.21 61.08
CA ASP D 427 -24.05 -2.80 60.89
C ASP D 427 -24.39 -2.59 59.41
N PRO D 428 -25.54 -1.96 59.11
CA PRO D 428 -25.86 -1.67 57.72
C PRO D 428 -24.82 -0.82 56.98
N THR D 429 -24.34 0.26 57.60
CA THR D 429 -23.46 1.21 56.93
C THR D 429 -22.10 0.62 56.56
N GLU D 430 -21.50 -0.09 57.51
CA GLU D 430 -20.14 -0.65 57.34
C GLU D 430 -20.13 -1.80 56.33
N ALA D 431 -21.21 -2.59 56.30
CA ALA D 431 -21.34 -3.69 55.34
C ALA D 431 -21.56 -3.19 53.92
N THR D 432 -22.33 -2.12 53.80
CA THR D 432 -22.51 -1.42 52.53
C THR D 432 -21.21 -0.78 52.07
N ALA D 433 -20.53 -0.11 53.00
CA ALA D 433 -19.28 0.60 52.71
C ALA D 433 -18.19 -0.32 52.16
N VAL D 434 -18.07 -1.51 52.74
CA VAL D 434 -17.08 -2.48 52.25
C VAL D 434 -17.46 -2.92 50.83
N GLY D 435 -18.73 -3.30 50.65
CA GLY D 435 -19.25 -3.70 49.34
C GLY D 435 -19.06 -2.66 48.24
N ALA D 436 -19.08 -1.39 48.62
CA ALA D 436 -18.79 -0.29 47.70
C ALA D 436 -17.34 -0.34 47.21
N VAL D 437 -16.41 -0.54 48.15
CA VAL D 437 -14.99 -0.65 47.82
C VAL D 437 -14.78 -1.91 46.98
N GLU D 438 -15.26 -3.04 47.48
CA GLU D 438 -15.27 -4.33 46.76
C GLU D 438 -15.63 -4.14 45.28
N ALA D 439 -16.76 -3.47 45.05
CA ALA D 439 -17.27 -3.22 43.71
C ALA D 439 -16.42 -2.23 42.92
N SER D 440 -15.79 -1.29 43.63
CA SER D 440 -14.88 -0.33 42.98
C SER D 440 -13.70 -1.02 42.31
N PHE D 441 -13.27 -2.17 42.83
CA PHE D 441 -12.24 -2.98 42.18
C PHE D 441 -12.79 -3.83 41.02
N LYS D 442 -13.91 -4.50 41.25
CA LYS D 442 -14.49 -5.41 40.23
C LYS D 442 -15.08 -4.71 39.02
N CYS D 443 -15.65 -3.51 39.20
CA CYS D 443 -16.14 -2.68 38.09
C CYS D 443 -15.09 -1.77 37.45
N CYS D 444 -13.88 -1.74 38.03
CA CYS D 444 -12.82 -0.77 37.67
C CYS D 444 -13.40 0.64 37.69
N SER D 445 -13.99 1.00 38.82
CA SER D 445 -14.74 2.24 38.92
C SER D 445 -13.83 3.45 38.92
N GLY D 446 -14.30 4.52 38.30
CA GLY D 446 -13.58 5.78 38.30
C GLY D 446 -13.67 6.52 39.62
N ALA D 447 -14.75 6.26 40.38
CA ALA D 447 -14.95 6.90 41.66
C ALA D 447 -15.97 6.18 42.52
N ILE D 448 -16.05 6.59 43.78
CA ILE D 448 -17.13 6.20 44.68
C ILE D 448 -17.76 7.52 45.16
N ILE D 449 -18.97 7.81 44.69
CA ILE D 449 -19.69 9.02 45.07
C ILE D 449 -20.45 8.74 46.36
N VAL D 450 -20.22 9.54 47.40
CA VAL D 450 -20.84 9.32 48.72
C VAL D 450 -21.55 10.58 49.21
N LEU D 451 -22.87 10.49 49.41
CA LEU D 451 -23.64 11.60 49.96
C LEU D 451 -23.59 11.51 51.48
N THR D 452 -23.30 12.63 52.13
CA THR D 452 -23.00 12.62 53.57
C THR D 452 -23.14 14.02 54.22
N LYS D 453 -23.78 14.06 55.40
CA LYS D 453 -23.89 15.28 56.21
C LYS D 453 -22.66 15.42 57.11
N SER D 454 -22.46 14.46 58.00
CA SER D 454 -21.37 14.51 58.97
C SER D 454 -19.99 14.20 58.39
N GLY D 455 -19.95 13.52 57.24
CA GLY D 455 -18.71 13.01 56.66
C GLY D 455 -18.43 11.54 56.96
N ARG D 456 -19.08 10.99 57.98
CA ARG D 456 -18.80 9.65 58.49
C ARG D 456 -18.92 8.56 57.41
N SER D 457 -19.98 8.60 56.61
CA SER D 457 -20.17 7.61 55.53
C SER D 457 -19.00 7.57 54.57
N ALA D 458 -18.47 8.74 54.22
CA ALA D 458 -17.28 8.85 53.37
C ALA D 458 -16.02 8.36 54.09
N HIS D 459 -15.92 8.64 55.38
CA HIS D 459 -14.77 8.18 56.18
C HIS D 459 -14.74 6.65 56.26
N GLN D 460 -15.91 6.02 56.46
CA GLN D 460 -16.02 4.55 56.54
C GLN D 460 -15.63 3.85 55.24
N VAL D 461 -15.82 4.53 54.11
CA VAL D 461 -15.38 4.01 52.81
C VAL D 461 -13.87 4.17 52.72
N ALA D 462 -13.36 5.36 53.03
CA ALA D 462 -11.93 5.65 52.95
C ALA D 462 -11.09 4.76 53.88
N ARG D 463 -11.68 4.36 55.00
CA ARG D 463 -11.03 3.44 55.94
C ARG D 463 -10.50 2.17 55.28
N TYR D 464 -11.26 1.66 54.29
CA TYR D 464 -10.88 0.44 53.56
C TYR D 464 -9.97 0.68 52.34
N ARG D 465 -9.43 1.88 52.17
CA ARG D 465 -8.36 2.17 51.21
C ARG D 465 -8.62 1.69 49.76
N PRO D 466 -9.67 2.22 49.12
CA PRO D 466 -9.89 1.89 47.71
C PRO D 466 -8.84 2.51 46.78
N ARG D 467 -8.84 2.07 45.54
CA ARG D 467 -7.97 2.65 44.52
C ARG D 467 -8.63 3.91 44.00
N ALA D 468 -9.93 3.80 43.70
CA ALA D 468 -10.68 4.91 43.17
C ALA D 468 -10.80 6.07 44.16
N PRO D 469 -10.88 7.31 43.64
CA PRO D 469 -11.19 8.45 44.49
C PRO D 469 -12.62 8.41 45.03
N ILE D 470 -12.80 8.96 46.21
CA ILE D 470 -14.09 9.04 46.86
C ILE D 470 -14.57 10.48 46.73
N ILE D 471 -15.52 10.74 45.82
CA ILE D 471 -16.12 12.08 45.73
C ILE D 471 -17.20 12.19 46.82
N ALA D 472 -16.90 12.91 47.89
CA ALA D 472 -17.83 13.08 49.01
C ALA D 472 -18.67 14.34 48.84
N VAL D 473 -19.96 14.18 48.61
CA VAL D 473 -20.88 15.29 48.38
C VAL D 473 -21.56 15.66 49.70
N THR D 474 -21.61 16.95 49.99
CA THR D 474 -22.20 17.44 51.23
C THR D 474 -22.72 18.87 51.12
N ARG D 475 -23.66 19.21 51.98
CA ARG D 475 -24.13 20.58 52.16
C ARG D 475 -23.48 21.29 53.36
N ASN D 476 -22.94 20.52 54.31
CA ASN D 476 -22.28 21.07 55.50
C ASN D 476 -20.87 21.50 55.12
N PRO D 477 -20.57 22.82 55.17
CA PRO D 477 -19.25 23.26 54.70
C PRO D 477 -18.08 22.83 55.57
N GLN D 478 -18.31 22.60 56.87
CA GLN D 478 -17.24 22.14 57.77
C GLN D 478 -16.81 20.73 57.44
N THR D 479 -17.77 19.85 57.16
CA THR D 479 -17.46 18.45 56.87
C THR D 479 -16.70 18.33 55.55
N ALA D 480 -16.99 19.23 54.61
CA ALA D 480 -16.23 19.34 53.38
C ALA D 480 -14.77 19.66 53.64
N ARG D 481 -14.51 20.57 54.58
CA ARG D 481 -13.13 20.91 54.96
C ARG D 481 -12.46 19.79 55.75
N GLN D 482 -13.15 19.28 56.77
CA GLN D 482 -12.59 18.23 57.62
C GLN D 482 -12.29 16.91 56.90
N ALA D 483 -12.94 16.68 55.75
CA ALA D 483 -12.70 15.49 54.94
C ALA D 483 -11.27 15.34 54.39
N HIS D 484 -10.55 16.45 54.20
CA HIS D 484 -9.17 16.40 53.61
C HIS D 484 -8.17 15.60 54.43
N LEU D 485 -8.39 15.55 55.75
CA LEU D 485 -7.65 14.67 56.65
C LEU D 485 -7.59 13.20 56.21
N TYR D 486 -8.69 12.71 55.65
CA TYR D 486 -8.77 11.33 55.15
C TYR D 486 -8.23 11.19 53.74
N ARG D 487 -7.58 10.07 53.51
CA ARG D 487 -6.90 9.78 52.28
C ARG D 487 -7.93 9.44 51.23
N GLY D 488 -7.75 9.97 50.03
CA GLY D 488 -8.58 9.61 48.89
C GLY D 488 -9.99 10.16 48.87
N ILE D 489 -10.36 10.98 49.87
CA ILE D 489 -11.62 11.70 49.81
C ILE D 489 -11.37 13.00 49.07
N PHE D 490 -12.20 13.23 48.05
CA PHE D 490 -12.27 14.50 47.35
C PHE D 490 -13.60 15.17 47.72
N PRO D 491 -13.57 16.08 48.71
CA PRO D 491 -14.81 16.69 49.16
C PRO D 491 -15.27 17.72 48.16
N VAL D 492 -16.58 17.94 48.12
CA VAL D 492 -17.16 18.87 47.18
C VAL D 492 -18.48 19.41 47.75
N LEU D 493 -18.59 20.74 47.77
CA LEU D 493 -19.67 21.42 48.48
C LEU D 493 -20.81 21.78 47.56
N CYS D 494 -21.95 21.14 47.82
CA CYS D 494 -23.21 21.38 47.10
C CYS D 494 -23.97 22.48 47.82
N LYS D 495 -24.14 23.62 47.15
CA LYS D 495 -24.85 24.77 47.69
C LYS D 495 -26.32 24.85 47.21
N ASP D 496 -26.75 23.90 46.39
CA ASP D 496 -28.15 23.84 45.94
C ASP D 496 -29.10 23.64 47.11
N PRO D 497 -30.34 24.17 46.99
CA PRO D 497 -31.30 23.99 48.07
C PRO D 497 -31.88 22.58 48.04
N VAL D 498 -32.39 22.13 49.17
CA VAL D 498 -32.89 20.77 49.32
C VAL D 498 -34.19 20.63 48.53
N GLN D 499 -34.21 19.72 47.56
CA GLN D 499 -35.40 19.51 46.73
C GLN D 499 -36.45 18.76 47.55
N GLU D 500 -37.71 19.00 47.26
CA GLU D 500 -38.82 18.43 48.05
C GLU D 500 -38.91 16.93 47.88
N ALA D 501 -38.96 16.50 46.63
CA ALA D 501 -38.92 15.08 46.30
C ALA D 501 -37.53 14.54 46.64
N TRP D 502 -37.45 13.73 47.69
CA TRP D 502 -36.18 13.20 48.18
C TRP D 502 -35.34 12.53 47.08
N ALA D 503 -35.99 11.73 46.23
CA ALA D 503 -35.29 11.01 45.16
C ALA D 503 -34.61 11.94 44.15
N GLU D 504 -35.22 13.10 43.89
CA GLU D 504 -34.62 14.12 43.01
C GLU D 504 -33.44 14.86 43.65
N ASP D 505 -33.54 15.07 44.97
CA ASP D 505 -32.45 15.67 45.76
C ASP D 505 -31.18 14.81 45.75
N VAL D 506 -31.37 13.50 45.74
CA VAL D 506 -30.28 12.55 45.57
C VAL D 506 -29.73 12.66 44.15
N ASP D 507 -30.60 12.46 43.15
CA ASP D 507 -30.23 12.56 41.74
C ASP D 507 -29.48 13.86 41.39
N LEU D 508 -29.90 14.96 42.01
CA LEU D 508 -29.21 16.25 41.86
C LEU D 508 -27.75 16.17 42.33
N ARG D 509 -27.58 15.79 43.60
CA ARG D 509 -26.26 15.70 44.23
C ARG D 509 -25.35 14.66 43.57
N VAL D 510 -25.93 13.53 43.15
CA VAL D 510 -25.16 12.52 42.42
C VAL D 510 -24.69 13.10 41.09
N ASN D 511 -25.62 13.72 40.36
CA ASN D 511 -25.28 14.30 39.05
C ASN D 511 -24.34 15.52 39.18
N PHE D 512 -24.37 16.18 40.33
CA PHE D 512 -23.38 17.21 40.66
C PHE D 512 -21.97 16.62 40.71
N ALA D 513 -21.81 15.52 41.44
CA ALA D 513 -20.51 14.84 41.56
C ALA D 513 -20.04 14.26 40.24
N MET D 514 -20.99 13.80 39.41
CA MET D 514 -20.66 13.28 38.08
C MET D 514 -19.96 14.34 37.26
N ASN D 515 -20.48 15.56 37.32
CA ASN D 515 -19.93 16.68 36.58
C ASN D 515 -18.56 17.11 37.13
N VAL D 516 -18.41 17.06 38.45
CA VAL D 516 -17.13 17.36 39.11
C VAL D 516 -16.10 16.35 38.61
N GLY D 517 -16.43 15.07 38.75
CA GLY D 517 -15.57 13.98 38.35
C GLY D 517 -15.17 13.98 36.89
N LYS D 518 -16.09 14.36 36.01
CA LYS D 518 -15.77 14.54 34.60
C LYS D 518 -14.82 15.71 34.37
N ALA D 519 -15.05 16.82 35.07
CA ALA D 519 -14.19 18.00 34.97
C ALA D 519 -12.78 17.74 35.51
N ARG D 520 -12.69 17.11 36.68
CA ARG D 520 -11.39 16.69 37.24
C ARG D 520 -10.65 15.72 36.32
N GLY D 521 -11.41 14.86 35.62
CA GLY D 521 -10.84 13.85 34.75
C GLY D 521 -10.82 12.46 35.37
N PHE D 522 -11.35 12.33 36.59
CA PHE D 522 -11.44 11.03 37.26
C PHE D 522 -12.09 9.95 36.38
N PHE D 523 -13.14 10.34 35.66
CA PHE D 523 -13.81 9.42 34.73
C PHE D 523 -14.46 10.18 33.59
N LYS D 524 -15.03 9.43 32.66
CA LYS D 524 -15.65 10.02 31.48
C LYS D 524 -16.96 9.32 31.12
N LYS D 525 -17.66 9.91 30.16
CA LYS D 525 -18.87 9.35 29.56
C LYS D 525 -18.72 7.84 29.34
N GLY D 526 -19.62 7.05 29.93
CA GLY D 526 -19.63 5.61 29.71
C GLY D 526 -18.86 4.71 30.66
N ASP D 527 -18.03 5.29 31.55
CA ASP D 527 -17.41 4.54 32.63
C ASP D 527 -18.45 4.21 33.71
N VAL D 528 -18.04 3.44 34.72
CA VAL D 528 -18.91 3.04 35.82
C VAL D 528 -18.42 3.67 37.13
N VAL D 529 -19.35 4.09 37.98
CA VAL D 529 -19.04 4.59 39.34
C VAL D 529 -20.01 4.02 40.36
N ILE D 530 -19.54 3.92 41.60
CA ILE D 530 -20.34 3.42 42.71
C ILE D 530 -20.93 4.63 43.44
N VAL D 531 -22.16 4.50 43.93
CA VAL D 531 -22.87 5.62 44.56
C VAL D 531 -23.54 5.18 45.86
N LEU D 532 -23.10 5.76 46.99
CA LEU D 532 -23.72 5.53 48.30
C LEU D 532 -24.67 6.65 48.72
N THR D 533 -25.91 6.27 49.07
CA THR D 533 -26.97 7.21 49.47
C THR D 533 -27.76 6.66 50.67
N GLY D 534 -28.75 7.41 51.13
CA GLY D 534 -29.75 6.91 52.08
C GLY D 534 -30.92 6.33 51.30
N TRP D 535 -31.95 5.85 51.99
CA TRP D 535 -33.18 5.40 51.32
C TRP D 535 -34.39 6.22 51.77
N ARG D 536 -34.59 6.34 53.08
CA ARG D 536 -35.57 7.28 53.61
C ARG D 536 -34.80 8.53 54.01
N PRO D 537 -35.40 9.72 53.79
CA PRO D 537 -34.88 10.88 54.51
C PRO D 537 -35.42 10.76 55.92
N GLY D 538 -34.59 10.29 56.84
CA GLY D 538 -35.04 9.91 58.19
C GLY D 538 -34.35 8.65 58.70
N SER D 539 -34.05 7.73 57.78
CA SER D 539 -33.24 6.54 58.09
C SER D 539 -31.84 7.00 58.52
N GLY D 540 -31.37 6.47 59.65
CA GLY D 540 -30.08 6.86 60.21
C GLY D 540 -28.88 6.52 59.33
N PHE D 541 -29.00 5.45 58.54
CA PHE D 541 -27.85 4.83 57.86
C PHE D 541 -27.71 5.26 56.39
N THR D 542 -26.46 5.37 55.93
CA THR D 542 -26.11 5.42 54.50
C THR D 542 -25.97 3.98 54.00
N ASN D 543 -27.11 3.42 53.60
CA ASN D 543 -27.25 1.98 53.39
C ASN D 543 -27.50 1.55 51.94
N THR D 544 -27.60 2.51 51.02
CA THR D 544 -28.02 2.20 49.65
C THR D 544 -26.92 2.38 48.60
N MET D 545 -26.35 1.26 48.15
CA MET D 545 -25.29 1.23 47.15
C MET D 545 -25.86 0.92 45.79
N ARG D 546 -25.39 1.63 44.77
CA ARG D 546 -25.76 1.33 43.40
C ARG D 546 -24.63 1.58 42.43
N VAL D 547 -24.57 0.73 41.41
CA VAL D 547 -23.55 0.78 40.38
C VAL D 547 -24.16 1.52 39.21
N VAL D 548 -23.59 2.67 38.91
CA VAL D 548 -24.14 3.61 37.94
C VAL D 548 -23.15 3.83 36.80
N PRO D 549 -23.62 3.72 35.54
CA PRO D 549 -22.79 4.17 34.44
C PRO D 549 -22.90 5.69 34.29
N VAL D 550 -21.78 6.30 33.91
CA VAL D 550 -21.67 7.74 33.84
C VAL D 550 -22.43 8.27 32.64
N PRO D 551 -23.35 9.24 32.85
CA PRO D 551 -24.07 9.82 31.73
C PRO D 551 -23.17 10.72 30.88
N GLU E 27 -16.57 -34.62 19.26
CA GLU E 27 -16.78 -34.63 17.78
C GLU E 27 -16.44 -33.26 17.16
N ALA E 28 -16.33 -33.24 15.83
CA ALA E 28 -16.52 -32.01 14.97
C ALA E 28 -16.09 -32.27 13.48
N GLY E 29 -15.34 -31.35 12.83
CA GLY E 29 -14.28 -31.72 11.89
C GLY E 29 -13.00 -31.04 12.34
N THR E 30 -11.93 -31.13 11.55
CA THR E 30 -10.65 -30.46 11.87
C THR E 30 -10.72 -29.00 11.38
N ALA E 31 -11.10 -28.85 10.11
CA ALA E 31 -11.18 -27.55 9.44
C ALA E 31 -12.49 -26.78 9.67
N PHE E 32 -13.45 -27.37 10.38
CA PHE E 32 -14.75 -26.75 10.61
C PHE E 32 -14.69 -25.57 11.56
N ILE E 33 -13.96 -25.71 12.67
CA ILE E 33 -13.97 -24.69 13.74
C ILE E 33 -12.87 -23.63 13.48
N GLN E 34 -13.17 -22.68 12.58
CA GLN E 34 -12.27 -21.56 12.28
C GLN E 34 -12.64 -20.35 13.14
N THR E 35 -12.15 -20.30 14.39
CA THR E 35 -12.46 -19.18 15.30
C THR E 35 -11.67 -17.96 14.88
N GLN E 36 -12.28 -16.78 15.00
CA GLN E 36 -11.84 -15.60 14.28
C GLN E 36 -11.02 -14.57 15.07
N GLN E 37 -11.57 -14.07 16.17
CA GLN E 37 -10.97 -12.94 16.91
C GLN E 37 -10.87 -11.70 15.99
N LEU E 38 -12.04 -11.32 15.49
CA LEU E 38 -12.31 -10.02 14.88
C LEU E 38 -11.96 -8.85 15.82
N HIS E 39 -12.15 -7.63 15.32
CA HIS E 39 -12.06 -6.38 16.09
C HIS E 39 -10.64 -5.81 16.26
N ALA E 40 -9.63 -6.47 15.66
CA ALA E 40 -8.31 -5.85 15.48
C ALA E 40 -8.43 -4.79 14.38
N ALA E 41 -8.19 -3.53 14.73
CA ALA E 41 -8.29 -2.40 13.80
C ALA E 41 -7.24 -2.53 12.68
N MET E 42 -7.71 -2.56 11.43
CA MET E 42 -6.86 -2.91 10.29
C MET E 42 -5.83 -1.81 9.98
N ALA E 43 -4.66 -2.22 9.52
CA ALA E 43 -3.49 -1.35 9.42
C ALA E 43 -3.68 -0.19 8.44
N ASP E 44 -2.87 0.85 8.65
CA ASP E 44 -2.95 2.11 7.90
C ASP E 44 -2.51 1.93 6.43
N THR E 45 -1.36 1.29 6.24
CA THR E 45 -0.75 1.10 4.93
C THR E 45 -0.34 -0.34 4.73
N PHE E 46 -0.30 -0.78 3.48
CA PHE E 46 0.08 -2.17 3.17
C PHE E 46 1.47 -2.57 3.67
N LEU E 47 2.42 -1.62 3.64
CA LEU E 47 3.75 -1.83 4.20
C LEU E 47 3.69 -2.10 5.70
N GLU E 48 2.94 -1.27 6.39
CA GLU E 48 2.78 -1.41 7.84
C GLU E 48 2.15 -2.75 8.19
N HIS E 49 1.22 -3.20 7.34
CA HIS E 49 0.53 -4.47 7.52
C HIS E 49 1.45 -5.69 7.42
N MET E 50 2.38 -5.64 6.47
CA MET E 50 3.42 -6.68 6.33
C MET E 50 4.32 -6.68 7.55
N CYS E 51 4.67 -5.49 8.03
CA CYS E 51 5.54 -5.36 9.21
C CYS E 51 4.94 -5.91 10.50
N ARG E 52 3.61 -5.99 10.58
CA ARG E 52 2.92 -6.55 11.74
C ARG E 52 2.73 -8.07 11.74
N LEU E 53 3.15 -8.75 10.68
CA LEU E 53 3.02 -10.20 10.62
C LEU E 53 3.92 -10.85 11.66
N ASP E 54 3.30 -11.50 12.64
CA ASP E 54 4.00 -12.25 13.67
C ASP E 54 3.76 -13.73 13.40
N ILE E 55 4.83 -14.47 13.13
CA ILE E 55 4.72 -15.90 12.87
C ILE E 55 4.32 -16.70 14.13
N ASP E 56 4.64 -16.17 15.31
CA ASP E 56 4.36 -16.84 16.59
C ASP E 56 2.89 -16.87 17.01
N SER E 57 2.07 -15.90 16.56
CA SER E 57 0.64 -15.89 16.89
C SER E 57 -0.18 -16.73 15.89
N PRO E 58 -1.33 -17.27 16.33
CA PRO E 58 -2.17 -18.06 15.44
C PRO E 58 -3.00 -17.17 14.52
N PRO E 59 -3.54 -17.75 13.42
CA PRO E 59 -4.23 -16.91 12.42
C PRO E 59 -5.58 -16.46 12.93
N ILE E 60 -5.93 -15.21 12.63
CA ILE E 60 -7.05 -14.52 13.25
C ILE E 60 -8.15 -14.28 12.22
N THR E 61 -8.46 -15.30 11.44
CA THR E 61 -9.32 -15.12 10.28
C THR E 61 -9.70 -16.48 9.71
N ALA E 62 -10.93 -16.58 9.26
CA ALA E 62 -11.41 -17.80 8.61
C ALA E 62 -10.68 -18.01 7.29
N ARG E 63 -10.35 -19.25 6.99
CA ARG E 63 -9.81 -19.61 5.69
C ARG E 63 -10.89 -19.40 4.61
N ASN E 64 -10.72 -18.36 3.79
CA ASN E 64 -11.73 -17.95 2.82
C ASN E 64 -11.53 -18.55 1.43
N THR E 65 -10.31 -19.03 1.12
CA THR E 65 -10.01 -19.58 -0.20
C THR E 65 -10.42 -21.05 -0.31
N GLY E 66 -11.40 -21.34 -1.18
CA GLY E 66 -11.91 -22.71 -1.40
C GLY E 66 -10.85 -23.74 -1.76
N ILE E 67 -11.15 -25.02 -1.49
CA ILE E 67 -10.22 -26.14 -1.71
C ILE E 67 -10.86 -27.23 -2.56
N ILE E 68 -10.34 -27.38 -3.78
CA ILE E 68 -10.80 -28.41 -4.72
C ILE E 68 -9.81 -29.58 -4.71
N CYS E 69 -10.28 -30.76 -4.31
CA CYS E 69 -9.46 -31.97 -4.32
C CYS E 69 -9.89 -32.88 -5.46
N THR E 70 -8.91 -33.39 -6.19
CA THR E 70 -9.15 -34.36 -7.24
C THR E 70 -9.29 -35.73 -6.60
N ILE E 71 -10.41 -36.39 -6.89
CA ILE E 71 -10.69 -37.72 -6.36
C ILE E 71 -10.18 -38.75 -7.37
N GLY E 72 -9.58 -39.81 -6.84
CA GLY E 72 -9.02 -40.90 -7.64
C GLY E 72 -8.82 -42.14 -6.78
N PRO E 73 -7.97 -43.08 -7.25
CA PRO E 73 -7.66 -44.34 -6.54
C PRO E 73 -7.47 -44.26 -5.01
N ALA E 74 -6.68 -43.30 -4.52
CA ALA E 74 -6.33 -43.22 -3.09
C ALA E 74 -7.41 -42.59 -2.18
N SER E 75 -8.37 -41.89 -2.78
CA SER E 75 -9.38 -41.12 -2.04
C SER E 75 -10.83 -41.42 -2.46
N ARG E 76 -11.03 -42.50 -3.20
CA ARG E 76 -12.32 -42.80 -3.85
C ARG E 76 -13.36 -43.28 -2.85
N SER E 77 -12.91 -43.93 -1.78
CA SER E 77 -13.79 -44.63 -0.84
C SER E 77 -14.62 -43.69 -0.01
N VAL E 78 -15.78 -44.17 0.44
CA VAL E 78 -16.69 -43.37 1.26
C VAL E 78 -16.05 -42.96 2.59
N GLU E 79 -15.19 -43.82 3.13
CA GLU E 79 -14.55 -43.54 4.41
C GLU E 79 -13.43 -42.49 4.33
N THR E 80 -12.65 -42.51 3.26
CA THR E 80 -11.61 -41.49 3.01
C THR E 80 -12.25 -40.11 2.83
N LEU E 81 -13.28 -40.05 1.99
CA LEU E 81 -13.97 -38.79 1.67
C LEU E 81 -14.56 -38.12 2.89
N LYS E 82 -15.16 -38.90 3.78
CA LYS E 82 -15.69 -38.35 5.03
C LYS E 82 -14.64 -37.54 5.80
N GLU E 83 -13.43 -38.09 5.91
CA GLU E 83 -12.34 -37.39 6.59
C GLU E 83 -11.82 -36.18 5.82
N MET E 84 -11.82 -36.26 4.49
CA MET E 84 -11.43 -35.12 3.64
C MET E 84 -12.39 -33.94 3.71
N ILE E 85 -13.69 -34.23 3.74
CA ILE E 85 -14.73 -33.18 3.91
C ILE E 85 -14.56 -32.53 5.28
N LYS E 86 -14.32 -33.35 6.30
CA LYS E 86 -14.02 -32.88 7.65
C LYS E 86 -12.80 -31.98 7.71
N SER E 87 -11.76 -32.32 6.96
CA SER E 87 -10.52 -31.54 6.95
C SER E 87 -10.51 -30.38 5.96
N GLY E 88 -11.63 -30.12 5.29
CA GLY E 88 -11.87 -28.90 4.54
C GLY E 88 -11.98 -28.98 3.03
N MET E 89 -12.33 -30.15 2.50
CA MET E 89 -12.65 -30.26 1.07
C MET E 89 -13.97 -29.54 0.81
N ASN E 90 -14.04 -28.91 -0.36
CA ASN E 90 -15.20 -28.15 -0.80
C ASN E 90 -15.73 -28.64 -2.13
N VAL E 91 -14.83 -28.88 -3.09
CA VAL E 91 -15.19 -29.41 -4.40
C VAL E 91 -14.43 -30.72 -4.66
N ALA E 92 -15.13 -31.69 -5.24
CA ALA E 92 -14.54 -32.94 -5.66
C ALA E 92 -14.41 -32.93 -7.18
N ARG E 93 -13.17 -32.92 -7.67
CA ARG E 93 -12.90 -33.00 -9.11
C ARG E 93 -12.78 -34.45 -9.55
N LEU E 94 -13.31 -34.74 -10.74
CA LEU E 94 -13.15 -36.03 -11.41
C LEU E 94 -12.44 -35.78 -12.72
N ASN E 95 -11.35 -36.53 -12.97
CA ASN E 95 -10.54 -36.34 -14.16
C ASN E 95 -10.96 -37.31 -15.26
N PHE E 96 -11.65 -36.81 -16.29
CA PHE E 96 -12.17 -37.65 -17.39
C PHE E 96 -11.16 -37.92 -18.53
N SER E 97 -9.91 -37.51 -18.35
CA SER E 97 -8.80 -37.99 -19.18
C SER E 97 -8.61 -39.51 -19.00
N HIS E 98 -8.90 -40.01 -17.80
CA HIS E 98 -8.77 -41.43 -17.46
C HIS E 98 -10.08 -41.97 -16.86
N GLY E 99 -10.31 -43.27 -16.98
CA GLY E 99 -11.46 -43.95 -16.37
C GLY E 99 -12.69 -44.00 -17.28
N THR E 100 -13.61 -44.92 -16.96
CA THR E 100 -14.86 -45.10 -17.71
C THR E 100 -16.04 -44.37 -17.07
N HIS E 101 -17.17 -44.34 -17.76
CA HIS E 101 -18.39 -43.71 -17.24
C HIS E 101 -18.98 -44.45 -16.05
N GLU E 102 -18.87 -45.77 -16.07
CA GLU E 102 -19.31 -46.63 -14.96
C GLU E 102 -18.44 -46.38 -13.72
N TYR E 103 -17.13 -46.22 -13.94
CA TYR E 103 -16.15 -46.02 -12.87
C TYR E 103 -16.44 -44.70 -12.15
N HIS E 104 -16.56 -43.62 -12.91
CA HIS E 104 -16.81 -42.28 -12.35
C HIS E 104 -18.20 -42.09 -11.76
N ALA E 105 -19.19 -42.86 -12.24
CA ALA E 105 -20.53 -42.84 -11.66
C ALA E 105 -20.52 -43.26 -10.18
N GLU E 106 -19.65 -44.23 -9.86
CA GLU E 106 -19.49 -44.72 -8.50
C GLU E 106 -18.60 -43.80 -7.66
N THR E 107 -17.61 -43.16 -8.28
CA THR E 107 -16.81 -42.12 -7.60
C THR E 107 -17.74 -41.00 -7.10
N ILE E 108 -18.69 -40.59 -7.95
CA ILE E 108 -19.70 -39.58 -7.59
C ILE E 108 -20.63 -40.08 -6.48
N LYS E 109 -21.13 -41.31 -6.62
CA LYS E 109 -22.01 -41.90 -5.61
C LYS E 109 -21.36 -41.93 -4.22
N ASN E 110 -20.05 -42.20 -4.17
CA ASN E 110 -19.30 -42.19 -2.91
C ASN E 110 -19.15 -40.78 -2.31
N VAL E 111 -18.91 -39.79 -3.16
CA VAL E 111 -18.84 -38.40 -2.72
C VAL E 111 -20.18 -38.05 -2.06
N ARG E 112 -21.27 -38.31 -2.77
CA ARG E 112 -22.61 -37.97 -2.28
C ARG E 112 -23.03 -38.71 -1.01
N THR E 113 -22.57 -39.96 -0.85
CA THR E 113 -22.81 -40.71 0.38
C THR E 113 -22.07 -40.09 1.56
N ALA E 114 -20.79 -39.80 1.35
CA ALA E 114 -19.94 -39.18 2.37
C ALA E 114 -20.45 -37.81 2.79
N THR E 115 -20.80 -36.99 1.80
CA THR E 115 -21.33 -35.63 2.02
C THR E 115 -22.59 -35.67 2.87
N GLU E 116 -23.53 -36.52 2.46
CA GLU E 116 -24.82 -36.68 3.14
C GLU E 116 -24.74 -37.35 4.52
N SER E 117 -23.61 -38.00 4.86
CA SER E 117 -23.43 -38.57 6.20
C SER E 117 -23.58 -37.53 7.33
N PHE E 118 -23.22 -36.27 7.05
CA PHE E 118 -23.32 -35.17 8.02
C PHE E 118 -24.68 -34.46 8.02
N ALA E 119 -25.58 -34.85 7.13
CA ALA E 119 -26.85 -34.13 6.92
C ALA E 119 -27.82 -34.14 8.10
N SER E 120 -27.68 -35.11 9.01
CA SER E 120 -28.58 -35.23 10.17
C SER E 120 -28.47 -34.10 11.20
N ASP E 121 -27.45 -33.26 11.10
CA ASP E 121 -27.33 -31.99 11.85
C ASP E 121 -27.07 -30.86 10.85
N PRO E 122 -28.11 -30.06 10.50
CA PRO E 122 -27.93 -29.05 9.43
C PRO E 122 -26.89 -27.94 9.71
N ILE E 123 -26.55 -27.74 10.99
CA ILE E 123 -25.47 -26.83 11.39
C ILE E 123 -24.08 -27.31 10.95
N LEU E 124 -23.82 -28.61 11.10
CA LEU E 124 -22.54 -29.20 10.68
C LEU E 124 -22.50 -29.67 9.22
N TYR E 125 -23.60 -29.55 8.49
CA TYR E 125 -23.65 -29.98 7.10
C TYR E 125 -22.93 -28.98 6.22
N ARG E 126 -21.72 -29.34 5.81
CA ARG E 126 -21.00 -28.62 4.76
C ARG E 126 -21.44 -29.24 3.44
N PRO E 127 -21.95 -28.42 2.49
CA PRO E 127 -22.11 -28.95 1.13
C PRO E 127 -20.77 -29.15 0.42
N VAL E 128 -20.81 -29.99 -0.61
CA VAL E 128 -19.64 -30.39 -1.39
C VAL E 128 -20.03 -30.50 -2.85
N ALA E 129 -19.28 -29.81 -3.71
CA ALA E 129 -19.56 -29.76 -5.14
C ALA E 129 -18.88 -30.90 -5.90
N VAL E 130 -19.40 -31.18 -7.09
CA VAL E 130 -18.83 -32.17 -7.99
C VAL E 130 -18.40 -31.45 -9.28
N ALA E 131 -17.13 -31.63 -9.66
CA ALA E 131 -16.57 -31.01 -10.86
C ALA E 131 -16.18 -32.09 -11.84
N LEU E 132 -16.47 -31.83 -13.12
CA LEU E 132 -16.16 -32.75 -14.20
C LEU E 132 -15.12 -32.10 -15.11
N ASP E 133 -13.89 -32.59 -15.05
CA ASP E 133 -12.78 -32.04 -15.83
C ASP E 133 -12.68 -32.83 -17.13
N THR E 134 -12.89 -32.17 -18.27
CA THR E 134 -12.83 -32.84 -19.56
C THR E 134 -11.42 -33.31 -19.92
N LYS E 135 -11.36 -34.28 -20.83
CA LYS E 135 -10.11 -34.77 -21.42
C LYS E 135 -9.52 -33.66 -22.29
N GLY E 136 -10.36 -33.18 -23.21
CA GLY E 136 -10.08 -32.05 -24.06
C GLY E 136 -9.56 -32.50 -25.39
N PRO E 137 -9.08 -31.56 -26.21
CA PRO E 137 -8.26 -31.89 -27.37
C PRO E 137 -6.80 -32.04 -26.96
N GLU E 138 -6.14 -33.02 -27.56
CA GLU E 138 -4.70 -33.26 -27.34
C GLU E 138 -4.04 -33.80 -28.59
N ILE E 139 -2.70 -33.92 -28.57
CA ILE E 139 -1.92 -34.48 -29.69
C ILE E 139 -1.17 -35.72 -29.21
N LEU E 160 15.09 -35.73 -36.67
CA LEU E 160 13.92 -36.55 -36.40
C LEU E 160 12.81 -36.14 -37.38
N LYS E 161 12.31 -37.12 -38.12
CA LYS E 161 11.23 -36.90 -39.08
C LYS E 161 9.90 -37.13 -38.40
N ILE E 162 8.98 -36.19 -38.55
CA ILE E 162 7.60 -36.35 -38.07
C ILE E 162 6.74 -36.66 -39.29
N THR E 163 5.83 -37.62 -39.16
CA THR E 163 4.98 -38.06 -40.27
C THR E 163 3.53 -38.22 -39.84
N GLU E 174 13.13 -43.33 -33.36
CA GLU E 174 14.21 -42.33 -33.18
C GLU E 174 14.65 -41.57 -34.43
N ASN E 175 14.38 -42.13 -35.59
CA ASN E 175 14.48 -41.42 -36.91
C ASN E 175 13.13 -40.87 -37.34
N ILE E 176 12.09 -41.73 -37.34
CA ILE E 176 10.74 -41.34 -37.67
C ILE E 176 9.79 -41.41 -36.46
N LEU E 177 8.85 -40.46 -36.42
CA LEU E 177 7.90 -40.30 -35.33
C LEU E 177 6.49 -40.04 -36.01
N TRP E 178 5.51 -40.88 -35.67
CA TRP E 178 4.59 -41.37 -36.73
C TRP E 178 3.34 -40.89 -36.48
N LYS E 193 8.76 -24.51 -32.65
CA LYS E 193 9.12 -25.57 -31.70
C LYS E 193 7.98 -26.58 -31.55
N ILE E 194 8.35 -27.81 -31.15
CA ILE E 194 7.41 -28.87 -30.84
C ILE E 194 7.87 -29.58 -29.57
N TYR E 195 7.18 -29.36 -28.47
CA TYR E 195 7.53 -29.98 -27.18
C TYR E 195 6.80 -31.32 -27.07
N VAL E 196 7.55 -32.37 -26.70
CA VAL E 196 7.06 -33.74 -26.69
C VAL E 196 7.29 -34.36 -25.30
N ASP E 197 6.27 -35.08 -24.81
CA ASP E 197 6.27 -35.71 -23.49
C ASP E 197 6.28 -34.65 -22.38
N ASP E 198 5.30 -33.75 -22.44
CA ASP E 198 5.14 -32.65 -21.49
C ASP E 198 6.43 -31.85 -21.34
N GLY E 199 7.01 -31.48 -22.47
CA GLY E 199 8.22 -30.67 -22.51
C GLY E 199 9.53 -31.29 -22.01
N LEU E 200 9.62 -32.63 -22.00
CA LEU E 200 10.90 -33.29 -21.75
C LEU E 200 11.82 -33.14 -22.98
N ILE E 201 11.26 -33.34 -24.17
CA ILE E 201 11.98 -33.22 -25.44
C ILE E 201 11.44 -32.03 -26.21
N SER E 202 12.32 -31.27 -26.87
CA SER E 202 11.90 -30.15 -27.74
C SER E 202 12.59 -30.24 -29.09
N LEU E 203 11.83 -29.97 -30.15
CA LEU E 203 12.28 -30.10 -31.54
C LEU E 203 12.04 -28.81 -32.30
N GLN E 204 13.01 -28.39 -33.12
CA GLN E 204 12.85 -27.22 -33.99
C GLN E 204 12.66 -27.69 -35.44
N VAL E 205 11.62 -27.18 -36.11
CA VAL E 205 11.32 -27.55 -37.49
C VAL E 205 12.32 -26.91 -38.45
N LYS E 206 12.94 -27.74 -39.31
CA LYS E 206 13.84 -27.26 -40.37
C LYS E 206 13.08 -27.11 -41.68
N GLN E 207 12.39 -28.17 -42.08
CA GLN E 207 11.69 -28.21 -43.38
C GLN E 207 10.24 -28.64 -43.21
N LYS E 208 9.33 -27.83 -43.75
CA LYS E 208 7.93 -28.23 -43.91
C LYS E 208 7.78 -29.23 -45.03
N GLY E 209 6.57 -29.75 -45.19
CA GLY E 209 6.29 -30.72 -46.25
C GLY E 209 4.80 -30.86 -46.52
N ALA E 210 4.47 -31.84 -47.36
CA ALA E 210 3.08 -32.14 -47.70
C ALA E 210 2.36 -32.71 -46.48
N ASP E 211 2.87 -33.83 -45.98
CA ASP E 211 2.35 -34.50 -44.79
C ASP E 211 3.49 -34.97 -43.89
N PHE E 212 4.50 -34.12 -43.74
CA PHE E 212 5.67 -34.44 -42.90
C PHE E 212 6.47 -33.19 -42.49
N LEU E 213 7.30 -33.37 -41.48
CA LEU E 213 8.24 -32.33 -41.02
C LEU E 213 9.61 -32.96 -40.80
N VAL E 214 10.66 -32.18 -41.00
CA VAL E 214 12.01 -32.56 -40.62
C VAL E 214 12.44 -31.63 -39.51
N THR E 215 12.72 -32.18 -38.35
CA THR E 215 13.08 -31.41 -37.15
C THR E 215 14.50 -31.71 -36.67
N GLU E 216 15.02 -30.80 -35.84
CA GLU E 216 16.30 -31.01 -35.17
C GLU E 216 16.04 -31.06 -33.66
N VAL E 217 16.55 -32.11 -33.02
CA VAL E 217 16.41 -32.28 -31.58
C VAL E 217 17.25 -31.21 -30.87
N GLU E 218 16.65 -30.55 -29.87
CA GLU E 218 17.33 -29.53 -29.07
C GLU E 218 17.56 -30.01 -27.64
N ASN E 219 16.48 -30.41 -26.96
CA ASN E 219 16.57 -31.10 -25.66
C ASN E 219 16.42 -32.60 -25.88
N GLY E 220 17.46 -33.36 -25.53
CA GLY E 220 17.42 -34.81 -25.63
C GLY E 220 16.54 -35.44 -24.57
N GLY E 221 16.39 -36.76 -24.64
CA GLY E 221 15.56 -37.49 -23.67
C GLY E 221 15.18 -38.88 -24.16
N SER E 222 14.52 -39.62 -23.27
CA SER E 222 13.95 -40.91 -23.62
C SER E 222 12.52 -40.74 -24.12
N LEU E 223 12.34 -40.80 -25.44
CA LEU E 223 11.03 -40.73 -26.09
C LEU E 223 10.31 -42.07 -25.96
N GLY E 224 9.05 -42.05 -25.53
CA GLY E 224 8.25 -43.28 -25.41
C GLY E 224 7.07 -43.32 -26.37
N SER E 225 6.12 -44.21 -26.05
CA SER E 225 4.93 -44.42 -26.88
C SER E 225 3.78 -43.53 -26.43
N LYS E 226 3.00 -43.03 -27.39
CA LYS E 226 1.83 -42.17 -27.13
C LYS E 226 2.10 -41.06 -26.09
N LYS E 227 2.90 -40.08 -26.47
CA LYS E 227 3.25 -38.96 -25.59
C LYS E 227 2.58 -37.65 -26.01
N GLY E 228 2.35 -36.78 -25.03
CA GLY E 228 1.71 -35.49 -25.27
C GLY E 228 2.59 -34.52 -26.00
N VAL E 229 2.10 -34.02 -27.13
CA VAL E 229 2.81 -33.02 -27.92
C VAL E 229 2.14 -31.65 -27.79
N ASN E 230 2.95 -30.60 -27.68
CA ASN E 230 2.48 -29.21 -27.58
C ASN E 230 3.13 -28.38 -28.68
N LEU E 231 2.46 -27.30 -29.08
CA LEU E 231 2.89 -26.49 -30.22
C LEU E 231 2.99 -25.01 -29.84
N PRO E 232 4.02 -24.63 -29.06
CA PRO E 232 4.22 -23.25 -28.57
C PRO E 232 3.79 -22.14 -29.54
N GLY E 233 2.84 -21.33 -29.11
CA GLY E 233 2.33 -20.18 -29.87
C GLY E 233 1.87 -20.51 -31.28
N ALA E 234 1.08 -21.56 -31.42
CA ALA E 234 0.51 -21.95 -32.71
C ALA E 234 -1.01 -21.95 -32.56
N ALA E 235 -1.71 -21.53 -33.62
CA ALA E 235 -3.16 -21.63 -33.67
C ALA E 235 -3.55 -23.09 -33.84
N VAL E 236 -3.58 -23.82 -32.72
CA VAL E 236 -3.94 -25.24 -32.71
C VAL E 236 -5.43 -25.36 -32.99
N ASP E 237 -5.75 -25.90 -34.16
CA ASP E 237 -7.14 -25.88 -34.69
C ASP E 237 -7.88 -27.22 -34.50
N LEU E 238 -7.65 -27.87 -33.36
CA LEU E 238 -8.41 -29.08 -33.01
C LEU E 238 -9.86 -28.71 -32.66
N PRO E 239 -10.75 -29.69 -32.61
CA PRO E 239 -12.11 -29.38 -32.12
C PRO E 239 -12.10 -29.02 -30.64
N ALA E 240 -12.88 -27.99 -30.27
CA ALA E 240 -13.00 -27.53 -28.89
C ALA E 240 -13.49 -28.63 -27.98
N VAL E 241 -14.52 -29.33 -28.44
CA VAL E 241 -15.09 -30.46 -27.75
C VAL E 241 -14.85 -31.69 -28.63
N SER E 242 -13.93 -32.57 -28.21
CA SER E 242 -13.73 -33.84 -28.92
C SER E 242 -14.97 -34.72 -28.78
N GLU E 243 -15.12 -35.71 -29.66
CA GLU E 243 -16.31 -36.58 -29.66
C GLU E 243 -16.44 -37.38 -28.35
N LYS E 244 -15.29 -37.73 -27.75
CA LYS E 244 -15.27 -38.34 -26.41
C LYS E 244 -15.89 -37.41 -25.37
N ASP E 245 -15.51 -36.15 -25.42
CA ASP E 245 -16.02 -35.13 -24.49
C ASP E 245 -17.50 -34.83 -24.64
N ILE E 246 -18.04 -34.94 -25.86
CA ILE E 246 -19.47 -34.70 -26.08
C ILE E 246 -20.29 -35.74 -25.31
N GLN E 247 -19.75 -36.96 -25.15
CA GLN E 247 -20.37 -37.97 -24.29
C GLN E 247 -20.11 -37.72 -22.81
N ASP E 248 -18.90 -37.30 -22.46
CA ASP E 248 -18.54 -36.96 -21.07
C ASP E 248 -19.39 -35.82 -20.49
N LEU E 249 -19.66 -34.81 -21.31
CA LEU E 249 -20.47 -33.66 -20.90
C LEU E 249 -21.96 -34.01 -20.74
N LYS E 250 -22.46 -34.93 -21.55
CA LYS E 250 -23.84 -35.42 -21.39
C LYS E 250 -23.97 -36.29 -20.13
N PHE E 251 -22.93 -37.07 -19.85
CA PHE E 251 -22.83 -37.85 -18.60
C PHE E 251 -22.84 -36.95 -17.37
N GLY E 252 -22.15 -35.82 -17.47
CA GLY E 252 -22.15 -34.81 -16.41
C GLY E 252 -23.53 -34.24 -16.14
N VAL E 253 -24.22 -33.85 -17.22
CA VAL E 253 -25.59 -33.33 -17.14
C VAL E 253 -26.52 -34.39 -16.54
N GLU E 254 -26.35 -35.62 -17.02
CA GLU E 254 -27.12 -36.78 -16.56
C GLU E 254 -26.87 -37.10 -15.07
N GLN E 255 -25.63 -36.95 -14.61
CA GLN E 255 -25.28 -37.16 -13.19
C GLN E 255 -25.51 -35.94 -12.29
N ASP E 256 -26.02 -34.83 -12.84
CA ASP E 256 -26.17 -33.54 -12.14
C ASP E 256 -24.89 -33.10 -11.44
N VAL E 257 -23.85 -32.87 -12.22
CA VAL E 257 -22.67 -32.18 -11.73
C VAL E 257 -23.02 -30.70 -11.54
N ASP E 258 -22.17 -30.03 -10.78
CA ASP E 258 -22.35 -28.63 -10.42
C ASP E 258 -21.50 -27.70 -11.28
N MET E 259 -20.34 -28.18 -11.73
CA MET E 259 -19.48 -27.41 -12.62
C MET E 259 -18.66 -28.29 -13.56
N VAL E 260 -18.16 -27.68 -14.63
CA VAL E 260 -17.37 -28.35 -15.65
C VAL E 260 -16.08 -27.57 -15.86
N PHE E 261 -14.93 -28.23 -15.69
CA PHE E 261 -13.64 -27.63 -16.00
C PHE E 261 -13.26 -27.97 -17.45
N ALA E 262 -13.61 -27.10 -18.38
CA ALA E 262 -13.35 -27.32 -19.81
C ALA E 262 -11.88 -27.13 -20.15
N SER E 263 -11.26 -28.15 -20.75
CA SER E 263 -9.81 -28.15 -20.98
C SER E 263 -9.39 -27.46 -22.28
N PHE E 264 -8.13 -27.02 -22.30
CA PHE E 264 -7.44 -26.45 -23.47
C PHE E 264 -8.29 -25.43 -24.24
N ILE E 265 -8.77 -24.42 -23.53
CA ILE E 265 -9.58 -23.36 -24.13
C ILE E 265 -8.64 -22.34 -24.78
N ARG E 266 -8.93 -22.07 -26.06
CA ARG E 266 -8.15 -21.17 -26.88
C ARG E 266 -8.85 -19.86 -27.22
N LYS E 267 -10.19 -19.86 -27.21
CA LYS E 267 -10.95 -18.74 -27.76
C LYS E 267 -12.41 -18.80 -27.34
N ALA E 268 -13.12 -17.70 -27.57
CA ALA E 268 -14.50 -17.55 -27.10
C ALA E 268 -15.39 -18.68 -27.59
N SER E 269 -15.30 -18.98 -28.88
CA SER E 269 -16.14 -20.01 -29.51
C SER E 269 -15.94 -21.42 -28.94
N ASP E 270 -14.77 -21.70 -28.37
CA ASP E 270 -14.55 -22.97 -27.67
C ASP E 270 -15.47 -23.10 -26.47
N VAL E 271 -15.59 -22.03 -25.70
CA VAL E 271 -16.46 -22.01 -24.51
C VAL E 271 -17.92 -22.09 -24.94
N HIS E 272 -18.27 -21.34 -25.98
CA HIS E 272 -19.64 -21.37 -26.52
C HIS E 272 -20.11 -22.77 -26.93
N GLU E 273 -19.21 -23.58 -27.47
CA GLU E 273 -19.54 -24.96 -27.87
C GLU E 273 -19.61 -25.92 -26.67
N VAL E 274 -18.87 -25.63 -25.61
CA VAL E 274 -19.01 -26.38 -24.35
C VAL E 274 -20.38 -26.08 -23.73
N ARG E 275 -20.79 -24.81 -23.80
CA ARG E 275 -22.13 -24.38 -23.35
C ARG E 275 -23.23 -25.08 -24.14
N LYS E 276 -23.07 -25.03 -25.46
CA LYS E 276 -24.05 -25.55 -26.40
C LYS E 276 -24.29 -27.06 -26.24
N VAL E 277 -23.24 -27.80 -25.92
CA VAL E 277 -23.35 -29.25 -25.67
C VAL E 277 -24.13 -29.53 -24.37
N LEU E 278 -23.84 -28.77 -23.33
CA LEU E 278 -24.57 -28.90 -22.05
C LEU E 278 -26.04 -28.52 -22.24
N GLY E 279 -26.27 -27.48 -23.03
CA GLY E 279 -27.61 -27.16 -23.53
C GLY E 279 -28.59 -26.66 -22.49
N GLU E 280 -29.87 -26.72 -22.83
CA GLU E 280 -30.98 -26.34 -21.93
C GLU E 280 -30.99 -27.19 -20.66
N LYS E 281 -30.73 -28.48 -20.81
CA LYS E 281 -30.82 -29.43 -19.69
C LYS E 281 -29.81 -29.14 -18.57
N GLY E 282 -28.64 -28.65 -18.93
CA GLY E 282 -27.60 -28.30 -17.94
C GLY E 282 -27.11 -26.89 -18.12
N LYS E 283 -28.03 -25.95 -18.27
CA LYS E 283 -27.69 -24.53 -18.44
C LYS E 283 -27.13 -23.94 -17.15
N ASN E 284 -27.55 -24.48 -16.01
CA ASN E 284 -27.10 -24.02 -14.70
C ASN E 284 -25.71 -24.51 -14.31
N ILE E 285 -25.17 -25.49 -15.04
CA ILE E 285 -23.83 -26.01 -14.76
C ILE E 285 -22.78 -24.97 -15.14
N LYS E 286 -21.94 -24.60 -14.18
CA LYS E 286 -20.93 -23.55 -14.37
C LYS E 286 -19.75 -24.07 -15.21
N ILE E 287 -19.31 -23.27 -16.17
CA ILE E 287 -18.19 -23.61 -17.05
C ILE E 287 -16.94 -22.83 -16.66
N ILE E 288 -15.97 -23.54 -16.09
CA ILE E 288 -14.67 -22.95 -15.77
C ILE E 288 -13.74 -23.26 -16.94
N SER E 289 -13.29 -22.23 -17.64
CA SER E 289 -12.36 -22.42 -18.75
C SER E 289 -10.93 -22.53 -18.24
N LYS E 290 -10.22 -23.55 -18.70
CA LYS E 290 -8.82 -23.78 -18.32
C LYS E 290 -7.91 -23.14 -19.35
N ILE E 291 -7.03 -22.26 -18.90
CA ILE E 291 -6.06 -21.62 -19.78
C ILE E 291 -4.78 -22.45 -19.71
N GLU E 292 -4.57 -23.26 -20.75
CA GLU E 292 -3.45 -24.22 -20.78
C GLU E 292 -2.32 -23.88 -21.77
N ASN E 293 -2.52 -22.91 -22.66
CA ASN E 293 -1.57 -22.64 -23.76
C ASN E 293 -1.41 -21.15 -24.02
N HIS E 294 -0.48 -20.80 -24.90
CA HIS E 294 -0.18 -19.39 -25.17
C HIS E 294 -1.38 -18.64 -25.77
N GLU E 295 -2.12 -19.30 -26.66
CA GLU E 295 -3.26 -18.66 -27.33
C GLU E 295 -4.37 -18.27 -26.34
N GLY E 296 -4.58 -19.08 -25.31
CA GLY E 296 -5.55 -18.79 -24.25
C GLY E 296 -5.25 -17.49 -23.53
N VAL E 297 -3.98 -17.27 -23.20
CA VAL E 297 -3.55 -16.08 -22.49
C VAL E 297 -3.69 -14.84 -23.38
N ARG E 298 -3.39 -14.98 -24.66
CA ARG E 298 -3.52 -13.86 -25.60
C ARG E 298 -4.98 -13.44 -25.73
N ARG E 299 -5.89 -14.40 -25.79
CA ARG E 299 -7.31 -14.13 -25.94
C ARG E 299 -8.08 -14.19 -24.61
N PHE E 300 -7.42 -13.90 -23.50
CA PHE E 300 -8.02 -14.09 -22.19
C PHE E 300 -9.31 -13.31 -22.02
N ASP E 301 -9.32 -12.09 -22.54
CA ASP E 301 -10.46 -11.19 -22.35
C ASP E 301 -11.75 -11.75 -22.94
N GLU E 302 -11.70 -12.25 -24.17
CA GLU E 302 -12.90 -12.83 -24.80
C GLU E 302 -13.35 -14.15 -24.16
N ILE E 303 -12.40 -14.91 -23.60
CA ILE E 303 -12.70 -16.16 -22.91
C ILE E 303 -13.37 -15.88 -21.58
N LEU E 304 -12.77 -14.97 -20.80
CA LEU E 304 -13.30 -14.57 -19.50
C LEU E 304 -14.75 -14.10 -19.60
N GLU E 305 -15.06 -13.36 -20.66
CA GLU E 305 -16.42 -12.86 -20.89
C GLU E 305 -17.40 -14.02 -21.12
N ALA E 306 -17.00 -15.00 -21.90
CA ALA E 306 -17.86 -16.15 -22.22
C ALA E 306 -17.90 -17.23 -21.13
N SER E 307 -16.90 -17.25 -20.25
CA SER E 307 -16.79 -18.30 -19.23
C SER E 307 -17.43 -17.86 -17.92
N ASP E 308 -17.86 -18.84 -17.13
CA ASP E 308 -18.37 -18.56 -15.78
C ASP E 308 -17.23 -18.31 -14.82
N GLY E 309 -16.15 -19.08 -14.96
CA GLY E 309 -14.92 -18.86 -14.21
C GLY E 309 -13.69 -19.21 -15.03
N ILE E 310 -12.53 -19.19 -14.37
CA ILE E 310 -11.23 -19.47 -14.99
C ILE E 310 -10.40 -20.42 -14.12
N MET E 311 -9.55 -21.21 -14.75
CA MET E 311 -8.55 -22.03 -14.06
C MET E 311 -7.19 -21.82 -14.70
N VAL E 312 -6.26 -21.25 -13.95
CA VAL E 312 -4.89 -21.08 -14.41
C VAL E 312 -4.13 -22.37 -14.16
N ALA E 313 -3.97 -23.17 -15.21
CA ALA E 313 -3.16 -24.40 -15.16
C ALA E 313 -1.69 -24.04 -15.40
N ARG E 314 -0.92 -24.02 -14.33
CA ARG E 314 0.40 -23.39 -14.34
C ARG E 314 1.45 -24.30 -14.96
N GLY E 315 1.41 -25.58 -14.60
CA GLY E 315 2.30 -26.57 -15.17
C GLY E 315 2.20 -26.65 -16.71
N ASP E 316 0.97 -26.64 -17.19
CA ASP E 316 0.71 -26.73 -18.63
C ASP E 316 1.14 -25.46 -19.37
N LEU E 317 1.04 -24.30 -18.71
CA LEU E 317 1.59 -23.06 -19.26
C LEU E 317 3.11 -23.10 -19.27
N GLY E 318 3.71 -23.61 -18.19
CA GLY E 318 5.17 -23.73 -18.05
C GLY E 318 5.88 -24.46 -19.19
N ILE E 319 5.15 -25.35 -19.87
CA ILE E 319 5.62 -25.97 -21.10
C ILE E 319 5.61 -24.97 -22.25
N GLU E 320 4.46 -24.36 -22.45
CA GLU E 320 4.14 -23.63 -23.69
C GLU E 320 4.61 -22.17 -23.74
N ILE E 321 4.84 -21.55 -22.58
CA ILE E 321 5.41 -20.18 -22.51
C ILE E 321 6.62 -20.19 -21.56
N PRO E 322 7.53 -19.20 -21.70
CA PRO E 322 8.76 -19.21 -20.89
C PRO E 322 8.53 -19.20 -19.37
N ALA E 323 9.43 -19.79 -18.61
CA ALA E 323 9.30 -19.91 -17.14
C ALA E 323 9.38 -18.56 -16.40
N GLU E 324 10.15 -17.63 -16.93
CA GLU E 324 10.24 -16.28 -16.34
C GLU E 324 9.04 -15.38 -16.66
N LYS E 325 8.06 -15.88 -17.40
CA LYS E 325 6.85 -15.13 -17.72
C LYS E 325 5.57 -15.80 -17.25
N VAL E 326 5.63 -16.91 -16.54
CA VAL E 326 4.39 -17.60 -16.17
C VAL E 326 3.72 -16.87 -15.02
N PHE E 327 4.50 -16.47 -14.02
CA PHE E 327 3.97 -15.72 -12.88
C PHE E 327 3.28 -14.42 -13.32
N LEU E 328 3.81 -13.77 -14.35
CA LEU E 328 3.14 -12.61 -14.95
C LEU E 328 1.76 -12.95 -15.52
N ALA E 329 1.65 -14.10 -16.18
CA ALA E 329 0.36 -14.57 -16.70
C ALA E 329 -0.63 -14.86 -15.58
N GLN E 330 -0.18 -15.62 -14.59
CA GLN E 330 -0.99 -15.95 -13.41
C GLN E 330 -1.53 -14.68 -12.76
N LYS E 331 -0.65 -13.72 -12.50
CA LYS E 331 -1.04 -12.46 -11.84
C LYS E 331 -2.05 -11.68 -12.67
N MET E 332 -1.81 -11.59 -13.97
CA MET E 332 -2.73 -10.91 -14.86
C MET E 332 -4.10 -11.56 -14.87
N MET E 333 -4.14 -12.88 -15.05
CA MET E 333 -5.42 -13.58 -15.13
C MET E 333 -6.18 -13.52 -13.80
N ILE E 334 -5.47 -13.75 -12.70
CA ILE E 334 -6.07 -13.63 -11.38
C ILE E 334 -6.56 -12.20 -11.17
N GLY E 335 -5.75 -11.22 -11.58
CA GLY E 335 -6.16 -9.82 -11.54
C GLY E 335 -7.47 -9.57 -12.26
N ARG E 336 -7.55 -9.94 -13.53
CA ARG E 336 -8.72 -9.62 -14.35
C ARG E 336 -10.00 -10.29 -13.88
N CYS E 337 -9.87 -11.53 -13.40
CA CYS E 337 -11.00 -12.25 -12.82
C CYS E 337 -11.54 -11.56 -11.55
N ASN E 338 -10.65 -11.02 -10.73
CA ASN E 338 -11.06 -10.27 -9.54
C ASN E 338 -11.83 -9.03 -9.94
N ARG E 339 -11.31 -8.30 -10.93
CA ARG E 339 -11.99 -7.11 -11.44
C ARG E 339 -13.37 -7.48 -11.99
N ALA E 340 -13.40 -8.43 -12.92
CA ALA E 340 -14.67 -8.88 -13.50
C ALA E 340 -15.62 -9.61 -12.52
N GLY E 341 -15.13 -10.01 -11.35
CA GLY E 341 -15.97 -10.59 -10.31
C GLY E 341 -16.33 -12.06 -10.59
N LYS E 342 -15.46 -12.76 -11.33
CA LYS E 342 -15.65 -14.17 -11.63
C LYS E 342 -14.60 -15.00 -10.90
N PRO E 343 -14.94 -16.27 -10.57
CA PRO E 343 -13.96 -17.09 -9.90
C PRO E 343 -12.74 -17.35 -10.75
N VAL E 344 -11.59 -17.48 -10.10
CA VAL E 344 -10.36 -17.94 -10.71
C VAL E 344 -9.79 -19.03 -9.81
N ILE E 345 -9.21 -20.06 -10.41
CA ILE E 345 -8.70 -21.20 -9.69
C ILE E 345 -7.22 -21.41 -10.03
N CYS E 346 -6.38 -21.61 -9.02
CA CYS E 346 -4.97 -21.92 -9.26
C CYS E 346 -4.72 -23.41 -9.12
N ALA E 347 -4.37 -24.04 -10.24
CA ALA E 347 -4.25 -25.49 -10.35
C ALA E 347 -2.82 -25.91 -10.71
N THR E 348 -2.53 -27.19 -10.45
CA THR E 348 -1.27 -27.85 -10.84
C THR E 348 -0.06 -27.40 -10.03
N GLN E 349 0.85 -28.34 -9.76
CA GLN E 349 2.13 -28.05 -9.09
C GLN E 349 2.00 -27.41 -7.71
N MET E 350 0.90 -27.71 -7.00
CA MET E 350 0.66 -27.07 -5.71
C MET E 350 1.51 -27.73 -4.63
N LEU E 351 1.22 -28.99 -4.33
CA LEU E 351 1.86 -29.70 -3.23
C LEU E 351 2.34 -31.09 -3.68
N GLU E 352 3.06 -31.12 -4.81
CA GLU E 352 3.41 -32.39 -5.49
C GLU E 352 4.26 -33.34 -4.66
N SER E 353 5.11 -32.82 -3.77
CA SER E 353 5.92 -33.67 -2.88
C SER E 353 5.06 -34.54 -1.95
N MET E 354 3.83 -34.11 -1.66
CA MET E 354 2.91 -34.87 -0.80
C MET E 354 2.26 -36.11 -1.42
N ILE E 355 2.56 -36.39 -2.69
CA ILE E 355 2.28 -37.70 -3.28
C ILE E 355 3.08 -38.76 -2.51
N LYS E 356 4.35 -38.46 -2.23
CA LYS E 356 5.28 -39.40 -1.57
C LYS E 356 5.51 -39.16 -0.07
N LYS E 357 5.37 -37.93 0.41
CA LYS E 357 5.81 -37.52 1.75
C LYS E 357 4.68 -36.87 2.57
N PRO E 358 4.77 -36.92 3.93
CA PRO E 358 3.65 -36.48 4.78
C PRO E 358 3.51 -34.98 4.99
N ARG E 359 4.54 -34.22 4.58
CA ARG E 359 4.56 -32.76 4.71
C ARG E 359 5.03 -32.16 3.37
N PRO E 360 4.80 -30.86 3.16
CA PRO E 360 5.27 -30.22 1.94
C PRO E 360 6.61 -29.53 2.16
N THR E 361 7.27 -29.13 1.07
CA THR E 361 8.51 -28.37 1.14
C THR E 361 8.20 -26.91 1.48
N ARG E 362 9.22 -26.17 1.90
CA ARG E 362 9.09 -24.73 2.19
C ARG E 362 8.58 -23.99 0.95
N ALA E 363 9.17 -24.29 -0.20
CA ALA E 363 8.84 -23.61 -1.45
C ALA E 363 7.44 -23.91 -1.96
N GLU E 364 6.88 -25.07 -1.63
CA GLU E 364 5.50 -25.40 -2.03
C GLU E 364 4.50 -24.59 -1.22
N GLY E 365 4.75 -24.46 0.08
CA GLY E 365 3.91 -23.63 0.96
C GLY E 365 3.93 -22.16 0.54
N SER E 366 5.10 -21.68 0.15
CA SER E 366 5.26 -20.32 -0.36
C SER E 366 4.55 -20.11 -1.71
N ASP E 367 4.57 -21.13 -2.56
CA ASP E 367 3.90 -21.10 -3.88
C ASP E 367 2.38 -21.06 -3.74
N VAL E 368 1.85 -21.82 -2.79
CA VAL E 368 0.42 -21.82 -2.52
C VAL E 368 -0.01 -20.48 -1.94
N ALA E 369 0.74 -20.02 -0.93
CA ALA E 369 0.47 -18.74 -0.28
C ALA E 369 0.40 -17.63 -1.30
N ASN E 370 1.44 -17.50 -2.10
CA ASN E 370 1.52 -16.44 -3.11
C ASN E 370 0.40 -16.50 -4.16
N ALA E 371 -0.19 -17.67 -4.39
CA ALA E 371 -1.40 -17.78 -5.23
C ALA E 371 -2.67 -17.34 -4.51
N VAL E 372 -2.75 -17.58 -3.20
CA VAL E 372 -3.85 -17.06 -2.39
C VAL E 372 -3.78 -15.54 -2.30
N LEU E 373 -2.57 -15.03 -2.11
CA LEU E 373 -2.31 -13.59 -2.03
C LEU E 373 -2.43 -12.87 -3.37
N ASP E 374 -2.08 -13.55 -4.47
CA ASP E 374 -2.32 -12.99 -5.82
C ASP E 374 -3.80 -12.68 -6.06
N GLY E 375 -4.68 -13.42 -5.39
CA GLY E 375 -6.12 -13.17 -5.40
C GLY E 375 -7.01 -14.32 -5.81
N ALA E 376 -6.48 -15.54 -5.85
CA ALA E 376 -7.25 -16.69 -6.29
C ALA E 376 -8.38 -16.97 -5.33
N ASP E 377 -9.46 -17.53 -5.87
CA ASP E 377 -10.61 -17.94 -5.08
C ASP E 377 -10.43 -19.37 -4.58
N CYS E 378 -10.01 -20.27 -5.48
CA CYS E 378 -9.81 -21.68 -5.14
C CYS E 378 -8.41 -22.18 -5.49
N ILE E 379 -7.97 -23.20 -4.75
CA ILE E 379 -6.72 -23.89 -4.98
C ILE E 379 -7.04 -25.35 -5.26
N MET E 380 -6.44 -25.92 -6.31
CA MET E 380 -6.77 -27.29 -6.74
C MET E 380 -5.60 -28.26 -6.62
N LEU E 381 -5.79 -29.28 -5.79
CA LEU E 381 -4.79 -30.31 -5.58
C LEU E 381 -4.98 -31.40 -6.63
N SER E 382 -3.94 -31.63 -7.44
CA SER E 382 -4.00 -32.57 -8.57
C SER E 382 -3.69 -34.05 -8.15
N GLY E 383 -2.41 -34.43 -8.12
CA GLY E 383 -2.00 -35.79 -7.73
C GLY E 383 -2.19 -36.04 -6.24
N GLU E 384 -1.41 -35.32 -5.43
CA GLU E 384 -1.57 -35.21 -3.96
C GLU E 384 -2.71 -36.00 -3.30
N THR E 385 -3.94 -35.75 -3.75
CA THR E 385 -5.16 -36.42 -3.22
C THR E 385 -5.73 -37.55 -4.07
N ALA E 386 -5.50 -37.53 -5.38
CA ALA E 386 -6.04 -38.56 -6.30
C ALA E 386 -5.37 -39.93 -6.13
N LYS E 387 -4.05 -39.94 -6.22
CA LYS E 387 -3.28 -41.18 -6.16
C LYS E 387 -2.03 -41.03 -5.29
N GLY E 388 -2.20 -40.38 -4.14
CA GLY E 388 -1.10 -40.10 -3.24
C GLY E 388 -1.05 -41.09 -2.10
N ASP E 389 0.11 -41.19 -1.48
CA ASP E 389 0.27 -41.96 -0.24
C ASP E 389 -0.34 -41.21 0.94
N TYR E 390 -0.42 -39.88 0.84
CA TYR E 390 -0.98 -39.03 1.89
C TYR E 390 -2.05 -38.09 1.32
N PRO E 391 -3.26 -38.61 1.07
CA PRO E 391 -4.35 -37.78 0.56
C PRO E 391 -5.00 -36.93 1.63
N LEU E 392 -5.11 -37.44 2.85
CA LEU E 392 -5.79 -36.72 3.93
C LEU E 392 -4.93 -35.59 4.51
N GLU E 393 -3.61 -35.78 4.56
CA GLU E 393 -2.71 -34.76 5.09
C GLU E 393 -2.55 -33.64 4.07
N ALA E 394 -2.61 -33.99 2.78
CA ALA E 394 -2.57 -33.01 1.70
C ALA E 394 -3.68 -31.97 1.81
N VAL E 395 -4.88 -32.39 2.20
CA VAL E 395 -5.98 -31.45 2.43
C VAL E 395 -5.73 -30.59 3.66
N ARG E 396 -5.19 -31.19 4.72
CA ARG E 396 -4.91 -30.45 5.96
C ARG E 396 -3.81 -29.41 5.83
N MET E 397 -2.79 -29.69 5.02
CA MET E 397 -1.72 -28.71 4.77
C MET E 397 -2.22 -27.57 3.90
N GLN E 398 -2.99 -27.91 2.86
CA GLN E 398 -3.62 -26.90 2.01
C GLN E 398 -4.45 -25.96 2.87
N HIS E 399 -5.29 -26.52 3.74
CA HIS E 399 -6.07 -25.74 4.68
C HIS E 399 -5.20 -24.87 5.58
N LEU E 400 -4.15 -25.44 6.14
CA LEU E 400 -3.26 -24.68 7.03
C LEU E 400 -2.57 -23.52 6.33
N ILE E 401 -2.05 -23.77 5.12
CA ILE E 401 -1.36 -22.74 4.35
C ILE E 401 -2.33 -21.63 3.96
N ALA E 402 -3.47 -22.00 3.41
CA ALA E 402 -4.51 -21.01 3.00
C ALA E 402 -5.03 -20.12 4.13
N ARG E 403 -5.02 -20.64 5.35
CA ARG E 403 -5.46 -19.89 6.53
C ARG E 403 -4.36 -18.97 7.05
N GLU E 404 -3.12 -19.43 7.02
CA GLU E 404 -1.98 -18.59 7.42
C GLU E 404 -1.78 -17.46 6.43
N ALA E 405 -1.87 -17.79 5.14
CA ALA E 405 -1.79 -16.80 4.05
C ALA E 405 -2.84 -15.73 4.17
N GLU E 406 -4.04 -16.11 4.62
CA GLU E 406 -5.15 -15.16 4.83
C GLU E 406 -4.78 -13.96 5.69
N ALA E 407 -3.92 -14.17 6.68
CA ALA E 407 -3.43 -13.11 7.56
C ALA E 407 -2.57 -12.06 6.84
N ALA E 408 -1.89 -12.48 5.77
CA ALA E 408 -1.07 -11.57 4.96
C ALA E 408 -1.83 -10.77 3.91
N ILE E 409 -3.13 -11.04 3.75
CA ILE E 409 -3.93 -10.30 2.78
C ILE E 409 -4.34 -8.99 3.42
N TYR E 410 -4.16 -7.91 2.67
CA TYR E 410 -4.59 -6.56 3.06
C TYR E 410 -5.92 -6.28 2.36
N HIS E 411 -6.98 -6.87 2.93
CA HIS E 411 -8.34 -6.79 2.39
C HIS E 411 -8.81 -5.38 2.09
N LEU E 412 -8.31 -4.42 2.87
CA LEU E 412 -8.77 -3.05 2.76
C LEU E 412 -8.57 -2.43 1.39
N GLN E 413 -7.36 -2.52 0.83
CA GLN E 413 -7.10 -1.92 -0.49
C GLN E 413 -7.77 -2.71 -1.63
N LEU E 414 -7.81 -4.03 -1.54
CA LEU E 414 -8.60 -4.86 -2.49
C LEU E 414 -9.98 -4.25 -2.71
N PHE E 415 -10.61 -3.86 -1.60
CA PHE E 415 -11.95 -3.28 -1.60
C PHE E 415 -11.98 -1.86 -2.14
N GLU E 416 -11.14 -0.98 -1.61
CA GLU E 416 -11.13 0.43 -2.03
C GLU E 416 -10.85 0.59 -3.52
N GLU E 417 -10.01 -0.27 -4.06
CA GLU E 417 -9.72 -0.27 -5.49
C GLU E 417 -10.90 -0.83 -6.29
N LEU E 418 -11.45 -1.96 -5.83
CA LEU E 418 -12.62 -2.57 -6.47
C LEU E 418 -13.86 -1.69 -6.46
N ARG E 419 -13.96 -0.82 -5.45
CA ARG E 419 -15.07 0.11 -5.36
C ARG E 419 -14.88 1.27 -6.33
N ARG E 420 -13.66 1.77 -6.42
CA ARG E 420 -13.35 2.85 -7.36
C ARG E 420 -13.52 2.43 -8.81
N LEU E 421 -12.93 1.28 -9.17
CA LEU E 421 -13.00 0.79 -10.54
C LEU E 421 -14.39 0.35 -11.02
N ALA E 422 -15.32 0.10 -10.09
CA ALA E 422 -16.68 -0.33 -10.47
C ALA E 422 -17.45 0.86 -11.08
N PRO E 423 -18.35 0.57 -12.05
CA PRO E 423 -19.06 1.65 -12.76
C PRO E 423 -20.23 2.17 -11.94
N ILE E 424 -20.38 3.49 -11.85
CA ILE E 424 -21.47 4.10 -11.04
C ILE E 424 -22.86 3.76 -11.61
N THR E 425 -23.64 2.97 -10.88
CA THR E 425 -25.06 2.71 -11.20
C THR E 425 -25.91 2.84 -9.93
N SER E 426 -27.21 3.07 -10.15
CA SER E 426 -28.21 3.14 -9.09
C SER E 426 -29.01 1.82 -9.01
N ASP E 427 -28.34 0.70 -9.26
CA ASP E 427 -28.93 -0.61 -9.03
C ASP E 427 -29.13 -0.78 -7.52
N PRO E 428 -30.34 -1.14 -7.07
CA PRO E 428 -30.53 -1.38 -5.64
C PRO E 428 -29.60 -2.45 -5.03
N THR E 429 -29.46 -3.59 -5.69
CA THR E 429 -28.72 -4.72 -5.11
C THR E 429 -27.23 -4.45 -4.93
N GLU E 430 -26.61 -3.87 -5.96
CA GLU E 430 -25.15 -3.63 -5.96
C GLU E 430 -24.78 -2.50 -4.99
N ALA E 431 -25.66 -1.50 -4.83
CA ALA E 431 -25.41 -0.41 -3.89
C ALA E 431 -25.56 -0.85 -2.44
N THR E 432 -26.52 -1.74 -2.21
CA THR E 432 -26.69 -2.39 -0.91
C THR E 432 -25.51 -3.30 -0.61
N ALA E 433 -25.12 -4.09 -1.59
CA ALA E 433 -24.01 -5.06 -1.44
C ALA E 433 -22.70 -4.39 -1.05
N VAL E 434 -22.38 -3.25 -1.67
CA VAL E 434 -21.17 -2.50 -1.32
C VAL E 434 -21.28 -2.00 0.11
N GLY E 435 -22.40 -1.37 0.44
CA GLY E 435 -22.66 -0.86 1.80
C GLY E 435 -22.56 -1.93 2.88
N ALA E 436 -22.90 -3.17 2.55
CA ALA E 436 -22.73 -4.30 3.46
C ALA E 436 -21.26 -4.55 3.75
N VAL E 437 -20.43 -4.56 2.72
CA VAL E 437 -18.99 -4.74 2.87
C VAL E 437 -18.40 -3.57 3.64
N GLU E 438 -18.70 -2.35 3.17
CA GLU E 438 -18.36 -1.09 3.86
C GLU E 438 -18.56 -1.20 5.36
N ALA E 439 -19.77 -1.62 5.75
CA ALA E 439 -20.15 -1.75 7.16
C ALA E 439 -19.43 -2.90 7.85
N SER E 440 -19.11 -3.95 7.10
CA SER E 440 -18.35 -5.08 7.66
C SER E 440 -16.98 -4.66 8.18
N PHE E 441 -16.38 -3.62 7.57
CA PHE E 441 -15.13 -3.06 8.08
C PHE E 441 -15.35 -2.11 9.26
N LYS E 442 -16.33 -1.21 9.16
CA LYS E 442 -16.56 -0.20 10.21
C LYS E 442 -17.14 -0.75 11.51
N CYS E 443 -17.97 -1.81 11.41
CA CYS E 443 -18.49 -2.51 12.62
C CYS E 443 -17.59 -3.63 13.13
N CYS E 444 -16.49 -3.91 12.42
CA CYS E 444 -15.63 -5.07 12.68
C CYS E 444 -16.47 -6.34 12.76
N SER E 445 -17.26 -6.57 11.72
CA SER E 445 -18.27 -7.62 11.75
C SER E 445 -17.63 -9.00 11.67
N GLY E 446 -18.24 -9.94 12.37
CA GLY E 446 -17.82 -11.32 12.32
C GLY E 446 -18.23 -12.02 11.04
N ALA E 447 -19.31 -11.55 10.41
CA ALA E 447 -19.80 -12.14 9.17
C ALA E 447 -20.75 -11.20 8.42
N ILE E 448 -21.05 -11.60 7.19
CA ILE E 448 -22.14 -10.99 6.42
C ILE E 448 -23.08 -12.14 6.05
N ILE E 449 -24.25 -12.17 6.68
CA ILE E 449 -25.25 -13.20 6.41
C ILE E 449 -26.09 -12.77 5.21
N VAL E 450 -26.16 -13.60 4.17
CA VAL E 450 -26.88 -13.25 2.94
C VAL E 450 -27.89 -14.33 2.56
N LEU E 451 -29.17 -13.96 2.50
CA LEU E 451 -30.21 -14.90 2.08
C LEU E 451 -30.33 -14.83 0.56
N THR E 452 -30.37 -16.00 -0.08
CA THR E 452 -30.27 -16.06 -1.54
C THR E 452 -30.76 -17.40 -2.15
N LYS E 453 -31.51 -17.31 -3.24
CA LYS E 453 -31.97 -18.48 -4.01
C LYS E 453 -30.92 -18.88 -5.03
N SER E 454 -30.63 -17.98 -5.98
CA SER E 454 -29.69 -18.25 -7.07
C SER E 454 -28.22 -18.25 -6.64
N GLY E 455 -27.91 -17.57 -5.53
CA GLY E 455 -26.53 -17.32 -5.11
C GLY E 455 -25.99 -15.95 -5.50
N ARG E 456 -26.64 -15.28 -6.45
CA ARG E 456 -26.15 -14.02 -7.01
C ARG E 456 -25.91 -12.93 -5.95
N SER E 457 -26.86 -12.75 -5.03
CA SER E 457 -26.70 -11.75 -3.96
C SER E 457 -25.44 -11.95 -3.15
N ALA E 458 -25.13 -13.21 -2.83
CA ALA E 458 -23.89 -13.57 -2.14
C ALA E 458 -22.64 -13.35 -3.01
N HIS E 459 -22.77 -13.64 -4.30
CA HIS E 459 -21.66 -13.42 -5.25
C HIS E 459 -21.33 -11.92 -5.35
N GLN E 460 -22.35 -11.07 -5.44
CA GLN E 460 -22.17 -9.61 -5.54
C GLN E 460 -21.48 -9.01 -4.32
N VAL E 461 -21.67 -9.63 -3.15
CA VAL E 461 -20.97 -9.23 -1.94
C VAL E 461 -19.52 -9.69 -2.01
N ALA E 462 -19.32 -10.95 -2.36
CA ALA E 462 -17.98 -11.54 -2.45
C ALA E 462 -17.10 -10.85 -3.49
N ARG E 463 -17.72 -10.33 -4.54
CA ARG E 463 -17.03 -9.56 -5.58
C ARG E 463 -16.16 -8.44 -5.01
N TYR E 464 -16.65 -7.78 -3.96
CA TYR E 464 -15.95 -6.67 -3.30
C TYR E 464 -14.96 -7.10 -2.20
N ARG E 465 -14.68 -8.39 -2.07
CA ARG E 465 -13.57 -8.89 -1.22
C ARG E 465 -13.55 -8.38 0.23
N PRO E 466 -14.61 -8.67 1.00
CA PRO E 466 -14.58 -8.31 2.42
C PRO E 466 -13.58 -9.13 3.22
N ARG E 467 -13.33 -8.71 4.46
CA ARG E 467 -12.49 -9.47 5.38
C ARG E 467 -13.33 -10.54 6.00
N ALA E 468 -14.52 -10.16 6.45
CA ALA E 468 -15.44 -11.09 7.11
C ALA E 468 -15.92 -12.19 6.17
N PRO E 469 -16.19 -13.39 6.72
CA PRO E 469 -16.83 -14.44 5.95
C PRO E 469 -18.27 -14.09 5.59
N ILE E 470 -18.71 -14.61 4.44
CA ILE E 470 -20.05 -14.41 3.96
C ILE E 470 -20.80 -15.71 4.19
N ILE E 471 -21.66 -15.77 5.21
CA ILE E 471 -22.51 -16.95 5.40
C ILE E 471 -23.72 -16.84 4.46
N ALA E 472 -23.71 -17.60 3.38
CA ALA E 472 -24.78 -17.55 2.38
C ALA E 472 -25.83 -18.63 2.67
N VAL E 473 -27.02 -18.19 3.05
CA VAL E 473 -28.12 -19.09 3.40
C VAL E 473 -29.01 -19.31 2.19
N THR E 474 -29.37 -20.57 1.94
CA THR E 474 -30.19 -20.93 0.79
C THR E 474 -30.98 -22.22 1.01
N ARG E 475 -32.07 -22.34 0.25
CA ARG E 475 -32.82 -23.59 0.18
C ARG E 475 -32.49 -24.42 -1.07
N ASN E 476 -31.92 -23.80 -2.10
CA ASN E 476 -31.53 -24.48 -3.34
C ASN E 476 -30.20 -25.19 -3.12
N PRO E 477 -30.20 -26.54 -3.16
CA PRO E 477 -28.96 -27.26 -2.83
C PRO E 477 -27.83 -27.08 -3.85
N GLN E 478 -28.17 -26.83 -5.12
CA GLN E 478 -27.14 -26.62 -6.14
C GLN E 478 -26.38 -25.31 -5.91
N THR E 479 -27.10 -24.25 -5.55
CA THR E 479 -26.47 -22.95 -5.34
C THR E 479 -25.55 -22.98 -4.13
N ALA E 480 -25.91 -23.79 -3.13
CA ALA E 480 -25.05 -24.06 -1.99
C ALA E 480 -23.73 -24.68 -2.41
N ARG E 481 -23.77 -25.62 -3.34
CA ARG E 481 -22.55 -26.25 -3.87
C ARG E 481 -21.76 -25.31 -4.77
N GLN E 482 -22.45 -24.66 -5.71
CA GLN E 482 -21.78 -23.76 -6.66
C GLN E 482 -21.13 -22.54 -6.02
N ALA E 483 -21.58 -22.17 -4.82
CA ALA E 483 -21.00 -21.05 -4.07
C ALA E 483 -19.53 -21.19 -3.69
N HIS E 484 -19.03 -22.43 -3.54
CA HIS E 484 -17.62 -22.66 -3.12
C HIS E 484 -16.58 -22.09 -4.07
N LEU E 485 -16.93 -22.00 -5.35
CA LEU E 485 -16.13 -21.29 -6.38
C LEU E 485 -15.73 -19.87 -5.99
N TYR E 486 -16.62 -19.16 -5.31
CA TYR E 486 -16.35 -17.80 -4.86
C TYR E 486 -15.63 -17.77 -3.51
N ARG E 487 -14.75 -16.80 -3.40
CA ARG E 487 -13.88 -16.66 -2.25
C ARG E 487 -14.69 -16.10 -1.11
N GLY E 488 -14.48 -16.66 0.07
CA GLY E 488 -15.08 -16.12 1.29
C GLY E 488 -16.56 -16.37 1.50
N ILE E 489 -17.21 -17.08 0.57
CA ILE E 489 -18.57 -17.53 0.79
C ILE E 489 -18.51 -18.85 1.55
N PHE E 490 -19.23 -18.90 2.66
CA PHE E 490 -19.49 -20.12 3.39
C PHE E 490 -20.96 -20.50 3.20
N PRO E 491 -21.25 -21.41 2.24
CA PRO E 491 -22.62 -21.74 1.95
C PRO E 491 -23.17 -22.64 3.04
N VAL E 492 -24.47 -22.59 3.23
CA VAL E 492 -25.11 -23.37 4.26
C VAL E 492 -26.57 -23.63 3.86
N LEU E 493 -26.97 -24.91 3.89
CA LEU E 493 -28.23 -25.35 3.33
C LEU E 493 -29.31 -25.45 4.40
N CYS E 494 -30.32 -24.58 4.26
CA CYS E 494 -31.50 -24.55 5.12
C CYS E 494 -32.56 -25.47 4.52
N LYS E 495 -32.87 -26.54 5.24
CA LYS E 495 -33.88 -27.52 4.80
C LYS E 495 -35.25 -27.29 5.46
N ASP E 496 -35.38 -26.25 6.30
CA ASP E 496 -36.66 -25.90 6.90
C ASP E 496 -37.69 -25.51 5.84
N PRO E 497 -38.99 -25.76 6.11
CA PRO E 497 -40.02 -25.39 5.15
C PRO E 497 -40.27 -23.90 5.21
N VAL E 498 -40.81 -23.34 4.12
CA VAL E 498 -41.02 -21.90 4.01
C VAL E 498 -42.16 -21.48 4.93
N GLN E 499 -41.87 -20.60 5.89
CA GLN E 499 -42.88 -20.14 6.84
C GLN E 499 -43.84 -19.19 6.13
N GLU E 500 -45.10 -19.16 6.58
CA GLU E 500 -46.11 -18.35 5.90
C GLU E 500 -45.89 -16.88 6.05
N ALA E 501 -45.70 -16.45 7.29
CA ALA E 501 -45.32 -15.06 7.59
C ALA E 501 -43.90 -14.84 7.08
N TRP E 502 -43.78 -14.06 6.02
CA TRP E 502 -42.48 -13.81 5.37
C TRP E 502 -41.41 -13.33 6.34
N ALA E 503 -41.77 -12.42 7.25
CA ALA E 503 -40.81 -11.87 8.21
C ALA E 503 -40.23 -12.92 9.16
N GLU E 504 -41.02 -13.93 9.52
CA GLU E 504 -40.56 -15.06 10.34
C GLU E 504 -39.65 -16.01 9.58
N ASP E 505 -39.93 -16.20 8.29
CA ASP E 505 -39.10 -17.02 7.39
C ASP E 505 -37.69 -16.44 7.24
N VAL E 506 -37.60 -15.12 7.23
CA VAL E 506 -36.31 -14.42 7.24
C VAL E 506 -35.64 -14.65 8.60
N ASP E 507 -36.33 -14.26 9.67
CA ASP E 507 -35.80 -14.44 11.04
C ASP E 507 -35.32 -15.87 11.34
N LEU E 508 -36.02 -16.85 10.80
CA LEU E 508 -35.61 -18.26 10.89
C LEU E 508 -34.24 -18.49 10.25
N ARG E 509 -34.14 -18.16 8.96
CA ARG E 509 -32.91 -18.34 8.18
C ARG E 509 -31.74 -17.52 8.70
N VAL E 510 -32.01 -16.30 9.15
CA VAL E 510 -30.96 -15.47 9.75
C VAL E 510 -30.48 -16.13 11.03
N ASN E 511 -31.42 -16.53 11.89
CA ASN E 511 -31.06 -17.17 13.17
C ASN E 511 -30.42 -18.56 12.96
N PHE E 512 -30.73 -19.20 11.84
CA PHE E 512 -30.02 -20.42 11.43
C PHE E 512 -28.53 -20.15 11.19
N ALA E 513 -28.24 -19.12 10.42
CA ALA E 513 -26.85 -18.72 10.14
C ALA E 513 -26.11 -18.25 11.38
N MET E 514 -26.83 -17.60 12.30
CA MET E 514 -26.26 -17.15 13.56
C MET E 514 -25.69 -18.33 14.32
N ASN E 515 -26.47 -19.41 14.37
CA ASN E 515 -26.07 -20.62 15.07
C ASN E 515 -24.91 -21.33 14.38
N VAL E 516 -24.91 -21.33 13.05
CA VAL E 516 -23.81 -21.89 12.25
C VAL E 516 -22.54 -21.12 12.59
N GLY E 517 -22.61 -19.81 12.46
CA GLY E 517 -21.48 -18.91 12.72
C GLY E 517 -20.92 -18.99 14.13
N LYS E 518 -21.80 -19.17 15.12
CA LYS E 518 -21.36 -19.40 16.49
C LYS E 518 -20.65 -20.75 16.64
N ALA E 519 -21.19 -21.79 16.00
CA ALA E 519 -20.59 -23.12 16.04
C ALA E 519 -19.23 -23.16 15.33
N ARG E 520 -19.15 -22.56 14.14
CA ARG E 520 -17.88 -22.43 13.42
C ARG E 520 -16.84 -21.63 14.22
N GLY E 521 -17.31 -20.64 14.98
CA GLY E 521 -16.45 -19.76 15.75
C GLY E 521 -16.20 -18.42 15.09
N PHE E 522 -16.85 -18.17 13.93
CA PHE E 522 -16.73 -16.89 13.24
C PHE E 522 -17.03 -15.69 14.15
N PHE E 523 -18.05 -15.85 15.01
CA PHE E 523 -18.40 -14.81 15.98
C PHE E 523 -19.04 -15.43 17.21
N LYS E 524 -19.32 -14.58 18.19
CA LYS E 524 -19.89 -15.01 19.45
C LYS E 524 -20.97 -14.05 19.94
N LYS E 525 -21.65 -14.48 20.99
CA LYS E 525 -22.63 -13.67 21.72
C LYS E 525 -22.13 -12.23 21.89
N GLY E 526 -22.90 -11.27 21.38
CA GLY E 526 -22.58 -9.85 21.56
C GLY E 526 -21.75 -9.15 20.50
N ASP E 527 -21.19 -9.89 19.55
CA ASP E 527 -20.55 -9.29 18.36
C ASP E 527 -21.62 -8.76 17.41
N VAL E 528 -21.18 -8.10 16.33
CA VAL E 528 -22.08 -7.52 15.33
C VAL E 528 -21.90 -8.23 14.00
N VAL E 529 -23.01 -8.44 13.28
CA VAL E 529 -22.98 -9.00 11.91
C VAL E 529 -23.93 -8.25 10.99
N ILE E 530 -23.61 -8.24 9.71
CA ILE E 530 -24.42 -7.59 8.69
C ILE E 530 -25.33 -8.65 8.08
N VAL E 531 -26.56 -8.26 7.73
CA VAL E 531 -27.56 -9.21 7.22
C VAL E 531 -28.27 -8.64 5.99
N LEU E 532 -28.11 -9.30 4.84
CA LEU E 532 -28.81 -8.93 3.60
C LEU E 532 -30.03 -9.81 3.33
N THR E 533 -31.19 -9.19 3.12
CA THR E 533 -32.47 -9.88 2.87
C THR E 533 -33.25 -9.17 1.76
N GLY E 534 -34.43 -9.70 1.44
CA GLY E 534 -35.41 -9.00 0.61
C GLY E 534 -36.32 -8.18 1.51
N TRP E 535 -37.30 -7.48 0.93
CA TRP E 535 -38.34 -6.79 1.74
C TRP E 535 -39.73 -7.34 1.45
N ARG E 536 -40.11 -7.41 0.17
CA ARG E 536 -41.33 -8.13 -0.21
C ARG E 536 -40.89 -9.51 -0.67
N PRO E 537 -41.69 -10.54 -0.37
CA PRO E 537 -41.50 -11.78 -1.11
C PRO E 537 -42.18 -11.55 -2.45
N GLY E 538 -41.38 -11.26 -3.48
CA GLY E 538 -41.89 -10.79 -4.77
C GLY E 538 -41.06 -9.68 -5.37
N SER E 539 -40.45 -8.84 -4.53
CA SER E 539 -39.45 -7.86 -4.94
C SER E 539 -38.25 -8.59 -5.54
N GLY E 540 -37.82 -8.17 -6.72
CA GLY E 540 -36.71 -8.82 -7.43
C GLY E 540 -35.38 -8.75 -6.70
N PHE E 541 -35.17 -7.68 -5.93
CA PHE E 541 -33.84 -7.34 -5.40
C PHE E 541 -33.61 -7.80 -3.95
N THR E 542 -32.37 -8.18 -3.64
CA THR E 542 -31.86 -8.30 -2.27
C THR E 542 -31.36 -6.93 -1.82
N ASN E 543 -32.30 -6.14 -1.30
CA ASN E 543 -32.11 -4.70 -1.12
C ASN E 543 -32.09 -4.23 0.35
N THR E 544 -32.27 -5.14 1.30
CA THR E 544 -32.46 -4.75 2.71
C THR E 544 -31.30 -5.17 3.62
N MET E 545 -30.46 -4.19 3.97
CA MET E 545 -29.30 -4.40 4.83
C MET E 545 -29.62 -3.98 6.24
N ARG E 546 -29.18 -4.78 7.21
CA ARG E 546 -29.32 -4.40 8.62
C ARG E 546 -28.14 -4.88 9.44
N VAL E 547 -27.78 -4.06 10.42
CA VAL E 547 -26.67 -4.32 11.31
C VAL E 547 -27.28 -4.92 12.58
N VAL E 548 -26.92 -6.17 12.84
CA VAL E 548 -27.53 -6.95 13.90
C VAL E 548 -26.48 -7.38 14.91
N PRO E 549 -26.76 -7.16 16.21
CA PRO E 549 -25.91 -7.78 17.22
C PRO E 549 -26.33 -9.23 17.43
N VAL E 550 -25.33 -10.08 17.70
CA VAL E 550 -25.53 -11.52 17.77
C VAL E 550 -26.23 -11.86 19.07
N PRO E 551 -27.35 -12.60 18.99
CA PRO E 551 -28.05 -13.01 20.21
C PRO E 551 -27.26 -14.10 20.96
N ALA F 28 30.48 -4.79 -25.37
CA ALA F 28 29.50 -4.48 -24.27
C ALA F 28 29.58 -5.53 -23.13
N GLY F 29 28.47 -5.72 -22.40
CA GLY F 29 28.16 -6.98 -21.71
C GLY F 29 26.77 -7.42 -22.14
N THR F 30 26.23 -8.48 -21.54
CA THR F 30 24.85 -8.93 -21.85
C THR F 30 23.85 -8.12 -21.03
N ALA F 31 24.10 -8.03 -19.73
CA ALA F 31 23.25 -7.33 -18.77
C ALA F 31 23.49 -5.81 -18.67
N PHE F 32 24.48 -5.28 -19.36
CA PHE F 32 24.84 -3.87 -19.26
C PHE F 32 23.81 -2.94 -19.90
N ILE F 33 23.34 -3.28 -21.10
CA ILE F 33 22.47 -2.37 -21.88
C ILE F 33 20.99 -2.60 -21.52
N GLN F 34 20.55 -2.03 -20.39
CA GLN F 34 19.15 -2.10 -19.94
C GLN F 34 18.38 -0.85 -20.42
N THR F 35 17.91 -0.86 -21.67
CA THR F 35 17.18 0.29 -22.24
C THR F 35 15.79 0.34 -21.64
N GLN F 36 15.29 1.56 -21.40
CA GLN F 36 14.18 1.77 -20.48
C GLN F 36 12.80 1.99 -21.09
N GLN F 37 12.68 3.00 -21.94
CA GLN F 37 11.35 3.43 -22.45
C GLN F 37 10.46 3.90 -21.28
N LEU F 38 11.00 4.88 -20.57
CA LEU F 38 10.26 5.73 -19.63
C LEU F 38 9.04 6.41 -20.28
N HIS F 39 8.30 7.17 -19.47
CA HIS F 39 7.20 8.04 -19.90
C HIS F 39 5.83 7.34 -20.06
N ALA F 40 5.77 6.03 -19.75
CA ALA F 40 4.49 5.32 -19.65
C ALA F 40 3.80 5.76 -18.35
N ALA F 41 2.63 6.40 -18.47
CA ALA F 41 1.89 6.94 -17.33
C ALA F 41 1.44 5.81 -16.40
N MET F 42 1.85 5.89 -15.13
CA MET F 42 1.68 4.80 -14.18
C MET F 42 0.22 4.59 -13.79
N ALA F 43 -0.17 3.34 -13.56
CA ALA F 43 -1.57 2.97 -13.37
C ALA F 43 -2.22 3.60 -12.13
N ASP F 44 -3.55 3.66 -12.16
CA ASP F 44 -4.36 4.30 -11.13
C ASP F 44 -4.33 3.52 -9.81
N THR F 45 -4.57 2.22 -9.90
CA THR F 45 -4.67 1.33 -8.75
C THR F 45 -3.82 0.09 -8.95
N PHE F 46 -3.37 -0.52 -7.87
CA PHE F 46 -2.54 -1.73 -7.95
C PHE F 46 -3.21 -2.89 -8.68
N LEU F 47 -4.52 -3.05 -8.53
CA LEU F 47 -5.29 -4.04 -9.27
C LEU F 47 -5.23 -3.79 -10.76
N GLU F 48 -5.46 -2.55 -11.15
CA GLU F 48 -5.42 -2.17 -12.55
C GLU F 48 -4.04 -2.42 -13.15
N HIS F 49 -3.00 -2.20 -12.35
CA HIS F 49 -1.61 -2.41 -12.76
C HIS F 49 -1.28 -3.87 -13.06
N MET F 50 -1.80 -4.78 -12.24
CA MET F 50 -1.68 -6.22 -12.48
C MET F 50 -2.41 -6.60 -13.76
N CYS F 51 -3.59 -6.02 -13.97
CA CYS F 51 -4.39 -6.32 -15.15
C CYS F 51 -3.74 -5.89 -16.46
N ARG F 52 -2.83 -4.90 -16.41
CA ARG F 52 -2.11 -4.45 -17.60
C ARG F 52 -0.84 -5.22 -17.96
N LEU F 53 -0.46 -6.21 -17.15
CA LEU F 53 0.72 -7.00 -17.45
C LEU F 53 0.51 -7.81 -18.72
N ASP F 54 1.29 -7.48 -19.74
CA ASP F 54 1.31 -8.22 -21.00
C ASP F 54 2.62 -8.99 -21.06
N ILE F 55 2.51 -10.32 -21.09
CA ILE F 55 3.70 -11.18 -21.18
C ILE F 55 4.44 -11.05 -22.51
N ASP F 56 3.70 -10.69 -23.57
CA ASP F 56 4.24 -10.57 -24.93
C ASP F 56 5.17 -9.37 -25.17
N SER F 57 5.01 -8.28 -24.42
CA SER F 57 5.88 -7.11 -24.55
C SER F 57 7.15 -7.24 -23.70
N PRO F 58 8.25 -6.59 -24.12
CA PRO F 58 9.51 -6.70 -23.38
C PRO F 58 9.52 -5.76 -22.18
N PRO F 59 10.43 -5.99 -21.21
CA PRO F 59 10.38 -5.20 -19.97
C PRO F 59 10.88 -3.79 -20.21
N ILE F 60 10.21 -2.83 -19.57
CA ILE F 60 10.37 -1.40 -19.85
C ILE F 60 11.00 -0.71 -18.66
N THR F 61 12.05 -1.31 -18.12
CA THR F 61 12.59 -0.86 -16.85
C THR F 61 13.91 -1.56 -16.58
N ALA F 62 14.86 -0.79 -16.02
CA ALA F 62 16.15 -1.37 -15.62
C ALA F 62 15.95 -2.38 -14.50
N ARG F 63 16.70 -3.46 -14.54
CA ARG F 63 16.74 -4.41 -13.44
C ARG F 63 17.40 -3.74 -12.23
N ASN F 64 16.59 -3.42 -11.21
CA ASN F 64 17.04 -2.65 -10.05
C ASN F 64 17.52 -3.52 -8.88
N THR F 65 17.11 -4.80 -8.85
CA THR F 65 17.46 -5.69 -7.74
C THR F 65 18.84 -6.32 -7.92
N GLY F 66 19.79 -5.98 -7.05
CA GLY F 66 21.16 -6.49 -7.10
C GLY F 66 21.30 -8.02 -7.12
N ILE F 67 22.42 -8.50 -7.63
CA ILE F 67 22.68 -9.94 -7.80
C ILE F 67 24.01 -10.33 -7.15
N ILE F 68 23.92 -11.12 -6.07
CA ILE F 68 25.08 -11.61 -5.35
C ILE F 68 25.32 -13.07 -5.74
N CYS F 69 26.47 -13.35 -6.34
CA CYS F 69 26.86 -14.71 -6.70
C CYS F 69 27.94 -15.22 -5.75
N THR F 70 27.76 -16.46 -5.28
CA THR F 70 28.76 -17.12 -4.46
C THR F 70 29.81 -17.70 -5.37
N ILE F 71 31.07 -17.34 -5.11
CA ILE F 71 32.20 -17.83 -5.89
C ILE F 71 32.74 -19.09 -5.22
N GLY F 72 33.09 -20.06 -6.05
CA GLY F 72 33.63 -21.34 -5.60
C GLY F 72 34.35 -22.05 -6.74
N PRO F 73 34.57 -23.37 -6.61
CA PRO F 73 35.23 -24.20 -7.62
C PRO F 73 34.89 -23.92 -9.10
N ALA F 74 33.62 -23.81 -9.45
CA ALA F 74 33.20 -23.68 -10.86
C ALA F 74 33.32 -22.26 -11.45
N SER F 75 33.47 -21.26 -10.59
CA SER F 75 33.48 -19.85 -11.01
C SER F 75 34.69 -19.05 -10.50
N ARG F 76 35.72 -19.74 -10.00
CA ARG F 76 36.83 -19.11 -9.29
C ARG F 76 37.78 -18.36 -10.24
N SER F 77 37.86 -18.85 -11.49
CA SER F 77 38.86 -18.40 -12.44
C SER F 77 38.59 -16.99 -12.94
N VAL F 78 39.66 -16.31 -13.35
CA VAL F 78 39.57 -14.93 -13.85
C VAL F 78 38.70 -14.86 -15.12
N GLU F 79 38.74 -15.90 -15.95
CA GLU F 79 37.99 -15.89 -17.20
C GLU F 79 36.48 -16.11 -17.00
N THR F 80 36.11 -16.98 -16.06
CA THR F 80 34.70 -17.19 -15.71
C THR F 80 34.08 -15.90 -15.14
N LEU F 81 34.78 -15.28 -14.19
CA LEU F 81 34.31 -14.08 -13.51
C LEU F 81 34.06 -12.93 -14.48
N LYS F 82 34.94 -12.74 -15.45
CA LYS F 82 34.74 -11.70 -16.46
C LYS F 82 33.39 -11.81 -17.14
N GLU F 83 33.00 -13.02 -17.52
CA GLU F 83 31.70 -13.24 -18.16
C GLU F 83 30.53 -13.08 -17.19
N MET F 84 30.72 -13.45 -15.92
CA MET F 84 29.70 -13.26 -14.89
C MET F 84 29.42 -11.78 -14.57
N ILE F 85 30.48 -10.98 -14.50
CA ILE F 85 30.34 -9.52 -14.31
C ILE F 85 29.61 -8.90 -15.50
N LYS F 86 29.97 -9.35 -16.70
CA LYS F 86 29.29 -8.93 -17.93
C LYS F 86 27.80 -9.29 -17.93
N SER F 87 27.46 -10.46 -17.41
CA SER F 87 26.07 -10.91 -17.37
C SER F 87 25.28 -10.45 -16.14
N GLY F 88 25.90 -9.61 -15.30
CA GLY F 88 25.19 -8.86 -14.27
C GLY F 88 25.50 -9.19 -12.82
N MET F 89 26.65 -9.78 -12.53
CA MET F 89 27.08 -9.97 -11.14
C MET F 89 27.43 -8.60 -10.56
N ASN F 90 27.13 -8.45 -9.28
CA ASN F 90 27.35 -7.21 -8.54
C ASN F 90 28.20 -7.44 -7.30
N VAL F 91 27.89 -8.50 -6.55
CA VAL F 91 28.65 -8.87 -5.35
C VAL F 91 29.18 -10.30 -5.49
N ALA F 92 30.43 -10.51 -5.08
CA ALA F 92 31.02 -11.83 -5.03
C ALA F 92 31.08 -12.27 -3.57
N ARG F 93 30.32 -13.31 -3.23
CA ARG F 93 30.36 -13.91 -1.89
C ARG F 93 31.42 -14.99 -1.81
N LEU F 94 32.10 -15.05 -0.66
CA LEU F 94 33.06 -16.12 -0.36
C LEU F 94 32.56 -16.82 0.90
N ASN F 95 32.46 -18.15 0.85
CA ASN F 95 31.92 -18.94 1.96
C ASN F 95 33.05 -19.46 2.84
N PHE F 96 33.23 -18.88 4.02
CA PHE F 96 34.32 -19.26 4.96
C PHE F 96 34.00 -20.45 5.88
N SER F 97 32.86 -21.12 5.66
CA SER F 97 32.61 -22.44 6.23
C SER F 97 33.62 -23.46 5.69
N HIS F 98 34.05 -23.27 4.44
CA HIS F 98 35.01 -24.14 3.77
C HIS F 98 36.18 -23.34 3.20
N GLY F 99 37.33 -23.98 3.05
CA GLY F 99 38.53 -23.36 2.46
C GLY F 99 39.43 -22.68 3.48
N THR F 100 40.69 -22.46 3.09
CA THR F 100 41.71 -21.81 3.92
C THR F 100 41.85 -20.33 3.58
N HIS F 101 42.64 -19.61 4.38
CA HIS F 101 42.89 -18.18 4.15
C HIS F 101 43.71 -17.91 2.89
N GLU F 102 44.62 -18.82 2.58
CA GLU F 102 45.43 -18.75 1.37
C GLU F 102 44.56 -18.97 0.13
N TYR F 103 43.62 -19.91 0.25
CA TYR F 103 42.71 -20.28 -0.85
C TYR F 103 41.83 -19.09 -1.21
N HIS F 104 41.17 -18.50 -0.20
CA HIS F 104 40.26 -17.37 -0.41
C HIS F 104 40.96 -16.06 -0.79
N ALA F 105 42.23 -15.90 -0.39
CA ALA F 105 43.03 -14.74 -0.81
C ALA F 105 43.17 -14.68 -2.33
N GLU F 106 43.29 -15.85 -2.95
CA GLU F 106 43.41 -15.95 -4.41
C GLU F 106 42.06 -15.86 -5.11
N THR F 107 41.00 -16.36 -4.46
CA THR F 107 39.64 -16.16 -4.96
C THR F 107 39.33 -14.66 -5.09
N ILE F 108 39.73 -13.89 -4.07
CA ILE F 108 39.59 -12.42 -4.06
C ILE F 108 40.45 -11.76 -5.15
N LYS F 109 41.71 -12.18 -5.25
CA LYS F 109 42.63 -11.65 -6.27
C LYS F 109 42.08 -11.83 -7.68
N ASN F 110 41.44 -12.96 -7.94
CA ASN F 110 40.80 -13.22 -9.24
C ASN F 110 39.59 -12.34 -9.51
N VAL F 111 38.77 -12.13 -8.49
CA VAL F 111 37.64 -11.21 -8.61
C VAL F 111 38.16 -9.83 -9.01
N ARG F 112 39.14 -9.33 -8.25
CA ARG F 112 39.70 -8.01 -8.50
C ARG F 112 40.39 -7.84 -9.85
N THR F 113 41.02 -8.91 -10.35
CA THR F 113 41.63 -8.91 -11.69
C THR F 113 40.55 -8.81 -12.77
N ALA F 114 39.52 -9.64 -12.64
CA ALA F 114 38.41 -9.66 -13.59
C ALA F 114 37.66 -8.32 -13.61
N THR F 115 37.37 -7.80 -12.42
CA THR F 115 36.67 -6.51 -12.26
C THR F 115 37.43 -5.38 -12.94
N GLU F 116 38.73 -5.30 -12.63
CA GLU F 116 39.62 -4.26 -13.18
C GLU F 116 39.93 -4.41 -14.68
N SER F 117 39.64 -5.57 -15.28
CA SER F 117 39.81 -5.74 -16.74
C SER F 117 39.01 -4.71 -17.56
N PHE F 118 37.86 -4.28 -17.03
CA PHE F 118 37.00 -3.29 -17.70
C PHE F 118 37.35 -1.83 -17.37
N ALA F 119 38.33 -1.61 -16.50
CA ALA F 119 38.63 -0.28 -15.98
C ALA F 119 39.16 0.73 -17.00
N SER F 120 39.71 0.25 -18.12
CA SER F 120 40.26 1.13 -19.17
C SER F 120 39.23 1.99 -19.91
N ASP F 121 37.94 1.72 -19.73
CA ASP F 121 36.84 2.61 -20.17
C ASP F 121 35.92 2.88 -18.96
N PRO F 122 36.04 4.07 -18.32
CA PRO F 122 35.27 4.29 -17.06
C PRO F 122 33.73 4.27 -17.19
N ILE F 123 33.22 4.44 -18.41
CA ILE F 123 31.80 4.30 -18.72
C ILE F 123 31.30 2.86 -18.58
N LEU F 124 32.10 1.89 -19.05
CA LEU F 124 31.75 0.47 -18.97
C LEU F 124 32.21 -0.22 -17.67
N TYR F 125 32.91 0.51 -16.80
CA TYR F 125 33.42 -0.07 -15.56
C TYR F 125 32.27 -0.20 -14.57
N ARG F 126 31.80 -1.44 -14.40
CA ARG F 126 30.92 -1.79 -13.31
C ARG F 126 31.80 -2.17 -12.14
N PRO F 127 31.60 -1.52 -10.96
CA PRO F 127 32.24 -2.05 -9.74
C PRO F 127 31.60 -3.35 -9.27
N VAL F 128 32.36 -4.10 -8.47
CA VAL F 128 31.97 -5.41 -7.97
C VAL F 128 32.46 -5.54 -6.53
N ALA F 129 31.55 -5.88 -5.63
CA ALA F 129 31.85 -5.99 -4.21
C ALA F 129 32.34 -7.36 -3.82
N VAL F 130 33.01 -7.42 -2.66
CA VAL F 130 33.48 -8.69 -2.09
C VAL F 130 32.78 -8.86 -0.74
N ALA F 131 32.13 -10.01 -0.57
CA ALA F 131 31.43 -10.33 0.68
C ALA F 131 32.10 -11.52 1.34
N LEU F 132 32.23 -11.45 2.66
CA LEU F 132 32.85 -12.51 3.46
C LEU F 132 31.78 -13.11 4.36
N ASP F 133 31.35 -14.32 4.04
CA ASP F 133 30.31 -15.01 4.80
C ASP F 133 30.97 -15.88 5.86
N THR F 134 30.72 -15.59 7.14
CA THR F 134 31.32 -16.34 8.23
C THR F 134 30.81 -17.79 8.30
N LYS F 135 31.61 -18.64 8.94
CA LYS F 135 31.21 -20.01 9.27
C LYS F 135 30.10 -19.97 10.29
N GLY F 136 30.38 -19.28 11.39
CA GLY F 136 29.41 -19.00 12.44
C GLY F 136 29.58 -19.99 13.56
N PRO F 137 28.64 -19.99 14.51
CA PRO F 137 28.50 -21.07 15.46
C PRO F 137 27.63 -22.18 14.88
N GLU F 138 28.03 -23.43 15.15
CA GLU F 138 27.29 -24.60 14.68
C GLU F 138 27.40 -25.75 15.69
N ILE F 139 26.60 -26.78 15.45
CA ILE F 139 26.61 -27.98 16.22
C ILE F 139 26.86 -29.09 15.21
N ARG F 140 28.07 -29.66 15.25
CA ARG F 140 28.44 -30.79 14.38
C ARG F 140 28.56 -32.11 15.13
N THR F 141 28.15 -33.20 14.48
CA THR F 141 28.24 -34.56 15.06
C THR F 141 29.65 -35.12 14.89
N GLY F 142 29.85 -36.32 15.45
CA GLY F 142 31.13 -37.01 15.36
C GLY F 142 31.31 -37.80 14.08
N LEU F 143 32.46 -38.46 14.01
CA LEU F 143 32.86 -39.30 12.89
C LEU F 143 32.24 -40.69 13.09
N ILE F 144 31.48 -41.17 12.09
CA ILE F 144 30.77 -42.45 12.19
C ILE F 144 31.78 -43.59 12.21
N LYS F 145 31.52 -44.59 13.06
CA LYS F 145 32.49 -45.62 13.43
C LYS F 145 33.42 -46.12 12.29
N GLY F 146 34.62 -46.43 12.71
CA GLY F 146 35.66 -46.97 11.80
C GLY F 146 35.46 -48.45 11.46
N SER F 147 34.36 -48.76 10.79
CA SER F 147 34.00 -50.15 10.44
C SER F 147 33.01 -50.22 9.29
N GLY F 148 33.36 -51.00 8.26
CA GLY F 148 32.54 -51.26 7.07
C GLY F 148 31.64 -50.17 6.46
N THR F 149 30.81 -49.53 7.28
CA THR F 149 29.72 -48.65 6.81
C THR F 149 29.93 -47.19 7.31
N ALA F 150 30.38 -46.38 6.38
CA ALA F 150 30.58 -44.92 6.63
C ALA F 150 29.33 -44.14 7.02
N GLU F 151 28.14 -44.49 6.49
CA GLU F 151 26.86 -44.02 7.05
C GLU F 151 26.24 -45.08 7.98
N VAL F 152 25.10 -44.76 8.57
CA VAL F 152 24.31 -45.73 9.37
C VAL F 152 22.81 -45.42 9.30
N GLU F 153 21.98 -46.45 9.26
CA GLU F 153 20.53 -46.27 9.19
C GLU F 153 19.92 -46.03 10.57
N LEU F 154 19.43 -44.81 10.79
CA LEU F 154 18.54 -44.51 11.92
C LEU F 154 17.13 -44.76 11.40
N LYS F 155 16.43 -45.69 12.04
CA LYS F 155 15.09 -46.08 11.56
C LYS F 155 14.01 -45.49 12.50
N LYS F 156 12.81 -45.35 11.95
CA LYS F 156 11.72 -44.59 12.58
C LYS F 156 11.22 -45.25 13.86
N GLY F 157 11.53 -44.66 15.00
CA GLY F 157 11.10 -45.18 16.31
C GLY F 157 12.21 -45.73 17.18
N ALA F 158 13.38 -45.99 16.59
CA ALA F 158 14.56 -46.48 17.34
C ALA F 158 15.11 -45.44 18.31
N THR F 159 15.64 -45.90 19.44
CA THR F 159 16.27 -45.01 20.43
C THR F 159 17.71 -44.69 20.01
N LEU F 160 18.08 -43.42 20.16
CA LEU F 160 19.40 -42.93 19.84
C LEU F 160 19.89 -42.06 21.00
N LYS F 161 21.05 -42.41 21.54
CA LYS F 161 21.64 -41.70 22.66
C LYS F 161 22.56 -40.62 22.12
N ILE F 162 22.41 -39.39 22.62
CA ILE F 162 23.31 -38.29 22.30
C ILE F 162 24.24 -38.11 23.50
N THR F 163 25.53 -37.91 23.23
CA THR F 163 26.54 -37.83 24.31
C THR F 163 27.51 -36.69 24.07
N LEU F 164 27.98 -36.11 25.18
CA LEU F 164 29.00 -35.06 25.17
C LEU F 164 30.39 -35.58 25.56
N ASP F 165 30.49 -36.87 25.87
CA ASP F 165 31.74 -37.53 26.23
C ASP F 165 32.62 -37.70 24.99
N ASN F 166 33.81 -37.11 25.01
CA ASN F 166 34.72 -37.11 23.85
C ASN F 166 35.29 -38.49 23.47
N ALA F 167 35.15 -39.49 24.35
CA ALA F 167 35.53 -40.86 24.01
C ALA F 167 34.76 -41.42 22.80
N TYR F 168 33.52 -40.99 22.63
CA TYR F 168 32.68 -41.44 21.51
C TYR F 168 32.80 -40.60 20.23
N MET F 169 33.65 -39.58 20.21
CA MET F 169 33.65 -38.60 19.11
C MET F 169 34.09 -39.13 17.75
N GLU F 170 34.72 -40.31 17.71
CA GLU F 170 34.98 -41.02 16.46
C GLU F 170 34.39 -42.43 16.48
N LYS F 171 33.31 -42.60 17.24
CA LYS F 171 32.66 -43.89 17.44
C LYS F 171 31.13 -43.76 17.43
N CYS F 172 30.62 -42.92 16.53
CA CYS F 172 29.18 -42.74 16.36
C CYS F 172 28.59 -43.90 15.55
N ASP F 173 27.36 -44.28 15.85
CA ASP F 173 26.68 -45.39 15.16
C ASP F 173 25.14 -45.25 15.30
N GLU F 174 24.40 -46.34 15.08
CA GLU F 174 22.94 -46.36 15.26
C GLU F 174 22.47 -46.03 16.68
N ASN F 175 23.29 -46.38 17.69
CA ASN F 175 22.92 -46.31 19.09
C ASN F 175 23.37 -45.03 19.77
N ILE F 176 24.66 -44.70 19.62
CA ILE F 176 25.24 -43.50 20.24
C ILE F 176 25.72 -42.48 19.19
N LEU F 177 25.57 -41.21 19.53
CA LEU F 177 25.92 -40.08 18.66
C LEU F 177 26.62 -39.01 19.50
N TRP F 178 27.83 -38.62 19.09
CA TRP F 178 28.50 -37.47 19.70
C TRP F 178 28.09 -36.15 19.00
N LEU F 179 28.24 -35.05 19.73
CA LEU F 179 28.24 -33.71 19.15
C LEU F 179 28.98 -32.72 20.05
N ASP F 180 29.49 -31.65 19.44
CA ASP F 180 30.46 -30.76 20.10
C ASP F 180 29.87 -29.73 21.08
N TYR F 181 28.62 -29.34 20.87
CA TYR F 181 27.99 -28.29 21.70
C TYR F 181 27.74 -28.76 23.14
N LYS F 182 28.59 -28.31 24.05
CA LYS F 182 28.67 -28.88 25.41
C LYS F 182 27.51 -28.53 26.33
N ASN F 183 26.79 -27.45 26.04
CA ASN F 183 25.63 -27.05 26.86
C ASN F 183 24.29 -27.51 26.27
N ILE F 184 24.31 -28.52 25.38
CA ILE F 184 23.10 -28.99 24.73
C ILE F 184 22.03 -29.48 25.72
N CYS F 185 22.47 -30.05 26.85
CA CYS F 185 21.56 -30.50 27.91
C CYS F 185 20.80 -29.36 28.59
N LYS F 186 21.41 -28.18 28.64
CA LYS F 186 20.86 -27.02 29.34
C LYS F 186 19.78 -26.27 28.55
N VAL F 187 19.96 -26.14 27.24
CA VAL F 187 18.99 -25.41 26.38
C VAL F 187 17.82 -26.27 25.86
N VAL F 188 17.89 -27.59 26.05
CA VAL F 188 16.86 -28.51 25.58
C VAL F 188 16.09 -29.01 26.81
N GLU F 189 14.78 -29.21 26.65
CA GLU F 189 13.95 -29.87 27.66
C GLU F 189 13.45 -31.20 27.09
N VAL F 190 12.73 -31.97 27.91
CA VAL F 190 12.08 -33.20 27.45
C VAL F 190 11.01 -32.84 26.40
N GLY F 191 11.02 -33.54 25.27
CA GLY F 191 10.05 -33.30 24.20
C GLY F 191 10.49 -32.38 23.07
N SER F 192 11.63 -31.69 23.23
CA SER F 192 12.18 -30.82 22.17
C SER F 192 12.70 -31.65 21.01
N LYS F 193 12.75 -31.02 19.83
CA LYS F 193 13.25 -31.68 18.63
C LYS F 193 14.73 -31.34 18.39
N ILE F 194 15.41 -32.23 17.67
CA ILE F 194 16.79 -32.03 17.24
C ILE F 194 16.92 -32.48 15.79
N TYR F 195 17.05 -31.52 14.87
CA TYR F 195 17.17 -31.81 13.44
C TYR F 195 18.64 -31.99 13.08
N VAL F 196 18.95 -33.07 12.37
CA VAL F 196 20.33 -33.47 12.07
C VAL F 196 20.52 -33.65 10.56
N ASP F 197 21.63 -33.14 10.05
CA ASP F 197 21.96 -33.14 8.60
C ASP F 197 20.98 -32.26 7.81
N ASP F 198 20.88 -31.01 8.25
CA ASP F 198 20.00 -30.01 7.65
C ASP F 198 18.56 -30.53 7.53
N GLY F 199 18.06 -31.07 8.64
CA GLY F 199 16.70 -31.56 8.70
C GLY F 199 16.33 -32.81 7.90
N LEU F 200 17.31 -33.63 7.53
CA LEU F 200 17.04 -34.94 6.95
C LEU F 200 16.51 -35.90 8.04
N ILE F 201 17.15 -35.88 9.20
CA ILE F 201 16.77 -36.69 10.36
C ILE F 201 16.25 -35.78 11.46
N SER F 202 15.20 -36.20 12.17
CA SER F 202 14.67 -35.45 13.32
C SER F 202 14.46 -36.38 14.51
N LEU F 203 14.84 -35.91 15.70
CA LEU F 203 14.83 -36.70 16.94
C LEU F 203 14.06 -35.95 18.02
N GLN F 204 13.23 -36.68 18.79
CA GLN F 204 12.51 -36.10 19.94
C GLN F 204 13.15 -36.60 21.23
N VAL F 205 13.47 -35.65 22.14
CA VAL F 205 14.11 -35.98 23.41
C VAL F 205 13.10 -36.64 24.36
N LYS F 206 13.47 -37.81 24.90
CA LYS F 206 12.67 -38.50 25.92
C LYS F 206 13.17 -38.14 27.31
N GLN F 207 14.48 -38.30 27.54
CA GLN F 207 15.07 -38.10 28.86
C GLN F 207 16.28 -37.18 28.80
N LYS F 208 16.29 -36.17 29.66
CA LYS F 208 17.48 -35.35 29.90
C LYS F 208 18.50 -36.14 30.72
N GLY F 209 19.67 -35.56 30.92
CA GLY F 209 20.71 -36.20 31.74
C GLY F 209 21.79 -35.25 32.18
N ALA F 210 22.84 -35.82 32.78
CA ALA F 210 23.99 -35.05 33.24
C ALA F 210 24.75 -34.51 32.03
N ASP F 211 25.23 -35.43 31.19
CA ASP F 211 25.97 -35.10 29.98
C ASP F 211 25.50 -35.96 28.79
N PHE F 212 24.20 -36.20 28.72
CA PHE F 212 23.60 -37.02 27.68
C PHE F 212 22.10 -36.78 27.50
N LEU F 213 21.59 -37.23 26.35
CA LEU F 213 20.16 -37.23 26.06
C LEU F 213 19.77 -38.60 25.49
N VAL F 214 18.53 -39.01 25.74
CA VAL F 214 17.96 -40.18 25.11
C VAL F 214 16.83 -39.70 24.21
N THR F 215 16.97 -39.96 22.91
CA THR F 215 16.01 -39.49 21.91
C THR F 215 15.30 -40.63 21.19
N GLU F 216 14.18 -40.32 20.55
CA GLU F 216 13.48 -41.26 19.68
C GLU F 216 13.51 -40.72 18.26
N VAL F 217 13.94 -41.54 17.32
CA VAL F 217 14.00 -41.16 15.91
C VAL F 217 12.57 -41.01 15.37
N GLU F 218 12.31 -39.93 14.66
CA GLU F 218 11.00 -39.66 14.03
C GLU F 218 11.09 -39.76 12.52
N ASN F 219 11.98 -38.98 11.91
CA ASN F 219 12.31 -39.12 10.48
C ASN F 219 13.59 -39.91 10.36
N GLY F 220 13.53 -41.07 9.70
CA GLY F 220 14.70 -41.90 9.45
C GLY F 220 15.61 -41.29 8.39
N GLY F 221 16.76 -41.93 8.16
CA GLY F 221 17.69 -41.48 7.13
C GLY F 221 19.07 -42.08 7.29
N SER F 222 19.95 -41.78 6.32
CA SER F 222 21.35 -42.13 6.38
C SER F 222 22.16 -41.03 7.09
N LEU F 223 22.47 -41.27 8.36
CA LEU F 223 23.31 -40.36 9.16
C LEU F 223 24.79 -40.55 8.79
N GLY F 224 25.49 -39.45 8.54
CA GLY F 224 26.92 -39.49 8.21
C GLY F 224 27.80 -38.85 9.27
N SER F 225 29.02 -38.51 8.86
CA SER F 225 30.02 -37.92 9.74
C SER F 225 29.97 -36.39 9.69
N LYS F 226 30.19 -35.76 10.84
CA LYS F 226 30.20 -34.29 10.96
C LYS F 226 29.03 -33.60 10.24
N LYS F 227 27.83 -33.78 10.76
CA LYS F 227 26.61 -33.18 10.17
C LYS F 227 26.06 -32.03 11.00
N GLY F 228 25.38 -31.10 10.32
CA GLY F 228 24.81 -29.93 10.99
C GLY F 228 23.59 -30.27 11.82
N VAL F 229 23.64 -29.91 13.10
CA VAL F 229 22.52 -30.11 14.01
C VAL F 229 21.87 -28.77 14.35
N ASN F 230 20.54 -28.76 14.40
CA ASN F 230 19.75 -27.57 14.73
C ASN F 230 18.83 -27.89 15.91
N LEU F 231 18.46 -26.86 16.66
CA LEU F 231 17.69 -27.03 17.90
C LEU F 231 16.45 -26.12 17.87
N PRO F 232 15.41 -26.46 17.07
CA PRO F 232 14.17 -25.70 16.92
C PRO F 232 13.70 -24.93 18.15
N GLY F 233 13.65 -23.60 18.04
CA GLY F 233 13.17 -22.74 19.13
C GLY F 233 13.86 -22.92 20.46
N ALA F 234 15.18 -22.98 20.45
CA ALA F 234 15.98 -23.09 21.67
C ALA F 234 16.89 -21.88 21.77
N ALA F 235 17.08 -21.37 22.98
CA ALA F 235 18.04 -20.28 23.19
C ALA F 235 19.45 -20.84 23.11
N VAL F 236 19.94 -21.02 21.88
CA VAL F 236 21.26 -21.63 21.64
C VAL F 236 22.31 -20.59 22.03
N ASP F 237 23.03 -20.87 23.12
CA ASP F 237 23.94 -19.90 23.76
C ASP F 237 25.42 -20.13 23.38
N LEU F 238 25.69 -20.48 22.13
CA LEU F 238 27.05 -20.56 21.60
C LEU F 238 27.64 -19.14 21.50
N PRO F 239 28.97 -19.04 21.33
CA PRO F 239 29.55 -17.73 21.07
C PRO F 239 29.12 -17.16 19.71
N ALA F 240 28.79 -15.87 19.69
CA ALA F 240 28.37 -15.17 18.48
C ALA F 240 29.44 -15.27 17.39
N VAL F 241 30.67 -15.02 17.79
CA VAL F 241 31.82 -15.11 16.93
C VAL F 241 32.69 -16.25 17.48
N SER F 242 32.74 -17.38 16.76
CA SER F 242 33.63 -18.48 17.13
C SER F 242 35.10 -18.04 16.95
N GLU F 243 36.03 -18.74 17.59
CA GLU F 243 37.44 -18.36 17.51
C GLU F 243 38.01 -18.45 16.09
N LYS F 244 37.48 -19.38 15.29
CA LYS F 244 37.79 -19.45 13.86
C LYS F 244 37.38 -18.18 13.13
N ASP F 245 36.18 -17.70 13.43
CA ASP F 245 35.62 -16.48 12.82
C ASP F 245 36.37 -15.21 13.22
N ILE F 246 36.93 -15.16 14.43
CA ILE F 246 37.69 -13.97 14.87
C ILE F 246 38.92 -13.81 13.98
N GLN F 247 39.49 -14.91 13.49
CA GLN F 247 40.57 -14.87 12.50
C GLN F 247 40.06 -14.56 11.09
N ASP F 248 38.91 -15.14 10.71
CA ASP F 248 38.30 -14.88 9.40
C ASP F 248 37.91 -13.40 9.21
N LEU F 249 37.40 -12.77 10.26
CA LEU F 249 37.01 -11.35 10.23
C LEU F 249 38.22 -10.41 10.16
N LYS F 250 39.32 -10.77 10.80
CA LYS F 250 40.57 -9.99 10.70
C LYS F 250 41.18 -10.13 9.30
N PHE F 251 41.07 -11.33 8.71
CA PHE F 251 41.47 -11.58 7.32
C PHE F 251 40.66 -10.75 6.34
N GLY F 252 39.38 -10.59 6.62
CA GLY F 252 38.50 -9.74 5.82
C GLY F 252 38.93 -8.28 5.87
N VAL F 253 39.19 -7.76 7.07
CA VAL F 253 39.67 -6.40 7.27
C VAL F 253 41.01 -6.21 6.56
N GLU F 254 41.89 -7.19 6.72
CA GLU F 254 43.21 -7.20 6.08
C GLU F 254 43.14 -7.23 4.54
N GLN F 255 42.18 -7.98 3.99
CA GLN F 255 41.96 -8.04 2.53
C GLN F 255 41.08 -6.90 1.96
N ASP F 256 40.63 -5.98 2.82
CA ASP F 256 39.68 -4.91 2.46
C ASP F 256 38.44 -5.44 1.73
N VAL F 257 37.69 -6.29 2.42
CA VAL F 257 36.35 -6.65 1.97
C VAL F 257 35.44 -5.44 2.19
N ASP F 258 34.30 -5.50 1.50
CA ASP F 258 33.32 -4.42 1.49
C ASP F 258 32.15 -4.70 2.43
N MET F 259 31.82 -5.97 2.63
CA MET F 259 30.77 -6.36 3.56
C MET F 259 31.02 -7.74 4.16
N VAL F 260 30.34 -7.99 5.28
CA VAL F 260 30.44 -9.24 6.02
C VAL F 260 29.04 -9.79 6.23
N PHE F 261 28.78 -11.02 5.77
CA PHE F 261 27.53 -11.71 6.07
C PHE F 261 27.69 -12.55 7.34
N ALA F 262 27.35 -11.98 8.49
CA ALA F 262 27.50 -12.64 9.79
C ALA F 262 26.44 -13.72 9.98
N SER F 263 26.88 -14.94 10.27
CA SER F 263 25.97 -16.10 10.29
C SER F 263 25.31 -16.31 11.67
N PHE F 264 24.17 -16.99 11.64
CA PHE F 264 23.44 -17.45 12.82
C PHE F 264 23.29 -16.38 13.92
N ILE F 265 22.76 -15.23 13.51
CA ILE F 265 22.53 -14.11 14.43
C ILE F 265 21.23 -14.34 15.19
N ARG F 266 21.34 -14.27 16.52
CA ARG F 266 20.24 -14.52 17.44
C ARG F 266 19.75 -13.27 18.15
N LYS F 267 20.60 -12.26 18.30
CA LYS F 267 20.30 -11.13 19.18
C LYS F 267 21.24 -9.96 18.93
N ALA F 268 20.89 -8.80 19.49
CA ALA F 268 21.60 -7.56 19.23
C ALA F 268 23.09 -7.69 19.55
N SER F 269 23.40 -8.25 20.72
CA SER F 269 24.79 -8.38 21.17
C SER F 269 25.67 -9.27 20.28
N ASP F 270 25.06 -10.19 19.52
CA ASP F 270 25.80 -10.96 18.53
C ASP F 270 26.39 -10.06 17.45
N VAL F 271 25.56 -9.12 16.97
CA VAL F 271 25.98 -8.18 15.93
C VAL F 271 27.02 -7.22 16.50
N HIS F 272 26.80 -6.74 17.72
CA HIS F 272 27.75 -5.84 18.39
C HIS F 272 29.16 -6.45 18.52
N GLU F 273 29.25 -7.75 18.75
CA GLU F 273 30.56 -8.43 18.83
C GLU F 273 31.20 -8.67 17.48
N VAL F 274 30.39 -8.81 16.43
CA VAL F 274 30.92 -8.86 15.06
C VAL F 274 31.51 -7.49 14.69
N ARG F 275 30.82 -6.43 15.09
CA ARG F 275 31.30 -5.04 14.93
C ARG F 275 32.61 -4.82 15.65
N LYS F 276 32.62 -5.22 16.92
CA LYS F 276 33.74 -5.01 17.82
C LYS F 276 35.02 -5.70 17.34
N VAL F 277 34.88 -6.88 16.74
CA VAL F 277 36.03 -7.61 16.18
C VAL F 277 36.60 -6.89 14.96
N LEU F 278 35.73 -6.39 14.08
CA LEU F 278 36.16 -5.63 12.91
C LEU F 278 36.84 -4.32 13.36
N GLY F 279 36.28 -3.69 14.39
CA GLY F 279 36.94 -2.59 15.10
C GLY F 279 37.10 -1.30 14.31
N GLU F 280 38.00 -0.45 14.79
CA GLU F 280 38.33 0.82 14.14
C GLU F 280 38.86 0.62 12.71
N LYS F 281 39.68 -0.41 12.53
CA LYS F 281 40.35 -0.66 11.25
C LYS F 281 39.38 -0.98 10.11
N GLY F 282 38.28 -1.66 10.43
CA GLY F 282 37.26 -1.99 9.43
C GLY F 282 35.88 -1.55 9.86
N LYS F 283 35.78 -0.31 10.34
CA LYS F 283 34.49 0.24 10.79
C LYS F 283 33.54 0.49 9.63
N ASN F 284 34.11 0.75 8.44
CA ASN F 284 33.32 1.00 7.24
C ASN F 284 32.76 -0.27 6.58
N ILE F 285 33.24 -1.44 7.00
CA ILE F 285 32.74 -2.71 6.45
C ILE F 285 31.32 -2.97 6.94
N LYS F 286 30.39 -3.14 6.00
CA LYS F 286 28.98 -3.32 6.30
C LYS F 286 28.69 -4.72 6.85
N ILE F 287 27.90 -4.81 7.90
CA ILE F 287 27.53 -6.07 8.55
C ILE F 287 26.10 -6.44 8.21
N ILE F 288 25.94 -7.47 7.38
CA ILE F 288 24.63 -8.02 7.06
C ILE F 288 24.39 -9.18 8.00
N SER F 289 23.39 -9.06 8.86
CA SER F 289 23.03 -10.15 9.79
C SER F 289 22.15 -11.17 9.09
N LYS F 290 22.52 -12.45 9.21
CA LYS F 290 21.75 -13.55 8.63
C LYS F 290 20.77 -14.09 9.66
N ILE F 291 19.49 -14.12 9.32
CA ILE F 291 18.48 -14.66 10.21
C ILE F 291 18.27 -16.11 9.80
N GLU F 292 18.85 -17.02 10.58
CA GLU F 292 18.86 -18.44 10.25
C GLU F 292 17.98 -19.33 11.15
N ASN F 293 17.47 -18.80 12.27
CA ASN F 293 16.78 -19.60 13.27
C ASN F 293 15.57 -18.89 13.86
N HIS F 294 14.80 -19.60 14.69
CA HIS F 294 13.57 -19.04 15.24
C HIS F 294 13.84 -17.82 16.13
N GLU F 295 14.91 -17.87 16.92
CA GLU F 295 15.24 -16.77 17.85
C GLU F 295 15.55 -15.46 17.14
N GLY F 296 16.20 -15.56 15.97
CA GLY F 296 16.48 -14.39 15.14
C GLY F 296 15.23 -13.65 14.70
N VAL F 297 14.22 -14.40 14.28
CA VAL F 297 12.96 -13.82 13.82
C VAL F 297 12.21 -13.18 14.99
N ARG F 298 12.25 -13.80 16.16
CA ARG F 298 11.58 -13.24 17.34
C ARG F 298 12.22 -11.91 17.74
N ARG F 299 13.55 -11.84 17.68
CA ARG F 299 14.28 -10.62 18.06
C ARG F 299 14.68 -9.76 16.86
N PHE F 300 13.92 -9.83 15.78
CA PHE F 300 14.31 -9.17 14.54
C PHE F 300 14.54 -7.68 14.71
N ASP F 301 13.68 -7.04 15.49
CA ASP F 301 13.71 -5.60 15.66
C ASP F 301 15.03 -5.11 16.23
N GLU F 302 15.50 -5.75 17.30
CA GLU F 302 16.77 -5.34 17.93
C GLU F 302 18.00 -5.66 17.06
N ILE F 303 17.90 -6.71 16.23
CA ILE F 303 18.98 -7.08 15.30
C ILE F 303 19.05 -6.08 14.17
N LEU F 304 17.90 -5.80 13.55
CA LEU F 304 17.81 -4.83 12.46
C LEU F 304 18.40 -3.48 12.82
N GLU F 305 18.15 -3.04 14.06
CA GLU F 305 18.66 -1.77 14.56
C GLU F 305 20.20 -1.79 14.63
N ALA F 306 20.77 -2.88 15.12
CA ALA F 306 22.22 -3.00 15.26
C ALA F 306 22.95 -3.38 13.96
N SER F 307 22.23 -3.94 12.98
CA SER F 307 22.84 -4.40 11.73
C SER F 307 22.79 -3.34 10.65
N ASP F 308 23.72 -3.42 9.71
CA ASP F 308 23.69 -2.55 8.53
C ASP F 308 22.67 -3.03 7.52
N GLY F 309 22.57 -4.34 7.35
CA GLY F 309 21.53 -4.97 6.53
C GLY F 309 21.08 -6.30 7.09
N ILE F 310 20.26 -7.00 6.32
CA ILE F 310 19.71 -8.31 6.71
C ILE F 310 19.78 -9.29 5.53
N MET F 311 19.91 -10.58 5.87
CA MET F 311 19.80 -11.66 4.88
C MET F 311 18.83 -12.71 5.40
N VAL F 312 17.71 -12.88 4.69
CA VAL F 312 16.74 -13.90 5.02
C VAL F 312 17.21 -15.21 4.37
N ALA F 313 17.82 -16.08 5.18
CA ALA F 313 18.20 -17.43 4.74
C ALA F 313 16.99 -18.35 4.89
N ARG F 314 16.36 -18.66 3.77
CA ARG F 314 15.03 -19.27 3.78
C ARG F 314 15.09 -20.76 4.03
N GLY F 315 16.03 -21.43 3.39
CA GLY F 315 16.26 -22.85 3.61
C GLY F 315 16.58 -23.18 5.05
N ASP F 316 17.42 -22.37 5.67
CA ASP F 316 17.82 -22.58 7.07
C ASP F 316 16.66 -22.31 8.03
N LEU F 317 15.78 -21.37 7.69
CA LEU F 317 14.55 -21.17 8.46
C LEU F 317 13.59 -22.34 8.28
N GLY F 318 13.49 -22.84 7.05
CA GLY F 318 12.62 -23.99 6.72
C GLY F 318 12.85 -25.25 7.55
N ILE F 319 14.07 -25.40 8.07
CA ILE F 319 14.40 -26.44 9.03
C ILE F 319 13.78 -26.11 10.39
N GLU F 320 14.06 -24.90 10.88
CA GLU F 320 13.86 -24.53 12.28
C GLU F 320 12.45 -24.03 12.63
N ILE F 321 11.69 -23.55 11.64
CA ILE F 321 10.29 -23.14 11.84
C ILE F 321 9.41 -23.82 10.78
N PRO F 322 8.08 -23.93 11.06
CA PRO F 322 7.19 -24.65 10.14
C PRO F 322 7.16 -24.07 8.72
N ALA F 323 6.92 -24.92 7.73
CA ALA F 323 6.93 -24.53 6.31
C ALA F 323 5.79 -23.57 5.91
N GLU F 324 4.63 -23.71 6.57
CA GLU F 324 3.51 -22.80 6.32
C GLU F 324 3.65 -21.41 6.96
N LYS F 325 4.76 -21.17 7.68
CA LYS F 325 5.02 -19.89 8.31
C LYS F 325 6.30 -19.21 7.85
N VAL F 326 7.03 -19.79 6.89
CA VAL F 326 8.30 -19.19 6.48
C VAL F 326 8.05 -17.96 5.62
N PHE F 327 7.13 -18.08 4.67
CA PHE F 327 6.78 -16.94 3.80
C PHE F 327 6.31 -15.73 4.60
N LEU F 328 5.59 -15.98 5.70
CA LEU F 328 5.21 -14.90 6.63
C LEU F 328 6.43 -14.20 7.24
N ALA F 329 7.44 -14.98 7.62
CA ALA F 329 8.69 -14.42 8.16
C ALA F 329 9.43 -13.60 7.11
N GLN F 330 9.60 -14.16 5.93
CA GLN F 330 10.24 -13.48 4.80
C GLN F 330 9.57 -12.13 4.53
N LYS F 331 8.23 -12.14 4.40
CA LYS F 331 7.49 -10.92 4.11
C LYS F 331 7.63 -9.88 5.20
N MET F 332 7.55 -10.32 6.45
CA MET F 332 7.73 -9.42 7.58
C MET F 332 9.11 -8.80 7.60
N MET F 333 10.15 -9.61 7.46
CA MET F 333 11.52 -9.10 7.53
C MET F 333 11.83 -8.18 6.34
N ILE F 334 11.41 -8.58 5.14
CA ILE F 334 11.57 -7.73 3.97
C ILE F 334 10.79 -6.45 4.17
N GLY F 335 9.58 -6.54 4.71
CA GLY F 335 8.80 -5.37 5.04
C GLY F 335 9.52 -4.40 5.95
N ARG F 336 9.99 -4.89 7.10
CA ARG F 336 10.60 -4.01 8.10
C ARG F 336 11.88 -3.36 7.64
N CYS F 337 12.68 -4.09 6.88
CA CYS F 337 13.89 -3.54 6.27
C CYS F 337 13.60 -2.42 5.29
N ASN F 338 12.52 -2.56 4.52
CA ASN F 338 12.09 -1.49 3.60
C ASN F 338 11.71 -0.24 4.37
N ARG F 339 10.93 -0.42 5.43
CA ARG F 339 10.53 0.69 6.29
C ARG F 339 11.76 1.35 6.89
N ALA F 340 12.59 0.57 7.56
CA ALA F 340 13.82 1.11 8.17
C ALA F 340 14.88 1.62 7.17
N GLY F 341 14.74 1.28 5.89
CA GLY F 341 15.63 1.79 4.85
C GLY F 341 16.97 1.12 4.80
N LYS F 342 17.02 -0.14 5.24
CA LYS F 342 18.24 -0.96 5.23
C LYS F 342 18.11 -2.06 4.20
N PRO F 343 19.24 -2.51 3.62
CA PRO F 343 19.15 -3.60 2.66
C PRO F 343 18.63 -4.87 3.29
N VAL F 344 17.91 -5.64 2.48
CA VAL F 344 17.52 -6.99 2.82
C VAL F 344 17.88 -7.87 1.62
N ILE F 345 18.36 -9.07 1.90
CA ILE F 345 18.82 -9.99 0.86
C ILE F 345 18.04 -11.30 0.99
N CYS F 346 17.53 -11.81 -0.13
CA CYS F 346 16.88 -13.12 -0.15
C CYS F 346 17.83 -14.19 -0.66
N ALA F 347 18.18 -15.10 0.24
CA ALA F 347 19.20 -16.12 -0.01
C ALA F 347 18.62 -17.53 0.04
N THR F 348 19.36 -18.47 -0.54
CA THR F 348 19.09 -19.92 -0.47
C THR F 348 17.87 -20.36 -1.28
N GLN F 349 17.95 -21.54 -1.87
CA GLN F 349 16.84 -22.18 -2.61
C GLN F 349 16.31 -21.33 -3.78
N MET F 350 17.18 -20.53 -4.39
CA MET F 350 16.73 -19.63 -5.45
C MET F 350 16.57 -20.40 -6.75
N LEU F 351 17.68 -20.89 -7.31
CA LEU F 351 17.69 -21.54 -8.61
C LEU F 351 18.46 -22.87 -8.55
N GLU F 352 18.13 -23.70 -7.54
CA GLU F 352 18.92 -24.91 -7.23
C GLU F 352 19.01 -25.94 -8.35
N SER F 353 17.98 -26.03 -9.19
CA SER F 353 17.99 -26.94 -10.34
C SER F 353 19.11 -26.62 -11.34
N MET F 354 19.55 -25.36 -11.37
CA MET F 354 20.64 -24.92 -12.28
C MET F 354 22.07 -25.34 -11.87
N ILE F 355 22.21 -26.05 -10.75
CA ILE F 355 23.44 -26.79 -10.46
C ILE F 355 23.64 -27.85 -11.54
N LYS F 356 22.56 -28.56 -11.89
CA LYS F 356 22.60 -29.67 -12.86
C LYS F 356 22.12 -29.34 -14.28
N LYS F 357 21.24 -28.35 -14.44
CA LYS F 357 20.50 -28.12 -15.70
C LYS F 357 20.67 -26.68 -16.21
N PRO F 358 20.51 -26.44 -17.53
CA PRO F 358 20.84 -25.12 -18.11
C PRO F 358 19.75 -24.05 -17.96
N ARG F 359 18.56 -24.45 -17.51
CA ARG F 359 17.43 -23.55 -17.28
C ARG F 359 16.81 -23.86 -15.92
N PRO F 360 16.00 -22.93 -15.38
CA PRO F 360 15.32 -23.18 -14.12
C PRO F 360 13.92 -23.71 -14.33
N THR F 361 13.30 -24.22 -13.26
CA THR F 361 11.91 -24.66 -13.30
C THR F 361 10.98 -23.44 -13.27
N ARG F 362 9.71 -23.66 -13.61
CA ARG F 362 8.69 -22.59 -13.54
C ARG F 362 8.58 -22.05 -12.12
N ALA F 363 8.54 -22.95 -11.14
CA ALA F 363 8.37 -22.59 -9.74
C ALA F 363 9.56 -21.85 -9.16
N GLU F 364 10.77 -22.07 -9.67
CA GLU F 364 11.95 -21.34 -9.21
C GLU F 364 11.91 -19.89 -9.68
N GLY F 365 11.52 -19.68 -10.93
CA GLY F 365 11.34 -18.33 -11.47
C GLY F 365 10.28 -17.54 -10.74
N SER F 366 9.20 -18.21 -10.40
CA SER F 366 8.12 -17.63 -9.60
C SER F 366 8.56 -17.29 -8.16
N ASP F 367 9.40 -18.14 -7.58
CA ASP F 367 9.94 -17.95 -6.22
C ASP F 367 10.88 -16.74 -6.16
N VAL F 368 11.71 -16.58 -7.18
CA VAL F 368 12.61 -15.43 -7.28
C VAL F 368 11.81 -14.16 -7.47
N ALA F 369 10.88 -14.19 -8.42
CA ALA F 369 10.02 -13.03 -8.72
C ALA F 369 9.33 -12.55 -7.48
N ASN F 370 8.64 -13.46 -6.79
CA ASN F 370 7.90 -13.12 -5.58
C ASN F 370 8.77 -12.58 -4.45
N ALA F 371 10.05 -12.91 -4.43
CA ALA F 371 11.01 -12.28 -3.49
C ALA F 371 11.43 -10.87 -3.93
N VAL F 372 11.53 -10.63 -5.23
CA VAL F 372 11.77 -9.29 -5.77
C VAL F 372 10.56 -8.39 -5.50
N LEU F 373 9.38 -8.94 -5.70
CA LEU F 373 8.11 -8.24 -5.47
C LEU F 373 7.79 -8.04 -3.99
N ASP F 374 8.18 -8.98 -3.14
CA ASP F 374 8.07 -8.80 -1.68
C ASP F 374 8.82 -7.57 -1.20
N GLY F 375 9.88 -7.18 -1.92
CA GLY F 375 10.63 -5.95 -1.68
C GLY F 375 12.12 -6.08 -1.45
N ALA F 376 12.69 -7.24 -1.77
CA ALA F 376 14.10 -7.48 -1.52
C ALA F 376 14.96 -6.56 -2.37
N ASP F 377 16.13 -6.23 -1.86
CA ASP F 377 17.10 -5.43 -2.58
C ASP F 377 18.01 -6.32 -3.41
N CYS F 378 18.51 -7.40 -2.82
CA CYS F 378 19.40 -8.34 -3.49
C CYS F 378 18.92 -9.77 -3.44
N ILE F 379 19.32 -10.55 -4.44
CA ILE F 379 19.05 -11.99 -4.54
C ILE F 379 20.40 -12.71 -4.56
N MET F 380 20.55 -13.76 -3.76
CA MET F 380 21.83 -14.44 -3.62
C MET F 380 21.80 -15.90 -4.09
N LEU F 381 22.60 -16.18 -5.12
CA LEU F 381 22.69 -17.51 -5.69
C LEU F 381 23.75 -18.29 -4.89
N SER F 382 23.34 -19.41 -4.29
CA SER F 382 24.20 -20.21 -3.40
C SER F 382 25.06 -21.25 -4.18
N GLY F 383 24.52 -22.45 -4.45
CA GLY F 383 25.24 -23.49 -5.19
C GLY F 383 25.40 -23.13 -6.67
N GLU F 384 24.27 -23.09 -7.38
CA GLU F 384 24.14 -22.53 -8.75
C GLU F 384 25.42 -22.01 -9.43
N THR F 385 26.08 -21.04 -8.79
CA THR F 385 27.31 -20.40 -9.30
C THR F 385 28.63 -20.86 -8.68
N ALA F 386 28.59 -21.36 -7.44
CA ALA F 386 29.80 -21.79 -6.73
C ALA F 386 30.38 -23.11 -7.28
N LYS F 387 29.55 -24.13 -7.38
CA LYS F 387 29.95 -25.46 -7.79
C LYS F 387 28.94 -26.08 -8.77
N GLY F 388 28.47 -25.28 -9.71
CA GLY F 388 27.44 -25.70 -10.65
C GLY F 388 28.04 -26.09 -11.97
N ASP F 389 27.30 -26.87 -12.74
CA ASP F 389 27.65 -27.15 -14.14
C ASP F 389 27.36 -25.95 -15.03
N TYR F 390 26.42 -25.10 -14.60
CA TYR F 390 26.04 -23.90 -15.35
C TYR F 390 26.08 -22.67 -14.46
N PRO F 391 27.29 -22.14 -14.20
CA PRO F 391 27.41 -20.93 -13.37
C PRO F 391 27.09 -19.64 -14.14
N LEU F 392 27.43 -19.59 -15.42
CA LEU F 392 27.20 -18.38 -16.21
C LEU F 392 25.74 -18.20 -16.61
N GLU F 393 25.02 -19.29 -16.85
CA GLU F 393 23.61 -19.20 -17.25
C GLU F 393 22.76 -18.89 -16.03
N ALA F 394 23.20 -19.36 -14.86
CA ALA F 394 22.55 -19.05 -13.59
C ALA F 394 22.46 -17.55 -13.32
N VAL F 395 23.51 -16.81 -13.67
CA VAL F 395 23.50 -15.35 -13.52
C VAL F 395 22.57 -14.73 -14.55
N ARG F 396 22.56 -15.24 -15.78
CA ARG F 396 21.72 -14.70 -16.84
C ARG F 396 20.23 -14.92 -16.61
N MET F 397 19.84 -16.05 -16.00
CA MET F 397 18.44 -16.30 -15.66
C MET F 397 17.99 -15.44 -14.50
N GLN F 398 18.84 -15.32 -13.49
CA GLN F 398 18.60 -14.42 -12.36
C GLN F 398 18.33 -13.02 -12.87
N HIS F 399 19.21 -12.53 -13.74
CA HIS F 399 19.03 -11.22 -14.37
C HIS F 399 17.72 -11.12 -15.15
N LEU F 400 17.41 -12.13 -15.95
CA LEU F 400 16.17 -12.13 -16.74
C LEU F 400 14.91 -12.10 -15.87
N ILE F 401 14.90 -12.92 -14.82
CA ILE F 401 13.75 -13.00 -13.92
C ILE F 401 13.57 -11.68 -13.17
N ALA F 402 14.66 -11.17 -12.58
CA ALA F 402 14.64 -9.91 -11.84
C ALA F 402 14.18 -8.69 -12.66
N ARG F 403 14.43 -8.71 -13.96
CA ARG F 403 14.05 -7.64 -14.87
C ARG F 403 12.57 -7.77 -15.28
N GLU F 404 12.12 -8.99 -15.51
CA GLU F 404 10.70 -9.23 -15.83
C GLU F 404 9.82 -8.92 -14.62
N ALA F 405 10.27 -9.37 -13.45
CA ALA F 405 9.59 -9.09 -12.18
C ALA F 405 9.45 -7.60 -11.92
N GLU F 406 10.47 -6.84 -12.30
CA GLU F 406 10.45 -5.38 -12.15
C GLU F 406 9.22 -4.70 -12.74
N ALA F 407 8.71 -5.23 -13.85
CA ALA F 407 7.50 -4.72 -14.50
C ALA F 407 6.22 -4.89 -13.64
N ALA F 408 6.21 -5.91 -12.79
CA ALA F 408 5.08 -6.18 -11.89
C ALA F 408 5.10 -5.36 -10.60
N ILE F 409 6.15 -4.60 -10.35
CA ILE F 409 6.22 -3.78 -9.15
C ILE F 409 5.44 -2.50 -9.40
N TYR F 410 4.59 -2.16 -8.43
CA TYR F 410 3.81 -0.92 -8.42
C TYR F 410 4.54 0.07 -7.52
N HIS F 411 5.61 0.64 -8.08
CA HIS F 411 6.51 1.59 -7.37
C HIS F 411 5.78 2.72 -6.68
N LEU F 412 4.65 3.13 -7.26
CA LEU F 412 3.93 4.29 -6.77
C LEU F 412 3.46 4.18 -5.32
N GLN F 413 2.81 3.08 -4.95
CA GLN F 413 2.33 2.94 -3.57
C GLN F 413 3.47 2.66 -2.58
N LEU F 414 4.49 1.90 -2.99
CA LEU F 414 5.72 1.74 -2.18
C LEU F 414 6.19 3.09 -1.65
N PHE F 415 6.19 4.08 -2.54
CA PHE F 415 6.63 5.43 -2.23
C PHE F 415 5.64 6.20 -1.36
N GLU F 416 4.38 6.24 -1.76
CA GLU F 416 3.36 6.99 -1.01
C GLU F 416 3.20 6.51 0.42
N GLU F 417 3.36 5.20 0.62
CA GLU F 417 3.32 4.62 1.97
C GLU F 417 4.59 4.96 2.75
N LEU F 418 5.75 4.79 2.10
CA LEU F 418 7.04 5.13 2.72
C LEU F 418 7.18 6.60 3.08
N ARG F 419 6.50 7.46 2.34
CA ARG F 419 6.50 8.89 2.63
C ARG F 419 5.62 9.20 3.83
N ARG F 420 4.45 8.57 3.89
CA ARG F 420 3.54 8.75 5.02
C ARG F 420 4.13 8.24 6.32
N LEU F 421 4.64 7.00 6.30
CA LEU F 421 5.20 6.38 7.50
C LEU F 421 6.50 7.02 8.02
N ALA F 422 7.19 7.81 7.20
CA ALA F 422 8.44 8.46 7.63
C ALA F 422 8.15 9.59 8.63
N PRO F 423 9.06 9.79 9.61
CA PRO F 423 8.82 10.78 10.66
C PRO F 423 9.12 12.19 10.18
N ILE F 424 8.25 13.14 10.49
CA ILE F 424 8.44 14.55 10.08
C ILE F 424 9.69 15.17 10.72
N THR F 425 10.70 15.47 9.89
CA THR F 425 11.88 16.24 10.30
C THR F 425 12.19 17.33 9.27
N SER F 426 12.92 18.35 9.72
CA SER F 426 13.38 19.46 8.87
C SER F 426 14.84 19.27 8.44
N ASP F 427 15.26 18.01 8.29
CA ASP F 427 16.60 17.73 7.79
C ASP F 427 16.67 18.18 6.33
N PRO F 428 17.69 18.99 5.97
CA PRO F 428 17.83 19.38 4.57
C PRO F 428 17.95 18.20 3.58
N THR F 429 18.79 17.21 3.89
CA THR F 429 19.09 16.13 2.95
C THR F 429 17.88 15.25 2.66
N GLU F 430 17.16 14.85 3.71
CA GLU F 430 16.02 13.95 3.58
C GLU F 430 14.83 14.60 2.88
N ALA F 431 14.64 15.90 3.10
CA ALA F 431 13.56 16.65 2.44
C ALA F 431 13.83 16.86 0.96
N THR F 432 15.10 17.09 0.64
CA THR F 432 15.56 17.16 -0.75
C THR F 432 15.43 15.80 -1.43
N ALA F 433 15.87 14.76 -0.73
CA ALA F 433 15.85 13.39 -1.26
C ALA F 433 14.45 12.91 -1.62
N VAL F 434 13.46 13.22 -0.80
CA VAL F 434 12.08 12.87 -1.10
C VAL F 434 11.61 13.63 -2.35
N GLY F 435 11.84 14.94 -2.35
CA GLY F 435 11.49 15.79 -3.51
C GLY F 435 12.11 15.34 -4.83
N ALA F 436 13.29 14.73 -4.76
CA ALA F 436 13.93 14.15 -5.93
C ALA F 436 13.13 12.97 -6.47
N VAL F 437 12.70 12.09 -5.58
CA VAL F 437 11.88 10.94 -5.95
C VAL F 437 10.53 11.43 -6.49
N GLU F 438 9.87 12.27 -5.70
CA GLU F 438 8.63 12.97 -6.09
C GLU F 438 8.69 13.43 -7.54
N ALA F 439 9.75 14.17 -7.86
CA ALA F 439 9.97 14.74 -9.20
C ALA F 439 10.28 13.67 -10.24
N SER F 440 10.94 12.60 -9.83
CA SER F 440 11.22 11.47 -10.72
C SER F 440 9.95 10.84 -11.30
N PHE F 441 8.85 10.88 -10.53
CA PHE F 441 7.55 10.43 -11.04
C PHE F 441 6.85 11.47 -11.91
N LYS F 442 6.84 12.72 -11.48
CA LYS F 442 6.13 13.79 -12.21
C LYS F 442 6.79 14.21 -13.52
N CYS F 443 8.13 14.15 -13.59
CA CYS F 443 8.87 14.41 -14.84
C CYS F 443 9.06 13.17 -15.73
N CYS F 444 8.63 12.00 -15.25
CA CYS F 444 8.90 10.71 -15.89
C CYS F 444 10.40 10.58 -16.18
N SER F 445 11.20 10.76 -15.14
CA SER F 445 12.65 10.87 -15.29
C SER F 445 13.27 9.53 -15.63
N GLY F 446 14.30 9.59 -16.45
CA GLY F 446 15.06 8.41 -16.80
C GLY F 446 15.99 7.95 -15.69
N ALA F 447 16.39 8.89 -14.84
CA ALA F 447 17.29 8.58 -13.73
C ALA F 447 17.29 9.67 -12.67
N ILE F 448 17.91 9.35 -11.53
CA ILE F 448 18.25 10.33 -10.51
C ILE F 448 19.76 10.23 -10.30
N ILE F 449 20.49 11.24 -10.77
CA ILE F 449 21.94 11.29 -10.63
C ILE F 449 22.30 11.88 -9.28
N VAL F 450 23.07 11.16 -8.47
CA VAL F 450 23.41 11.60 -7.11
C VAL F 450 24.92 11.60 -6.88
N LEU F 451 25.49 12.76 -6.59
CA LEU F 451 26.91 12.86 -6.27
C LEU F 451 27.09 12.62 -4.78
N THR F 452 28.05 11.77 -4.43
CA THR F 452 28.18 11.28 -3.05
C THR F 452 29.58 10.70 -2.74
N LYS F 453 30.12 11.05 -1.56
CA LYS F 453 31.38 10.47 -1.06
C LYS F 453 31.09 9.18 -0.30
N SER F 454 30.33 9.28 0.79
CA SER F 454 30.03 8.13 1.65
C SER F 454 29.02 7.14 1.06
N GLY F 455 28.21 7.59 0.11
CA GLY F 455 27.07 6.81 -0.41
C GLY F 455 25.74 7.16 0.23
N ARG F 456 25.75 7.81 1.39
CA ARG F 456 24.54 8.07 2.18
C ARG F 456 23.45 8.83 1.39
N SER F 457 23.84 9.87 0.66
CA SER F 457 22.88 10.66 -0.13
C SER F 457 22.11 9.80 -1.12
N ALA F 458 22.82 8.87 -1.78
CA ALA F 458 22.20 7.91 -2.69
C ALA F 458 21.33 6.90 -1.96
N HIS F 459 21.76 6.46 -0.77
CA HIS F 459 20.98 5.53 0.05
C HIS F 459 19.64 6.16 0.47
N GLN F 460 19.68 7.44 0.90
CA GLN F 460 18.47 8.16 1.33
C GLN F 460 17.45 8.33 0.21
N VAL F 461 17.91 8.39 -1.04
CA VAL F 461 17.03 8.43 -2.19
C VAL F 461 16.44 7.05 -2.43
N ALA F 462 17.30 6.03 -2.43
CA ALA F 462 16.87 4.65 -2.66
C ALA F 462 15.89 4.14 -1.61
N ARG F 463 16.01 4.65 -0.39
CA ARG F 463 15.08 4.33 0.70
C ARG F 463 13.62 4.52 0.31
N TYR F 464 13.34 5.56 -0.47
CA TYR F 464 11.98 5.89 -0.90
C TYR F 464 11.53 5.18 -2.19
N ARG F 465 12.30 4.20 -2.68
CA ARG F 465 11.86 3.29 -3.75
C ARG F 465 11.31 3.97 -5.02
N PRO F 466 12.13 4.77 -5.70
CA PRO F 466 11.71 5.33 -6.99
C PRO F 466 11.59 4.28 -8.08
N ARG F 467 10.97 4.67 -9.20
CA ARG F 467 10.89 3.81 -10.38
C ARG F 467 12.20 3.93 -11.13
N ALA F 468 12.65 5.16 -11.31
CA ALA F 468 13.87 5.44 -12.05
C ALA F 468 15.11 4.86 -11.36
N PRO F 469 16.12 4.48 -12.15
CA PRO F 469 17.42 4.14 -11.58
C PRO F 469 18.13 5.32 -10.96
N ILE F 470 18.92 5.05 -9.93
CA ILE F 470 19.70 6.05 -9.24
C ILE F 470 21.15 5.88 -9.69
N ILE F 471 21.65 6.73 -10.57
CA ILE F 471 23.07 6.70 -10.93
C ILE F 471 23.87 7.44 -9.85
N ALA F 472 24.55 6.68 -8.99
CA ALA F 472 25.32 7.24 -7.88
C ALA F 472 26.78 7.45 -8.29
N VAL F 473 27.19 8.71 -8.41
CA VAL F 473 28.56 9.07 -8.83
C VAL F 473 29.41 9.30 -7.61
N THR F 474 30.62 8.73 -7.63
CA THR F 474 31.55 8.85 -6.51
C THR F 474 33.00 8.69 -6.93
N ARG F 475 33.90 9.24 -6.10
CA ARG F 475 35.33 9.03 -6.24
C ARG F 475 35.87 7.95 -5.28
N ASN F 476 35.13 7.66 -4.20
CA ASN F 476 35.51 6.63 -3.22
C ASN F 476 35.16 5.25 -3.78
N PRO F 477 36.17 4.41 -4.06
CA PRO F 477 35.86 3.13 -4.71
C PRO F 477 35.10 2.15 -3.84
N GLN F 478 35.24 2.24 -2.51
CA GLN F 478 34.52 1.34 -1.60
C GLN F 478 33.03 1.62 -1.61
N THR F 479 32.66 2.91 -1.61
CA THR F 479 31.25 3.29 -1.58
C THR F 479 30.55 2.89 -2.87
N ALA F 480 31.30 2.92 -3.98
CA ALA F 480 30.81 2.39 -5.26
C ALA F 480 30.46 0.92 -5.16
N ARG F 481 31.29 0.14 -4.47
CA ARG F 481 31.03 -1.29 -4.28
C ARG F 481 29.89 -1.52 -3.28
N GLN F 482 29.95 -0.86 -2.14
CA GLN F 482 28.94 -1.03 -1.09
C GLN F 482 27.52 -0.60 -1.49
N ALA F 483 27.41 0.26 -2.51
CA ALA F 483 26.12 0.70 -3.03
C ALA F 483 25.22 -0.41 -3.60
N HIS F 484 25.81 -1.51 -4.10
CA HIS F 484 25.03 -2.60 -4.73
C HIS F 484 24.01 -3.27 -3.80
N LEU F 485 24.31 -3.26 -2.50
CA LEU F 485 23.37 -3.69 -1.45
C LEU F 485 22.00 -3.02 -1.55
N TYR F 486 21.98 -1.73 -1.92
CA TYR F 486 20.73 -0.99 -2.05
C TYR F 486 20.10 -1.18 -3.43
N ARG F 487 18.78 -1.21 -3.41
CA ARG F 487 17.99 -1.50 -4.59
C ARG F 487 17.98 -0.27 -5.48
N GLY F 488 18.16 -0.48 -6.77
CA GLY F 488 18.02 0.60 -7.74
C GLY F 488 19.15 1.61 -7.81
N ILE F 489 20.20 1.43 -7.01
CA ILE F 489 21.41 2.23 -7.16
C ILE F 489 22.28 1.57 -8.21
N PHE F 490 22.67 2.35 -9.20
CA PHE F 490 23.68 1.98 -10.16
C PHE F 490 24.94 2.80 -9.89
N PRO F 491 25.90 2.22 -9.15
CA PRO F 491 27.09 2.97 -8.79
C PRO F 491 28.01 3.09 -9.98
N VAL F 492 28.80 4.15 -9.97
CA VAL F 492 29.70 4.42 -11.07
C VAL F 492 30.89 5.24 -10.56
N LEU F 493 32.10 4.75 -10.85
CA LEU F 493 33.32 5.30 -10.25
C LEU F 493 33.99 6.29 -11.18
N CYS F 494 34.01 7.55 -10.71
CA CYS F 494 34.67 8.66 -11.39
C CYS F 494 36.11 8.75 -10.90
N LYS F 495 37.05 8.51 -11.82
CA LYS F 495 38.48 8.55 -11.52
C LYS F 495 39.14 9.88 -11.91
N ASP F 496 38.36 10.81 -12.45
CA ASP F 496 38.87 12.15 -12.79
C ASP F 496 39.38 12.89 -11.55
N PRO F 497 40.37 13.77 -11.73
CA PRO F 497 40.87 14.53 -10.59
C PRO F 497 39.91 15.66 -10.24
N VAL F 498 39.98 16.12 -8.99
CA VAL F 498 39.05 17.13 -8.51
C VAL F 498 39.37 18.48 -9.14
N GLN F 499 38.42 19.05 -9.88
CA GLN F 499 38.64 20.34 -10.56
C GLN F 499 38.62 21.45 -9.51
N GLU F 500 39.37 22.51 -9.79
CA GLU F 500 39.53 23.61 -8.81
C GLU F 500 38.24 24.37 -8.62
N ALA F 501 37.64 24.81 -9.72
CA ALA F 501 36.33 25.44 -9.69
C ALA F 501 35.29 24.39 -9.33
N TRP F 502 34.74 24.50 -8.12
CA TRP F 502 33.80 23.50 -7.60
C TRP F 502 32.62 23.26 -8.56
N ALA F 503 32.07 24.31 -9.15
CA ALA F 503 30.93 24.19 -10.06
C ALA F 503 31.23 23.35 -11.32
N GLU F 504 32.47 23.42 -11.80
CA GLU F 504 32.92 22.60 -12.94
C GLU F 504 33.12 21.13 -12.56
N ASP F 505 33.59 20.90 -11.33
CA ASP F 505 33.76 19.55 -10.79
C ASP F 505 32.43 18.80 -10.67
N VAL F 506 31.38 19.54 -10.35
CA VAL F 506 30.02 19.02 -10.35
C VAL F 506 29.60 18.73 -11.79
N ASP F 507 29.64 19.74 -12.64
CA ASP F 507 29.28 19.60 -14.07
C ASP F 507 30.00 18.44 -14.76
N LEU F 508 31.27 18.22 -14.40
CA LEU F 508 32.05 17.07 -14.88
C LEU F 508 31.39 15.74 -14.49
N ARG F 509 31.21 15.55 -13.19
CA ARG F 509 30.63 14.32 -12.64
C ARG F 509 29.18 14.08 -13.08
N VAL F 510 28.40 15.14 -13.19
CA VAL F 510 27.04 15.03 -13.70
C VAL F 510 27.08 14.58 -15.15
N ASN F 511 27.91 15.25 -15.96
CA ASN F 511 28.02 14.91 -17.38
C ASN F 511 28.67 13.53 -17.60
N PHE F 512 29.47 13.07 -16.64
CA PHE F 512 29.97 11.69 -16.62
C PHE F 512 28.81 10.70 -16.52
N ALA F 513 27.91 10.91 -15.55
CA ALA F 513 26.74 10.05 -15.36
C ALA F 513 25.77 10.10 -16.53
N MET F 514 25.66 11.26 -17.18
CA MET F 514 24.82 11.42 -18.36
C MET F 514 25.27 10.47 -19.44
N ASN F 515 26.58 10.40 -19.65
CA ASN F 515 27.15 9.53 -20.67
C ASN F 515 26.99 8.05 -20.33
N VAL F 516 27.13 7.72 -19.04
CA VAL F 516 26.92 6.35 -18.55
C VAL F 516 25.49 5.96 -18.85
N GLY F 517 24.55 6.79 -18.38
CA GLY F 517 23.12 6.57 -18.57
C GLY F 517 22.67 6.44 -20.01
N LYS F 518 23.27 7.23 -20.90
CA LYS F 518 23.01 7.11 -22.33
C LYS F 518 23.55 5.79 -22.89
N ALA F 519 24.74 5.40 -22.46
CA ALA F 519 25.34 4.13 -22.88
C ALA F 519 24.57 2.91 -22.38
N ARG F 520 24.21 2.92 -21.10
CA ARG F 520 23.34 1.87 -20.54
C ARG F 520 21.99 1.79 -21.24
N GLY F 521 21.47 2.94 -21.66
CA GLY F 521 20.16 3.03 -22.31
C GLY F 521 19.07 3.50 -21.38
N PHE F 522 19.41 3.84 -20.13
CA PHE F 522 18.45 4.38 -19.17
C PHE F 522 17.65 5.57 -19.73
N PHE F 523 18.34 6.45 -20.46
CA PHE F 523 17.69 7.59 -21.10
C PHE F 523 18.44 8.01 -22.35
N LYS F 524 17.88 8.99 -23.06
CA LYS F 524 18.47 9.48 -24.29
C LYS F 524 18.41 10.99 -24.39
N LYS F 525 19.08 11.50 -25.41
CA LYS F 525 19.04 12.92 -25.79
C LYS F 525 17.62 13.48 -25.67
N GLY F 526 17.46 14.52 -24.86
CA GLY F 526 16.16 15.21 -24.73
C GLY F 526 15.20 14.76 -23.64
N ASP F 527 15.48 13.64 -22.98
CA ASP F 527 14.73 13.23 -21.78
C ASP F 527 15.11 14.12 -20.59
N VAL F 528 14.44 13.92 -19.46
CA VAL F 528 14.70 14.69 -18.24
C VAL F 528 15.25 13.77 -17.15
N VAL F 529 16.20 14.29 -16.37
CA VAL F 529 16.74 13.59 -15.20
C VAL F 529 16.89 14.52 -14.00
N ILE F 530 16.82 13.95 -12.81
CA ILE F 530 16.96 14.70 -11.56
C ILE F 530 18.41 14.57 -11.12
N VAL F 531 18.96 15.64 -10.54
CA VAL F 531 20.38 15.67 -10.16
C VAL F 531 20.54 16.24 -8.74
N LEU F 532 21.05 15.43 -7.82
CA LEU F 532 21.38 15.85 -6.44
C LEU F 532 22.86 16.15 -6.24
N THR F 533 23.17 17.34 -5.74
CA THR F 533 24.55 17.81 -5.51
C THR F 533 24.66 18.55 -4.17
N GLY F 534 25.85 19.00 -3.84
CA GLY F 534 26.05 19.96 -2.73
C GLY F 534 25.96 21.36 -3.29
N TRP F 535 26.15 22.37 -2.43
CA TRP F 535 26.23 23.77 -2.89
C TRP F 535 27.58 24.39 -2.56
N ARG F 536 28.01 24.29 -1.31
CA ARG F 536 29.41 24.65 -0.96
C ARG F 536 30.18 23.34 -0.92
N PRO F 537 31.44 23.37 -1.37
CA PRO F 537 32.31 22.26 -1.01
C PRO F 537 32.74 22.54 0.43
N GLY F 538 32.10 21.84 1.38
CA GLY F 538 32.25 22.17 2.80
C GLY F 538 30.93 22.11 3.56
N SER F 539 29.83 22.42 2.87
CA SER F 539 28.48 22.20 3.41
C SER F 539 28.28 20.69 3.63
N GLY F 540 27.81 20.32 4.82
CA GLY F 540 27.63 18.93 5.20
C GLY F 540 26.62 18.17 4.34
N PHE F 541 25.61 18.88 3.84
CA PHE F 541 24.42 18.27 3.24
C PHE F 541 24.45 18.19 1.71
N THR F 542 23.88 17.11 1.16
CA THR F 542 23.51 17.01 -0.26
C THR F 542 22.11 17.60 -0.42
N ASN F 543 22.08 18.92 -0.59
CA ASN F 543 20.86 19.71 -0.45
C ASN F 543 20.35 20.35 -1.74
N THR F 544 21.05 20.18 -2.86
CA THR F 544 20.73 20.91 -4.10
C THR F 544 20.19 20.03 -5.22
N MET F 545 18.88 20.09 -5.42
CA MET F 545 18.17 19.30 -6.45
C MET F 545 17.91 20.17 -7.66
N ARG F 546 18.13 19.61 -8.84
CA ARG F 546 17.78 20.30 -10.08
C ARG F 546 17.28 19.34 -11.14
N VAL F 547 16.32 19.83 -11.93
CA VAL F 547 15.72 19.07 -13.00
C VAL F 547 16.43 19.47 -14.28
N VAL F 548 17.10 18.50 -14.89
CA VAL F 548 17.99 18.74 -16.02
C VAL F 548 17.51 17.95 -17.22
N PRO F 549 17.40 18.62 -18.39
CA PRO F 549 17.22 17.88 -19.61
C PRO F 549 18.55 17.34 -20.11
N VAL F 550 18.50 16.15 -20.70
CA VAL F 550 19.71 15.42 -21.10
C VAL F 550 20.29 16.06 -22.35
N PRO F 551 21.60 16.41 -22.30
CA PRO F 551 22.24 16.98 -23.48
C PRO F 551 22.45 15.92 -24.57
N ALA G 28 11.27 51.55 11.93
CA ALA G 28 10.53 50.44 11.26
C ALA G 28 9.35 50.96 10.40
N GLY G 29 8.35 50.11 10.19
CA GLY G 29 6.96 50.52 9.90
C GLY G 29 6.06 49.80 10.91
N THR G 30 4.74 49.93 10.76
CA THR G 30 3.79 49.22 11.62
C THR G 30 3.57 47.80 11.09
N ALA G 31 3.28 47.72 9.79
CA ALA G 31 3.00 46.46 9.09
C ALA G 31 4.24 45.70 8.61
N PHE G 32 5.43 46.25 8.78
CA PHE G 32 6.66 45.63 8.28
C PHE G 32 7.07 44.37 9.05
N ILE G 33 7.01 44.44 10.37
CA ILE G 33 7.53 43.34 11.23
C ILE G 33 6.44 42.28 11.49
N GLN G 34 6.23 41.40 10.50
CA GLN G 34 5.26 40.29 10.62
C GLN G 34 5.99 39.02 11.08
N THR G 35 6.20 38.88 12.41
CA THR G 35 6.91 37.70 12.95
C THR G 35 5.98 36.49 12.90
N GLN G 36 6.57 35.32 12.61
CA GLN G 36 5.79 34.18 12.14
C GLN G 36 5.49 33.10 13.14
N GLN G 37 6.52 32.53 13.76
CA GLN G 37 6.36 31.34 14.62
C GLN G 37 5.78 30.15 13.81
N LEU G 38 6.53 29.83 12.76
CA LEU G 38 6.44 28.56 12.02
C LEU G 38 6.58 27.33 12.92
N HIS G 39 6.46 26.16 12.31
CA HIS G 39 6.69 24.84 12.93
C HIS G 39 5.49 24.27 13.71
N ALA G 40 4.35 24.96 13.69
CA ALA G 40 3.09 24.40 14.17
C ALA G 40 2.60 23.37 13.15
N ALA G 41 2.51 22.10 13.57
CA ALA G 41 2.10 21.00 12.68
C ALA G 41 0.66 21.18 12.21
N MET G 42 0.47 21.24 10.89
CA MET G 42 -0.82 21.63 10.32
C MET G 42 -1.90 20.57 10.52
N ALA G 43 -3.14 21.01 10.70
CA ALA G 43 -4.23 20.13 11.12
C ALA G 43 -4.57 19.04 10.12
N ASP G 44 -5.21 17.97 10.62
CA ASP G 44 -5.54 16.78 9.83
C ASP G 44 -6.62 17.05 8.79
N THR G 45 -7.71 17.69 9.23
CA THR G 45 -8.88 17.96 8.40
C THR G 45 -9.30 19.41 8.53
N PHE G 46 -9.95 19.94 7.51
CA PHE G 46 -10.40 21.34 7.53
C PHE G 46 -11.35 21.68 8.67
N LEU G 47 -12.21 20.72 9.03
CA LEU G 47 -13.09 20.87 10.20
C LEU G 47 -12.30 21.03 11.48
N GLU G 48 -11.33 20.16 11.66
CA GLU G 48 -10.48 20.19 12.84
C GLU G 48 -9.71 21.50 12.93
N HIS G 49 -9.31 22.03 11.78
CA HIS G 49 -8.58 23.29 11.69
C HIS G 49 -9.40 24.50 12.13
N MET G 50 -10.68 24.53 11.78
CA MET G 50 -11.62 25.55 12.25
C MET G 50 -11.80 25.45 13.75
N CYS G 51 -11.91 24.21 14.25
CA CYS G 51 -12.09 23.97 15.68
C CYS G 51 -10.91 24.43 16.55
N ARG G 52 -9.72 24.52 15.97
CA ARG G 52 -8.52 24.98 16.69
C ARG G 52 -8.32 26.50 16.70
N LEU G 53 -9.17 27.26 16.04
CA LEU G 53 -9.05 28.72 16.05
C LEU G 53 -9.28 29.27 17.44
N ASP G 54 -8.22 29.84 18.02
CA ASP G 54 -8.28 30.49 19.33
C ASP G 54 -8.18 31.99 19.09
N ILE G 55 -9.23 32.72 19.46
CA ILE G 55 -9.24 34.18 19.31
C ILE G 55 -8.24 34.88 20.24
N ASP G 56 -7.92 34.24 21.37
CA ASP G 56 -7.01 34.82 22.38
C ASP G 56 -5.52 34.85 21.98
N SER G 57 -5.09 33.96 21.11
CA SER G 57 -3.68 33.95 20.67
C SER G 57 -3.48 34.88 19.47
N PRO G 58 -2.24 35.42 19.29
CA PRO G 58 -1.95 36.30 18.17
C PRO G 58 -1.73 35.52 16.88
N PRO G 59 -1.82 36.19 15.70
CA PRO G 59 -1.71 35.46 14.45
C PRO G 59 -0.29 35.00 14.19
N ILE G 60 -0.15 33.79 13.67
CA ILE G 60 1.14 33.10 13.59
C ILE G 60 1.57 32.95 12.14
N THR G 61 1.45 34.02 11.38
CA THR G 61 1.59 33.96 9.93
C THR G 61 1.65 35.35 9.36
N ALA G 62 2.51 35.52 8.34
CA ALA G 62 2.60 36.79 7.63
C ALA G 62 1.31 37.07 6.89
N ARG G 63 0.90 38.32 6.87
CA ARG G 63 -0.21 38.75 6.03
C ARG G 63 0.18 38.63 4.56
N ASN G 64 -0.38 37.64 3.87
CA ASN G 64 0.01 37.30 2.50
C ASN G 64 -0.86 38.00 1.43
N THR G 65 -2.05 38.47 1.80
CA THR G 65 -2.96 39.10 0.85
C THR G 65 -2.65 40.58 0.63
N GLY G 66 -2.22 40.93 -0.58
CA GLY G 66 -1.86 42.32 -0.94
C GLY G 66 -2.94 43.37 -0.67
N ILE G 67 -2.52 44.63 -0.51
CA ILE G 67 -3.42 45.74 -0.17
C ILE G 67 -3.26 46.89 -1.16
N ILE G 68 -4.31 47.11 -1.96
CA ILE G 68 -4.35 48.19 -2.94
C ILE G 68 -5.19 49.34 -2.38
N CYS G 69 -4.56 50.51 -2.20
CA CYS G 69 -5.26 51.71 -1.75
C CYS G 69 -5.43 52.68 -2.90
N THR G 70 -6.64 53.23 -3.02
CA THR G 70 -6.94 54.26 -3.99
C THR G 70 -6.48 55.58 -3.43
N ILE G 71 -5.63 56.28 -4.19
CA ILE G 71 -5.11 57.58 -3.80
C ILE G 71 -6.03 58.65 -4.37
N GLY G 72 -6.27 59.67 -3.54
CA GLY G 72 -7.13 60.80 -3.90
C GLY G 72 -6.87 61.99 -2.98
N PRO G 73 -7.81 62.95 -2.92
CA PRO G 73 -7.71 64.16 -2.09
C PRO G 73 -7.12 63.99 -0.68
N ALA G 74 -7.58 62.99 0.08
CA ALA G 74 -7.18 62.84 1.50
C ALA G 74 -5.82 62.16 1.73
N SER G 75 -5.29 61.51 0.69
CA SER G 75 -4.05 60.72 0.79
C SER G 75 -2.99 61.06 -0.28
N ARG G 76 -3.16 62.19 -0.95
CA ARG G 76 -2.36 62.54 -2.13
C ARG G 76 -0.94 62.96 -1.74
N SER G 77 -0.80 63.55 -0.56
CA SER G 77 0.43 64.20 -0.14
C SER G 77 1.54 63.21 0.14
N VAL G 78 2.78 63.68 0.00
CA VAL G 78 3.96 62.86 0.21
C VAL G 78 4.05 62.36 1.66
N GLU G 79 3.57 63.18 2.61
CA GLU G 79 3.66 62.80 4.02
C GLU G 79 2.62 61.75 4.43
N THR G 80 1.42 61.82 3.88
CA THR G 80 0.38 60.81 4.12
C THR G 80 0.82 59.45 3.57
N LEU G 81 1.31 59.44 2.32
CA LEU G 81 1.72 58.23 1.64
C LEU G 81 2.83 57.49 2.38
N LYS G 82 3.80 58.22 2.90
CA LYS G 82 4.88 57.60 3.69
C LYS G 82 4.33 56.74 4.82
N GLU G 83 3.34 57.25 5.55
CA GLU G 83 2.74 56.50 6.64
C GLU G 83 1.87 55.33 6.16
N MET G 84 1.22 55.49 5.00
CA MET G 84 0.43 54.41 4.40
C MET G 84 1.29 53.23 3.91
N ILE G 85 2.44 53.53 3.31
CA ILE G 85 3.40 52.51 2.89
C ILE G 85 3.93 51.77 4.12
N LYS G 86 4.24 52.53 5.16
CA LYS G 86 4.65 51.95 6.45
C LYS G 86 3.60 51.02 7.06
N SER G 87 2.34 51.40 6.94
CA SER G 87 1.25 50.60 7.50
C SER G 87 0.71 49.50 6.58
N GLY G 88 1.36 49.32 5.42
CA GLY G 88 1.17 48.13 4.59
C GLY G 88 0.52 48.31 3.23
N MET G 89 0.58 49.52 2.66
CA MET G 89 0.14 49.72 1.28
C MET G 89 1.14 49.04 0.35
N ASN G 90 0.62 48.49 -0.74
CA ASN G 90 1.40 47.77 -1.74
C ASN G 90 1.20 48.34 -3.13
N VAL G 91 -0.04 48.64 -3.49
CA VAL G 91 -0.37 49.24 -4.78
C VAL G 91 -1.14 50.56 -4.56
N ALA G 92 -0.80 51.56 -5.36
CA ALA G 92 -1.50 52.83 -5.36
C ALA G 92 -2.36 52.90 -6.62
N ARG G 93 -3.69 52.89 -6.43
CA ARG G 93 -4.62 53.07 -7.55
C ARG G 93 -4.92 54.54 -7.79
N LEU G 94 -5.03 54.90 -9.08
CA LEU G 94 -5.46 56.23 -9.50
C LEU G 94 -6.73 56.07 -10.31
N ASN G 95 -7.77 56.82 -9.97
CA ASN G 95 -9.08 56.69 -10.63
C ASN G 95 -9.22 57.72 -11.75
N PHE G 96 -9.13 57.29 -13.00
CA PHE G 96 -9.19 58.20 -14.18
C PHE G 96 -10.62 58.52 -14.67
N SER G 97 -11.64 58.09 -13.91
CA SER G 97 -13.00 58.61 -14.08
C SER G 97 -13.05 60.10 -13.75
N HIS G 98 -12.21 60.54 -12.82
CA HIS G 98 -12.13 61.94 -12.38
C HIS G 98 -10.68 62.45 -12.46
N GLY G 99 -10.52 63.76 -12.63
CA GLY G 99 -9.20 64.41 -12.62
C GLY G 99 -8.57 64.52 -14.00
N THR G 100 -7.59 65.42 -14.12
CA THR G 100 -6.86 65.66 -15.38
C THR G 100 -5.53 64.89 -15.41
N HIS G 101 -4.87 64.92 -16.58
CA HIS G 101 -3.56 64.27 -16.74
C HIS G 101 -2.45 64.95 -15.94
N GLU G 102 -2.54 66.26 -15.82
CA GLU G 102 -1.60 67.05 -15.02
C GLU G 102 -1.76 66.73 -13.53
N TYR G 103 -3.02 66.57 -13.11
CA TYR G 103 -3.36 66.30 -11.71
C TYR G 103 -2.79 64.95 -11.29
N HIS G 104 -3.07 63.92 -12.08
CA HIS G 104 -2.60 62.55 -11.78
C HIS G 104 -1.10 62.34 -11.96
N ALA G 105 -0.46 63.14 -12.82
CA ALA G 105 1.00 63.10 -12.96
C ALA G 105 1.70 63.43 -11.64
N GLU G 106 1.12 64.37 -10.89
CA GLU G 106 1.66 64.78 -9.60
C GLU G 106 1.26 63.81 -8.48
N THR G 107 0.09 63.19 -8.58
CA THR G 107 -0.29 62.11 -7.66
C THR G 107 0.73 60.97 -7.73
N ILE G 108 1.15 60.62 -8.95
CA ILE G 108 2.19 59.61 -9.20
C ILE G 108 3.55 60.06 -8.66
N LYS G 109 3.94 61.29 -8.95
CA LYS G 109 5.21 61.84 -8.47
C LYS G 109 5.33 61.79 -6.95
N ASN G 110 4.22 62.03 -6.25
CA ASN G 110 4.17 61.94 -4.78
C ASN G 110 4.31 60.51 -4.26
N VAL G 111 3.66 59.56 -4.94
CA VAL G 111 3.80 58.15 -4.59
C VAL G 111 5.28 57.78 -4.70
N ARG G 112 5.89 58.10 -5.83
CA ARG G 112 7.29 57.75 -6.08
C ARG G 112 8.29 58.42 -5.14
N THR G 113 8.00 59.64 -4.70
CA THR G 113 8.82 60.35 -3.71
C THR G 113 8.74 59.64 -2.36
N ALA G 114 7.52 59.33 -1.93
CA ALA G 114 7.27 58.65 -0.66
C ALA G 114 7.90 57.26 -0.63
N THR G 115 7.70 56.51 -1.72
CA THR G 115 8.26 55.16 -1.87
C THR G 115 9.77 55.16 -1.74
N GLU G 116 10.41 56.04 -2.52
CA GLU G 116 11.86 56.20 -2.54
C GLU G 116 12.48 56.77 -1.27
N SER G 117 11.67 57.37 -0.38
CA SER G 117 12.18 57.85 0.92
C SER G 117 12.86 56.74 1.75
N PHE G 118 12.38 55.50 1.60
CA PHE G 118 12.94 54.35 2.33
C PHE G 118 14.11 53.65 1.60
N ALA G 119 14.46 54.13 0.40
CA ALA G 119 15.43 53.45 -0.46
C ALA G 119 16.87 53.40 0.08
N SER G 120 17.22 54.30 1.01
CA SER G 120 18.57 54.36 1.58
C SER G 120 18.98 53.15 2.44
N ASP G 121 18.01 52.30 2.80
CA ASP G 121 18.27 50.98 3.41
C ASP G 121 17.53 49.90 2.60
N PRO G 122 18.23 49.16 1.72
CA PRO G 122 17.54 48.21 0.83
C PRO G 122 16.75 47.06 1.52
N ILE G 123 17.09 46.77 2.78
CA ILE G 123 16.35 45.82 3.61
C ILE G 123 14.93 46.32 3.95
N LEU G 124 14.80 47.59 4.29
CA LEU G 124 13.50 48.20 4.62
C LEU G 124 12.72 48.75 3.40
N TYR G 125 13.32 48.70 2.22
CA TYR G 125 12.68 49.23 1.02
C TYR G 125 11.60 48.26 0.55
N ARG G 126 10.35 48.62 0.82
CA ARG G 126 9.20 47.97 0.22
C ARG G 126 8.94 48.69 -1.10
N PRO G 127 8.88 47.93 -2.22
CA PRO G 127 8.35 48.54 -3.45
C PRO G 127 6.85 48.77 -3.39
N VAL G 128 6.39 49.69 -4.25
CA VAL G 128 5.00 50.11 -4.30
C VAL G 128 4.61 50.31 -5.76
N ALA G 129 3.53 49.67 -6.18
CA ALA G 129 3.07 49.71 -7.56
C ALA G 129 2.13 50.87 -7.82
N VAL G 130 1.99 51.22 -9.09
CA VAL G 130 1.06 52.25 -9.54
C VAL G 130 0.05 51.59 -10.49
N ALA G 131 -1.23 51.76 -10.17
CA ALA G 131 -2.32 51.22 -10.98
C ALA G 131 -3.12 52.36 -11.60
N LEU G 132 -3.49 52.19 -12.86
CA LEU G 132 -4.26 53.16 -13.60
C LEU G 132 -5.61 52.55 -13.93
N ASP G 133 -6.65 53.04 -13.24
CA ASP G 133 -8.01 52.52 -13.42
C ASP G 133 -8.73 53.39 -14.45
N THR G 134 -9.11 52.78 -15.57
CA THR G 134 -9.77 53.52 -16.66
C THR G 134 -11.17 54.02 -16.25
N LYS G 135 -11.63 55.04 -16.96
CA LYS G 135 -13.01 55.54 -16.85
C LYS G 135 -13.96 54.48 -17.37
N GLY G 136 -13.70 54.07 -18.60
CA GLY G 136 -14.40 52.97 -19.26
C GLY G 136 -15.48 53.52 -20.15
N PRO G 137 -16.33 52.62 -20.68
CA PRO G 137 -17.58 53.02 -21.29
C PRO G 137 -18.68 53.16 -20.24
N GLU G 138 -19.51 54.19 -20.40
CA GLU G 138 -20.62 54.44 -19.49
C GLU G 138 -21.81 55.02 -20.20
N ILE G 139 -22.92 55.08 -19.49
CA ILE G 139 -24.14 55.68 -19.94
C ILE G 139 -24.44 56.76 -18.91
N ARG G 140 -24.25 58.02 -19.30
CA ARG G 140 -24.55 59.17 -18.43
C ARG G 140 -25.79 59.95 -18.88
N THR G 141 -26.56 60.44 -17.91
CA THR G 141 -27.76 61.25 -18.19
C THR G 141 -27.39 62.71 -18.47
N GLY G 142 -28.39 63.51 -18.81
CA GLY G 142 -28.19 64.93 -19.08
C GLY G 142 -28.19 65.79 -17.85
N LEU G 143 -28.05 67.09 -18.10
CA LEU G 143 -28.02 68.13 -17.08
C LEU G 143 -29.47 68.48 -16.73
N ILE G 144 -29.82 68.40 -15.44
CA ILE G 144 -31.20 68.64 -14.98
C ILE G 144 -31.54 70.12 -15.17
N LYS G 145 -32.76 70.39 -15.62
CA LYS G 145 -33.19 71.71 -16.10
C LYS G 145 -32.68 72.90 -15.23
N GLY G 146 -32.44 73.98 -15.94
CA GLY G 146 -31.97 75.22 -15.30
C GLY G 146 -30.49 75.24 -14.92
N SER G 147 -29.95 74.21 -14.28
CA SER G 147 -28.63 74.24 -13.66
C SER G 147 -28.10 72.86 -13.34
N GLY G 148 -26.88 72.54 -13.82
CA GLY G 148 -26.01 71.47 -13.26
C GLY G 148 -26.20 70.84 -11.87
N THR G 149 -26.83 71.54 -10.92
CA THR G 149 -26.96 71.17 -9.54
C THR G 149 -28.37 70.91 -9.00
N ALA G 150 -29.45 71.30 -9.70
CA ALA G 150 -30.80 71.10 -9.26
C ALA G 150 -31.13 69.60 -9.46
N GLU G 151 -31.79 69.04 -8.48
CA GLU G 151 -32.33 67.65 -8.56
C GLU G 151 -33.82 67.68 -8.95
N VAL G 152 -34.42 66.50 -9.07
CA VAL G 152 -35.88 66.34 -9.26
C VAL G 152 -36.38 65.05 -8.64
N GLU G 153 -37.58 65.09 -8.08
CA GLU G 153 -38.19 63.88 -7.47
C GLU G 153 -38.89 63.03 -8.52
N LEU G 154 -38.33 61.85 -8.77
CA LEU G 154 -39.04 60.79 -9.49
C LEU G 154 -39.76 59.99 -8.43
N LYS G 155 -41.09 59.92 -8.53
CA LYS G 155 -41.89 59.26 -7.50
C LYS G 155 -42.39 57.91 -8.04
N LYS G 156 -42.70 57.01 -7.10
CA LYS G 156 -42.96 55.59 -7.40
C LYS G 156 -44.24 55.39 -8.21
N GLY G 157 -44.09 55.04 -9.49
CA GLY G 157 -45.23 54.81 -10.38
C GLY G 157 -45.41 55.84 -11.49
N ALA G 158 -44.73 56.99 -11.37
CA ALA G 158 -44.78 58.03 -12.40
C ALA G 158 -44.11 57.59 -13.71
N THR G 159 -44.63 58.07 -14.84
CA THR G 159 -44.04 57.80 -16.16
C THR G 159 -42.87 58.77 -16.41
N LEU G 160 -41.80 58.22 -16.95
CA LEU G 160 -40.60 58.96 -17.30
C LEU G 160 -40.17 58.56 -18.71
N LYS G 161 -40.03 59.55 -19.58
CA LYS G 161 -39.63 59.34 -20.96
C LYS G 161 -38.11 59.45 -21.05
N ILE G 162 -37.49 58.47 -21.69
CA ILE G 162 -36.05 58.51 -21.98
C ILE G 162 -35.90 58.87 -23.45
N THR G 163 -34.98 59.77 -23.76
CA THR G 163 -34.82 60.30 -25.13
C THR G 163 -33.36 60.34 -25.55
N LEU G 164 -33.13 60.13 -26.85
CA LEU G 164 -31.80 60.25 -27.46
C LEU G 164 -31.62 61.55 -28.24
N ASP G 165 -32.66 62.38 -28.29
CA ASP G 165 -32.64 63.67 -28.96
C ASP G 165 -31.81 64.67 -28.16
N ASN G 166 -30.74 65.20 -28.78
CA ASN G 166 -29.80 66.11 -28.09
C ASN G 166 -30.37 67.46 -27.69
N ALA G 167 -31.54 67.83 -28.21
CA ALA G 167 -32.24 69.03 -27.77
C ALA G 167 -32.57 69.03 -26.28
N TYR G 168 -32.85 67.85 -25.72
CA TYR G 168 -33.18 67.73 -24.30
C TYR G 168 -31.97 67.51 -23.37
N MET G 169 -30.74 67.52 -23.90
CA MET G 169 -29.57 67.11 -23.12
C MET G 169 -29.20 68.03 -21.94
N GLU G 170 -29.73 69.26 -21.92
CA GLU G 170 -29.62 70.13 -20.76
C GLU G 170 -31.01 70.56 -20.24
N LYS G 171 -32.00 69.71 -20.48
CA LYS G 171 -33.40 70.00 -20.14
C LYS G 171 -34.10 68.76 -19.57
N CYS G 172 -33.38 68.02 -18.73
CA CYS G 172 -33.93 66.84 -18.04
C CYS G 172 -34.78 67.29 -16.86
N ASP G 173 -35.84 66.54 -16.57
CA ASP G 173 -36.75 66.85 -15.45
C ASP G 173 -37.52 65.59 -15.00
N GLU G 174 -38.64 65.75 -14.30
CA GLU G 174 -39.48 64.62 -13.87
C GLU G 174 -40.05 63.80 -15.03
N ASN G 175 -40.29 64.45 -16.19
CA ASN G 175 -40.99 63.85 -17.32
C ASN G 175 -40.06 63.28 -18.37
N ILE G 176 -39.07 64.06 -18.79
CA ILE G 176 -38.11 63.63 -19.82
C ILE G 176 -36.68 63.55 -19.28
N LEU G 177 -35.93 62.57 -19.79
CA LEU G 177 -34.55 62.29 -19.37
C LEU G 177 -33.73 61.98 -20.61
N TRP G 178 -32.63 62.73 -20.80
CA TRP G 178 -31.66 62.41 -21.85
C TRP G 178 -30.62 61.40 -21.34
N LEU G 179 -30.01 60.68 -22.28
CA LEU G 179 -28.76 59.95 -22.03
C LEU G 179 -27.99 59.72 -23.34
N ASP G 180 -26.68 59.54 -23.21
CA ASP G 180 -25.76 59.61 -24.35
C ASP G 180 -25.68 58.35 -25.22
N TYR G 181 -25.95 57.18 -24.63
CA TYR G 181 -25.83 55.90 -25.33
C TYR G 181 -26.89 55.73 -26.44
N LYS G 182 -26.48 55.93 -27.68
CA LYS G 182 -27.39 56.10 -28.82
C LYS G 182 -28.13 54.83 -29.26
N ASN G 183 -27.57 53.66 -28.94
CA ASN G 183 -28.21 52.39 -29.30
C ASN G 183 -29.02 51.78 -28.16
N ILE G 184 -29.40 52.59 -27.17
CA ILE G 184 -30.15 52.08 -26.00
C ILE G 184 -31.47 51.41 -26.39
N CYS G 185 -32.12 51.89 -27.45
CA CYS G 185 -33.36 51.30 -27.95
C CYS G 185 -33.18 49.88 -28.50
N LYS G 186 -31.99 49.58 -29.02
CA LYS G 186 -31.71 48.30 -29.66
C LYS G 186 -31.39 47.17 -28.67
N VAL G 187 -30.66 47.47 -27.60
CA VAL G 187 -30.30 46.44 -26.59
C VAL G 187 -31.34 46.20 -25.49
N VAL G 188 -32.37 47.05 -25.43
CA VAL G 188 -33.42 46.95 -24.41
C VAL G 188 -34.70 46.47 -25.10
N GLU G 189 -35.46 45.64 -24.40
CA GLU G 189 -36.81 45.22 -24.86
C GLU G 189 -37.84 45.79 -23.87
N VAL G 190 -39.12 45.56 -24.16
CA VAL G 190 -40.20 45.93 -23.23
C VAL G 190 -40.06 45.08 -21.96
N GLY G 191 -40.14 45.73 -20.80
CA GLY G 191 -40.04 45.05 -19.50
C GLY G 191 -38.66 45.01 -18.86
N SER G 192 -37.61 45.43 -19.59
CA SER G 192 -36.26 45.50 -19.04
C SER G 192 -36.15 46.62 -18.01
N LYS G 193 -35.18 46.47 -17.11
CA LYS G 193 -34.92 47.48 -16.09
C LYS G 193 -33.80 48.43 -16.52
N ILE G 194 -33.82 49.63 -15.96
CA ILE G 194 -32.77 50.64 -16.17
C ILE G 194 -32.46 51.28 -14.82
N TYR G 195 -31.30 50.96 -14.26
CA TYR G 195 -30.87 51.48 -12.96
C TYR G 195 -30.10 52.78 -13.18
N VAL G 196 -30.46 53.82 -12.44
CA VAL G 196 -29.91 55.16 -12.62
C VAL G 196 -29.34 55.70 -11.31
N ASP G 197 -28.16 56.31 -11.40
CA ASP G 197 -27.40 56.81 -10.23
C ASP G 197 -26.95 55.65 -9.33
N ASP G 198 -26.25 54.70 -9.95
CA ASP G 198 -25.73 53.51 -9.28
C ASP G 198 -26.82 52.79 -8.50
N GLY G 199 -27.94 52.55 -9.17
CA GLY G 199 -29.06 51.83 -8.58
C GLY G 199 -29.83 52.48 -7.45
N LEU G 200 -29.78 53.81 -7.33
CA LEU G 200 -30.67 54.54 -6.43
C LEU G 200 -32.10 54.53 -7.00
N ILE G 201 -32.22 54.80 -8.30
CA ILE G 201 -33.50 54.81 -9.01
C ILE G 201 -33.53 53.64 -10.00
N SER G 202 -34.69 52.99 -10.12
CA SER G 202 -34.88 51.91 -11.12
C SER G 202 -36.17 52.13 -11.90
N LEU G 203 -36.09 51.89 -13.21
CA LEU G 203 -37.18 52.14 -14.16
C LEU G 203 -37.47 50.88 -14.98
N GLN G 204 -38.74 50.57 -15.18
CA GLN G 204 -39.16 49.46 -16.05
C GLN G 204 -39.71 50.01 -17.37
N VAL G 205 -39.19 49.50 -18.49
CA VAL G 205 -39.62 49.94 -19.83
C VAL G 205 -41.02 49.41 -20.15
N LYS G 206 -41.93 50.31 -20.52
CA LYS G 206 -43.28 49.95 -20.99
C LYS G 206 -43.31 49.85 -22.50
N GLN G 207 -42.84 50.91 -23.19
CA GLN G 207 -42.92 50.99 -24.65
C GLN G 207 -41.57 51.34 -25.24
N LYS G 208 -41.14 50.55 -26.23
CA LYS G 208 -40.00 50.89 -27.08
C LYS G 208 -40.39 51.99 -28.06
N GLY G 209 -39.42 52.48 -28.83
CA GLY G 209 -39.69 53.50 -29.82
C GLY G 209 -38.58 53.64 -30.85
N ALA G 210 -38.71 54.68 -31.67
CA ALA G 210 -37.72 54.98 -32.69
C ALA G 210 -36.43 55.46 -32.04
N ASP G 211 -36.53 56.54 -31.29
CA ASP G 211 -35.38 57.11 -30.55
C ASP G 211 -35.80 57.51 -29.13
N PHE G 212 -36.63 56.67 -28.50
CA PHE G 212 -37.13 56.94 -27.17
C PHE G 212 -37.66 55.68 -26.47
N LEU G 213 -37.81 55.80 -25.15
CA LEU G 213 -38.45 54.78 -24.32
C LEU G 213 -39.43 55.45 -23.37
N VAL G 214 -40.49 54.73 -23.02
CA VAL G 214 -41.44 55.17 -21.99
C VAL G 214 -41.30 54.18 -20.85
N THR G 215 -40.90 54.68 -19.69
CA THR G 215 -40.64 53.85 -18.51
C THR G 215 -41.59 54.18 -17.35
N GLU G 216 -41.66 53.26 -16.39
CA GLU G 216 -42.39 53.48 -15.14
C GLU G 216 -41.39 53.43 -13.99
N VAL G 217 -41.41 54.45 -13.14
CA VAL G 217 -40.53 54.53 -11.99
C VAL G 217 -40.97 53.45 -10.97
N GLU G 218 -40.00 52.70 -10.45
CA GLU G 218 -40.24 51.67 -9.44
C GLU G 218 -39.66 52.07 -8.09
N ASN G 219 -38.36 52.36 -8.06
CA ASN G 219 -37.71 52.96 -6.88
C ASN G 219 -37.58 54.46 -7.10
N GLY G 220 -38.22 55.25 -6.25
CA GLY G 220 -38.11 56.71 -6.31
C GLY G 220 -36.75 57.20 -5.84
N GLY G 221 -36.52 58.51 -5.98
CA GLY G 221 -35.29 59.12 -5.50
C GLY G 221 -35.06 60.50 -6.06
N SER G 222 -33.98 61.14 -5.61
CA SER G 222 -33.53 62.42 -6.13
C SER G 222 -32.57 62.21 -7.31
N LEU G 223 -33.09 62.36 -8.52
CA LEU G 223 -32.29 62.26 -9.76
C LEU G 223 -31.53 63.57 -9.97
N GLY G 224 -30.23 63.46 -10.25
CA GLY G 224 -29.38 64.63 -10.51
C GLY G 224 -28.87 64.68 -11.94
N SER G 225 -27.81 65.48 -12.12
CA SER G 225 -27.20 65.71 -13.43
C SER G 225 -26.06 64.72 -13.67
N LYS G 226 -25.93 64.27 -14.92
CA LYS G 226 -24.87 63.34 -15.34
C LYS G 226 -24.68 62.16 -14.36
N LYS G 227 -25.66 61.25 -14.33
CA LYS G 227 -25.61 60.08 -13.45
C LYS G 227 -25.37 58.78 -14.22
N GLY G 228 -24.76 57.80 -13.55
CA GLY G 228 -24.45 56.52 -14.15
C GLY G 228 -25.69 55.66 -14.35
N VAL G 229 -25.92 55.25 -15.59
CA VAL G 229 -27.02 54.35 -15.93
C VAL G 229 -26.49 52.95 -16.25
N ASN G 230 -27.21 51.93 -15.77
CA ASN G 230 -26.87 50.53 -16.02
C ASN G 230 -28.06 49.83 -16.65
N LEU G 231 -27.78 48.78 -17.41
CA LEU G 231 -28.79 48.07 -18.19
C LEU G 231 -28.74 46.56 -17.92
N PRO G 232 -29.25 46.14 -16.73
CA PRO G 232 -29.27 44.74 -16.31
C PRO G 232 -29.43 43.69 -17.41
N GLY G 233 -28.42 42.83 -17.56
CA GLY G 233 -28.44 41.75 -18.55
C GLY G 233 -28.72 42.17 -19.98
N ALA G 234 -28.04 43.22 -20.44
CA ALA G 234 -28.15 43.69 -21.81
C ALA G 234 -26.79 43.58 -22.48
N ALA G 235 -26.78 43.20 -23.76
CA ALA G 235 -25.54 43.21 -24.54
C ALA G 235 -25.17 44.65 -24.86
N VAL G 236 -24.57 45.35 -23.89
CA VAL G 236 -24.22 46.76 -24.02
C VAL G 236 -23.05 46.87 -24.98
N ASP G 237 -23.29 47.39 -26.18
CA ASP G 237 -22.32 47.37 -27.30
C ASP G 237 -21.56 48.70 -27.49
N LEU G 238 -21.19 49.34 -26.40
CA LEU G 238 -20.32 50.51 -26.43
C LEU G 238 -18.91 50.13 -26.83
N PRO G 239 -18.07 51.09 -27.19
CA PRO G 239 -16.66 50.77 -27.43
C PRO G 239 -15.95 50.35 -26.14
N ALA G 240 -15.12 49.30 -26.24
CA ALA G 240 -14.34 48.79 -25.10
C ALA G 240 -13.44 49.86 -24.52
N VAL G 241 -12.75 50.58 -25.39
CA VAL G 241 -11.91 51.68 -25.02
C VAL G 241 -12.50 52.95 -25.60
N SER G 242 -13.06 53.81 -24.74
CA SER G 242 -13.55 55.12 -25.17
C SER G 242 -12.37 55.98 -25.62
N GLU G 243 -12.65 57.03 -26.41
CA GLU G 243 -11.57 57.88 -26.94
C GLU G 243 -10.81 58.63 -25.82
N LYS G 244 -11.50 58.92 -24.72
CA LYS G 244 -10.87 59.46 -23.51
C LYS G 244 -9.84 58.48 -22.95
N ASP G 245 -10.22 57.20 -22.89
CA ASP G 245 -9.36 56.14 -22.36
C ASP G 245 -8.15 55.86 -23.25
N ILE G 246 -8.26 56.04 -24.57
CA ILE G 246 -7.12 55.83 -25.47
C ILE G 246 -6.01 56.83 -25.14
N GLN G 247 -6.37 58.03 -24.67
CA GLN G 247 -5.39 59.00 -24.17
C GLN G 247 -4.90 58.66 -22.76
N ASP G 248 -5.80 58.20 -21.89
CA ASP G 248 -5.44 57.79 -20.52
C ASP G 248 -4.45 56.62 -20.50
N LEU G 249 -4.64 55.65 -21.40
CA LEU G 249 -3.75 54.49 -21.50
C LEU G 249 -2.36 54.84 -22.07
N LYS G 250 -2.30 55.81 -22.99
CA LYS G 250 -1.00 56.30 -23.48
C LYS G 250 -0.26 57.10 -22.41
N PHE G 251 -1.01 57.85 -21.60
CA PHE G 251 -0.46 58.56 -20.43
C PHE G 251 0.10 57.59 -19.41
N GLY G 252 -0.57 56.46 -19.23
CA GLY G 252 -0.07 55.39 -18.35
C GLY G 252 1.25 54.82 -18.82
N VAL G 253 1.32 54.49 -20.12
CA VAL G 253 2.55 53.98 -20.74
C VAL G 253 3.66 55.02 -20.62
N GLU G 254 3.32 56.26 -20.89
CA GLU G 254 4.24 57.41 -20.80
C GLU G 254 4.76 57.62 -19.36
N GLN G 255 3.89 57.45 -18.36
CA GLN G 255 4.28 57.57 -16.94
C GLN G 255 4.89 56.30 -16.33
N ASP G 256 5.04 55.23 -17.12
CA ASP G 256 5.48 53.91 -16.66
C ASP G 256 4.70 53.41 -15.44
N VAL G 257 3.40 53.23 -15.64
CA VAL G 257 2.59 52.50 -14.67
C VAL G 257 2.95 51.01 -14.78
N ASP G 258 2.57 50.29 -13.74
CA ASP G 258 2.87 48.87 -13.58
C ASP G 258 1.69 47.98 -13.96
N MET G 259 0.47 48.48 -13.77
CA MET G 259 -0.73 47.75 -14.15
C MET G 259 -1.87 48.69 -14.52
N VAL G 260 -2.84 48.13 -15.24
CA VAL G 260 -4.02 48.85 -15.71
C VAL G 260 -5.26 48.07 -15.28
N PHE G 261 -6.15 48.72 -14.53
CA PHE G 261 -7.46 48.14 -14.19
C PHE G 261 -8.49 48.56 -15.24
N ALA G 262 -8.66 47.74 -16.27
CA ALA G 262 -9.58 48.04 -17.39
C ALA G 262 -11.03 47.85 -16.96
N SER G 263 -11.84 48.90 -17.14
CA SER G 263 -13.21 48.91 -16.61
C SER G 263 -14.24 48.31 -17.57
N PHE G 264 -15.36 47.86 -16.99
CA PHE G 264 -16.53 47.38 -17.71
C PHE G 264 -16.21 46.41 -18.85
N ILE G 265 -15.46 45.36 -18.53
CA ILE G 265 -15.09 44.33 -19.51
C ILE G 265 -16.25 43.36 -19.67
N ARG G 266 -16.63 43.17 -20.93
CA ARG G 266 -17.75 42.33 -21.31
C ARG G 266 -17.32 41.05 -22.02
N LYS G 267 -16.16 41.06 -22.68
CA LYS G 267 -15.79 39.98 -23.59
C LYS G 267 -14.30 40.01 -23.93
N ALA G 268 -13.83 38.94 -24.54
CA ALA G 268 -12.40 38.77 -24.82
C ALA G 268 -11.83 39.93 -25.62
N SER G 269 -12.54 40.32 -26.69
CA SER G 269 -12.08 41.38 -27.57
C SER G 269 -11.95 42.75 -26.91
N ASP G 270 -12.69 42.99 -25.82
CA ASP G 270 -12.51 44.21 -25.02
C ASP G 270 -11.11 44.28 -24.43
N VAL G 271 -10.66 43.16 -23.88
CA VAL G 271 -9.32 43.07 -23.29
C VAL G 271 -8.26 43.20 -24.37
N HIS G 272 -8.47 42.51 -25.50
CA HIS G 272 -7.54 42.58 -26.63
C HIS G 272 -7.31 44.00 -27.14
N GLU G 273 -8.34 44.84 -27.12
CA GLU G 273 -8.21 46.24 -27.55
C GLU G 273 -7.53 47.13 -26.50
N VAL G 274 -7.66 46.77 -25.22
CA VAL G 274 -6.90 47.45 -24.16
C VAL G 274 -5.41 47.12 -24.31
N ARG G 275 -5.12 45.86 -24.64
CA ARG G 275 -3.74 45.40 -24.94
C ARG G 275 -3.16 46.14 -26.12
N LYS G 276 -3.95 46.18 -27.19
CA LYS G 276 -3.55 46.75 -28.47
C LYS G 276 -3.21 48.25 -28.36
N VAL G 277 -3.95 48.98 -27.53
CA VAL G 277 -3.69 50.40 -27.29
C VAL G 277 -2.38 50.61 -26.53
N LEU G 278 -2.13 49.79 -25.51
CA LEU G 278 -0.88 49.85 -24.76
C LEU G 278 0.30 49.49 -25.66
N GLY G 279 0.10 48.49 -26.53
CA GLY G 279 1.02 48.20 -27.63
C GLY G 279 2.37 47.65 -27.24
N GLU G 280 3.30 47.74 -28.18
CA GLU G 280 4.70 47.31 -27.96
C GLU G 280 5.37 48.08 -26.81
N LYS G 281 5.09 49.39 -26.74
CA LYS G 281 5.74 50.27 -25.75
C LYS G 281 5.41 49.90 -24.31
N GLY G 282 4.20 49.42 -24.07
CA GLY G 282 3.78 49.02 -22.73
C GLY G 282 3.22 47.61 -22.71
N LYS G 283 3.93 46.69 -23.35
CA LYS G 283 3.49 45.28 -23.42
C LYS G 283 3.62 44.60 -22.06
N ASN G 284 4.59 45.08 -21.24
CA ASN G 284 4.80 44.52 -19.91
C ASN G 284 3.81 44.99 -18.86
N ILE G 285 3.00 46.00 -19.17
CA ILE G 285 2.00 46.51 -18.22
C ILE G 285 0.86 45.49 -18.10
N LYS G 286 0.60 45.05 -16.87
CA LYS G 286 -0.40 44.02 -16.60
C LYS G 286 -1.82 44.58 -16.71
N ILE G 287 -2.70 43.84 -17.37
CA ILE G 287 -4.11 44.22 -17.57
C ILE G 287 -5.02 43.41 -16.65
N ILE G 288 -5.57 44.06 -15.64
CA ILE G 288 -6.55 43.46 -14.77
C ILE G 288 -7.93 43.83 -15.30
N SER G 289 -8.68 42.83 -15.74
CA SER G 289 -10.04 43.08 -16.24
C SER G 289 -11.03 43.15 -15.09
N LYS G 290 -11.85 44.20 -15.08
CA LYS G 290 -12.87 44.39 -14.05
C LYS G 290 -14.19 43.81 -14.53
N ILE G 291 -14.76 42.90 -13.75
CA ILE G 291 -16.04 42.30 -14.07
C ILE G 291 -17.10 43.10 -13.33
N GLU G 292 -17.79 43.98 -14.08
CA GLU G 292 -18.73 44.93 -13.49
C GLU G 292 -20.21 44.65 -13.81
N ASN G 293 -20.50 43.75 -14.75
CA ASN G 293 -21.87 43.54 -15.25
C ASN G 293 -22.18 42.08 -15.49
N HIS G 294 -23.44 41.78 -15.83
CA HIS G 294 -23.88 40.41 -16.00
C HIS G 294 -23.14 39.70 -17.14
N GLU G 295 -22.92 40.42 -18.24
CA GLU G 295 -22.26 39.82 -19.43
C GLU G 295 -20.83 39.36 -19.14
N GLY G 296 -20.12 40.13 -18.30
CA GLY G 296 -18.77 39.76 -17.87
C GLY G 296 -18.69 38.41 -17.17
N VAL G 297 -19.65 38.18 -16.28
CA VAL G 297 -19.71 36.93 -15.52
C VAL G 297 -20.05 35.76 -16.42
N ARG G 298 -20.95 35.97 -17.39
CA ARG G 298 -21.31 34.92 -18.33
C ARG G 298 -20.12 34.51 -19.19
N ARG G 299 -19.34 35.49 -19.63
CA ARG G 299 -18.17 35.23 -20.47
C ARG G 299 -16.85 35.22 -19.70
N PHE G 300 -16.89 34.85 -18.43
CA PHE G 300 -15.71 34.97 -17.58
C PHE G 300 -14.53 34.18 -18.11
N ASP G 301 -14.80 32.99 -18.63
CA ASP G 301 -13.76 32.10 -19.08
C ASP G 301 -12.89 32.70 -20.19
N GLU G 302 -13.53 33.28 -21.21
CA GLU G 302 -12.79 33.91 -22.31
C GLU G 302 -12.05 35.19 -21.90
N ILE G 303 -12.59 35.90 -20.90
CA ILE G 303 -11.96 37.12 -20.38
C ILE G 303 -10.72 36.75 -19.57
N LEU G 304 -10.88 35.79 -18.66
CA LEU G 304 -9.78 35.31 -17.81
C LEU G 304 -8.57 34.86 -18.63
N GLU G 305 -8.85 34.20 -19.75
CA GLU G 305 -7.80 33.72 -20.65
C GLU G 305 -7.04 34.90 -21.27
N ALA G 306 -7.75 35.92 -21.70
CA ALA G 306 -7.12 37.09 -22.34
C ALA G 306 -6.53 38.11 -21.35
N SER G 307 -6.96 38.08 -20.09
CA SER G 307 -6.52 39.04 -19.08
C SER G 307 -5.33 38.53 -18.29
N ASP G 308 -4.55 39.46 -17.76
CA ASP G 308 -3.44 39.10 -16.85
C ASP G 308 -3.97 38.79 -15.47
N GLY G 309 -4.95 39.55 -15.01
CA GLY G 309 -5.66 39.27 -13.77
C GLY G 309 -7.13 39.66 -13.84
N ILE G 310 -7.81 39.60 -12.70
CA ILE G 310 -9.24 39.91 -12.59
C ILE G 310 -9.51 40.78 -11.36
N MET G 311 -10.55 41.61 -11.45
CA MET G 311 -11.05 42.36 -10.31
C MET G 311 -12.56 42.18 -10.21
N VAL G 312 -13.00 41.55 -9.13
CA VAL G 312 -14.42 41.39 -8.86
C VAL G 312 -14.92 42.67 -8.19
N ALA G 313 -15.56 43.54 -8.98
CA ALA G 313 -16.21 44.75 -8.46
C ALA G 313 -17.61 44.38 -7.96
N ARG G 314 -17.75 44.29 -6.64
CA ARG G 314 -18.92 43.64 -6.03
C ARG G 314 -20.11 44.58 -6.00
N GLY G 315 -19.88 45.83 -5.62
CA GLY G 315 -20.92 46.86 -5.62
C GLY G 315 -21.53 47.05 -7.00
N ASP G 316 -20.71 47.08 -8.03
CA ASP G 316 -21.18 47.26 -9.40
C ASP G 316 -21.96 46.05 -9.90
N LEU G 317 -21.59 44.85 -9.46
CA LEU G 317 -22.38 43.65 -9.74
C LEU G 317 -23.71 43.68 -8.99
N GLY G 318 -23.68 44.13 -7.73
CA GLY G 318 -24.88 44.25 -6.89
C GLY G 318 -26.03 45.06 -7.48
N ILE G 319 -25.69 45.99 -8.37
CA ILE G 319 -26.66 46.72 -9.18
C ILE G 319 -27.25 45.80 -10.26
N GLU G 320 -26.37 45.17 -11.03
CA GLU G 320 -26.72 44.55 -12.30
C GLU G 320 -27.22 43.10 -12.21
N ILE G 321 -26.89 42.39 -11.12
CA ILE G 321 -27.39 41.03 -10.87
C ILE G 321 -27.98 40.96 -9.46
N PRO G 322 -28.85 39.97 -9.16
CA PRO G 322 -29.50 39.92 -7.85
C PRO G 322 -28.54 39.81 -6.67
N ALA G 323 -28.91 40.36 -5.52
CA ALA G 323 -28.04 40.37 -4.31
C ALA G 323 -27.79 38.97 -3.72
N GLU G 324 -28.76 38.08 -3.83
CA GLU G 324 -28.59 36.69 -3.37
C GLU G 324 -27.75 35.82 -4.30
N LYS G 325 -27.26 36.37 -5.41
CA LYS G 325 -26.40 35.64 -6.34
C LYS G 325 -25.02 36.27 -6.54
N VAL G 326 -24.69 37.34 -5.83
CA VAL G 326 -23.41 38.00 -6.05
C VAL G 326 -22.29 37.17 -5.41
N PHE G 327 -22.51 36.70 -4.18
CA PHE G 327 -21.50 35.87 -3.51
C PHE G 327 -21.15 34.63 -4.31
N LEU G 328 -22.14 34.04 -5.00
CA LEU G 328 -21.88 32.93 -5.92
C LEU G 328 -20.94 33.32 -7.06
N ALA G 329 -21.13 34.51 -7.61
CA ALA G 329 -20.24 35.02 -8.68
C ALA G 329 -18.83 35.25 -8.16
N GLN G 330 -18.72 35.93 -7.02
CA GLN G 330 -17.43 36.19 -6.37
C GLN G 330 -16.67 34.88 -6.15
N LYS G 331 -17.33 33.89 -5.55
CA LYS G 331 -16.70 32.60 -5.25
C LYS G 331 -16.25 31.89 -6.51
N MET G 332 -17.10 31.89 -7.53
CA MET G 332 -16.75 31.26 -8.80
C MET G 332 -15.54 31.93 -9.45
N MET G 333 -15.56 33.26 -9.53
CA MET G 333 -14.48 33.97 -10.20
C MET G 333 -13.16 33.84 -9.42
N ILE G 334 -13.23 33.98 -8.10
CA ILE G 334 -12.05 33.78 -7.26
C ILE G 334 -11.56 32.35 -7.40
N GLY G 335 -12.50 31.39 -7.42
CA GLY G 335 -12.15 30.00 -7.67
C GLY G 335 -11.36 29.81 -8.96
N ARG G 336 -11.92 30.27 -10.08
CA ARG G 336 -11.31 30.02 -11.39
C ARG G 336 -9.96 30.67 -11.57
N CYS G 337 -9.81 31.88 -11.03
CA CYS G 337 -8.53 32.58 -11.04
C CYS G 337 -7.44 31.81 -10.25
N ASN G 338 -7.82 31.22 -9.12
CA ASN G 338 -6.89 30.39 -8.34
C ASN G 338 -6.44 29.19 -9.16
N ARG G 339 -7.39 28.52 -9.80
CA ARG G 339 -7.08 27.38 -10.66
C ARG G 339 -6.15 27.80 -11.79
N ALA G 340 -6.56 28.81 -12.55
CA ALA G 340 -5.74 29.32 -13.66
C ALA G 340 -4.42 30.00 -13.23
N GLY G 341 -4.26 30.31 -11.96
CA GLY G 341 -3.01 30.86 -11.44
C GLY G 341 -2.80 32.32 -11.76
N LYS G 342 -3.90 33.06 -11.91
CA LYS G 342 -3.87 34.49 -12.17
C LYS G 342 -4.39 35.26 -10.97
N PRO G 343 -3.91 36.50 -10.77
CA PRO G 343 -4.42 37.26 -9.65
C PRO G 343 -5.90 37.54 -9.77
N VAL G 344 -6.55 37.61 -8.62
CA VAL G 344 -7.92 38.09 -8.52
C VAL G 344 -7.94 39.12 -7.39
N ILE G 345 -8.72 40.18 -7.58
CA ILE G 345 -8.77 41.28 -6.63
C ILE G 345 -10.22 41.49 -6.19
N CYS G 346 -10.45 41.60 -4.88
CA CYS G 346 -11.79 41.91 -4.37
C CYS G 346 -11.91 43.39 -4.04
N ALA G 347 -12.75 44.08 -4.80
CA ALA G 347 -12.88 45.53 -4.74
C ALA G 347 -14.28 45.96 -4.31
N THR G 348 -14.38 47.21 -3.86
CA THR G 348 -15.65 47.89 -3.54
C THR G 348 -16.34 47.36 -2.28
N GLN G 349 -16.97 48.27 -1.55
CA GLN G 349 -17.76 47.92 -0.34
C GLN G 349 -16.97 47.21 0.75
N MET G 350 -15.68 47.48 0.84
CA MET G 350 -14.83 46.77 1.79
C MET G 350 -15.01 47.34 3.19
N LEU G 351 -14.58 48.59 3.39
CA LEU G 351 -14.58 49.22 4.70
C LEU G 351 -15.22 50.62 4.61
N GLU G 352 -16.40 50.71 3.99
CA GLU G 352 -17.01 52.01 3.65
C GLU G 352 -17.33 52.90 4.85
N SER G 353 -17.63 52.31 6.01
CA SER G 353 -17.88 53.09 7.22
C SER G 353 -16.66 53.93 7.67
N MET G 354 -15.46 53.50 7.28
CA MET G 354 -14.21 54.21 7.63
C MET G 354 -13.93 55.50 6.81
N ILE G 355 -14.81 55.84 5.88
CA ILE G 355 -14.83 57.19 5.31
C ILE G 355 -15.14 58.19 6.42
N LYS G 356 -16.11 57.86 7.28
CA LYS G 356 -16.57 58.75 8.35
C LYS G 356 -16.03 58.43 9.77
N LYS G 357 -15.69 57.17 10.04
CA LYS G 357 -15.42 56.68 11.41
C LYS G 357 -14.05 56.02 11.53
N PRO G 358 -13.45 55.97 12.74
CA PRO G 358 -12.07 55.51 12.90
C PRO G 358 -11.88 53.99 12.93
N ARG G 359 -12.98 53.24 13.04
CA ARG G 359 -12.97 51.78 13.08
C ARG G 359 -14.05 51.25 12.12
N PRO G 360 -13.97 49.96 11.74
CA PRO G 360 -15.00 49.38 10.88
C PRO G 360 -16.06 48.66 11.71
N THR G 361 -17.17 48.32 11.06
CA THR G 361 -18.22 47.52 11.69
C THR G 361 -17.80 46.06 11.75
N ARG G 362 -18.48 45.28 12.58
CA ARG G 362 -18.23 43.83 12.68
C ARG G 362 -18.42 43.16 11.31
N ALA G 363 -19.52 43.50 10.63
CA ALA G 363 -19.85 42.91 9.35
C ALA G 363 -18.89 43.26 8.22
N GLU G 364 -18.23 44.41 8.29
CA GLU G 364 -17.22 44.79 7.29
C GLU G 364 -15.97 43.96 7.44
N GLY G 365 -15.54 43.75 8.68
CA GLY G 365 -14.39 42.87 8.97
C GLY G 365 -14.63 41.43 8.54
N SER G 366 -15.84 40.95 8.75
CA SER G 366 -16.27 39.63 8.31
C SER G 366 -16.33 39.51 6.77
N ASP G 367 -16.75 40.59 6.11
CA ASP G 367 -16.83 40.63 4.63
C ASP G 367 -15.44 40.60 3.98
N VAL G 368 -14.50 41.31 4.60
CA VAL G 368 -13.11 41.32 4.12
C VAL G 368 -12.49 39.95 4.33
N ALA G 369 -12.63 39.41 5.55
CA ALA G 369 -12.10 38.10 5.91
C ALA G 369 -12.57 37.05 4.93
N ASN G 370 -13.88 36.96 4.74
CA ASN G 370 -14.46 35.96 3.84
C ASN G 370 -14.03 36.11 2.39
N ALA G 371 -13.61 37.30 1.96
CA ALA G 371 -12.98 37.48 0.64
C ALA G 371 -11.52 37.00 0.60
N VAL G 372 -10.80 37.16 1.70
CA VAL G 372 -9.44 36.61 1.84
C VAL G 372 -9.49 35.09 1.85
N LEU G 373 -10.46 34.55 2.58
CA LEU G 373 -10.67 33.11 2.70
C LEU G 373 -11.24 32.47 1.44
N ASP G 374 -12.07 33.21 0.70
CA ASP G 374 -12.55 32.74 -0.61
C ASP G 374 -11.39 32.47 -1.57
N GLY G 375 -10.27 33.18 -1.38
CA GLY G 375 -9.04 32.95 -2.12
C GLY G 375 -8.45 34.14 -2.85
N ALA G 376 -8.91 35.35 -2.55
CA ALA G 376 -8.43 36.53 -3.23
C ALA G 376 -6.97 36.77 -2.95
N ASP G 377 -6.30 37.39 -3.91
CA ASP G 377 -4.89 37.77 -3.78
C ASP G 377 -4.79 39.15 -3.16
N CYS G 378 -5.57 40.10 -3.69
CA CYS G 378 -5.55 41.48 -3.20
C CYS G 378 -6.93 41.99 -2.79
N ILE G 379 -6.92 42.95 -1.87
CA ILE G 379 -8.12 43.65 -1.40
C ILE G 379 -7.94 45.14 -1.73
N MET G 380 -8.97 45.76 -2.31
CA MET G 380 -8.87 47.15 -2.77
C MET G 380 -9.82 48.10 -2.03
N LEU G 381 -9.22 49.06 -1.34
CA LEU G 381 -9.97 50.06 -0.60
C LEU G 381 -10.31 51.22 -1.55
N SER G 382 -11.61 51.49 -1.72
CA SER G 382 -12.09 52.49 -2.68
C SER G 382 -12.14 53.93 -2.10
N GLY G 383 -13.23 54.30 -1.41
CA GLY G 383 -13.36 55.62 -0.79
C GLY G 383 -12.46 55.78 0.42
N GLU G 384 -12.74 55.02 1.47
CA GLU G 384 -11.87 54.81 2.66
C GLU G 384 -10.55 55.59 2.71
N THR G 385 -9.70 55.38 1.70
CA THR G 385 -8.36 56.02 1.59
C THR G 385 -8.27 57.21 0.63
N ALA G 386 -9.12 57.27 -0.38
CA ALA G 386 -9.08 58.35 -1.38
C ALA G 386 -9.56 59.69 -0.83
N LYS G 387 -10.75 59.70 -0.24
CA LYS G 387 -11.41 60.92 0.24
C LYS G 387 -12.03 60.71 1.61
N GLY G 388 -11.32 59.99 2.48
CA GLY G 388 -11.83 59.64 3.80
C GLY G 388 -11.31 60.56 4.86
N ASP G 389 -12.00 60.61 5.99
CA ASP G 389 -11.51 61.30 7.18
C ASP G 389 -10.41 60.48 7.87
N TYR G 390 -10.42 59.16 7.65
CA TYR G 390 -9.43 58.27 8.25
C TYR G 390 -8.79 57.38 7.17
N PRO G 391 -7.85 57.93 6.39
CA PRO G 391 -7.18 57.14 5.36
C PRO G 391 -6.09 56.23 5.93
N LEU G 392 -5.38 56.68 6.96
CA LEU G 392 -4.29 55.90 7.52
C LEU G 392 -4.76 54.73 8.38
N GLU G 393 -5.88 54.90 9.08
CA GLU G 393 -6.42 53.83 9.93
C GLU G 393 -7.08 52.77 9.06
N ALA G 394 -7.66 53.20 7.93
CA ALA G 394 -8.24 52.29 6.95
C ALA G 394 -7.25 51.24 6.45
N VAL G 395 -6.01 51.65 6.23
CA VAL G 395 -4.95 50.72 5.82
C VAL G 395 -4.58 49.79 6.97
N ARG G 396 -4.51 50.32 8.18
CA ARG G 396 -4.14 49.51 9.35
C ARG G 396 -5.18 48.46 9.73
N MET G 397 -6.48 48.77 9.54
CA MET G 397 -7.54 47.79 9.80
C MET G 397 -7.55 46.71 8.73
N GLN G 398 -7.40 47.12 7.47
CA GLN G 398 -7.28 46.18 6.37
C GLN G 398 -6.15 45.19 6.64
N HIS G 399 -4.99 45.72 7.01
CA HIS G 399 -3.84 44.88 7.39
C HIS G 399 -4.16 43.95 8.56
N LEU G 400 -4.79 44.48 9.60
CA LEU G 400 -5.15 43.65 10.76
C LEU G 400 -6.12 42.53 10.43
N ILE G 401 -7.15 42.84 9.65
CA ILE G 401 -8.15 41.84 9.27
C ILE G 401 -7.51 40.76 8.39
N ALA G 402 -6.79 41.18 7.36
CA ALA G 402 -6.11 40.25 6.44
C ALA G 402 -5.12 39.29 7.11
N ARG G 403 -4.51 39.73 8.21
CA ARG G 403 -3.56 38.93 8.96
C ARG G 403 -4.27 37.94 9.89
N GLU G 404 -5.36 38.39 10.51
CA GLU G 404 -6.16 37.52 11.37
C GLU G 404 -6.85 36.43 10.53
N ALA G 405 -7.39 36.85 9.39
CA ALA G 405 -8.02 35.94 8.44
C ALA G 405 -7.06 34.86 7.95
N GLU G 406 -5.80 35.23 7.77
CA GLU G 406 -4.74 34.30 7.34
C GLU G 406 -4.65 33.03 8.19
N ALA G 407 -4.91 33.17 9.49
CA ALA G 407 -4.91 32.03 10.42
C ALA G 407 -6.02 31.01 10.15
N ALA G 408 -7.14 31.48 9.58
CA ALA G 408 -8.27 30.62 9.23
C ALA G 408 -8.13 29.90 7.89
N ILE G 409 -7.09 30.21 7.12
CA ILE G 409 -6.90 29.55 5.83
C ILE G 409 -6.25 28.20 6.09
N TYR G 410 -6.80 27.18 5.44
CA TYR G 410 -6.26 25.81 5.48
C TYR G 410 -5.48 25.61 4.18
N HIS G 411 -4.27 26.18 4.18
CA HIS G 411 -3.35 26.15 3.02
C HIS G 411 -3.13 24.76 2.44
N LEU G 412 -3.19 23.75 3.29
CA LEU G 412 -2.89 22.40 2.90
C LEU G 412 -3.75 21.85 1.77
N GLN G 413 -5.08 21.96 1.88
CA GLN G 413 -5.96 21.43 0.83
C GLN G 413 -5.94 22.30 -0.43
N LEU G 414 -5.83 23.62 -0.29
CA LEU G 414 -5.61 24.51 -1.45
C LEU G 414 -4.53 23.94 -2.35
N PHE G 415 -3.43 23.50 -1.74
CA PHE G 415 -2.28 22.94 -2.44
C PHE G 415 -2.55 21.56 -3.02
N GLU G 416 -3.03 20.62 -2.20
CA GLU G 416 -3.27 19.24 -2.65
C GLU G 416 -4.26 19.18 -3.80
N GLU G 417 -5.25 20.06 -3.80
CA GLU G 417 -6.22 20.14 -4.90
C GLU G 417 -5.59 20.78 -6.13
N LEU G 418 -4.87 21.88 -5.93
CA LEU G 418 -4.17 22.56 -7.04
C LEU G 418 -3.11 21.69 -7.71
N ARG G 419 -2.52 20.77 -6.95
CA ARG G 419 -1.54 19.85 -7.50
C ARG G 419 -2.22 18.76 -8.31
N ARG G 420 -3.34 18.24 -7.81
CA ARG G 420 -4.09 17.22 -8.53
C ARG G 420 -4.67 17.75 -9.84
N LEU G 421 -5.33 18.90 -9.77
CA LEU G 421 -5.97 19.48 -10.96
C LEU G 421 -5.00 20.00 -12.02
N ALA G 422 -3.73 20.21 -11.69
CA ALA G 422 -2.75 20.69 -12.67
C ALA G 422 -2.41 19.59 -13.69
N PRO G 423 -2.15 19.98 -14.95
CA PRO G 423 -1.93 19.00 -16.02
C PRO G 423 -0.52 18.45 -15.98
N ILE G 424 -0.38 17.13 -16.12
CA ILE G 424 0.94 16.47 -16.07
C ILE G 424 1.84 16.91 -17.24
N THR G 425 2.92 17.65 -16.93
CA THR G 425 3.98 17.98 -17.90
C THR G 425 5.35 17.75 -17.25
N SER G 426 6.36 17.60 -18.11
CA SER G 426 7.75 17.43 -17.70
C SER G 426 8.53 18.75 -17.82
N ASP G 427 7.86 19.87 -17.61
CA ASP G 427 8.53 21.17 -17.59
C ASP G 427 9.47 21.21 -16.38
N PRO G 428 10.75 21.55 -16.59
CA PRO G 428 11.66 21.69 -15.45
C PRO G 428 11.20 22.69 -14.37
N THR G 429 10.76 23.87 -14.78
CA THR G 429 10.46 24.95 -13.82
C THR G 429 9.26 24.62 -12.92
N GLU G 430 8.19 24.12 -13.53
CA GLU G 430 6.93 23.84 -12.82
C GLU G 430 7.08 22.64 -11.88
N ALA G 431 7.89 21.65 -12.26
CA ALA G 431 8.14 20.48 -11.41
C ALA G 431 9.01 20.82 -10.21
N THR G 432 9.97 21.71 -10.43
CA THR G 432 10.79 22.26 -9.35
C THR G 432 9.95 23.12 -8.42
N ALA G 433 9.12 23.99 -9.01
CA ALA G 433 8.27 24.90 -8.26
C ALA G 433 7.31 24.19 -7.30
N VAL G 434 6.71 23.09 -7.76
CA VAL G 434 5.83 22.30 -6.90
C VAL G 434 6.64 21.70 -5.75
N GLY G 435 7.75 21.06 -6.08
CA GLY G 435 8.65 20.47 -5.07
C GLY G 435 9.12 21.45 -4.01
N ALA G 436 9.27 22.72 -4.40
CA ALA G 436 9.61 23.78 -3.45
C ALA G 436 8.48 23.99 -2.42
N VAL G 437 7.24 24.05 -2.91
CA VAL G 437 6.08 24.21 -2.04
C VAL G 437 5.94 22.97 -1.16
N GLU G 438 5.94 21.79 -1.79
CA GLU G 438 5.96 20.49 -1.11
C GLU G 438 6.89 20.50 0.09
N ALA G 439 8.14 20.91 -0.15
CA ALA G 439 9.18 20.97 0.87
C ALA G 439 8.93 22.04 1.90
N SER G 440 8.30 23.14 1.51
CA SER G 440 7.93 24.22 2.43
C SER G 440 7.00 23.73 3.54
N PHE G 441 6.17 22.73 3.25
CA PHE G 441 5.33 22.10 4.28
C PHE G 441 6.09 21.08 5.13
N LYS G 442 6.87 20.22 4.49
CA LYS G 442 7.59 19.13 5.19
C LYS G 442 8.76 19.62 6.06
N CYS G 443 9.44 20.69 5.65
CA CYS G 443 10.49 21.32 6.46
C CYS G 443 10.01 22.39 7.43
N CYS G 444 8.70 22.70 7.40
CA CYS G 444 8.11 23.81 8.13
C CYS G 444 8.90 25.09 7.88
N SER G 445 9.05 25.41 6.60
CA SER G 445 9.95 26.48 6.19
C SER G 445 9.40 27.84 6.54
N GLY G 446 10.30 28.74 6.90
CA GLY G 446 9.93 30.13 7.18
C GLY G 446 9.65 30.91 5.91
N ALA G 447 10.26 30.51 4.80
CA ALA G 447 10.08 31.18 3.51
C ALA G 447 10.50 30.32 2.34
N ILE G 448 10.17 30.80 1.15
CA ILE G 448 10.69 30.27 -0.10
C ILE G 448 11.33 31.46 -0.82
N ILE G 449 12.66 31.47 -0.87
CA ILE G 449 13.41 32.54 -1.53
C ILE G 449 13.53 32.21 -3.02
N VAL G 450 13.08 33.11 -3.89
CA VAL G 450 13.08 32.87 -5.34
C VAL G 450 13.78 33.99 -6.09
N LEU G 451 14.86 33.66 -6.80
CA LEU G 451 15.57 34.63 -7.62
C LEU G 451 14.92 34.65 -8.98
N THR G 452 14.65 35.86 -9.49
CA THR G 452 13.83 36.02 -10.69
C THR G 452 13.99 37.40 -11.37
N LYS G 453 14.10 37.38 -12.71
CA LYS G 453 14.13 38.62 -13.52
C LYS G 453 12.72 39.06 -13.85
N SER G 454 11.98 38.23 -14.58
CA SER G 454 10.62 38.57 -15.03
C SER G 454 9.55 38.49 -13.93
N GLY G 455 9.84 37.76 -12.86
CA GLY G 455 8.84 37.45 -11.83
C GLY G 455 8.16 36.10 -11.97
N ARG G 456 8.23 35.51 -13.17
CA ARG G 456 7.49 34.28 -13.49
C ARG G 456 7.79 33.11 -12.53
N SER G 457 9.07 32.89 -12.21
CA SER G 457 9.46 31.80 -11.30
C SER G 457 8.77 31.94 -9.94
N ALA G 458 8.68 33.16 -9.43
CA ALA G 458 7.97 33.44 -8.19
C ALA G 458 6.46 33.26 -8.33
N HIS G 459 5.92 33.65 -9.47
CA HIS G 459 4.49 33.48 -9.76
C HIS G 459 4.10 31.99 -9.79
N GLN G 460 4.93 31.16 -10.43
CA GLN G 460 4.69 29.71 -10.53
C GLN G 460 4.70 29.01 -9.17
N VAL G 461 5.46 29.56 -8.22
CA VAL G 461 5.45 29.05 -6.85
C VAL G 461 4.18 29.49 -6.15
N ALA G 462 3.86 30.78 -6.26
CA ALA G 462 2.67 31.34 -5.62
C ALA G 462 1.37 30.72 -6.12
N ARG G 463 1.36 30.28 -7.38
CA ARG G 463 0.23 29.57 -7.98
C ARG G 463 -0.26 28.40 -7.13
N TYR G 464 0.69 27.68 -6.51
CA TYR G 464 0.38 26.51 -5.68
C TYR G 464 0.09 26.83 -4.20
N ARG G 465 -0.06 28.11 -3.86
CA ARG G 465 -0.58 28.54 -2.54
C ARG G 465 0.12 27.91 -1.31
N PRO G 466 1.43 28.17 -1.15
CA PRO G 466 2.12 27.71 0.06
C PRO G 466 1.67 28.46 1.31
N ARG G 467 2.06 27.94 2.47
CA ARG G 467 1.81 28.62 3.73
C ARG G 467 2.87 29.67 3.92
N ALA G 468 4.11 29.28 3.69
CA ALA G 468 5.25 30.18 3.87
C ALA G 468 5.21 31.38 2.90
N PRO G 469 5.74 32.53 3.32
CA PRO G 469 5.93 33.63 2.39
C PRO G 469 6.98 33.34 1.34
N ILE G 470 6.80 33.94 0.17
CA ILE G 470 7.72 33.80 -0.95
C ILE G 470 8.50 35.10 -1.02
N ILE G 471 9.76 35.12 -0.58
CA ILE G 471 10.62 36.29 -0.76
C ILE G 471 11.18 36.27 -2.18
N ALA G 472 10.64 37.11 -3.06
CA ALA G 472 11.07 37.16 -4.46
C ALA G 472 12.14 38.22 -4.66
N VAL G 473 13.36 37.78 -4.95
CA VAL G 473 14.51 38.67 -5.14
C VAL G 473 14.68 38.99 -6.62
N THR G 474 14.89 40.26 -6.92
CA THR G 474 15.04 40.72 -8.31
C THR G 474 15.85 41.99 -8.43
N ARG G 475 16.43 42.19 -9.61
CA ARG G 475 17.06 43.46 -9.97
C ARG G 475 16.18 44.37 -10.83
N ASN G 476 15.15 43.79 -11.49
CA ASN G 476 14.21 44.55 -12.32
C ASN G 476 13.19 45.23 -11.40
N PRO G 477 13.19 46.58 -11.35
CA PRO G 477 12.30 47.24 -10.40
C PRO G 477 10.81 47.11 -10.72
N GLN G 478 10.45 46.94 -11.99
CA GLN G 478 9.04 46.78 -12.38
C GLN G 478 8.49 45.45 -11.88
N THR G 479 9.26 44.38 -12.00
CA THR G 479 8.80 43.05 -11.59
C THR G 479 8.62 42.99 -10.08
N ALA G 480 9.45 43.74 -9.35
CA ALA G 480 9.27 43.92 -7.91
C ALA G 480 7.94 44.54 -7.57
N ARG G 481 7.53 45.54 -8.33
CA ARG G 481 6.22 46.18 -8.14
C ARG G 481 5.07 45.27 -8.58
N GLN G 482 5.18 44.71 -9.78
CA GLN G 482 4.11 43.86 -10.33
C GLN G 482 3.84 42.58 -9.52
N ALA G 483 4.83 42.14 -8.73
CA ALA G 483 4.68 40.97 -7.88
C ALA G 483 3.59 41.06 -6.81
N HIS G 484 3.25 42.28 -6.35
CA HIS G 484 2.25 42.46 -5.26
C HIS G 484 0.85 41.93 -5.62
N LEU G 485 0.52 41.92 -6.90
CA LEU G 485 -0.68 41.28 -7.43
C LEU G 485 -0.88 39.84 -6.98
N TYR G 486 0.23 39.09 -6.89
CA TYR G 486 0.19 37.70 -6.45
C TYR G 486 0.23 37.57 -4.94
N ARG G 487 -0.49 36.57 -4.46
CA ARG G 487 -0.69 36.35 -3.05
C ARG G 487 0.57 35.73 -2.48
N GLY G 488 0.99 36.21 -1.32
CA GLY G 488 2.11 35.62 -0.61
C GLY G 488 3.50 35.87 -1.16
N ILE G 489 3.61 36.65 -2.24
CA ILE G 489 4.91 37.11 -2.70
C ILE G 489 5.26 38.37 -1.93
N PHE G 490 6.44 38.36 -1.33
CA PHE G 490 7.05 39.54 -0.74
C PHE G 490 8.23 39.95 -1.62
N PRO G 491 8.02 40.92 -2.53
CA PRO G 491 9.08 41.31 -3.44
C PRO G 491 10.10 42.14 -2.71
N VAL G 492 11.33 42.11 -3.22
CA VAL G 492 12.42 42.84 -2.60
C VAL G 492 13.48 43.14 -3.66
N LEU G 493 13.85 44.43 -3.75
CA LEU G 493 14.68 44.92 -4.84
C LEU G 493 16.14 44.97 -4.45
N CYS G 494 16.94 44.14 -5.13
CA CYS G 494 18.38 44.06 -4.97
C CYS G 494 19.02 45.03 -5.95
N LYS G 495 19.68 46.06 -5.41
CA LYS G 495 20.35 47.09 -6.21
C LYS G 495 21.86 46.85 -6.35
N ASP G 496 22.38 45.77 -5.76
CA ASP G 496 23.78 45.39 -5.93
C ASP G 496 24.12 45.10 -7.39
N PRO G 497 25.37 45.36 -7.80
CA PRO G 497 25.75 45.08 -9.17
C PRO G 497 25.99 43.59 -9.37
N VAL G 498 25.88 43.12 -10.61
CA VAL G 498 26.01 41.70 -10.91
C VAL G 498 27.45 41.25 -10.71
N GLN G 499 27.67 40.29 -9.82
CA GLN G 499 29.01 39.78 -9.54
C GLN G 499 29.46 38.89 -10.69
N GLU G 500 30.76 38.86 -10.95
CA GLU G 500 31.29 38.15 -12.12
C GLU G 500 31.13 36.64 -11.97
N ALA G 501 31.59 36.12 -10.84
CA ALA G 501 31.39 34.72 -10.50
C ALA G 501 29.90 34.49 -10.22
N TRP G 502 29.24 33.79 -11.14
CA TRP G 502 27.79 33.58 -11.06
C TRP G 502 27.35 33.00 -9.70
N ALA G 503 28.09 32.04 -9.17
CA ALA G 503 27.75 31.40 -7.89
C ALA G 503 27.75 32.37 -6.70
N GLU G 504 28.63 33.37 -6.74
CA GLU G 504 28.68 34.41 -5.71
C GLU G 504 27.52 35.41 -5.83
N ASP G 505 27.12 35.70 -7.07
CA ASP G 505 25.97 36.56 -7.36
C ASP G 505 24.66 35.96 -6.82
N VAL G 506 24.55 34.65 -6.87
CA VAL G 506 23.44 33.92 -6.27
C VAL G 506 23.54 34.04 -4.74
N ASP G 507 24.67 33.59 -4.19
CA ASP G 507 24.91 33.65 -2.74
C ASP G 507 24.66 35.05 -2.14
N LEU G 508 25.02 36.09 -2.88
CA LEU G 508 24.73 37.48 -2.50
C LEU G 508 23.22 37.73 -2.35
N ARG G 509 22.50 37.48 -3.43
CA ARG G 509 21.04 37.69 -3.48
C ARG G 509 20.27 36.82 -2.50
N VAL G 510 20.71 35.57 -2.32
CA VAL G 510 20.11 34.68 -1.34
C VAL G 510 20.33 35.25 0.06
N ASN G 511 21.58 35.61 0.35
CA ASN G 511 21.92 36.15 1.68
C ASN G 511 21.29 37.54 1.91
N PHE G 512 21.00 38.27 0.84
CA PHE G 512 20.20 39.50 0.91
C PHE G 512 18.80 39.21 1.44
N ALA G 513 18.13 38.22 0.84
CA ALA G 513 16.78 37.82 1.28
C ALA G 513 16.75 37.25 2.69
N MET G 514 17.83 36.56 3.07
CA MET G 514 17.95 36.03 4.42
C MET G 514 17.87 37.14 5.44
N ASN G 515 18.58 38.23 5.16
CA ASN G 515 18.60 39.38 6.05
C ASN G 515 17.26 40.12 6.08
N VAL G 516 16.60 40.20 4.92
CA VAL G 516 15.26 40.80 4.83
C VAL G 516 14.32 39.98 5.71
N GLY G 517 14.29 38.68 5.46
CA GLY G 517 13.43 37.74 6.20
C GLY G 517 13.65 37.73 7.70
N LYS G 518 14.91 37.86 8.13
CA LYS G 518 15.21 37.99 9.56
C LYS G 518 14.70 39.31 10.12
N ALA G 519 14.87 40.40 9.37
CA ALA G 519 14.38 41.71 9.78
C ALA G 519 12.86 41.78 9.85
N ARG G 520 12.18 41.26 8.83
CA ARG G 520 10.72 41.16 8.83
C ARG G 520 10.21 40.30 10.00
N GLY G 521 10.98 39.26 10.34
CA GLY G 521 10.59 38.32 11.39
C GLY G 521 10.03 37.01 10.85
N PHE G 522 10.00 36.87 9.52
CA PHE G 522 9.55 35.61 8.88
C PHE G 522 10.24 34.37 9.45
N PHE G 523 11.55 34.48 9.70
CA PHE G 523 12.31 33.39 10.28
C PHE G 523 13.51 33.92 11.06
N LYS G 524 14.23 33.01 11.70
CA LYS G 524 15.38 33.37 12.53
C LYS G 524 16.54 32.41 12.32
N LYS G 525 17.68 32.79 12.91
CA LYS G 525 18.88 31.94 12.97
C LYS G 525 18.51 30.49 13.27
N GLY G 526 18.90 29.57 12.38
CA GLY G 526 18.71 28.14 12.59
C GLY G 526 17.43 27.49 12.05
N ASP G 527 16.48 28.29 11.57
CA ASP G 527 15.32 27.75 10.84
C ASP G 527 15.75 27.29 9.44
N VAL G 528 14.82 26.69 8.71
CA VAL G 528 15.08 26.19 7.35
C VAL G 528 14.25 27.00 6.33
N VAL G 529 14.86 27.28 5.18
CA VAL G 529 14.16 27.93 4.06
C VAL G 529 14.49 27.25 2.73
N ILE G 530 13.56 27.33 1.79
CA ILE G 530 13.74 26.77 0.46
C ILE G 530 14.24 27.88 -0.46
N VAL G 531 15.12 27.55 -1.40
CA VAL G 531 15.74 28.54 -2.28
C VAL G 531 15.73 28.08 -3.74
N LEU G 532 15.02 28.81 -4.60
CA LEU G 532 15.00 28.54 -6.04
C LEU G 532 15.93 29.48 -6.82
N THR G 533 16.81 28.89 -7.64
CA THR G 533 17.80 29.63 -8.44
C THR G 533 17.92 29.01 -9.85
N GLY G 534 18.77 29.59 -10.68
CA GLY G 534 19.19 28.96 -11.95
C GLY G 534 20.42 28.10 -11.68
N TRP G 535 20.97 27.47 -12.71
CA TRP G 535 22.25 26.76 -12.59
C TRP G 535 23.32 27.36 -13.51
N ARG G 536 23.01 27.52 -14.79
CA ARG G 536 23.87 28.30 -15.68
C ARG G 536 23.27 29.69 -15.76
N PRO G 537 24.12 30.72 -15.82
CA PRO G 537 23.61 32.00 -16.28
C PRO G 537 23.52 31.89 -17.79
N GLY G 538 22.31 31.64 -18.30
CA GLY G 538 22.11 31.28 -19.71
C GLY G 538 21.06 30.19 -19.89
N SER G 539 20.97 29.29 -18.92
CA SER G 539 19.88 28.30 -18.85
C SER G 539 18.54 29.04 -18.71
N GLY G 540 17.58 28.68 -19.54
CA GLY G 540 16.28 29.34 -19.54
C GLY G 540 15.48 29.19 -18.25
N PHE G 541 15.69 28.07 -17.55
CA PHE G 541 14.79 27.67 -16.45
C PHE G 541 15.33 28.04 -15.04
N THR G 542 14.42 28.37 -14.14
CA THR G 542 14.68 28.38 -12.68
C THR G 542 14.45 26.97 -12.15
N ASN G 543 15.51 26.17 -12.24
CA ASN G 543 15.42 24.72 -12.07
C ASN G 543 16.11 24.16 -10.83
N THR G 544 16.76 25.00 -10.03
CA THR G 544 17.63 24.53 -8.94
C THR G 544 17.08 24.85 -7.54
N MET G 545 16.51 23.84 -6.90
CA MET G 545 15.95 23.96 -5.55
C MET G 545 16.93 23.45 -4.53
N ARG G 546 17.06 24.17 -3.42
CA ARG G 546 17.88 23.69 -2.30
C ARG G 546 17.29 24.09 -0.96
N VAL G 547 17.45 23.19 0.00
CA VAL G 547 16.96 23.37 1.35
C VAL G 547 18.12 23.89 2.18
N VAL G 548 17.98 25.12 2.67
CA VAL G 548 19.05 25.85 3.32
C VAL G 548 18.66 26.18 4.75
N PRO G 549 19.55 25.89 5.72
CA PRO G 549 19.34 26.41 7.05
C PRO G 549 19.82 27.87 7.12
N VAL G 550 19.11 28.67 7.90
CA VAL G 550 19.34 30.11 7.97
C VAL G 550 20.62 30.38 8.76
N PRO G 551 21.55 31.16 8.16
CA PRO G 551 22.77 31.51 8.88
C PRO G 551 22.50 32.52 10.00
N ALA H 28 -50.78 25.72 -2.01
CA ALA H 28 -49.35 25.53 -1.64
C ALA H 28 -48.89 26.55 -0.56
N GLY H 29 -47.57 26.72 -0.47
CA GLY H 29 -46.93 27.90 0.10
C GLY H 29 -45.92 28.41 -0.93
N THR H 30 -45.12 29.41 -0.57
CA THR H 30 -44.06 29.92 -1.47
C THR H 30 -42.81 29.04 -1.34
N ALA H 31 -42.39 28.83 -0.09
CA ALA H 31 -41.20 28.05 0.25
C ALA H 31 -41.40 26.52 0.31
N PHE H 32 -42.63 26.05 0.15
CA PHE H 32 -42.94 24.63 0.26
C PHE H 32 -42.38 23.77 -0.88
N ILE H 33 -42.55 24.24 -2.11
CA ILE H 33 -42.20 23.43 -3.30
C ILE H 33 -40.73 23.65 -3.70
N GLN H 34 -39.82 22.97 -2.98
CA GLN H 34 -38.38 23.02 -3.28
C GLN H 34 -37.98 21.85 -4.19
N THR H 35 -38.20 21.99 -5.52
CA THR H 35 -37.87 20.91 -6.47
C THR H 35 -36.37 20.81 -6.63
N GLN H 36 -35.86 19.59 -6.78
CA GLN H 36 -34.44 19.31 -6.54
C GLN H 36 -33.57 19.15 -7.78
N GLN H 37 -33.91 18.23 -8.66
CA GLN H 37 -33.02 17.86 -9.79
C GLN H 37 -31.68 17.32 -9.27
N LEU H 38 -31.79 16.27 -8.47
CA LEU H 38 -30.72 15.33 -8.12
C LEU H 38 -30.01 14.74 -9.35
N HIS H 39 -29.00 13.92 -9.06
CA HIS H 39 -28.29 13.10 -10.11
C HIS H 39 -27.14 13.82 -10.79
N ALA H 40 -26.89 15.09 -10.46
CA ALA H 40 -25.66 15.77 -10.90
C ALA H 40 -24.48 15.21 -10.10
N ALA H 41 -23.53 14.57 -10.80
CA ALA H 41 -22.38 13.90 -10.17
C ALA H 41 -21.49 14.92 -9.48
N MET H 42 -21.27 14.74 -8.18
CA MET H 42 -20.62 15.74 -7.34
C MET H 42 -19.14 15.90 -7.67
N ALA H 43 -18.64 17.14 -7.56
CA ALA H 43 -17.32 17.49 -8.08
C ALA H 43 -16.17 16.78 -7.40
N ASP H 44 -15.04 16.72 -8.09
CA ASP H 44 -13.83 16.00 -7.63
C ASP H 44 -13.18 16.69 -6.43
N THR H 45 -12.97 18.01 -6.55
CA THR H 45 -12.28 18.81 -5.54
C THR H 45 -13.09 20.06 -5.22
N PHE H 46 -12.91 20.59 -4.02
CA PHE H 46 -13.63 21.79 -3.60
C PHE H 46 -13.39 23.00 -4.49
N LEU H 47 -12.17 23.15 -5.00
CA LEU H 47 -11.82 24.20 -5.97
C LEU H 47 -12.64 24.06 -7.24
N GLU H 48 -12.68 22.85 -7.77
CA GLU H 48 -13.42 22.56 -8.98
C GLU H 48 -14.91 22.85 -8.79
N HIS H 49 -15.41 22.58 -7.59
CA HIS H 49 -16.81 22.81 -7.24
C HIS H 49 -17.20 24.29 -7.24
N MET H 50 -16.31 25.15 -6.74
CA MET H 50 -16.49 26.60 -6.80
C MET H 50 -16.48 27.07 -8.25
N CYS H 51 -15.57 26.51 -9.05
CA CYS H 51 -15.47 26.87 -10.46
C CYS H 51 -16.70 26.53 -11.30
N ARG H 52 -17.49 25.56 -10.85
CA ARG H 52 -18.73 25.18 -11.55
C ARG H 52 -19.98 25.98 -11.16
N LEU H 53 -19.86 26.91 -10.23
CA LEU H 53 -21.00 27.74 -9.84
C LEU H 53 -21.43 28.64 -10.99
N ASP H 54 -22.62 28.38 -11.52
CA ASP H 54 -23.21 29.19 -12.58
C ASP H 54 -24.35 30.00 -11.96
N ILE H 55 -24.23 31.32 -12.01
CA ILE H 55 -25.27 32.20 -11.48
C ILE H 55 -26.56 32.16 -12.30
N ASP H 56 -26.45 31.83 -13.59
CA ASP H 56 -27.59 31.78 -14.51
C ASP H 56 -28.57 30.61 -14.30
N SER H 57 -28.11 29.49 -13.74
CA SER H 57 -28.99 28.36 -13.46
C SER H 57 -29.66 28.49 -12.10
N PRO H 58 -30.86 27.87 -11.92
CA PRO H 58 -31.57 27.93 -10.63
C PRO H 58 -30.98 26.93 -9.64
N PRO H 59 -31.25 27.08 -8.34
CA PRO H 59 -30.64 26.20 -7.35
C PRO H 59 -31.22 24.79 -7.42
N ILE H 60 -30.35 23.80 -7.27
CA ILE H 60 -30.68 22.41 -7.56
C ILE H 60 -30.70 21.58 -6.27
N THR H 61 -31.33 22.12 -5.24
CA THR H 61 -31.19 21.55 -3.92
C THR H 61 -32.18 22.22 -2.98
N ALA H 62 -32.76 21.41 -2.09
CA ALA H 62 -33.66 21.91 -1.07
C ALA H 62 -32.91 22.82 -0.11
N ARG H 63 -33.54 23.89 0.33
CA ARG H 63 -33.01 24.73 1.39
C ARG H 63 -33.01 23.94 2.70
N ASN H 64 -31.82 23.55 3.15
CA ASN H 64 -31.66 22.66 4.32
C ASN H 64 -31.46 23.41 5.63
N THR H 65 -31.05 24.68 5.58
CA THR H 65 -30.78 25.46 6.79
C THR H 65 -32.05 26.09 7.37
N GLY H 66 -32.45 25.64 8.57
CA GLY H 66 -33.65 26.14 9.25
C GLY H 66 -33.73 27.65 9.44
N ILE H 67 -34.95 28.17 9.58
CA ILE H 67 -35.20 29.62 9.70
C ILE H 67 -36.02 29.93 10.95
N ILE H 68 -35.39 30.61 11.91
CA ILE H 68 -36.03 31.02 13.15
C ILE H 68 -36.38 32.51 13.05
N CYS H 69 -37.68 32.82 13.13
CA CYS H 69 -38.15 34.21 13.14
C CYS H 69 -38.59 34.61 14.54
N THR H 70 -38.18 35.80 14.96
CA THR H 70 -38.60 36.36 16.22
C THR H 70 -39.96 37.01 16.00
N ILE H 71 -40.93 36.60 16.81
CA ILE H 71 -42.28 37.15 16.74
C ILE H 71 -42.39 38.33 17.70
N GLY H 72 -43.07 39.37 17.24
CA GLY H 72 -43.29 40.59 18.01
C GLY H 72 -44.44 41.40 17.44
N PRO H 73 -44.53 42.69 17.78
CA PRO H 73 -45.58 43.61 17.30
C PRO H 73 -46.03 43.47 15.84
N ALA H 74 -45.09 43.42 14.89
CA ALA H 74 -45.42 43.42 13.46
C ALA H 74 -45.87 42.07 12.88
N SER H 75 -45.61 40.98 13.61
CA SER H 75 -45.87 39.62 13.13
C SER H 75 -46.69 38.75 14.10
N ARG H 76 -47.31 39.38 15.09
CA ARG H 76 -47.96 38.67 16.20
C ARG H 76 -49.27 38.00 15.77
N SER H 77 -49.94 38.60 14.79
CA SER H 77 -51.30 38.22 14.42
C SER H 77 -51.36 36.87 13.73
N VAL H 78 -52.50 36.22 13.85
CA VAL H 78 -52.72 34.90 13.25
C VAL H 78 -52.60 34.95 11.72
N GLU H 79 -53.00 36.06 11.11
CA GLU H 79 -52.96 36.18 9.65
C GLU H 79 -51.55 36.41 9.10
N THR H 80 -50.73 37.18 9.79
CA THR H 80 -49.32 37.38 9.41
C THR H 80 -48.55 36.07 9.50
N LEU H 81 -48.72 35.35 10.61
CA LEU H 81 -48.01 34.09 10.86
C LEU H 81 -48.30 33.04 9.81
N LYS H 82 -49.55 32.92 9.39
CA LYS H 82 -49.92 31.99 8.32
C LYS H 82 -49.07 32.18 7.07
N GLU H 83 -48.88 33.43 6.66
CA GLU H 83 -48.06 33.73 5.49
C GLU H 83 -46.57 33.49 5.73
N MET H 84 -46.10 33.74 6.95
CA MET H 84 -44.70 33.47 7.32
C MET H 84 -44.36 31.98 7.33
N ILE H 85 -45.26 31.15 7.84
CA ILE H 85 -45.10 29.69 7.82
C ILE H 85 -45.06 29.20 6.37
N LYS H 86 -45.96 29.74 5.54
CA LYS H 86 -45.98 29.46 4.12
C LYS H 86 -44.69 29.84 3.40
N SER H 87 -44.09 30.97 3.80
CA SER H 87 -42.85 31.42 3.18
C SER H 87 -41.58 30.85 3.81
N GLY H 88 -41.73 29.94 4.77
CA GLY H 88 -40.62 29.10 5.25
C GLY H 88 -40.16 29.31 6.68
N MET H 89 -41.00 29.84 7.55
CA MET H 89 -40.68 29.89 8.98
C MET H 89 -40.75 28.46 9.54
N ASN H 90 -39.85 28.20 10.49
CA ASN H 90 -39.73 26.90 11.13
C ASN H 90 -39.84 27.00 12.64
N VAL H 91 -39.17 27.98 13.24
CA VAL H 91 -39.23 28.23 14.67
C VAL H 91 -39.70 29.66 14.94
N ALA H 92 -40.57 29.81 15.94
CA ALA H 92 -41.02 31.11 16.40
C ALA H 92 -40.33 31.42 17.72
N ARG H 93 -39.46 32.43 17.72
CA ARG H 93 -38.82 32.91 18.95
C ARG H 93 -39.67 33.97 19.64
N LEU H 94 -39.69 33.92 20.98
CA LEU H 94 -40.33 34.94 21.81
C LEU H 94 -39.25 35.53 22.71
N ASN H 95 -39.14 36.86 22.72
CA ASN H 95 -38.08 37.54 23.48
C ASN H 95 -38.60 37.96 24.85
N PHE H 96 -38.19 37.27 25.91
CA PHE H 96 -38.66 37.55 27.30
C PHE H 96 -37.89 38.67 28.03
N SER H 97 -36.98 39.35 27.33
CA SER H 97 -36.43 40.62 27.81
C SER H 97 -37.54 41.68 27.93
N HIS H 98 -38.55 41.60 27.06
CA HIS H 98 -39.68 42.52 27.04
C HIS H 98 -41.00 41.77 27.07
N GLY H 99 -42.05 42.41 27.57
CA GLY H 99 -43.41 41.86 27.58
C GLY H 99 -43.74 41.06 28.83
N THR H 100 -45.03 40.87 29.08
CA THR H 100 -45.54 40.13 30.25
C THR H 100 -45.87 38.68 29.91
N HIS H 101 -46.17 37.88 30.92
CA HIS H 101 -46.55 36.47 30.73
C HIS H 101 -47.89 36.30 30.02
N GLU H 102 -48.82 37.21 30.30
CA GLU H 102 -50.11 37.24 29.64
C GLU H 102 -49.97 37.58 28.16
N TYR H 103 -49.07 38.52 27.86
CA TYR H 103 -48.81 39.00 26.49
C TYR H 103 -48.26 37.85 25.64
N HIS H 104 -47.21 37.20 26.14
CA HIS H 104 -46.56 36.10 25.40
C HIS H 104 -47.40 34.82 25.32
N ALA H 105 -48.30 34.60 26.28
CA ALA H 105 -49.23 33.47 26.22
C ALA H 105 -50.12 33.53 24.97
N GLU H 106 -50.52 34.75 24.60
CA GLU H 106 -51.33 34.99 23.41
C GLU H 106 -50.51 34.99 22.12
N THR H 107 -49.25 35.44 22.20
CA THR H 107 -48.33 35.31 21.06
C THR H 107 -48.17 33.83 20.68
N ILE H 108 -48.03 32.96 21.68
CA ILE H 108 -47.95 31.51 21.50
C ILE H 108 -49.27 30.95 20.92
N LYS H 109 -50.39 31.34 21.51
CA LYS H 109 -51.71 30.89 21.04
C LYS H 109 -51.93 31.21 19.56
N ASN H 110 -51.45 32.36 19.11
CA ASN H 110 -51.56 32.76 17.70
C ASN H 110 -50.66 31.92 16.78
N VAL H 111 -49.45 31.62 17.23
CA VAL H 111 -48.56 30.74 16.49
C VAL H 111 -49.26 29.40 16.29
N ARG H 112 -49.74 28.82 17.38
CA ARG H 112 -50.39 27.51 17.34
C ARG H 112 -51.68 27.46 16.50
N THR H 113 -52.43 28.57 16.47
CA THR H 113 -53.62 28.66 15.62
C THR H 113 -53.22 28.68 14.15
N ALA H 114 -52.24 29.51 13.82
CA ALA H 114 -51.74 29.63 12.44
C ALA H 114 -51.15 28.32 11.94
N THR H 115 -50.31 27.70 12.78
CA THR H 115 -49.67 26.41 12.46
C THR H 115 -50.70 25.34 12.14
N GLU H 116 -51.67 25.19 13.04
CA GLU H 116 -52.75 24.21 12.93
C GLU H 116 -53.76 24.48 11.80
N SER H 117 -53.77 25.69 11.24
CA SER H 117 -54.62 25.99 10.07
C SER H 117 -54.37 25.06 8.88
N PHE H 118 -53.13 24.59 8.72
CA PHE H 118 -52.74 23.68 7.63
C PHE H 118 -52.92 22.19 7.96
N ALA H 119 -53.35 21.88 9.18
CA ALA H 119 -53.39 20.50 9.68
C ALA H 119 -54.38 19.57 8.95
N SER H 120 -55.39 20.13 8.29
CA SER H 120 -56.41 19.34 7.59
C SER H 120 -55.91 18.56 6.37
N ASP H 121 -54.68 18.85 5.90
CA ASP H 121 -53.98 18.02 4.91
C ASP H 121 -52.58 17.67 5.46
N PRO H 122 -52.39 16.44 5.98
CA PRO H 122 -51.12 16.11 6.65
C PRO H 122 -49.84 16.17 5.78
N ILE H 123 -50.02 16.11 4.46
CA ILE H 123 -48.93 16.31 3.49
C ILE H 123 -48.38 17.75 3.50
N LEU H 124 -49.28 18.73 3.56
CA LEU H 124 -48.90 20.15 3.60
C LEU H 124 -48.65 20.71 5.01
N TYR H 125 -48.85 19.90 6.04
CA TYR H 125 -48.65 20.34 7.42
C TYR H 125 -47.17 20.41 7.72
N ARG H 126 -46.65 21.64 7.73
CA ARG H 126 -45.31 21.91 8.27
C ARG H 126 -45.50 22.16 9.76
N PRO H 127 -44.78 21.40 10.63
CA PRO H 127 -44.72 21.80 12.04
C PRO H 127 -43.88 23.06 12.25
N VAL H 128 -44.13 23.71 13.39
CA VAL H 128 -43.51 24.97 13.77
C VAL H 128 -43.21 24.96 15.25
N ALA H 129 -41.96 25.23 15.61
CA ALA H 129 -41.50 25.20 16.99
C ALA H 129 -41.70 26.52 17.70
N VAL H 130 -41.69 26.47 19.03
CA VAL H 130 -41.78 27.67 19.87
C VAL H 130 -40.51 27.73 20.71
N ALA H 131 -39.82 28.88 20.64
CA ALA H 131 -38.59 29.10 21.40
C ALA H 131 -38.80 30.22 22.40
N LEU H 132 -38.26 30.01 23.60
CA LEU H 132 -38.36 30.99 24.68
C LEU H 132 -36.97 31.51 24.98
N ASP H 133 -36.71 32.75 24.61
CA ASP H 133 -35.41 33.40 24.81
C ASP H 133 -35.44 34.15 26.13
N THR H 134 -34.59 33.74 27.08
CA THR H 134 -34.55 34.37 28.40
C THR H 134 -34.03 35.82 28.33
N LYS H 135 -34.37 36.59 29.36
CA LYS H 135 -33.83 37.94 29.57
C LYS H 135 -32.34 37.82 29.89
N GLY H 136 -32.07 37.02 30.92
CA GLY H 136 -30.72 36.62 31.31
C GLY H 136 -30.28 37.46 32.46
N PRO H 137 -28.99 37.40 32.80
CA PRO H 137 -28.34 38.44 33.59
C PRO H 137 -27.87 39.58 32.66
N GLU H 138 -28.07 40.80 33.11
CA GLU H 138 -27.85 42.04 32.44
C GLU H 138 -27.62 43.06 33.55
N ILE H 139 -27.10 44.17 33.06
CA ILE H 139 -26.88 45.36 33.85
C ILE H 139 -27.65 46.44 33.09
N ARG H 140 -28.79 46.85 33.68
CA ARG H 140 -29.63 47.90 33.10
C ARG H 140 -29.56 49.20 33.90
N THR H 141 -29.60 50.34 33.19
CA THR H 141 -29.57 51.66 33.84
C THR H 141 -30.97 52.06 34.31
N GLY H 142 -31.05 53.20 34.96
CA GLY H 142 -32.31 53.73 35.46
C GLY H 142 -33.12 54.49 34.43
N LEU H 143 -34.25 55.00 34.89
CA LEU H 143 -35.18 55.78 34.09
C LEU H 143 -34.69 57.23 34.08
N ILE H 144 -34.50 57.80 32.88
CA ILE H 144 -33.96 59.17 32.73
C ILE H 144 -34.99 60.17 33.24
N LYS H 145 -34.50 61.19 33.94
CA LYS H 145 -35.33 62.11 34.74
C LYS H 145 -36.78 62.37 34.26
N GLY H 146 -37.69 62.26 35.22
CA GLY H 146 -39.02 62.89 35.10
C GLY H 146 -38.95 64.41 35.26
N GLU H 151 -34.31 61.38 26.83
CA GLU H 151 -32.89 61.15 26.65
C GLU H 151 -32.03 62.30 27.19
N VAL H 152 -30.72 62.13 27.16
CA VAL H 152 -29.77 63.19 27.58
C VAL H 152 -28.44 63.07 26.85
N GLU H 153 -27.83 64.20 26.51
CA GLU H 153 -26.53 64.20 25.80
C GLU H 153 -25.37 64.04 26.78
N LEU H 154 -24.70 62.89 26.71
CA LEU H 154 -23.38 62.70 27.31
C LEU H 154 -22.38 63.12 26.26
N LYS H 155 -21.58 64.15 26.55
CA LYS H 155 -20.63 64.68 25.58
C LYS H 155 -19.20 64.22 25.94
N LYS H 156 -18.34 64.23 24.92
CA LYS H 156 -17.01 63.61 24.99
C LYS H 156 -16.07 64.33 25.97
N GLY H 157 -15.80 63.71 27.11
CA GLY H 157 -14.91 64.28 28.12
C GLY H 157 -15.61 64.70 29.42
N ALA H 158 -16.94 64.80 29.39
CA ALA H 158 -17.73 65.15 30.60
C ALA H 158 -17.67 64.05 31.66
N THR H 159 -17.71 64.45 32.93
CA THR H 159 -17.74 63.49 34.05
C THR H 159 -19.17 63.00 34.28
N LEU H 160 -19.29 61.69 34.51
CA LEU H 160 -20.56 61.03 34.77
C LEU H 160 -20.38 60.12 35.98
N LYS H 161 -21.23 60.32 36.98
CA LYS H 161 -21.19 59.54 38.22
C LYS H 161 -22.12 58.35 38.07
N ILE H 162 -21.64 57.16 38.38
CA ILE H 162 -22.46 55.96 38.42
C ILE H 162 -22.75 55.64 39.89
N THR H 163 -23.99 55.29 40.20
CA THR H 163 -24.43 55.09 41.59
C THR H 163 -25.26 53.82 41.74
N LEU H 164 -25.14 53.19 42.90
CA LEU H 164 -25.94 52.02 43.28
C LEU H 164 -27.07 52.36 44.27
N ASP H 165 -27.16 53.64 44.65
CA ASP H 165 -28.20 54.14 45.54
C ASP H 165 -29.54 54.20 44.81
N ASN H 166 -30.53 53.46 45.32
CA ASN H 166 -31.85 53.36 44.67
C ASN H 166 -32.68 54.65 44.63
N ALA H 167 -32.29 55.65 45.43
CA ALA H 167 -32.93 56.97 45.35
C ALA H 167 -32.83 57.62 43.97
N TYR H 168 -31.74 57.36 43.25
CA TYR H 168 -31.53 57.92 41.91
C TYR H 168 -32.10 57.07 40.76
N MET H 169 -32.75 55.95 41.05
CA MET H 169 -33.12 54.98 40.00
C MET H 169 -34.17 55.45 38.99
N GLU H 170 -34.88 56.55 39.30
CA GLU H 170 -35.73 57.22 38.31
C GLU H 170 -35.34 58.69 38.15
N LYS H 171 -34.07 58.99 38.39
CA LYS H 171 -33.55 60.37 38.37
C LYS H 171 -32.17 60.42 37.70
N CYS H 172 -32.01 59.66 36.62
CA CYS H 172 -30.78 59.65 35.83
C CYS H 172 -30.74 60.88 34.93
N ASP H 173 -29.54 61.42 34.69
CA ASP H 173 -29.36 62.59 33.83
C ASP H 173 -27.92 62.66 33.29
N GLU H 174 -27.46 63.84 32.84
CA GLU H 174 -26.08 64.01 32.36
C GLU H 174 -25.00 63.74 33.43
N ASN H 175 -25.35 63.99 34.70
CA ASN H 175 -24.38 63.96 35.81
C ASN H 175 -24.36 62.63 36.55
N ILE H 176 -25.55 62.14 36.94
CA ILE H 176 -25.66 60.89 37.68
C ILE H 176 -26.44 59.82 36.90
N LEU H 177 -26.01 58.56 37.07
CA LEU H 177 -26.57 57.41 36.37
C LEU H 177 -26.72 56.26 37.36
N TRP H 178 -27.92 55.72 37.50
CA TRP H 178 -28.14 54.49 38.26
C TRP H 178 -27.91 53.23 37.40
N LEU H 179 -27.60 52.13 38.07
CA LEU H 179 -27.70 50.80 37.47
C LEU H 179 -27.87 49.73 38.56
N ASP H 180 -28.46 48.61 38.17
CA ASP H 180 -28.95 47.59 39.12
C ASP H 180 -27.89 46.65 39.69
N TYR H 181 -26.82 46.40 38.95
CA TYR H 181 -25.79 45.43 39.34
C TYR H 181 -24.98 45.90 40.57
N LYS H 182 -25.30 45.35 41.73
CA LYS H 182 -24.84 45.90 43.03
C LYS H 182 -23.35 45.67 43.32
N ASN H 183 -22.74 44.67 42.67
CA ASN H 183 -21.31 44.40 42.87
C ASN H 183 -20.42 45.03 41.78
N ILE H 184 -20.93 46.05 41.08
CA ILE H 184 -20.17 46.69 39.99
C ILE H 184 -18.86 47.29 40.47
N CYS H 185 -18.83 47.79 41.72
CA CYS H 185 -17.61 48.36 42.31
C CYS H 185 -16.51 47.32 42.53
N LYS H 186 -16.90 46.07 42.76
CA LYS H 186 -15.97 44.99 43.08
C LYS H 186 -15.27 44.39 41.85
N VAL H 187 -15.98 44.23 40.74
CA VAL H 187 -15.40 43.66 39.51
C VAL H 187 -14.69 44.66 38.59
N VAL H 188 -14.82 45.97 38.88
CA VAL H 188 -14.19 47.02 38.08
C VAL H 188 -13.02 47.60 38.89
N GLU H 189 -11.95 47.98 38.21
CA GLU H 189 -10.84 48.73 38.79
C GLU H 189 -10.81 50.14 38.15
N VAL H 190 -9.91 51.00 38.62
CA VAL H 190 -9.65 52.29 37.98
C VAL H 190 -9.10 52.06 36.57
N GLY H 191 -9.67 52.75 35.59
CA GLY H 191 -9.24 52.65 34.19
C GLY H 191 -10.02 51.68 33.31
N SER H 192 -10.89 50.85 33.91
CA SER H 192 -11.74 49.92 33.15
C SER H 192 -12.80 50.66 32.35
N LYS H 193 -13.27 50.03 31.27
CA LYS H 193 -14.31 50.61 30.43
C LYS H 193 -15.70 50.09 30.83
N ILE H 194 -16.71 50.89 30.52
CA ILE H 194 -18.12 50.51 30.72
C ILE H 194 -18.91 50.94 29.48
N TYR H 195 -19.31 49.97 28.66
CA TYR H 195 -20.06 50.24 27.45
C TYR H 195 -21.56 50.24 27.76
N VAL H 196 -22.27 51.27 27.31
CA VAL H 196 -23.67 51.51 27.64
C VAL H 196 -24.50 51.65 26.37
N ASP H 197 -25.68 51.02 26.36
CA ASP H 197 -26.60 50.98 25.21
C ASP H 197 -25.98 50.22 24.04
N ASP H 198 -25.58 48.98 24.33
CA ASP H 198 -24.96 48.10 23.33
C ASP H 198 -23.76 48.74 22.65
N GLY H 199 -22.90 49.34 23.46
CA GLY H 199 -21.69 49.99 22.97
C GLY H 199 -21.82 51.26 22.14
N LEU H 200 -22.93 51.97 22.26
CA LEU H 200 -23.08 53.32 21.69
C LEU H 200 -22.24 54.32 22.48
N ILE H 201 -22.32 54.24 23.80
CA ILE H 201 -21.58 55.12 24.72
C ILE H 201 -20.54 54.29 25.47
N SER H 202 -19.34 54.85 25.68
CA SER H 202 -18.29 54.18 26.46
C SER H 202 -17.70 55.13 27.49
N LEU H 203 -17.48 54.61 28.70
CA LEU H 203 -17.03 55.41 29.86
C LEU H 203 -15.78 54.76 30.46
N GLN H 204 -14.80 55.58 30.84
CA GLN H 204 -13.59 55.11 31.54
C GLN H 204 -13.67 55.51 33.00
N VAL H 205 -13.45 54.55 33.90
CA VAL H 205 -13.51 54.80 35.36
C VAL H 205 -12.27 55.57 35.81
N LYS H 206 -12.49 56.69 36.50
CA LYS H 206 -11.41 57.47 37.13
C LYS H 206 -11.22 57.08 38.57
N GLN H 207 -12.31 57.09 39.34
CA GLN H 207 -12.25 56.81 40.79
C GLN H 207 -13.26 55.74 41.19
N LYS H 208 -12.78 54.72 41.90
CA LYS H 208 -13.65 53.76 42.57
C LYS H 208 -14.28 54.40 43.81
N GLY H 209 -15.18 53.68 44.47
CA GLY H 209 -15.83 54.16 45.67
C GLY H 209 -16.50 53.08 46.48
N ALA H 210 -17.23 53.50 47.50
CA ALA H 210 -17.97 52.58 48.37
C ALA H 210 -19.12 51.96 47.58
N ASP H 211 -20.01 52.82 47.09
CA ASP H 211 -21.16 52.40 46.29
C ASP H 211 -21.34 53.35 45.08
N PHE H 212 -20.22 53.73 44.46
CA PHE H 212 -20.25 54.63 43.31
C PHE H 212 -18.96 54.57 42.48
N LEU H 213 -19.05 55.10 41.26
CA LEU H 213 -17.90 55.29 40.39
C LEU H 213 -17.96 56.70 39.79
N VAL H 214 -16.79 57.26 39.50
CA VAL H 214 -16.68 58.50 38.74
C VAL H 214 -16.01 58.15 37.43
N THR H 215 -16.72 58.39 36.33
CA THR H 215 -16.25 58.04 34.99
C THR H 215 -16.05 59.26 34.10
N GLU H 216 -15.29 59.08 33.02
CA GLU H 216 -15.16 60.10 31.98
C GLU H 216 -15.73 59.55 30.69
N VAL H 217 -16.61 60.33 30.06
CA VAL H 217 -17.23 59.93 28.80
C VAL H 217 -16.16 59.97 27.70
N GLU H 218 -16.12 58.90 26.88
CA GLU H 218 -15.19 58.81 25.75
C GLU H 218 -15.92 58.89 24.42
N ASN H 219 -16.89 58.00 24.21
CA ASN H 219 -17.82 58.09 23.08
C ASN H 219 -19.12 58.72 23.55
N GLY H 220 -19.48 59.87 22.98
CA GLY H 220 -20.73 60.55 23.30
C GLY H 220 -21.93 59.84 22.72
N GLY H 221 -23.12 60.35 23.02
CA GLY H 221 -24.35 59.79 22.49
C GLY H 221 -25.59 60.21 23.24
N SER H 222 -26.75 59.79 22.73
CA SER H 222 -28.02 59.99 23.42
C SER H 222 -28.31 58.79 24.35
N LEU H 223 -28.06 58.98 25.64
CA LEU H 223 -28.34 57.99 26.68
C LEU H 223 -29.84 58.01 26.99
N GLY H 224 -30.46 56.83 27.03
CA GLY H 224 -31.89 56.69 27.34
C GLY H 224 -32.14 55.94 28.64
N SER H 225 -33.38 55.47 28.77
CA SER H 225 -33.84 54.76 29.97
C SER H 225 -33.64 53.26 29.81
N LYS H 226 -33.28 52.59 30.91
CA LYS H 226 -33.09 51.13 30.95
C LYS H 226 -32.26 50.60 29.76
N LYS H 227 -30.97 50.93 29.72
CA LYS H 227 -30.09 50.47 28.64
C LYS H 227 -29.10 49.39 29.08
N GLY H 228 -28.69 48.54 28.15
CA GLY H 228 -27.77 47.45 28.44
C GLY H 228 -26.36 47.95 28.67
N VAL H 229 -25.80 47.60 29.82
CA VAL H 229 -24.42 47.92 30.17
C VAL H 229 -23.55 46.66 30.11
N ASN H 230 -22.34 46.81 29.58
CA ASN H 230 -21.35 45.73 29.49
C ASN H 230 -20.07 46.16 30.18
N LEU H 231 -19.30 45.17 30.65
CA LEU H 231 -18.09 45.40 31.43
C LEU H 231 -16.91 44.64 30.83
N PRO H 232 -16.37 45.11 29.68
CA PRO H 232 -15.30 44.43 28.94
C PRO H 232 -14.25 43.71 29.79
N GLY H 233 -14.15 42.39 29.61
CA GLY H 233 -13.18 41.55 30.31
C GLY H 233 -13.20 41.67 31.83
N ALA H 234 -14.38 41.62 32.42
CA ALA H 234 -14.57 41.63 33.87
C ALA H 234 -15.30 40.34 34.26
N ALA H 235 -14.94 39.79 35.40
CA ALA H 235 -15.61 38.61 35.94
C ALA H 235 -16.98 39.02 36.47
N VAL H 236 -17.95 39.11 35.55
CA VAL H 236 -19.32 39.52 35.88
C VAL H 236 -19.97 38.36 36.62
N ASP H 237 -20.20 38.54 37.94
CA ASP H 237 -20.61 37.44 38.83
C ASP H 237 -22.11 37.43 39.14
N LEU H 238 -22.93 37.80 38.14
CA LEU H 238 -24.38 37.76 38.31
C LEU H 238 -24.84 36.29 38.31
N PRO H 239 -26.09 36.06 38.80
CA PRO H 239 -26.61 34.72 38.75
C PRO H 239 -26.90 34.27 37.31
N ALA H 240 -26.64 33.00 37.04
CA ALA H 240 -26.92 32.39 35.73
C ALA H 240 -28.40 32.53 35.35
N VAL H 241 -29.27 32.22 36.31
CA VAL H 241 -30.68 32.39 36.14
C VAL H 241 -31.16 33.45 37.11
N SER H 242 -31.52 34.63 36.60
CA SER H 242 -32.08 35.69 37.45
C SER H 242 -33.46 35.25 37.96
N GLU H 243 -33.94 35.87 39.05
CA GLU H 243 -35.21 35.48 39.64
C GLU H 243 -36.41 35.69 38.69
N LYS H 244 -36.30 36.70 37.81
CA LYS H 244 -37.27 36.90 36.72
C LYS H 244 -37.32 35.70 35.80
N ASP H 245 -36.14 35.20 35.42
CA ASP H 245 -36.02 34.05 34.52
C ASP H 245 -36.51 32.74 35.13
N ILE H 246 -36.39 32.58 36.45
CA ILE H 246 -36.89 31.36 37.10
C ILE H 246 -38.41 31.25 36.92
N GLN H 247 -39.10 32.39 36.86
CA GLN H 247 -40.53 32.43 36.53
C GLN H 247 -40.78 32.25 35.04
N ASP H 248 -39.95 32.88 34.19
CA ASP H 248 -40.06 32.74 32.74
C ASP H 248 -39.88 31.29 32.25
N LEU H 249 -38.93 30.57 32.86
CA LEU H 249 -38.67 29.18 32.51
C LEU H 249 -39.78 28.22 32.98
N LYS H 250 -40.42 28.52 34.10
CA LYS H 250 -41.57 27.74 34.55
C LYS H 250 -42.79 27.99 33.65
N PHE H 251 -42.94 29.24 33.20
CA PHE H 251 -43.97 29.62 32.21
C PHE H 251 -43.78 28.88 30.89
N GLY H 252 -42.53 28.72 30.48
CA GLY H 252 -42.18 27.95 29.29
C GLY H 252 -42.60 26.49 29.40
N VAL H 253 -42.23 25.87 30.54
CA VAL H 253 -42.61 24.48 30.83
C VAL H 253 -44.12 24.34 30.87
N GLU H 254 -44.77 25.30 31.51
CA GLU H 254 -46.23 25.34 31.63
C GLU H 254 -46.93 25.52 30.27
N GLN H 255 -46.35 26.31 29.38
CA GLN H 255 -46.88 26.52 28.01
C GLN H 255 -46.43 25.46 26.99
N ASP H 256 -45.66 24.46 27.42
CA ASP H 256 -45.05 23.44 26.54
C ASP H 256 -44.31 24.06 25.35
N VAL H 257 -43.28 24.84 25.65
CA VAL H 257 -42.34 25.25 24.62
C VAL H 257 -41.48 24.03 24.25
N ASP H 258 -40.82 24.16 23.10
CA ASP H 258 -40.01 23.10 22.52
C ASP H 258 -38.52 23.31 22.79
N MET H 259 -38.09 24.57 22.90
CA MET H 259 -36.71 24.88 23.21
C MET H 259 -36.58 26.20 23.98
N VAL H 260 -35.43 26.37 24.64
CA VAL H 260 -35.11 27.54 25.43
C VAL H 260 -33.76 28.09 24.97
N PHE H 261 -33.73 29.36 24.56
CA PHE H 261 -32.46 30.04 24.25
C PHE H 261 -31.95 30.76 25.51
N ALA H 262 -31.11 30.08 26.29
CA ALA H 262 -30.57 30.62 27.55
C ALA H 262 -29.52 31.68 27.29
N SER H 263 -29.73 32.88 27.84
CA SER H 263 -28.88 34.04 27.53
C SER H 263 -27.62 34.14 28.41
N PHE H 264 -26.62 34.85 27.89
CA PHE H 264 -25.38 35.22 28.57
C PHE H 264 -24.76 34.04 29.36
N ILE H 265 -24.52 32.93 28.65
CA ILE H 265 -23.90 31.76 29.24
C ILE H 265 -22.40 31.95 29.28
N ARG H 266 -21.83 31.77 30.47
CA ARG H 266 -20.41 31.95 30.73
C ARG H 266 -19.66 30.64 30.99
N LYS H 267 -20.36 29.61 31.45
CA LYS H 267 -19.69 28.41 31.96
C LYS H 267 -20.66 27.25 32.11
N ALA H 268 -20.12 26.05 32.32
CA ALA H 268 -20.91 24.83 32.35
C ALA H 268 -22.04 24.90 33.38
N SER H 269 -21.71 25.35 34.58
CA SER H 269 -22.68 25.42 35.68
C SER H 269 -23.86 26.37 35.42
N ASP H 270 -23.68 27.37 34.54
CA ASP H 270 -24.80 28.23 34.12
C ASP H 270 -25.86 27.41 33.39
N VAL H 271 -25.42 26.53 32.49
CA VAL H 271 -26.32 25.68 31.72
C VAL H 271 -26.98 24.67 32.64
N HIS H 272 -26.19 24.08 33.55
CA HIS H 272 -26.71 23.10 34.52
C HIS H 272 -27.85 23.67 35.39
N GLU H 273 -27.78 24.95 35.74
CA GLU H 273 -28.84 25.59 36.52
C GLU H 273 -30.07 25.95 35.69
N VAL H 274 -29.89 26.20 34.39
CA VAL H 274 -31.02 26.37 33.47
C VAL H 274 -31.76 25.02 33.34
N ARG H 275 -30.99 23.93 33.25
CA ARG H 275 -31.55 22.56 33.22
C ARG H 275 -32.33 22.26 34.48
N LYS H 276 -31.70 22.54 35.61
CA LYS H 276 -32.23 22.25 36.94
C LYS H 276 -33.55 22.96 37.21
N VAL H 277 -33.70 24.19 36.72
CA VAL H 277 -34.94 24.96 36.87
C VAL H 277 -36.07 24.34 36.02
N LEU H 278 -35.75 23.94 34.80
CA LEU H 278 -36.74 23.27 33.94
C LEU H 278 -37.15 21.92 34.54
N GLY H 279 -36.18 21.21 35.10
CA GLY H 279 -36.44 20.05 35.96
C GLY H 279 -37.01 18.84 35.24
N GLU H 280 -37.59 17.93 36.03
CA GLU H 280 -38.24 16.72 35.52
C GLU H 280 -39.39 17.04 34.56
N LYS H 281 -40.17 18.07 34.88
CA LYS H 281 -41.37 18.41 34.12
C LYS H 281 -41.07 18.85 32.69
N GLY H 282 -39.94 19.51 32.48
CA GLY H 282 -39.54 19.96 31.15
C GLY H 282 -38.14 19.50 30.80
N LYS H 283 -37.85 18.22 31.06
CA LYS H 283 -36.53 17.65 30.76
C LYS H 283 -36.32 17.51 29.24
N ASN H 284 -37.41 17.35 28.50
CA ASN H 284 -37.34 17.22 27.04
C ASN H 284 -37.14 18.54 26.30
N ILE H 285 -37.30 19.67 27.00
CA ILE H 285 -37.10 20.98 26.38
C ILE H 285 -35.62 21.20 26.13
N LYS H 286 -35.27 21.49 24.87
CA LYS H 286 -33.88 21.64 24.45
C LYS H 286 -33.33 23.00 24.90
N ILE H 287 -32.10 23.00 25.44
CA ILE H 287 -31.43 24.20 25.93
C ILE H 287 -30.34 24.63 24.94
N ILE H 288 -30.58 25.72 24.24
CA ILE H 288 -29.58 26.32 23.36
C ILE H 288 -28.86 27.40 24.15
N SER H 289 -27.58 27.22 24.39
CA SER H 289 -26.78 28.22 25.11
C SER H 289 -26.31 29.32 24.17
N LYS H 290 -26.54 30.57 24.56
CA LYS H 290 -26.11 31.73 23.78
C LYS H 290 -24.75 32.19 24.24
N ILE H 291 -23.81 32.27 23.31
CA ILE H 291 -22.47 32.75 23.61
C ILE H 291 -22.46 34.24 23.29
N GLU H 292 -22.55 35.07 24.32
CA GLU H 292 -22.68 36.52 24.16
C GLU H 292 -21.45 37.33 24.59
N ASN H 293 -20.47 36.71 25.25
CA ASN H 293 -19.34 37.46 25.84
C ASN H 293 -18.02 36.71 25.69
N HIS H 294 -16.92 37.35 26.08
CA HIS H 294 -15.60 36.77 25.90
C HIS H 294 -15.42 35.46 26.69
N GLU H 295 -15.95 35.42 27.92
CA GLU H 295 -15.80 34.24 28.79
C GLU H 295 -16.48 32.99 28.20
N GLY H 296 -17.61 33.18 27.53
CA GLY H 296 -18.30 32.09 26.85
C GLY H 296 -17.46 31.41 25.80
N VAL H 297 -16.77 32.21 24.99
CA VAL H 297 -15.93 31.69 23.91
C VAL H 297 -14.71 30.97 24.48
N ARG H 298 -14.14 31.48 25.57
CA ARG H 298 -13.00 30.82 26.21
C ARG H 298 -13.38 29.45 26.76
N ARG H 299 -14.57 29.36 27.36
CA ARG H 299 -15.04 28.11 27.94
C ARG H 299 -16.02 27.35 27.03
N PHE H 300 -15.90 27.53 25.72
CA PHE H 300 -16.88 26.97 24.80
C PHE H 300 -17.03 25.47 24.93
N ASP H 301 -15.91 24.78 25.12
CA ASP H 301 -15.89 23.33 25.15
C ASP H 301 -16.77 22.76 26.28
N GLU H 302 -16.63 23.29 27.48
CA GLU H 302 -17.44 22.82 28.62
C GLU H 302 -18.92 23.19 28.50
N ILE H 303 -19.22 24.31 27.84
CA ILE H 303 -20.60 24.74 27.60
C ILE H 303 -21.26 23.85 26.56
N LEU H 304 -20.58 23.63 25.44
CA LEU H 304 -21.07 22.78 24.36
C LEU H 304 -21.44 21.39 24.86
N GLU H 305 -20.62 20.85 25.77
CA GLU H 305 -20.86 19.54 26.34
C GLU H 305 -22.16 19.51 27.16
N ALA H 306 -22.37 20.55 27.96
CA ALA H 306 -23.56 20.63 28.82
C ALA H 306 -24.83 21.12 28.09
N SER H 307 -24.68 21.76 26.94
CA SER H 307 -25.82 22.34 26.21
C SER H 307 -26.35 21.38 25.15
N ASP H 308 -27.62 21.52 24.80
CA ASP H 308 -28.20 20.75 23.71
C ASP H 308 -27.80 21.33 22.37
N GLY H 309 -27.76 22.66 22.28
CA GLY H 309 -27.26 23.35 21.10
C GLY H 309 -26.55 24.65 21.48
N ILE H 310 -26.20 25.44 20.46
CA ILE H 310 -25.48 26.71 20.64
C ILE H 310 -26.10 27.80 19.76
N MET H 311 -26.00 29.05 20.21
CA MET H 311 -26.37 30.22 19.40
C MET H 311 -25.23 31.24 19.45
N VAL H 312 -24.62 31.48 18.30
CA VAL H 312 -23.59 32.50 18.19
C VAL H 312 -24.27 33.85 17.99
N ALA H 313 -24.37 34.62 19.07
CA ALA H 313 -24.88 36.00 19.00
C ALA H 313 -23.74 36.93 18.60
N ARG H 314 -23.75 37.36 17.34
CA ARG H 314 -22.57 38.00 16.75
C ARG H 314 -22.47 39.46 17.14
N GLY H 315 -23.58 40.16 17.11
CA GLY H 315 -23.66 41.56 17.53
C GLY H 315 -23.21 41.74 18.97
N ASP H 316 -23.65 40.86 19.86
CA ASP H 316 -23.30 40.93 21.27
C ASP H 316 -21.82 40.60 21.52
N LEU H 317 -21.25 39.72 20.70
CA LEU H 317 -19.80 39.48 20.72
C LEU H 317 -19.04 40.70 20.20
N GLY H 318 -19.54 41.31 19.13
CA GLY H 318 -18.94 42.51 18.52
C GLY H 318 -18.70 43.68 19.48
N ILE H 319 -19.50 43.74 20.56
CA ILE H 319 -19.26 44.67 21.66
C ILE H 319 -18.07 44.23 22.48
N GLU H 320 -18.09 42.97 22.92
CA GLU H 320 -17.22 42.48 23.99
C GLU H 320 -15.84 41.99 23.54
N ILE H 321 -15.68 41.63 22.27
CA ILE H 321 -14.38 41.23 21.69
C ILE H 321 -14.14 42.03 20.41
N PRO H 322 -12.86 42.15 19.96
CA PRO H 322 -12.57 42.98 18.78
C PRO H 322 -13.29 42.52 17.50
N ALA H 323 -13.59 43.47 16.61
CA ALA H 323 -14.34 43.18 15.38
C ALA H 323 -13.57 42.30 14.37
N GLU H 324 -12.25 42.43 14.33
CA GLU H 324 -11.42 41.59 13.46
C GLU H 324 -11.22 40.15 13.98
N LYS H 325 -11.80 39.81 15.13
CA LYS H 325 -11.71 38.46 15.69
C LYS H 325 -13.06 37.78 15.88
N VAL H 326 -14.16 38.41 15.48
CA VAL H 326 -15.46 37.78 15.72
C VAL H 326 -15.70 36.66 14.75
N PHE H 327 -15.37 36.87 13.47
CA PHE H 327 -15.54 35.81 12.45
C PHE H 327 -14.73 34.56 12.80
N LEU H 328 -13.55 34.73 13.41
CA LEU H 328 -12.79 33.59 13.93
C LEU H 328 -13.54 32.81 15.01
N ALA H 329 -14.23 33.52 15.90
CA ALA H 329 -15.04 32.89 16.94
C ALA H 329 -16.23 32.14 16.35
N GLN H 330 -16.96 32.79 15.45
CA GLN H 330 -18.09 32.19 14.74
C GLN H 330 -17.67 30.90 14.05
N LYS H 331 -16.58 30.95 13.28
CA LYS H 331 -16.10 29.78 12.55
C LYS H 331 -15.71 28.64 13.49
N MET H 332 -15.01 28.97 14.56
CA MET H 332 -14.62 27.98 15.55
C MET H 332 -15.84 27.32 16.19
N MET H 333 -16.78 28.12 16.66
CA MET H 333 -17.94 27.58 17.35
C MET H 333 -18.83 26.76 16.41
N ILE H 334 -19.06 27.28 15.20
CA ILE H 334 -19.81 26.53 14.20
C ILE H 334 -19.07 25.25 13.86
N GLY H 335 -17.75 25.33 13.73
CA GLY H 335 -16.94 24.14 13.52
C GLY H 335 -17.15 23.08 14.59
N ARG H 336 -16.97 23.45 15.86
CA ARG H 336 -17.02 22.47 16.95
C ARG H 336 -18.38 21.83 17.13
N CYS H 337 -19.43 22.63 16.93
CA CYS H 337 -20.80 22.11 16.97
C CYS H 337 -21.07 21.08 15.87
N ASN H 338 -20.52 21.30 14.68
CA ASN H 338 -20.63 20.34 13.58
C ASN H 338 -19.95 19.03 13.95
N ARG H 339 -18.74 19.13 14.50
CA ARG H 339 -18.00 17.95 14.94
C ARG H 339 -18.79 17.21 16.01
N ALA H 340 -19.16 17.91 17.08
CA ALA H 340 -19.94 17.30 18.16
C ALA H 340 -21.38 16.88 17.78
N GLY H 341 -21.87 17.33 16.63
CA GLY H 341 -23.17 16.89 16.13
C GLY H 341 -24.35 17.55 16.83
N LYS H 342 -24.14 18.76 17.33
CA LYS H 342 -25.17 19.55 18.00
C LYS H 342 -25.54 20.74 17.14
N PRO H 343 -26.79 21.21 17.23
CA PRO H 343 -27.16 22.38 16.45
C PRO H 343 -26.39 23.61 16.84
N VAL H 344 -26.12 24.46 15.86
CA VAL H 344 -25.57 25.78 16.09
C VAL H 344 -26.44 26.76 15.30
N ILE H 345 -26.68 27.93 15.89
CA ILE H 345 -27.56 28.93 15.30
C ILE H 345 -26.80 30.23 15.13
N CYS H 346 -26.89 30.86 13.95
CA CYS H 346 -26.29 32.17 13.73
C CYS H 346 -27.34 33.27 13.85
N ALA H 347 -27.17 34.09 14.87
CA ALA H 347 -28.15 35.11 15.26
C ALA H 347 -27.58 36.51 15.14
N THR H 348 -28.48 37.49 15.09
CA THR H 348 -28.17 38.93 15.14
C THR H 348 -27.49 39.46 13.88
N GLN H 349 -27.81 40.71 13.52
CA GLN H 349 -27.18 41.41 12.39
C GLN H 349 -27.34 40.70 11.03
N MET H 350 -28.41 39.95 10.86
CA MET H 350 -28.58 39.16 9.64
C MET H 350 -29.05 40.07 8.50
N LEU H 351 -30.27 40.57 8.61
CA LEU H 351 -30.90 41.35 7.54
C LEU H 351 -31.49 42.66 8.10
N GLU H 352 -30.69 43.39 8.87
CA GLU H 352 -31.19 44.55 9.64
C GLU H 352 -31.78 45.69 8.80
N SER H 353 -31.30 45.87 7.57
CA SER H 353 -31.86 46.88 6.66
C SER H 353 -33.33 46.63 6.33
N MET H 354 -33.78 45.37 6.41
CA MET H 354 -35.17 45.00 6.13
C MET H 354 -36.21 45.37 7.22
N ILE H 355 -35.75 45.96 8.32
CA ILE H 355 -36.65 46.64 9.25
C ILE H 355 -37.32 47.80 8.51
N LYS H 356 -36.54 48.55 7.73
CA LYS H 356 -37.02 49.75 7.02
C LYS H 356 -37.33 49.55 5.52
N LYS H 357 -36.66 48.60 4.85
CA LYS H 357 -36.66 48.49 3.38
C LYS H 357 -37.10 47.10 2.90
N PRO H 358 -37.62 46.99 1.66
CA PRO H 358 -38.23 45.73 1.20
C PRO H 358 -37.24 44.66 0.71
N ARG H 359 -35.97 45.04 0.54
CA ARG H 359 -34.91 44.15 0.09
C ARG H 359 -33.68 44.34 1.00
N PRO H 360 -32.74 43.37 0.98
CA PRO H 360 -31.54 43.52 1.76
C PRO H 360 -30.39 44.08 0.92
N THR H 361 -29.32 44.50 1.59
CA THR H 361 -28.10 44.96 0.90
C THR H 361 -27.32 43.76 0.37
N ARG H 362 -26.39 44.02 -0.55
CA ARG H 362 -25.51 42.96 -1.08
C ARG H 362 -24.73 42.31 0.05
N ALA H 363 -24.17 43.12 0.93
CA ALA H 363 -23.34 42.64 2.04
C ALA H 363 -24.11 41.82 3.08
N GLU H 364 -25.40 42.08 3.25
CA GLU H 364 -26.22 41.29 4.18
C GLU H 364 -26.47 39.89 3.62
N GLY H 365 -26.77 39.80 2.33
CA GLY H 365 -26.92 38.51 1.65
C GLY H 365 -25.67 37.66 1.69
N SER H 366 -24.52 38.33 1.51
CA SER H 366 -23.21 37.68 1.61
C SER H 366 -22.90 37.21 3.05
N ASP H 367 -23.31 37.99 4.04
CA ASP H 367 -23.11 37.66 5.47
C ASP H 367 -23.93 36.44 5.89
N VAL H 368 -25.17 36.36 5.38
CA VAL H 368 -26.04 35.22 5.64
C VAL H 368 -25.48 33.98 4.98
N ALA H 369 -25.15 34.10 3.69
CA ALA H 369 -24.58 32.99 2.91
C ALA H 369 -23.38 32.41 3.61
N ASN H 370 -22.42 33.26 3.93
CA ASN H 370 -21.18 32.82 4.58
C ASN H 370 -21.40 32.16 5.95
N ALA H 371 -22.50 32.47 6.62
CA ALA H 371 -22.88 31.74 7.86
C ALA H 371 -23.50 30.37 7.56
N VAL H 372 -24.24 30.25 6.47
CA VAL H 372 -24.77 28.96 6.00
C VAL H 372 -23.62 28.06 5.57
N LEU H 373 -22.67 28.64 4.84
CA LEU H 373 -21.48 27.94 4.36
C LEU H 373 -20.48 27.61 5.45
N ASP H 374 -20.37 28.46 6.47
CA ASP H 374 -19.54 28.15 7.65
C ASP H 374 -20.00 26.86 8.33
N GLY H 375 -21.28 26.54 8.21
CA GLY H 375 -21.85 25.28 8.68
C GLY H 375 -23.03 25.36 9.63
N ALA H 376 -23.65 26.53 9.74
CA ALA H 376 -24.74 26.73 10.68
C ALA H 376 -25.93 25.89 10.28
N ASP H 377 -26.71 25.49 11.28
CA ASP H 377 -27.94 24.73 11.07
C ASP H 377 -29.10 25.69 10.87
N CYS H 378 -29.22 26.70 11.74
CA CYS H 378 -30.30 27.68 11.68
C CYS H 378 -29.80 29.11 11.61
N ILE H 379 -30.62 29.96 11.01
CA ILE H 379 -30.38 31.40 10.90
C ILE H 379 -31.54 32.11 11.61
N MET H 380 -31.23 33.08 12.47
CA MET H 380 -32.27 33.73 13.29
C MET H 380 -32.42 35.23 12.99
N LEU H 381 -33.61 35.59 12.52
CA LEU H 381 -33.94 36.97 12.20
C LEU H 381 -34.44 37.65 13.47
N SER H 382 -33.74 38.73 13.88
CA SER H 382 -34.03 39.43 15.15
C SER H 382 -35.13 40.51 15.00
N GLY H 383 -34.76 41.74 14.61
CA GLY H 383 -35.71 42.84 14.41
C GLY H 383 -36.59 42.62 13.19
N GLU H 384 -35.96 42.66 12.01
CA GLU H 384 -36.55 42.24 10.71
C GLU H 384 -38.00 41.76 10.70
N THR H 385 -38.30 40.71 11.49
CA THR H 385 -39.64 40.09 11.61
C THR H 385 -40.46 40.49 12.83
N ALA H 386 -39.79 40.87 13.94
CA ALA H 386 -40.49 41.22 15.19
C ALA H 386 -41.24 42.56 15.10
N LYS H 387 -40.51 43.61 14.70
CA LYS H 387 -41.05 44.97 14.67
C LYS H 387 -40.62 45.69 13.39
N GLY H 388 -40.69 44.98 12.27
CA GLY H 388 -40.24 45.51 10.99
C GLY H 388 -41.42 46.00 10.17
N ASP H 389 -41.13 46.87 9.20
CA ASP H 389 -42.12 47.28 8.20
C ASP H 389 -42.34 46.16 7.18
N TYR H 390 -41.34 45.29 7.01
CA TYR H 390 -41.42 44.17 6.06
C TYR H 390 -41.05 42.85 6.75
N PRO H 391 -41.98 42.28 7.52
CA PRO H 391 -41.73 41.00 8.18
C PRO H 391 -41.86 39.81 7.26
N LEU H 392 -42.79 39.86 6.30
CA LEU H 392 -43.03 38.74 5.40
C LEU H 392 -41.97 38.61 4.32
N GLU H 393 -41.43 39.74 3.84
CA GLU H 393 -40.39 39.71 2.80
C GLU H 393 -39.06 39.30 3.41
N ALA H 394 -38.85 39.66 4.68
CA ALA H 394 -37.67 39.24 5.43
C ALA H 394 -37.51 37.72 5.48
N VAL H 395 -38.61 37.01 5.65
CA VAL H 395 -38.59 35.54 5.63
C VAL H 395 -38.30 35.01 4.22
N ARG H 396 -38.89 35.65 3.21
CA ARG H 396 -38.68 35.22 1.83
C ARG H 396 -37.27 35.44 1.30
N MET H 397 -36.60 36.51 1.74
CA MET H 397 -35.21 36.75 1.37
C MET H 397 -34.28 35.79 2.07
N GLN H 398 -34.52 35.57 3.36
CA GLN H 398 -33.77 34.58 4.13
C GLN H 398 -33.84 33.23 3.43
N HIS H 399 -35.06 32.81 3.08
CA HIS H 399 -35.25 31.56 2.33
C HIS H 399 -34.50 31.56 1.00
N LEU H 400 -34.59 32.65 0.24
CA LEU H 400 -33.90 32.73 -1.05
C LEU H 400 -32.38 32.65 -0.93
N ILE H 401 -31.83 33.37 0.04
CA ILE H 401 -30.38 33.38 0.25
C ILE H 401 -29.89 31.99 0.70
N ALA H 402 -30.56 31.42 1.70
CA ALA H 402 -30.21 30.09 2.22
C ALA H 402 -30.26 28.96 1.18
N ARG H 403 -31.14 29.11 0.18
CA ARG H 403 -31.28 28.13 -0.89
C ARG H 403 -30.19 28.31 -1.96
N GLU H 404 -29.87 29.56 -2.28
CA GLU H 404 -28.79 29.85 -3.24
C GLU H 404 -27.44 29.45 -2.65
N ALA H 405 -27.24 29.77 -1.38
CA ALA H 405 -26.03 29.39 -0.65
C ALA H 405 -25.82 27.88 -0.61
N GLU H 406 -26.92 27.13 -0.51
CA GLU H 406 -26.89 25.68 -0.52
C GLU H 406 -26.13 25.06 -1.69
N ALA H 407 -26.22 25.70 -2.85
CA ALA H 407 -25.50 25.27 -4.06
C ALA H 407 -23.96 25.37 -3.94
N ALA H 408 -23.50 26.32 -3.12
CA ALA H 408 -22.07 26.52 -2.89
C ALA H 408 -21.46 25.59 -1.83
N ILE H 409 -22.28 24.79 -1.15
CA ILE H 409 -21.78 23.88 -0.14
C ILE H 409 -21.26 22.65 -0.83
N TYR H 410 -20.05 22.22 -0.43
CA TYR H 410 -19.42 21.00 -0.91
C TYR H 410 -19.64 19.94 0.16
N HIS H 411 -20.86 19.40 0.15
CA HIS H 411 -21.32 18.39 1.13
C HIS H 411 -20.37 17.21 1.28
N LEU H 412 -19.69 16.86 0.19
CA LEU H 412 -18.85 15.69 0.14
C LEU H 412 -17.74 15.66 1.17
N GLN H 413 -16.95 16.73 1.27
CA GLN H 413 -15.84 16.76 2.25
C GLN H 413 -16.34 16.91 3.68
N LEU H 414 -17.39 17.70 3.91
CA LEU H 414 -18.07 17.75 5.23
C LEU H 414 -18.26 16.35 5.78
N PHE H 415 -18.73 15.44 4.93
CA PHE H 415 -19.00 14.06 5.27
C PHE H 415 -17.73 13.22 5.47
N GLU H 416 -16.83 13.25 4.50
CA GLU H 416 -15.60 12.45 4.56
C GLU H 416 -14.75 12.79 5.78
N GLU H 417 -14.74 14.07 6.16
CA GLU H 417 -14.03 14.50 7.37
C GLU H 417 -14.77 14.08 8.63
N LEU H 418 -16.08 14.28 8.65
CA LEU H 418 -16.91 13.86 9.79
C LEU H 418 -16.90 12.36 10.03
N ARG H 419 -16.71 11.59 8.97
CA ARG H 419 -16.62 10.13 9.08
C ARG H 419 -15.27 9.72 9.64
N ARG H 420 -14.20 10.38 9.19
CA ARG H 420 -12.86 10.09 9.69
C ARG H 420 -12.71 10.45 11.16
N LEU H 421 -13.13 11.67 11.52
CA LEU H 421 -13.00 12.15 12.90
C LEU H 421 -13.89 11.43 13.92
N ALA H 422 -14.93 10.73 13.48
CA ALA H 422 -15.82 10.00 14.39
C ALA H 422 -15.11 8.78 14.99
N PRO H 423 -15.42 8.43 16.25
CA PRO H 423 -14.74 7.32 16.92
C PRO H 423 -15.30 5.98 16.49
N ILE H 424 -14.43 5.01 16.18
CA ILE H 424 -14.87 3.68 15.71
C ILE H 424 -15.65 2.92 16.79
N THR H 425 -16.96 2.73 16.57
CA THR H 425 -17.79 1.86 17.45
C THR H 425 -18.64 0.93 16.59
N SER H 426 -19.06 -0.17 17.22
CA SER H 426 -19.95 -1.16 16.62
C SER H 426 -21.38 -0.96 17.14
N ASP H 427 -21.79 0.28 17.36
CA ASP H 427 -23.18 0.61 17.62
C ASP H 427 -23.97 0.32 16.34
N PRO H 428 -25.07 -0.45 16.44
CA PRO H 428 -25.89 -0.69 15.27
C PRO H 428 -26.43 0.57 14.58
N THR H 429 -26.96 1.52 15.36
CA THR H 429 -27.65 2.68 14.79
C THR H 429 -26.71 3.61 14.03
N GLU H 430 -25.55 3.90 14.63
CA GLU H 430 -24.59 4.86 14.05
C GLU H 430 -23.92 4.28 12.80
N ALA H 431 -23.69 2.97 12.77
CA ALA H 431 -23.10 2.31 11.61
C ALA H 431 -24.06 2.24 10.43
N THR H 432 -25.33 2.02 10.75
CA THR H 432 -26.41 2.08 9.77
C THR H 432 -26.58 3.50 9.24
N ALA H 433 -26.60 4.46 10.16
CA ALA H 433 -26.79 5.88 9.82
C ALA H 433 -25.74 6.41 8.86
N VAL H 434 -24.48 6.03 9.06
CA VAL H 434 -23.41 6.44 8.16
C VAL H 434 -23.65 5.82 6.78
N GLY H 435 -23.88 4.52 6.76
CA GLY H 435 -24.17 3.79 5.51
C GLY H 435 -25.33 4.36 4.70
N ALA H 436 -26.32 4.92 5.40
CA ALA H 436 -27.44 5.60 4.76
C ALA H 436 -26.96 6.85 4.01
N VAL H 437 -26.12 7.65 4.65
CA VAL H 437 -25.56 8.84 4.04
C VAL H 437 -24.66 8.44 2.87
N GLU H 438 -23.72 7.54 3.15
CA GLU H 438 -22.87 6.91 2.13
C GLU H 438 -23.63 6.60 0.85
N ALA H 439 -24.73 5.85 1.03
CA ALA H 439 -25.58 5.42 -0.08
C ALA H 439 -26.34 6.57 -0.72
N SER H 440 -26.69 7.59 0.06
CA SER H 440 -27.35 8.79 -0.47
C SER H 440 -26.50 9.50 -1.53
N PHE H 441 -25.17 9.42 -1.41
CA PHE H 441 -24.27 9.95 -2.44
C PHE H 441 -24.13 9.00 -3.65
N LYS H 442 -23.93 7.71 -3.40
CA LYS H 442 -23.70 6.74 -4.46
C LYS H 442 -24.94 6.43 -5.33
N CYS H 443 -26.13 6.46 -4.72
CA CYS H 443 -27.40 6.30 -5.46
C CYS H 443 -27.98 7.60 -6.00
N CYS H 444 -27.34 8.74 -5.70
CA CYS H 444 -27.85 10.07 -6.01
C CYS H 444 -29.29 10.21 -5.51
N SER H 445 -29.48 9.91 -4.23
CA SER H 445 -30.81 9.80 -3.66
C SER H 445 -31.48 11.14 -3.52
N GLY H 446 -32.79 11.15 -3.74
CA GLY H 446 -33.61 12.34 -3.55
C GLY H 446 -33.84 12.67 -2.09
N ALA H 447 -33.80 11.65 -1.24
CA ALA H 447 -34.03 11.83 0.20
C ALA H 447 -33.53 10.64 1.01
N ILE H 448 -33.51 10.84 2.32
CA ILE H 448 -33.33 9.75 3.28
C ILE H 448 -34.55 9.81 4.20
N ILE H 449 -35.43 8.82 4.07
CA ILE H 449 -36.63 8.75 4.90
C ILE H 449 -36.29 8.02 6.19
N VAL H 450 -36.55 8.65 7.34
CA VAL H 450 -36.19 8.08 8.64
C VAL H 450 -37.39 8.03 9.58
N LEU H 451 -37.76 6.84 10.02
CA LEU H 451 -38.85 6.68 10.97
C LEU H 451 -38.27 6.79 12.37
N THR H 452 -38.91 7.58 13.23
CA THR H 452 -38.34 7.94 14.53
C THR H 452 -39.37 8.47 15.54
N LYS H 453 -39.28 8.00 16.79
CA LYS H 453 -40.11 8.48 17.89
C LYS H 453 -39.46 9.69 18.55
N SER H 454 -38.26 9.50 19.10
CA SER H 454 -37.54 10.56 19.81
C SER H 454 -36.92 11.62 18.91
N GLY H 455 -36.69 11.30 17.64
CA GLY H 455 -35.93 12.15 16.71
C GLY H 455 -34.47 11.76 16.56
N ARG H 456 -33.93 11.00 17.52
CA ARG H 456 -32.50 10.69 17.58
C ARG H 456 -31.97 10.02 16.30
N SER H 457 -32.69 9.05 15.75
CA SER H 457 -32.27 8.37 14.52
C SER H 457 -32.07 9.34 13.36
N ALA H 458 -32.97 10.31 13.24
CA ALA H 458 -32.86 11.38 12.24
C ALA H 458 -31.70 12.32 12.53
N HIS H 459 -31.47 12.63 13.82
CA HIS H 459 -30.36 13.48 14.23
C HIS H 459 -29.01 12.82 13.88
N GLN H 460 -28.88 11.53 14.14
CA GLN H 460 -27.64 10.77 13.86
C GLN H 460 -27.31 10.73 12.38
N VAL H 461 -28.33 10.79 11.52
CA VAL H 461 -28.13 10.88 10.07
C VAL H 461 -27.67 12.29 9.72
N ALA H 462 -28.39 13.29 10.23
CA ALA H 462 -28.08 14.70 9.95
C ALA H 462 -26.69 15.11 10.43
N ARG H 463 -26.22 14.48 11.50
CA ARG H 463 -24.87 14.70 12.02
C ARG H 463 -23.80 14.57 10.95
N TYR H 464 -23.97 13.61 10.04
CA TYR H 464 -23.02 13.36 8.96
C TYR H 464 -23.24 14.20 7.69
N ARG H 465 -24.11 15.20 7.74
CA ARG H 465 -24.24 16.23 6.69
C ARG H 465 -24.41 15.69 5.25
N PRO H 466 -25.48 14.94 4.99
CA PRO H 466 -25.75 14.51 3.62
C PRO H 466 -26.16 15.66 2.69
N ARG H 467 -26.18 15.39 1.40
CA ARG H 467 -26.66 16.36 0.43
C ARG H 467 -28.16 16.29 0.39
N ALA H 468 -28.68 15.06 0.33
CA ALA H 468 -30.12 14.85 0.26
C ALA H 468 -30.85 15.32 1.52
N PRO H 469 -32.10 15.77 1.36
CA PRO H 469 -32.93 16.06 2.54
C PRO H 469 -33.29 14.79 3.32
N ILE H 470 -33.46 14.96 4.62
CA ILE H 470 -33.84 13.88 5.51
C ILE H 470 -35.30 14.07 5.84
N ILE H 471 -36.20 13.29 5.25
CA ILE H 471 -37.62 13.35 5.63
C ILE H 471 -37.81 12.50 6.88
N ALA H 472 -37.96 13.15 8.04
CA ALA H 472 -38.10 12.46 9.33
C ALA H 472 -39.57 12.27 9.67
N VAL H 473 -40.03 11.03 9.65
CA VAL H 473 -41.43 10.69 9.92
C VAL H 473 -41.59 10.34 11.39
N THR H 474 -42.63 10.88 12.02
CA THR H 474 -42.88 10.64 13.44
C THR H 474 -44.35 10.81 13.81
N ARG H 475 -44.74 10.17 14.91
CA ARG H 475 -46.05 10.38 15.53
C ARG H 475 -46.01 11.35 16.72
N ASN H 476 -44.82 11.55 17.31
CA ASN H 476 -44.64 12.47 18.45
C ASN H 476 -44.55 13.90 17.92
N PRO H 477 -45.54 14.75 18.26
CA PRO H 477 -45.54 16.10 17.68
C PRO H 477 -44.41 17.00 18.18
N GLN H 478 -43.90 16.77 19.37
CA GLN H 478 -42.78 17.58 19.90
C GLN H 478 -41.50 17.32 19.13
N THR H 479 -41.23 16.04 18.82
CA THR H 479 -40.00 15.68 18.11
C THR H 479 -40.01 16.23 16.69
N ALA H 480 -41.21 16.30 16.09
CA ALA H 480 -41.40 16.96 14.81
C ALA H 480 -41.00 18.43 14.86
N ARG H 481 -41.36 19.13 15.93
CA ARG H 481 -40.97 20.52 16.11
C ARG H 481 -39.49 20.67 16.43
N GLN H 482 -39.00 19.90 17.38
CA GLN H 482 -37.59 20.00 17.80
C GLN H 482 -36.58 19.63 16.71
N ALA H 483 -37.02 18.87 15.70
CA ALA H 483 -36.17 18.51 14.57
C ALA H 483 -35.64 19.69 13.73
N HIS H 484 -36.36 20.81 13.69
CA HIS H 484 -35.96 21.97 12.85
C HIS H 484 -34.60 22.57 13.22
N LEU H 485 -34.22 22.43 14.49
CA LEU H 485 -32.86 22.76 14.97
C LEU H 485 -31.73 22.14 14.15
N TYR H 486 -31.94 20.90 13.70
CA TYR H 486 -30.95 20.19 12.90
C TYR H 486 -31.08 20.52 11.42
N ARG H 487 -29.91 20.57 10.78
CA ARG H 487 -29.81 20.98 9.40
C ARG H 487 -30.27 19.84 8.52
N GLY H 488 -31.05 20.17 7.51
CA GLY H 488 -31.45 19.18 6.49
C GLY H 488 -32.49 18.17 6.90
N ILE H 489 -33.01 18.27 8.12
CA ILE H 489 -34.17 17.45 8.51
C ILE H 489 -35.41 18.20 8.08
N PHE H 490 -36.27 17.50 7.36
CA PHE H 490 -37.62 17.95 7.05
C PHE H 490 -38.61 17.10 7.84
N PRO H 491 -39.05 17.59 9.01
CA PRO H 491 -39.93 16.79 9.84
C PRO H 491 -41.32 16.78 9.26
N VAL H 492 -42.05 15.71 9.54
CA VAL H 492 -43.38 15.54 9.00
C VAL H 492 -44.19 14.63 9.95
N LEU H 493 -45.37 15.13 10.34
CA LEU H 493 -46.16 14.51 11.39
C LEU H 493 -47.22 13.59 10.84
N CYS H 494 -47.05 12.29 11.14
CA CYS H 494 -47.99 11.23 10.78
C CYS H 494 -49.00 11.07 11.89
N LYS H 495 -50.26 11.39 11.59
CA LYS H 495 -51.36 11.29 12.54
C LYS H 495 -52.18 10.00 12.38
N ASP H 496 -51.79 9.13 11.43
CA ASP H 496 -52.45 7.83 11.26
C ASP H 496 -52.29 6.96 12.51
N PRO H 497 -53.29 6.09 12.78
CA PRO H 497 -53.18 5.21 13.93
C PRO H 497 -52.21 4.07 13.66
N VAL H 498 -51.67 3.49 14.73
CA VAL H 498 -50.65 2.45 14.59
C VAL H 498 -51.30 1.16 14.08
N GLN H 499 -50.84 0.68 12.93
CA GLN H 499 -51.40 -0.53 12.33
C GLN H 499 -50.92 -1.74 13.12
N GLU H 500 -51.73 -2.79 13.15
CA GLU H 500 -51.43 -3.97 13.98
C GLU H 500 -50.24 -4.73 13.44
N ALA H 501 -50.28 -5.05 12.15
CA ALA H 501 -49.15 -5.67 11.47
C ALA H 501 -48.02 -4.64 11.37
N TRP H 502 -46.95 -4.86 12.14
CA TRP H 502 -45.84 -3.92 12.21
C TRP H 502 -45.28 -3.55 10.82
N ALA H 503 -45.13 -4.53 9.94
CA ALA H 503 -44.59 -4.30 8.60
C ALA H 503 -45.43 -3.35 7.75
N GLU H 504 -46.76 -3.39 7.94
CA GLU H 504 -47.67 -2.46 7.25
C GLU H 504 -47.62 -1.05 7.82
N ASP H 505 -47.42 -0.94 9.14
CA ASP H 505 -47.24 0.35 9.82
C ASP H 505 -46.00 1.10 9.34
N VAL H 506 -44.95 0.34 9.02
CA VAL H 506 -43.75 0.88 8.40
C VAL H 506 -44.09 1.34 6.98
N ASP H 507 -44.58 0.41 6.16
CA ASP H 507 -44.97 0.69 4.77
C ASP H 507 -45.90 1.90 4.63
N LEU H 508 -46.81 2.06 5.59
CA LEU H 508 -47.68 3.24 5.66
C LEU H 508 -46.88 4.54 5.79
N ARG H 509 -46.08 4.61 6.85
CA ARG H 509 -45.26 5.79 7.16
C ARG H 509 -44.22 6.10 6.09
N VAL H 510 -43.63 5.06 5.51
CA VAL H 510 -42.68 5.24 4.40
C VAL H 510 -43.42 5.82 3.22
N ASN H 511 -44.56 5.23 2.86
CA ASN H 511 -45.35 5.71 1.72
C ASN H 511 -45.98 7.08 1.98
N PHE H 512 -46.18 7.43 3.25
CA PHE H 512 -46.57 8.79 3.63
C PHE H 512 -45.48 9.80 3.24
N ALA H 513 -44.24 9.50 3.62
CA ALA H 513 -43.09 10.36 3.27
C ALA H 513 -42.83 10.44 1.79
N MET H 514 -43.08 9.34 1.07
CA MET H 514 -42.94 9.31 -0.39
C MET H 514 -43.83 10.36 -1.02
N ASN H 515 -45.07 10.43 -0.54
CA ASN H 515 -46.05 11.38 -1.06
C ASN H 515 -45.70 12.82 -0.69
N VAL H 516 -45.17 13.02 0.52
CA VAL H 516 -44.70 14.35 0.96
C VAL H 516 -43.59 14.79 0.03
N GLY H 517 -42.58 13.94 -0.11
CA GLY H 517 -41.41 14.20 -0.96
C GLY H 517 -41.74 14.46 -2.42
N LYS H 518 -42.72 13.75 -2.96
CA LYS H 518 -43.21 14.02 -4.31
C LYS H 518 -43.91 15.38 -4.40
N ALA H 519 -44.72 15.71 -3.40
CA ALA H 519 -45.41 17.00 -3.34
C ALA H 519 -44.45 18.17 -3.18
N ARG H 520 -43.49 18.04 -2.26
CA ARG H 520 -42.43 19.06 -2.09
C ARG H 520 -41.61 19.23 -3.37
N GLY H 521 -41.40 18.13 -4.10
CA GLY H 521 -40.59 18.13 -5.31
C GLY H 521 -39.18 17.59 -5.09
N PHE H 522 -38.89 17.13 -3.87
CA PHE H 522 -37.60 16.51 -3.56
C PHE H 522 -37.22 15.40 -4.55
N PHE H 523 -38.20 14.58 -4.93
CA PHE H 523 -37.97 13.52 -5.91
C PHE H 523 -39.26 13.20 -6.66
N LYS H 524 -39.14 12.30 -7.64
CA LYS H 524 -40.27 11.92 -8.47
C LYS H 524 -40.31 10.42 -8.73
N LYS H 525 -41.40 9.99 -9.34
CA LYS H 525 -41.60 8.62 -9.82
C LYS H 525 -40.31 8.09 -10.46
N GLY H 526 -39.79 6.97 -9.93
CA GLY H 526 -38.63 6.30 -10.52
C GLY H 526 -37.24 6.68 -10.01
N ASP H 527 -37.13 7.72 -9.18
CA ASP H 527 -35.88 8.04 -8.48
C ASP H 527 -35.66 7.03 -7.35
N VAL H 528 -34.52 7.13 -6.67
CA VAL H 528 -34.16 6.24 -5.57
C VAL H 528 -34.08 7.03 -4.26
N VAL H 529 -34.53 6.42 -3.18
CA VAL H 529 -34.41 7.00 -1.83
C VAL H 529 -33.98 5.94 -0.81
N ILE H 530 -33.31 6.40 0.24
CA ILE H 530 -32.85 5.54 1.31
C ILE H 530 -33.88 5.58 2.43
N VAL H 531 -34.11 4.46 3.10
CA VAL H 531 -35.16 4.36 4.13
C VAL H 531 -34.63 3.65 5.37
N LEU H 532 -34.60 4.37 6.51
CA LEU H 532 -34.21 3.80 7.80
C LEU H 532 -35.42 3.46 8.69
N THR H 533 -35.47 2.22 9.15
CA THR H 533 -36.58 1.71 9.98
C THR H 533 -36.05 0.83 11.12
N GLY H 534 -36.95 0.32 11.96
CA GLY H 534 -36.59 -0.74 12.93
C GLY H 534 -36.82 -2.09 12.27
N TRP H 535 -36.59 -3.17 13.01
CA TRP H 535 -36.93 -4.53 12.50
C TRP H 535 -37.98 -5.21 13.40
N ARG H 536 -37.73 -5.24 14.70
CA ARG H 536 -38.77 -5.65 15.64
C ARG H 536 -39.39 -4.39 16.20
N PRO H 537 -40.72 -4.40 16.42
CA PRO H 537 -41.27 -3.38 17.30
C PRO H 537 -40.93 -3.81 18.72
N GLY H 538 -39.88 -3.22 19.29
CA GLY H 538 -39.31 -3.70 20.55
C GLY H 538 -37.80 -3.65 20.57
N SER H 539 -37.18 -3.85 19.40
CA SER H 539 -35.74 -3.64 19.21
C SER H 539 -35.43 -2.15 19.46
N GLY H 540 -34.42 -1.90 20.29
CA GLY H 540 -34.05 -0.52 20.66
C GLY H 540 -33.58 0.33 19.50
N PHE H 541 -32.97 -0.29 18.51
CA PHE H 541 -32.21 0.39 17.45
C PHE H 541 -32.98 0.63 16.15
N THR H 542 -32.71 1.77 15.51
CA THR H 542 -33.09 2.02 14.10
C THR H 542 -31.96 1.48 13.22
N ASN H 543 -32.06 0.19 12.94
CA ASN H 543 -30.94 -0.60 12.39
C ASN H 543 -31.14 -1.10 10.96
N THR H 544 -32.30 -0.84 10.35
CA THR H 544 -32.64 -1.43 9.05
C THR H 544 -32.69 -0.44 7.90
N MET H 545 -31.66 -0.45 7.07
CA MET H 545 -31.53 0.43 5.91
C MET H 545 -31.92 -0.30 4.65
N ARG H 546 -32.68 0.36 3.78
CA ARG H 546 -32.99 -0.20 2.47
C ARG H 546 -33.06 0.86 1.40
N VAL H 547 -32.63 0.47 0.20
CA VAL H 547 -32.60 1.35 -0.95
C VAL H 547 -33.84 1.06 -1.75
N VAL H 548 -34.71 2.07 -1.84
CA VAL H 548 -36.05 1.92 -2.41
C VAL H 548 -36.19 2.83 -3.62
N PRO H 549 -36.70 2.28 -4.74
CA PRO H 549 -37.10 3.14 -5.83
C PRO H 549 -38.51 3.70 -5.55
N VAL H 550 -38.72 4.95 -5.96
CA VAL H 550 -39.94 5.68 -5.65
C VAL H 550 -41.09 5.15 -6.50
N PRO H 551 -42.20 4.77 -5.86
CA PRO H 551 -43.36 4.30 -6.61
C PRO H 551 -44.05 5.45 -7.34
N ILE I 33 -17.11 27.18 -33.13
CA ILE I 33 -16.04 26.53 -32.34
C ILE I 33 -15.67 25.16 -32.95
N GLN I 34 -14.87 25.17 -34.01
CA GLN I 34 -14.36 23.95 -34.66
C GLN I 34 -12.98 23.58 -34.09
N THR I 35 -12.94 22.91 -32.94
CA THR I 35 -11.66 22.52 -32.31
C THR I 35 -11.04 21.37 -33.09
N GLN I 36 -9.71 21.39 -33.19
CA GLN I 36 -9.02 20.63 -34.24
C GLN I 36 -8.34 19.34 -33.78
N GLN I 37 -7.45 19.43 -32.79
CA GLN I 37 -6.62 18.28 -32.39
C GLN I 37 -5.75 17.77 -33.55
N LEU I 38 -4.97 18.72 -34.07
CA LEU I 38 -3.84 18.48 -34.97
C LEU I 38 -2.81 17.51 -34.36
N HIS I 39 -1.77 17.23 -35.14
CA HIS I 39 -0.58 16.47 -34.73
C HIS I 39 -0.72 14.93 -34.76
N ALA I 40 -1.87 14.43 -35.23
CA ALA I 40 -1.98 13.03 -35.65
C ALA I 40 -1.24 12.88 -36.99
N ALA I 41 -0.18 12.08 -37.01
CA ALA I 41 0.68 11.92 -38.18
C ALA I 41 -0.08 11.29 -39.35
N MET I 42 -0.11 12.01 -40.48
CA MET I 42 -0.97 11.66 -41.61
C MET I 42 -0.52 10.37 -42.31
N ALA I 43 -1.50 9.60 -42.80
CA ALA I 43 -1.26 8.21 -43.20
C ALA I 43 -0.33 8.08 -44.39
N ASP I 44 0.25 6.88 -44.51
CA ASP I 44 1.25 6.55 -45.54
C ASP I 44 0.64 6.50 -46.94
N THR I 45 -0.48 5.78 -47.06
CA THR I 45 -1.16 5.55 -48.33
C THR I 45 -2.64 5.83 -48.20
N PHE I 46 -3.28 6.20 -49.31
CA PHE I 46 -4.71 6.50 -49.30
C PHE I 46 -5.60 5.33 -48.83
N LEU I 47 -5.21 4.11 -49.17
CA LEU I 47 -5.89 2.90 -48.68
C LEU I 47 -5.82 2.80 -47.17
N GLU I 48 -4.63 3.00 -46.64
CA GLU I 48 -4.40 2.94 -45.20
C GLU I 48 -5.22 4.00 -44.48
N HIS I 49 -5.35 5.17 -45.11
CA HIS I 49 -6.12 6.28 -44.57
C HIS I 49 -7.61 6.00 -44.44
N MET I 50 -8.19 5.33 -45.44
CA MET I 50 -9.57 4.87 -45.40
C MET I 50 -9.75 3.85 -44.28
N CYS I 51 -8.78 2.94 -44.14
CA CYS I 51 -8.84 1.91 -43.11
C CYS I 51 -8.80 2.44 -41.68
N ARG I 52 -8.27 3.65 -41.49
CA ARG I 52 -8.22 4.29 -40.16
C ARG I 52 -9.46 5.10 -39.78
N LEU I 53 -10.45 5.20 -40.67
CA LEU I 53 -11.67 5.93 -40.34
C LEU I 53 -12.45 5.22 -39.25
N ASP I 54 -12.55 5.86 -38.10
CA ASP I 54 -13.31 5.35 -36.97
C ASP I 54 -14.54 6.22 -36.82
N ILE I 55 -15.72 5.62 -36.98
CA ILE I 55 -16.99 6.35 -36.84
C ILE I 55 -17.24 6.81 -35.40
N ASP I 56 -16.69 6.09 -34.42
CA ASP I 56 -16.89 6.38 -32.99
C ASP I 56 -16.18 7.64 -32.47
N SER I 57 -15.08 8.05 -33.09
CA SER I 57 -14.37 9.26 -32.67
C SER I 57 -14.94 10.51 -33.35
N PRO I 58 -14.82 11.70 -32.71
CA PRO I 58 -15.32 12.93 -33.30
C PRO I 58 -14.35 13.47 -34.35
N PRO I 59 -14.81 14.38 -35.24
CA PRO I 59 -13.96 14.82 -36.34
C PRO I 59 -12.84 15.74 -35.84
N ILE I 60 -11.66 15.57 -36.43
CA ILE I 60 -10.43 16.16 -35.91
C ILE I 60 -9.90 17.22 -36.86
N THR I 61 -10.79 18.07 -37.33
CA THR I 61 -10.46 18.97 -38.43
C THR I 61 -11.57 19.98 -38.61
N ALA I 62 -11.19 21.22 -38.91
CA ALA I 62 -12.14 22.28 -39.20
C ALA I 62 -12.89 21.96 -40.48
N ARG I 63 -14.18 22.26 -40.49
CA ARG I 63 -14.96 22.19 -41.71
C ARG I 63 -14.48 23.25 -42.70
N ASN I 64 -13.80 22.81 -43.76
CA ASN I 64 -13.16 23.73 -44.72
C ASN I 64 -14.03 24.06 -45.93
N THR I 65 -15.05 23.26 -46.21
CA THR I 65 -15.92 23.47 -47.37
C THR I 65 -17.02 24.48 -47.08
N GLY I 66 -16.97 25.65 -47.76
CA GLY I 66 -17.97 26.71 -47.59
C GLY I 66 -19.42 26.29 -47.77
N ILE I 67 -20.34 27.07 -47.17
CA ILE I 67 -21.78 26.75 -47.18
C ILE I 67 -22.58 27.96 -47.68
N ILE I 68 -23.18 27.80 -48.87
CA ILE I 68 -24.03 28.82 -49.48
C ILE I 68 -25.49 28.44 -49.26
N CYS I 69 -26.23 29.29 -48.56
CA CYS I 69 -27.67 29.10 -48.35
C CYS I 69 -28.46 30.08 -49.18
N THR I 70 -29.50 29.56 -49.85
CA THR I 70 -30.41 30.39 -50.61
C THR I 70 -31.42 30.98 -49.64
N ILE I 71 -31.54 32.31 -49.66
CA ILE I 71 -32.48 33.02 -48.80
C ILE I 71 -33.78 33.21 -49.57
N GLY I 72 -34.89 33.02 -48.85
CA GLY I 72 -36.24 33.15 -49.40
C GLY I 72 -37.25 33.33 -48.29
N PRO I 73 -38.55 33.08 -48.58
CA PRO I 73 -39.65 33.21 -47.61
C PRO I 73 -39.39 32.73 -46.17
N ALA I 74 -38.84 31.53 -46.00
CA ALA I 74 -38.68 30.92 -44.67
C ALA I 74 -37.47 31.42 -43.86
N SER I 75 -36.52 32.08 -44.53
CA SER I 75 -35.26 32.52 -43.91
C SER I 75 -34.93 34.00 -44.12
N ARG I 76 -35.91 34.78 -44.55
CA ARG I 76 -35.69 36.16 -44.99
C ARG I 76 -35.44 37.12 -43.82
N SER I 77 -36.02 36.79 -42.66
CA SER I 77 -36.06 37.70 -41.51
C SER I 77 -34.71 37.86 -40.86
N VAL I 78 -34.51 39.00 -40.21
CA VAL I 78 -33.26 39.31 -39.53
C VAL I 78 -32.96 38.31 -38.40
N GLU I 79 -34.00 37.81 -37.74
CA GLU I 79 -33.81 36.89 -36.62
C GLU I 79 -33.44 35.47 -37.07
N THR I 80 -34.01 35.00 -38.17
CA THR I 80 -33.64 33.70 -38.74
C THR I 80 -32.18 33.70 -39.21
N LEU I 81 -31.80 34.74 -39.94
CA LEU I 81 -30.46 34.86 -40.51
C LEU I 81 -29.38 34.86 -39.43
N LYS I 82 -29.61 35.56 -38.33
CA LYS I 82 -28.66 35.55 -37.20
C LYS I 82 -28.31 34.14 -36.75
N GLU I 83 -29.31 33.28 -36.62
CA GLU I 83 -29.08 31.90 -36.22
C GLU I 83 -28.42 31.06 -37.31
N MET I 84 -28.73 31.35 -38.58
CA MET I 84 -28.07 30.68 -39.71
C MET I 84 -26.59 31.01 -39.86
N ILE I 85 -26.23 32.28 -39.65
CA ILE I 85 -24.83 32.71 -39.65
C ILE I 85 -24.08 32.03 -38.49
N LYS I 86 -24.72 31.98 -37.33
CA LYS I 86 -24.18 31.26 -36.17
C LYS I 86 -23.95 29.78 -36.44
N SER I 87 -24.87 29.15 -37.16
CA SER I 87 -24.76 27.72 -37.47
C SER I 87 -23.93 27.39 -38.72
N GLY I 88 -23.31 28.42 -39.33
CA GLY I 88 -22.28 28.23 -40.33
C GLY I 88 -22.58 28.65 -41.76
N MET I 89 -23.53 29.56 -41.96
CA MET I 89 -23.73 30.16 -43.28
C MET I 89 -22.55 31.07 -43.60
N ASN I 90 -22.19 31.08 -44.87
CA ASN I 90 -21.06 31.87 -45.38
C ASN I 90 -21.49 32.80 -46.51
N VAL I 91 -22.29 32.29 -47.44
CA VAL I 91 -22.82 33.07 -48.55
C VAL I 91 -24.35 33.02 -48.56
N ALA I 92 -24.97 34.16 -48.83
CA ALA I 92 -26.42 34.25 -48.97
C ALA I 92 -26.73 34.42 -50.45
N ARG I 93 -27.38 33.41 -51.03
CA ARG I 93 -27.85 33.48 -52.42
C ARG I 93 -29.24 34.08 -52.50
N LEU I 94 -29.46 34.90 -53.53
CA LEU I 94 -30.78 35.44 -53.86
C LEU I 94 -31.13 34.96 -55.26
N ASN I 95 -32.32 34.38 -55.42
CA ASN I 95 -32.75 33.82 -56.68
C ASN I 95 -33.60 34.82 -57.46
N PHE I 96 -33.03 35.41 -58.53
CA PHE I 96 -33.72 36.45 -59.33
C PHE I 96 -34.64 35.89 -60.44
N SER I 97 -34.82 34.57 -60.49
CA SER I 97 -35.92 33.96 -61.26
C SER I 97 -37.28 34.41 -60.72
N HIS I 98 -37.37 34.66 -59.42
CA HIS I 98 -38.60 35.10 -58.75
C HIS I 98 -38.35 36.35 -57.92
N GLY I 99 -39.39 37.15 -57.70
CA GLY I 99 -39.32 38.35 -56.85
C GLY I 99 -38.96 39.61 -57.61
N THR I 100 -39.28 40.77 -57.00
CA THR I 100 -38.98 42.09 -57.58
C THR I 100 -37.69 42.69 -57.02
N HIS I 101 -37.26 43.81 -57.60
CA HIS I 101 -36.05 44.52 -57.13
C HIS I 101 -36.21 45.13 -55.75
N GLU I 102 -37.42 45.60 -55.45
CA GLU I 102 -37.74 46.13 -54.13
C GLU I 102 -37.72 45.03 -53.08
N TYR I 103 -38.23 43.85 -53.45
CA TYR I 103 -38.31 42.68 -52.56
C TYR I 103 -36.91 42.23 -52.17
N HIS I 104 -36.05 42.03 -53.17
CA HIS I 104 -34.67 41.56 -52.93
C HIS I 104 -33.76 42.59 -52.28
N ALA I 105 -34.05 43.88 -52.46
CA ALA I 105 -33.31 44.95 -51.78
C ALA I 105 -33.43 44.83 -50.26
N GLU I 106 -34.60 44.42 -49.79
CA GLU I 106 -34.86 44.22 -48.37
C GLU I 106 -34.33 42.88 -47.86
N THR I 107 -34.33 41.85 -48.72
CA THR I 107 -33.67 40.58 -48.39
C THR I 107 -32.19 40.81 -48.10
N ILE I 108 -31.55 41.64 -48.93
CA ILE I 108 -30.14 42.04 -48.75
C ILE I 108 -29.95 42.86 -47.47
N LYS I 109 -30.81 43.85 -47.25
CA LYS I 109 -30.75 44.69 -46.04
C LYS I 109 -30.82 43.86 -44.76
N ASN I 110 -31.64 42.81 -44.77
CA ASN I 110 -31.76 41.91 -43.63
C ASN I 110 -30.51 41.06 -43.41
N VAL I 111 -29.90 40.58 -44.49
CA VAL I 111 -28.65 39.84 -44.40
C VAL I 111 -27.61 40.74 -43.74
N ARG I 112 -27.46 41.95 -44.27
CA ARG I 112 -26.46 42.89 -43.74
C ARG I 112 -26.70 43.34 -42.30
N THR I 113 -27.95 43.45 -41.89
CA THR I 113 -28.30 43.75 -40.49
C THR I 113 -27.89 42.60 -39.57
N ALA I 114 -28.25 41.38 -39.96
CA ALA I 114 -27.92 40.17 -39.20
C ALA I 114 -26.42 39.96 -39.09
N THR I 115 -25.72 40.11 -40.22
CA THR I 115 -24.26 39.97 -40.29
C THR I 115 -23.56 40.94 -39.34
N GLU I 116 -23.94 42.21 -39.44
CA GLU I 116 -23.38 43.30 -38.63
C GLU I 116 -23.76 43.25 -37.14
N SER I 117 -24.77 42.46 -36.76
CA SER I 117 -25.12 42.28 -35.34
C SER I 117 -23.94 41.76 -34.50
N PHE I 118 -23.06 40.95 -35.11
CA PHE I 118 -21.88 40.40 -34.43
C PHE I 118 -20.64 41.30 -34.50
N ALA I 119 -20.73 42.44 -35.18
CA ALA I 119 -19.56 43.29 -35.45
C ALA I 119 -18.91 43.93 -34.22
N SER I 120 -19.66 44.05 -33.11
CA SER I 120 -19.13 44.69 -31.90
C SER I 120 -18.01 43.90 -31.18
N ASP I 121 -17.80 42.64 -31.57
CA ASP I 121 -16.63 41.85 -31.16
C ASP I 121 -15.91 41.31 -32.42
N PRO I 122 -14.79 41.93 -32.83
CA PRO I 122 -14.17 41.54 -34.12
C PRO I 122 -13.65 40.09 -34.22
N ILE I 123 -13.44 39.45 -33.06
CA ILE I 123 -13.09 38.03 -32.98
C ILE I 123 -14.25 37.11 -33.44
N LEU I 124 -15.46 37.43 -33.03
CA LEU I 124 -16.66 36.65 -33.41
C LEU I 124 -17.31 37.10 -34.73
N TYR I 125 -16.79 38.16 -35.35
CA TYR I 125 -17.37 38.66 -36.60
C TYR I 125 -16.98 37.76 -37.75
N ARG I 126 -17.92 36.93 -38.17
CA ARG I 126 -17.82 36.18 -39.41
C ARG I 126 -18.38 37.09 -40.51
N PRO I 127 -17.60 37.33 -41.58
CA PRO I 127 -18.22 37.95 -42.76
C PRO I 127 -19.16 36.99 -43.50
N VAL I 128 -20.07 37.59 -44.28
CA VAL I 128 -21.08 36.87 -45.04
C VAL I 128 -21.23 37.53 -46.39
N ALA I 129 -21.13 36.73 -47.45
CA ALA I 129 -21.22 37.23 -48.82
C ALA I 129 -22.65 37.26 -49.34
N VAL I 130 -22.88 38.06 -50.38
CA VAL I 130 -24.18 38.17 -51.04
C VAL I 130 -24.00 37.73 -52.49
N ALA I 131 -24.81 36.76 -52.93
CA ALA I 131 -24.73 36.22 -54.29
C ALA I 131 -26.05 36.51 -55.02
N LEU I 132 -25.97 36.87 -56.30
CA LEU I 132 -27.15 37.21 -57.11
C LEU I 132 -27.20 36.26 -58.30
N ASP I 133 -28.35 35.61 -58.50
CA ASP I 133 -28.50 34.39 -59.39
C ASP I 133 -29.48 34.53 -60.61
N THR I 134 -28.95 35.08 -61.72
CA THR I 134 -29.69 35.46 -62.91
C THR I 134 -30.61 34.38 -63.44
N LYS I 135 -31.56 34.82 -64.26
CA LYS I 135 -32.64 33.99 -64.82
C LYS I 135 -32.27 33.21 -66.07
N GLY I 136 -31.47 33.83 -66.94
CA GLY I 136 -31.00 33.18 -68.16
C GLY I 136 -32.11 33.04 -69.20
N PRO I 137 -32.38 31.79 -69.66
CA PRO I 137 -33.59 31.45 -70.40
C PRO I 137 -34.91 31.89 -69.75
N PRO I 239 -30.44 34.47 -75.90
CA PRO I 239 -29.45 35.46 -75.46
C PRO I 239 -28.81 35.07 -74.13
N ALA I 240 -27.50 35.25 -74.02
CA ALA I 240 -26.75 34.91 -72.79
C ALA I 240 -27.29 35.70 -71.59
N VAL I 241 -27.49 36.99 -71.81
CA VAL I 241 -28.08 37.86 -70.83
C VAL I 241 -29.40 38.36 -71.40
N SER I 242 -30.52 37.87 -70.84
CA SER I 242 -31.85 38.38 -71.22
C SER I 242 -31.99 39.83 -70.78
N GLU I 243 -32.93 40.57 -71.38
CA GLU I 243 -33.12 42.00 -71.05
C GLU I 243 -33.53 42.22 -69.58
N LYS I 244 -34.25 41.25 -69.01
CA LYS I 244 -34.55 41.23 -67.57
C LYS I 244 -33.28 41.17 -66.74
N ASP I 245 -32.35 40.29 -67.14
CA ASP I 245 -31.08 40.11 -66.45
C ASP I 245 -30.15 41.31 -66.55
N ILE I 246 -30.20 42.06 -67.65
CA ILE I 246 -29.37 43.26 -67.79
C ILE I 246 -29.75 44.29 -66.72
N GLN I 247 -31.01 44.32 -66.32
CA GLN I 247 -31.45 45.14 -65.18
C GLN I 247 -31.09 44.52 -63.83
N ASP I 248 -31.23 43.20 -63.71
CA ASP I 248 -30.86 42.48 -62.47
C ASP I 248 -29.36 42.61 -62.13
N LEU I 249 -28.50 42.57 -63.16
CA LEU I 249 -27.06 42.72 -62.97
C LEU I 249 -26.64 44.14 -62.60
N LYS I 250 -27.35 45.14 -63.12
CA LYS I 250 -27.10 46.54 -62.72
C LYS I 250 -27.56 46.78 -61.29
N PHE I 251 -28.67 46.15 -60.89
CA PHE I 251 -29.16 46.18 -59.51
C PHE I 251 -28.17 45.55 -58.54
N GLY I 252 -27.51 44.47 -58.99
CA GLY I 252 -26.45 43.83 -58.22
C GLY I 252 -25.28 44.75 -57.98
N VAL I 253 -24.81 45.39 -59.06
CA VAL I 253 -23.70 46.35 -58.98
C VAL I 253 -24.08 47.52 -58.07
N GLU I 254 -25.31 48.00 -58.24
CA GLU I 254 -25.87 49.09 -57.44
C GLU I 254 -25.99 48.73 -55.95
N GLN I 255 -26.36 47.48 -55.64
CA GLN I 255 -26.45 46.99 -54.25
C GLN I 255 -25.12 46.48 -53.66
N ASP I 256 -24.03 46.56 -54.43
CA ASP I 256 -22.71 46.02 -54.06
C ASP I 256 -22.79 44.55 -53.60
N VAL I 257 -23.23 43.69 -54.51
CA VAL I 257 -23.08 42.26 -54.31
C VAL I 257 -21.60 41.90 -54.47
N ASP I 258 -21.27 40.71 -53.98
CA ASP I 258 -19.90 40.21 -53.96
C ASP I 258 -19.65 39.21 -55.09
N MET I 259 -20.68 38.48 -55.51
CA MET I 259 -20.57 37.55 -56.62
C MET I 259 -21.89 37.40 -57.38
N VAL I 260 -21.78 36.89 -58.60
CA VAL I 260 -22.92 36.67 -59.50
C VAL I 260 -22.87 35.23 -59.99
N PHE I 261 -23.95 34.47 -59.76
CA PHE I 261 -24.09 33.13 -60.31
C PHE I 261 -24.83 33.22 -61.65
N ALA I 262 -24.08 33.33 -62.75
CA ALA I 262 -24.65 33.45 -64.10
C ALA I 262 -25.23 32.13 -64.58
N SER I 263 -26.51 32.13 -64.96
CA SER I 263 -27.23 30.90 -65.29
C SER I 263 -27.08 30.47 -66.75
N PHE I 264 -27.28 29.17 -66.98
CA PHE I 264 -27.33 28.55 -68.32
C PHE I 264 -26.20 29.00 -69.25
N ILE I 265 -24.97 28.85 -68.78
CA ILE I 265 -23.78 29.22 -69.57
C ILE I 265 -23.46 28.08 -70.53
N ARG I 266 -23.34 28.45 -71.80
CA ARG I 266 -23.08 27.53 -72.89
C ARG I 266 -21.68 27.66 -73.48
N LYS I 267 -21.07 28.83 -73.37
CA LYS I 267 -19.84 29.14 -74.11
C LYS I 267 -19.14 30.37 -73.57
N ALA I 268 -17.90 30.57 -74.01
CA ALA I 268 -17.04 31.63 -73.48
C ALA I 268 -17.71 33.00 -73.59
N SER I 269 -18.25 33.29 -74.77
CA SER I 269 -18.88 34.59 -75.04
C SER I 269 -20.09 34.92 -74.16
N ASP I 270 -20.77 33.89 -73.63
CA ASP I 270 -21.85 34.10 -72.66
C ASP I 270 -21.30 34.76 -71.39
N VAL I 271 -20.17 34.26 -70.91
CA VAL I 271 -19.53 34.79 -69.71
C VAL I 271 -19.01 36.20 -69.98
N HIS I 272 -18.38 36.39 -71.14
CA HIS I 272 -17.87 37.70 -71.54
C HIS I 272 -18.94 38.79 -71.54
N GLU I 273 -20.17 38.45 -71.94
CA GLU I 273 -21.27 39.42 -71.94
C GLU I 273 -21.84 39.68 -70.55
N VAL I 274 -21.75 38.70 -69.64
CA VAL I 274 -22.09 38.91 -68.24
C VAL I 274 -21.08 39.87 -67.61
N ARG I 275 -19.80 39.69 -67.95
CA ARG I 275 -18.72 40.60 -67.52
C ARG I 275 -18.96 42.02 -68.02
N LYS I 276 -19.24 42.11 -69.32
CA LYS I 276 -19.39 43.38 -70.02
C LYS I 276 -20.56 44.21 -69.46
N VAL I 277 -21.64 43.55 -69.04
CA VAL I 277 -22.78 44.24 -68.42
C VAL I 277 -22.42 44.78 -67.04
N LEU I 278 -21.71 44.01 -66.25
CA LEU I 278 -21.24 44.46 -64.93
C LEU I 278 -20.26 45.62 -65.08
N GLY I 279 -19.39 45.53 -66.09
CA GLY I 279 -18.58 46.66 -66.53
C GLY I 279 -17.50 47.12 -65.57
N GLU I 280 -17.02 48.34 -65.79
CA GLU I 280 -16.02 48.98 -64.92
C GLU I 280 -16.51 49.12 -63.48
N LYS I 281 -17.78 49.47 -63.31
CA LYS I 281 -18.35 49.75 -62.00
C LYS I 281 -18.35 48.54 -61.08
N GLY I 282 -18.55 47.35 -61.64
CA GLY I 282 -18.55 46.11 -60.86
C GLY I 282 -17.59 45.09 -61.42
N LYS I 283 -16.38 45.52 -61.73
CA LYS I 283 -15.34 44.63 -62.28
C LYS I 283 -14.84 43.65 -61.22
N ASN I 284 -14.91 44.04 -59.95
CA ASN I 284 -14.47 43.20 -58.83
C ASN I 284 -15.48 42.11 -58.44
N ILE I 285 -16.71 42.20 -58.96
CA ILE I 285 -17.73 41.19 -58.66
C ILE I 285 -17.39 39.90 -59.39
N LYS I 286 -17.28 38.80 -58.62
CA LYS I 286 -16.87 37.50 -59.15
C LYS I 286 -18.02 36.84 -59.92
N ILE I 287 -17.72 36.29 -61.09
CA ILE I 287 -18.69 35.62 -61.95
C ILE I 287 -18.53 34.10 -61.87
N ILE I 288 -19.48 33.44 -61.23
CA ILE I 288 -19.52 31.98 -61.18
C ILE I 288 -20.43 31.52 -62.30
N SER I 289 -19.87 30.81 -63.27
CA SER I 289 -20.66 30.27 -64.37
C SER I 289 -21.34 28.96 -63.97
N LYS I 290 -22.64 28.86 -64.20
CA LYS I 290 -23.41 27.65 -63.92
C LYS I 290 -23.45 26.75 -65.14
N ILE I 291 -23.02 25.51 -64.99
CA ILE I 291 -23.07 24.54 -66.08
C ILE I 291 -24.36 23.76 -65.92
N GLU I 292 -25.36 24.10 -66.73
CA GLU I 292 -26.71 23.54 -66.60
C GLU I 292 -27.12 22.57 -67.73
N ASN I 293 -26.35 22.51 -68.82
CA ASN I 293 -26.75 21.75 -70.02
C ASN I 293 -25.60 21.02 -70.68
N HIS I 294 -25.89 20.22 -71.69
CA HIS I 294 -24.87 19.40 -72.33
C HIS I 294 -23.78 20.25 -72.99
N GLU I 295 -24.18 21.36 -73.63
CA GLU I 295 -23.23 22.24 -74.34
C GLU I 295 -22.18 22.85 -73.40
N GLY I 296 -22.60 23.19 -72.18
CA GLY I 296 -21.69 23.72 -71.16
C GLY I 296 -20.57 22.77 -70.82
N VAL I 297 -20.91 21.49 -70.65
CA VAL I 297 -19.94 20.46 -70.30
C VAL I 297 -18.97 20.23 -71.47
N ARG I 298 -19.46 20.26 -72.70
CA ARG I 298 -18.60 20.08 -73.86
C ARG I 298 -17.59 21.21 -73.98
N ARG I 299 -18.03 22.43 -73.72
CA ARG I 299 -17.16 23.61 -73.81
C ARG I 299 -16.62 24.07 -72.45
N PHE I 300 -16.46 23.14 -71.51
CA PHE I 300 -16.11 23.52 -70.14
C PHE I 300 -14.80 24.29 -70.07
N ASP I 301 -13.83 23.86 -70.88
CA ASP I 301 -12.49 24.45 -70.83
C ASP I 301 -12.49 25.95 -71.15
N GLU I 302 -13.19 26.34 -72.21
CA GLU I 302 -13.25 27.77 -72.59
C GLU I 302 -14.07 28.61 -71.59
N ILE I 303 -15.06 27.98 -70.95
CA ILE I 303 -15.89 28.67 -69.93
C ILE I 303 -15.08 28.88 -68.67
N LEU I 304 -14.42 27.82 -68.20
CA LEU I 304 -13.57 27.87 -67.00
C LEU I 304 -12.52 28.97 -67.08
N GLU I 305 -11.94 29.13 -68.28
CA GLU I 305 -10.93 30.15 -68.51
C GLU I 305 -11.51 31.56 -68.36
N ALA I 306 -12.71 31.77 -68.91
CA ALA I 306 -13.36 33.09 -68.85
C ALA I 306 -14.08 33.38 -67.53
N SER I 307 -14.39 32.34 -66.75
CA SER I 307 -15.15 32.50 -65.51
C SER I 307 -14.23 32.64 -64.30
N ASP I 308 -14.72 33.28 -63.26
CA ASP I 308 -13.99 33.37 -61.99
C ASP I 308 -14.12 32.07 -61.22
N GLY I 309 -15.32 31.48 -61.23
CA GLY I 309 -15.56 30.15 -60.66
C GLY I 309 -16.58 29.36 -61.47
N ILE I 310 -16.98 28.21 -60.92
CA ILE I 310 -17.94 27.31 -61.57
C ILE I 310 -18.98 26.81 -60.55
N MET I 311 -20.18 26.52 -61.04
CA MET I 311 -21.22 25.86 -60.25
C MET I 311 -21.79 24.69 -61.04
N VAL I 312 -21.57 23.48 -60.53
CA VAL I 312 -22.13 22.28 -61.13
C VAL I 312 -23.56 22.12 -60.63
N ALA I 313 -24.53 22.52 -61.46
CA ALA I 313 -25.95 22.31 -61.19
C ALA I 313 -26.34 20.90 -61.63
N ARG I 314 -26.48 20.01 -60.66
CA ARG I 314 -26.54 18.56 -60.94
C ARG I 314 -27.92 18.14 -61.40
N GLY I 315 -28.95 18.63 -60.72
CA GLY I 315 -30.33 18.36 -61.11
C GLY I 315 -30.63 18.79 -62.53
N ASP I 316 -30.15 19.98 -62.90
CA ASP I 316 -30.38 20.52 -64.25
C ASP I 316 -29.62 19.73 -65.31
N LEU I 317 -28.45 19.19 -64.96
CA LEU I 317 -27.72 18.29 -65.85
C LEU I 317 -28.45 16.96 -65.98
N GLY I 318 -28.97 16.45 -64.87
CA GLY I 318 -29.74 15.19 -64.82
C GLY I 318 -30.90 15.10 -65.78
N ILE I 319 -31.46 16.24 -66.15
CA ILE I 319 -32.46 16.35 -67.22
C ILE I 319 -31.80 16.13 -68.58
N GLU I 320 -30.75 16.92 -68.84
CA GLU I 320 -30.23 17.13 -70.19
C GLU I 320 -29.19 16.10 -70.65
N ILE I 321 -28.54 15.39 -69.72
CA ILE I 321 -27.61 14.28 -70.03
C ILE I 321 -28.02 13.04 -69.22
N PRO I 322 -27.60 11.83 -69.67
CA PRO I 322 -28.03 10.60 -68.97
C PRO I 322 -27.61 10.53 -67.50
N ALA I 323 -28.41 9.86 -66.67
CA ALA I 323 -28.17 9.77 -65.23
C ALA I 323 -26.91 8.98 -64.85
N GLU I 324 -26.55 7.98 -65.65
CA GLU I 324 -25.33 7.21 -65.42
C GLU I 324 -24.04 7.94 -65.86
N LYS I 325 -24.16 9.16 -66.38
CA LYS I 325 -23.00 9.94 -66.79
C LYS I 325 -22.88 11.28 -66.07
N VAL I 326 -23.75 11.58 -65.12
CA VAL I 326 -23.70 12.90 -64.49
C VAL I 326 -22.53 12.97 -63.50
N PHE I 327 -22.37 11.91 -62.70
CA PHE I 327 -21.26 11.85 -61.75
C PHE I 327 -19.90 11.99 -62.44
N LEU I 328 -19.76 11.43 -63.65
CA LEU I 328 -18.56 11.64 -64.46
C LEU I 328 -18.33 13.12 -64.81
N ALA I 329 -19.40 13.83 -65.14
CA ALA I 329 -19.31 15.26 -65.42
C ALA I 329 -18.91 16.06 -64.19
N GLN I 330 -19.59 15.80 -63.08
CA GLN I 330 -19.29 16.44 -61.79
C GLN I 330 -17.82 16.26 -61.43
N LYS I 331 -17.33 15.01 -61.49
CA LYS I 331 -15.94 14.71 -61.14
C LYS I 331 -14.96 15.42 -62.04
N MET I 332 -15.23 15.41 -63.34
CA MET I 332 -14.38 16.10 -64.30
C MET I 332 -14.32 17.59 -64.03
N MET I 333 -15.48 18.22 -63.86
CA MET I 333 -15.51 19.66 -63.67
C MET I 333 -14.87 20.07 -62.34
N ILE I 334 -15.19 19.33 -61.28
CA ILE I 334 -14.56 19.57 -59.97
C ILE I 334 -13.06 19.35 -60.09
N GLY I 335 -12.66 18.30 -60.80
CA GLY I 335 -11.25 18.06 -61.07
C GLY I 335 -10.55 19.24 -61.72
N ARG I 336 -11.08 19.71 -62.85
CA ARG I 336 -10.42 20.76 -63.62
C ARG I 336 -10.33 22.09 -62.88
N CYS I 337 -11.37 22.41 -62.13
CA CYS I 337 -11.36 23.60 -61.29
C CYS I 337 -10.30 23.56 -60.20
N ASN I 338 -10.09 22.38 -59.61
CA ASN I 338 -9.02 22.19 -58.62
C ASN I 338 -7.66 22.43 -59.25
N ARG I 339 -7.45 21.85 -60.43
CA ARG I 339 -6.20 22.04 -61.15
C ARG I 339 -5.99 23.51 -61.47
N ALA I 340 -6.97 24.12 -62.13
CA ALA I 340 -6.88 25.55 -62.48
C ALA I 340 -6.90 26.51 -61.28
N GLY I 341 -7.27 26.03 -60.09
CA GLY I 341 -7.19 26.84 -58.87
C GLY I 341 -8.35 27.84 -58.76
N LYS I 342 -9.49 27.50 -59.37
CA LYS I 342 -10.69 28.32 -59.30
C LYS I 342 -11.77 27.62 -58.47
N PRO I 343 -12.63 28.39 -57.79
CA PRO I 343 -13.67 27.74 -57.01
C PRO I 343 -14.62 26.95 -57.86
N VAL I 344 -15.13 25.85 -57.30
CA VAL I 344 -16.21 25.09 -57.88
C VAL I 344 -17.25 24.86 -56.79
N ILE I 345 -18.53 24.91 -57.17
CA ILE I 345 -19.64 24.82 -56.22
C ILE I 345 -20.54 23.67 -56.63
N CYS I 346 -20.92 22.81 -55.69
CA CYS I 346 -21.89 21.74 -55.96
C CYS I 346 -23.26 22.13 -55.47
N ALA I 347 -24.18 22.29 -56.43
CA ALA I 347 -25.52 22.82 -56.19
C ALA I 347 -26.60 21.80 -56.54
N THR I 348 -27.80 22.03 -56.00
CA THR I 348 -29.03 21.29 -56.33
C THR I 348 -29.04 19.86 -55.77
N GLN I 349 -30.23 19.40 -55.36
CA GLN I 349 -30.45 18.02 -54.89
C GLN I 349 -29.58 17.62 -53.70
N MET I 350 -29.22 18.58 -52.85
CA MET I 350 -28.32 18.29 -51.75
C MET I 350 -29.08 17.62 -50.61
N LEU I 351 -29.99 18.36 -49.99
CA LEU I 351 -30.72 17.90 -48.81
C LEU I 351 -32.22 18.15 -48.96
N GLU I 352 -32.78 17.73 -50.09
CA GLU I 352 -34.17 18.09 -50.47
C GLU I 352 -35.24 17.59 -49.50
N SER I 353 -35.01 16.46 -48.85
CA SER I 353 -35.96 15.94 -47.85
C SER I 353 -36.16 16.89 -46.66
N MET I 354 -35.17 17.74 -46.38
CA MET I 354 -35.25 18.72 -45.28
C MET I 354 -36.14 19.95 -45.52
N ILE I 355 -36.74 20.04 -46.71
CA ILE I 355 -37.86 20.96 -46.93
C ILE I 355 -39.02 20.56 -46.01
N LYS I 356 -39.28 19.26 -45.91
CA LYS I 356 -40.41 18.72 -45.13
C LYS I 356 -40.04 18.13 -43.75
N LYS I 357 -38.81 17.63 -43.58
CA LYS I 357 -38.43 16.80 -42.41
C LYS I 357 -37.21 17.39 -41.68
N PRO I 358 -37.03 17.09 -40.37
CA PRO I 358 -36.00 17.73 -39.56
C PRO I 358 -34.58 17.15 -39.72
N ARG I 359 -34.46 16.00 -40.38
CA ARG I 359 -33.19 15.33 -40.63
C ARG I 359 -33.12 14.91 -42.11
N PRO I 360 -31.92 14.60 -42.61
CA PRO I 360 -31.80 14.13 -43.99
C PRO I 360 -31.77 12.61 -44.05
N THR I 361 -31.92 12.07 -45.26
CA THR I 361 -31.82 10.62 -45.48
C THR I 361 -30.35 10.21 -45.48
N ARG I 362 -30.10 8.91 -45.35
CA ARG I 362 -28.74 8.37 -45.41
C ARG I 362 -28.07 8.72 -46.74
N ALA I 363 -28.81 8.54 -47.84
CA ALA I 363 -28.30 8.77 -49.18
C ALA I 363 -28.00 10.25 -49.48
N GLU I 364 -28.70 11.17 -48.83
CA GLU I 364 -28.42 12.60 -49.00
C GLU I 364 -27.12 12.99 -48.35
N GLY I 365 -26.88 12.47 -47.14
CA GLY I 365 -25.62 12.68 -46.44
C GLY I 365 -24.42 12.13 -47.19
N SER I 366 -24.61 10.95 -47.79
CA SER I 366 -23.60 10.32 -48.63
C SER I 366 -23.33 11.12 -49.93
N ASP I 367 -24.38 11.70 -50.50
CA ASP I 367 -24.28 12.51 -51.72
C ASP I 367 -23.52 13.82 -51.48
N VAL I 368 -23.77 14.44 -50.33
CA VAL I 368 -23.06 15.66 -49.93
C VAL I 368 -21.60 15.34 -49.68
N ALA I 369 -21.36 14.30 -48.87
CA ALA I 369 -20.00 13.86 -48.55
C ALA I 369 -19.18 13.65 -49.80
N ASN I 370 -19.70 12.82 -50.70
CA ASN I 370 -18.99 12.49 -51.94
C ASN I 370 -18.74 13.70 -52.85
N ALA I 371 -19.52 14.77 -52.72
CA ALA I 371 -19.22 16.03 -53.40
C ALA I 371 -18.11 16.84 -52.71
N VAL I 372 -18.04 16.77 -51.39
CA VAL I 372 -16.94 17.37 -50.63
C VAL I 372 -15.63 16.65 -50.94
N LEU I 373 -15.71 15.32 -50.99
CA LEU I 373 -14.56 14.47 -51.29
C LEU I 373 -14.13 14.51 -52.75
N ASP I 374 -15.07 14.70 -53.66
CA ASP I 374 -14.73 14.92 -55.09
C ASP I 374 -13.83 16.14 -55.26
N GLY I 375 -13.94 17.12 -54.35
CA GLY I 375 -13.05 18.28 -54.30
C GLY I 375 -13.72 19.65 -54.34
N ALA I 376 -15.04 19.70 -54.13
CA ALA I 376 -15.77 20.95 -54.20
C ALA I 376 -15.30 21.90 -53.11
N ASP I 377 -15.40 23.19 -53.40
CA ASP I 377 -15.07 24.23 -52.43
C ASP I 377 -16.31 24.59 -51.61
N CYS I 378 -17.44 24.79 -52.29
CA CYS I 378 -18.70 25.14 -51.63
C CYS I 378 -19.85 24.18 -51.96
N ILE I 379 -20.80 24.10 -51.04
CA ILE I 379 -22.02 23.32 -51.20
C ILE I 379 -23.19 24.30 -51.09
N MET I 380 -24.17 24.20 -52.00
CA MET I 380 -25.27 25.16 -52.05
C MET I 380 -26.64 24.52 -51.80
N LEU I 381 -27.27 24.96 -50.73
CA LEU I 381 -28.61 24.48 -50.36
C LEU I 381 -29.65 25.31 -51.09
N SER I 382 -30.48 24.64 -51.90
CA SER I 382 -31.47 25.32 -52.76
C SER I 382 -32.82 25.59 -52.04
N GLY I 383 -33.74 24.63 -52.02
CA GLY I 383 -35.04 24.77 -51.34
C GLY I 383 -34.90 24.76 -49.83
N GLU I 384 -34.49 23.62 -49.29
CA GLU I 384 -34.04 23.44 -47.88
C GLU I 384 -34.10 24.65 -46.95
N THR I 385 -33.39 25.73 -47.34
CA THR I 385 -33.30 26.98 -46.56
C THR I 385 -34.19 28.14 -47.05
N ALA I 386 -34.51 28.17 -48.35
CA ALA I 386 -35.32 29.26 -48.93
C ALA I 386 -36.79 29.22 -48.48
N LYS I 387 -37.43 28.08 -48.67
CA LYS I 387 -38.87 27.92 -48.40
C LYS I 387 -39.15 26.59 -47.68
N GLY I 388 -38.29 26.24 -46.73
CA GLY I 388 -38.39 24.97 -46.02
C GLY I 388 -39.08 25.14 -44.68
N ASP I 389 -39.58 24.03 -44.15
CA ASP I 389 -40.09 24.00 -42.78
C ASP I 389 -38.94 23.99 -41.77
N TYR I 390 -37.77 23.52 -42.20
CA TYR I 390 -36.59 23.45 -41.34
C TYR I 390 -35.38 24.10 -42.03
N PRO I 391 -35.32 25.44 -42.03
CA PRO I 391 -34.18 26.14 -42.64
C PRO I 391 -32.95 26.16 -41.76
N LEU I 392 -33.13 26.24 -40.44
CA LEU I 392 -32.00 26.32 -39.52
C LEU I 392 -31.30 24.98 -39.31
N GLU I 393 -32.07 23.88 -39.34
CA GLU I 393 -31.49 22.54 -39.15
C GLU I 393 -30.78 22.12 -40.42
N ALA I 394 -31.29 22.56 -41.57
CA ALA I 394 -30.66 22.31 -42.86
C ALA I 394 -29.21 22.82 -42.92
N VAL I 395 -28.95 23.98 -42.33
CA VAL I 395 -27.59 24.51 -42.25
C VAL I 395 -26.74 23.68 -41.29
N ARG I 396 -27.32 23.27 -40.17
CA ARG I 396 -26.58 22.48 -39.18
C ARG I 396 -26.21 21.08 -39.64
N MET I 397 -27.06 20.45 -40.46
CA MET I 397 -26.75 19.13 -41.03
C MET I 397 -25.69 19.25 -42.10
N GLN I 398 -25.81 20.26 -42.96
CA GLN I 398 -24.80 20.56 -43.97
C GLN I 398 -23.45 20.72 -43.31
N HIS I 399 -23.39 21.53 -42.26
CA HIS I 399 -22.17 21.72 -41.48
C HIS I 399 -21.65 20.41 -40.89
N LEU I 400 -22.54 19.60 -40.30
CA LEU I 400 -22.14 18.33 -39.71
C LEU I 400 -21.57 17.35 -40.74
N ILE I 401 -22.24 17.24 -41.88
CA ILE I 401 -21.81 16.32 -42.94
C ILE I 401 -20.46 16.78 -43.51
N ALA I 402 -20.36 18.05 -43.85
CA ALA I 402 -19.11 18.63 -44.40
C ALA I 402 -17.88 18.48 -43.49
N ARG I 403 -18.11 18.46 -42.18
CA ARG I 403 -17.05 18.30 -41.19
C ARG I 403 -16.66 16.85 -41.02
N GLU I 404 -17.63 15.94 -41.04
CA GLU I 404 -17.36 14.50 -40.97
C GLU I 404 -16.65 14.04 -42.22
N ALA I 405 -17.12 14.51 -43.38
CA ALA I 405 -16.49 14.21 -44.68
C ALA I 405 -15.05 14.67 -44.73
N GLU I 406 -14.75 15.80 -44.10
CA GLU I 406 -13.39 16.34 -44.03
C GLU I 406 -12.35 15.34 -43.54
N ALA I 407 -12.75 14.48 -42.60
CA ALA I 407 -11.88 13.43 -42.06
C ALA I 407 -11.49 12.36 -43.09
N ALA I 408 -12.35 12.14 -44.08
CA ALA I 408 -12.10 11.18 -45.16
C ALA I 408 -11.23 11.71 -46.30
N ILE I 409 -10.91 13.01 -46.28
CA ILE I 409 -10.08 13.58 -47.33
C ILE I 409 -8.63 13.27 -47.02
N TYR I 410 -7.91 12.80 -48.03
CA TYR I 410 -6.47 12.53 -47.95
C TYR I 410 -5.75 13.71 -48.60
N HIS I 411 -5.68 14.79 -47.82
CA HIS I 411 -5.09 16.08 -48.25
C HIS I 411 -3.71 15.94 -48.86
N LEU I 412 -2.95 14.96 -48.38
CA LEU I 412 -1.57 14.79 -48.78
C LEU I 412 -1.37 14.60 -50.27
N GLN I 413 -2.09 13.68 -50.90
CA GLN I 413 -1.92 13.43 -52.34
C GLN I 413 -2.50 14.57 -53.21
N LEU I 414 -3.63 15.14 -52.77
CA LEU I 414 -4.17 16.37 -53.43
C LEU I 414 -3.04 17.38 -53.66
N PHE I 415 -2.22 17.56 -52.64
CA PHE I 415 -1.10 18.50 -52.66
C PHE I 415 0.07 18.03 -53.53
N GLU I 416 0.54 16.81 -53.30
CA GLU I 416 1.69 16.28 -54.05
C GLU I 416 1.44 16.26 -55.55
N GLU I 417 0.20 15.97 -55.95
CA GLU I 417 -0.17 16.00 -57.36
C GLU I 417 -0.27 17.43 -57.88
N LEU I 418 -0.93 18.31 -57.11
CA LEU I 418 -1.04 19.73 -57.49
C LEU I 418 0.30 20.44 -57.58
N ARG I 419 1.28 19.98 -56.79
CA ARG I 419 2.62 20.55 -56.83
C ARG I 419 3.35 20.08 -58.07
N ARG I 420 3.22 18.81 -58.40
CA ARG I 420 3.87 18.25 -59.59
C ARG I 420 3.32 18.85 -60.87
N LEU I 421 2.00 18.89 -60.99
CA LEU I 421 1.34 19.40 -62.20
C LEU I 421 1.50 20.91 -62.42
N ALA I 422 1.86 21.66 -61.38
CA ALA I 422 2.04 23.13 -61.52
C ALA I 422 3.32 23.44 -62.33
N PRO I 423 3.30 24.52 -63.12
CA PRO I 423 4.42 24.83 -64.02
C PRO I 423 5.57 25.49 -63.27
N ILE I 424 6.80 25.05 -63.50
CA ILE I 424 7.98 25.56 -62.77
C ILE I 424 8.24 27.05 -63.11
N THR I 425 8.04 27.93 -62.13
CA THR I 425 8.43 29.36 -62.25
C THR I 425 9.16 29.81 -60.98
N SER I 426 9.92 30.89 -61.12
CA SER I 426 10.63 31.54 -60.01
C SER I 426 9.87 32.77 -59.51
N ASP I 427 8.54 32.72 -59.54
CA ASP I 427 7.72 33.76 -58.92
C ASP I 427 7.94 33.71 -57.41
N PRO I 428 8.26 34.85 -56.79
CA PRO I 428 8.40 34.86 -55.33
C PRO I 428 7.16 34.39 -54.56
N THR I 429 5.98 34.86 -54.93
CA THR I 429 4.77 34.58 -54.14
C THR I 429 4.36 33.11 -54.18
N GLU I 430 4.38 32.51 -55.37
CA GLU I 430 3.93 31.13 -55.56
C GLU I 430 4.91 30.14 -54.92
N ALA I 431 6.20 30.44 -54.96
CA ALA I 431 7.22 29.59 -54.33
C ALA I 431 7.16 29.62 -52.81
N THR I 432 6.87 30.81 -52.28
CA THR I 432 6.63 30.99 -50.85
C THR I 432 5.34 30.28 -50.44
N ALA I 433 4.29 30.46 -51.23
CA ALA I 433 2.99 29.86 -50.94
C ALA I 433 3.02 28.34 -50.85
N VAL I 434 3.76 27.70 -51.75
CA VAL I 434 3.92 26.24 -51.72
C VAL I 434 4.66 25.84 -50.45
N GLY I 435 5.79 26.50 -50.18
CA GLY I 435 6.59 26.25 -48.97
C GLY I 435 5.81 26.40 -47.67
N ALA I 436 4.82 27.30 -47.66
CA ALA I 436 3.92 27.46 -46.53
C ALA I 436 3.07 26.21 -46.31
N VAL I 437 2.51 25.69 -47.39
CA VAL I 437 1.70 24.46 -47.33
C VAL I 437 2.59 23.29 -46.93
N GLU I 438 3.70 23.12 -47.65
CA GLU I 438 4.75 22.15 -47.33
C GLU I 438 5.01 22.08 -45.83
N ALA I 439 5.28 23.24 -45.24
CA ALA I 439 5.58 23.38 -43.82
C ALA I 439 4.37 23.09 -42.94
N SER I 440 3.17 23.41 -43.42
CA SER I 440 1.94 23.11 -42.69
C SER I 440 1.77 21.61 -42.42
N PHE I 441 2.29 20.77 -43.32
CA PHE I 441 2.28 19.33 -43.09
C PHE I 441 3.41 18.86 -42.16
N LYS I 442 4.63 19.36 -42.38
CA LYS I 442 5.80 18.93 -41.61
C LYS I 442 5.81 19.42 -40.15
N CYS I 443 5.27 20.62 -39.90
CA CYS I 443 5.10 21.13 -38.53
C CYS I 443 3.80 20.71 -37.84
N CYS I 444 2.93 20.02 -38.56
CA CYS I 444 1.55 19.72 -38.10
C CYS I 444 0.87 21.00 -37.63
N SER I 445 0.85 22.00 -38.50
CA SER I 445 0.42 23.33 -38.12
C SER I 445 -1.08 23.39 -37.92
N GLY I 446 -1.49 24.19 -36.95
CA GLY I 446 -2.88 24.44 -36.67
C GLY I 446 -3.54 25.35 -37.70
N ALA I 447 -2.74 26.22 -38.33
CA ALA I 447 -3.24 27.15 -39.33
C ALA I 447 -2.14 27.71 -40.20
N ILE I 448 -2.55 28.40 -41.26
CA ILE I 448 -1.67 29.23 -42.07
C ILE I 448 -2.30 30.64 -42.06
N ILE I 449 -1.68 31.56 -41.34
CA ILE I 449 -2.16 32.94 -41.25
C ILE I 449 -1.61 33.73 -42.43
N VAL I 450 -2.49 34.35 -43.22
CA VAL I 450 -2.06 35.07 -44.44
C VAL I 450 -2.61 36.50 -44.45
N LEU I 451 -1.71 37.48 -44.48
CA LEU I 451 -2.12 38.88 -44.56
C LEU I 451 -2.28 39.24 -46.03
N THR I 452 -3.37 39.90 -46.37
CA THR I 452 -3.74 40.12 -47.77
C THR I 452 -4.78 41.25 -47.98
N LYS I 453 -4.54 42.08 -48.99
CA LYS I 453 -5.49 43.14 -49.40
C LYS I 453 -6.50 42.58 -50.39
N SER I 454 -6.02 42.12 -51.53
CA SER I 454 -6.90 41.61 -52.61
C SER I 454 -7.49 40.23 -52.34
N GLY I 455 -6.86 39.45 -51.45
CA GLY I 455 -7.20 38.05 -51.24
C GLY I 455 -6.33 37.06 -52.00
N ARG I 456 -5.62 37.53 -53.02
CA ARG I 456 -4.86 36.66 -53.92
C ARG I 456 -3.82 35.78 -53.18
N SER I 457 -3.07 36.36 -52.24
CA SER I 457 -2.08 35.60 -51.47
C SER I 457 -2.69 34.40 -50.76
N ALA I 458 -3.86 34.61 -50.17
CA ALA I 458 -4.62 33.53 -49.52
C ALA I 458 -5.16 32.51 -50.53
N HIS I 459 -5.60 32.99 -51.69
CA HIS I 459 -6.07 32.09 -52.77
C HIS I 459 -4.96 31.18 -53.27
N GLN I 460 -3.76 31.73 -53.47
CA GLN I 460 -2.59 30.96 -53.94
C GLN I 460 -2.17 29.88 -52.97
N VAL I 461 -2.41 30.08 -51.67
CA VAL I 461 -2.17 29.05 -50.66
C VAL I 461 -3.24 28.00 -50.74
N ALA I 462 -4.51 28.42 -50.79
CA ALA I 462 -5.65 27.51 -50.85
C ALA I 462 -5.65 26.64 -52.10
N ARG I 463 -5.09 27.16 -53.19
CA ARG I 463 -4.94 26.42 -54.45
C ARG I 463 -4.26 25.07 -54.25
N TYR I 464 -3.27 25.03 -53.36
CA TYR I 464 -2.51 23.81 -53.08
C TYR I 464 -3.13 22.90 -51.99
N ARG I 465 -4.37 23.17 -51.57
CA ARG I 465 -5.16 22.26 -50.74
C ARG I 465 -4.46 21.74 -49.45
N PRO I 466 -4.08 22.65 -48.54
CA PRO I 466 -3.53 22.21 -47.27
C PRO I 466 -4.56 21.52 -46.38
N ARG I 467 -4.06 20.89 -45.32
CA ARG I 467 -4.92 20.28 -44.30
C ARG I 467 -5.39 21.37 -43.37
N ALA I 468 -4.42 22.18 -42.93
CA ALA I 468 -4.71 23.25 -41.98
C ALA I 468 -5.63 24.32 -42.56
N PRO I 469 -6.45 24.95 -41.70
CA PRO I 469 -7.20 26.11 -42.13
C PRO I 469 -6.30 27.32 -42.43
N ILE I 470 -6.74 28.14 -43.37
CA ILE I 470 -6.04 29.34 -43.78
C ILE I 470 -6.78 30.51 -43.16
N ILE I 471 -6.26 31.11 -42.10
CA ILE I 471 -6.86 32.31 -41.53
C ILE I 471 -6.36 33.52 -42.35
N ALA I 472 -7.24 34.05 -43.22
CA ALA I 472 -6.88 35.17 -44.10
C ALA I 472 -7.27 36.50 -43.47
N VAL I 473 -6.28 37.29 -43.10
CA VAL I 473 -6.50 38.58 -42.44
C VAL I 473 -6.48 39.69 -43.47
N THR I 474 -7.46 40.60 -43.37
CA THR I 474 -7.59 41.70 -44.32
C THR I 474 -8.30 42.90 -43.73
N ARG I 475 -8.05 44.07 -44.32
CA ARG I 475 -8.79 45.29 -44.02
C ARG I 475 -9.90 45.58 -45.05
N ASN I 476 -9.79 45.01 -46.25
CA ASN I 476 -10.79 45.19 -47.32
C ASN I 476 -11.99 44.29 -47.05
N PRO I 477 -13.17 44.87 -46.76
CA PRO I 477 -14.31 44.01 -46.39
C PRO I 477 -14.85 43.14 -47.52
N GLN I 478 -14.69 43.57 -48.77
CA GLN I 478 -15.16 42.77 -49.91
C GLN I 478 -14.34 41.49 -50.07
N THR I 479 -13.03 41.61 -49.91
CA THR I 479 -12.14 40.45 -50.09
C THR I 479 -12.38 39.42 -48.99
N ALA I 480 -12.74 39.90 -47.80
CA ALA I 480 -13.17 39.03 -46.70
C ALA I 480 -14.40 38.21 -47.08
N ARG I 481 -15.36 38.84 -47.76
CA ARG I 481 -16.55 38.13 -48.22
C ARG I 481 -16.26 37.20 -49.39
N GLN I 482 -15.55 37.70 -50.39
CA GLN I 482 -15.23 36.90 -51.60
C GLN I 482 -14.36 35.68 -51.32
N ALA I 483 -13.61 35.69 -50.21
CA ALA I 483 -12.79 34.56 -49.81
C ALA I 483 -13.54 33.25 -49.53
N HIS I 484 -14.81 33.32 -49.14
CA HIS I 484 -15.59 32.10 -48.76
C HIS I 484 -15.74 31.10 -49.92
N LEU I 485 -15.73 31.62 -51.16
CA LEU I 485 -15.69 30.81 -52.37
C LEU I 485 -14.57 29.77 -52.38
N TYR I 486 -13.40 30.12 -51.83
CA TYR I 486 -12.26 29.21 -51.76
C TYR I 486 -12.33 28.31 -50.54
N ARG I 487 -11.87 27.08 -50.75
CA ARG I 487 -11.95 26.04 -49.75
C ARG I 487 -10.88 26.28 -48.70
N GLY I 488 -11.26 26.12 -47.44
CA GLY I 488 -10.29 26.19 -46.35
C GLY I 488 -9.79 27.56 -45.97
N ILE I 489 -10.27 28.62 -46.63
CA ILE I 489 -10.00 29.98 -46.18
C ILE I 489 -11.04 30.33 -45.14
N PHE I 490 -10.55 30.79 -43.98
CA PHE I 490 -11.37 31.41 -42.96
C PHE I 490 -11.05 32.90 -42.92
N PRO I 491 -11.87 33.71 -43.60
CA PRO I 491 -11.59 35.13 -43.67
C PRO I 491 -11.93 35.80 -42.36
N VAL I 492 -11.25 36.89 -42.07
CA VAL I 492 -11.45 37.60 -40.83
C VAL I 492 -11.07 39.07 -41.02
N LEU I 493 -12.00 39.96 -40.65
CA LEU I 493 -11.89 41.38 -40.97
C LEU I 493 -11.29 42.16 -39.81
N CYS I 494 -10.10 42.71 -40.07
CA CYS I 494 -9.38 43.57 -39.14
C CYS I 494 -9.79 45.02 -39.40
N LYS I 495 -10.45 45.62 -38.41
CA LYS I 495 -10.91 47.01 -38.50
C LYS I 495 -9.95 48.00 -37.79
N ASP I 496 -8.86 47.49 -37.21
CA ASP I 496 -7.85 48.35 -36.57
C ASP I 496 -7.22 49.31 -37.59
N PRO I 497 -6.80 50.49 -37.12
CA PRO I 497 -6.15 51.44 -38.01
C PRO I 497 -4.72 51.01 -38.30
N VAL I 498 -4.17 51.47 -39.43
CA VAL I 498 -2.86 51.05 -39.87
C VAL I 498 -1.80 51.69 -38.96
N GLN I 499 -0.99 50.86 -38.30
CA GLN I 499 0.04 51.36 -37.39
C GLN I 499 1.18 51.94 -38.20
N GLU I 500 1.87 52.92 -37.63
CA GLU I 500 2.93 53.65 -38.32
C GLU I 500 4.13 52.77 -38.61
N ALA I 501 4.63 52.13 -37.56
CA ALA I 501 5.72 51.16 -37.70
C ALA I 501 5.17 49.94 -38.41
N TRP I 502 5.59 49.72 -39.66
CA TRP I 502 5.10 48.62 -40.47
C TRP I 502 5.18 47.25 -39.76
N ALA I 503 6.30 47.00 -39.08
CA ALA I 503 6.50 45.72 -38.38
C ALA I 503 5.50 45.46 -37.26
N GLU I 504 5.05 46.52 -36.59
CA GLU I 504 4.00 46.42 -35.56
C GLU I 504 2.61 46.19 -36.14
N ASP I 505 2.35 46.78 -37.31
CA ASP I 505 1.09 46.58 -38.06
C ASP I 505 0.91 45.14 -38.49
N VAL I 506 2.02 44.49 -38.83
CA VAL I 506 2.03 43.05 -39.11
C VAL I 506 1.77 42.29 -37.83
N ASP I 507 2.60 42.51 -36.82
CA ASP I 507 2.46 41.85 -35.49
C ASP I 507 1.05 41.98 -34.91
N LEU I 508 0.42 43.13 -35.11
CA LEU I 508 -0.98 43.36 -34.72
C LEU I 508 -1.92 42.38 -35.41
N ARG I 509 -1.91 42.41 -36.74
CA ARG I 509 -2.79 41.56 -37.57
C ARG I 509 -2.52 40.07 -37.38
N VAL I 510 -1.25 39.69 -37.22
CA VAL I 510 -0.90 38.30 -36.95
C VAL I 510 -1.48 37.90 -35.60
N ASN I 511 -1.24 38.73 -34.58
CA ASN I 511 -1.73 38.43 -33.23
C ASN I 511 -3.27 38.52 -33.13
N PHE I 512 -3.89 39.29 -34.03
CA PHE I 512 -5.35 39.27 -34.18
C PHE I 512 -5.84 37.89 -34.62
N ALA I 513 -5.22 37.33 -35.65
CA ALA I 513 -5.56 35.99 -36.14
C ALA I 513 -5.28 34.90 -35.13
N MET I 514 -4.23 35.07 -34.35
CA MET I 514 -3.86 34.13 -33.28
C MET I 514 -5.00 34.00 -32.31
N ASN I 515 -5.56 35.14 -31.92
CA ASN I 515 -6.69 35.18 -30.98
C ASN I 515 -7.96 34.59 -31.57
N VAL I 516 -8.19 34.85 -32.86
CA VAL I 516 -9.34 34.26 -33.57
C VAL I 516 -9.19 32.75 -33.54
N GLY I 517 -8.04 32.28 -34.01
CA GLY I 517 -7.73 30.84 -34.07
C GLY I 517 -7.80 30.12 -32.74
N LYS I 518 -7.37 30.78 -31.66
CA LYS I 518 -7.53 30.22 -30.31
C LYS I 518 -8.99 30.15 -29.90
N ALA I 519 -9.76 31.20 -30.21
CA ALA I 519 -11.19 31.23 -29.91
C ALA I 519 -11.98 30.19 -30.70
N ARG I 520 -11.72 30.09 -31.99
CA ARG I 520 -12.32 29.05 -32.85
C ARG I 520 -11.95 27.65 -32.35
N GLY I 521 -10.74 27.48 -31.84
CA GLY I 521 -10.24 26.20 -31.38
C GLY I 521 -9.30 25.53 -32.37
N PHE I 522 -9.00 26.21 -33.49
CA PHE I 522 -8.06 25.69 -34.49
C PHE I 522 -6.72 25.27 -33.87
N PHE I 523 -6.23 26.06 -32.92
CA PHE I 523 -5.00 25.74 -32.22
C PHE I 523 -5.00 26.33 -30.82
N LYS I 524 -3.95 26.01 -30.06
CA LYS I 524 -3.83 26.45 -28.68
C LYS I 524 -2.41 26.87 -28.35
N LYS I 525 -2.25 27.46 -27.16
CA LYS I 525 -0.98 27.82 -26.58
C LYS I 525 0.07 26.72 -26.83
N GLY I 526 1.17 27.09 -27.50
CA GLY I 526 2.29 26.16 -27.71
C GLY I 526 2.32 25.35 -29.01
N ASP I 527 1.23 25.36 -29.78
CA ASP I 527 1.23 24.77 -31.13
C ASP I 527 2.01 25.68 -32.08
N VAL I 528 2.18 25.23 -33.32
CA VAL I 528 2.92 25.96 -34.35
C VAL I 528 1.97 26.39 -35.47
N VAL I 529 2.17 27.59 -36.01
CA VAL I 529 1.43 28.08 -37.19
C VAL I 529 2.36 28.76 -38.18
N ILE I 530 1.98 28.72 -39.45
CA ILE I 530 2.74 29.35 -40.52
C ILE I 530 2.13 30.72 -40.77
N VAL I 531 2.98 31.71 -41.08
CA VAL I 531 2.53 33.10 -41.24
C VAL I 531 3.13 33.73 -42.50
N LEU I 532 2.28 34.10 -43.47
CA LEU I 532 2.70 34.79 -44.69
C LEU I 532 2.44 36.29 -44.62
N THR I 533 3.50 37.09 -44.88
CA THR I 533 3.44 38.56 -44.82
C THR I 533 4.23 39.17 -46.00
N GLY I 534 4.25 40.50 -46.06
CA GLY I 534 5.17 41.22 -46.94
C GLY I 534 6.46 41.50 -46.19
N TRP I 535 7.41 42.19 -46.82
CA TRP I 535 8.63 42.64 -46.11
C TRP I 535 8.73 44.17 -46.12
N ARG I 536 8.63 44.79 -47.30
CA ARG I 536 8.49 46.23 -47.38
C ARG I 536 7.02 46.54 -47.53
N PRO I 537 6.54 47.62 -46.89
CA PRO I 537 5.25 48.15 -47.33
C PRO I 537 5.53 48.90 -48.61
N GLY I 538 5.23 48.27 -49.76
CA GLY I 538 5.63 48.77 -51.06
C GLY I 538 6.09 47.67 -52.00
N SER I 539 6.69 46.61 -51.44
CA SER I 539 7.02 45.40 -52.18
C SER I 539 5.72 44.75 -52.69
N GLY I 540 5.69 44.42 -53.98
CA GLY I 540 4.49 43.86 -54.60
C GLY I 540 4.07 42.51 -54.05
N PHE I 541 5.04 41.72 -53.58
CA PHE I 541 4.81 40.30 -53.30
C PHE I 541 4.55 40.01 -51.79
N THR I 542 3.71 39.01 -51.53
CA THR I 542 3.62 38.34 -50.22
C THR I 542 4.65 37.23 -50.18
N ASN I 543 5.87 37.61 -49.80
CA ASN I 543 7.07 36.79 -49.98
C ASN I 543 7.73 36.30 -48.69
N THR I 544 7.19 36.66 -47.52
CA THR I 544 7.85 36.38 -46.25
C THR I 544 7.12 35.36 -45.38
N MET I 545 7.64 34.13 -45.37
CA MET I 545 7.08 33.03 -44.58
C MET I 545 7.85 32.86 -43.30
N ARG I 546 7.13 32.63 -42.21
CA ARG I 546 7.78 32.31 -40.94
C ARG I 546 6.96 31.33 -40.13
N VAL I 547 7.68 30.46 -39.42
CA VAL I 547 7.09 29.42 -38.60
C VAL I 547 7.09 29.95 -37.18
N VAL I 548 5.89 30.13 -36.64
CA VAL I 548 5.68 30.80 -35.37
C VAL I 548 5.01 29.86 -34.39
N PRO I 549 5.56 29.76 -33.17
CA PRO I 549 4.82 29.08 -32.12
C PRO I 549 3.78 30.04 -31.51
N VAL I 550 2.64 29.47 -31.14
CA VAL I 550 1.49 30.24 -30.67
C VAL I 550 1.77 30.74 -29.26
N PRO I 551 1.63 32.05 -29.02
CA PRO I 551 1.80 32.58 -27.67
C PRO I 551 0.63 32.19 -26.75
N ILE J 33 -20.97 -8.79 -74.27
CA ILE J 33 -19.93 -8.24 -75.18
C ILE J 33 -19.39 -6.89 -74.66
N GLN J 34 -18.47 -6.96 -73.69
CA GLN J 34 -17.80 -5.79 -73.13
C GLN J 34 -16.47 -5.52 -73.85
N THR J 35 -16.52 -4.87 -75.01
CA THR J 35 -15.29 -4.57 -75.80
C THR J 35 -14.50 -3.47 -75.11
N GLN J 36 -13.17 -3.60 -75.16
CA GLN J 36 -12.30 -2.88 -74.22
C GLN J 36 -11.59 -1.65 -74.77
N GLN J 37 -10.83 -1.81 -75.84
CA GLN J 37 -9.96 -0.73 -76.34
C GLN J 37 -8.92 -0.33 -75.27
N LEU J 38 -8.17 -1.34 -74.87
CA LEU J 38 -6.89 -1.22 -74.14
C LEU J 38 -5.88 -0.32 -74.86
N HIS J 39 -4.72 -0.14 -74.22
CA HIS J 39 -3.54 0.54 -74.79
C HIS J 39 -3.57 2.08 -74.71
N ALA J 40 -4.59 2.65 -74.06
CA ALA J 40 -4.54 4.06 -73.60
C ALA J 40 -3.59 4.12 -72.40
N ALA J 41 -2.49 4.86 -72.56
CA ALA J 41 -1.46 5.01 -71.50
C ALA J 41 -2.05 5.71 -70.28
N MET J 42 -1.98 5.04 -69.12
CA MET J 42 -2.69 5.48 -67.93
C MET J 42 -2.12 6.76 -67.33
N ALA J 43 -2.99 7.60 -66.77
CA ALA J 43 -2.62 8.98 -66.40
C ALA J 43 -1.56 9.06 -65.31
N ASP J 44 -0.90 10.21 -65.27
CA ASP J 44 0.23 10.48 -64.37
C ASP J 44 -0.22 10.56 -62.90
N THR J 45 -1.26 11.35 -62.66
CA THR J 45 -1.77 11.63 -61.32
C THR J 45 -3.27 11.44 -61.27
N PHE J 46 -3.80 11.11 -60.10
CA PHE J 46 -5.25 10.91 -59.94
C PHE J 46 -6.09 12.13 -60.31
N LEU J 47 -5.59 13.32 -60.04
CA LEU J 47 -6.24 14.58 -60.45
C LEU J 47 -6.34 14.67 -61.96
N GLU J 48 -5.23 14.40 -62.62
CA GLU J 48 -5.18 14.45 -64.08
C GLU J 48 -6.15 13.44 -64.69
N HIS J 49 -6.28 12.28 -64.04
CA HIS J 49 -7.17 11.23 -64.49
C HIS J 49 -8.66 11.60 -64.43
N MET J 50 -9.05 12.32 -63.37
CA MET J 50 -10.40 12.87 -63.27
C MET J 50 -10.64 13.90 -64.35
N CYS J 51 -9.64 14.74 -64.61
CA CYS J 51 -9.75 15.78 -65.64
C CYS J 51 -9.92 15.24 -67.06
N ARG J 52 -9.48 14.02 -67.31
CA ARG J 52 -9.64 13.38 -68.63
C ARG J 52 -10.97 12.65 -68.86
N LEU J 53 -11.84 12.61 -67.86
CA LEU J 53 -13.14 11.97 -68.03
C LEU J 53 -13.98 12.76 -69.02
N ASP J 54 -14.27 12.12 -70.16
CA ASP J 54 -15.13 12.69 -71.19
C ASP J 54 -16.44 11.90 -71.15
N ILE J 55 -17.54 12.60 -70.85
CA ILE J 55 -18.86 11.95 -70.82
C ILE J 55 -19.34 11.52 -72.21
N ASP J 56 -18.86 12.18 -73.25
CA ASP J 56 -19.28 11.91 -74.64
C ASP J 56 -18.73 10.60 -75.23
N SER J 57 -17.59 10.10 -74.75
CA SER J 57 -17.03 8.84 -75.25
C SER J 57 -17.60 7.64 -74.49
N PRO J 58 -17.64 6.45 -75.13
CA PRO J 58 -18.14 5.25 -74.46
C PRO J 58 -17.07 4.66 -73.52
N PRO J 59 -17.48 3.79 -72.58
CA PRO J 59 -16.53 3.28 -71.59
C PRO J 59 -15.56 2.29 -72.21
N ILE J 60 -14.31 2.38 -71.78
CA ILE J 60 -13.20 1.69 -72.45
C ILE J 60 -12.63 0.59 -71.55
N THR J 61 -13.52 -0.19 -70.97
CA THR J 61 -13.12 -1.11 -69.91
C THR J 61 -14.28 -2.05 -69.59
N ALA J 62 -13.94 -3.30 -69.33
CA ALA J 62 -14.93 -4.29 -68.92
C ALA J 62 -15.50 -3.92 -67.56
N ARG J 63 -16.80 -4.12 -67.39
CA ARG J 63 -17.43 -4.00 -66.08
C ARG J 63 -16.90 -5.09 -65.15
N ASN J 64 -16.06 -4.70 -64.19
CA ASN J 64 -15.37 -5.66 -63.31
C ASN J 64 -16.12 -5.94 -62.00
N THR J 65 -17.03 -5.05 -61.60
CA THR J 65 -17.76 -5.20 -60.34
C THR J 65 -18.97 -6.14 -60.46
N GLY J 66 -18.92 -7.29 -59.80
CA GLY J 66 -20.01 -8.28 -59.84
C GLY J 66 -21.39 -7.76 -59.47
N ILE J 67 -22.43 -8.45 -59.95
CA ILE J 67 -23.84 -8.04 -59.76
C ILE J 67 -24.65 -9.18 -59.14
N ILE J 68 -25.09 -8.98 -57.90
CA ILE J 68 -25.91 -9.94 -57.18
C ILE J 68 -27.36 -9.45 -57.20
N CYS J 69 -28.24 -10.25 -57.81
CA CYS J 69 -29.68 -9.95 -57.83
C CYS J 69 -30.43 -10.87 -56.89
N THR J 70 -31.34 -10.29 -56.11
CA THR J 70 -32.21 -11.05 -55.22
C THR J 70 -33.36 -11.56 -56.06
N ILE J 71 -33.58 -12.88 -56.02
CA ILE J 71 -34.66 -13.51 -56.74
C ILE J 71 -35.87 -13.60 -55.82
N GLY J 72 -37.04 -13.34 -56.39
CA GLY J 72 -38.31 -13.37 -55.67
C GLY J 72 -39.47 -13.48 -56.65
N PRO J 73 -40.70 -13.14 -56.20
CA PRO J 73 -41.93 -13.18 -57.01
C PRO J 73 -41.82 -12.71 -58.49
N ALA J 74 -41.21 -11.56 -58.73
CA ALA J 74 -41.17 -10.96 -60.07
C ALA J 74 -40.12 -11.55 -61.03
N SER J 75 -39.14 -12.28 -60.48
CA SER J 75 -38.00 -12.79 -61.24
C SER J 75 -37.75 -14.31 -61.08
N ARG J 76 -38.73 -15.02 -60.51
CA ARG J 76 -38.56 -16.41 -60.10
C ARG J 76 -38.53 -17.37 -61.29
N SER J 77 -39.22 -17.00 -62.37
CA SER J 77 -39.47 -17.90 -63.49
C SER J 77 -38.22 -18.16 -64.30
N VAL J 78 -38.20 -19.31 -64.97
CA VAL J 78 -37.05 -19.71 -65.80
C VAL J 78 -36.84 -18.73 -66.96
N GLU J 79 -37.92 -18.16 -67.49
CA GLU J 79 -37.81 -17.25 -68.64
C GLU J 79 -37.27 -15.85 -68.25
N THR J 80 -37.67 -15.35 -67.08
CA THR J 80 -37.14 -14.08 -66.57
C THR J 80 -35.64 -14.18 -66.29
N LEU J 81 -35.24 -15.25 -65.60
CA LEU J 81 -33.85 -15.48 -65.22
C LEU J 81 -32.92 -15.56 -66.41
N LYS J 82 -33.34 -16.23 -67.49
CA LYS J 82 -32.54 -16.28 -68.71
C LYS J 82 -32.14 -14.90 -69.22
N GLU J 83 -33.09 -13.98 -69.23
CA GLU J 83 -32.82 -12.61 -69.67
C GLU J 83 -31.96 -11.83 -68.67
N MET J 84 -32.12 -12.10 -67.38
CA MET J 84 -31.29 -11.47 -66.34
C MET J 84 -29.82 -11.91 -66.39
N ILE J 85 -29.59 -13.20 -66.63
CA ILE J 85 -28.23 -13.73 -66.81
C ILE J 85 -27.59 -13.11 -68.05
N LYS J 86 -28.37 -13.00 -69.12
CA LYS J 86 -27.93 -12.34 -70.34
C LYS J 86 -27.56 -10.87 -70.12
N SER J 87 -28.33 -10.17 -69.28
CA SER J 87 -28.07 -8.75 -69.01
C SER J 87 -27.08 -8.50 -67.87
N GLY J 88 -26.47 -9.56 -67.33
CA GLY J 88 -25.30 -9.46 -66.47
C GLY J 88 -25.44 -9.86 -65.02
N MET J 89 -26.43 -10.70 -64.69
CA MET J 89 -26.51 -11.28 -63.35
C MET J 89 -25.36 -12.27 -63.18
N ASN J 90 -24.84 -12.32 -61.95
CA ASN J 90 -23.72 -13.19 -61.58
C ASN J 90 -24.07 -14.08 -60.40
N VAL J 91 -24.70 -13.52 -59.38
CA VAL J 91 -25.15 -14.26 -58.21
C VAL J 91 -26.66 -14.10 -58.02
N ALA J 92 -27.32 -15.20 -57.66
CA ALA J 92 -28.74 -15.18 -57.33
C ALA J 92 -28.88 -15.32 -55.82
N ARG J 93 -29.37 -14.27 -55.16
CA ARG J 93 -29.65 -14.31 -53.73
C ARG J 93 -31.07 -14.82 -53.47
N LEU J 94 -31.22 -15.62 -52.42
CA LEU J 94 -32.52 -16.06 -51.92
C LEU J 94 -32.66 -15.57 -50.49
N ASN J 95 -33.78 -14.90 -50.20
CA ASN J 95 -34.00 -14.30 -48.89
C ASN J 95 -34.82 -15.24 -48.01
N PHE J 96 -34.17 -15.88 -47.02
CA PHE J 96 -34.83 -16.86 -46.12
C PHE J 96 -35.56 -16.24 -44.91
N SER J 97 -35.65 -14.91 -44.86
CA SER J 97 -36.59 -14.23 -43.97
C SER J 97 -38.03 -14.58 -44.33
N HIS J 98 -38.29 -14.82 -45.61
CA HIS J 98 -39.63 -15.15 -46.12
C HIS J 98 -39.58 -16.42 -46.96
N GLY J 99 -40.70 -17.14 -47.06
CA GLY J 99 -40.81 -18.34 -47.89
C GLY J 99 -40.46 -19.63 -47.16
N THR J 100 -40.92 -20.75 -47.70
CA THR J 100 -40.66 -22.10 -47.15
C THR J 100 -39.50 -22.80 -47.85
N HIS J 101 -39.08 -23.95 -47.32
CA HIS J 101 -38.00 -24.73 -47.94
C HIS J 101 -38.37 -25.34 -49.28
N GLU J 102 -39.63 -25.71 -49.43
CA GLU J 102 -40.17 -26.23 -50.68
C GLU J 102 -40.20 -25.12 -51.75
N TYR J 103 -40.56 -23.91 -51.31
CA TYR J 103 -40.66 -22.75 -52.21
C TYR J 103 -39.29 -22.39 -52.78
N HIS J 104 -38.30 -22.26 -51.90
CA HIS J 104 -36.94 -21.89 -52.31
C HIS J 104 -36.19 -22.99 -53.06
N ALA J 105 -36.55 -24.25 -52.84
CA ALA J 105 -35.98 -25.37 -53.60
C ALA J 105 -36.27 -25.23 -55.09
N GLU J 106 -37.47 -24.74 -55.41
CA GLU J 106 -37.90 -24.53 -56.80
C GLU J 106 -37.32 -23.22 -57.37
N THR J 107 -37.15 -22.19 -56.52
CA THR J 107 -36.45 -20.97 -56.94
C THR J 107 -35.03 -21.31 -57.41
N ILE J 108 -34.35 -22.19 -56.67
CA ILE J 108 -33.02 -22.69 -57.03
C ILE J 108 -33.04 -23.51 -58.32
N LYS J 109 -33.99 -24.43 -58.41
CA LYS J 109 -34.14 -25.27 -59.61
C LYS J 109 -34.32 -24.45 -60.88
N ASN J 110 -35.05 -23.34 -60.78
CA ASN J 110 -35.25 -22.42 -61.91
C ASN J 110 -33.98 -21.66 -62.29
N VAL J 111 -33.21 -21.24 -61.29
CA VAL J 111 -31.92 -20.58 -61.54
C VAL J 111 -31.05 -21.56 -62.33
N ARG J 112 -30.92 -22.78 -61.82
CA ARG J 112 -30.07 -23.79 -62.44
C ARG J 112 -30.50 -24.21 -63.85
N THR J 113 -31.81 -24.22 -64.10
CA THR J 113 -32.35 -24.50 -65.45
C THR J 113 -31.97 -23.38 -66.42
N ALA J 114 -32.20 -22.14 -65.99
CA ALA J 114 -31.88 -20.95 -66.80
C ALA J 114 -30.39 -20.85 -67.09
N THR J 115 -29.57 -21.04 -66.06
CA THR J 115 -28.11 -21.01 -66.18
C THR J 115 -27.61 -22.02 -67.19
N GLU J 116 -28.06 -23.26 -67.04
CA GLU J 116 -27.68 -24.38 -67.90
C GLU J 116 -28.24 -24.30 -69.33
N SER J 117 -29.22 -23.45 -69.60
CA SER J 117 -29.72 -23.23 -70.97
C SER J 117 -28.63 -22.79 -71.95
N PHE J 118 -27.63 -22.06 -71.46
CA PHE J 118 -26.50 -21.59 -72.28
C PHE J 118 -25.33 -22.57 -72.36
N ALA J 119 -25.42 -23.70 -71.67
CA ALA J 119 -24.30 -24.64 -71.53
C ALA J 119 -23.85 -25.33 -72.82
N SER J 120 -24.73 -25.39 -73.83
CA SER J 120 -24.41 -26.05 -75.10
C SER J 120 -23.34 -25.35 -75.95
N ASP J 121 -22.95 -24.13 -75.59
CA ASP J 121 -21.79 -23.43 -76.15
C ASP J 121 -20.89 -22.95 -74.98
N PRO J 122 -19.79 -23.68 -74.68
CA PRO J 122 -18.99 -23.34 -73.47
C PRO J 122 -18.34 -21.94 -73.45
N ILE J 123 -18.21 -21.32 -74.63
CA ILE J 123 -17.74 -19.93 -74.76
C ILE J 123 -18.75 -18.93 -74.19
N LEU J 124 -20.04 -19.13 -74.47
CA LEU J 124 -21.10 -18.24 -73.97
C LEU J 124 -21.65 -18.63 -72.60
N TYR J 125 -21.17 -19.73 -72.02
CA TYR J 125 -21.65 -20.18 -70.71
C TYR J 125 -21.06 -19.30 -69.62
N ARG J 126 -21.90 -18.41 -69.10
CA ARG J 126 -21.58 -17.67 -67.89
C ARG J 126 -22.07 -18.55 -66.73
N PRO J 127 -21.19 -18.85 -65.76
CA PRO J 127 -21.71 -19.43 -64.51
C PRO J 127 -22.45 -18.40 -63.66
N VAL J 128 -23.30 -18.94 -62.76
CA VAL J 128 -24.16 -18.16 -61.89
C VAL J 128 -24.19 -18.81 -60.52
N ALA J 129 -23.90 -18.03 -59.48
CA ALA J 129 -23.85 -18.52 -58.11
C ALA J 129 -25.20 -18.46 -57.42
N VAL J 130 -25.35 -19.25 -56.35
CA VAL J 130 -26.56 -19.25 -55.53
C VAL J 130 -26.16 -18.83 -54.11
N ALA J 131 -26.84 -17.81 -53.58
CA ALA J 131 -26.55 -17.28 -52.25
C ALA J 131 -27.77 -17.48 -51.35
N LEU J 132 -27.56 -17.83 -50.08
CA LEU J 132 -28.65 -18.09 -49.13
C LEU J 132 -28.49 -17.14 -47.95
N ASP J 133 -29.55 -16.41 -47.61
CA ASP J 133 -29.50 -15.18 -46.71
C ASP J 133 -30.34 -15.26 -45.39
N THR J 134 -29.71 -15.84 -44.36
CA THR J 134 -30.31 -16.18 -43.08
C THR J 134 -31.07 -15.03 -42.44
N LYS J 135 -31.93 -15.38 -41.48
CA LYS J 135 -32.86 -14.49 -40.79
C LYS J 135 -32.25 -13.74 -39.60
N GLY J 136 -31.39 -14.41 -38.85
CA GLY J 136 -30.72 -13.82 -37.70
C GLY J 136 -31.66 -13.62 -36.51
N PRO J 137 -31.78 -12.36 -36.03
CA PRO J 137 -32.86 -11.96 -35.11
C PRO J 137 -34.29 -12.32 -35.57
N PRO J 239 -29.29 -15.16 -30.07
CA PRO J 239 -28.44 -16.23 -30.64
C PRO J 239 -27.96 -15.88 -32.04
N ALA J 240 -26.69 -16.14 -32.32
CA ALA J 240 -26.09 -15.86 -33.63
C ALA J 240 -26.83 -16.59 -34.74
N VAL J 241 -27.09 -17.86 -34.50
CA VAL J 241 -27.86 -18.70 -35.39
C VAL J 241 -29.14 -19.09 -34.66
N SER J 242 -30.28 -18.53 -35.07
CA SER J 242 -31.58 -18.94 -34.53
C SER J 242 -31.89 -20.37 -34.95
N GLU J 243 -32.80 -21.04 -34.23
CA GLU J 243 -33.12 -22.45 -34.52
C GLU J 243 -33.73 -22.63 -35.93
N LYS J 244 -34.45 -21.61 -36.40
CA LYS J 244 -34.92 -21.57 -37.80
C LYS J 244 -33.77 -21.60 -38.79
N ASP J 245 -32.73 -20.80 -38.51
CA ASP J 245 -31.55 -20.70 -39.36
C ASP J 245 -30.71 -21.98 -39.37
N ILE J 246 -30.68 -22.72 -38.27
CA ILE J 246 -29.92 -23.98 -38.22
C ILE J 246 -30.50 -24.97 -39.22
N GLN J 247 -31.81 -24.91 -39.47
CA GLN J 247 -32.46 -25.70 -40.53
C GLN J 247 -32.23 -25.10 -41.92
N ASP J 248 -32.28 -23.77 -42.03
CA ASP J 248 -32.02 -23.08 -43.30
C ASP J 248 -30.59 -23.33 -43.83
N LEU J 249 -29.62 -23.35 -42.93
CA LEU J 249 -28.21 -23.59 -43.29
C LEU J 249 -27.95 -25.05 -43.69
N LYS J 250 -28.65 -26.00 -43.09
CA LYS J 250 -28.58 -27.41 -43.51
C LYS J 250 -29.23 -27.61 -44.87
N PHE J 251 -30.33 -26.90 -45.12
CA PHE J 251 -30.99 -26.88 -46.43
C PHE J 251 -30.08 -26.33 -47.52
N GLY J 252 -29.30 -25.31 -47.17
CA GLY J 252 -28.30 -24.74 -48.08
C GLY J 252 -27.23 -25.74 -48.45
N VAL J 253 -26.68 -26.42 -47.44
CA VAL J 253 -25.66 -27.47 -47.65
C VAL J 253 -26.25 -28.60 -48.49
N GLU J 254 -27.48 -28.99 -48.16
CA GLU J 254 -28.21 -30.04 -48.89
C GLU J 254 -28.49 -29.66 -50.36
N GLN J 255 -28.80 -28.39 -50.62
CA GLN J 255 -29.04 -27.90 -51.98
C GLN J 255 -27.75 -27.49 -52.74
N ASP J 256 -26.58 -27.65 -52.12
CA ASP J 256 -25.29 -27.19 -52.65
C ASP J 256 -25.32 -25.73 -53.12
N VAL J 257 -25.58 -24.84 -52.16
CA VAL J 257 -25.35 -23.42 -52.39
C VAL J 257 -23.84 -23.17 -52.41
N ASP J 258 -23.48 -22.01 -52.96
CA ASP J 258 -22.09 -21.60 -53.15
C ASP J 258 -21.62 -20.63 -52.07
N MET J 259 -22.55 -19.83 -51.53
CA MET J 259 -22.23 -18.91 -50.44
C MET J 259 -23.43 -18.66 -49.53
N VAL J 260 -23.12 -18.17 -48.33
CA VAL J 260 -24.12 -17.87 -47.30
C VAL J 260 -23.92 -16.44 -46.83
N PHE J 261 -24.95 -15.60 -46.94
CA PHE J 261 -24.92 -14.25 -46.38
C PHE J 261 -25.49 -14.28 -44.95
N ALA J 262 -24.62 -14.45 -43.96
CA ALA J 262 -25.03 -14.54 -42.55
C ALA J 262 -25.44 -13.18 -42.00
N SER J 263 -26.65 -13.09 -41.46
CA SER J 263 -27.23 -11.81 -41.05
C SER J 263 -26.86 -11.39 -39.62
N PHE J 264 -26.94 -10.08 -39.38
CA PHE J 264 -26.78 -9.45 -38.06
C PHE J 264 -25.58 -9.99 -37.27
N ILE J 265 -24.40 -9.94 -37.90
CA ILE J 265 -23.16 -10.39 -37.27
C ILE J 265 -22.64 -9.28 -36.36
N ARG J 266 -22.38 -9.66 -35.11
CA ARG J 266 -21.92 -8.76 -34.07
C ARG J 266 -20.46 -8.98 -33.66
N LYS J 267 -19.96 -10.20 -33.85
CA LYS J 267 -18.68 -10.59 -33.26
C LYS J 267 -18.14 -11.87 -33.88
N ALA J 268 -16.87 -12.15 -33.60
CA ALA J 268 -16.17 -13.28 -34.22
C ALA J 268 -16.90 -14.60 -34.01
N SER J 269 -17.31 -14.85 -32.77
CA SER J 269 -17.99 -16.11 -32.41
C SER J 269 -19.32 -16.34 -33.13
N ASP J 270 -19.99 -15.27 -33.57
CA ASP J 270 -21.19 -15.40 -34.40
C ASP J 270 -20.87 -16.09 -35.72
N VAL J 271 -19.77 -15.67 -36.35
CA VAL J 271 -19.33 -16.25 -37.62
C VAL J 271 -18.87 -17.69 -37.40
N HIS J 272 -18.12 -17.93 -36.33
CA HIS J 272 -17.66 -19.28 -35.99
C HIS J 272 -18.80 -20.29 -35.84
N GLU J 273 -19.94 -19.86 -35.29
CA GLU J 273 -21.10 -20.74 -35.15
C GLU J 273 -21.86 -20.96 -36.46
N VAL J 274 -21.82 -19.99 -37.36
CA VAL J 274 -22.36 -20.17 -38.72
C VAL J 274 -21.50 -21.20 -39.46
N ARG J 275 -20.18 -21.12 -39.28
CA ARG J 275 -19.23 -22.10 -39.84
C ARG J 275 -19.51 -23.50 -39.31
N LYS J 276 -19.62 -23.58 -37.98
CA LYS J 276 -19.78 -24.82 -37.26
C LYS J 276 -21.07 -25.57 -37.66
N VAL J 277 -22.14 -24.82 -37.94
CA VAL J 277 -23.40 -25.43 -38.39
C VAL J 277 -23.27 -26.00 -39.81
N LEU J 278 -22.60 -25.28 -40.69
CA LEU J 278 -22.34 -25.77 -42.06
C LEU J 278 -21.44 -27.00 -42.01
N GLY J 279 -20.44 -26.97 -41.14
CA GLY J 279 -19.67 -28.17 -40.79
C GLY J 279 -18.76 -28.70 -41.88
N GLU J 280 -18.35 -29.95 -41.72
CA GLU J 280 -17.52 -30.66 -42.69
C GLU J 280 -18.19 -30.77 -44.06
N LYS J 281 -19.51 -31.02 -44.06
CA LYS J 281 -20.26 -31.26 -45.29
C LYS J 281 -20.29 -30.05 -46.21
N GLY J 282 -20.33 -28.85 -45.65
CA GLY J 282 -20.34 -27.61 -46.43
C GLY J 282 -19.24 -26.66 -46.01
N LYS J 283 -18.02 -27.19 -45.85
CA LYS J 283 -16.87 -26.38 -45.45
C LYS J 283 -16.44 -25.44 -46.57
N ASN J 284 -16.70 -25.83 -47.83
CA ASN J 284 -16.34 -25.01 -48.98
C ASN J 284 -17.30 -23.85 -49.25
N ILE J 285 -18.46 -23.83 -48.58
CA ILE J 285 -19.43 -22.76 -48.75
C ILE J 285 -18.90 -21.48 -48.08
N LYS J 286 -18.82 -20.41 -48.87
CA LYS J 286 -18.25 -19.14 -48.40
C LYS J 286 -19.24 -18.40 -47.50
N ILE J 287 -18.74 -17.87 -46.38
CA ILE J 287 -19.56 -17.12 -45.41
C ILE J 287 -19.29 -15.63 -45.52
N ILE J 288 -20.27 -14.90 -46.05
CA ILE J 288 -20.21 -13.45 -46.10
C ILE J 288 -20.94 -12.91 -44.88
N SER J 289 -20.21 -12.24 -43.99
CA SER J 289 -20.82 -11.65 -42.80
C SER J 289 -21.43 -10.30 -43.13
N LYS J 290 -22.69 -10.10 -42.72
CA LYS J 290 -23.40 -8.83 -42.93
C LYS J 290 -23.23 -7.94 -41.71
N ILE J 291 -22.72 -6.74 -41.92
CA ILE J 291 -22.57 -5.77 -40.85
C ILE J 291 -23.81 -4.90 -40.85
N GLU J 292 -24.73 -5.17 -39.92
CA GLU J 292 -26.03 -4.51 -39.88
C GLU J 292 -26.22 -3.52 -38.71
N ASN J 293 -25.32 -3.51 -37.73
CA ASN J 293 -25.53 -2.73 -36.49
C ASN J 293 -24.24 -2.09 -36.00
N HIS J 294 -24.34 -1.26 -34.97
CA HIS J 294 -23.18 -0.52 -34.48
C HIS J 294 -22.08 -1.44 -33.94
N GLU J 295 -22.47 -2.52 -33.26
CA GLU J 295 -21.50 -3.45 -32.67
C GLU J 295 -20.63 -4.15 -33.73
N GLY J 296 -21.23 -4.46 -34.87
CA GLY J 296 -20.50 -5.05 -36.00
C GLY J 296 -19.36 -4.18 -36.50
N VAL J 297 -19.62 -2.88 -36.62
CA VAL J 297 -18.63 -1.92 -37.10
C VAL J 297 -17.51 -1.75 -36.07
N ARG J 298 -17.85 -1.76 -34.78
CA ARG J 298 -16.84 -1.63 -33.75
C ARG J 298 -15.90 -2.84 -33.74
N ARG J 299 -16.46 -4.04 -33.94
CA ARG J 299 -15.67 -5.26 -33.95
C ARG J 299 -15.33 -5.76 -35.35
N PHE J 300 -15.24 -4.85 -36.31
CA PHE J 300 -15.09 -5.24 -37.71
C PHE J 300 -13.86 -6.11 -37.95
N ASP J 301 -12.76 -5.76 -37.28
CA ASP J 301 -11.49 -6.43 -37.48
C ASP J 301 -11.56 -7.92 -37.16
N GLU J 302 -12.14 -8.28 -36.00
CA GLU J 302 -12.26 -9.69 -35.62
C GLU J 302 -13.26 -10.47 -36.48
N ILE J 303 -14.27 -9.78 -37.01
CA ILE J 303 -15.26 -10.40 -37.90
C ILE J 303 -14.64 -10.67 -39.26
N LEU J 304 -13.98 -9.66 -39.82
CA LEU J 304 -13.30 -9.78 -41.12
C LEU J 304 -12.32 -10.94 -41.14
N GLU J 305 -11.61 -11.14 -40.05
CA GLU J 305 -10.65 -12.24 -39.93
C GLU J 305 -11.35 -13.60 -39.99
N ALA J 306 -12.47 -13.73 -39.30
CA ALA J 306 -13.22 -14.99 -39.26
C ALA J 306 -14.12 -15.24 -40.48
N SER J 307 -14.46 -14.17 -41.22
CA SER J 307 -15.38 -14.28 -42.35
C SER J 307 -14.63 -14.48 -43.65
N ASP J 308 -15.30 -15.09 -44.63
CA ASP J 308 -14.73 -15.22 -45.97
C ASP J 308 -14.88 -13.92 -46.74
N GLY J 309 -16.02 -13.24 -46.57
CA GLY J 309 -16.22 -11.90 -47.13
C GLY J 309 -17.08 -11.04 -46.21
N ILE J 310 -17.46 -9.86 -46.70
CA ILE J 310 -18.27 -8.90 -45.95
C ILE J 310 -19.37 -8.32 -46.83
N MET J 311 -20.49 -7.94 -46.19
CA MET J 311 -21.56 -7.22 -46.85
C MET J 311 -21.94 -6.00 -46.01
N VAL J 312 -21.71 -4.81 -46.54
CA VAL J 312 -22.10 -3.57 -45.89
C VAL J 312 -23.57 -3.31 -46.21
N ALA J 313 -24.45 -3.64 -45.26
CA ALA J 313 -25.88 -3.33 -45.36
C ALA J 313 -26.11 -1.89 -44.89
N ARG J 314 -26.31 -0.99 -45.85
CA ARG J 314 -26.23 0.45 -45.58
C ARG J 314 -27.51 0.97 -44.95
N GLY J 315 -28.65 0.55 -45.48
CA GLY J 315 -29.95 0.91 -44.92
C GLY J 315 -30.10 0.50 -43.47
N ASP J 316 -29.66 -0.71 -43.16
CA ASP J 316 -29.76 -1.24 -41.79
C ASP J 316 -28.81 -0.51 -40.83
N LEU J 317 -27.66 -0.05 -41.33
CA LEU J 317 -26.76 0.81 -40.55
C LEU J 317 -27.38 2.18 -40.34
N GLY J 318 -27.99 2.72 -41.39
CA GLY J 318 -28.66 4.03 -41.34
C GLY J 318 -29.70 4.21 -40.24
N ILE J 319 -30.29 3.10 -39.80
CA ILE J 319 -31.15 3.07 -38.62
C ILE J 319 -30.32 3.23 -37.34
N GLU J 320 -29.30 2.37 -37.21
CA GLU J 320 -28.62 2.13 -35.94
C GLU J 320 -27.47 3.09 -35.61
N ILE J 321 -26.89 3.75 -36.63
CA ILE J 321 -25.86 4.78 -36.44
C ILE J 321 -26.26 6.05 -37.21
N PRO J 322 -25.71 7.22 -36.82
CA PRO J 322 -26.13 8.49 -37.46
C PRO J 322 -25.89 8.52 -38.98
N ALA J 323 -26.73 9.27 -39.70
CA ALA J 323 -26.66 9.34 -41.17
C ALA J 323 -25.40 10.03 -41.70
N GLU J 324 -24.87 11.01 -40.96
CA GLU J 324 -23.63 11.67 -41.34
C GLU J 324 -22.36 10.85 -41.05
N LYS J 325 -22.51 9.64 -40.53
CA LYS J 325 -21.37 8.76 -40.27
C LYS J 325 -21.44 7.42 -40.98
N VAL J 326 -22.44 7.19 -41.81
CA VAL J 326 -22.57 5.87 -42.45
C VAL J 326 -21.55 5.74 -43.56
N PHE J 327 -21.40 6.78 -44.39
CA PHE J 327 -20.42 6.76 -45.48
C PHE J 327 -19.00 6.53 -44.96
N LEU J 328 -18.67 7.06 -43.79
CA LEU J 328 -17.40 6.76 -43.14
C LEU J 328 -17.23 5.27 -42.81
N ALA J 329 -18.30 4.64 -42.33
CA ALA J 329 -18.28 3.20 -42.05
C ALA J 329 -18.09 2.38 -43.33
N GLN J 330 -18.89 2.69 -44.35
CA GLN J 330 -18.80 2.03 -45.66
C GLN J 330 -17.36 2.12 -46.20
N LYS J 331 -16.79 3.33 -46.22
CA LYS J 331 -15.44 3.52 -46.73
C LYS J 331 -14.40 2.75 -45.95
N MET J 332 -14.51 2.77 -44.63
CA MET J 332 -13.59 2.02 -43.79
C MET J 332 -13.68 0.53 -44.05
N MET J 333 -14.88 -0.01 -44.06
CA MET J 333 -15.05 -1.45 -44.24
C MET J 333 -14.61 -1.89 -45.64
N ILE J 334 -15.00 -1.14 -46.66
CA ILE J 334 -14.56 -1.42 -48.02
C ILE J 334 -13.04 -1.30 -48.09
N GLY J 335 -12.48 -0.29 -47.45
CA GLY J 335 -11.03 -0.14 -47.36
C GLY J 335 -10.35 -1.39 -46.80
N ARG J 336 -10.77 -1.81 -45.60
CA ARG J 336 -10.08 -2.91 -44.91
C ARG J 336 -10.19 -4.24 -45.65
N CYS J 337 -11.34 -4.48 -46.26
CA CYS J 337 -11.53 -5.67 -47.08
C CYS J 337 -10.61 -5.71 -48.29
N ASN J 338 -10.38 -4.54 -48.92
CA ASN J 338 -9.45 -4.44 -50.04
C ASN J 338 -8.03 -4.78 -49.58
N ARG J 339 -7.63 -4.22 -48.44
CA ARG J 339 -6.32 -4.50 -47.87
C ARG J 339 -6.18 -5.99 -47.58
N ALA J 340 -7.12 -6.52 -46.79
CA ALA J 340 -7.09 -7.94 -46.44
C ALA J 340 -7.33 -8.91 -47.62
N GLY J 341 -7.81 -8.40 -48.76
CA GLY J 341 -7.95 -9.21 -49.97
C GLY J 341 -9.17 -10.11 -49.94
N LYS J 342 -10.21 -9.69 -49.19
CA LYS J 342 -11.47 -10.43 -49.11
C LYS J 342 -12.57 -9.64 -49.80
N PRO J 343 -13.58 -10.35 -50.35
CA PRO J 343 -14.66 -9.62 -51.00
C PRO J 343 -15.43 -8.76 -50.04
N VAL J 344 -15.92 -7.64 -50.55
CA VAL J 344 -16.85 -6.79 -49.83
C VAL J 344 -18.01 -6.49 -50.79
N ILE J 345 -19.23 -6.45 -50.26
CA ILE J 345 -20.43 -6.28 -51.06
C ILE J 345 -21.21 -5.07 -50.54
N CYS J 346 -21.63 -4.19 -51.44
CA CYS J 346 -22.47 -3.05 -51.07
C CYS J 346 -23.93 -3.34 -51.37
N ALA J 347 -24.72 -3.43 -50.30
CA ALA J 347 -26.12 -3.86 -50.37
C ALA J 347 -27.06 -2.77 -49.90
N THR J 348 -28.33 -2.91 -50.29
CA THR J 348 -29.46 -2.08 -49.82
C THR J 348 -29.44 -0.66 -50.36
N GLN J 349 -30.63 -0.12 -50.64
CA GLN J 349 -30.81 1.27 -51.08
C GLN J 349 -30.07 1.63 -52.37
N MET J 350 -29.89 0.64 -53.25
CA MET J 350 -29.11 0.86 -54.46
C MET J 350 -29.96 1.59 -55.51
N LEU J 351 -30.99 0.92 -56.01
CA LEU J 351 -31.82 1.44 -57.09
C LEU J 351 -33.31 1.30 -56.75
N GLU J 352 -33.69 1.75 -55.54
CA GLU J 352 -35.04 1.49 -54.99
C GLU J 352 -36.19 2.07 -55.81
N SER J 353 -35.96 3.19 -56.50
CA SER J 353 -36.99 3.78 -57.38
C SER J 353 -37.41 2.84 -58.53
N MET J 354 -36.52 1.93 -58.92
CA MET J 354 -36.81 0.96 -60.00
C MET J 354 -37.75 -0.20 -59.63
N ILE J 355 -38.20 -0.25 -58.37
CA ILE J 355 -39.35 -1.10 -58.01
C ILE J 355 -40.58 -0.61 -58.79
N LYS J 356 -40.76 0.71 -58.86
CA LYS J 356 -41.94 1.33 -59.48
C LYS J 356 -41.71 1.89 -60.90
N LYS J 357 -40.48 2.29 -61.23
CA LYS J 357 -40.19 3.09 -62.44
C LYS J 357 -39.11 2.43 -63.32
N PRO J 358 -39.09 2.73 -64.64
CA PRO J 358 -38.21 2.01 -65.58
C PRO J 358 -36.75 2.49 -65.60
N ARG J 359 -36.47 3.62 -64.97
CA ARG J 359 -35.13 4.20 -64.88
C ARG J 359 -34.85 4.61 -63.44
N PRO J 360 -33.57 4.83 -63.09
CA PRO J 360 -33.24 5.30 -61.75
C PRO J 360 -33.10 6.80 -61.70
N THR J 361 -33.05 7.35 -60.48
CA THR J 361 -32.81 8.79 -60.28
C THR J 361 -31.33 9.09 -60.48
N ARG J 362 -31.00 10.37 -60.66
CA ARG J 362 -29.60 10.81 -60.77
C ARG J 362 -28.80 10.40 -59.53
N ALA J 363 -29.38 10.64 -58.35
CA ALA J 363 -28.72 10.36 -57.08
C ALA J 363 -28.50 8.88 -56.81
N GLU J 364 -29.34 8.00 -57.36
CA GLU J 364 -29.15 6.55 -57.20
C GLU J 364 -27.96 6.07 -58.02
N GLY J 365 -27.85 6.57 -59.25
CA GLY J 365 -26.70 6.27 -60.11
C GLY J 365 -25.38 6.74 -59.52
N SER J 366 -25.41 7.91 -58.92
CA SER J 366 -24.25 8.47 -58.22
C SER J 366 -23.88 7.66 -56.96
N ASP J 367 -24.89 7.15 -56.25
CA ASP J 367 -24.69 6.33 -55.05
C ASP J 367 -24.07 4.98 -55.38
N VAL J 368 -24.50 4.37 -56.48
CA VAL J 368 -23.94 3.11 -56.96
C VAL J 368 -22.50 3.32 -57.40
N ALA J 369 -22.28 4.34 -58.23
CA ALA J 369 -20.96 4.67 -58.73
C ALA J 369 -19.97 4.83 -57.61
N ASN J 370 -20.31 5.69 -56.65
CA ASN J 370 -19.43 5.98 -55.51
C ASN J 370 -19.14 4.74 -54.64
N ALA J 371 -20.02 3.74 -54.65
CA ALA J 371 -19.73 2.45 -54.00
C ALA J 371 -18.77 1.57 -54.81
N VAL J 372 -18.88 1.63 -56.14
CA VAL J 372 -17.93 0.95 -57.02
C VAL J 372 -16.54 1.58 -56.88
N LEU J 373 -16.50 2.91 -56.85
CA LEU J 373 -15.27 3.68 -56.70
C LEU J 373 -14.66 3.60 -55.30
N ASP J 374 -15.49 3.48 -54.27
CA ASP J 374 -15.00 3.22 -52.90
C ASP J 374 -14.17 1.95 -52.83
N GLY J 375 -14.47 0.99 -53.70
CA GLY J 375 -13.68 -0.24 -53.85
C GLY J 375 -14.43 -1.55 -53.72
N ALA J 376 -15.77 -1.50 -53.77
CA ALA J 376 -16.57 -2.70 -53.59
C ALA J 376 -16.32 -3.68 -54.73
N ASP J 377 -16.48 -4.96 -54.42
CA ASP J 377 -16.36 -6.02 -55.40
C ASP J 377 -17.71 -6.28 -56.05
N CYS J 378 -18.76 -6.40 -55.23
CA CYS J 378 -20.11 -6.67 -55.73
C CYS J 378 -21.13 -5.63 -55.27
N ILE J 379 -22.18 -5.47 -56.07
CA ILE J 379 -23.33 -4.61 -55.77
C ILE J 379 -24.57 -5.49 -55.72
N MET J 380 -25.40 -5.33 -54.69
CA MET J 380 -26.56 -6.19 -54.50
C MET J 380 -27.89 -5.47 -54.58
N LEU J 381 -28.70 -5.86 -55.56
CA LEU J 381 -30.01 -5.27 -55.76
C LEU J 381 -31.02 -6.03 -54.89
N SER J 382 -31.70 -5.31 -53.99
CA SER J 382 -32.61 -5.91 -53.00
C SER J 382 -34.05 -6.09 -53.55
N GLY J 383 -34.90 -5.05 -53.46
CA GLY J 383 -36.28 -5.11 -53.96
C GLY J 383 -36.33 -5.11 -55.49
N GLU J 384 -35.91 -3.99 -56.09
CA GLU J 384 -35.64 -3.84 -57.53
C GLU J 384 -35.90 -5.05 -58.44
N THR J 385 -35.22 -6.18 -58.14
CA THR J 385 -35.33 -7.43 -58.91
C THR J 385 -36.22 -8.53 -58.30
N ALA J 386 -36.38 -8.53 -56.97
CA ALA J 386 -37.20 -9.56 -56.30
C ALA J 386 -38.69 -9.42 -56.54
N LYS J 387 -39.23 -8.23 -56.28
CA LYS J 387 -40.66 -7.96 -56.37
C LYS J 387 -40.94 -6.62 -57.05
N GLY J 388 -40.19 -6.34 -58.11
CA GLY J 388 -40.28 -5.06 -58.82
C GLY J 388 -41.14 -5.17 -60.04
N ASP J 389 -41.63 -4.03 -60.51
CA ASP J 389 -42.31 -3.96 -61.81
C ASP J 389 -41.30 -4.03 -62.95
N TYR J 390 -40.05 -3.63 -62.68
CA TYR J 390 -38.99 -3.66 -63.69
C TYR J 390 -37.76 -4.39 -63.17
N PRO J 391 -37.79 -5.74 -63.15
CA PRO J 391 -36.64 -6.51 -62.70
C PRO J 391 -35.53 -6.61 -63.73
N LEU J 392 -35.88 -6.69 -65.01
CA LEU J 392 -34.88 -6.84 -66.05
C LEU J 392 -34.13 -5.55 -66.37
N GLU J 393 -34.80 -4.41 -66.25
CA GLU J 393 -34.16 -3.12 -66.52
C GLU J 393 -33.25 -2.73 -65.36
N ALA J 394 -33.65 -3.15 -64.14
CA ALA J 394 -32.84 -2.95 -62.94
C ALA J 394 -31.44 -3.56 -63.07
N VAL J 395 -31.34 -4.73 -63.68
CA VAL J 395 -30.04 -5.37 -63.92
C VAL J 395 -29.26 -4.60 -65.00
N ARG J 396 -29.94 -4.14 -66.03
CA ARG J 396 -29.29 -3.41 -67.12
C ARG J 396 -28.76 -2.03 -66.71
N MET J 397 -29.45 -1.35 -65.80
CA MET J 397 -28.97 -0.06 -65.29
C MET J 397 -27.79 -0.26 -64.35
N GLN J 398 -27.88 -1.26 -63.48
CA GLN J 398 -26.77 -1.63 -62.61
C GLN J 398 -25.53 -1.89 -63.44
N HIS J 399 -25.67 -2.71 -64.47
CA HIS J 399 -24.58 -2.98 -65.40
C HIS J 399 -24.04 -1.71 -66.07
N LEU J 400 -24.94 -0.85 -66.55
CA LEU J 400 -24.51 0.40 -67.20
C LEU J 400 -23.75 1.33 -66.25
N ILE J 401 -24.26 1.49 -65.03
CA ILE J 401 -23.62 2.37 -64.04
C ILE J 401 -22.24 1.82 -63.65
N ALA J 402 -22.20 0.53 -63.31
CA ALA J 402 -20.94 -0.13 -62.92
C ALA J 402 -19.83 -0.07 -63.98
N ARG J 403 -20.22 -0.04 -65.25
CA ARG J 403 -19.29 0.03 -66.37
C ARG J 403 -18.80 1.46 -66.61
N GLU J 404 -19.70 2.44 -66.46
CA GLU J 404 -19.33 3.85 -66.59
C GLU J 404 -18.44 4.27 -65.43
N ALA J 405 -18.79 3.83 -64.23
CA ALA J 405 -17.99 4.08 -63.03
C ALA J 405 -16.58 3.52 -63.14
N GLU J 406 -16.46 2.36 -63.79
CA GLU J 406 -15.16 1.72 -64.02
C GLU J 406 -14.12 2.65 -64.66
N ALA J 407 -14.56 3.53 -65.55
CA ALA J 407 -13.69 4.52 -66.21
C ALA J 407 -13.09 5.55 -65.24
N ALA J 408 -13.82 5.83 -64.15
CA ALA J 408 -13.35 6.78 -63.13
C ALA J 408 -12.39 6.18 -62.11
N ILE J 409 -12.17 4.86 -62.15
CA ILE J 409 -11.26 4.23 -61.20
C ILE J 409 -9.84 4.43 -61.70
N TYR J 410 -8.97 4.84 -60.79
CA TYR J 410 -7.53 5.01 -61.04
C TYR J 410 -6.83 3.78 -60.48
N HIS J 411 -6.94 2.69 -61.24
CA HIS J 411 -6.38 1.37 -60.88
C HIS J 411 -4.93 1.41 -60.46
N LEU J 412 -4.17 2.34 -61.03
CA LEU J 412 -2.74 2.41 -60.82
C LEU J 412 -2.34 2.58 -59.35
N GLN J 413 -2.92 3.56 -58.65
CA GLN J 413 -2.55 3.78 -57.25
C GLN J 413 -3.11 2.69 -56.32
N LEU J 414 -4.31 2.19 -56.59
CA LEU J 414 -4.85 1.01 -55.87
C LEU J 414 -3.78 -0.08 -55.77
N PHE J 415 -3.10 -0.33 -56.88
CA PHE J 415 -2.06 -1.35 -56.98
C PHE J 415 -0.77 -0.96 -56.27
N GLU J 416 -0.24 0.22 -56.56
CA GLU J 416 1.02 0.65 -55.95
C GLU J 416 0.96 0.71 -54.43
N GLU J 417 -0.20 1.09 -53.90
CA GLU J 417 -0.40 1.10 -52.46
C GLU J 417 -0.55 -0.32 -51.91
N LEU J 418 -1.35 -1.15 -52.59
CA LEU J 418 -1.53 -2.56 -52.19
C LEU J 418 -0.24 -3.37 -52.25
N ARG J 419 0.67 -2.99 -53.14
CA ARG J 419 1.96 -3.65 -53.25
C ARG J 419 2.87 -3.23 -52.11
N ARG J 420 2.87 -1.94 -51.77
CA ARG J 420 3.68 -1.43 -50.68
C ARG J 420 3.23 -2.00 -49.33
N LEU J 421 1.93 -1.94 -49.06
CA LEU J 421 1.39 -2.40 -47.79
C LEU J 421 1.45 -3.92 -47.58
N ALA J 422 1.64 -4.71 -48.63
CA ALA J 422 1.74 -6.17 -48.50
C ALA J 422 3.06 -6.58 -47.85
N PRO J 423 3.04 -7.66 -47.03
CA PRO J 423 4.23 -8.07 -46.30
C PRO J 423 5.21 -8.82 -47.18
N ILE J 424 6.50 -8.50 -47.09
CA ILE J 424 7.54 -9.17 -47.90
C ILE J 424 7.65 -10.67 -47.55
N THR J 425 7.27 -11.53 -48.50
CA THR J 425 7.49 -12.99 -48.41
C THR J 425 8.08 -13.52 -49.72
N SER J 426 8.73 -14.68 -49.61
CA SER J 426 9.31 -15.39 -50.76
C SER J 426 8.40 -16.54 -51.22
N ASP J 427 7.08 -16.36 -51.06
CA ASP J 427 6.13 -17.32 -51.59
C ASP J 427 6.19 -17.28 -53.12
N PRO J 428 6.36 -18.45 -53.77
CA PRO J 428 6.33 -18.45 -55.23
C PRO J 428 5.07 -17.87 -55.87
N THR J 429 3.89 -18.25 -55.38
CA THR J 429 2.63 -17.87 -56.03
C THR J 429 2.36 -16.37 -55.95
N GLU J 430 2.56 -15.78 -54.78
CA GLU J 430 2.26 -14.36 -54.54
C GLU J 430 3.25 -13.45 -55.28
N ALA J 431 4.49 -13.87 -55.40
CA ALA J 431 5.51 -13.09 -56.14
C ALA J 431 5.26 -13.13 -57.64
N THR J 432 4.83 -14.28 -58.13
CA THR J 432 4.41 -14.44 -59.51
C THR J 432 3.15 -13.61 -59.80
N ALA J 433 2.18 -13.70 -58.89
CA ALA J 433 0.90 -13.01 -59.02
C ALA J 433 1.06 -11.50 -59.12
N VAL J 434 1.95 -10.92 -58.32
CA VAL J 434 2.21 -9.49 -58.40
C VAL J 434 2.83 -9.15 -59.75
N GLY J 435 3.86 -9.89 -60.14
CA GLY J 435 4.52 -9.70 -61.43
C GLY J 435 3.58 -9.79 -62.63
N ALA J 436 2.54 -10.61 -62.51
CA ALA J 436 1.51 -10.70 -63.54
C ALA J 436 0.73 -9.39 -63.67
N VAL J 437 0.34 -8.81 -62.53
CA VAL J 437 -0.37 -7.54 -62.51
C VAL J 437 0.56 -6.44 -63.02
N GLU J 438 1.75 -6.36 -62.44
CA GLU J 438 2.83 -5.47 -62.89
C GLU J 438 2.92 -5.43 -64.42
N ALA J 439 3.02 -6.61 -65.02
CA ALA J 439 3.15 -6.76 -66.46
C ALA J 439 1.87 -6.38 -67.21
N SER J 440 0.71 -6.62 -66.57
CA SER J 440 -0.57 -6.22 -67.16
C SER J 440 -0.66 -4.71 -67.42
N PHE J 441 0.02 -3.91 -66.61
CA PHE J 441 0.12 -2.47 -66.85
C PHE J 441 1.15 -2.11 -67.92
N LYS J 442 2.34 -2.70 -67.83
CA LYS J 442 3.45 -2.36 -68.74
C LYS J 442 3.24 -2.87 -70.19
N CYS J 443 2.58 -4.01 -70.36
CA CYS J 443 2.21 -4.53 -71.69
C CYS J 443 0.87 -4.02 -72.22
N CYS J 444 0.15 -3.25 -71.41
CA CYS J 444 -1.24 -2.83 -71.71
C CYS J 444 -2.08 -4.03 -72.08
N SER J 445 -2.08 -5.03 -71.20
CA SER J 445 -2.67 -6.33 -71.50
C SER J 445 -4.17 -6.26 -71.52
N GLY J 446 -4.77 -7.03 -72.43
CA GLY J 446 -6.21 -7.17 -72.53
C GLY J 446 -6.78 -8.01 -71.42
N ALA J 447 -5.99 -8.93 -70.89
CA ALA J 447 -6.45 -9.82 -69.81
C ALA J 447 -5.28 -10.48 -69.09
N ILE J 448 -5.61 -11.13 -67.97
CA ILE J 448 -4.71 -12.03 -67.28
C ILE J 448 -5.44 -13.38 -67.20
N ILE J 449 -4.98 -14.35 -67.97
CA ILE J 449 -5.57 -15.69 -68.00
C ILE J 449 -4.95 -16.51 -66.88
N VAL J 450 -5.76 -17.06 -65.98
CA VAL J 450 -5.27 -17.82 -64.83
C VAL J 450 -5.90 -19.20 -64.74
N LEU J 451 -5.10 -20.24 -64.81
CA LEU J 451 -5.60 -21.61 -64.66
C LEU J 451 -5.60 -21.96 -63.18
N THR J 452 -6.70 -22.53 -62.70
CA THR J 452 -6.91 -22.72 -61.27
C THR J 452 -8.00 -23.76 -60.92
N LYS J 453 -7.69 -24.63 -59.94
CA LYS J 453 -8.66 -25.59 -59.42
C LYS J 453 -9.50 -24.95 -58.31
N SER J 454 -8.86 -24.53 -57.23
CA SER J 454 -9.55 -23.97 -56.07
C SER J 454 -10.07 -22.54 -56.28
N GLY J 455 -9.50 -21.82 -57.24
CA GLY J 455 -9.76 -20.39 -57.43
C GLY J 455 -8.73 -19.47 -56.80
N ARG J 456 -7.95 -19.98 -55.86
CA ARG J 456 -7.02 -19.18 -55.07
C ARG J 456 -6.02 -18.37 -55.93
N SER J 457 -5.43 -19.00 -56.93
CA SER J 457 -4.48 -18.32 -57.82
C SER J 457 -5.08 -17.08 -58.48
N ALA J 458 -6.33 -17.20 -58.91
CA ALA J 458 -7.08 -16.07 -59.49
C ALA J 458 -7.41 -15.01 -58.43
N HIS J 459 -7.74 -15.46 -57.22
CA HIS J 459 -8.03 -14.53 -56.11
C HIS J 459 -6.78 -13.70 -55.75
N GLN J 460 -5.62 -14.35 -55.69
CA GLN J 460 -4.35 -13.67 -55.36
C GLN J 460 -3.95 -12.62 -56.39
N VAL J 461 -4.36 -12.81 -57.64
CA VAL J 461 -4.16 -11.81 -58.69
C VAL J 461 -5.14 -10.66 -58.48
N ALA J 462 -6.41 -10.99 -58.29
CA ALA J 462 -7.45 -9.98 -58.10
C ALA J 462 -7.23 -9.11 -56.87
N ARG J 463 -6.60 -9.68 -55.84
CA ARG J 463 -6.23 -8.96 -54.62
C ARG J 463 -5.48 -7.66 -54.91
N TYR J 464 -4.61 -7.70 -55.92
CA TYR J 464 -3.80 -6.53 -56.30
C TYR J 464 -4.47 -5.58 -57.32
N ARG J 465 -5.76 -5.77 -57.58
CA ARG J 465 -6.58 -4.79 -58.33
C ARG J 465 -6.00 -4.33 -59.69
N PRO J 466 -5.81 -5.27 -60.63
CA PRO J 466 -5.37 -4.87 -61.97
C PRO J 466 -6.45 -4.11 -62.74
N ARG J 467 -6.06 -3.50 -63.85
CA ARG J 467 -7.00 -2.85 -64.74
C ARG J 467 -7.64 -3.89 -65.61
N ALA J 468 -6.81 -4.77 -66.16
CA ALA J 468 -7.27 -5.82 -67.06
C ALA J 468 -8.19 -6.82 -66.36
N PRO J 469 -9.15 -7.39 -67.11
CA PRO J 469 -9.93 -8.50 -66.57
C PRO J 469 -9.11 -9.76 -66.36
N ILE J 470 -9.50 -10.55 -65.38
CA ILE J 470 -8.83 -11.80 -65.05
C ILE J 470 -9.74 -12.91 -65.56
N ILE J 471 -9.38 -13.54 -66.68
CA ILE J 471 -10.14 -14.71 -67.15
C ILE J 471 -9.65 -15.95 -66.38
N ALA J 472 -10.45 -16.41 -65.42
CA ALA J 472 -10.08 -17.54 -64.57
C ALA J 472 -10.65 -18.83 -65.15
N VAL J 473 -9.76 -19.71 -65.63
CA VAL J 473 -10.15 -20.98 -66.25
C VAL J 473 -10.11 -22.08 -65.20
N THR J 474 -11.15 -22.91 -65.18
CA THR J 474 -11.25 -24.00 -64.22
C THR J 474 -12.13 -25.15 -64.70
N ARG J 475 -11.89 -26.33 -64.14
CA ARG J 475 -12.76 -27.49 -64.33
C ARG J 475 -13.74 -27.70 -63.17
N ASN J 476 -13.44 -27.14 -62.00
CA ASN J 476 -14.32 -27.25 -60.82
C ASN J 476 -15.47 -26.25 -60.95
N PRO J 477 -16.72 -26.73 -61.09
CA PRO J 477 -17.82 -25.81 -61.33
C PRO J 477 -18.16 -24.90 -60.15
N GLN J 478 -17.87 -25.33 -58.92
CA GLN J 478 -18.15 -24.50 -57.74
C GLN J 478 -17.22 -23.29 -57.70
N THR J 479 -15.94 -23.50 -58.00
CA THR J 479 -14.96 -22.41 -57.95
C THR J 479 -15.25 -21.36 -59.03
N ALA J 480 -15.79 -21.82 -60.16
CA ALA J 480 -16.28 -20.92 -61.20
C ALA J 480 -17.39 -20.00 -60.69
N ARG J 481 -18.31 -20.56 -59.89
CA ARG J 481 -19.38 -19.76 -59.29
C ARG J 481 -18.87 -18.85 -58.17
N GLN J 482 -18.09 -19.41 -57.26
CA GLN J 482 -17.57 -18.65 -56.11
C GLN J 482 -16.64 -17.49 -56.50
N ALA J 483 -16.05 -17.56 -57.69
CA ALA J 483 -15.19 -16.49 -58.21
C ALA J 483 -15.87 -15.13 -58.40
N HIS J 484 -17.17 -15.09 -58.62
CA HIS J 484 -17.91 -13.82 -58.92
C HIS J 484 -17.84 -12.81 -57.75
N LEU J 485 -17.72 -13.33 -56.52
CA LEU J 485 -17.45 -12.53 -55.33
C LEU J 485 -16.27 -11.58 -55.47
N TYR J 486 -15.22 -12.01 -56.15
CA TYR J 486 -14.03 -11.19 -56.37
C TYR J 486 -14.18 -10.29 -57.59
N ARG J 487 -13.61 -9.10 -57.45
CA ARG J 487 -13.73 -8.05 -58.43
C ARG J 487 -12.83 -8.37 -59.60
N GLY J 488 -13.34 -8.19 -60.81
CA GLY J 488 -12.52 -8.33 -62.01
C GLY J 488 -12.16 -9.74 -62.44
N ILE J 489 -12.63 -10.75 -61.72
CA ILE J 489 -12.52 -12.12 -62.18
C ILE J 489 -13.69 -12.42 -63.08
N PHE J 490 -13.39 -12.90 -64.28
CA PHE J 490 -14.37 -13.45 -65.19
C PHE J 490 -14.18 -14.96 -65.25
N PRO J 491 -14.97 -15.71 -64.47
CA PRO J 491 -14.79 -17.16 -64.43
C PRO J 491 -15.33 -17.78 -65.68
N VAL J 492 -14.78 -18.92 -66.05
CA VAL J 492 -15.18 -19.61 -67.25
C VAL J 492 -14.89 -21.11 -67.09
N LEU J 493 -15.92 -21.93 -67.34
CA LEU J 493 -15.89 -23.36 -67.02
C LEU J 493 -15.50 -24.18 -68.24
N CYS J 494 -14.34 -24.82 -68.12
CA CYS J 494 -13.79 -25.73 -69.12
C CYS J 494 -14.28 -27.14 -68.81
N LYS J 495 -15.09 -27.69 -69.70
CA LYS J 495 -15.65 -29.03 -69.55
C LYS J 495 -14.88 -30.09 -70.36
N ASP J 496 -13.81 -29.68 -71.07
CA ASP J 496 -12.97 -30.63 -71.80
C ASP J 496 -12.30 -31.62 -70.85
N PRO J 497 -12.03 -32.84 -71.34
CA PRO J 497 -11.37 -33.83 -70.50
C PRO J 497 -9.88 -33.52 -70.38
N VAL J 498 -9.27 -34.01 -69.32
CA VAL J 498 -7.86 -33.70 -69.04
C VAL J 498 -6.98 -34.43 -70.05
N GLN J 499 -6.19 -33.68 -70.81
CA GLN J 499 -5.30 -34.27 -71.83
C GLN J 499 -4.13 -34.94 -71.14
N GLU J 500 -3.59 -35.98 -71.76
CA GLU J 500 -2.52 -36.78 -71.14
C GLU J 500 -1.23 -36.00 -71.03
N ALA J 501 -0.80 -35.42 -72.15
CA ALA J 501 0.35 -34.54 -72.17
C ALA J 501 -0.01 -33.26 -71.45
N TRP J 502 0.57 -33.07 -70.26
CA TRP J 502 0.26 -31.91 -69.42
C TRP J 502 0.37 -30.57 -70.16
N ALA J 503 1.42 -30.41 -70.97
CA ALA J 503 1.65 -29.17 -71.71
C ALA J 503 0.53 -28.83 -72.71
N GLU J 504 -0.07 -29.86 -73.31
CA GLU J 504 -1.22 -29.69 -74.21
C GLU J 504 -2.51 -29.33 -73.47
N ASP J 505 -2.67 -29.89 -72.27
CA ASP J 505 -3.82 -29.58 -71.39
C ASP J 505 -3.83 -28.11 -70.96
N VAL J 506 -2.64 -27.56 -70.76
CA VAL J 506 -2.47 -26.13 -70.50
C VAL J 506 -2.83 -25.34 -71.76
N ASP J 507 -2.14 -25.64 -72.86
CA ASP J 507 -2.38 -24.98 -74.15
C ASP J 507 -3.86 -24.99 -74.58
N LEU J 508 -4.56 -26.09 -74.28
CA LEU J 508 -6.01 -26.20 -74.50
C LEU J 508 -6.78 -25.14 -73.72
N ARG J 509 -6.60 -25.17 -72.39
CA ARG J 509 -7.29 -24.25 -71.49
C ARG J 509 -6.94 -22.78 -71.72
N VAL J 510 -5.67 -22.51 -72.03
CA VAL J 510 -5.25 -21.15 -72.37
C VAL J 510 -5.95 -20.72 -73.64
N ASN J 511 -5.91 -21.56 -74.67
CA ASN J 511 -6.53 -21.23 -75.96
C ASN J 511 -8.07 -21.19 -75.86
N PHE J 512 -8.64 -21.90 -74.88
CA PHE J 512 -10.06 -21.76 -74.55
C PHE J 512 -10.38 -20.34 -74.08
N ALA J 513 -9.60 -19.84 -73.14
CA ALA J 513 -9.78 -18.48 -72.62
C ALA J 513 -9.53 -17.41 -73.67
N MET J 514 -8.59 -17.67 -74.58
CA MET J 514 -8.31 -16.76 -75.68
C MET J 514 -9.56 -16.53 -76.52
N ASN J 515 -10.25 -17.63 -76.81
CA ASN J 515 -11.47 -17.58 -77.61
C ASN J 515 -12.62 -16.90 -76.86
N VAL J 516 -12.71 -17.13 -75.56
CA VAL J 516 -13.71 -16.46 -74.71
C VAL J 516 -13.46 -14.97 -74.76
N GLY J 517 -12.22 -14.58 -74.46
CA GLY J 517 -11.80 -13.18 -74.45
C GLY J 517 -12.00 -12.45 -75.76
N LYS J 518 -11.75 -13.14 -76.87
CA LYS J 518 -12.04 -12.58 -78.20
C LYS J 518 -13.54 -12.39 -78.42
N ALA J 519 -14.33 -13.38 -78.00
CA ALA J 519 -15.79 -13.31 -78.13
C ALA J 519 -16.40 -12.21 -77.25
N ARG J 520 -15.97 -12.13 -75.99
CA ARG J 520 -16.38 -11.04 -75.10
C ARG J 520 -15.97 -9.67 -75.64
N GLY J 521 -14.82 -9.60 -76.30
CA GLY J 521 -14.28 -8.35 -76.84
C GLY J 521 -13.18 -7.76 -75.98
N PHE J 522 -12.80 -8.46 -74.91
CA PHE J 522 -11.69 -8.02 -74.04
C PHE J 522 -10.42 -7.70 -74.82
N PHE J 523 -10.11 -8.52 -75.81
CA PHE J 523 -8.96 -8.30 -76.68
C PHE J 523 -9.18 -8.89 -78.05
N LYS J 524 -8.22 -8.67 -78.94
CA LYS J 524 -8.31 -9.14 -80.32
C LYS J 524 -6.99 -9.69 -80.81
N LYS J 525 -7.04 -10.30 -81.99
CA LYS J 525 -5.86 -10.77 -82.72
C LYS J 525 -4.71 -9.76 -82.63
N GLY J 526 -3.57 -10.21 -82.11
CA GLY J 526 -2.36 -9.37 -82.05
C GLY J 526 -2.10 -8.55 -80.79
N ASP J 527 -3.09 -8.47 -79.88
CA ASP J 527 -2.86 -7.87 -78.56
C ASP J 527 -2.03 -8.81 -77.68
N VAL J 528 -1.67 -8.36 -76.49
CA VAL J 528 -0.87 -9.15 -75.54
C VAL J 528 -1.69 -9.48 -74.31
N VAL J 529 -1.51 -10.70 -73.78
CA VAL J 529 -2.14 -11.11 -72.51
C VAL J 529 -1.16 -11.87 -71.63
N ILE J 530 -1.37 -11.80 -70.32
CA ILE J 530 -0.54 -12.49 -69.35
C ILE J 530 -1.21 -13.81 -69.02
N VAL J 531 -0.41 -14.87 -68.80
CA VAL J 531 -0.95 -16.22 -68.57
C VAL J 531 -0.25 -16.88 -67.38
N LEU J 532 -1.00 -17.18 -66.32
CA LEU J 532 -0.50 -17.91 -65.15
C LEU J 532 -0.89 -19.39 -65.17
N THR J 533 0.11 -20.27 -65.05
CA THR J 533 -0.07 -21.73 -65.08
C THR J 533 0.80 -22.40 -64.00
N GLY J 534 0.72 -23.72 -63.91
CA GLY J 534 1.68 -24.52 -63.13
C GLY J 534 2.83 -24.91 -64.03
N TRP J 535 3.80 -25.66 -63.49
CA TRP J 535 4.88 -26.23 -64.32
C TRP J 535 4.88 -27.76 -64.29
N ARG J 536 4.84 -28.35 -63.12
CA ARG J 536 4.63 -29.80 -63.00
C ARG J 536 3.15 -29.97 -62.67
N PRO J 537 2.51 -31.01 -63.22
CA PRO J 537 1.25 -31.41 -62.64
C PRO J 537 1.60 -32.18 -61.37
N GLY J 538 1.48 -31.52 -60.22
CA GLY J 538 2.01 -32.06 -58.96
C GLY J 538 2.68 -31.00 -58.10
N SER J 539 3.29 -30.01 -58.74
CA SER J 539 3.79 -28.81 -58.06
C SER J 539 2.61 -28.07 -57.41
N GLY J 540 2.75 -27.73 -56.14
CA GLY J 540 1.68 -27.08 -55.39
C GLY J 540 1.30 -25.69 -55.91
N PHE J 541 2.26 -24.99 -56.49
CA PHE J 541 2.15 -23.55 -56.81
C PHE J 541 1.74 -23.25 -58.26
N THR J 542 0.96 -22.18 -58.42
CA THR J 542 0.75 -21.53 -59.73
C THR J 542 1.86 -20.50 -59.92
N ASN J 543 2.99 -20.98 -60.43
CA ASN J 543 4.27 -20.26 -60.40
C ASN J 543 4.80 -19.82 -61.76
N THR J 544 4.11 -20.14 -62.84
CA THR J 544 4.65 -19.92 -64.20
C THR J 544 3.90 -18.85 -65.00
N MET J 545 4.51 -17.66 -65.08
CA MET J 545 3.95 -16.51 -65.80
C MET J 545 4.57 -16.40 -67.16
N ARG J 546 3.75 -16.11 -68.17
CA ARG J 546 4.26 -15.84 -69.50
C ARG J 546 3.44 -14.79 -70.23
N VAL J 547 4.14 -13.99 -71.03
CA VAL J 547 3.53 -12.91 -71.79
C VAL J 547 3.30 -13.45 -73.19
N VAL J 548 2.04 -13.53 -73.57
CA VAL J 548 1.62 -14.18 -74.79
C VAL J 548 0.91 -13.18 -75.71
N PRO J 549 1.31 -13.13 -76.99
CA PRO J 549 0.50 -12.41 -77.95
C PRO J 549 -0.68 -13.28 -78.41
N VAL J 550 -1.81 -12.63 -78.65
CA VAL J 550 -3.06 -13.32 -78.94
C VAL J 550 -3.01 -13.86 -80.36
N PRO J 551 -3.28 -15.18 -80.53
CA PRO J 551 -3.32 -15.75 -81.87
C PRO J 551 -4.56 -15.29 -82.65
N ALA K 28 38.98 -27.48 -56.30
CA ALA K 28 38.21 -26.23 -56.58
C ALA K 28 39.03 -25.22 -57.44
N GLY K 29 38.70 -23.94 -57.31
CA GLY K 29 39.64 -22.83 -57.56
C GLY K 29 39.61 -21.93 -56.32
N THR K 30 40.30 -20.79 -56.37
CA THR K 30 40.28 -19.82 -55.25
C THR K 30 39.03 -18.94 -55.37
N ALA K 31 38.83 -18.38 -56.57
CA ALA K 31 37.73 -17.46 -56.88
C ALA K 31 36.40 -18.13 -57.24
N PHE K 32 36.38 -19.46 -57.37
CA PHE K 32 35.12 -20.06 -57.93
C PHE K 32 34.04 -20.18 -56.82
N ILE K 33 34.38 -20.44 -55.55
CA ILE K 33 33.38 -20.60 -54.51
C ILE K 33 32.99 -19.24 -53.87
N GLN K 34 32.14 -18.48 -54.55
CA GLN K 34 31.63 -17.19 -54.04
C GLN K 34 30.29 -17.41 -53.31
N THR K 35 30.33 -17.80 -52.04
CA THR K 35 29.08 -18.05 -51.26
C THR K 35 28.45 -16.71 -50.90
N GLN K 36 27.12 -16.68 -50.92
CA GLN K 36 26.37 -15.42 -51.01
C GLN K 36 25.76 -14.91 -49.72
N GLN K 37 24.92 -15.71 -49.07
CA GLN K 37 24.13 -15.25 -47.90
C GLN K 37 23.20 -14.09 -48.30
N LEU K 38 22.38 -14.40 -49.30
CA LEU K 38 21.19 -13.62 -49.68
C LEU K 38 20.22 -13.42 -48.51
N HIS K 39 19.13 -12.70 -48.78
CA HIS K 39 17.99 -12.51 -47.87
C HIS K 39 18.17 -11.40 -46.81
N ALA K 40 19.29 -10.67 -46.88
CA ALA K 40 19.42 -9.38 -46.16
C ALA K 40 18.55 -8.35 -46.89
N ALA K 41 17.53 -7.83 -46.21
CA ALA K 41 16.59 -6.85 -46.79
C ALA K 41 17.32 -5.56 -47.13
N MET K 42 17.25 -5.17 -48.40
CA MET K 42 18.06 -4.06 -48.93
C MET K 42 17.63 -2.70 -48.37
N ALA K 43 18.60 -1.81 -48.18
CA ALA K 43 18.38 -0.58 -47.42
C ALA K 43 17.39 0.38 -48.08
N ASP K 44 16.84 1.27 -47.26
CA ASP K 44 15.80 2.22 -47.67
C ASP K 44 16.33 3.30 -48.62
N THR K 45 17.45 3.90 -48.24
CA THR K 45 18.07 5.01 -48.98
C THR K 45 19.55 4.76 -49.17
N PHE K 46 20.11 5.33 -50.23
CA PHE K 46 21.54 5.15 -50.52
C PHE K 46 22.47 5.62 -49.39
N LEU K 47 22.10 6.69 -48.70
CA LEU K 47 22.83 7.17 -47.53
C LEU K 47 22.85 6.13 -46.42
N GLU K 48 21.68 5.59 -46.13
CA GLU K 48 21.54 4.57 -45.11
C GLU K 48 22.37 3.33 -45.44
N HIS K 49 22.44 3.01 -46.73
CA HIS K 49 23.20 1.87 -47.21
C HIS K 49 24.71 2.00 -47.01
N MET K 50 25.24 3.21 -47.22
CA MET K 50 26.64 3.52 -46.93
C MET K 50 26.90 3.41 -45.44
N CYS K 51 25.96 3.90 -44.62
CA CYS K 51 26.10 3.86 -43.17
C CYS K 51 26.13 2.44 -42.58
N ARG K 52 25.57 1.47 -43.30
CA ARG K 52 25.59 0.07 -42.87
C ARG K 52 26.83 -0.74 -43.26
N LEU K 53 27.76 -0.14 -44.00
CA LEU K 53 28.98 -0.85 -44.39
C LEU K 53 29.82 -1.16 -43.16
N ASP K 54 29.97 -2.45 -42.87
CA ASP K 54 30.82 -2.92 -41.79
C ASP K 54 32.05 -3.58 -42.42
N ILE K 55 33.22 -3.02 -42.15
CA ILE K 55 34.47 -3.57 -42.67
C ILE K 55 34.82 -4.93 -42.06
N ASP K 56 34.34 -5.19 -40.84
CA ASP K 56 34.63 -6.44 -40.11
C ASP K 56 33.93 -7.69 -40.64
N SER K 57 32.77 -7.55 -41.29
CA SER K 57 32.06 -8.69 -41.86
C SER K 57 32.57 -9.01 -43.28
N PRO K 58 32.45 -10.29 -43.72
CA PRO K 58 32.88 -10.68 -45.05
C PRO K 58 31.84 -10.28 -46.10
N PRO K 59 32.22 -10.23 -47.40
CA PRO K 59 31.30 -9.77 -48.42
C PRO K 59 30.20 -10.80 -48.68
N ILE K 60 28.98 -10.30 -48.89
CA ILE K 60 27.79 -11.13 -48.91
C ILE K 60 27.19 -11.16 -50.31
N THR K 61 28.04 -11.37 -51.30
CA THR K 61 27.63 -11.16 -52.68
C THR K 61 28.71 -11.69 -53.61
N ALA K 62 28.28 -12.31 -54.70
CA ALA K 62 29.19 -12.78 -55.73
C ALA K 62 29.87 -11.60 -56.39
N ARG K 63 31.15 -11.75 -56.70
CA ARG K 63 31.88 -10.76 -57.50
C ARG K 63 31.31 -10.77 -58.93
N ASN K 64 30.57 -9.72 -59.27
CA ASN K 64 29.84 -9.64 -60.54
C ASN K 64 30.64 -8.95 -61.66
N THR K 65 31.66 -8.16 -61.31
CA THR K 65 32.45 -7.43 -62.30
C THR K 65 33.55 -8.28 -62.93
N GLY K 66 33.43 -8.57 -64.23
CA GLY K 66 34.42 -9.38 -64.97
C GLY K 66 35.87 -8.91 -64.87
N ILE K 67 36.80 -9.85 -65.08
CA ILE K 67 38.26 -9.59 -64.95
C ILE K 67 38.99 -9.99 -66.22
N ILE K 68 39.52 -9.00 -66.93
CA ILE K 68 40.30 -9.21 -68.15
C ILE K 68 41.78 -9.07 -67.81
N CYS K 69 42.55 -10.15 -68.01
CA CYS K 69 44.00 -10.12 -67.82
C CYS K 69 44.71 -10.14 -69.16
N THR K 70 45.71 -9.28 -69.29
CA THR K 70 46.56 -9.24 -70.47
C THR K 70 47.61 -10.32 -70.31
N ILE K 71 47.70 -11.20 -71.31
CA ILE K 71 48.67 -12.29 -71.34
C ILE K 71 49.92 -11.80 -72.07
N GLY K 72 51.07 -12.17 -71.51
CA GLY K 72 52.38 -11.80 -72.06
C GLY K 72 53.46 -12.72 -71.52
N PRO K 73 54.74 -12.31 -71.62
CA PRO K 73 55.90 -13.07 -71.12
C PRO K 73 55.74 -13.81 -69.78
N ALA K 74 55.23 -13.13 -68.76
CA ALA K 74 55.17 -13.71 -67.39
C ALA K 74 54.00 -14.69 -67.14
N SER K 75 53.01 -14.67 -68.02
CA SER K 75 51.77 -15.44 -67.85
C SER K 75 51.40 -16.32 -69.07
N ARG K 76 52.33 -16.49 -70.00
CA ARG K 76 52.05 -17.11 -71.30
C ARG K 76 51.84 -18.62 -71.19
N SER K 77 52.50 -19.24 -70.21
CA SER K 77 52.58 -20.69 -70.10
C SER K 77 51.26 -21.31 -69.71
N VAL K 78 51.08 -22.56 -70.10
CA VAL K 78 49.85 -23.30 -69.80
C VAL K 78 49.66 -23.47 -68.29
N GLU K 79 50.76 -23.61 -67.54
CA GLU K 79 50.67 -23.81 -66.10
C GLU K 79 50.30 -22.54 -65.32
N THR K 80 50.81 -21.39 -65.75
CA THR K 80 50.45 -20.09 -65.15
C THR K 80 48.96 -19.80 -65.37
N LEU K 81 48.51 -19.97 -66.62
CA LEU K 81 47.13 -19.68 -67.00
C LEU K 81 46.12 -20.50 -66.21
N LYS K 82 46.41 -21.78 -65.99
CA LYS K 82 45.53 -22.64 -65.18
C LYS K 82 45.25 -22.03 -63.82
N GLU K 83 46.29 -21.52 -63.15
CA GLU K 83 46.12 -20.89 -61.85
C GLU K 83 45.40 -19.54 -61.92
N MET K 84 45.61 -18.79 -63.00
CA MET K 84 44.91 -17.52 -63.22
C MET K 84 43.41 -17.69 -63.46
N ILE K 85 43.04 -18.72 -64.24
CA ILE K 85 41.62 -19.05 -64.46
C ILE K 85 40.97 -19.46 -63.14
N LYS K 86 41.69 -20.27 -62.36
CA LYS K 86 41.24 -20.67 -61.02
C LYS K 86 41.05 -19.48 -60.09
N SER K 87 41.92 -18.48 -60.18
CA SER K 87 41.82 -17.30 -59.32
C SER K 87 40.92 -16.19 -59.87
N GLY K 88 40.25 -16.44 -61.00
CA GLY K 88 39.14 -15.61 -61.47
C GLY K 88 39.34 -14.83 -62.76
N MET K 89 40.26 -15.27 -63.63
CA MET K 89 40.36 -14.69 -64.96
C MET K 89 39.14 -15.10 -65.78
N ASN K 90 38.69 -14.19 -66.62
CA ASN K 90 37.53 -14.37 -67.48
C ASN K 90 37.86 -14.15 -68.95
N VAL K 91 38.61 -13.09 -69.24
CA VAL K 91 39.05 -12.78 -70.59
C VAL K 91 40.58 -12.70 -70.65
N ALA K 92 41.16 -13.26 -71.70
CA ALA K 92 42.58 -13.16 -71.96
C ALA K 92 42.81 -12.16 -73.09
N ARG K 93 43.43 -11.03 -72.79
CA ARG K 93 43.83 -10.05 -73.81
C ARG K 93 45.19 -10.35 -74.38
N LEU K 94 45.34 -10.13 -75.69
CA LEU K 94 46.62 -10.21 -76.39
C LEU K 94 46.92 -8.85 -76.99
N ASN K 95 48.11 -8.33 -76.75
CA ASN K 95 48.47 -6.98 -77.20
C ASN K 95 49.25 -7.06 -78.52
N PHE K 96 48.60 -6.69 -79.62
CA PHE K 96 49.22 -6.76 -80.97
C PHE K 96 50.06 -5.52 -81.36
N SER K 97 50.29 -4.61 -80.42
CA SER K 97 51.33 -3.59 -80.56
C SER K 97 52.72 -4.22 -80.67
N HIS K 98 52.90 -5.36 -79.96
CA HIS K 98 54.16 -6.09 -79.97
C HIS K 98 53.92 -7.56 -80.32
N GLY K 99 54.95 -8.24 -80.84
CA GLY K 99 54.91 -9.67 -81.13
C GLY K 99 54.45 -9.99 -82.54
N THR K 100 54.79 -11.22 -82.99
CA THR K 100 54.43 -11.69 -84.36
C THR K 100 53.16 -12.55 -84.33
N HIS K 101 52.66 -12.89 -85.51
CA HIS K 101 51.47 -13.75 -85.63
C HIS K 101 51.70 -15.17 -85.16
N GLU K 102 52.92 -15.68 -85.39
CA GLU K 102 53.32 -17.00 -84.93
C GLU K 102 53.38 -17.04 -83.39
N TYR K 103 53.89 -15.96 -82.81
CA TYR K 103 54.07 -15.84 -81.35
C TYR K 103 52.71 -15.86 -80.66
N HIS K 104 51.79 -15.01 -81.12
CA HIS K 104 50.45 -14.91 -80.53
C HIS K 104 49.54 -16.10 -80.80
N ALA K 105 49.78 -16.82 -81.90
CA ALA K 105 49.05 -18.07 -82.18
C ALA K 105 49.25 -19.09 -81.08
N GLU K 106 50.47 -19.14 -80.54
CA GLU K 106 50.81 -20.07 -79.45
C GLU K 106 50.35 -19.55 -78.09
N THR K 107 50.34 -18.23 -77.90
CA THR K 107 49.74 -17.63 -76.70
C THR K 107 48.27 -18.04 -76.59
N ILE K 108 47.55 -17.98 -77.71
CA ILE K 108 46.15 -18.43 -77.79
C ILE K 108 46.00 -19.93 -77.53
N LYS K 109 46.84 -20.73 -78.17
CA LYS K 109 46.83 -22.19 -77.99
C LYS K 109 47.00 -22.59 -76.52
N ASN K 110 47.86 -21.86 -75.80
CA ASN K 110 48.06 -22.09 -74.37
C ASN K 110 46.84 -21.72 -73.51
N VAL K 111 46.20 -20.61 -73.85
CA VAL K 111 44.97 -20.21 -73.18
C VAL K 111 43.94 -21.33 -73.32
N ARG K 112 43.73 -21.77 -74.57
CA ARG K 112 42.74 -22.81 -74.86
C ARG K 112 43.03 -24.16 -74.24
N THR K 113 44.32 -24.51 -74.10
CA THR K 113 44.73 -25.74 -73.41
C THR K 113 44.40 -25.65 -71.92
N ALA K 114 44.78 -24.54 -71.30
CA ALA K 114 44.53 -24.29 -69.89
C ALA K 114 43.05 -24.27 -69.56
N THR K 115 42.28 -23.55 -70.38
CA THR K 115 40.82 -23.44 -70.23
C THR K 115 40.15 -24.81 -70.26
N GLU K 116 40.49 -25.58 -71.30
CA GLU K 116 39.94 -26.92 -71.52
C GLU K 116 40.40 -27.97 -70.51
N SER K 117 41.45 -27.70 -69.73
CA SER K 117 41.89 -28.62 -68.66
C SER K 117 40.78 -28.92 -67.64
N PHE K 118 39.89 -27.96 -67.41
CA PHE K 118 38.77 -28.13 -66.47
C PHE K 118 37.49 -28.71 -67.09
N ALA K 119 37.52 -28.98 -68.40
CA ALA K 119 36.31 -29.37 -69.14
C ALA K 119 35.71 -30.72 -68.76
N SER K 120 36.50 -31.61 -68.15
CA SER K 120 36.03 -32.95 -67.77
C SER K 120 34.98 -32.99 -66.66
N ASP K 121 34.76 -31.85 -65.98
CA ASP K 121 33.62 -31.66 -65.06
C ASP K 121 32.86 -30.40 -65.47
N PRO K 122 31.70 -30.52 -66.17
CA PRO K 122 31.04 -29.32 -66.71
C PRO K 122 30.54 -28.29 -65.67
N ILE K 123 30.39 -28.73 -64.41
CA ILE K 123 30.07 -27.83 -63.29
C ILE K 123 31.21 -26.86 -62.96
N LEU K 124 32.45 -27.35 -62.97
CA LEU K 124 33.63 -26.52 -62.68
C LEU K 124 34.23 -25.84 -63.92
N TYR K 125 33.67 -26.09 -65.11
CA TYR K 125 34.18 -25.48 -66.33
C TYR K 125 33.75 -24.04 -66.41
N ARG K 126 34.69 -23.14 -66.13
CA ARG K 126 34.53 -21.73 -66.40
C ARG K 126 35.01 -21.52 -67.83
N PRO K 127 34.17 -20.93 -68.72
CA PRO K 127 34.71 -20.49 -70.00
C PRO K 127 35.60 -19.25 -69.86
N VAL K 128 36.45 -19.04 -70.88
CA VAL K 128 37.43 -17.98 -70.91
C VAL K 128 37.51 -17.42 -72.33
N ALA K 129 37.37 -16.11 -72.45
CA ALA K 129 37.36 -15.44 -73.75
C ALA K 129 38.77 -15.04 -74.20
N VAL K 130 38.90 -14.81 -75.50
CA VAL K 130 40.13 -14.34 -76.09
C VAL K 130 39.89 -12.98 -76.74
N ALA K 131 40.68 -11.98 -76.37
CA ALA K 131 40.55 -10.62 -76.88
C ALA K 131 41.80 -10.26 -77.68
N LEU K 132 41.59 -9.59 -78.80
CA LEU K 132 42.67 -9.14 -79.67
C LEU K 132 42.70 -7.62 -79.67
N ASP K 133 43.71 -7.06 -79.03
CA ASP K 133 43.87 -5.61 -78.94
C ASP K 133 44.75 -5.11 -80.07
N THR K 134 44.20 -4.29 -80.95
CA THR K 134 44.97 -3.77 -82.10
C THR K 134 46.11 -2.83 -81.68
N LYS K 135 47.08 -2.67 -82.56
CA LYS K 135 48.16 -1.69 -82.41
C LYS K 135 47.58 -0.30 -82.56
N GLY K 136 46.89 -0.10 -83.66
CA GLY K 136 46.15 1.12 -83.95
C GLY K 136 47.01 2.05 -84.82
N PRO K 137 46.55 3.28 -85.01
CA PRO K 137 47.36 4.33 -85.57
C PRO K 137 48.17 5.04 -84.49
N GLU K 138 49.41 5.40 -84.82
CA GLU K 138 50.25 6.16 -83.85
C GLU K 138 51.16 7.19 -84.51
N ILE K 139 51.80 8.02 -83.71
CA ILE K 139 52.76 8.97 -84.18
C ILE K 139 54.05 8.66 -83.40
N ARG K 140 55.02 8.08 -84.10
CA ARG K 140 56.35 7.77 -83.50
C ARG K 140 57.46 8.69 -84.01
N THR K 141 58.41 9.02 -83.13
CA THR K 141 59.57 9.84 -83.47
C THR K 141 60.67 9.00 -84.13
N GLY K 142 61.74 9.67 -84.54
CA GLY K 142 62.88 9.01 -85.16
C GLY K 142 63.87 8.44 -84.18
N LEU K 143 64.94 7.88 -84.74
CA LEU K 143 66.04 7.27 -83.99
C LEU K 143 67.01 8.38 -83.61
N ILE K 144 67.31 8.51 -82.31
CA ILE K 144 68.18 9.57 -81.80
C ILE K 144 69.60 9.34 -82.29
N LYS K 145 70.27 10.43 -82.68
CA LYS K 145 71.57 10.40 -83.37
C LYS K 145 72.57 9.32 -82.81
N GLY K 146 73.35 8.83 -83.75
CA GLY K 146 74.37 7.81 -83.44
C GLY K 146 73.81 6.38 -83.29
N SER K 147 72.80 6.18 -82.44
CA SER K 147 72.35 4.84 -82.03
C SER K 147 70.95 4.85 -81.45
N GLY K 148 70.08 3.97 -81.97
CA GLY K 148 68.87 3.46 -81.28
C GLY K 148 68.61 3.62 -79.77
N THR K 149 69.66 3.74 -78.95
CA THR K 149 69.59 3.77 -77.50
C THR K 149 70.01 5.06 -76.78
N ALA K 150 70.72 5.99 -77.43
CA ALA K 150 71.19 7.20 -76.82
C ALA K 150 69.99 8.15 -76.66
N GLU K 151 69.93 8.77 -75.50
CA GLU K 151 68.90 9.81 -75.20
C GLU K 151 69.48 11.22 -75.41
N VAL K 152 68.66 12.24 -75.20
CA VAL K 152 69.09 13.66 -75.23
C VAL K 152 68.25 14.51 -74.31
N GLU K 153 68.87 15.49 -73.65
CA GLU K 153 68.16 16.39 -72.75
C GLU K 153 67.50 17.54 -73.49
N LEU K 154 66.17 17.54 -73.53
CA LEU K 154 65.38 18.71 -73.90
C LEU K 154 65.16 19.49 -72.62
N LYS K 155 65.62 20.72 -72.58
CA LYS K 155 65.50 21.54 -71.36
C LYS K 155 64.45 22.60 -71.51
N LYS K 156 63.93 23.06 -70.38
CA LYS K 156 62.72 23.91 -70.30
C LYS K 156 62.93 25.28 -70.92
N GLY K 157 62.34 25.50 -72.09
CA GLY K 157 62.44 26.79 -72.79
C GLY K 157 63.24 26.75 -74.08
N ALA K 158 64.01 25.67 -74.30
CA ALA K 158 64.79 25.50 -75.54
C ALA K 158 63.88 25.31 -76.77
N THR K 159 64.34 25.79 -77.92
CA THR K 159 63.62 25.60 -79.18
C THR K 159 63.95 24.22 -79.77
N LEU K 160 62.91 23.55 -80.26
CA LEU K 160 63.02 22.24 -80.87
C LEU K 160 62.23 22.24 -82.18
N LYS K 161 62.91 21.88 -83.27
CA LYS K 161 62.30 21.84 -84.59
C LYS K 161 61.76 20.45 -84.84
N ILE K 162 60.51 20.38 -85.28
CA ILE K 162 59.90 19.11 -85.71
C ILE K 162 59.90 19.10 -87.24
N THR K 163 60.26 17.97 -87.84
CA THR K 163 60.41 17.87 -89.29
C THR K 163 59.78 16.61 -89.84
N LEU K 164 59.26 16.70 -91.06
CA LEU K 164 58.72 15.56 -91.81
C LEU K 164 59.66 15.05 -92.90
N ASP K 165 60.81 15.69 -93.04
CA ASP K 165 61.84 15.30 -94.00
C ASP K 165 62.54 14.02 -93.54
N ASN K 166 62.46 12.97 -94.36
CA ASN K 166 63.01 11.65 -94.00
C ASN K 166 64.54 11.58 -93.87
N ALA K 167 65.24 12.59 -94.36
CA ALA K 167 66.69 12.70 -94.16
C ALA K 167 67.10 12.73 -92.69
N TYR K 168 66.25 13.32 -91.84
CA TYR K 168 66.52 13.42 -90.41
C TYR K 168 66.00 12.24 -89.57
N MET K 169 65.41 11.22 -90.20
CA MET K 169 64.70 10.16 -89.45
C MET K 169 65.59 9.26 -88.57
N GLU K 170 66.90 9.29 -88.78
CA GLU K 170 67.85 8.63 -87.87
C GLU K 170 68.89 9.64 -87.36
N LYS K 171 68.49 10.91 -87.28
CA LYS K 171 69.39 12.01 -86.89
C LYS K 171 68.66 13.01 -85.97
N CYS K 172 67.85 12.48 -85.05
CA CYS K 172 67.16 13.29 -84.05
C CYS K 172 68.11 13.67 -82.92
N ASP K 173 67.94 14.86 -82.37
CA ASP K 173 68.79 15.36 -81.29
C ASP K 173 68.07 16.46 -80.48
N GLU K 174 68.82 17.29 -79.73
CA GLU K 174 68.23 18.41 -78.99
C GLU K 174 67.53 19.46 -79.86
N ASN K 175 67.99 19.62 -81.10
CA ASN K 175 67.55 20.69 -82.01
C ASN K 175 66.46 20.25 -82.96
N ILE K 176 66.68 19.14 -83.66
CA ILE K 176 65.71 18.62 -84.64
C ILE K 176 65.14 17.26 -84.22
N LEU K 177 63.86 17.05 -84.55
CA LEU K 177 63.12 15.83 -84.22
C LEU K 177 62.28 15.42 -85.43
N TRP K 178 62.45 14.18 -85.88
CA TRP K 178 61.58 13.61 -86.91
C TRP K 178 60.34 12.95 -86.28
N LEU K 179 59.27 12.85 -87.07
CA LEU K 179 58.16 11.95 -86.78
C LEU K 179 57.41 11.57 -88.05
N ASP K 180 56.73 10.43 -88.01
CA ASP K 180 56.19 9.78 -89.21
C ASP K 180 54.89 10.35 -89.76
N TYR K 181 54.06 10.94 -88.90
CA TYR K 181 52.74 11.45 -89.29
C TYR K 181 52.83 12.67 -90.22
N LYS K 182 52.62 12.42 -91.53
CA LYS K 182 52.95 13.41 -92.57
C LYS K 182 52.03 14.63 -92.63
N ASN K 183 50.82 14.53 -92.11
CA ASN K 183 49.88 15.65 -92.10
C ASN K 183 49.87 16.43 -90.77
N ILE K 184 50.93 16.28 -89.97
CA ILE K 184 50.99 16.94 -88.65
C ILE K 184 50.88 18.48 -88.76
N CYS K 185 51.40 19.06 -89.84
CA CYS K 185 51.30 20.50 -90.07
C CYS K 185 49.86 20.99 -90.28
N LYS K 186 49.02 20.11 -90.84
CA LYS K 186 47.65 20.47 -91.20
C LYS K 186 46.66 20.45 -90.01
N VAL K 187 46.82 19.48 -89.09
CA VAL K 187 45.93 19.36 -87.93
C VAL K 187 46.34 20.21 -86.71
N VAL K 188 47.52 20.81 -86.74
CA VAL K 188 48.05 21.62 -85.64
C VAL K 188 48.02 23.08 -86.08
N GLU K 189 47.71 23.98 -85.14
CA GLU K 189 47.84 25.42 -85.34
C GLU K 189 48.93 25.96 -84.43
N VAL K 190 49.22 27.26 -84.54
CA VAL K 190 50.15 27.93 -83.62
C VAL K 190 49.55 27.90 -82.20
N GLY K 191 50.38 27.51 -81.23
CA GLY K 191 49.95 27.45 -79.82
C GLY K 191 49.48 26.09 -79.33
N SER K 192 49.28 25.12 -80.23
CA SER K 192 48.88 23.75 -79.84
C SER K 192 50.00 23.05 -79.11
N LYS K 193 49.64 22.06 -78.29
CA LYS K 193 50.62 21.25 -77.56
C LYS K 193 50.93 19.96 -78.31
N ILE K 194 52.11 19.41 -78.04
CA ILE K 194 52.54 18.11 -78.56
C ILE K 194 53.24 17.34 -77.44
N TYR K 195 52.57 16.31 -76.92
CA TYR K 195 53.10 15.50 -75.83
C TYR K 195 53.90 14.34 -76.43
N VAL K 196 55.11 14.15 -75.92
CA VAL K 196 56.07 13.17 -76.46
C VAL K 196 56.54 12.22 -75.37
N ASP K 197 56.59 10.92 -75.71
CA ASP K 197 56.97 9.83 -74.77
C ASP K 197 55.92 9.69 -73.66
N ASP K 198 54.67 9.49 -74.10
CA ASP K 198 53.53 9.33 -73.20
C ASP K 198 53.44 10.47 -72.19
N GLY K 199 53.55 11.69 -72.69
CA GLY K 199 53.44 12.88 -71.86
C GLY K 199 54.54 13.18 -70.86
N LEU K 200 55.73 12.62 -71.05
CA LEU K 200 56.90 13.01 -70.26
C LEU K 200 57.39 14.40 -70.67
N ILE K 201 57.44 14.63 -71.98
CA ILE K 201 57.85 15.92 -72.56
C ILE K 201 56.65 16.57 -73.24
N SER K 202 56.51 17.89 -73.09
CA SER K 202 55.44 18.64 -73.77
C SER K 202 56.02 19.87 -74.48
N LEU K 203 55.55 20.12 -75.70
CA LEU K 203 56.06 21.19 -76.56
C LEU K 203 54.91 22.07 -77.04
N GLN K 204 55.13 23.39 -77.05
CA GLN K 204 54.15 24.34 -77.59
C GLN K 204 54.63 24.87 -78.94
N VAL K 205 53.77 24.80 -79.95
CA VAL K 205 54.10 25.26 -81.31
C VAL K 205 54.14 26.78 -81.38
N LYS K 206 55.26 27.32 -81.87
CA LYS K 206 55.41 28.77 -82.10
C LYS K 206 55.05 29.11 -83.56
N GLN K 207 55.70 28.40 -84.50
CA GLN K 207 55.54 28.69 -85.92
C GLN K 207 55.19 27.43 -86.71
N LYS K 208 54.13 27.54 -87.52
CA LYS K 208 53.81 26.52 -88.53
C LYS K 208 54.80 26.62 -89.69
N GLY K 209 54.69 25.69 -90.64
CA GLY K 209 55.53 25.72 -91.82
C GLY K 209 55.01 24.87 -92.95
N ALA K 210 55.83 24.77 -93.99
CA ALA K 210 55.52 23.93 -95.15
C ALA K 210 55.56 22.46 -94.72
N ASP K 211 56.72 22.01 -94.23
CA ASP K 211 56.90 20.66 -93.79
C ASP K 211 57.65 20.52 -92.48
N PHE K 212 57.36 21.48 -91.57
CA PHE K 212 58.04 21.61 -90.27
C PHE K 212 57.26 22.43 -89.28
N LEU K 213 57.65 22.30 -88.01
CA LEU K 213 57.14 23.12 -86.91
C LEU K 213 58.31 23.59 -86.05
N VAL K 214 58.17 24.77 -85.44
CA VAL K 214 59.13 25.26 -84.47
C VAL K 214 58.40 25.33 -83.15
N THR K 215 58.89 24.57 -82.17
CA THR K 215 58.25 24.45 -80.85
C THR K 215 59.14 24.98 -79.73
N GLU K 216 58.52 25.24 -78.57
CA GLU K 216 59.24 25.57 -77.36
C GLU K 216 58.99 24.50 -76.32
N VAL K 217 60.07 23.96 -75.75
CA VAL K 217 59.96 22.93 -74.72
C VAL K 217 59.37 23.55 -73.45
N GLU K 218 58.38 22.87 -72.85
CA GLU K 218 57.73 23.31 -71.61
C GLU K 218 58.09 22.39 -70.45
N ASN K 219 57.83 21.10 -70.61
CA ASN K 219 58.31 20.07 -69.67
C ASN K 219 59.55 19.41 -70.25
N GLY K 220 60.67 19.52 -69.54
CA GLY K 220 61.92 18.87 -69.96
C GLY K 220 61.88 17.37 -69.74
N GLY K 221 62.92 16.69 -70.21
CA GLY K 221 63.04 15.24 -69.99
C GLY K 221 64.08 14.59 -70.89
N SER K 222 64.26 13.30 -70.71
CA SER K 222 65.14 12.50 -71.55
C SER K 222 64.35 11.92 -72.73
N LEU K 223 64.50 12.55 -73.90
CA LEU K 223 63.87 12.09 -75.14
C LEU K 223 64.68 10.91 -75.72
N GLY K 224 63.99 9.83 -76.09
CA GLY K 224 64.64 8.67 -76.69
C GLY K 224 64.23 8.43 -78.13
N SER K 225 64.48 7.21 -78.60
CA SER K 225 64.19 6.79 -79.98
C SER K 225 62.79 6.17 -80.08
N LYS K 226 62.11 6.45 -81.20
CA LYS K 226 60.77 5.92 -81.48
C LYS K 226 59.81 6.01 -80.29
N LYS K 227 59.41 7.24 -79.95
CA LYS K 227 58.50 7.48 -78.81
C LYS K 227 57.11 7.91 -79.27
N GLY K 228 56.10 7.61 -78.45
CA GLY K 228 54.71 7.94 -78.74
C GLY K 228 54.45 9.44 -78.62
N VAL K 229 53.93 10.02 -79.71
CA VAL K 229 53.54 11.42 -79.74
C VAL K 229 52.02 11.53 -79.75
N ASN K 230 51.50 12.50 -78.98
CA ASN K 230 50.05 12.76 -78.88
C ASN K 230 49.80 14.22 -79.23
N LEU K 231 48.59 14.50 -79.73
CA LEU K 231 48.25 15.83 -80.24
C LEU K 231 46.97 16.36 -79.60
N PRO K 232 47.01 16.77 -78.31
CA PRO K 232 45.85 17.23 -77.55
C PRO K 232 44.81 18.03 -78.35
N GLY K 233 43.59 17.50 -78.40
CA GLY K 233 42.45 18.12 -79.08
C GLY K 233 42.71 18.49 -80.53
N ALA K 234 43.27 17.57 -81.30
CA ALA K 234 43.50 17.76 -82.73
C ALA K 234 42.73 16.69 -83.49
N ALA K 235 42.14 17.06 -84.63
CA ALA K 235 41.47 16.08 -85.48
C ALA K 235 42.52 15.23 -86.18
N VAL K 236 43.07 14.24 -85.49
CA VAL K 236 44.13 13.40 -86.01
C VAL K 236 43.54 12.48 -87.06
N ASP K 237 43.89 12.72 -88.33
CA ASP K 237 43.26 12.07 -89.49
C ASP K 237 44.10 10.90 -90.06
N LEU K 238 44.70 10.11 -89.18
CA LEU K 238 45.36 8.86 -89.57
C LEU K 238 44.33 7.83 -90.00
N PRO K 239 44.75 6.76 -90.67
CA PRO K 239 43.79 5.70 -90.98
C PRO K 239 43.32 4.96 -89.72
N ALA K 240 42.02 4.69 -89.65
CA ALA K 240 41.40 4.00 -88.51
C ALA K 240 42.03 2.63 -88.29
N VAL K 241 42.19 1.91 -89.38
CA VAL K 241 42.82 0.60 -89.38
C VAL K 241 44.09 0.75 -90.23
N SER K 242 45.26 0.72 -89.56
CA SER K 242 46.55 0.70 -90.27
C SER K 242 46.69 -0.60 -91.04
N GLU K 243 47.59 -0.63 -92.04
CA GLU K 243 47.76 -1.83 -92.89
C GLU K 243 48.25 -3.04 -92.08
N LYS K 244 49.02 -2.79 -91.01
CA LYS K 244 49.41 -3.83 -90.06
C LYS K 244 48.19 -4.46 -89.38
N ASP K 245 47.27 -3.59 -88.95
CA ASP K 245 46.04 -4.02 -88.27
C ASP K 245 45.08 -4.80 -89.19
N ILE K 246 45.06 -4.48 -90.49
CA ILE K 246 44.20 -5.21 -91.43
C ILE K 246 44.61 -6.68 -91.48
N GLN K 247 45.90 -6.96 -91.31
CA GLN K 247 46.39 -8.34 -91.18
C GLN K 247 46.11 -8.93 -89.79
N ASP K 248 46.29 -8.12 -88.75
CA ASP K 248 46.01 -8.57 -87.37
C ASP K 248 44.54 -8.97 -87.15
N LEU K 249 43.62 -8.19 -87.74
CA LEU K 249 42.19 -8.47 -87.64
C LEU K 249 41.75 -9.71 -88.42
N LYS K 250 42.39 -9.98 -89.56
CA LYS K 250 42.14 -11.23 -90.31
C LYS K 250 42.68 -12.44 -89.55
N PHE K 251 43.83 -12.26 -88.89
CA PHE K 251 44.41 -13.29 -88.01
C PHE K 251 43.49 -13.62 -86.84
N GLY K 252 42.84 -12.59 -86.30
CA GLY K 252 41.84 -12.76 -85.24
C GLY K 252 40.66 -13.59 -85.69
N VAL K 253 40.11 -13.24 -86.86
CA VAL K 253 38.98 -13.97 -87.47
C VAL K 253 39.40 -15.42 -87.74
N GLU K 254 40.60 -15.58 -88.29
CA GLU K 254 41.19 -16.89 -88.59
C GLU K 254 41.41 -17.74 -87.33
N GLN K 255 41.82 -17.11 -86.22
CA GLN K 255 42.01 -17.81 -84.93
C GLN K 255 40.72 -17.96 -84.09
N ASP K 256 39.59 -17.49 -84.60
CA ASP K 256 38.31 -17.42 -83.87
C ASP K 256 38.44 -16.79 -82.49
N VAL K 257 38.83 -15.52 -82.48
CA VAL K 257 38.74 -14.72 -81.27
C VAL K 257 37.27 -14.42 -81.01
N ASP K 258 37.01 -14.00 -79.77
CA ASP K 258 35.67 -13.69 -79.30
C ASP K 258 35.36 -12.20 -79.31
N MET K 259 36.38 -11.37 -79.13
CA MET K 259 36.25 -9.93 -79.19
C MET K 259 37.51 -9.23 -79.67
N VAL K 260 37.35 -7.98 -80.11
CA VAL K 260 38.43 -7.15 -80.62
C VAL K 260 38.39 -5.82 -79.88
N PHE K 261 39.50 -5.45 -79.23
CA PHE K 261 39.63 -4.12 -78.63
C PHE K 261 40.28 -3.16 -79.63
N ALA K 262 39.46 -2.46 -80.40
CA ALA K 262 39.95 -1.53 -81.44
C ALA K 262 40.52 -0.26 -80.83
N SER K 263 41.77 0.06 -81.17
CA SER K 263 42.50 1.16 -80.52
C SER K 263 42.26 2.51 -81.18
N PHE K 264 42.47 3.57 -80.39
CA PHE K 264 42.47 4.97 -80.84
C PHE K 264 41.26 5.33 -81.73
N ILE K 265 40.06 5.03 -81.21
CA ILE K 265 38.82 5.32 -81.94
C ILE K 265 38.46 6.79 -81.72
N ARG K 266 38.24 7.47 -82.84
CA ARG K 266 37.94 8.89 -82.87
C ARG K 266 36.49 9.20 -83.28
N LYS K 267 35.86 8.30 -84.03
CA LYS K 267 34.59 8.61 -84.68
C LYS K 267 33.90 7.36 -85.18
N ALA K 268 32.63 7.51 -85.55
CA ALA K 268 31.79 6.38 -85.94
C ALA K 268 32.41 5.56 -87.07
N SER K 269 32.87 6.25 -88.10
CA SER K 269 33.44 5.59 -89.28
C SER K 269 34.71 4.76 -89.00
N ASP K 270 35.44 5.09 -87.93
CA ASP K 270 36.56 4.25 -87.49
C ASP K 270 36.09 2.87 -87.09
N VAL K 271 35.00 2.81 -86.33
CA VAL K 271 34.42 1.55 -85.88
C VAL K 271 33.86 0.79 -87.07
N HIS K 272 33.16 1.49 -87.95
CA HIS K 272 32.59 0.88 -89.16
C HIS K 272 33.64 0.18 -90.04
N GLU K 273 34.84 0.74 -90.11
CA GLU K 273 35.93 0.12 -90.88
C GLU K 273 36.57 -1.06 -90.17
N VAL K 274 36.55 -1.06 -88.84
CA VAL K 274 36.98 -2.23 -88.06
C VAL K 274 35.98 -3.37 -88.30
N ARG K 275 34.69 -3.05 -88.32
CA ARG K 275 33.62 -4.00 -88.65
C ARG K 275 33.79 -4.59 -90.03
N LYS K 276 33.99 -3.69 -90.99
CA LYS K 276 34.09 -4.02 -92.41
C LYS K 276 35.26 -4.94 -92.71
N VAL K 277 36.38 -4.78 -92.00
CA VAL K 277 37.54 -5.66 -92.16
C VAL K 277 37.25 -7.06 -91.63
N LEU K 278 36.60 -7.14 -90.48
CA LEU K 278 36.20 -8.43 -89.90
C LEU K 278 35.19 -9.14 -90.80
N GLY K 279 34.26 -8.36 -91.37
CA GLY K 279 33.40 -8.81 -92.46
C GLY K 279 32.37 -9.86 -92.08
N GLU K 280 31.84 -10.53 -93.10
CA GLU K 280 30.87 -11.62 -92.92
C GLU K 280 31.45 -12.78 -92.10
N LYS K 281 32.72 -13.09 -92.32
CA LYS K 281 33.39 -14.23 -91.69
C LYS K 281 33.48 -14.10 -90.16
N GLY K 282 33.65 -12.88 -89.67
CA GLY K 282 33.73 -12.63 -88.23
C GLY K 282 32.77 -11.55 -87.79
N LYS K 283 31.52 -11.66 -88.25
CA LYS K 283 30.48 -10.69 -87.89
C LYS K 283 30.07 -10.82 -86.42
N ASN K 284 30.22 -12.02 -85.87
CA ASN K 284 29.87 -12.30 -84.48
C ASN K 284 30.93 -11.83 -83.47
N ILE K 285 32.11 -11.46 -83.94
CA ILE K 285 33.18 -10.98 -83.06
C ILE K 285 32.83 -9.58 -82.58
N LYS K 286 32.79 -9.41 -81.25
CA LYS K 286 32.40 -8.16 -80.62
C LYS K 286 33.52 -7.11 -80.73
N ILE K 287 33.15 -5.88 -81.09
CA ILE K 287 34.08 -4.76 -81.23
C ILE K 287 33.95 -3.80 -80.05
N ILE K 288 34.95 -3.80 -79.18
CA ILE K 288 35.04 -2.86 -78.08
C ILE K 288 35.88 -1.68 -78.54
N SER K 289 35.28 -0.51 -78.64
CA SER K 289 36.02 0.69 -79.03
C SER K 289 36.75 1.30 -77.83
N LYS K 290 38.03 1.58 -78.00
CA LYS K 290 38.84 2.20 -76.96
C LYS K 290 38.85 3.70 -77.13
N ILE K 291 38.44 4.42 -76.09
CA ILE K 291 38.45 5.88 -76.11
C ILE K 291 39.77 6.33 -75.50
N GLU K 292 40.70 6.74 -76.36
CA GLU K 292 42.06 7.06 -75.93
C GLU K 292 42.43 8.55 -76.01
N ASN K 293 41.59 9.38 -76.64
CA ASN K 293 41.94 10.79 -76.92
C ASN K 293 40.76 11.72 -76.75
N HIS K 294 41.00 13.02 -76.86
CA HIS K 294 39.96 14.02 -76.62
C HIS K 294 38.81 13.90 -77.62
N GLU K 295 39.13 13.63 -78.89
CA GLU K 295 38.11 13.53 -79.94
C GLU K 295 37.12 12.39 -79.71
N GLY K 296 37.61 11.28 -79.17
CA GLY K 296 36.77 10.14 -78.81
C GLY K 296 35.69 10.49 -77.80
N VAL K 297 36.06 11.24 -76.79
CA VAL K 297 35.14 11.64 -75.72
C VAL K 297 34.11 12.63 -76.26
N ARG K 298 34.52 13.53 -77.15
CA ARG K 298 33.59 14.49 -77.74
C ARG K 298 32.55 13.78 -78.60
N ARG K 299 32.97 12.77 -79.36
CA ARG K 299 32.07 12.03 -80.23
C ARG K 299 31.60 10.70 -79.62
N PHE K 300 31.54 10.63 -78.30
CA PHE K 300 31.25 9.36 -77.64
C PHE K 300 29.93 8.74 -78.08
N ASP K 301 28.92 9.59 -78.26
CA ASP K 301 27.58 9.12 -78.57
C ASP K 301 27.53 8.34 -79.89
N GLU K 302 28.14 8.89 -80.94
CA GLU K 302 28.16 8.20 -82.25
C GLU K 302 29.01 6.93 -82.25
N ILE K 303 30.06 6.90 -81.42
CA ILE K 303 30.93 5.71 -81.29
C ILE K 303 30.20 4.62 -80.55
N LEU K 304 29.60 4.96 -79.41
CA LEU K 304 28.84 4.01 -78.60
C LEU K 304 27.76 3.31 -79.41
N GLU K 305 27.09 4.05 -80.29
CA GLU K 305 26.04 3.51 -81.14
C GLU K 305 26.61 2.47 -82.11
N ALA K 306 27.75 2.76 -82.72
CA ALA K 306 28.37 1.86 -83.68
C ALA K 306 29.18 0.70 -83.06
N SER K 307 29.56 0.84 -81.79
CA SER K 307 30.40 -0.16 -81.12
C SER K 307 29.55 -1.16 -80.35
N ASP K 308 30.09 -2.36 -80.15
CA ASP K 308 29.43 -3.36 -79.31
C ASP K 308 29.64 -3.06 -77.84
N GLY K 309 30.85 -2.60 -77.49
CA GLY K 309 31.16 -2.13 -76.14
C GLY K 309 32.14 -0.97 -76.17
N ILE K 310 32.60 -0.58 -74.98
CA ILE K 310 33.54 0.53 -74.80
C ILE K 310 34.64 0.16 -73.82
N MET K 311 35.83 0.75 -74.01
CA MET K 311 36.93 0.63 -73.05
C MET K 311 37.47 2.02 -72.75
N VAL K 312 37.32 2.47 -71.51
CA VAL K 312 37.86 3.73 -71.06
C VAL K 312 39.33 3.51 -70.68
N ALA K 313 40.22 3.90 -71.59
CA ALA K 313 41.67 3.88 -71.34
C ALA K 313 42.06 5.16 -70.62
N ARG K 314 42.30 5.04 -69.31
CA ARG K 314 42.37 6.22 -68.44
C ARG K 314 43.73 6.89 -68.52
N GLY K 315 44.79 6.08 -68.50
CA GLY K 315 46.15 6.58 -68.64
C GLY K 315 46.36 7.35 -69.94
N ASP K 316 45.82 6.81 -71.03
CA ASP K 316 45.96 7.44 -72.34
C ASP K 316 45.14 8.74 -72.44
N LEU K 317 44.02 8.81 -71.74
CA LEU K 317 43.26 10.06 -71.61
C LEU K 317 44.01 11.07 -70.77
N GLY K 318 44.61 10.61 -69.68
CA GLY K 318 45.41 11.44 -68.77
C GLY K 318 46.51 12.25 -69.40
N ILE K 319 47.02 11.77 -70.53
CA ILE K 319 47.95 12.52 -71.38
C ILE K 319 47.20 13.66 -72.09
N GLU K 320 46.14 13.27 -72.79
CA GLU K 320 45.52 14.11 -73.82
C GLU K 320 44.47 15.12 -73.32
N ILE K 321 43.90 14.87 -72.15
CA ILE K 321 42.99 15.82 -71.48
C ILE K 321 43.47 16.07 -70.04
N PRO K 322 43.07 17.21 -69.43
CA PRO K 322 43.58 17.54 -68.07
C PRO K 322 43.24 16.48 -67.01
N ALA K 323 44.11 16.35 -66.00
CA ALA K 323 43.95 15.33 -64.94
C ALA K 323 42.73 15.55 -64.04
N GLU K 324 42.34 16.80 -63.83
CA GLU K 324 41.15 17.13 -63.04
C GLU K 324 39.83 16.92 -63.80
N LYS K 325 39.88 16.49 -65.05
CA LYS K 325 38.69 16.22 -65.85
C LYS K 325 38.58 14.79 -66.35
N VAL K 326 39.51 13.91 -65.99
CA VAL K 326 39.46 12.55 -66.52
C VAL K 326 38.36 11.75 -65.83
N PHE K 327 38.28 11.86 -64.50
CA PHE K 327 37.24 11.17 -63.75
C PHE K 327 35.83 11.54 -64.23
N LEU K 328 35.63 12.80 -64.62
CA LEU K 328 34.37 13.22 -65.25
C LEU K 328 34.08 12.47 -66.55
N ALA K 329 35.11 12.27 -67.38
CA ALA K 329 34.96 11.51 -68.62
C ALA K 329 34.62 10.05 -68.33
N GLN K 330 35.38 9.42 -67.44
CA GLN K 330 35.14 8.03 -67.03
C GLN K 330 33.70 7.85 -66.55
N LYS K 331 33.25 8.73 -65.64
CA LYS K 331 31.89 8.63 -65.10
C LYS K 331 30.83 8.79 -66.16
N MET K 332 31.02 9.76 -67.05
CA MET K 332 30.10 9.98 -68.15
C MET K 332 30.02 8.76 -69.07
N MET K 333 31.16 8.25 -69.49
CA MET K 333 31.17 7.13 -70.44
C MET K 333 30.61 5.86 -69.79
N ILE K 334 31.01 5.59 -68.55
CA ILE K 334 30.45 4.46 -67.82
C ILE K 334 28.95 4.65 -67.64
N GLY K 335 28.54 5.88 -67.32
CA GLY K 335 27.12 6.19 -67.24
C GLY K 335 26.36 5.85 -68.50
N ARG K 336 26.80 6.38 -69.64
CA ARG K 336 26.06 6.22 -70.90
C ARG K 336 25.99 4.79 -71.38
N CYS K 337 27.07 4.04 -71.17
CA CYS K 337 27.09 2.62 -71.49
C CYS K 337 26.09 1.82 -70.66
N ASN K 338 25.94 2.17 -69.38
CA ASN K 338 24.94 1.53 -68.51
C ASN K 338 23.54 1.80 -69.03
N ARG K 339 23.28 3.06 -69.39
CA ARG K 339 21.98 3.43 -69.94
C ARG K 339 21.71 2.66 -71.23
N ALA K 340 22.64 2.77 -72.17
CA ALA K 340 22.50 2.07 -73.45
C ALA K 340 22.56 0.52 -73.36
N GLY K 341 23.00 -0.02 -72.23
CA GLY K 341 22.99 -1.46 -72.00
C GLY K 341 24.13 -2.18 -72.73
N LYS K 342 25.24 -1.49 -72.95
CA LYS K 342 26.42 -2.05 -73.58
C LYS K 342 27.55 -2.16 -72.57
N PRO K 343 28.45 -3.14 -72.74
CA PRO K 343 29.55 -3.26 -71.80
C PRO K 343 30.47 -2.05 -71.85
N VAL K 344 31.03 -1.73 -70.69
CA VAL K 344 32.09 -0.74 -70.59
C VAL K 344 33.20 -1.37 -69.76
N ILE K 345 34.45 -1.09 -70.12
CA ILE K 345 35.61 -1.68 -69.47
C ILE K 345 36.52 -0.57 -68.96
N CYS K 346 36.97 -0.68 -67.72
CA CYS K 346 37.94 0.27 -67.16
C CYS K 346 39.34 -0.31 -67.21
N ALA K 347 40.18 0.32 -68.02
CA ALA K 347 41.53 -0.18 -68.33
C ALA K 347 42.61 0.80 -67.87
N THR K 348 43.83 0.28 -67.74
CA THR K 348 45.06 1.06 -67.49
C THR K 348 45.13 1.63 -66.07
N GLN K 349 46.34 1.67 -65.52
CA GLN K 349 46.62 2.25 -64.21
C GLN K 349 45.83 1.63 -63.06
N MET K 350 45.50 0.34 -63.18
CA MET K 350 44.68 -0.31 -62.17
C MET K 350 45.52 -0.68 -60.96
N LEU K 351 46.45 -1.62 -61.14
CA LEU K 351 47.27 -2.15 -60.06
C LEU K 351 48.75 -2.14 -60.44
N GLU K 352 49.24 -1.00 -60.94
CA GLU K 352 50.58 -0.92 -61.56
C GLU K 352 51.74 -1.26 -60.60
N SER K 353 51.58 -0.97 -59.31
CA SER K 353 52.61 -1.32 -58.32
C SER K 353 52.87 -2.84 -58.23
N MET K 354 51.88 -3.65 -58.60
CA MET K 354 52.00 -5.12 -58.59
C MET K 354 52.83 -5.74 -59.72
N ILE K 355 53.36 -4.91 -60.63
CA ILE K 355 54.44 -5.34 -61.51
C ILE K 355 55.66 -5.72 -60.67
N LYS K 356 55.97 -4.89 -59.67
CA LYS K 356 57.17 -5.06 -58.82
C LYS K 356 56.90 -5.69 -57.43
N LYS K 357 55.70 -5.53 -56.88
CA LYS K 357 55.41 -5.83 -55.46
C LYS K 357 54.23 -6.80 -55.31
N PRO K 358 54.15 -7.55 -54.19
CA PRO K 358 53.15 -8.63 -54.06
C PRO K 358 51.74 -8.17 -53.65
N ARG K 359 51.61 -6.91 -53.25
CA ARG K 359 50.34 -6.31 -52.83
C ARG K 359 50.19 -4.95 -53.52
N PRO K 360 48.96 -4.40 -53.55
CA PRO K 360 48.76 -3.08 -54.12
C PRO K 360 48.77 -2.01 -53.04
N THR K 361 48.85 -0.74 -53.47
CA THR K 361 48.75 0.39 -52.55
C THR K 361 47.30 0.61 -52.15
N ARG K 362 47.09 1.39 -51.08
CA ARG K 362 45.75 1.75 -50.63
C ARG K 362 44.98 2.48 -51.75
N ALA K 363 45.65 3.43 -52.39
CA ALA K 363 45.03 4.23 -53.45
C ALA K 363 44.69 3.45 -54.70
N GLU K 364 45.41 2.38 -55.00
CA GLU K 364 45.09 1.52 -56.15
C GLU K 364 43.82 0.72 -55.90
N GLY K 365 43.68 0.18 -54.70
CA GLY K 365 42.46 -0.53 -54.29
C GLY K 365 41.23 0.35 -54.32
N SER K 366 41.40 1.60 -53.88
CA SER K 366 40.35 2.62 -53.92
C SER K 366 39.99 3.02 -55.36
N ASP K 367 40.98 3.08 -56.24
CA ASP K 367 40.78 3.43 -57.66
C ASP K 367 40.01 2.34 -58.40
N VAL K 368 40.32 1.08 -58.10
CA VAL K 368 39.61 -0.06 -58.69
C VAL K 368 38.17 -0.07 -58.19
N ALA K 369 38.00 0.03 -56.88
CA ALA K 369 36.68 0.04 -56.25
C ALA K 369 35.80 1.08 -56.87
N ASN K 370 36.28 2.33 -56.90
CA ASN K 370 35.50 3.44 -57.45
C ASN K 370 35.15 3.27 -58.94
N ALA K 371 35.92 2.49 -59.69
CA ALA K 371 35.55 2.13 -61.07
C ALA K 371 34.47 1.04 -61.13
N VAL K 372 34.49 0.11 -60.18
CA VAL K 372 33.42 -0.90 -60.04
C VAL K 372 32.11 -0.21 -59.64
N LEU K 373 32.21 0.73 -58.70
CA LEU K 373 31.07 1.48 -58.21
C LEU K 373 30.55 2.51 -59.20
N ASP K 374 31.42 3.10 -60.01
CA ASP K 374 30.99 3.98 -61.10
C ASP K 374 30.05 3.27 -62.07
N GLY K 375 30.21 1.95 -62.19
CA GLY K 375 29.30 1.09 -62.96
C GLY K 375 29.93 0.23 -64.03
N ALA K 376 31.25 0.07 -64.00
CA ALA K 376 31.95 -0.69 -65.03
C ALA K 376 31.53 -2.14 -64.97
N ASP K 377 31.59 -2.80 -66.12
CA ASP K 377 31.30 -4.22 -66.22
C ASP K 377 32.58 -5.03 -66.00
N CYS K 378 33.66 -4.62 -66.67
CA CYS K 378 34.94 -5.31 -66.57
C CYS K 378 36.08 -4.39 -66.16
N ILE K 379 37.09 -4.98 -65.53
CA ILE K 379 38.33 -4.30 -65.13
C ILE K 379 39.49 -5.01 -65.84
N MET K 380 40.39 -4.24 -66.44
CA MET K 380 41.48 -4.82 -67.26
C MET K 380 42.87 -4.53 -66.70
N LEU K 381 43.56 -5.60 -66.34
CA LEU K 381 44.92 -5.50 -65.82
C LEU K 381 45.90 -5.49 -67.00
N SER K 382 46.68 -4.41 -67.10
CA SER K 382 47.60 -4.20 -68.24
C SER K 382 48.98 -4.88 -68.03
N GLY K 383 49.93 -4.20 -67.37
CA GLY K 383 51.26 -4.76 -67.11
C GLY K 383 51.23 -5.87 -66.07
N GLU K 384 50.88 -5.51 -64.84
CA GLU K 384 50.53 -6.44 -63.73
C GLU K 384 50.61 -7.95 -64.02
N THR K 385 49.86 -8.41 -65.02
CA THR K 385 49.79 -9.84 -65.42
C THR K 385 50.61 -10.24 -66.66
N ALA K 386 50.85 -9.29 -67.56
CA ALA K 386 51.59 -9.57 -68.81
C ALA K 386 53.08 -9.81 -68.59
N LYS K 387 53.74 -8.88 -67.91
CA LYS K 387 55.18 -8.91 -67.69
C LYS K 387 55.53 -8.54 -66.25
N GLY K 388 54.77 -9.05 -65.30
CA GLY K 388 54.92 -8.70 -63.89
C GLY K 388 55.70 -9.78 -63.17
N ASP K 389 56.26 -9.40 -62.02
CA ASP K 389 56.87 -10.37 -61.11
C ASP K 389 55.79 -11.14 -60.34
N TYR K 390 54.61 -10.54 -60.21
CA TYR K 390 53.48 -11.17 -59.50
C TYR K 390 52.21 -11.15 -60.36
N PRO K 391 52.13 -12.05 -61.36
CA PRO K 391 50.94 -12.11 -62.21
C PRO K 391 49.76 -12.81 -61.55
N LEU K 392 50.03 -13.84 -60.74
CA LEU K 392 48.96 -14.60 -60.11
C LEU K 392 48.31 -13.87 -58.92
N GLU K 393 49.10 -13.09 -58.18
CA GLU K 393 48.56 -12.34 -57.04
C GLU K 393 47.78 -11.14 -57.53
N ALA K 394 48.20 -10.58 -58.67
CA ALA K 394 47.48 -9.48 -59.32
C ALA K 394 46.03 -9.83 -59.64
N VAL K 395 45.79 -11.06 -60.08
CA VAL K 395 44.42 -11.52 -60.34
C VAL K 395 43.66 -11.70 -59.03
N ARG K 396 44.32 -12.23 -58.00
CA ARG K 396 43.66 -12.45 -56.71
C ARG K 396 43.29 -11.17 -55.97
N MET K 397 44.11 -10.12 -56.10
CA MET K 397 43.77 -8.82 -55.50
C MET K 397 42.64 -8.15 -56.24
N GLN K 398 42.70 -8.19 -57.57
CA GLN K 398 41.61 -7.68 -58.41
C GLN K 398 40.30 -8.33 -57.99
N HIS K 399 40.30 -9.66 -57.89
CA HIS K 399 39.13 -10.40 -57.43
C HIS K 399 38.67 -9.96 -56.03
N LEU K 400 39.62 -9.83 -55.10
CA LEU K 400 39.28 -9.42 -53.73
C LEU K 400 38.66 -8.02 -53.67
N ILE K 401 39.25 -7.07 -54.39
CA ILE K 401 38.78 -5.69 -54.40
C ILE K 401 37.39 -5.63 -55.03
N ALA K 402 37.22 -6.24 -56.20
CA ALA K 402 35.93 -6.25 -56.92
C ALA K 402 34.77 -6.87 -56.12
N ARG K 403 35.08 -7.83 -55.25
CA ARG K 403 34.10 -8.49 -54.41
C ARG K 403 33.73 -7.63 -53.19
N GLU K 404 34.73 -6.99 -52.59
CA GLU K 404 34.49 -6.08 -51.47
C GLU K 404 33.71 -4.86 -51.91
N ALA K 405 34.10 -4.31 -53.07
CA ALA K 405 33.40 -3.17 -53.67
C ALA K 405 31.94 -3.48 -53.97
N GLU K 406 31.67 -4.71 -54.37
CA GLU K 406 30.30 -5.16 -54.64
C GLU K 406 29.31 -4.89 -53.51
N ALA K 407 29.78 -4.99 -52.27
CA ALA K 407 28.96 -4.71 -51.08
C ALA K 407 28.53 -3.24 -50.97
N ALA K 408 29.34 -2.33 -51.52
CA ALA K 408 29.04 -0.90 -51.51
C ALA K 408 28.10 -0.45 -52.63
N ILE K 409 27.75 -1.34 -53.55
CA ILE K 409 26.85 -0.98 -54.65
C ILE K 409 25.43 -1.04 -54.12
N TYR K 410 24.67 0.00 -54.41
CA TYR K 410 23.23 0.09 -54.09
C TYR K 410 22.47 -0.25 -55.35
N HIS K 411 22.40 -1.56 -55.63
CA HIS K 411 21.76 -2.13 -56.82
C HIS K 411 20.33 -1.62 -57.05
N LEU K 412 19.64 -1.33 -55.96
CA LEU K 412 18.25 -0.95 -56.01
C LEU K 412 17.95 0.28 -56.87
N GLN K 413 18.66 1.38 -56.66
CA GLN K 413 18.42 2.61 -57.44
C GLN K 413 18.94 2.48 -58.88
N LEU K 414 20.06 1.81 -59.09
CA LEU K 414 20.52 1.47 -60.46
C LEU K 414 19.36 0.94 -61.29
N PHE K 415 18.59 0.04 -60.70
CA PHE K 415 17.44 -0.60 -61.33
C PHE K 415 16.25 0.33 -61.51
N GLU K 416 15.82 0.98 -60.43
CA GLU K 416 14.66 1.86 -60.48
C GLU K 416 14.82 3.00 -61.48
N GLU K 417 16.05 3.51 -61.60
CA GLU K 417 16.35 4.54 -62.60
C GLU K 417 16.38 3.96 -64.00
N LEU K 418 17.04 2.82 -64.17
CA LEU K 418 17.11 2.14 -65.48
C LEU K 418 15.75 1.69 -65.99
N ARG K 419 14.82 1.42 -65.07
CA ARG K 419 13.46 1.05 -65.45
C ARG K 419 12.68 2.26 -65.89
N ARG K 420 12.83 3.38 -65.18
CA ARG K 420 12.15 4.62 -65.53
C ARG K 420 12.63 5.17 -66.86
N LEU K 421 13.94 5.25 -67.04
CA LEU K 421 14.51 5.80 -68.27
C LEU K 421 14.31 4.95 -69.53
N ALA K 422 13.97 3.66 -69.37
CA ALA K 422 13.74 2.79 -70.53
C ALA K 422 12.43 3.15 -71.24
N PRO K 423 12.39 3.00 -72.58
CA PRO K 423 11.23 3.43 -73.35
C PRO K 423 10.11 2.41 -73.29
N ILE K 424 8.87 2.87 -73.06
CA ILE K 424 7.71 1.96 -72.91
C ILE K 424 7.41 1.20 -74.23
N THR K 425 7.63 -0.11 -74.22
CA THR K 425 7.24 -1.00 -75.33
C THR K 425 6.54 -2.25 -74.77
N SER K 426 5.77 -2.90 -75.64
CA SER K 426 5.07 -4.15 -75.33
C SER K 426 5.83 -5.36 -75.91
N ASP K 427 7.16 -5.27 -75.95
CA ASP K 427 7.98 -6.40 -76.35
C ASP K 427 7.84 -7.50 -75.29
N PRO K 428 7.53 -8.73 -75.70
CA PRO K 428 7.47 -9.82 -74.71
C PRO K 428 8.76 -10.04 -73.92
N THR K 429 9.91 -10.06 -74.58
CA THR K 429 11.17 -10.44 -73.92
C THR K 429 11.61 -9.42 -72.87
N GLU K 430 11.53 -8.14 -73.23
CA GLU K 430 12.01 -7.05 -72.34
C GLU K 430 11.08 -6.87 -71.13
N ALA K 431 9.79 -7.10 -71.31
CA ALA K 431 8.82 -7.01 -70.20
C ALA K 431 8.97 -8.16 -69.23
N THR K 432 9.24 -9.34 -69.77
CA THR K 432 9.57 -10.52 -68.96
C THR K 432 10.89 -10.31 -68.22
N ALA K 433 11.89 -9.82 -68.93
CA ALA K 433 13.22 -9.60 -68.37
C ALA K 433 13.22 -8.64 -67.18
N VAL K 434 12.45 -7.56 -67.28
CA VAL K 434 12.33 -6.62 -66.16
C VAL K 434 11.67 -7.31 -64.97
N GLY K 435 10.54 -7.98 -65.22
CA GLY K 435 9.82 -8.72 -64.19
C GLY K 435 10.67 -9.77 -63.47
N ALA K 436 11.63 -10.36 -64.18
CA ALA K 436 12.58 -11.28 -63.58
C ALA K 436 13.48 -10.59 -62.56
N VAL K 437 13.99 -9.42 -62.93
CA VAL K 437 14.81 -8.62 -62.02
C VAL K 437 13.98 -8.15 -60.83
N GLU K 438 12.83 -7.54 -61.14
CA GLU K 438 11.83 -7.14 -60.15
C GLU K 438 11.65 -8.22 -59.07
N ALA K 439 11.38 -9.45 -59.53
CA ALA K 439 11.16 -10.60 -58.66
C ALA K 439 12.42 -11.03 -57.92
N SER K 440 13.58 -10.85 -58.55
CA SER K 440 14.86 -11.16 -57.90
C SER K 440 15.08 -10.35 -56.62
N PHE K 441 14.53 -9.14 -56.57
CA PHE K 441 14.58 -8.34 -55.34
C PHE K 441 13.50 -8.75 -54.32
N LYS K 442 12.27 -8.95 -54.77
CA LYS K 442 11.15 -9.28 -53.87
C LYS K 442 11.21 -10.68 -53.27
N CYS K 443 11.74 -11.65 -54.01
CA CYS K 443 11.96 -13.02 -53.50
C CYS K 443 13.31 -13.22 -52.81
N CYS K 444 14.16 -12.19 -52.81
CA CYS K 444 15.56 -12.28 -52.34
C CYS K 444 16.25 -13.47 -52.99
N SER K 445 16.20 -13.49 -54.33
CA SER K 445 16.64 -14.65 -55.08
C SER K 445 18.13 -14.80 -55.06
N GLY K 446 18.58 -16.05 -55.03
CA GLY K 446 20.01 -16.36 -55.10
C GLY K 446 20.58 -16.19 -56.50
N ALA K 447 19.72 -16.33 -57.51
CA ALA K 447 20.15 -16.20 -58.90
C ALA K 447 18.98 -15.98 -59.84
N ILE K 448 19.32 -15.63 -61.09
CA ILE K 448 18.37 -15.64 -62.20
C ILE K 448 18.97 -16.56 -63.26
N ILE K 449 18.37 -17.74 -63.43
CA ILE K 449 18.83 -18.71 -64.41
C ILE K 449 18.20 -18.38 -65.76
N VAL K 450 19.01 -18.18 -66.79
CA VAL K 450 18.52 -17.78 -68.12
C VAL K 450 19.02 -18.72 -69.21
N LEU K 451 18.11 -19.38 -69.90
CA LEU K 451 18.48 -20.26 -71.01
C LEU K 451 18.54 -19.42 -72.28
N THR K 452 19.62 -19.58 -73.06
CA THR K 452 19.89 -18.68 -74.18
C THR K 452 20.90 -19.24 -75.20
N LYS K 453 20.60 -19.08 -76.49
CA LYS K 453 21.50 -19.45 -77.59
C LYS K 453 22.46 -18.31 -77.88
N SER K 454 21.92 -17.17 -78.30
CA SER K 454 22.75 -16.01 -78.70
C SER K 454 23.38 -15.27 -77.51
N GLY K 455 22.82 -15.42 -76.31
CA GLY K 455 23.20 -14.63 -75.15
C GLY K 455 22.30 -13.42 -74.88
N ARG K 456 21.52 -12.99 -75.88
CA ARG K 456 20.73 -11.76 -75.79
C ARG K 456 19.77 -11.74 -74.59
N SER K 457 19.05 -12.84 -74.35
CA SER K 457 18.11 -12.92 -73.22
C SER K 457 18.79 -12.64 -71.89
N ALA K 458 19.99 -13.17 -71.70
CA ALA K 458 20.81 -12.91 -70.52
C ALA K 458 21.32 -11.47 -70.47
N HIS K 459 21.67 -10.92 -71.63
CA HIS K 459 22.12 -9.52 -71.71
C HIS K 459 20.99 -8.56 -71.32
N GLN K 460 19.78 -8.82 -71.80
CA GLN K 460 18.59 -7.97 -71.48
C GLN K 460 18.25 -7.97 -70.01
N VAL K 461 18.56 -9.06 -69.31
CA VAL K 461 18.39 -9.12 -67.85
C VAL K 461 19.50 -8.32 -67.18
N ALA K 462 20.73 -8.54 -67.60
CA ALA K 462 21.90 -7.84 -67.01
C ALA K 462 21.85 -6.34 -67.22
N ARG K 463 21.22 -5.90 -68.31
CA ARG K 463 21.01 -4.48 -68.60
C ARG K 463 20.37 -3.73 -67.43
N TYR K 464 19.43 -4.38 -66.74
CA TYR K 464 18.72 -3.80 -65.61
C TYR K 464 19.42 -3.98 -64.24
N ARG K 465 20.67 -4.44 -64.23
CA ARG K 465 21.53 -4.42 -63.03
C ARG K 465 20.91 -5.04 -61.76
N PRO K 466 20.57 -6.35 -61.81
CA PRO K 466 20.09 -7.00 -60.59
C PRO K 466 21.18 -7.18 -59.53
N ARG K 467 20.78 -7.54 -58.33
CA ARG K 467 21.72 -7.85 -57.27
C ARG K 467 22.19 -9.27 -57.45
N ALA K 468 21.24 -10.16 -57.70
CA ALA K 468 21.54 -11.58 -57.86
C ALA K 468 22.40 -11.85 -59.10
N PRO K 469 23.24 -12.89 -59.04
CA PRO K 469 23.96 -13.33 -60.24
C PRO K 469 23.01 -13.93 -61.28
N ILE K 470 23.39 -13.77 -62.55
CA ILE K 470 22.64 -14.30 -63.66
C ILE K 470 23.39 -15.53 -64.15
N ILE K 471 22.92 -16.73 -63.85
CA ILE K 471 23.51 -17.94 -64.39
C ILE K 471 22.96 -18.15 -65.81
N ALA K 472 23.77 -17.85 -66.83
CA ALA K 472 23.34 -17.95 -68.22
C ALA K 472 23.74 -19.30 -68.79
N VAL K 473 22.75 -20.16 -69.07
CA VAL K 473 22.98 -21.51 -69.59
C VAL K 473 22.89 -21.48 -71.11
N THR K 474 23.84 -22.14 -71.76
CA THR K 474 23.91 -22.18 -73.22
C THR K 474 24.63 -23.40 -73.75
N ARG K 475 24.31 -23.75 -74.99
CA ARG K 475 25.05 -24.78 -75.73
C ARG K 475 26.08 -24.19 -76.70
N ASN K 476 25.93 -22.92 -77.08
CA ASN K 476 26.86 -22.23 -77.98
C ASN K 476 28.09 -21.78 -77.19
N PRO K 477 29.27 -22.35 -77.50
CA PRO K 477 30.44 -22.02 -76.68
C PRO K 477 30.95 -20.59 -76.84
N GLN K 478 30.70 -19.95 -77.97
CA GLN K 478 31.12 -18.56 -78.18
C GLN K 478 30.32 -17.61 -77.31
N THR K 479 29.01 -17.83 -77.21
CA THR K 479 28.15 -16.95 -76.41
C THR K 479 28.48 -17.05 -74.93
N ALA K 480 28.89 -18.25 -74.51
CA ALA K 480 29.40 -18.47 -73.15
C ALA K 480 30.63 -17.61 -72.87
N ARG K 481 31.54 -17.50 -73.83
CA ARG K 481 32.72 -16.66 -73.69
C ARG K 481 32.38 -15.17 -73.77
N GLN K 482 31.61 -14.78 -74.78
CA GLN K 482 31.24 -13.38 -74.97
C GLN K 482 30.40 -12.78 -73.84
N ALA K 483 29.73 -13.61 -73.08
CA ALA K 483 28.94 -13.17 -71.92
C ALA K 483 29.73 -12.48 -70.81
N HIS K 484 31.03 -12.77 -70.65
CA HIS K 484 31.84 -12.18 -69.57
C HIS K 484 31.95 -10.66 -69.62
N LEU K 485 31.85 -10.11 -70.84
CA LEU K 485 31.75 -8.65 -71.05
C LEU K 485 30.66 -7.98 -70.22
N TYR K 486 29.53 -8.67 -70.05
CA TYR K 486 28.41 -8.14 -69.27
C TYR K 486 28.57 -8.44 -67.78
N ARG K 487 28.12 -7.47 -66.99
CA ARG K 487 28.29 -7.49 -65.56
C ARG K 487 27.28 -8.46 -64.97
N GLY K 488 27.73 -9.27 -64.03
CA GLY K 488 26.83 -10.15 -63.30
C GLY K 488 26.30 -11.37 -64.02
N ILE K 489 26.73 -11.58 -65.27
CA ILE K 489 26.45 -12.84 -65.96
C ILE K 489 27.54 -13.83 -65.58
N PHE K 490 27.10 -15.00 -65.11
CA PHE K 490 27.96 -16.14 -64.92
C PHE K 490 27.62 -17.18 -65.99
N PRO K 491 28.39 -17.21 -67.08
CA PRO K 491 28.07 -18.12 -68.16
C PRO K 491 28.47 -19.52 -67.78
N VAL K 492 27.78 -20.49 -68.36
CA VAL K 492 28.03 -21.89 -68.05
C VAL K 492 27.62 -22.74 -69.25
N LEU K 493 28.56 -23.60 -69.69
CA LEU K 493 28.40 -24.32 -70.96
C LEU K 493 27.84 -25.71 -70.73
N CYS K 494 26.62 -25.93 -71.24
CA CYS K 494 25.93 -27.21 -71.21
C CYS K 494 26.29 -27.98 -72.47
N LYS K 495 27.00 -29.10 -72.28
CA LYS K 495 27.42 -29.97 -73.38
C LYS K 495 26.50 -31.19 -73.54
N ASP K 496 25.46 -31.29 -72.73
CA ASP K 496 24.45 -32.37 -72.89
C ASP K 496 23.75 -32.28 -74.24
N PRO K 497 23.33 -33.44 -74.78
CA PRO K 497 22.65 -33.42 -76.07
C PRO K 497 21.20 -32.96 -75.88
N VAL K 498 20.62 -32.45 -76.97
CA VAL K 498 19.28 -31.87 -76.91
C VAL K 498 18.25 -32.98 -76.73
N GLN K 499 17.48 -32.94 -75.64
CA GLN K 499 16.47 -33.97 -75.37
C GLN K 499 15.29 -33.77 -76.30
N GLU K 500 14.61 -34.86 -76.64
CA GLU K 500 13.53 -34.81 -77.64
C GLU K 500 12.33 -34.06 -77.11
N ALA K 501 11.88 -34.45 -75.92
CA ALA K 501 10.81 -33.75 -75.23
C ALA K 501 11.34 -32.39 -74.78
N TRP K 502 10.86 -31.33 -75.42
CA TRP K 502 11.33 -29.98 -75.16
C TRP K 502 11.30 -29.60 -73.66
N ALA K 503 10.22 -29.97 -72.97
CA ALA K 503 10.07 -29.65 -71.54
C ALA K 503 11.14 -30.27 -70.66
N GLU K 504 11.60 -31.48 -71.02
CA GLU K 504 12.69 -32.15 -70.31
C GLU K 504 14.07 -31.52 -70.58
N ASP K 505 14.25 -31.04 -71.81
CA ASP K 505 15.47 -30.32 -72.22
C ASP K 505 15.66 -29.02 -71.43
N VAL K 506 14.54 -28.36 -71.13
CA VAL K 506 14.54 -27.19 -70.26
C VAL K 506 14.89 -27.63 -68.83
N ASP K 507 14.09 -28.56 -68.29
CA ASP K 507 14.33 -29.10 -66.93
C ASP K 507 15.76 -29.58 -66.69
N LEU K 508 16.36 -30.19 -67.72
CA LEU K 508 17.78 -30.58 -67.68
C LEU K 508 18.70 -29.39 -67.47
N ARG K 509 18.62 -28.42 -68.37
CA ARG K 509 19.45 -27.22 -68.34
C ARG K 509 19.23 -26.35 -67.10
N VAL K 510 17.98 -26.26 -66.65
CA VAL K 510 17.67 -25.55 -65.41
C VAL K 510 18.34 -26.27 -64.24
N ASN K 511 18.14 -27.59 -64.16
CA ASN K 511 18.72 -28.38 -63.07
C ASN K 511 20.25 -28.46 -63.15
N PHE K 512 20.80 -28.29 -64.36
CA PHE K 512 22.26 -28.12 -64.53
C PHE K 512 22.74 -26.86 -63.81
N ALA K 513 22.08 -25.74 -64.06
CA ALA K 513 22.42 -24.46 -63.42
C ALA K 513 22.22 -24.48 -61.91
N MET K 514 21.21 -25.22 -61.45
CA MET K 514 20.94 -25.38 -60.02
C MET K 514 22.14 -25.98 -59.34
N ASN K 515 22.70 -27.00 -59.96
CA ASN K 515 23.86 -27.70 -59.42
C ASN K 515 25.13 -26.83 -59.46
N VAL K 516 25.27 -26.04 -60.52
CA VAL K 516 26.39 -25.08 -60.64
C VAL K 516 26.28 -24.09 -59.50
N GLY K 517 25.12 -23.46 -59.39
CA GLY K 517 24.84 -22.46 -58.36
C GLY K 517 25.02 -22.96 -56.93
N LYS K 518 24.64 -24.20 -56.68
CA LYS K 518 24.89 -24.82 -55.37
C LYS K 518 26.39 -25.04 -55.13
N ALA K 519 27.11 -25.48 -56.15
CA ALA K 519 28.55 -25.69 -56.06
C ALA K 519 29.32 -24.38 -55.87
N ARG K 520 28.98 -23.36 -56.66
CA ARG K 520 29.55 -22.01 -56.48
C ARG K 520 29.26 -21.45 -55.09
N GLY K 521 28.08 -21.76 -54.57
CA GLY K 521 27.64 -21.24 -53.28
C GLY K 521 26.66 -20.09 -53.39
N PHE K 522 26.27 -19.72 -54.63
CA PHE K 522 25.28 -18.67 -54.87
C PHE K 522 24.00 -18.88 -54.06
N PHE K 523 23.54 -20.13 -53.97
CA PHE K 523 22.36 -20.48 -53.20
C PHE K 523 22.43 -21.91 -52.69
N LYS K 524 21.44 -22.30 -51.90
CA LYS K 524 21.39 -23.64 -51.32
C LYS K 524 19.98 -24.21 -51.35
N LYS K 525 19.90 -25.48 -50.99
CA LYS K 525 18.64 -26.21 -50.80
C LYS K 525 17.61 -25.33 -50.10
N GLY K 526 16.46 -25.11 -50.75
CA GLY K 526 15.35 -24.37 -50.14
C GLY K 526 15.26 -22.87 -50.38
N ASP K 527 16.29 -22.27 -50.98
CA ASP K 527 16.22 -20.87 -51.43
C ASP K 527 15.35 -20.77 -52.68
N VAL K 528 15.11 -19.55 -53.16
CA VAL K 528 14.30 -19.30 -54.36
C VAL K 528 15.17 -18.72 -55.47
N VAL K 529 14.90 -19.12 -56.71
CA VAL K 529 15.57 -18.55 -57.90
C VAL K 529 14.58 -18.30 -59.02
N ILE K 530 14.88 -17.33 -59.86
CA ILE K 530 14.06 -16.98 -61.01
C ILE K 530 14.61 -17.71 -62.23
N VAL K 531 13.74 -18.15 -63.13
CA VAL K 531 14.15 -18.95 -64.28
C VAL K 531 13.46 -18.45 -65.57
N LEU K 532 14.26 -17.95 -66.52
CA LEU K 532 13.75 -17.52 -67.84
C LEU K 532 13.98 -18.58 -68.92
N THR K 533 12.91 -18.95 -69.63
CA THR K 533 12.94 -19.96 -70.70
C THR K 533 12.09 -19.52 -71.89
N THR K 542 12.29 -15.32 -75.48
CA THR K 542 12.47 -15.82 -74.12
C THR K 542 11.45 -15.14 -73.22
N ASN K 543 10.25 -15.72 -73.19
CA ASN K 543 9.06 -15.06 -72.64
C ASN K 543 8.49 -15.71 -71.38
N THR K 544 9.08 -16.80 -70.90
CA THR K 544 8.49 -17.58 -69.81
C THR K 544 9.28 -17.52 -68.50
N MET K 545 8.80 -16.73 -67.55
CA MET K 545 9.42 -16.55 -66.24
C MET K 545 8.74 -17.40 -65.21
N ARG K 546 9.52 -18.06 -64.35
CA ARG K 546 8.94 -18.79 -63.23
C ARG K 546 9.82 -18.71 -61.99
N VAL K 547 9.16 -18.68 -60.84
CA VAL K 547 9.81 -18.58 -59.55
C VAL K 547 9.89 -19.99 -59.01
N VAL K 548 11.12 -20.47 -58.84
CA VAL K 548 11.38 -21.86 -58.51
C VAL K 548 12.13 -21.94 -57.18
N PRO K 549 11.66 -22.80 -56.26
CA PRO K 549 12.47 -23.10 -55.09
C PRO K 549 13.53 -24.15 -55.46
N VAL K 550 14.70 -24.02 -54.85
CA VAL K 550 15.86 -24.83 -55.17
C VAL K 550 15.67 -26.24 -54.60
N PRO K 551 15.79 -27.27 -55.45
CA PRO K 551 15.68 -28.65 -54.96
C PRO K 551 16.90 -29.04 -54.12
N ALA L 28 41.66 41.11 -56.51
CA ALA L 28 40.97 39.80 -56.36
C ALA L 28 41.88 38.75 -55.64
N GLY L 29 41.46 37.50 -55.76
CA GLY L 29 42.31 36.32 -55.59
C GLY L 29 42.12 35.43 -56.82
N THR L 30 42.71 34.23 -56.83
CA THR L 30 42.51 33.27 -57.93
C THR L 30 41.20 32.49 -57.70
N ALA L 31 41.06 31.95 -56.50
CA ALA L 31 39.92 31.14 -56.10
C ALA L 31 38.69 31.93 -55.61
N PHE L 32 38.79 33.25 -55.51
CA PHE L 32 37.71 34.09 -54.99
C PHE L 32 36.51 34.17 -55.93
N ILE L 33 36.77 34.39 -57.22
CA ILE L 33 35.68 34.66 -58.20
C ILE L 33 35.14 33.35 -58.79
N GLN L 34 34.27 32.67 -58.03
CA GLN L 34 33.61 31.43 -58.46
C GLN L 34 32.23 31.76 -59.08
N THR L 35 32.21 32.15 -60.36
CA THR L 35 30.94 32.51 -61.05
C THR L 35 30.15 31.24 -61.34
N GLN L 36 28.83 31.33 -61.22
CA GLN L 36 28.00 30.13 -61.06
C GLN L 36 27.24 29.68 -62.30
N GLN L 37 26.42 30.54 -62.88
CA GLN L 37 25.49 30.15 -63.95
C GLN L 37 24.51 29.06 -63.45
N LEU L 38 23.80 29.43 -62.39
CA LEU L 38 22.58 28.79 -61.91
C LEU L 38 21.50 28.65 -63.02
N HIS L 39 20.37 28.05 -62.64
CA HIS L 39 19.15 27.99 -63.47
C HIS L 39 19.11 26.86 -64.50
N ALA L 40 20.13 25.99 -64.50
CA ALA L 40 20.04 24.68 -65.19
C ALA L 40 19.12 23.78 -64.36
N ALA L 41 18.00 23.38 -64.94
CA ALA L 41 17.03 22.47 -64.28
C ALA L 41 17.68 21.11 -64.02
N MET L 42 17.69 20.70 -62.75
CA MET L 42 18.46 19.54 -62.31
C MET L 42 17.89 18.22 -62.84
N ALA L 43 18.77 17.27 -63.12
CA ALA L 43 18.40 16.06 -63.85
C ALA L 43 17.40 15.16 -63.11
N ASP L 44 16.71 14.33 -63.88
CA ASP L 44 15.64 13.46 -63.39
C ASP L 44 16.16 12.34 -62.48
N THR L 45 17.19 11.65 -62.96
CA THR L 45 17.77 10.49 -62.29
C THR L 45 19.28 10.63 -62.21
N PHE L 46 19.88 9.99 -61.22
CA PHE L 46 21.35 10.06 -61.06
C PHE L 46 22.13 9.52 -62.25
N LEU L 47 21.61 8.49 -62.91
CA LEU L 47 22.21 7.97 -64.15
C LEU L 47 22.21 9.01 -65.24
N GLU L 48 21.06 9.66 -65.43
CA GLU L 48 20.92 10.70 -66.44
C GLU L 48 21.88 11.84 -66.18
N HIS L 49 22.09 12.16 -64.90
CA HIS L 49 22.99 13.23 -64.48
C HIS L 49 24.45 12.97 -64.82
N MET L 50 24.89 11.71 -64.65
CA MET L 50 26.23 11.29 -65.07
C MET L 50 26.37 11.39 -66.58
N CYS L 51 25.34 10.99 -67.30
CA CYS L 51 25.35 11.04 -68.76
C CYS L 51 25.45 12.45 -69.34
N ARG L 52 25.04 13.46 -68.58
CA ARG L 52 25.13 14.86 -69.02
C ARG L 52 26.46 15.56 -68.73
N LEU L 53 27.40 14.87 -68.06
CA LEU L 53 28.70 15.47 -67.79
C LEU L 53 29.46 15.70 -69.08
N ASP L 54 29.69 16.97 -69.40
CA ASP L 54 30.49 17.36 -70.55
C ASP L 54 31.83 17.89 -70.03
N ILE L 55 32.92 17.21 -70.40
CA ILE L 55 34.26 17.64 -70.00
C ILE L 55 34.68 18.96 -70.63
N ASP L 56 34.13 19.27 -71.80
CA ASP L 56 34.49 20.48 -72.56
C ASP L 56 33.96 21.81 -71.97
N SER L 57 32.85 21.77 -71.22
CA SER L 57 32.31 22.98 -70.59
C SER L 57 32.97 23.24 -69.23
N PRO L 58 33.03 24.52 -68.79
CA PRO L 58 33.59 24.86 -67.49
C PRO L 58 32.61 24.57 -66.36
N PRO L 59 33.09 24.48 -65.11
CA PRO L 59 32.20 24.09 -64.01
C PRO L 59 31.23 25.21 -63.66
N ILE L 60 30.00 24.82 -63.36
CA ILE L 60 28.88 25.75 -63.25
C ILE L 60 28.39 25.83 -61.81
N THR L 61 29.32 25.95 -60.88
CA THR L 61 29.01 25.78 -59.47
C THR L 61 30.19 26.21 -58.63
N ALA L 62 29.90 26.86 -57.51
CA ALA L 62 30.93 27.24 -56.56
C ALA L 62 31.56 26.01 -55.94
N ARG L 63 32.87 26.04 -55.74
CA ARG L 63 33.56 25.01 -54.98
C ARG L 63 33.10 25.05 -53.52
N ASN L 64 32.31 24.07 -53.11
CA ASN L 64 31.68 24.06 -51.79
C ASN L 64 32.49 23.29 -50.73
N THR L 65 33.40 22.42 -51.15
CA THR L 65 34.20 21.60 -50.21
C THR L 65 35.42 22.36 -49.68
N GLY L 66 35.42 22.65 -48.38
CA GLY L 66 36.53 23.38 -47.72
C GLY L 66 37.92 22.78 -47.94
N ILE L 67 38.95 23.62 -47.79
CA ILE L 67 40.36 23.24 -48.04
C ILE L 67 41.22 23.58 -46.82
N ILE L 68 41.71 22.54 -46.15
CA ILE L 68 42.60 22.68 -45.00
C ILE L 68 44.03 22.41 -45.44
N CYS L 69 44.91 23.41 -45.31
CA CYS L 69 46.33 23.25 -45.62
C CYS L 69 47.14 23.22 -44.34
N THR L 70 48.07 22.26 -44.28
CA THR L 70 48.99 22.15 -43.17
C THR L 70 50.13 23.13 -43.41
N ILE L 71 50.36 24.00 -42.42
CA ILE L 71 51.43 25.00 -42.49
C ILE L 71 52.67 24.40 -41.86
N GLY L 72 53.81 24.67 -42.51
CA GLY L 72 55.12 24.18 -42.05
C GLY L 72 56.24 25.00 -42.68
N PRO L 73 57.48 24.47 -42.69
CA PRO L 73 58.66 25.13 -43.28
C PRO L 73 58.47 25.89 -44.60
N ALA L 74 57.82 25.27 -45.58
CA ALA L 74 57.70 25.85 -46.93
C ALA L 74 56.62 26.93 -47.10
N SER L 75 55.69 27.00 -46.14
CA SER L 75 54.51 27.88 -46.22
C SER L 75 54.32 28.78 -44.99
N ARG L 76 55.33 28.87 -44.14
CA ARG L 76 55.20 29.51 -42.83
C ARG L 76 55.13 31.04 -42.92
N SER L 77 55.77 31.58 -43.96
CA SER L 77 55.98 33.03 -44.07
C SER L 77 54.70 33.77 -44.38
N VAL L 78 54.66 35.04 -44.00
CA VAL L 78 53.50 35.90 -44.21
C VAL L 78 53.21 36.08 -45.70
N GLU L 79 54.25 36.10 -46.54
CA GLU L 79 54.07 36.31 -47.97
C GLU L 79 53.52 35.08 -48.71
N THR L 80 53.97 33.88 -48.31
CA THR L 80 53.44 32.63 -48.87
C THR L 80 51.94 32.47 -48.52
N LEU L 81 51.61 32.69 -47.26
CA LEU L 81 50.24 32.53 -46.76
C LEU L 81 49.25 33.43 -47.48
N LYS L 82 49.64 34.68 -47.73
CA LYS L 82 48.78 35.61 -48.48
C LYS L 82 48.33 35.03 -49.81
N GLU L 83 49.27 34.43 -50.55
CA GLU L 83 48.94 33.81 -51.84
C GLU L 83 48.10 32.54 -51.69
N MET L 84 48.34 31.77 -50.63
CA MET L 84 47.55 30.57 -50.34
C MET L 84 46.09 30.87 -49.99
N ILE L 85 45.87 31.92 -49.19
CA ILE L 85 44.52 32.38 -48.85
C ILE L 85 43.80 32.85 -50.12
N LYS L 86 44.53 33.59 -50.95
CA LYS L 86 44.02 34.02 -52.26
C LYS L 86 43.63 32.85 -53.17
N SER L 87 44.42 31.78 -53.15
CA SER L 87 44.16 30.61 -53.98
C SER L 87 43.21 29.58 -53.36
N GLY L 88 42.65 29.90 -52.19
CA GLY L 88 41.52 29.16 -51.63
C GLY L 88 41.74 28.37 -50.36
N MET L 89 42.76 28.72 -49.56
CA MET L 89 42.92 28.13 -48.23
C MET L 89 41.80 28.66 -47.33
N ASN L 90 41.35 27.79 -46.45
CA ASN L 90 40.28 28.08 -45.50
C ASN L 90 40.70 27.83 -44.06
N VAL L 91 41.37 26.71 -43.82
CA VAL L 91 41.87 26.37 -42.49
C VAL L 91 43.39 26.15 -42.56
N ALA L 92 44.09 26.66 -41.55
CA ALA L 92 45.52 26.43 -41.41
C ALA L 92 45.74 25.42 -40.28
N ARG L 93 46.23 24.24 -40.63
CA ARG L 93 46.58 23.22 -39.63
C ARG L 93 48.01 23.40 -39.14
N LEU L 94 48.22 23.18 -37.85
CA LEU L 94 49.55 23.16 -37.25
C LEU L 94 49.76 21.77 -36.64
N ASN L 95 50.88 21.12 -36.96
CA ASN L 95 51.14 19.77 -36.52
C ASN L 95 52.01 19.77 -35.26
N PHE L 96 51.41 19.48 -34.10
CA PHE L 96 52.12 19.52 -32.80
C PHE L 96 52.90 18.22 -32.45
N SER L 97 52.97 17.28 -33.39
CA SER L 97 53.92 16.17 -33.30
C SER L 97 55.36 16.69 -33.34
N HIS L 98 55.58 17.80 -34.06
CA HIS L 98 56.89 18.42 -34.21
C HIS L 98 56.83 19.92 -33.87
N GLY L 99 57.96 20.47 -33.44
CA GLY L 99 58.07 21.91 -33.13
C GLY L 99 57.74 22.25 -31.69
N THR L 100 58.20 23.43 -31.26
CA THR L 100 58.00 23.94 -29.90
C THR L 100 56.81 24.91 -29.83
N HIS L 101 56.44 25.32 -28.61
CA HIS L 101 55.34 26.27 -28.41
C HIS L 101 55.67 27.67 -28.91
N GLU L 102 56.94 28.06 -28.80
CA GLU L 102 57.42 29.33 -29.31
C GLU L 102 57.38 29.34 -30.85
N TYR L 103 57.74 28.22 -31.45
CA TYR L 103 57.79 28.07 -32.91
C TYR L 103 56.39 28.22 -33.49
N HIS L 104 55.43 27.47 -32.95
CA HIS L 104 54.04 27.49 -33.43
C HIS L 104 53.28 28.78 -33.11
N ALA L 105 53.68 29.49 -32.05
CA ALA L 105 53.10 30.79 -31.73
C ALA L 105 53.33 31.79 -32.86
N GLU L 106 54.49 31.71 -33.49
CA GLU L 106 54.85 32.58 -34.60
C GLU L 106 54.22 32.10 -35.92
N THR L 107 54.07 30.79 -36.10
CA THR L 107 53.33 30.24 -37.24
C THR L 107 51.89 30.80 -37.25
N ILE L 108 51.26 30.83 -36.07
CA ILE L 108 49.92 31.41 -35.89
C ILE L 108 49.91 32.91 -36.16
N LYS L 109 50.88 33.63 -35.60
CA LYS L 109 50.98 35.08 -35.81
C LYS L 109 51.08 35.45 -37.28
N ASN L 110 51.81 34.64 -38.06
CA ASN L 110 51.93 34.84 -39.51
C ASN L 110 50.63 34.58 -40.26
N VAL L 111 49.90 33.54 -39.86
CA VAL L 111 48.59 33.26 -40.45
C VAL L 111 47.70 34.48 -40.22
N ARG L 112 47.62 34.93 -38.97
CA ARG L 112 46.75 36.07 -38.63
C ARG L 112 47.14 37.39 -39.28
N THR L 113 48.43 37.61 -39.51
CA THR L 113 48.91 38.80 -40.25
C THR L 113 48.46 38.74 -41.70
N ALA L 114 48.68 37.58 -42.33
CA ALA L 114 48.31 37.36 -43.73
C ALA L 114 46.80 37.48 -43.95
N THR L 115 46.04 36.83 -43.07
CA THR L 115 44.56 36.86 -43.10
C THR L 115 44.03 38.28 -43.02
N GLU L 116 44.52 39.02 -42.03
CA GLU L 116 44.12 40.41 -41.77
C GLU L 116 44.60 41.42 -42.82
N SER L 117 45.55 41.04 -43.68
CA SER L 117 45.98 41.92 -44.78
C SER L 117 44.83 42.32 -45.72
N PHE L 118 43.84 41.44 -45.87
CA PHE L 118 42.66 41.69 -46.73
C PHE L 118 41.50 42.39 -46.01
N ALA L 119 41.65 42.65 -44.70
CA ALA L 119 40.55 43.15 -43.87
C ALA L 119 40.05 44.56 -44.22
N SER L 120 40.87 45.36 -44.89
CA SER L 120 40.50 46.74 -45.25
C SER L 120 39.36 46.87 -46.28
N ASP L 121 38.99 45.76 -46.93
CA ASP L 121 37.76 45.67 -47.74
C ASP L 121 36.93 44.47 -47.27
N PRO L 122 35.86 44.71 -46.47
CA PRO L 122 35.12 43.56 -45.87
C PRO L 122 34.46 42.59 -46.86
N ILE L 123 34.23 43.03 -48.10
CA ILE L 123 33.74 42.18 -49.19
C ILE L 123 34.76 41.10 -49.60
N LEU L 124 36.04 41.48 -49.70
CA LEU L 124 37.11 40.55 -50.07
C LEU L 124 37.74 39.81 -48.88
N TYR L 125 37.31 40.11 -47.65
CA TYR L 125 37.86 39.47 -46.46
C TYR L 125 37.32 38.06 -46.34
N ARG L 126 38.15 37.09 -46.70
CA ARG L 126 37.89 35.70 -46.38
C ARG L 126 38.46 35.44 -45.00
N PRO L 127 37.64 34.94 -44.05
CA PRO L 127 38.23 34.44 -42.80
C PRO L 127 38.99 33.13 -43.00
N VAL L 128 39.89 32.86 -42.06
CA VAL L 128 40.78 31.70 -42.09
C VAL L 128 40.91 31.14 -40.69
N ALA L 129 40.65 29.84 -40.55
CA ALA L 129 40.67 29.17 -39.25
C ALA L 129 42.05 28.64 -38.90
N VAL L 130 42.25 28.40 -37.61
CA VAL L 130 43.48 27.81 -37.10
C VAL L 130 43.13 26.48 -36.45
N ALA L 131 43.80 25.41 -36.89
CA ALA L 131 43.59 24.08 -36.33
C ALA L 131 44.85 23.61 -35.63
N LEU L 132 44.65 22.99 -34.47
CA LEU L 132 45.75 22.46 -33.67
C LEU L 132 45.64 20.93 -33.65
N ASP L 133 46.54 20.27 -34.37
CA ASP L 133 46.56 18.82 -34.47
C ASP L 133 47.47 18.27 -33.38
N THR L 134 46.91 17.49 -32.46
CA THR L 134 47.69 16.94 -31.34
C THR L 134 48.71 15.91 -31.83
N LYS L 135 49.74 15.72 -31.00
CA LYS L 135 50.72 14.63 -31.18
C LYS L 135 50.03 13.29 -30.99
N GLY L 136 49.39 13.17 -29.83
CA GLY L 136 48.45 12.10 -29.51
C GLY L 136 49.19 11.13 -28.65
N PRO L 137 48.62 9.90 -28.52
CA PRO L 137 49.41 8.72 -28.21
C PRO L 137 50.03 8.16 -29.54
N GLU L 138 51.27 7.76 -29.44
CA GLU L 138 52.18 7.32 -30.40
C GLU L 138 53.27 6.58 -29.53
N ILE L 139 53.96 5.82 -30.34
CA ILE L 139 55.10 5.03 -29.94
C ILE L 139 56.21 5.50 -30.86
N ARG L 140 57.15 6.25 -30.31
CA ARG L 140 58.32 6.76 -31.04
C ARG L 140 59.60 6.03 -30.62
N THR L 141 60.49 5.77 -31.59
CA THR L 141 61.77 5.12 -31.33
C THR L 141 62.80 6.13 -30.84
N GLY L 142 63.98 5.62 -30.49
CA GLY L 142 65.08 6.46 -30.02
C GLY L 142 65.89 7.09 -31.13
N LEU L 143 66.91 7.83 -30.70
CA LEU L 143 67.83 8.53 -31.58
C LEU L 143 68.92 7.53 -32.01
N ILE L 144 69.11 7.37 -33.33
CA ILE L 144 70.06 6.39 -33.87
C ILE L 144 71.48 6.83 -33.55
N LYS L 145 72.31 5.85 -33.18
CA LYS L 145 73.62 6.09 -32.54
C LYS L 145 74.41 7.31 -33.08
N GLY L 146 75.11 7.92 -32.15
CA GLY L 146 75.97 9.10 -32.45
C GLY L 146 77.30 8.71 -33.11
N SER L 147 77.23 8.14 -34.31
CA SER L 147 78.41 7.65 -35.05
C SER L 147 78.14 7.49 -36.54
N GLY L 148 79.00 8.11 -37.35
CA GLY L 148 78.97 8.09 -38.82
C GLY L 148 77.64 8.07 -39.58
N THR L 149 76.74 7.15 -39.23
CA THR L 149 75.53 6.83 -40.02
C THR L 149 74.24 7.14 -39.22
N ALA L 150 73.64 8.25 -39.59
CA ALA L 150 72.34 8.69 -39.00
C ALA L 150 71.16 7.74 -39.21
N GLU L 151 71.08 7.04 -40.34
CA GLU L 151 70.19 5.87 -40.48
C GLU L 151 70.95 4.55 -40.27
N VAL L 152 70.24 3.43 -40.35
CA VAL L 152 70.86 2.08 -40.30
C VAL L 152 70.04 1.08 -41.11
N GLU L 153 70.72 0.15 -41.78
CA GLU L 153 70.05 -0.87 -42.57
C GLU L 153 69.60 -2.06 -41.71
N LEU L 154 68.28 -2.20 -41.55
CA LEU L 154 67.68 -3.43 -41.05
C LEU L 154 67.43 -4.29 -42.27
N LYS L 155 68.07 -5.47 -42.33
CA LYS L 155 67.91 -6.34 -43.49
C LYS L 155 67.01 -7.52 -43.19
N LYS L 156 66.44 -8.08 -44.26
CA LYS L 156 65.34 -9.07 -44.19
C LYS L 156 65.78 -10.38 -43.53
N GLY L 157 65.33 -10.62 -42.30
CA GLY L 157 65.66 -11.84 -41.57
C GLY L 157 66.56 -11.64 -40.36
N ALA L 158 67.22 -10.48 -40.26
CA ALA L 158 68.09 -10.15 -39.12
C ALA L 158 67.28 -10.00 -37.82
N THR L 159 67.89 -10.35 -36.69
CA THR L 159 67.27 -10.17 -35.38
C THR L 159 67.48 -8.72 -34.91
N LEU L 160 66.41 -8.17 -34.34
CA LEU L 160 66.42 -6.81 -33.80
C LEU L 160 65.77 -6.85 -32.41
N LYS L 161 66.50 -6.38 -31.41
CA LYS L 161 66.03 -6.35 -30.04
C LYS L 161 65.37 -5.03 -29.76
N ILE L 162 64.16 -5.07 -29.19
CA ILE L 162 63.45 -3.86 -28.77
C ILE L 162 63.60 -3.79 -27.24
N THR L 163 63.88 -2.59 -26.72
CA THR L 163 64.14 -2.40 -25.30
C THR L 163 63.41 -1.19 -24.74
N LEU L 164 63.02 -1.29 -23.47
CA LEU L 164 62.40 -0.19 -22.73
C LEU L 164 63.37 0.50 -21.75
N ASP L 165 64.62 0.00 -21.70
CA ASP L 165 65.66 0.57 -20.86
C ASP L 165 66.14 1.90 -21.44
N ASN L 166 66.00 2.98 -20.66
CA ASN L 166 66.34 4.34 -21.13
C ASN L 166 67.83 4.60 -21.41
N ALA L 167 68.71 3.70 -20.95
CA ALA L 167 70.13 3.78 -21.30
C ALA L 167 70.39 3.71 -22.80
N TYR L 168 69.56 2.98 -23.53
CA TYR L 168 69.70 2.85 -24.99
C TYR L 168 68.97 3.92 -25.82
N MET L 169 68.31 4.88 -25.18
CA MET L 169 67.40 5.79 -25.89
C MET L 169 68.07 6.75 -26.89
N GLU L 170 69.39 6.92 -26.81
CA GLU L 170 70.15 7.62 -27.83
C GLU L 170 71.27 6.74 -28.40
N LYS L 171 71.04 5.42 -28.39
CA LYS L 171 72.03 4.43 -28.81
C LYS L 171 71.37 3.30 -29.62
N CYS L 172 70.42 3.67 -30.48
CA CYS L 172 69.75 2.71 -31.35
C CYS L 172 70.64 2.38 -32.55
N ASP L 173 70.56 1.15 -33.03
CA ASP L 173 71.35 0.70 -34.19
C ASP L 173 70.69 -0.51 -34.88
N GLU L 174 71.44 -1.28 -35.67
CA GLU L 174 70.94 -2.50 -36.32
C GLU L 174 70.45 -3.58 -35.34
N ASN L 175 71.06 -3.63 -34.14
CA ASN L 175 70.84 -4.70 -33.17
C ASN L 175 69.79 -4.35 -32.12
N ILE L 176 69.95 -3.19 -31.49
CA ILE L 176 69.03 -2.75 -30.42
C ILE L 176 68.26 -1.48 -30.83
N LEU L 177 67.01 -1.41 -30.38
CA LEU L 177 66.09 -0.32 -30.69
C LEU L 177 65.32 0.05 -29.42
N TRP L 178 65.38 1.32 -29.03
CA TRP L 178 64.54 1.84 -27.95
C TRP L 178 63.16 2.30 -28.49
N LEU L 179 62.18 2.30 -27.59
CA LEU L 179 60.93 3.02 -27.81
C LEU L 179 60.26 3.36 -26.46
N ASP L 180 59.44 4.40 -26.48
CA ASP L 180 58.93 5.03 -25.25
C ASP L 180 57.76 4.31 -24.57
N TYR L 181 56.94 3.58 -25.33
CA TYR L 181 55.74 2.94 -24.79
C TYR L 181 56.06 1.80 -23.83
N LYS L 182 55.94 2.05 -22.53
CA LYS L 182 56.47 1.16 -21.49
C LYS L 182 55.70 -0.14 -21.29
N ASN L 183 54.45 -0.21 -21.70
CA ASN L 183 53.65 -1.43 -21.61
C ASN L 183 53.61 -2.22 -22.92
N ILE L 184 54.57 -2.01 -23.81
CA ILE L 184 54.60 -2.71 -25.10
C ILE L 184 54.65 -4.23 -24.95
N CYS L 185 55.31 -4.71 -23.90
CA CYS L 185 55.40 -6.14 -23.59
C CYS L 185 54.06 -6.76 -23.23
N LYS L 186 53.16 -5.97 -22.64
CA LYS L 186 51.87 -6.44 -22.15
C LYS L 186 50.81 -6.60 -23.24
N VAL L 187 50.76 -5.68 -24.20
CA VAL L 187 49.76 -5.72 -25.28
C VAL L 187 50.15 -6.56 -26.51
N VAL L 188 51.41 -7.01 -26.55
CA VAL L 188 51.93 -7.80 -27.67
C VAL L 188 52.13 -9.24 -27.17
N GLU L 189 51.86 -10.21 -28.04
CA GLU L 189 52.18 -11.63 -27.78
C GLU L 189 53.27 -12.07 -28.76
N VAL L 190 53.73 -13.30 -28.63
CA VAL L 190 54.66 -13.90 -29.59
C VAL L 190 53.96 -14.02 -30.95
N GLY L 191 54.63 -13.59 -32.01
CA GLY L 191 54.09 -13.65 -33.37
C GLY L 191 53.40 -12.40 -33.88
N SER L 192 53.14 -11.42 -33.01
CA SER L 192 52.51 -10.14 -33.41
C SER L 192 53.47 -9.32 -34.26
N LYS L 193 52.90 -8.43 -35.08
CA LYS L 193 53.71 -7.54 -35.93
C LYS L 193 53.91 -6.19 -35.26
N ILE L 194 54.99 -5.52 -35.65
CA ILE L 194 55.29 -4.15 -35.22
C ILE L 194 55.77 -3.36 -36.45
N TYR L 195 54.93 -2.45 -36.93
CA TYR L 195 55.26 -1.63 -38.09
C TYR L 195 55.96 -0.36 -37.63
N VAL L 196 57.09 -0.04 -38.26
CA VAL L 196 57.96 1.07 -37.85
C VAL L 196 58.21 2.03 -39.02
N ASP L 197 58.12 3.33 -38.74
CA ASP L 197 58.23 4.40 -39.74
C ASP L 197 57.07 4.35 -40.74
N ASP L 198 55.85 4.38 -40.18
CA ASP L 198 54.59 4.33 -40.95
C ASP L 198 54.61 3.16 -41.93
N GLY L 199 54.93 1.99 -41.40
CA GLY L 199 54.91 0.77 -42.19
C GLY L 199 55.95 0.59 -43.29
N LEU L 200 57.06 1.32 -43.22
CA LEU L 200 58.21 1.05 -44.11
C LEU L 200 58.90 -0.26 -43.69
N ILE L 201 59.11 -0.42 -42.37
CA ILE L 201 59.73 -1.62 -41.80
C ILE L 201 58.68 -2.38 -40.99
N SER L 202 58.71 -3.71 -41.05
CA SER L 202 57.81 -4.55 -40.24
C SER L 202 58.60 -5.66 -39.55
N LEU L 203 58.28 -5.91 -38.28
CA LEU L 203 59.00 -6.86 -37.42
C LEU L 203 58.01 -7.85 -36.81
N GLN L 204 58.40 -9.13 -36.75
CA GLN L 204 57.60 -10.16 -36.09
C GLN L 204 58.27 -10.55 -34.78
N VAL L 205 57.50 -10.55 -33.68
CA VAL L 205 58.01 -10.87 -32.35
C VAL L 205 58.27 -12.38 -32.23
N LYS L 206 59.49 -12.75 -31.82
CA LYS L 206 59.84 -14.15 -31.54
C LYS L 206 59.67 -14.44 -30.06
N GLN L 207 60.29 -13.62 -29.20
CA GLN L 207 60.30 -13.84 -27.76
C GLN L 207 59.86 -12.60 -27.00
N LYS L 208 58.89 -12.77 -26.10
CA LYS L 208 58.54 -11.75 -25.12
C LYS L 208 59.61 -11.68 -24.03
N GLY L 209 59.47 -10.72 -23.12
CA GLY L 209 60.42 -10.58 -22.03
C GLY L 209 59.92 -9.73 -20.90
N ALA L 210 60.81 -9.47 -19.94
CA ALA L 210 60.50 -8.61 -18.78
C ALA L 210 60.28 -7.17 -19.26
N ASP L 211 61.32 -6.60 -19.87
CA ASP L 211 61.26 -5.25 -20.43
C ASP L 211 61.94 -5.20 -21.81
N PHE L 212 61.67 -6.22 -22.62
CA PHE L 212 62.26 -6.33 -23.96
C PHE L 212 61.50 -7.28 -24.88
N LEU L 213 61.77 -7.16 -26.17
CA LEU L 213 61.28 -8.09 -27.18
C LEU L 213 62.44 -8.48 -28.11
N VAL L 214 62.38 -9.69 -28.65
CA VAL L 214 63.29 -10.11 -29.71
C VAL L 214 62.45 -10.32 -30.94
N THR L 215 62.75 -9.56 -31.99
CA THR L 215 61.98 -9.59 -33.23
C THR L 215 62.81 -10.07 -34.42
N GLU L 216 62.13 -10.46 -35.49
CA GLU L 216 62.78 -10.77 -36.76
C GLU L 216 62.29 -9.79 -37.81
N VAL L 217 63.23 -9.16 -38.51
CA VAL L 217 62.91 -8.20 -39.56
C VAL L 217 62.27 -8.95 -40.74
N GLU L 218 61.17 -8.43 -41.26
CA GLU L 218 60.47 -9.00 -42.42
C GLU L 218 60.61 -8.11 -43.65
N ASN L 219 60.19 -6.85 -43.52
CA ASN L 219 60.46 -5.82 -44.53
C ASN L 219 61.65 -4.99 -44.10
N GLY L 220 62.72 -5.01 -44.90
CA GLY L 220 63.90 -4.20 -44.63
C GLY L 220 63.66 -2.72 -44.89
N GLY L 221 64.67 -1.91 -44.59
CA GLY L 221 64.60 -0.47 -44.86
C GLY L 221 65.64 0.33 -44.11
N SER L 222 65.67 1.64 -44.38
CA SER L 222 66.49 2.57 -43.64
C SER L 222 65.74 3.11 -42.43
N LEU L 223 66.05 2.56 -41.24
CA LEU L 223 65.49 3.00 -39.98
C LEU L 223 66.19 4.29 -39.53
N GLY L 224 65.40 5.29 -39.12
CA GLY L 224 65.94 6.56 -38.64
C GLY L 224 65.65 6.82 -37.17
N SER L 225 65.78 8.10 -36.79
CA SER L 225 65.57 8.54 -35.41
C SER L 225 64.12 8.97 -35.19
N LYS L 226 63.60 8.67 -34.01
CA LYS L 226 62.23 9.04 -33.61
C LYS L 226 61.18 8.75 -34.70
N LYS L 227 60.91 7.47 -34.95
CA LYS L 227 59.93 7.06 -35.96
C LYS L 227 58.66 6.49 -35.34
N GLY L 228 57.54 6.64 -36.05
CA GLY L 228 56.25 6.15 -35.59
C GLY L 228 56.15 4.65 -35.64
N VAL L 229 55.84 4.05 -34.51
CA VAL L 229 55.60 2.61 -34.41
C VAL L 229 54.11 2.33 -34.22
N ASN L 230 53.62 1.29 -34.90
CA ASN L 230 52.21 0.86 -34.81
C ASN L 230 52.17 -0.60 -34.40
N LEU L 231 51.05 -0.99 -33.78
CA LEU L 231 50.89 -2.33 -33.22
C LEU L 231 49.59 -2.96 -33.75
N PRO L 232 49.55 -3.38 -35.03
CA PRO L 232 48.35 -3.91 -35.69
C PRO L 232 47.43 -4.77 -34.81
N GLY L 233 46.19 -4.32 -34.65
CA GLY L 233 45.17 -5.03 -33.87
C GLY L 233 45.59 -5.40 -32.45
N ALA L 234 46.14 -4.43 -31.73
CA ALA L 234 46.50 -4.59 -30.33
C ALA L 234 45.72 -3.57 -29.52
N ALA L 235 45.29 -3.95 -28.32
CA ALA L 235 44.62 -3.01 -27.41
C ALA L 235 45.68 -2.08 -26.82
N VAL L 236 46.04 -1.05 -27.59
CA VAL L 236 47.07 -0.08 -27.20
C VAL L 236 46.46 0.80 -26.11
N ASP L 237 46.96 0.64 -24.87
CA ASP L 237 46.35 1.25 -23.68
C ASP L 237 47.05 2.53 -23.21
N LEU L 238 47.54 3.35 -24.20
CA LEU L 238 48.17 4.60 -23.88
C LEU L 238 47.03 5.58 -23.43
N PRO L 239 47.47 6.70 -22.75
CA PRO L 239 46.52 7.69 -22.42
C PRO L 239 45.95 8.42 -23.66
N ALA L 240 44.67 8.75 -23.60
CA ALA L 240 44.01 9.51 -24.69
C ALA L 240 44.70 10.86 -24.89
N VAL L 241 44.99 11.54 -23.79
CA VAL L 241 45.72 12.78 -23.82
C VAL L 241 47.04 12.57 -23.10
N SER L 242 48.14 12.52 -23.84
CA SER L 242 49.48 12.42 -23.23
C SER L 242 49.79 13.71 -22.48
N GLU L 243 50.75 13.67 -21.55
CA GLU L 243 51.08 14.83 -20.74
C GLU L 243 51.62 16.01 -21.58
N LYS L 244 52.29 15.68 -22.69
CA LYS L 244 52.70 16.69 -23.68
C LYS L 244 51.49 17.40 -24.27
N ASP L 245 50.47 16.63 -24.63
CA ASP L 245 49.23 17.16 -25.21
C ASP L 245 48.42 18.01 -24.25
N ILE L 246 48.46 17.71 -22.95
CA ILE L 246 47.73 18.52 -21.96
C ILE L 246 48.28 19.95 -21.96
N GLN L 247 49.58 20.11 -22.23
CA GLN L 247 50.18 21.44 -22.41
C GLN L 247 49.86 22.04 -23.79
N ASP L 248 49.89 21.22 -24.84
CA ASP L 248 49.55 21.66 -26.20
C ASP L 248 48.11 22.17 -26.32
N LEU L 249 47.17 21.50 -25.64
CA LEU L 249 45.76 21.91 -25.65
C LEU L 249 45.51 23.19 -24.86
N LYS L 250 46.25 23.41 -23.78
CA LYS L 250 46.16 24.68 -23.03
C LYS L 250 46.76 25.82 -23.84
N PHE L 251 47.84 25.55 -24.58
CA PHE L 251 48.44 26.51 -25.51
C PHE L 251 47.48 26.90 -26.61
N GLY L 252 46.70 25.93 -27.09
CA GLY L 252 45.65 26.18 -28.08
C GLY L 252 44.58 27.11 -27.55
N VAL L 253 44.09 26.82 -26.36
CA VAL L 253 43.08 27.66 -25.69
C VAL L 253 43.64 29.06 -25.46
N GLU L 254 44.88 29.13 -25.01
CA GLU L 254 45.61 30.38 -24.77
C GLU L 254 45.81 31.21 -26.06
N GLN L 255 46.09 30.53 -27.18
CA GLN L 255 46.26 31.19 -28.48
C GLN L 255 44.94 31.43 -29.24
N ASP L 256 43.80 31.07 -28.65
CA ASP L 256 42.48 31.11 -29.30
C ASP L 256 42.47 30.44 -30.68
N VAL L 257 42.75 29.14 -30.69
CA VAL L 257 42.49 28.34 -31.86
C VAL L 257 40.99 28.14 -31.99
N ASP L 258 40.59 27.73 -33.19
CA ASP L 258 39.18 27.57 -33.56
C ASP L 258 38.75 26.11 -33.51
N MET L 259 39.68 25.19 -33.78
CA MET L 259 39.39 23.76 -33.70
C MET L 259 40.63 22.96 -33.31
N VAL L 260 40.37 21.74 -32.84
CA VAL L 260 41.42 20.80 -32.40
C VAL L 260 41.21 19.48 -33.12
N PHE L 261 42.23 19.02 -33.84
CA PHE L 261 42.22 17.68 -34.45
C PHE L 261 42.85 16.68 -33.49
N ALA L 262 42.02 16.04 -32.65
CA ALA L 262 42.49 15.07 -31.65
C ALA L 262 42.91 13.77 -32.30
N SER L 263 44.16 13.34 -32.04
CA SER L 263 44.74 12.18 -32.73
C SER L 263 44.43 10.85 -32.06
N PHE L 264 44.50 9.78 -32.85
CA PHE L 264 44.39 8.37 -32.43
C PHE L 264 43.24 8.13 -31.43
N ILE L 265 42.03 8.52 -31.84
CA ILE L 265 40.84 8.33 -31.03
C ILE L 265 40.35 6.90 -31.19
N ARG L 266 40.17 6.24 -30.05
CA ARG L 266 39.76 4.84 -29.99
C ARG L 266 38.33 4.65 -29.47
N LYS L 267 37.83 5.61 -28.68
CA LYS L 267 36.58 5.40 -27.96
C LYS L 267 36.02 6.70 -27.41
N ALA L 268 34.78 6.67 -26.96
CA ALA L 268 34.06 7.86 -26.53
C ALA L 268 34.82 8.63 -25.45
N SER L 269 35.31 7.90 -24.45
CA SER L 269 36.00 8.52 -23.32
C SER L 269 37.30 9.24 -23.69
N ASP L 270 37.93 8.85 -24.80
CA ASP L 270 39.09 9.58 -25.32
C ASP L 270 38.71 11.01 -25.70
N VAL L 271 37.58 11.16 -26.39
CA VAL L 271 37.08 12.46 -26.80
C VAL L 271 36.66 13.27 -25.58
N HIS L 272 35.97 12.63 -24.65
CA HIS L 272 35.53 13.28 -23.40
C HIS L 272 36.70 13.89 -22.60
N GLU L 273 37.85 13.23 -22.61
CA GLU L 273 39.03 13.76 -21.91
C GLU L 273 39.73 14.89 -22.67
N VAL L 274 39.61 14.89 -24.00
CA VAL L 274 40.10 16.02 -24.80
C VAL L 274 39.22 17.25 -24.52
N ARG L 275 37.91 17.02 -24.40
CA ARG L 275 36.95 18.08 -24.02
C ARG L 275 37.26 18.64 -22.65
N LYS L 276 37.45 17.73 -21.70
CA LYS L 276 37.66 18.06 -20.29
C LYS L 276 38.94 18.90 -20.08
N VAL L 277 39.98 18.62 -20.86
CA VAL L 277 41.23 19.39 -20.79
C VAL L 277 41.04 20.81 -21.32
N LEU L 278 40.32 20.95 -22.43
CA LEU L 278 40.00 22.27 -22.99
C LEU L 278 39.13 23.06 -22.03
N GLY L 279 38.17 22.37 -21.40
CA GLY L 279 37.43 22.91 -20.25
C GLY L 279 36.48 24.04 -20.57
N GLU L 280 36.09 24.76 -19.52
CA GLU L 280 35.22 25.94 -19.63
C GLU L 280 35.84 27.04 -20.51
N LYS L 281 37.14 27.23 -20.37
CA LYS L 281 37.85 28.32 -21.06
C LYS L 281 37.82 28.18 -22.59
N GLY L 282 37.86 26.94 -23.08
CA GLY L 282 37.80 26.69 -24.52
C GLY L 282 36.72 25.70 -24.88
N LYS L 283 35.53 25.91 -24.33
CA LYS L 283 34.38 25.05 -24.61
C LYS L 283 33.88 25.21 -26.04
N ASN L 284 34.09 26.40 -26.61
CA ASN L 284 33.67 26.69 -27.99
C ASN L 284 34.59 26.12 -29.06
N ILE L 285 35.78 25.65 -28.67
CA ILE L 285 36.73 25.07 -29.61
C ILE L 285 36.21 23.71 -30.07
N LYS L 286 36.08 23.55 -31.38
CA LYS L 286 35.52 22.32 -31.97
C LYS L 286 36.54 21.18 -31.94
N ILE L 287 36.10 19.99 -31.55
CA ILE L 287 36.94 18.80 -31.46
C ILE L 287 36.64 17.85 -32.62
N ILE L 288 37.58 17.75 -33.56
CA ILE L 288 37.50 16.81 -34.65
C ILE L 288 38.28 15.56 -34.24
N SER L 289 37.59 14.44 -34.10
CA SER L 289 38.24 13.19 -33.75
C SER L 289 38.82 12.51 -34.99
N LYS L 290 40.10 12.13 -34.92
CA LYS L 290 40.78 11.43 -36.02
C LYS L 290 40.65 9.94 -35.84
N ILE L 291 40.12 9.25 -36.84
CA ILE L 291 40.00 7.80 -36.82
C ILE L 291 41.23 7.24 -37.52
N GLU L 292 42.19 6.77 -36.73
CA GLU L 292 43.49 6.34 -37.25
C GLU L 292 43.74 4.81 -37.18
N ASN L 293 42.89 4.06 -36.48
CA ASN L 293 43.14 2.63 -36.22
C ASN L 293 41.88 1.80 -36.29
N HIS L 294 42.02 0.48 -36.21
CA HIS L 294 40.89 -0.43 -36.36
C HIS L 294 39.83 -0.21 -35.27
N GLU L 295 40.26 0.03 -34.04
CA GLU L 295 39.33 0.21 -32.91
C GLU L 295 38.42 1.42 -33.08
N GLY L 296 38.97 2.49 -33.65
CA GLY L 296 38.18 3.69 -33.96
C GLY L 296 37.01 3.44 -34.89
N VAL L 297 37.25 2.66 -35.92
CA VAL L 297 36.21 2.33 -36.91
C VAL L 297 35.15 1.43 -36.29
N ARG L 298 35.56 0.50 -35.43
CA ARG L 298 34.59 -0.38 -34.76
C ARG L 298 33.68 0.42 -33.83
N ARG L 299 34.24 1.39 -33.12
CA ARG L 299 33.47 2.21 -32.19
C ARG L 299 33.06 3.56 -32.77
N PHE L 300 32.91 3.64 -34.08
CA PHE L 300 32.68 4.94 -34.74
C PHE L 300 31.46 5.66 -34.20
N ASP L 301 30.39 4.90 -33.95
CA ASP L 301 29.13 5.48 -33.53
C ASP L 301 29.24 6.26 -32.22
N GLU L 302 29.88 5.68 -31.22
CA GLU L 302 30.04 6.35 -29.91
C GLU L 302 31.00 7.55 -29.98
N ILE L 303 31.98 7.49 -30.89
CA ILE L 303 32.94 8.58 -31.09
C ILE L 303 32.25 9.75 -31.78
N LEU L 304 31.55 9.45 -32.87
CA LEU L 304 30.80 10.46 -33.64
C LEU L 304 29.84 11.26 -32.77
N GLU L 305 29.19 10.57 -31.83
CA GLU L 305 28.25 11.20 -30.91
C GLU L 305 28.97 12.19 -29.98
N ALA L 306 30.13 11.80 -29.47
CA ALA L 306 30.89 12.66 -28.56
C ALA L 306 31.73 13.73 -29.25
N SER L 307 32.02 13.56 -30.54
CA SER L 307 32.89 14.50 -31.28
C SER L 307 32.07 15.57 -31.98
N ASP L 308 32.69 16.72 -32.22
CA ASP L 308 32.07 17.78 -33.01
C ASP L 308 32.14 17.46 -34.50
N GLY L 309 33.28 16.91 -34.92
CA GLY L 309 33.45 16.39 -36.29
C GLY L 309 34.33 15.16 -36.34
N ILE L 310 34.67 14.74 -37.55
CA ILE L 310 35.50 13.56 -37.80
C ILE L 310 36.55 13.84 -38.86
N MET L 311 37.69 13.15 -38.76
CA MET L 311 38.72 13.15 -39.79
C MET L 311 39.11 11.72 -40.12
N VAL L 312 38.84 11.31 -41.35
CA VAL L 312 39.24 9.99 -41.82
C VAL L 312 40.68 10.08 -42.31
N ALA L 313 41.62 9.63 -41.47
CA ALA L 313 43.02 9.53 -41.84
C ALA L 313 43.25 8.21 -42.59
N ARG L 314 43.39 8.31 -43.89
CA ARG L 314 43.31 7.13 -44.76
C ARG L 314 44.60 6.35 -44.78
N GLY L 315 45.72 7.06 -44.89
CA GLY L 315 47.04 6.45 -44.83
C GLY L 315 47.28 5.69 -43.55
N ASP L 316 46.88 6.26 -42.42
CA ASP L 316 47.05 5.62 -41.12
C ASP L 316 46.15 4.40 -40.95
N LEU L 317 44.97 4.41 -41.57
CA LEU L 317 44.11 3.22 -41.62
C LEU L 317 44.72 2.16 -42.51
N GLY L 318 45.27 2.58 -43.66
CA GLY L 318 45.93 1.68 -44.62
C GLY L 318 47.03 0.79 -44.05
N ILE L 319 47.65 1.24 -42.97
CA ILE L 319 48.60 0.45 -42.19
C ILE L 319 47.83 -0.63 -41.40
N GLU L 320 46.84 -0.19 -40.63
CA GLU L 320 46.24 -0.98 -39.57
C GLU L 320 45.10 -1.93 -39.99
N ILE L 321 44.46 -1.65 -41.14
CA ILE L 321 43.42 -2.52 -41.72
C ILE L 321 43.75 -2.80 -43.19
N PRO L 322 43.20 -3.89 -43.77
CA PRO L 322 43.56 -4.25 -45.15
C PRO L 322 43.22 -3.17 -46.18
N ALA L 323 44.00 -3.09 -47.26
CA ALA L 323 43.84 -2.07 -48.30
C ALA L 323 42.54 -2.18 -49.10
N GLU L 324 42.04 -3.40 -49.29
CA GLU L 324 40.76 -3.62 -49.98
C GLU L 324 39.52 -3.32 -49.12
N LYS L 325 39.72 -2.90 -47.86
CA LYS L 325 38.62 -2.54 -46.98
C LYS L 325 38.67 -1.09 -46.49
N VAL L 326 39.63 -0.28 -46.93
CA VAL L 326 39.73 1.08 -46.41
C VAL L 326 38.66 1.95 -47.02
N PHE L 327 38.45 1.84 -48.34
CA PHE L 327 37.42 2.62 -49.03
C PHE L 327 36.03 2.37 -48.43
N LEU L 328 35.76 1.12 -48.01
CA LEU L 328 34.52 0.82 -47.29
C LEU L 328 34.39 1.59 -45.97
N ALA L 329 35.49 1.71 -45.24
CA ALA L 329 35.50 2.48 -44.00
C ALA L 329 35.26 3.97 -44.25
N GLN L 330 36.00 4.52 -45.21
CA GLN L 330 35.85 5.93 -45.62
C GLN L 330 34.40 6.23 -45.98
N LYS L 331 33.81 5.40 -46.85
CA LYS L 331 32.43 5.61 -47.29
C LYS L 331 31.44 5.55 -46.15
N MET L 332 31.62 4.56 -45.27
CA MET L 332 30.76 4.43 -44.10
C MET L 332 30.85 5.64 -43.18
N MET L 333 32.06 6.06 -42.86
CA MET L 333 32.24 7.17 -41.93
C MET L 333 31.75 8.48 -42.54
N ILE L 334 32.08 8.72 -43.80
CA ILE L 334 31.57 9.90 -44.49
C ILE L 334 30.05 9.85 -44.56
N GLY L 335 29.51 8.66 -44.84
CA GLY L 335 28.07 8.46 -44.82
C GLY L 335 27.43 8.88 -43.50
N ARG L 336 27.91 8.31 -42.40
CA ARG L 336 27.28 8.53 -41.09
C ARG L 336 27.38 9.97 -40.62
N CYS L 337 28.51 10.61 -40.90
CA CYS L 337 28.67 12.03 -40.59
C CYS L 337 27.69 12.92 -41.35
N ASN L 338 27.41 12.58 -42.61
CA ASN L 338 26.41 13.31 -43.41
C ASN L 338 25.04 13.17 -42.78
N ARG L 339 24.68 11.94 -42.40
CA ARG L 339 23.40 11.68 -41.75
C ARG L 339 23.31 12.47 -40.45
N ALA L 340 24.29 12.28 -39.57
CA ALA L 340 24.31 13.00 -38.30
C ALA L 340 24.51 14.53 -38.40
N GLY L 341 24.91 15.03 -39.57
CA GLY L 341 25.01 16.46 -39.81
C GLY L 341 26.25 17.10 -39.18
N LYS L 342 27.31 16.29 -39.04
CA LYS L 342 28.58 16.75 -38.49
C LYS L 342 29.64 16.77 -39.59
N PRO L 343 30.63 17.66 -39.48
CA PRO L 343 31.66 17.68 -40.51
C PRO L 343 32.47 16.40 -40.53
N VAL L 344 32.91 16.03 -41.72
CA VAL L 344 33.86 14.96 -41.90
C VAL L 344 34.96 15.48 -42.83
N ILE L 345 36.20 15.09 -42.54
CA ILE L 345 37.36 15.59 -43.28
C ILE L 345 38.12 14.40 -43.85
N CYS L 346 38.49 14.48 -45.13
CA CYS L 346 39.33 13.43 -45.75
C CYS L 346 40.78 13.90 -45.81
N ALA L 347 41.62 13.20 -45.06
CA ALA L 347 43.02 13.58 -44.84
C ALA L 347 43.97 12.51 -45.38
N THR L 348 45.22 12.93 -45.60
CA THR L 348 46.34 12.05 -45.95
C THR L 348 46.26 11.48 -47.37
N GLN L 349 47.43 11.33 -48.01
CA GLN L 349 47.56 10.71 -49.34
C GLN L 349 46.75 11.41 -50.43
N MET L 350 46.54 12.72 -50.30
CA MET L 350 45.70 13.45 -51.24
C MET L 350 46.48 13.73 -52.53
N LEU L 351 47.50 14.57 -52.43
CA LEU L 351 48.27 15.03 -53.58
C LEU L 351 49.78 14.90 -53.31
N GLU L 352 50.20 13.72 -52.85
CA GLU L 352 51.57 13.52 -52.35
C GLU L 352 52.67 13.75 -53.40
N SER L 353 52.39 13.51 -54.67
CA SER L 353 53.36 13.76 -55.75
C SER L 353 53.74 15.25 -55.86
N MET L 354 52.86 16.14 -55.41
CA MET L 354 53.12 17.59 -55.44
C MET L 354 54.10 18.13 -54.38
N ILE L 355 54.62 17.25 -53.52
CA ILE L 355 55.80 17.58 -52.71
C ILE L 355 56.97 17.85 -53.65
N LYS L 356 57.13 17.00 -54.67
CA LYS L 356 58.26 17.08 -55.62
C LYS L 356 57.95 17.74 -56.98
N LYS L 357 56.69 17.68 -57.43
CA LYS L 357 56.33 18.02 -58.83
C LYS L 357 55.22 19.10 -58.88
N PRO L 358 55.13 19.85 -60.00
CA PRO L 358 54.22 21.01 -60.05
C PRO L 358 52.75 20.68 -60.35
N ARG L 359 52.47 19.44 -60.74
CA ARG L 359 51.13 18.95 -61.05
C ARG L 359 50.91 17.60 -60.35
N PRO L 360 49.64 17.18 -60.22
CA PRO L 360 49.36 15.88 -59.63
C PRO L 360 49.19 14.80 -60.71
N THR L 361 49.19 13.55 -60.28
CA THR L 361 48.91 12.42 -61.18
C THR L 361 47.43 12.33 -61.47
N ARG L 362 47.06 11.59 -62.50
CA ARG L 362 45.65 11.36 -62.84
C ARG L 362 44.92 10.70 -61.67
N ALA L 363 45.54 9.68 -61.08
CA ALA L 363 44.95 8.92 -59.98
C ALA L 363 44.79 9.72 -58.69
N GLU L 364 45.62 10.73 -58.47
CA GLU L 364 45.47 11.59 -57.29
C GLU L 364 44.27 12.50 -57.42
N GLY L 365 44.07 13.07 -58.62
CA GLY L 365 42.88 13.87 -58.93
C GLY L 365 41.60 13.10 -58.79
N SER L 366 41.62 11.85 -59.25
CA SER L 366 40.49 10.93 -59.12
C SER L 366 40.21 10.55 -57.66
N ASP L 367 41.26 10.40 -56.86
CA ASP L 367 41.15 10.06 -55.42
C ASP L 367 40.53 11.21 -54.63
N VAL L 368 40.92 12.44 -54.96
CA VAL L 368 40.37 13.63 -54.32
C VAL L 368 38.90 13.77 -54.70
N ALA L 369 38.63 13.70 -56.00
CA ALA L 369 37.26 13.81 -56.52
C ALA L 369 36.34 12.84 -55.83
N ASN L 370 36.71 11.57 -55.83
CA ASN L 370 35.88 10.51 -55.23
C ASN L 370 35.67 10.70 -53.72
N ALA L 371 36.56 11.41 -53.03
CA ALA L 371 36.32 11.80 -51.62
C ALA L 371 35.36 12.98 -51.48
N VAL L 372 35.38 13.91 -52.44
CA VAL L 372 34.40 14.99 -52.49
C VAL L 372 33.02 14.43 -52.79
N LEU L 373 32.96 13.50 -53.74
CA LEU L 373 31.72 12.84 -54.14
C LEU L 373 31.19 11.86 -53.11
N ASP L 374 32.07 11.19 -52.36
CA ASP L 374 31.66 10.35 -51.23
C ASP L 374 30.86 11.15 -50.20
N GLY L 375 31.13 12.44 -50.10
CA GLY L 375 30.36 13.37 -49.27
C GLY L 375 31.15 14.17 -48.25
N ALA L 376 32.47 14.23 -48.38
CA ALA L 376 33.30 14.92 -47.42
C ALA L 376 33.02 16.42 -47.47
N ASP L 377 33.21 17.06 -46.33
CA ASP L 377 33.07 18.51 -46.21
C ASP L 377 34.39 19.20 -46.53
N CYS L 378 35.48 18.70 -45.94
CA CYS L 378 36.81 19.27 -46.14
C CYS L 378 37.83 18.25 -46.63
N ILE L 379 38.84 18.76 -47.34
CA ILE L 379 39.98 17.98 -47.82
C ILE L 379 41.24 18.56 -47.21
N MET L 380 42.11 17.72 -46.68
CA MET L 380 43.30 18.20 -45.95
C MET L 380 44.61 17.78 -46.61
N LEU L 381 45.38 18.79 -47.03
CA LEU L 381 46.67 18.57 -47.66
C LEU L 381 47.74 18.48 -46.56
N SER L 382 48.43 17.34 -46.51
CA SER L 382 49.40 17.04 -45.45
C SER L 382 50.82 17.60 -45.76
N GLY L 383 51.65 16.84 -46.49
CA GLY L 383 53.01 17.27 -46.87
C GLY L 383 52.99 18.39 -47.90
N GLU L 384 52.52 18.07 -49.10
CA GLU L 384 52.17 19.03 -50.18
C GLU L 384 52.41 20.52 -49.92
N THR L 385 51.78 21.04 -48.86
CA THR L 385 51.86 22.46 -48.46
C THR L 385 52.81 22.78 -47.29
N ALA L 386 53.03 21.81 -46.40
CA ALA L 386 53.89 22.03 -45.22
C ALA L 386 55.39 22.15 -45.57
N LYS L 387 55.90 21.16 -46.29
CA LYS L 387 57.31 21.08 -46.62
C LYS L 387 57.53 20.67 -48.07
N GLY L 388 56.73 21.24 -48.96
CA GLY L 388 56.76 20.87 -50.39
C GLY L 388 57.56 21.88 -51.17
N ASP L 389 58.00 21.47 -52.36
CA ASP L 389 58.62 22.38 -53.32
C ASP L 389 57.55 23.25 -54.00
N TYR L 390 56.31 22.76 -54.04
CA TYR L 390 55.20 23.48 -54.65
C TYR L 390 54.01 23.57 -53.69
N PRO L 391 54.07 24.47 -52.71
CA PRO L 391 52.97 24.63 -51.77
C PRO L 391 51.81 25.44 -52.34
N LEU L 392 52.09 26.44 -53.18
CA LEU L 392 51.06 27.30 -53.73
C LEU L 392 50.26 26.62 -54.84
N GLU L 393 50.91 25.78 -55.64
CA GLU L 393 50.22 25.09 -56.74
C GLU L 393 49.38 23.96 -56.18
N ALA L 394 49.84 23.36 -55.07
CA ALA L 394 49.08 22.33 -54.37
C ALA L 394 47.69 22.80 -53.95
N VAL L 395 47.59 24.04 -53.49
CA VAL L 395 46.29 24.62 -53.13
C VAL L 395 45.45 24.88 -54.37
N ARG L 396 46.07 25.35 -55.45
CA ARG L 396 45.34 25.63 -56.69
C ARG L 396 44.80 24.38 -57.39
N MET L 397 45.53 23.26 -57.31
CA MET L 397 45.03 22.00 -57.89
C MET L 397 43.91 21.43 -57.06
N GLN L 398 44.07 21.46 -55.74
CA GLN L 398 43.01 21.06 -54.81
C GLN L 398 41.73 21.81 -55.13
N HIS L 399 41.84 23.14 -55.24
CA HIS L 399 40.71 23.98 -55.61
C HIS L 399 40.11 23.59 -56.96
N LEU L 400 40.96 23.38 -57.97
CA LEU L 400 40.48 23.00 -59.30
C LEU L 400 39.75 21.66 -59.32
N ILE L 401 40.31 20.66 -58.63
CA ILE L 401 39.72 19.34 -58.58
C ILE L 401 38.37 19.39 -57.84
N ALA L 402 38.36 20.01 -56.66
CA ALA L 402 37.14 20.14 -55.86
C ALA L 402 35.98 20.86 -56.56
N ARG L 403 36.30 21.79 -57.46
CA ARG L 403 35.31 22.53 -58.23
C ARG L 403 34.79 21.72 -59.41
N GLU L 404 35.67 20.98 -60.07
CA GLU L 404 35.26 20.10 -61.18
C GLU L 404 34.41 18.95 -60.65
N ALA L 405 34.84 18.38 -59.53
CA ALA L 405 34.10 17.30 -58.86
C ALA L 405 32.70 17.74 -58.46
N GLU L 406 32.56 18.99 -58.05
CA GLU L 406 31.27 19.57 -57.69
C GLU L 406 30.17 19.38 -58.73
N ALA L 407 30.56 19.44 -60.00
CA ALA L 407 29.63 19.23 -61.12
C ALA L 407 29.06 17.80 -61.19
N ALA L 408 29.83 16.83 -60.71
CA ALA L 408 29.40 15.43 -60.67
C ALA L 408 28.50 15.06 -59.48
N ILE L 409 28.31 15.98 -58.54
CA ILE L 409 27.48 15.70 -57.39
C ILE L 409 26.03 15.88 -57.79
N TYR L 410 25.19 14.91 -57.43
CA TYR L 410 23.75 14.95 -57.64
C TYR L 410 23.11 15.37 -56.32
N HIS L 411 23.19 16.68 -56.06
CA HIS L 411 22.68 17.31 -54.82
C HIS L 411 21.25 16.93 -54.48
N LEU L 412 20.44 16.68 -55.52
CA LEU L 412 19.03 16.43 -55.35
C LEU L 412 18.70 15.24 -54.46
N GLN L 413 19.30 14.08 -54.71
CA GLN L 413 19.01 12.88 -53.89
C GLN L 413 19.63 12.97 -52.50
N LEU L 414 20.84 13.56 -52.38
CA LEU L 414 21.43 13.85 -51.06
C LEU L 414 20.38 14.49 -50.14
N PHE L 415 19.65 15.44 -50.69
CA PHE L 415 18.62 16.18 -49.97
C PHE L 415 17.37 15.36 -49.69
N GLU L 416 16.80 14.76 -50.73
CA GLU L 416 15.56 13.97 -50.59
C GLU L 416 15.71 12.83 -49.59
N GLU L 417 16.89 12.22 -49.55
CA GLU L 417 17.17 11.16 -48.59
C GLU L 417 17.36 11.74 -47.19
N LEU L 418 18.14 12.82 -47.09
CA LEU L 418 18.35 13.49 -45.79
C LEU L 418 17.09 14.05 -45.18
N ARG L 419 16.12 14.42 -46.02
CA ARG L 419 14.83 14.91 -45.55
C ARG L 419 13.98 13.77 -45.04
N ARG L 420 13.98 12.64 -45.75
CA ARG L 420 13.21 11.48 -45.34
C ARG L 420 13.73 10.89 -44.03
N LEU L 421 15.05 10.68 -43.96
CA LEU L 421 15.66 10.07 -42.77
C LEU L 421 15.64 10.94 -41.52
N ALA L 422 15.41 12.25 -41.65
CA ALA L 422 15.37 13.15 -40.49
C ALA L 422 14.09 12.91 -39.67
N PRO L 423 14.17 13.06 -38.33
CA PRO L 423 13.04 12.75 -37.47
C PRO L 423 12.02 13.87 -37.45
N ILE L 424 10.73 13.53 -37.56
CA ILE L 424 9.66 14.56 -37.57
C ILE L 424 9.58 15.32 -36.23
N THR L 425 9.92 16.62 -36.27
CA THR L 425 9.71 17.53 -35.12
C THR L 425 9.08 18.83 -35.61
N SER L 426 8.46 19.55 -34.68
CA SER L 426 7.85 20.86 -34.94
C SER L 426 8.76 22.00 -34.45
N ASP L 427 10.08 21.79 -34.53
CA ASP L 427 11.03 22.85 -34.23
C ASP L 427 10.89 23.94 -35.29
N PRO L 428 10.72 25.21 -34.87
CA PRO L 428 10.66 26.28 -35.85
C PRO L 428 11.88 26.39 -36.78
N THR L 429 13.09 26.31 -36.22
CA THR L 429 14.32 26.57 -36.99
C THR L 429 14.56 25.51 -38.06
N GLU L 430 14.41 24.24 -37.69
CA GLU L 430 14.71 23.11 -38.59
C GLU L 430 13.67 23.01 -39.71
N ALA L 431 12.41 23.35 -39.43
CA ALA L 431 11.35 23.34 -40.44
C ALA L 431 11.51 24.48 -41.44
N THR L 432 11.95 25.63 -40.95
CA THR L 432 12.30 26.77 -41.79
C THR L 432 13.53 26.45 -42.65
N ALA L 433 14.55 25.86 -42.01
CA ALA L 433 15.80 25.53 -42.68
C ALA L 433 15.61 24.57 -43.85
N VAL L 434 14.76 23.56 -43.69
CA VAL L 434 14.46 22.64 -44.78
C VAL L 434 13.78 23.38 -45.92
N GLY L 435 12.73 24.14 -45.58
CA GLY L 435 12.00 24.95 -46.56
C GLY L 435 12.88 25.92 -47.35
N ALA L 436 13.94 26.42 -46.72
CA ALA L 436 14.92 27.26 -47.40
C ALA L 436 15.67 26.48 -48.49
N VAL L 437 16.10 25.27 -48.16
CA VAL L 437 16.77 24.40 -49.12
C VAL L 437 15.81 24.02 -50.23
N GLU L 438 14.65 23.50 -49.83
CA GLU L 438 13.53 23.21 -50.75
C GLU L 438 13.36 24.29 -51.80
N ALA L 439 13.24 25.53 -51.33
CA ALA L 439 13.05 26.70 -52.20
C ALA L 439 14.28 27.01 -53.03
N SER L 440 15.47 26.74 -52.50
CA SER L 440 16.72 26.93 -53.25
C SER L 440 16.76 26.10 -54.53
N PHE L 441 16.10 24.95 -54.54
CA PHE L 441 15.97 24.14 -55.77
C PHE L 441 14.86 24.66 -56.70
N LYS L 442 13.69 24.97 -56.14
CA LYS L 442 12.54 25.40 -56.95
C LYS L 442 12.68 26.81 -57.57
N CYS L 443 13.36 27.71 -56.87
CA CYS L 443 13.66 29.06 -57.40
C CYS L 443 14.97 29.15 -58.20
N CYS L 444 15.71 28.04 -58.26
CA CYS L 444 17.06 28.00 -58.84
C CYS L 444 17.92 29.11 -58.25
N SER L 445 17.99 29.14 -56.93
CA SER L 445 18.59 30.25 -56.21
C SER L 445 20.09 30.25 -56.36
N GLY L 446 20.64 31.46 -56.44
CA GLY L 446 22.09 31.64 -56.49
C GLY L 446 22.75 31.43 -55.14
N ALA L 447 22.00 31.64 -54.06
CA ALA L 447 22.52 31.47 -52.70
C ALA L 447 21.42 31.34 -51.67
N ILE L 448 21.82 30.97 -50.46
CA ILE L 448 20.97 31.06 -49.27
C ILE L 448 21.73 31.92 -48.27
N ILE L 449 21.25 33.14 -48.07
CA ILE L 449 21.87 34.08 -47.14
C ILE L 449 21.32 33.81 -45.73
N VAL L 450 22.20 33.55 -44.76
CA VAL L 450 21.78 33.20 -43.40
C VAL L 450 22.45 34.09 -42.36
N LEU L 451 21.65 34.83 -41.61
CA LEU L 451 22.18 35.66 -40.53
C LEU L 451 22.26 34.81 -39.27
N THR L 452 23.41 34.88 -38.58
CA THR L 452 23.69 33.96 -37.48
C THR L 452 24.81 34.44 -36.54
N LYS L 453 24.59 34.30 -35.23
CA LYS L 453 25.61 34.60 -34.21
C LYS L 453 26.49 33.37 -33.97
N SER L 454 25.89 32.28 -33.51
CA SER L 454 26.62 31.06 -33.17
C SER L 454 27.10 30.25 -34.38
N GLY L 455 26.47 30.45 -35.54
CA GLY L 455 26.70 29.62 -36.73
C GLY L 455 25.68 28.51 -36.93
N ARG L 456 24.95 28.16 -35.87
CA ARG L 456 24.04 27.00 -35.88
C ARG L 456 22.99 27.08 -36.99
N SER L 457 22.36 28.24 -37.18
CA SER L 457 21.35 28.40 -38.24
C SER L 457 21.89 28.05 -39.62
N ALA L 458 23.12 28.49 -39.89
CA ALA L 458 23.82 28.14 -41.15
C ALA L 458 24.18 26.66 -41.22
N HIS L 459 24.57 26.08 -40.10
CA HIS L 459 24.89 24.64 -40.04
C HIS L 459 23.65 23.80 -40.33
N GLN L 460 22.50 24.16 -39.77
CA GLN L 460 21.24 23.44 -39.98
C GLN L 460 20.77 23.46 -41.43
N VAL L 461 21.13 24.52 -42.17
CA VAL L 461 20.85 24.60 -43.59
C VAL L 461 21.81 23.70 -44.34
N ALA L 462 23.11 23.81 -44.03
CA ALA L 462 24.14 23.01 -44.69
C ALA L 462 23.96 21.51 -44.48
N ARG L 463 23.40 21.13 -43.34
CA ARG L 463 23.07 19.73 -43.03
C ARG L 463 22.27 19.05 -44.13
N TYR L 464 21.36 19.79 -44.75
CA TYR L 464 20.51 19.27 -45.83
C TYR L 464 21.11 19.38 -47.25
N ARG L 465 22.39 19.73 -47.35
CA ARG L 465 23.15 19.63 -48.62
C ARG L 465 22.50 20.30 -49.85
N PRO L 466 22.27 21.63 -49.79
CA PRO L 466 21.76 22.32 -50.96
C PRO L 466 22.79 22.39 -52.10
N ARG L 467 22.32 22.79 -53.28
CA ARG L 467 23.20 23.01 -54.41
C ARG L 467 23.82 24.38 -54.27
N ALA L 468 22.97 25.36 -53.96
CA ALA L 468 23.41 26.75 -53.83
C ALA L 468 24.38 26.93 -52.67
N PRO L 469 25.32 27.89 -52.79
CA PRO L 469 26.15 28.27 -51.66
C PRO L 469 25.36 28.95 -50.55
N ILE L 470 25.82 28.76 -49.32
CA ILE L 470 25.21 29.36 -48.16
C ILE L 470 26.10 30.51 -47.72
N ILE L 471 25.71 31.75 -48.01
CA ILE L 471 26.46 32.91 -47.50
C ILE L 471 26.03 33.16 -46.05
N ALA L 472 26.89 32.79 -45.10
CA ALA L 472 26.58 32.92 -43.68
C ALA L 472 27.15 34.25 -43.14
N VAL L 473 26.26 35.18 -42.78
CA VAL L 473 26.64 36.50 -42.30
C VAL L 473 26.67 36.48 -40.79
N THR L 474 27.73 37.06 -40.21
CA THR L 474 27.91 37.10 -38.76
C THR L 474 28.78 38.25 -38.30
N ARG L 475 28.60 38.63 -37.04
CA ARG L 475 29.48 39.58 -36.37
C ARG L 475 30.53 38.90 -35.47
N ASN L 476 30.28 37.65 -35.08
CA ASN L 476 31.22 36.87 -34.24
C ASN L 476 32.34 36.31 -35.13
N PRO L 477 33.58 36.77 -34.92
CA PRO L 477 34.65 36.35 -35.82
C PRO L 477 35.03 34.86 -35.71
N GLN L 478 34.81 34.25 -34.54
CA GLN L 478 35.13 32.83 -34.37
C GLN L 478 34.17 31.95 -35.18
N THR L 479 32.89 32.30 -35.16
CA THR L 479 31.89 31.50 -35.88
C THR L 479 32.11 31.58 -37.39
N ALA L 480 32.60 32.73 -37.85
CA ALA L 480 33.02 32.90 -39.24
C ALA L 480 34.13 31.93 -39.61
N ARG L 481 35.10 31.74 -38.72
CA ARG L 481 36.19 30.79 -38.95
C ARG L 481 35.71 29.33 -38.83
N GLN L 482 34.99 29.02 -37.76
CA GLN L 482 34.52 27.66 -37.53
C GLN L 482 33.55 27.13 -38.60
N ALA L 483 32.89 28.04 -39.32
CA ALA L 483 31.98 27.66 -40.41
C ALA L 483 32.61 26.89 -41.56
N HIS L 484 33.92 27.06 -41.82
CA HIS L 484 34.60 26.40 -42.96
C HIS L 484 34.57 24.87 -42.91
N LEU L 485 34.51 24.32 -41.69
CA LEU L 485 34.29 22.89 -41.45
C LEU L 485 33.09 22.32 -42.18
N TYR L 486 32.01 23.10 -42.28
CA TYR L 486 30.79 22.68 -42.97
C TYR L 486 30.86 22.95 -44.47
N ARG L 487 30.27 22.03 -45.21
CA ARG L 487 30.31 22.05 -46.65
C ARG L 487 29.37 23.11 -47.16
N GLY L 488 29.81 23.88 -48.15
CA GLY L 488 28.94 24.84 -48.81
C GLY L 488 28.60 26.11 -48.06
N ILE L 489 29.15 26.28 -46.85
CA ILE L 489 29.04 27.56 -46.15
C ILE L 489 30.18 28.44 -46.62
N PHE L 490 29.81 29.64 -47.06
CA PHE L 490 30.76 30.71 -47.32
C PHE L 490 30.59 31.78 -46.24
N PRO L 491 31.44 31.74 -45.20
CA PRO L 491 31.29 32.67 -44.11
C PRO L 491 31.79 34.04 -44.52
N VAL L 492 31.23 35.06 -43.90
CA VAL L 492 31.59 36.43 -44.23
C VAL L 492 31.34 37.31 -43.02
N LEU L 493 32.37 38.08 -42.64
CA LEU L 493 32.38 38.82 -41.38
C LEU L 493 31.94 40.26 -41.58
N CYS L 494 30.80 40.58 -40.97
CA CYS L 494 30.22 41.92 -40.96
C CYS L 494 30.75 42.66 -39.73
N LYS L 495 31.54 43.70 -39.98
CA LYS L 495 32.13 44.54 -38.93
C LYS L 495 31.34 45.83 -38.69
N ASP L 496 30.24 46.04 -39.41
CA ASP L 496 29.36 47.20 -39.18
C ASP L 496 28.76 47.17 -37.77
N PRO L 497 28.49 48.35 -37.20
CA PRO L 497 27.90 48.40 -35.87
C PRO L 497 26.42 48.06 -35.94
N VAL L 498 25.88 47.60 -34.81
CA VAL L 498 24.48 47.15 -34.77
C VAL L 498 23.55 48.36 -34.87
N GLN L 499 22.71 48.39 -35.90
CA GLN L 499 21.78 49.51 -36.11
C GLN L 499 20.65 49.41 -35.08
N GLU L 500 20.11 50.55 -34.69
CA GLU L 500 19.11 50.61 -33.62
C GLU L 500 17.79 49.97 -34.06
N ALA L 501 17.29 50.40 -35.22
CA ALA L 501 16.12 49.79 -35.81
C ALA L 501 16.49 48.39 -36.29
N TRP L 502 15.97 47.38 -35.60
CA TRP L 502 16.30 45.98 -35.90
C TRP L 502 16.11 45.62 -37.38
N ALA L 503 15.02 46.08 -37.98
CA ALA L 503 14.73 45.77 -39.40
C ALA L 503 15.78 46.30 -40.37
N GLU L 504 16.37 47.44 -40.05
CA GLU L 504 17.47 48.03 -40.86
C GLU L 504 18.79 47.27 -40.68
N ASP L 505 19.03 46.78 -39.46
CA ASP L 505 20.21 45.95 -39.16
C ASP L 505 20.21 44.64 -39.94
N VAL L 506 19.03 44.09 -40.15
CA VAL L 506 18.85 42.93 -41.02
C VAL L 506 19.12 43.33 -42.47
N ASP L 507 18.37 44.31 -42.96
CA ASP L 507 18.54 44.83 -44.33
C ASP L 507 20.00 45.18 -44.68
N LEU L 508 20.72 45.73 -43.71
CA LEU L 508 22.15 46.00 -43.85
C LEU L 508 22.95 44.73 -44.13
N ARG L 509 22.85 43.77 -43.21
CA ARG L 509 23.57 42.49 -43.31
C ARG L 509 23.18 41.66 -44.52
N VAL L 510 21.89 41.67 -44.88
CA VAL L 510 21.42 40.99 -46.08
C VAL L 510 22.05 41.65 -47.30
N ASN L 511 21.98 42.98 -47.37
CA ASN L 511 22.53 43.72 -48.51
C ASN L 511 24.07 43.66 -48.54
N PHE L 512 24.70 43.44 -47.40
CA PHE L 512 26.13 43.14 -47.33
C PHE L 512 26.45 41.84 -48.08
N ALA L 513 25.71 40.78 -47.77
CA ALA L 513 25.89 39.48 -48.43
C ALA L 513 25.56 39.52 -49.92
N MET L 514 24.59 40.34 -50.29
CA MET L 514 24.22 40.53 -51.69
C MET L 514 25.42 41.03 -52.48
N ASN L 515 26.13 42.00 -51.92
CA ASN L 515 27.29 42.58 -52.55
C ASN L 515 28.47 41.60 -52.61
N VAL L 516 28.64 40.80 -51.55
CA VAL L 516 29.66 39.75 -51.52
C VAL L 516 29.38 38.77 -52.64
N GLY L 517 28.15 38.25 -52.66
CA GLY L 517 27.70 37.28 -53.66
C GLY L 517 27.81 37.76 -55.10
N LYS L 518 27.53 39.04 -55.33
CA LYS L 518 27.73 39.64 -56.65
C LYS L 518 29.20 39.72 -57.02
N ALA L 519 30.05 40.10 -56.06
CA ALA L 519 31.49 40.18 -56.27
C ALA L 519 32.12 38.80 -56.52
N ARG L 520 31.75 37.82 -55.69
CA ARG L 520 32.19 36.43 -55.91
C ARG L 520 31.74 35.88 -57.26
N GLY L 521 30.55 36.30 -57.70
CA GLY L 521 29.96 35.83 -58.94
C GLY L 521 28.89 34.76 -58.73
N PHE L 522 28.58 34.44 -57.47
CA PHE L 522 27.52 33.48 -57.15
C PHE L 522 26.19 33.80 -57.85
N PHE L 523 25.85 35.08 -57.91
CA PHE L 523 24.64 35.53 -58.59
C PHE L 523 24.80 36.95 -59.10
N LYS L 524 23.79 37.43 -59.82
CA LYS L 524 23.81 38.76 -60.40
C LYS L 524 22.48 39.47 -60.26
N LYS L 525 22.48 40.75 -60.62
CA LYS L 525 21.29 41.58 -60.70
C LYS L 525 20.11 40.80 -61.32
N GLY L 526 19.01 40.69 -60.58
CA GLY L 526 17.80 40.05 -61.09
C GLY L 526 17.59 38.56 -60.84
N ASP L 527 18.60 37.86 -60.33
CA ASP L 527 18.45 36.48 -59.87
C ASP L 527 17.68 36.46 -58.54
N VAL L 528 17.37 35.26 -58.05
CA VAL L 528 16.63 35.09 -56.80
C VAL L 528 17.53 34.41 -55.75
N VAL L 529 17.41 34.85 -54.49
CA VAL L 529 18.11 34.21 -53.37
C VAL L 529 17.18 34.06 -52.16
N ILE L 530 17.47 33.06 -51.34
CA ILE L 530 16.70 32.78 -50.13
C ILE L 530 17.42 33.46 -48.97
N VAL L 531 16.66 33.98 -48.01
CA VAL L 531 17.23 34.74 -46.90
C VAL L 531 16.61 34.30 -45.56
N LEU L 532 17.43 33.74 -44.67
CA LEU L 532 17.00 33.37 -43.31
C LEU L 532 17.41 34.40 -42.26
N THR L 533 16.43 34.87 -41.48
CA THR L 533 16.63 35.89 -40.43
C THR L 533 15.84 35.54 -39.17
N GLY L 534 15.95 36.38 -38.14
CA GLY L 534 15.05 36.32 -36.98
C GLY L 534 13.85 37.21 -37.25
N TRP L 535 12.93 37.31 -36.28
CA TRP L 535 11.81 38.27 -36.39
C TRP L 535 11.85 39.30 -35.25
N ARG L 536 11.93 38.82 -34.01
CA ARG L 536 12.23 39.72 -32.89
C ARG L 536 13.72 39.63 -32.62
N PRO L 537 14.34 40.75 -32.26
CA PRO L 537 15.65 40.63 -31.62
C PRO L 537 15.37 40.23 -30.18
N GLY L 538 15.51 38.93 -29.88
CA GLY L 538 15.05 38.37 -28.61
C GLY L 538 14.41 37.00 -28.76
N SER L 539 13.75 36.78 -29.90
CA SER L 539 13.26 35.45 -30.29
C SER L 539 14.46 34.52 -30.46
N GLY L 540 14.40 33.34 -29.84
CA GLY L 540 15.50 32.39 -29.86
C GLY L 540 15.82 31.84 -31.25
N PHE L 541 14.81 31.76 -32.11
CA PHE L 541 14.90 31.01 -33.37
C PHE L 541 15.20 31.88 -34.60
N THR L 542 15.96 31.30 -35.54
CA THR L 542 16.08 31.82 -36.91
C THR L 542 14.93 31.23 -37.73
N ASN L 543 13.79 31.91 -37.68
CA ASN L 543 12.51 31.36 -38.12
C ASN L 543 11.90 32.03 -39.34
N THR L 544 12.55 33.07 -39.89
CA THR L 544 11.94 33.91 -40.94
C THR L 544 12.61 33.77 -42.30
N MET L 545 11.97 33.02 -43.20
CA MET L 545 12.49 32.78 -44.55
C MET L 545 11.79 33.69 -45.53
N ARG L 546 12.55 34.26 -46.46
CA ARG L 546 11.97 35.05 -47.53
C ARG L 546 12.73 34.89 -48.83
N VAL L 547 11.98 34.92 -49.93
CA VAL L 547 12.51 34.77 -51.27
C VAL L 547 12.68 36.17 -51.82
N VAL L 548 13.93 36.53 -52.09
CA VAL L 548 14.30 37.89 -52.45
C VAL L 548 14.94 37.90 -53.84
N PRO L 549 14.48 38.80 -54.72
CA PRO L 549 15.21 39.03 -55.94
C PRO L 549 16.39 39.99 -55.67
N VAL L 550 17.50 39.74 -56.36
CA VAL L 550 18.74 40.46 -56.12
C VAL L 550 18.64 41.87 -56.69
N PRO L 551 18.92 42.89 -55.84
CA PRO L 551 18.89 44.27 -56.33
C PRO L 551 20.07 44.56 -57.25
P PO4 M . -35.78 -7.60 35.98
O1 PO4 M . -35.03 -7.20 34.80
O2 PO4 M . -37.20 -8.07 35.47
O3 PO4 M . -35.93 -6.67 36.95
O4 PO4 M . -34.94 -8.78 36.68
N ALA N . -37.93 -23.80 44.66
CA ALA N . -37.91 -24.28 46.07
C ALA N . -39.27 -23.88 46.82
O ALA N . -39.45 -24.05 48.04
CB ALA N . -36.69 -23.70 46.82
OXT ALA N . -40.20 -23.35 46.24
P PO4 O . 9.87 -46.56 61.03
O1 PO4 O . 10.69 -46.37 62.28
O2 PO4 O . 9.51 -48.04 60.99
O3 PO4 O . 10.72 -46.22 59.81
O4 PO4 O . 8.61 -45.71 61.05
P PO4 P . 27.28 -27.21 44.57
O1 PO4 P . 28.57 -26.53 44.96
O2 PO4 P . 27.35 -27.75 43.24
O3 PO4 P . 26.99 -28.28 45.60
O4 PO4 P . 26.13 -26.19 44.48
N ALA Q . 26.59 -11.83 54.22
CA ALA Q . 26.68 -10.96 55.45
C ALA Q . 27.56 -11.58 56.56
O ALA Q . 27.59 -11.09 57.69
CB ALA Q . 25.29 -10.65 55.98
OXT ALA Q . 28.27 -12.58 56.36
P PO4 R . -23.49 10.79 57.00
O1 PO4 R . -21.91 10.23 56.71
O2 PO4 R . -24.24 10.19 58.24
O3 PO4 R . -24.44 10.61 55.76
O4 PO4 R . -23.52 12.16 57.29
N ALA S . -7.36 15.07 50.18
CA ALA S . -7.14 15.63 48.80
C ALA S . -8.22 16.63 48.41
O ALA S . -8.09 17.42 47.44
CB ALA S . -7.09 14.51 47.77
OXT ALA S . -9.27 16.70 49.05
P PO4 T . -31.35 -13.91 -4.95
O1 PO4 T . -29.83 -13.75 -5.04
O2 PO4 T . -31.95 -12.96 -5.91
O3 PO4 T . -31.89 -13.60 -3.56
O4 PO4 T . -31.79 -15.30 -5.38
N ALA U . -15.93 -22.05 0.38
CA ALA U . -15.07 -22.65 1.38
C ALA U . -15.84 -23.33 2.55
O ALA U . -15.22 -23.56 3.70
CB ALA U . -14.07 -21.64 1.93
OXT ALA U . -17.08 -23.76 2.33
P PO4 V . 27.40 12.60 0.90
O1 PO4 V . 27.90 13.46 -0.28
O2 PO4 V . 26.89 13.79 1.78
O3 PO4 V . 28.30 12.00 1.81
O4 PO4 V . 26.39 11.35 0.37
N ALA W . 22.91 -2.54 -8.30
CA ALA W . 22.63 -3.48 -9.56
C ALA W . 23.65 -3.35 -10.65
O ALA W . 24.69 -2.85 -10.32
CB ALA W . 21.36 -3.15 -10.15
OXT ALA W . 23.49 -3.70 -11.87
P PO4 X . 12.87 34.16 -14.32
O1 PO4 X . 14.02 34.22 -13.39
O2 PO4 X . 13.09 33.03 -15.35
O3 PO4 X . 12.82 35.43 -15.07
O4 PO4 X . 11.50 33.98 -13.43
N ALA Y . 2.43 41.57 -1.12
CA ALA Y . 2.37 41.94 0.33
C ALA Y . 3.55 42.79 0.83
O ALA Y . 4.61 43.08 -0.08
CB ALA Y . 2.18 40.75 1.25
OXT ALA Y . 3.57 43.08 2.11
P PO4 Z . -35.88 6.24 17.66
O1 PO4 Z . -34.90 7.22 17.03
O2 PO4 Z . -35.26 5.23 18.58
O3 PO4 Z . -36.61 5.48 16.56
O4 PO4 Z . -36.80 7.17 18.45
N ALA AA . -35.73 22.18 8.96
CA ALA AA . -35.90 23.36 8.18
C ALA AA . -37.23 23.26 7.36
O ALA AA . -37.44 23.46 6.14
CB ALA AA . -34.80 23.74 7.28
OXT ALA AA . -38.12 22.77 7.92
P PO4 BA . -2.20 40.41 -52.03
O1 PO4 BA . -1.10 40.82 -51.12
O2 PO4 BA . -1.75 40.46 -53.44
O3 PO4 BA . -3.30 41.37 -51.84
O4 PO4 BA . -2.64 38.90 -51.77
N ALA CA . -15.86 30.61 -45.27
CA ALA CA . -16.10 29.22 -44.74
C ALA CA . -16.05 29.16 -43.18
O ALA CA . -15.90 30.11 -42.45
CB ALA CA . -15.05 28.26 -45.37
OXT ALA CA . -16.13 28.06 -42.62
P PO4 DA . -4.76 -23.29 -57.63
O1 PO4 DA . -3.52 -23.77 -56.98
O2 PO4 DA . -5.69 -24.49 -57.80
O3 PO4 DA . -4.28 -22.80 -59.02
O4 PO4 DA . -5.42 -22.18 -56.77
N ALA EA . -18.58 -11.54 -61.27
CA ALA EA . -18.27 -10.37 -62.15
C ALA EA . -18.45 -10.71 -63.64
O ALA EA . -18.15 -9.88 -64.51
CB ALA EA . -16.86 -9.86 -61.86
OXT ALA EA . -18.88 -11.84 -64.01
P PO4 FA . 18.32 -16.45 -77.25
O1 PO4 FA . 18.89 -15.39 -76.30
O2 PO4 FA . 17.35 -15.81 -78.22
O3 PO4 FA . 17.58 -17.42 -76.48
O4 PO4 FA . 19.49 -17.19 -77.98
N ALA GA . 31.45 -12.94 -65.73
CA ALA GA . 32.52 -13.23 -64.72
C ALA GA . 32.61 -14.74 -64.29
O ALA GA . 33.18 -15.03 -63.26
CB ALA GA . 32.29 -12.34 -63.50
OXT ALA GA . 32.06 -15.64 -64.94
P PO4 HA . 21.92 31.72 -34.42
O1 PO4 HA . 23.08 31.77 -33.45
O2 PO4 HA . 20.74 31.22 -33.69
O3 PO4 HA . 21.85 33.05 -34.96
O4 PO4 HA . 22.20 30.60 -35.61
N ALA IA . 33.50 27.20 -46.69
CA ALA IA . 34.53 27.45 -47.74
C ALA IA . 34.68 28.82 -48.17
O ALA IA . 34.97 29.28 -49.28
CB ALA IA . 34.25 26.62 -48.95
OXT ALA IA . 34.39 29.67 -47.38
#